data_1QOX
#
_entry.id   1QOX
#
_cell.length_a   116.400
_cell.length_b   122.300
_cell.length_c   163.200
_cell.angle_alpha   89.30
_cell.angle_beta   74.30
_cell.angle_gamma   68.00
#
_symmetry.space_group_name_H-M   'P 1'
#
loop_
_entity.id
_entity.type
_entity.pdbx_description
1 polymer BETA-GLUCOSIDASE
2 water water
#
_entity_poly.entity_id   1
_entity_poly.type   'polypeptide(L)'
_entity_poly.pdbx_seq_one_letter_code
;SIHMFPSDFKWGVATAAYQIEGAYNEDGRGMSIWDTFAHTPGKVKNGDNGNVACDSYHRVEEDVQLLKDLGVKVYRFSIS
WPRVLPQGTGEVNRAGLDYYHRLVDELLANGIEPFCTLYHWDLPQALQDQGGWGSRITIDAFAEYAELMFKELGGKIKQW
ITFNEPWCMAFLSNYLGVHAPGNKDLQLAIDVSHHLLVAHGRAVTLFRELGISGEIGIAPNTSWAVPYRRTKEDMEACLR
VNGWSGDWYLDPIYFGEYPKFMLDWYENLGYKPPIVDGDMELIHQPIDFIGINYYTSSMNRYNPGEAGGMLSSEAISMGA
PKTDIGWEIYAEGLYDLLRYTADKYGNPTLYITENGACYNDGLSLDGRIHDQRRIDYLAMHLIQASRAIEDGINLKGYME
WSLMDNFEWAEGYGMRFGLVHVDYDTLVRTPKDSFYWYKGVISRGWLDL
;
_entity_poly.pdbx_strand_id   A,B,C,D,E,F,G,H,I,J,K,L,M,N,O,P
#
# COMPACT_ATOMS: atom_id res chain seq x y z
N SER A 1 47.97 -11.72 21.99
CA SER A 1 48.58 -12.90 21.29
C SER A 1 47.60 -13.39 20.23
N ILE A 2 48.10 -13.62 19.03
CA ILE A 2 47.26 -14.07 17.93
C ILE A 2 47.09 -15.59 17.83
N HIS A 3 45.84 -16.02 18.01
CA HIS A 3 45.46 -17.42 17.96
C HIS A 3 44.83 -17.64 16.60
N MET A 4 45.58 -18.25 15.71
CA MET A 4 45.16 -18.52 14.35
C MET A 4 44.30 -19.76 14.17
N PHE A 5 43.45 -19.74 13.15
CA PHE A 5 42.58 -20.85 12.80
C PHE A 5 42.70 -21.08 11.31
N PRO A 6 42.66 -22.35 10.87
CA PRO A 6 42.77 -22.73 9.46
C PRO A 6 41.75 -22.00 8.58
N SER A 7 42.14 -21.72 7.34
CA SER A 7 41.28 -21.03 6.40
C SER A 7 39.96 -21.76 6.17
N ASP A 8 40.04 -23.09 6.13
CA ASP A 8 38.85 -23.93 5.92
C ASP A 8 38.17 -24.38 7.21
N PHE A 9 38.41 -23.64 8.30
CA PHE A 9 37.81 -23.97 9.59
C PHE A 9 36.31 -23.73 9.52
N LYS A 10 35.53 -24.70 10.00
CA LYS A 10 34.08 -24.59 9.98
C LYS A 10 33.51 -23.92 11.22
N TRP A 11 33.26 -22.62 11.11
CA TRP A 11 32.69 -21.85 12.20
C TRP A 11 31.18 -22.03 12.17
N GLY A 12 30.61 -22.33 13.33
CA GLY A 12 29.18 -22.53 13.39
C GLY A 12 28.56 -22.27 14.76
N VAL A 13 27.27 -22.57 14.85
CA VAL A 13 26.51 -22.40 16.07
C VAL A 13 25.45 -23.52 16.07
N ALA A 14 24.97 -23.90 17.24
CA ALA A 14 24.00 -24.99 17.32
C ALA A 14 22.77 -24.75 18.17
N THR A 15 21.72 -25.52 17.88
CA THR A 15 20.45 -25.46 18.60
C THR A 15 19.89 -26.88 18.68
N ALA A 16 18.71 -27.02 19.29
CA ALA A 16 18.06 -28.32 19.42
C ALA A 16 16.56 -28.13 19.25
N ALA A 17 15.94 -29.06 18.54
CA ALA A 17 14.51 -29.03 18.24
C ALA A 17 13.59 -28.60 19.37
N TYR A 18 13.47 -29.43 20.40
CA TYR A 18 12.58 -29.13 21.52
C TYR A 18 12.95 -27.88 22.30
N GLN A 19 14.21 -27.45 22.19
CA GLN A 19 14.67 -26.27 22.92
C GLN A 19 14.28 -24.94 22.29
N ILE A 20 14.09 -24.91 20.97
CA ILE A 20 13.75 -23.66 20.29
C ILE A 20 12.48 -23.63 19.44
N GLU A 21 12.15 -24.75 18.80
CA GLU A 21 11.00 -24.84 17.91
C GLU A 21 9.63 -24.35 18.37
N GLY A 22 9.11 -24.95 19.44
CA GLY A 22 7.80 -24.57 19.91
C GLY A 22 6.79 -25.27 19.03
N ALA A 23 5.54 -24.80 19.03
CA ALA A 23 4.49 -25.42 18.22
C ALA A 23 4.50 -26.93 18.40
N TYR A 24 4.56 -27.36 19.66
CA TYR A 24 4.60 -28.77 20.01
C TYR A 24 3.34 -29.53 19.62
N ASN A 25 2.22 -28.83 19.62
CA ASN A 25 0.94 -29.45 19.30
C ASN A 25 0.37 -28.89 17.99
N GLU A 26 1.24 -28.69 17.01
CA GLU A 26 0.82 -28.16 15.72
C GLU A 26 1.23 -29.02 14.54
N ASP A 27 0.49 -28.86 13.46
CA ASP A 27 0.74 -29.58 12.21
C ASP A 27 0.99 -31.07 12.39
N GLY A 28 0.20 -31.69 13.27
CA GLY A 28 0.31 -33.11 13.52
C GLY A 28 1.54 -33.64 14.24
N ARG A 29 2.21 -32.79 15.01
CA ARG A 29 3.39 -33.23 15.75
C ARG A 29 2.97 -34.10 16.93
N GLY A 30 3.64 -35.24 17.08
CA GLY A 30 3.32 -36.13 18.18
C GLY A 30 4.10 -35.70 19.42
N MET A 31 3.64 -36.12 20.59
CA MET A 31 4.31 -35.77 21.83
C MET A 31 5.59 -36.58 21.98
N SER A 32 6.59 -35.98 22.63
CA SER A 32 7.86 -36.65 22.88
C SER A 32 7.93 -36.90 24.37
N ILE A 33 8.96 -37.61 24.81
CA ILE A 33 9.12 -37.89 26.23
C ILE A 33 9.34 -36.59 26.99
N TRP A 34 9.86 -35.57 26.32
CA TRP A 34 10.10 -34.28 26.94
C TRP A 34 8.85 -33.43 27.08
N ASP A 35 7.89 -33.61 26.18
CA ASP A 35 6.63 -32.88 26.26
C ASP A 35 5.95 -33.41 27.52
N THR A 36 5.96 -34.73 27.65
CA THR A 36 5.37 -35.42 28.79
C THR A 36 6.06 -35.02 30.09
N PHE A 37 7.38 -35.12 30.09
CA PHE A 37 8.21 -34.79 31.25
C PHE A 37 7.97 -33.35 31.72
N ALA A 38 8.09 -32.41 30.79
CA ALA A 38 7.89 -30.99 31.08
C ALA A 38 6.49 -30.68 31.59
N HIS A 39 5.50 -31.42 31.09
CA HIS A 39 4.12 -31.22 31.51
C HIS A 39 3.84 -31.84 32.89
N THR A 40 4.75 -32.71 33.34
CA THR A 40 4.60 -33.34 34.64
C THR A 40 5.03 -32.40 35.76
N PRO A 41 4.11 -32.09 36.69
CA PRO A 41 4.40 -31.19 37.81
C PRO A 41 5.63 -31.61 38.61
N GLY A 42 6.52 -30.66 38.83
CA GLY A 42 7.72 -30.93 39.60
C GLY A 42 8.92 -31.47 38.83
N LYS A 43 8.75 -31.76 37.56
CA LYS A 43 9.85 -32.28 36.75
C LYS A 43 10.75 -31.18 36.20
N VAL A 44 10.16 -30.04 35.83
CA VAL A 44 10.93 -28.93 35.30
C VAL A 44 10.74 -27.71 36.18
N LYS A 45 11.80 -26.93 36.35
CA LYS A 45 11.79 -25.73 37.18
C LYS A 45 10.70 -24.76 36.74
N ASN A 46 9.90 -24.32 37.72
CA ASN A 46 8.79 -23.39 37.50
C ASN A 46 7.64 -23.95 36.67
N GLY A 47 7.78 -25.19 36.22
CA GLY A 47 6.75 -25.80 35.40
C GLY A 47 6.87 -25.39 33.94
N ASP A 48 8.07 -25.01 33.54
CA ASP A 48 8.35 -24.58 32.18
C ASP A 48 8.30 -25.76 31.22
N ASN A 49 8.02 -25.47 29.95
CA ASN A 49 7.96 -26.49 28.91
C ASN A 49 8.26 -25.91 27.54
N GLY A 50 8.59 -26.77 26.59
CA GLY A 50 8.90 -26.31 25.26
C GLY A 50 7.70 -26.12 24.35
N ASN A 51 6.54 -25.80 24.92
CA ASN A 51 5.33 -25.58 24.14
C ASN A 51 5.54 -24.49 23.09
N VAL A 52 6.11 -23.37 23.52
CA VAL A 52 6.37 -22.24 22.64
C VAL A 52 7.87 -22.04 22.42
N ALA A 53 8.63 -22.11 23.50
CA ALA A 53 10.08 -21.94 23.45
C ALA A 53 10.46 -20.62 22.77
N CYS A 54 11.13 -20.69 21.63
CA CYS A 54 11.54 -19.50 20.89
C CYS A 54 10.66 -19.31 19.66
N ASP A 55 9.72 -20.25 19.47
CA ASP A 55 8.78 -20.22 18.36
C ASP A 55 9.47 -20.27 17.00
N SER A 56 10.65 -20.91 16.97
CA SER A 56 11.41 -21.03 15.73
C SER A 56 10.70 -21.79 14.63
N TYR A 57 9.65 -22.53 14.98
CA TYR A 57 8.88 -23.29 14.00
C TYR A 57 8.17 -22.32 13.05
N HIS A 58 7.82 -21.15 13.58
CA HIS A 58 7.13 -20.12 12.80
C HIS A 58 8.07 -18.99 12.44
N ARG A 59 9.35 -19.13 12.76
CA ARG A 59 10.31 -18.08 12.49
C ARG A 59 11.57 -18.55 11.76
N VAL A 60 11.38 -19.31 10.69
CA VAL A 60 12.48 -19.82 9.89
C VAL A 60 13.32 -18.66 9.34
N GLU A 61 12.63 -17.66 8.82
CA GLU A 61 13.27 -16.48 8.24
C GLU A 61 14.11 -15.75 9.28
N GLU A 62 13.57 -15.59 10.48
CA GLU A 62 14.26 -14.91 11.56
C GLU A 62 15.50 -15.67 12.00
N ASP A 63 15.38 -16.99 12.10
CA ASP A 63 16.50 -17.85 12.49
C ASP A 63 17.65 -17.69 11.52
N VAL A 64 17.35 -17.89 10.24
CA VAL A 64 18.34 -17.80 9.18
C VAL A 64 18.97 -16.41 9.10
N GLN A 65 18.18 -15.38 9.40
CA GLN A 65 18.68 -14.02 9.36
C GLN A 65 19.77 -13.84 10.42
N LEU A 66 19.53 -14.38 11.62
CA LEU A 66 20.50 -14.31 12.70
C LEU A 66 21.76 -15.03 12.27
N LEU A 67 21.57 -16.17 11.61
CA LEU A 67 22.68 -16.99 11.12
C LEU A 67 23.55 -16.29 10.09
N LYS A 68 22.93 -15.62 9.14
CA LYS A 68 23.72 -14.92 8.13
C LYS A 68 24.33 -13.64 8.69
N ASP A 69 23.70 -13.07 9.71
CA ASP A 69 24.23 -11.87 10.35
C ASP A 69 25.47 -12.26 11.15
N LEU A 70 25.43 -13.44 11.74
CA LEU A 70 26.55 -13.95 12.53
C LEU A 70 27.72 -14.33 11.64
N GLY A 71 27.43 -14.62 10.38
CA GLY A 71 28.46 -15.00 9.43
C GLY A 71 28.88 -16.44 9.56
N VAL A 72 28.03 -17.22 10.21
CA VAL A 72 28.27 -18.64 10.43
C VAL A 72 28.32 -19.43 9.13
N LYS A 73 29.26 -20.37 9.05
CA LYS A 73 29.42 -21.21 7.86
C LYS A 73 28.69 -22.53 8.01
N VAL A 74 28.43 -22.93 9.25
CA VAL A 74 27.75 -24.19 9.54
C VAL A 74 26.70 -23.97 10.62
N TYR A 75 25.55 -24.60 10.47
CA TYR A 75 24.48 -24.50 11.45
C TYR A 75 24.06 -25.88 11.86
N ARG A 76 24.21 -26.19 13.15
CA ARG A 76 23.82 -27.50 13.65
C ARG A 76 22.47 -27.42 14.34
N PHE A 77 21.54 -28.24 13.88
CA PHE A 77 20.19 -28.29 14.43
C PHE A 77 19.77 -29.76 14.48
N SER A 78 18.66 -30.05 15.14
CA SER A 78 18.18 -31.41 15.22
C SER A 78 16.77 -31.57 14.66
N ILE A 79 16.43 -32.79 14.29
CA ILE A 79 15.12 -33.09 13.74
C ILE A 79 14.25 -33.64 14.86
N SER A 80 13.04 -33.10 15.00
CA SER A 80 12.11 -33.58 16.01
C SER A 80 11.46 -34.84 15.47
N TRP A 81 11.89 -35.99 15.99
CA TRP A 81 11.37 -37.29 15.56
C TRP A 81 9.84 -37.33 15.53
N PRO A 82 9.16 -36.90 16.62
CA PRO A 82 7.70 -36.92 16.66
C PRO A 82 7.04 -36.00 15.64
N ARG A 83 7.80 -35.06 15.08
CA ARG A 83 7.25 -34.14 14.10
C ARG A 83 7.21 -34.74 12.69
N VAL A 84 8.08 -35.72 12.42
CA VAL A 84 8.10 -36.36 11.10
C VAL A 84 7.42 -37.73 11.15
N LEU A 85 7.45 -38.36 12.31
CA LEU A 85 6.83 -39.66 12.55
C LEU A 85 6.22 -39.55 13.94
N PRO A 86 5.00 -39.01 14.04
CA PRO A 86 4.27 -38.81 15.30
C PRO A 86 4.21 -40.02 16.22
N GLN A 87 4.18 -41.21 15.63
CA GLN A 87 4.12 -42.44 16.41
C GLN A 87 5.49 -43.11 16.49
N GLY A 88 6.50 -42.43 15.96
CA GLY A 88 7.85 -42.96 15.96
C GLY A 88 8.09 -43.86 14.76
N THR A 89 7.01 -44.41 14.24
CA THR A 89 7.07 -45.29 13.10
C THR A 89 5.73 -45.27 12.36
N GLY A 90 5.77 -45.68 11.09
CA GLY A 90 4.55 -45.71 10.29
C GLY A 90 4.21 -44.43 9.54
N GLU A 91 3.06 -43.86 9.87
CA GLU A 91 2.56 -42.64 9.24
C GLU A 91 3.55 -41.48 9.25
N VAL A 92 3.88 -40.98 8.06
CA VAL A 92 4.81 -39.88 7.91
C VAL A 92 4.06 -38.54 7.88
N ASN A 93 4.43 -37.64 8.79
CA ASN A 93 3.81 -36.32 8.86
C ASN A 93 4.57 -35.37 7.93
N ARG A 94 4.07 -35.21 6.72
CA ARG A 94 4.70 -34.37 5.72
C ARG A 94 4.80 -32.89 6.12
N ALA A 95 3.87 -32.44 6.96
CA ALA A 95 3.88 -31.05 7.42
C ALA A 95 5.18 -30.77 8.19
N GLY A 96 5.62 -31.78 8.96
CA GLY A 96 6.84 -31.65 9.73
C GLY A 96 8.05 -31.58 8.82
N LEU A 97 8.11 -32.52 7.86
CA LEU A 97 9.20 -32.58 6.91
C LEU A 97 9.29 -31.30 6.09
N ASP A 98 8.14 -30.69 5.82
CA ASP A 98 8.08 -29.45 5.06
C ASP A 98 8.87 -28.36 5.77
N TYR A 99 8.72 -28.30 7.09
CA TYR A 99 9.42 -27.32 7.90
C TYR A 99 10.93 -27.47 7.76
N TYR A 100 11.42 -28.69 7.94
CA TYR A 100 12.84 -28.96 7.85
C TYR A 100 13.38 -28.70 6.45
N HIS A 101 12.56 -28.95 5.44
CA HIS A 101 12.99 -28.70 4.06
C HIS A 101 13.09 -27.19 3.83
N ARG A 102 12.14 -26.45 4.38
CA ARG A 102 12.10 -24.99 4.25
C ARG A 102 13.33 -24.38 4.94
N LEU A 103 13.66 -24.92 6.12
CA LEU A 103 14.81 -24.45 6.89
C LEU A 103 16.10 -24.73 6.12
N VAL A 104 16.29 -25.99 5.72
CA VAL A 104 17.47 -26.40 4.98
C VAL A 104 17.64 -25.61 3.69
N ASP A 105 16.53 -25.35 3.01
CA ASP A 105 16.58 -24.59 1.76
C ASP A 105 17.08 -23.18 2.00
N GLU A 106 16.59 -22.56 3.07
CA GLU A 106 17.00 -21.20 3.42
C GLU A 106 18.49 -21.18 3.77
N LEU A 107 18.92 -22.18 4.52
CA LEU A 107 20.33 -22.28 4.92
C LEU A 107 21.19 -22.34 3.66
N LEU A 108 20.89 -23.31 2.79
CA LEU A 108 21.61 -23.50 1.54
C LEU A 108 21.61 -22.24 0.68
N ALA A 109 20.46 -21.56 0.64
CA ALA A 109 20.31 -20.34 -0.15
C ALA A 109 21.19 -19.21 0.36
N ASN A 110 21.59 -19.28 1.63
CA ASN A 110 22.43 -18.24 2.22
C ASN A 110 23.86 -18.71 2.48
N GLY A 111 24.25 -19.82 1.85
CA GLY A 111 25.59 -20.34 2.01
C GLY A 111 25.92 -20.94 3.36
N ILE A 112 24.90 -21.42 4.07
CA ILE A 112 25.10 -22.02 5.39
C ILE A 112 24.96 -23.53 5.28
N GLU A 113 26.03 -24.23 5.66
CA GLU A 113 26.05 -25.70 5.61
C GLU A 113 25.27 -26.31 6.77
N PRO A 114 24.25 -27.13 6.46
CA PRO A 114 23.43 -27.79 7.47
C PRO A 114 24.17 -28.94 8.14
N PHE A 115 24.08 -29.00 9.46
CA PHE A 115 24.71 -30.05 10.24
C PHE A 115 23.53 -30.63 11.01
N CYS A 116 22.91 -31.66 10.44
CA CYS A 116 21.74 -32.28 11.03
C CYS A 116 22.00 -33.32 12.09
N THR A 117 21.24 -33.19 13.19
CA THR A 117 21.34 -34.10 14.32
C THR A 117 20.01 -34.86 14.38
N LEU A 118 20.07 -36.15 14.09
CA LEU A 118 18.88 -37.00 14.10
C LEU A 118 18.17 -37.08 15.44
N TYR A 119 18.92 -37.41 16.49
CA TYR A 119 18.31 -37.56 17.80
C TYR A 119 18.91 -36.67 18.89
N HIS A 120 18.06 -35.82 19.45
CA HIS A 120 18.48 -34.93 20.53
C HIS A 120 17.50 -35.04 21.70
N TRP A 121 17.33 -36.27 22.19
CA TRP A 121 16.50 -36.59 23.35
C TRP A 121 14.98 -36.59 23.22
N ASP A 122 14.44 -36.09 22.12
CA ASP A 122 12.99 -36.04 21.92
C ASP A 122 12.34 -37.31 21.37
N LEU A 123 12.49 -38.43 22.08
CA LEU A 123 11.91 -39.71 21.66
C LEU A 123 10.38 -39.63 21.66
N PRO A 124 9.74 -40.13 20.60
CA PRO A 124 8.27 -40.10 20.51
C PRO A 124 7.66 -40.87 21.68
N GLN A 125 6.69 -40.26 22.35
CA GLN A 125 6.04 -40.87 23.49
C GLN A 125 5.47 -42.24 23.15
N ALA A 126 5.01 -42.41 21.91
CA ALA A 126 4.44 -43.68 21.46
C ALA A 126 5.43 -44.81 21.64
N LEU A 127 6.70 -44.55 21.33
CA LEU A 127 7.75 -45.55 21.47
C LEU A 127 8.10 -45.76 22.93
N GLN A 128 8.02 -44.68 23.71
CA GLN A 128 8.31 -44.75 25.13
C GLN A 128 7.27 -45.63 25.83
N ASP A 129 6.04 -45.59 25.34
CA ASP A 129 4.97 -46.40 25.90
C ASP A 129 5.26 -47.88 25.68
N GLN A 130 6.06 -48.17 24.67
CA GLN A 130 6.45 -49.55 24.35
C GLN A 130 7.76 -49.93 25.03
N GLY A 131 8.22 -49.09 25.94
CA GLY A 131 9.45 -49.36 26.65
C GLY A 131 10.58 -48.38 26.34
N GLY A 132 10.37 -47.56 25.31
CA GLY A 132 11.38 -46.60 24.93
C GLY A 132 12.69 -47.26 24.55
N TRP A 133 13.80 -46.59 24.84
CA TRP A 133 15.12 -47.12 24.53
C TRP A 133 15.48 -48.38 25.31
N GLY A 134 14.59 -48.79 26.21
CA GLY A 134 14.83 -49.99 26.98
C GLY A 134 14.47 -51.23 26.16
N SER A 135 13.67 -51.02 25.12
CA SER A 135 13.24 -52.08 24.22
C SER A 135 13.99 -52.03 22.90
N ARG A 136 14.33 -53.20 22.37
CA ARG A 136 15.04 -53.28 21.09
C ARG A 136 14.17 -52.84 19.92
N ILE A 137 12.86 -52.77 20.16
CA ILE A 137 11.91 -52.36 19.13
C ILE A 137 12.23 -50.94 18.67
N THR A 138 12.67 -50.11 19.61
CA THR A 138 13.02 -48.73 19.32
C THR A 138 14.21 -48.64 18.37
N ILE A 139 15.08 -49.65 18.39
CA ILE A 139 16.24 -49.67 17.50
C ILE A 139 15.74 -49.72 16.07
N ASP A 140 14.69 -50.51 15.84
CA ASP A 140 14.09 -50.64 14.51
C ASP A 140 13.48 -49.31 14.12
N ALA A 141 12.73 -48.72 15.05
CA ALA A 141 12.08 -47.44 14.81
C ALA A 141 13.07 -46.37 14.41
N PHE A 142 14.23 -46.34 15.07
CA PHE A 142 15.25 -45.35 14.77
C PHE A 142 15.85 -45.60 13.38
N ALA A 143 16.00 -46.87 13.03
CA ALA A 143 16.56 -47.23 11.73
C ALA A 143 15.61 -46.75 10.63
N GLU A 144 14.31 -46.87 10.88
CA GLU A 144 13.29 -46.43 9.94
C GLU A 144 13.33 -44.91 9.83
N TYR A 145 13.45 -44.27 10.99
CA TYR A 145 13.52 -42.82 11.11
C TYR A 145 14.73 -42.27 10.37
N ALA A 146 15.89 -42.87 10.62
CA ALA A 146 17.14 -42.46 10.00
C ALA A 146 17.05 -42.55 8.49
N GLU A 147 16.58 -43.70 8.00
CA GLU A 147 16.43 -43.93 6.57
C GLU A 147 15.53 -42.88 5.94
N LEU A 148 14.44 -42.54 6.63
CA LEU A 148 13.50 -41.54 6.14
C LEU A 148 14.19 -40.20 5.94
N MET A 149 14.89 -39.73 6.97
CA MET A 149 15.58 -38.45 6.92
C MET A 149 16.69 -38.44 5.88
N PHE A 150 17.39 -39.57 5.76
CA PHE A 150 18.48 -39.68 4.79
C PHE A 150 17.94 -39.53 3.38
N LYS A 151 16.77 -40.10 3.13
CA LYS A 151 16.14 -40.02 1.82
C LYS A 151 15.53 -38.64 1.57
N GLU A 152 14.97 -38.05 2.61
CA GLU A 152 14.34 -36.74 2.51
C GLU A 152 15.34 -35.59 2.37
N LEU A 153 16.18 -35.42 3.39
CA LEU A 153 17.16 -34.34 3.40
C LEU A 153 18.58 -34.72 3.00
N GLY A 154 18.81 -36.01 2.76
CA GLY A 154 20.14 -36.48 2.40
C GLY A 154 20.80 -35.82 1.20
N GLY A 155 19.99 -35.29 0.30
CA GLY A 155 20.53 -34.62 -0.88
C GLY A 155 21.00 -33.21 -0.61
N LYS A 156 20.53 -32.62 0.48
CA LYS A 156 20.90 -31.26 0.84
C LYS A 156 21.86 -31.21 2.02
N ILE A 157 21.74 -32.19 2.91
CA ILE A 157 22.58 -32.28 4.11
C ILE A 157 23.71 -33.28 3.94
N LYS A 158 24.93 -32.81 4.17
CA LYS A 158 26.13 -33.64 4.05
C LYS A 158 26.86 -33.78 5.40
N GLN A 159 26.20 -33.40 6.48
CA GLN A 159 26.77 -33.48 7.82
C GLN A 159 25.70 -34.08 8.73
N TRP A 160 25.91 -35.32 9.15
CA TRP A 160 24.93 -36.00 9.99
C TRP A 160 25.48 -36.49 11.32
N ILE A 161 24.66 -36.34 12.35
CA ILE A 161 24.99 -36.81 13.70
C ILE A 161 23.82 -37.67 14.12
N THR A 162 24.12 -38.91 14.51
CA THR A 162 23.07 -39.83 14.94
C THR A 162 22.49 -39.43 16.29
N PHE A 163 23.30 -39.54 17.34
CA PHE A 163 22.87 -39.19 18.68
C PHE A 163 23.73 -38.10 19.30
N ASN A 164 23.08 -37.17 19.99
CA ASN A 164 23.78 -36.08 20.65
C ASN A 164 23.79 -36.35 22.15
N GLU A 165 25.00 -36.39 22.71
CA GLU A 165 25.21 -36.61 24.14
C GLU A 165 24.50 -37.87 24.66
N PRO A 166 24.98 -39.06 24.23
CA PRO A 166 24.43 -40.36 24.61
C PRO A 166 24.32 -40.55 26.12
N TRP A 167 25.33 -40.08 26.86
CA TRP A 167 25.32 -40.23 28.31
C TRP A 167 24.13 -39.51 28.94
N CYS A 168 23.84 -38.31 28.46
CA CYS A 168 22.72 -37.53 28.98
C CYS A 168 21.38 -38.22 28.76
N MET A 169 21.15 -38.69 27.53
CA MET A 169 19.89 -39.37 27.21
C MET A 169 19.78 -40.75 27.84
N ALA A 170 20.92 -41.33 28.21
CA ALA A 170 20.95 -42.65 28.82
C ALA A 170 21.02 -42.62 30.34
N PHE A 171 22.16 -42.20 30.88
CA PHE A 171 22.37 -42.15 32.33
C PHE A 171 21.66 -41.04 33.09
N LEU A 172 21.77 -39.80 32.62
CA LEU A 172 21.12 -38.69 33.30
C LEU A 172 19.59 -38.83 33.25
N SER A 173 19.11 -39.53 32.23
CA SER A 173 17.68 -39.74 32.04
C SER A 173 17.11 -40.99 32.70
N ASN A 174 17.82 -42.11 32.57
CA ASN A 174 17.35 -43.38 33.12
C ASN A 174 18.05 -43.87 34.38
N TYR A 175 19.13 -43.21 34.79
CA TYR A 175 19.87 -43.60 35.98
C TYR A 175 19.73 -42.56 37.08
N LEU A 176 19.90 -41.29 36.74
CA LEU A 176 19.80 -40.21 37.71
C LEU A 176 18.39 -39.62 37.78
N GLY A 177 17.57 -39.91 36.77
CA GLY A 177 16.20 -39.42 36.73
C GLY A 177 16.01 -37.93 36.65
N VAL A 178 17.03 -37.21 36.16
CA VAL A 178 16.94 -35.76 36.03
C VAL A 178 16.33 -35.36 34.69
N HIS A 179 16.53 -36.18 33.67
CA HIS A 179 15.98 -35.92 32.34
C HIS A 179 14.98 -36.98 31.94
N ALA A 180 14.13 -36.66 30.97
CA ALA A 180 13.11 -37.59 30.48
C ALA A 180 13.76 -38.88 29.97
N PRO A 181 13.14 -40.05 30.24
CA PRO A 181 11.89 -40.31 30.96
C PRO A 181 11.91 -40.03 32.47
N GLY A 182 13.10 -40.05 33.06
CA GLY A 182 13.20 -39.77 34.48
C GLY A 182 13.25 -41.02 35.34
N ASN A 183 13.98 -42.03 34.87
CA ASN A 183 14.10 -43.28 35.60
C ASN A 183 15.38 -43.31 36.44
N LYS A 184 15.42 -44.21 37.41
CA LYS A 184 16.58 -44.37 38.28
C LYS A 184 16.92 -45.86 38.35
N ASP A 185 17.61 -46.33 37.32
CA ASP A 185 18.00 -47.72 37.19
C ASP A 185 19.29 -47.77 36.37
N LEU A 186 20.39 -48.15 37.02
CA LEU A 186 21.68 -48.23 36.35
C LEU A 186 21.64 -49.20 35.18
N GLN A 187 21.10 -50.39 35.40
CA GLN A 187 21.03 -51.39 34.34
C GLN A 187 20.23 -50.88 33.14
N LEU A 188 19.11 -50.22 33.40
CA LEU A 188 18.29 -49.66 32.33
C LEU A 188 19.09 -48.65 31.53
N ALA A 189 19.86 -47.84 32.23
CA ALA A 189 20.70 -46.82 31.59
C ALA A 189 21.72 -47.51 30.70
N ILE A 190 22.22 -48.65 31.15
CA ILE A 190 23.20 -49.41 30.38
C ILE A 190 22.52 -50.07 29.18
N ASP A 191 21.25 -50.46 29.36
CA ASP A 191 20.48 -51.07 28.28
C ASP A 191 20.28 -50.03 27.19
N VAL A 192 19.84 -48.84 27.60
CA VAL A 192 19.60 -47.73 26.69
C VAL A 192 20.87 -47.39 25.92
N SER A 193 22.00 -47.35 26.64
CA SER A 193 23.28 -47.03 26.03
C SER A 193 23.61 -48.03 24.93
N HIS A 194 23.30 -49.30 25.18
CA HIS A 194 23.57 -50.35 24.21
C HIS A 194 22.66 -50.23 22.99
N HIS A 195 21.36 -50.07 23.25
CA HIS A 195 20.38 -49.97 22.18
C HIS A 195 20.57 -48.76 21.27
N LEU A 196 20.98 -47.63 21.84
CA LEU A 196 21.20 -46.42 21.05
C LEU A 196 22.42 -46.63 20.15
N LEU A 197 23.41 -47.36 20.66
CA LEU A 197 24.62 -47.65 19.89
C LEU A 197 24.31 -48.56 18.71
N VAL A 198 23.43 -49.53 18.91
CA VAL A 198 23.04 -50.45 17.85
C VAL A 198 22.26 -49.64 16.82
N ALA A 199 21.37 -48.79 17.29
CA ALA A 199 20.56 -47.94 16.42
C ALA A 199 21.49 -47.05 15.59
N HIS A 200 22.56 -46.58 16.24
CA HIS A 200 23.56 -45.73 15.59
C HIS A 200 24.26 -46.50 14.49
N GLY A 201 24.74 -47.70 14.84
CA GLY A 201 25.45 -48.54 13.88
C GLY A 201 24.60 -48.83 12.65
N ARG A 202 23.34 -49.16 12.89
CA ARG A 202 22.42 -49.45 11.80
C ARG A 202 22.19 -48.21 10.93
N ALA A 203 22.13 -47.04 11.58
CA ALA A 203 21.93 -45.79 10.87
C ALA A 203 23.14 -45.48 9.99
N VAL A 204 24.33 -45.77 10.49
CA VAL A 204 25.56 -45.52 9.73
C VAL A 204 25.57 -46.42 8.50
N THR A 205 25.20 -47.68 8.70
CA THR A 205 25.16 -48.65 7.61
C THR A 205 24.20 -48.17 6.53
N LEU A 206 23.02 -47.71 6.93
CA LEU A 206 22.02 -47.19 5.99
C LEU A 206 22.58 -46.01 5.21
N PHE A 207 23.28 -45.12 5.92
CA PHE A 207 23.88 -43.95 5.32
C PHE A 207 24.82 -44.35 4.20
N ARG A 208 25.60 -45.40 4.44
CA ARG A 208 26.55 -45.92 3.46
C ARG A 208 25.84 -46.57 2.29
N GLU A 209 24.86 -47.42 2.59
CA GLU A 209 24.09 -48.14 1.58
C GLU A 209 23.33 -47.21 0.64
N LEU A 210 22.77 -46.14 1.20
CA LEU A 210 22.02 -45.17 0.41
C LEU A 210 22.92 -44.36 -0.51
N GLY A 211 24.24 -44.54 -0.35
CA GLY A 211 25.21 -43.86 -1.18
C GLY A 211 25.19 -42.34 -1.08
N ILE A 212 24.51 -41.82 -0.06
CA ILE A 212 24.42 -40.37 0.13
C ILE A 212 25.78 -39.82 0.56
N SER A 213 26.31 -38.89 -0.23
CA SER A 213 27.59 -38.27 0.06
C SER A 213 27.52 -37.43 1.31
N GLY A 214 28.65 -37.32 2.01
CA GLY A 214 28.68 -36.53 3.22
C GLY A 214 29.40 -37.24 4.36
N GLU A 215 29.19 -36.73 5.56
CA GLU A 215 29.81 -37.27 6.76
C GLU A 215 28.75 -37.64 7.79
N ILE A 216 29.07 -38.60 8.64
CA ILE A 216 28.17 -39.03 9.69
C ILE A 216 29.00 -39.44 10.91
N GLY A 217 28.53 -39.05 12.08
CA GLY A 217 29.23 -39.37 13.31
C GLY A 217 28.31 -39.32 14.51
N ILE A 218 28.91 -39.26 15.68
CA ILE A 218 28.17 -39.21 16.94
C ILE A 218 28.82 -38.12 17.80
N ALA A 219 28.03 -37.48 18.66
CA ALA A 219 28.56 -36.40 19.49
C ALA A 219 28.48 -36.66 20.98
N PRO A 220 29.51 -37.29 21.56
CA PRO A 220 29.52 -37.57 23.00
C PRO A 220 29.92 -36.33 23.81
N ASN A 221 29.39 -36.26 25.03
CA ASN A 221 29.72 -35.17 25.93
C ASN A 221 30.70 -35.74 26.96
N THR A 222 31.78 -36.31 26.44
CA THR A 222 32.83 -36.93 27.25
C THR A 222 33.26 -36.05 28.41
N SER A 223 32.80 -36.41 29.61
CA SER A 223 33.12 -35.68 30.82
C SER A 223 34.61 -35.82 31.14
N TRP A 224 35.27 -34.70 31.43
CA TRP A 224 36.69 -34.72 31.74
C TRP A 224 36.98 -34.54 33.22
N ALA A 225 38.04 -35.20 33.69
CA ALA A 225 38.44 -35.13 35.09
C ALA A 225 39.96 -35.17 35.20
N VAL A 226 40.48 -34.33 36.08
CA VAL A 226 41.91 -34.19 36.31
C VAL A 226 42.26 -34.89 37.62
N PRO A 227 43.34 -35.68 37.63
CA PRO A 227 43.78 -36.40 38.84
C PRO A 227 44.19 -35.46 39.95
N TYR A 228 43.56 -35.61 41.11
CA TYR A 228 43.86 -34.78 42.27
C TYR A 228 45.31 -35.05 42.66
N ARG A 229 45.62 -36.33 42.85
CA ARG A 229 46.96 -36.75 43.22
C ARG A 229 47.52 -37.59 42.08
N ARG A 230 48.84 -37.59 41.94
CA ARG A 230 49.49 -38.38 40.90
C ARG A 230 49.58 -39.82 41.39
N THR A 231 48.41 -40.43 41.58
CA THR A 231 48.30 -41.79 42.06
C THR A 231 47.57 -42.61 41.02
N LYS A 232 47.91 -43.90 40.92
CA LYS A 232 47.27 -44.78 39.96
C LYS A 232 45.76 -44.81 40.19
N GLU A 233 45.35 -44.94 41.46
CA GLU A 233 43.93 -44.99 41.81
C GLU A 233 43.17 -43.73 41.41
N ASP A 234 43.83 -42.58 41.48
CA ASP A 234 43.21 -41.31 41.11
C ASP A 234 43.09 -41.19 39.60
N MET A 235 44.13 -41.62 38.90
CA MET A 235 44.15 -41.56 37.44
C MET A 235 43.08 -42.47 36.86
N GLU A 236 42.89 -43.62 37.51
CA GLU A 236 41.88 -44.59 37.08
C GLU A 236 40.49 -44.05 37.41
N ALA A 237 40.39 -43.35 38.54
CA ALA A 237 39.13 -42.76 38.97
C ALA A 237 38.71 -41.71 37.95
N CYS A 238 39.70 -41.04 37.36
CA CYS A 238 39.45 -40.02 36.35
C CYS A 238 39.15 -40.66 35.00
N LEU A 239 39.77 -41.81 34.74
CA LEU A 239 39.55 -42.52 33.48
C LEU A 239 38.11 -43.00 33.40
N ARG A 240 37.55 -43.39 34.54
CA ARG A 240 36.17 -43.86 34.58
C ARG A 240 35.19 -42.74 34.30
N VAL A 241 35.58 -41.50 34.60
CA VAL A 241 34.73 -40.34 34.36
C VAL A 241 34.51 -40.13 32.86
N ASN A 242 35.60 -40.13 32.10
CA ASN A 242 35.50 -39.97 30.65
C ASN A 242 35.11 -41.30 30.02
N GLY A 243 35.32 -42.38 30.78
CA GLY A 243 35.02 -43.71 30.31
C GLY A 243 33.54 -44.04 30.22
N TRP A 244 32.78 -43.70 31.26
CA TRP A 244 31.36 -44.00 31.26
C TRP A 244 30.49 -43.01 30.49
N SER A 245 31.10 -41.91 30.06
CA SER A 245 30.38 -40.87 29.34
C SER A 245 30.77 -40.78 27.86
N GLY A 246 32.01 -41.14 27.55
CA GLY A 246 32.47 -41.07 26.17
C GLY A 246 33.05 -42.36 25.61
N ASP A 247 34.01 -42.94 26.31
CA ASP A 247 34.65 -44.18 25.87
C ASP A 247 33.66 -45.32 25.71
N TRP A 248 32.64 -45.33 26.57
CA TRP A 248 31.61 -46.35 26.56
C TRP A 248 30.87 -46.41 25.23
N TYR A 249 30.85 -45.29 24.51
CA TYR A 249 30.15 -45.22 23.23
C TYR A 249 31.09 -45.24 22.03
N LEU A 250 32.24 -44.58 22.16
CA LEU A 250 33.21 -44.51 21.08
C LEU A 250 33.98 -45.80 20.85
N ASP A 251 34.26 -46.55 21.91
CA ASP A 251 34.99 -47.81 21.78
C ASP A 251 34.26 -48.87 20.96
N PRO A 252 32.95 -49.08 21.21
CA PRO A 252 32.23 -50.09 20.43
C PRO A 252 32.20 -49.73 18.95
N ILE A 253 32.25 -48.43 18.67
CA ILE A 253 32.23 -47.90 17.30
C ILE A 253 33.58 -48.04 16.60
N TYR A 254 34.64 -47.65 17.30
CA TYR A 254 35.99 -47.70 16.75
C TYR A 254 36.73 -49.02 16.89
N PHE A 255 36.47 -49.74 17.97
CA PHE A 255 37.16 -51.00 18.23
C PHE A 255 36.24 -52.22 18.25
N GLY A 256 34.93 -51.99 18.25
CA GLY A 256 33.97 -53.08 18.27
C GLY A 256 33.84 -53.76 19.61
N GLU A 257 34.14 -53.03 20.68
CA GLU A 257 34.05 -53.57 22.03
C GLU A 257 33.96 -52.45 23.04
N TYR A 258 33.21 -52.70 24.11
CA TYR A 258 33.07 -51.72 25.18
C TYR A 258 34.42 -51.62 25.89
N PRO A 259 34.74 -50.45 26.47
CA PRO A 259 36.01 -50.30 27.17
C PRO A 259 36.13 -51.32 28.30
N LYS A 260 37.19 -52.11 28.26
CA LYS A 260 37.44 -53.15 29.25
C LYS A 260 37.32 -52.69 30.70
N PHE A 261 38.01 -51.61 31.05
CA PHE A 261 37.97 -51.12 32.43
C PHE A 261 36.56 -50.79 32.91
N MET A 262 35.71 -50.32 32.00
CA MET A 262 34.34 -49.99 32.36
C MET A 262 33.51 -51.26 32.50
N LEU A 263 33.75 -52.22 31.61
CA LEU A 263 33.04 -53.49 31.65
C LEU A 263 33.27 -54.16 33.00
N ASP A 264 34.53 -54.22 33.40
CA ASP A 264 34.92 -54.83 34.67
C ASP A 264 34.30 -54.10 35.85
N TRP A 265 34.25 -52.77 35.77
CA TRP A 265 33.69 -51.96 36.84
C TRP A 265 32.21 -52.27 37.04
N TYR A 266 31.46 -52.28 35.94
CA TYR A 266 30.04 -52.56 35.99
C TYR A 266 29.79 -54.02 36.37
N GLU A 267 30.61 -54.91 35.83
CA GLU A 267 30.49 -56.35 36.11
C GLU A 267 30.62 -56.64 37.60
N ASN A 268 31.57 -55.99 38.25
CA ASN A 268 31.79 -56.16 39.68
C ASN A 268 30.58 -55.68 40.48
N LEU A 269 29.82 -54.76 39.89
CA LEU A 269 28.62 -54.23 40.51
C LEU A 269 27.39 -55.06 40.12
N GLY A 270 27.58 -55.97 39.18
CA GLY A 270 26.50 -56.82 38.72
C GLY A 270 25.72 -56.22 37.56
N TYR A 271 26.41 -55.52 36.67
CA TYR A 271 25.79 -54.88 35.52
C TYR A 271 26.54 -55.23 34.25
N LYS A 272 25.77 -55.51 33.20
CA LYS A 272 26.33 -55.86 31.89
C LYS A 272 25.41 -55.39 30.78
N PRO A 273 25.99 -54.93 29.66
CA PRO A 273 25.19 -54.46 28.53
C PRO A 273 24.48 -55.65 27.89
N PRO A 274 23.19 -55.51 27.55
CA PRO A 274 22.38 -56.57 26.93
C PRO A 274 22.81 -56.84 25.49
N ILE A 275 24.03 -57.36 25.34
CA ILE A 275 24.58 -57.66 24.03
C ILE A 275 23.99 -58.90 23.40
N VAL A 276 23.26 -58.71 22.31
CA VAL A 276 22.66 -59.82 21.57
C VAL A 276 23.69 -60.13 20.49
N ASP A 277 23.93 -61.41 20.24
CA ASP A 277 24.91 -61.83 19.24
C ASP A 277 24.77 -61.05 17.93
N GLY A 278 25.87 -60.42 17.51
CA GLY A 278 25.86 -59.66 16.28
C GLY A 278 25.83 -58.15 16.50
N ASP A 279 25.35 -57.73 17.67
CA ASP A 279 25.25 -56.32 18.01
C ASP A 279 26.54 -55.53 17.89
N MET A 280 27.61 -56.01 18.52
CA MET A 280 28.89 -55.32 18.49
C MET A 280 29.39 -55.07 17.07
N GLU A 281 29.09 -56.00 16.17
CA GLU A 281 29.51 -55.88 14.77
C GLU A 281 28.69 -54.81 14.08
N LEU A 282 27.43 -54.68 14.48
CA LEU A 282 26.52 -53.68 13.92
C LEU A 282 26.98 -52.28 14.35
N ILE A 283 27.42 -52.18 15.59
CA ILE A 283 27.89 -50.92 16.17
C ILE A 283 29.26 -50.56 15.61
N HIS A 284 30.07 -51.58 15.33
CA HIS A 284 31.43 -51.40 14.82
C HIS A 284 31.47 -50.94 13.36
N GLN A 285 30.85 -49.80 13.08
CA GLN A 285 30.83 -49.23 11.73
C GLN A 285 31.61 -47.93 11.72
N PRO A 286 32.55 -47.78 10.78
CA PRO A 286 33.38 -46.58 10.64
C PRO A 286 32.56 -45.30 10.48
N ILE A 287 32.86 -44.31 11.32
CA ILE A 287 32.17 -43.02 11.25
C ILE A 287 33.17 -41.98 10.75
N ASP A 288 32.65 -40.93 10.13
CA ASP A 288 33.49 -39.88 9.55
C ASP A 288 34.09 -38.86 10.52
N PHE A 289 33.49 -38.70 11.69
CA PHE A 289 33.98 -37.74 12.67
C PHE A 289 33.42 -37.98 14.06
N ILE A 290 34.00 -37.30 15.04
CA ILE A 290 33.55 -37.38 16.42
C ILE A 290 33.15 -35.97 16.83
N GLY A 291 31.96 -35.83 17.40
CA GLY A 291 31.49 -34.53 17.84
C GLY A 291 31.82 -34.33 19.30
N ILE A 292 32.70 -33.38 19.59
CA ILE A 292 33.09 -33.09 20.96
C ILE A 292 32.22 -32.00 21.57
N ASN A 293 31.55 -32.34 22.66
CA ASN A 293 30.70 -31.39 23.37
C ASN A 293 31.40 -31.11 24.70
N TYR A 294 32.00 -29.93 24.80
CA TYR A 294 32.71 -29.55 26.01
C TYR A 294 32.17 -28.29 26.68
N TYR A 295 32.19 -28.28 28.01
CA TYR A 295 31.72 -27.15 28.80
C TYR A 295 32.56 -26.98 30.06
N THR A 296 32.94 -28.09 30.67
CA THR A 296 33.71 -28.07 31.90
C THR A 296 34.37 -29.42 32.19
N SER A 297 35.19 -29.44 33.24
CA SER A 297 35.86 -30.64 33.70
C SER A 297 36.10 -30.48 35.19
N SER A 298 36.41 -31.57 35.88
CA SER A 298 36.63 -31.53 37.31
C SER A 298 37.99 -32.06 37.73
N MET A 299 38.19 -32.15 39.04
CA MET A 299 39.42 -32.65 39.64
C MET A 299 38.96 -33.78 40.54
N ASN A 300 39.19 -35.02 40.12
CA ASN A 300 38.73 -36.17 40.89
C ASN A 300 39.81 -36.99 41.58
N ARG A 301 39.37 -37.76 42.57
CA ARG A 301 40.24 -38.64 43.33
C ARG A 301 39.45 -39.90 43.68
N TYR A 302 40.16 -41.01 43.84
CA TYR A 302 39.53 -42.27 44.17
C TYR A 302 38.92 -42.20 45.56
N ASN A 303 37.70 -42.72 45.69
CA ASN A 303 37.00 -42.74 46.97
C ASN A 303 35.95 -43.83 46.98
N PRO A 304 36.22 -44.94 47.68
CA PRO A 304 35.33 -46.10 47.81
C PRO A 304 34.05 -45.80 48.56
N GLY A 305 34.03 -44.69 49.30
CA GLY A 305 32.86 -44.30 50.06
C GLY A 305 31.77 -43.67 49.22
N GLU A 306 30.73 -43.18 49.88
CA GLU A 306 29.61 -42.53 49.20
C GLU A 306 30.04 -41.33 48.37
N ALA A 307 31.03 -40.60 48.89
CA ALA A 307 31.54 -39.41 48.21
C ALA A 307 32.06 -39.73 46.81
N GLY A 308 32.54 -40.95 46.63
CA GLY A 308 33.06 -41.36 45.33
C GLY A 308 31.95 -41.73 44.36
N GLY A 309 30.80 -42.14 44.90
CA GLY A 309 29.68 -42.53 44.08
C GLY A 309 29.85 -43.89 43.46
N MET A 310 29.02 -44.18 42.45
CA MET A 310 29.05 -45.46 41.75
C MET A 310 30.43 -45.73 41.13
N LEU A 311 31.05 -44.67 40.62
CA LEU A 311 32.37 -44.79 39.99
C LEU A 311 33.51 -44.66 40.99
N SER A 312 33.18 -44.46 42.26
CA SER A 312 34.18 -44.30 43.32
C SER A 312 35.21 -43.26 42.90
N SER A 313 34.71 -42.17 42.33
CA SER A 313 35.54 -41.05 41.87
C SER A 313 34.93 -39.77 42.40
N GLU A 314 35.51 -39.26 43.49
CA GLU A 314 35.02 -38.03 44.12
C GLU A 314 35.61 -36.77 43.50
N ALA A 315 34.73 -35.86 43.14
CA ALA A 315 35.16 -34.58 42.57
C ALA A 315 35.49 -33.61 43.69
N ILE A 316 36.56 -32.85 43.50
CA ILE A 316 37.02 -31.89 44.49
C ILE A 316 37.06 -30.49 43.86
N SER A 317 36.37 -29.55 44.51
CA SER A 317 36.29 -28.18 44.03
C SER A 317 37.66 -27.56 43.83
N MET A 318 37.85 -26.94 42.67
CA MET A 318 39.09 -26.27 42.35
C MET A 318 39.00 -24.82 42.81
N GLY A 319 37.82 -24.42 43.27
CA GLY A 319 37.59 -23.07 43.72
C GLY A 319 37.58 -22.10 42.55
N ALA A 320 37.54 -22.67 41.35
CA ALA A 320 37.54 -21.90 40.12
C ALA A 320 36.23 -21.15 39.89
N PRO A 321 36.27 -20.12 39.04
CA PRO A 321 35.06 -19.34 38.75
C PRO A 321 34.03 -20.24 38.07
N LYS A 322 32.75 -19.95 38.29
CA LYS A 322 31.69 -20.75 37.71
C LYS A 322 30.77 -19.94 36.84
N THR A 323 30.07 -20.63 35.93
CA THR A 323 29.10 -19.99 35.06
C THR A 323 27.86 -19.85 35.92
N ASP A 324 26.85 -19.14 35.42
CA ASP A 324 25.63 -18.95 36.19
C ASP A 324 24.83 -20.21 36.46
N ILE A 325 25.20 -21.31 35.82
CA ILE A 325 24.52 -22.58 36.03
C ILE A 325 25.33 -23.41 37.06
N GLY A 326 26.44 -22.84 37.51
CA GLY A 326 27.28 -23.49 38.51
C GLY A 326 28.44 -24.37 38.06
N TRP A 327 28.76 -24.33 36.77
CA TRP A 327 29.85 -25.15 36.26
C TRP A 327 31.18 -24.42 36.30
N GLU A 328 32.21 -25.08 36.82
CA GLU A 328 33.54 -24.48 36.92
C GLU A 328 34.13 -24.26 35.53
N ILE A 329 34.93 -23.21 35.40
CA ILE A 329 35.58 -22.89 34.14
C ILE A 329 36.97 -23.51 34.13
N TYR A 330 37.18 -24.48 33.25
CA TYR A 330 38.47 -25.14 33.13
C TYR A 330 38.73 -25.31 31.63
N ALA A 331 39.10 -24.21 30.99
CA ALA A 331 39.35 -24.17 29.55
C ALA A 331 40.36 -25.20 29.07
N GLU A 332 41.38 -25.45 29.88
CA GLU A 332 42.42 -26.41 29.52
C GLU A 332 41.87 -27.81 29.29
N GLY A 333 40.72 -28.07 29.89
CA GLY A 333 40.09 -29.38 29.74
C GLY A 333 39.71 -29.67 28.31
N LEU A 334 39.42 -28.63 27.53
CA LEU A 334 39.06 -28.78 26.13
C LEU A 334 40.24 -29.39 25.40
N TYR A 335 41.41 -28.79 25.57
CA TYR A 335 42.63 -29.26 24.94
C TYR A 335 42.93 -30.70 25.39
N ASP A 336 42.81 -30.95 26.68
CA ASP A 336 43.07 -32.28 27.23
C ASP A 336 42.16 -33.34 26.62
N LEU A 337 40.88 -33.00 26.49
CA LEU A 337 39.89 -33.93 25.92
C LEU A 337 40.17 -34.20 24.45
N LEU A 338 40.48 -33.13 23.71
CA LEU A 338 40.78 -33.27 22.29
C LEU A 338 42.04 -34.10 22.09
N ARG A 339 43.02 -33.86 22.94
CA ARG A 339 44.30 -34.57 22.89
C ARG A 339 44.07 -36.06 23.16
N TYR A 340 43.26 -36.35 24.17
CA TYR A 340 42.93 -37.72 24.55
C TYR A 340 42.26 -38.45 23.40
N THR A 341 41.22 -37.83 22.85
CA THR A 341 40.46 -38.40 21.76
C THR A 341 41.33 -38.62 20.53
N ALA A 342 42.19 -37.65 20.24
CA ALA A 342 43.08 -37.73 19.09
C ALA A 342 44.06 -38.90 19.23
N ASP A 343 44.58 -39.09 20.44
CA ASP A 343 45.53 -40.16 20.69
C ASP A 343 44.89 -41.53 20.59
N LYS A 344 43.81 -41.73 21.34
CA LYS A 344 43.12 -43.01 21.38
C LYS A 344 42.42 -43.47 20.10
N TYR A 345 41.74 -42.55 19.42
CA TYR A 345 40.99 -42.92 18.22
C TYR A 345 41.66 -42.68 16.87
N GLY A 346 42.98 -42.56 16.87
CA GLY A 346 43.71 -42.35 15.64
C GLY A 346 43.59 -40.99 14.99
N ASN A 347 43.45 -39.96 15.82
CA ASN A 347 43.32 -38.58 15.37
C ASN A 347 42.29 -38.41 14.25
N PRO A 348 41.04 -38.81 14.51
CA PRO A 348 39.99 -38.68 13.48
C PRO A 348 39.55 -37.23 13.37
N THR A 349 38.67 -36.95 12.41
CA THR A 349 38.15 -35.61 12.23
C THR A 349 37.32 -35.26 13.45
N LEU A 350 37.60 -34.11 14.03
CA LEU A 350 36.88 -33.67 15.23
C LEU A 350 36.18 -32.35 14.97
N TYR A 351 34.98 -32.22 15.54
CA TYR A 351 34.18 -31.01 15.43
C TYR A 351 33.67 -30.72 16.83
N ILE A 352 33.93 -29.51 17.33
CA ILE A 352 33.40 -29.14 18.63
C ILE A 352 31.95 -28.80 18.34
N THR A 353 31.08 -29.79 18.52
CA THR A 353 29.66 -29.63 18.25
C THR A 353 28.87 -28.84 19.29
N GLU A 354 29.51 -28.55 20.42
CA GLU A 354 28.89 -27.79 21.50
C GLU A 354 29.93 -27.23 22.46
N ASN A 355 29.83 -25.92 22.73
CA ASN A 355 30.71 -25.25 23.67
C ASN A 355 30.19 -23.85 23.91
N GLY A 356 29.81 -23.58 25.15
CA GLY A 356 29.29 -22.28 25.51
C GLY A 356 29.19 -22.14 27.01
N ALA A 357 28.73 -20.98 27.45
CA ALA A 357 28.61 -20.72 28.88
C ALA A 357 27.22 -20.25 29.24
N CYS A 358 26.79 -20.57 30.45
CA CYS A 358 25.48 -20.15 30.90
C CYS A 358 25.64 -18.87 31.70
N TYR A 359 25.24 -17.76 31.10
CA TYR A 359 25.30 -16.46 31.75
C TYR A 359 23.96 -15.81 31.53
N ASN A 360 23.26 -15.55 32.63
CA ASN A 360 21.92 -14.97 32.60
C ASN A 360 21.79 -13.46 32.38
N ASP A 361 22.80 -12.86 31.77
CA ASP A 361 22.77 -11.41 31.51
C ASP A 361 21.55 -11.04 30.70
N GLY A 362 20.85 -9.99 31.13
CA GLY A 362 19.68 -9.54 30.41
C GLY A 362 20.01 -8.20 29.77
N LEU A 363 18.99 -7.52 29.27
CA LEU A 363 19.19 -6.22 28.66
C LEU A 363 19.42 -5.13 29.69
N SER A 364 20.42 -4.29 29.41
CA SER A 364 20.71 -3.17 30.29
C SER A 364 19.81 -2.05 29.77
N LEU A 365 19.73 -0.92 30.47
CA LEU A 365 18.90 0.19 30.00
C LEU A 365 19.49 0.69 28.68
N ASP A 366 20.70 0.23 28.41
CA ASP A 366 21.46 0.53 27.20
C ASP A 366 20.67 -0.01 26.02
N GLY A 367 19.97 -1.12 26.26
CA GLY A 367 19.18 -1.78 25.23
C GLY A 367 19.92 -2.99 24.71
N ARG A 368 21.15 -3.16 25.20
CA ARG A 368 22.02 -4.25 24.78
C ARG A 368 22.37 -5.16 25.96
N ILE A 369 22.86 -6.35 25.64
CA ILE A 369 23.26 -7.32 26.65
C ILE A 369 24.78 -7.35 26.68
N HIS A 370 25.36 -6.79 27.73
CA HIS A 370 26.81 -6.73 27.86
C HIS A 370 27.35 -7.95 28.58
N ASP A 371 27.29 -9.09 27.90
CA ASP A 371 27.76 -10.36 28.47
C ASP A 371 29.25 -10.63 28.27
N GLN A 372 30.09 -9.76 28.82
CA GLN A 372 31.53 -9.92 28.71
C GLN A 372 32.01 -11.27 29.22
N ARG A 373 31.32 -11.80 30.23
CA ARG A 373 31.66 -13.08 30.81
C ARG A 373 31.57 -14.22 29.80
N ARG A 374 30.60 -14.13 28.88
CA ARG A 374 30.44 -15.15 27.86
C ARG A 374 31.57 -15.00 26.85
N ILE A 375 31.90 -13.76 26.52
CA ILE A 375 32.97 -13.48 25.57
C ILE A 375 34.28 -14.03 26.10
N ASP A 376 34.56 -13.76 27.37
CA ASP A 376 35.78 -14.23 28.01
C ASP A 376 35.86 -15.74 28.01
N TYR A 377 34.75 -16.39 28.33
CA TYR A 377 34.68 -17.85 28.36
C TYR A 377 34.99 -18.42 26.98
N LEU A 378 34.25 -17.95 25.98
CA LEU A 378 34.43 -18.41 24.61
C LEU A 378 35.87 -18.19 24.15
N ALA A 379 36.39 -17.00 24.40
CA ALA A 379 37.75 -16.66 24.01
C ALA A 379 38.76 -17.64 24.58
N MET A 380 38.63 -17.95 25.87
CA MET A 380 39.54 -18.89 26.53
C MET A 380 39.52 -20.26 25.89
N HIS A 381 38.32 -20.72 25.54
CA HIS A 381 38.16 -22.03 24.93
C HIS A 381 38.59 -22.08 23.47
N LEU A 382 38.43 -20.96 22.77
CA LEU A 382 38.85 -20.90 21.37
C LEU A 382 40.37 -20.88 21.33
N ILE A 383 40.99 -20.37 22.39
CA ILE A 383 42.44 -20.34 22.50
C ILE A 383 42.94 -21.77 22.64
N GLN A 384 42.18 -22.59 23.37
CA GLN A 384 42.53 -23.99 23.56
C GLN A 384 42.27 -24.77 22.28
N ALA A 385 41.25 -24.34 21.53
CA ALA A 385 40.91 -24.99 20.26
C ALA A 385 42.05 -24.74 19.27
N SER A 386 42.54 -23.51 19.23
CA SER A 386 43.64 -23.14 18.35
C SER A 386 44.90 -23.90 18.77
N ARG A 387 45.06 -24.06 20.08
CA ARG A 387 46.20 -24.77 20.65
C ARG A 387 46.21 -26.21 20.13
N ALA A 388 45.04 -26.85 20.16
CA ALA A 388 44.89 -28.22 19.70
C ALA A 388 45.28 -28.37 18.24
N ILE A 389 44.85 -27.40 17.42
CA ILE A 389 45.15 -27.41 15.99
C ILE A 389 46.67 -27.26 15.81
N GLU A 390 47.27 -26.38 16.60
CA GLU A 390 48.71 -26.16 16.56
C GLU A 390 49.45 -27.40 17.02
N ASP A 391 48.78 -28.19 17.87
CA ASP A 391 49.35 -29.41 18.41
C ASP A 391 49.07 -30.63 17.52
N GLY A 392 48.72 -30.38 16.27
CA GLY A 392 48.46 -31.46 15.32
C GLY A 392 47.15 -32.22 15.40
N ILE A 393 46.24 -31.82 16.28
CA ILE A 393 44.95 -32.49 16.39
C ILE A 393 44.06 -32.07 15.23
N ASN A 394 43.32 -33.03 14.67
CA ASN A 394 42.43 -32.75 13.54
C ASN A 394 41.10 -32.09 13.88
N LEU A 395 41.15 -30.90 14.46
CA LEU A 395 39.95 -30.17 14.81
C LEU A 395 39.58 -29.38 13.56
N LYS A 396 38.48 -29.75 12.92
CA LYS A 396 38.04 -29.09 11.69
C LYS A 396 36.94 -28.05 11.84
N GLY A 397 36.39 -27.91 13.05
CA GLY A 397 35.33 -26.94 13.24
C GLY A 397 34.92 -26.70 14.67
N TYR A 398 34.23 -25.58 14.88
CA TYR A 398 33.75 -25.19 16.20
C TYR A 398 32.34 -24.62 16.08
N MET A 399 31.45 -25.11 16.92
CA MET A 399 30.06 -24.67 16.93
C MET A 399 29.67 -24.34 18.35
N GLU A 400 29.63 -23.04 18.66
CA GLU A 400 29.29 -22.61 20.02
C GLU A 400 27.85 -22.96 20.34
N TRP A 401 27.61 -23.45 21.56
CA TRP A 401 26.28 -23.83 21.95
C TRP A 401 25.26 -22.73 22.16
N SER A 402 24.13 -22.93 21.49
CA SER A 402 22.97 -22.07 21.51
C SER A 402 23.12 -20.75 20.79
N LEU A 403 22.41 -20.63 19.67
CA LEU A 403 22.40 -19.43 18.88
C LEU A 403 21.65 -18.39 19.69
N MET A 404 20.59 -18.83 20.36
CA MET A 404 19.76 -17.96 21.18
C MET A 404 19.37 -18.67 22.46
N ASP A 405 19.00 -17.90 23.49
CA ASP A 405 18.58 -18.47 24.76
C ASP A 405 17.39 -19.38 24.48
N ASN A 406 17.34 -20.53 25.15
CA ASN A 406 16.26 -21.47 24.93
C ASN A 406 15.83 -22.23 26.17
N PHE A 407 14.98 -23.24 25.96
CA PHE A 407 14.48 -24.09 27.03
C PHE A 407 15.62 -24.97 27.50
N GLU A 408 16.20 -24.64 28.65
CA GLU A 408 17.31 -25.41 29.19
C GLU A 408 16.87 -26.64 29.98
N TRP A 409 16.12 -27.51 29.31
CA TRP A 409 15.63 -28.77 29.87
C TRP A 409 15.04 -28.65 31.27
N ALA A 410 15.56 -29.42 32.22
CA ALA A 410 15.06 -29.40 33.60
C ALA A 410 15.20 -28.03 34.28
N GLU A 411 16.13 -27.22 33.78
CA GLU A 411 16.36 -25.89 34.34
C GLU A 411 15.32 -24.88 33.87
N GLY A 412 14.53 -25.28 32.88
CA GLY A 412 13.52 -24.39 32.35
C GLY A 412 14.17 -23.30 31.53
N TYR A 413 13.60 -22.11 31.56
CA TYR A 413 14.12 -20.99 30.79
C TYR A 413 15.08 -20.07 31.55
N GLY A 414 15.25 -20.34 32.85
CA GLY A 414 16.12 -19.53 33.69
C GLY A 414 17.59 -19.45 33.31
N MET A 415 18.15 -20.52 32.78
CA MET A 415 19.56 -20.54 32.39
C MET A 415 19.72 -20.17 30.92
N ARG A 416 20.50 -19.12 30.65
CA ARG A 416 20.74 -18.63 29.30
C ARG A 416 22.10 -19.00 28.72
N PHE A 417 22.09 -19.72 27.60
CA PHE A 417 23.32 -20.17 26.92
C PHE A 417 23.55 -19.52 25.56
N GLY A 418 22.59 -18.74 25.08
CA GLY A 418 22.72 -18.15 23.76
C GLY A 418 23.50 -16.88 23.50
N LEU A 419 23.77 -16.65 22.22
CA LEU A 419 24.47 -15.46 21.75
C LEU A 419 23.42 -14.38 21.51
N VAL A 420 22.18 -14.82 21.34
CA VAL A 420 21.05 -13.93 21.10
C VAL A 420 20.09 -14.04 22.29
N HIS A 421 19.79 -12.89 22.90
CA HIS A 421 18.88 -12.85 24.04
C HIS A 421 17.43 -13.00 23.58
N VAL A 422 16.70 -13.88 24.26
CA VAL A 422 15.30 -14.08 23.93
C VAL A 422 14.45 -13.78 25.16
N ASP A 423 13.54 -12.82 25.02
CA ASP A 423 12.65 -12.46 26.11
C ASP A 423 11.48 -13.42 25.94
N TYR A 424 11.38 -14.41 26.81
CA TYR A 424 10.32 -15.41 26.70
C TYR A 424 8.88 -14.93 26.82
N ASP A 425 8.68 -13.74 27.38
CA ASP A 425 7.34 -13.20 27.53
C ASP A 425 6.89 -12.52 26.24
N THR A 426 7.81 -11.83 25.59
CA THR A 426 7.53 -11.11 24.35
C THR A 426 8.14 -11.78 23.12
N LEU A 427 8.92 -12.83 23.34
CA LEU A 427 9.60 -13.57 22.28
C LEU A 427 10.50 -12.70 21.41
N VAL A 428 10.86 -11.53 21.91
CA VAL A 428 11.73 -10.61 21.18
C VAL A 428 13.17 -11.07 21.30
N ARG A 429 13.86 -11.09 20.16
CA ARG A 429 15.26 -11.51 20.11
C ARG A 429 16.20 -10.31 19.95
N THR A 430 17.20 -10.25 20.81
CA THR A 430 18.17 -9.16 20.80
C THR A 430 19.58 -9.74 20.83
N PRO A 431 20.38 -9.50 19.77
CA PRO A 431 21.74 -10.03 19.75
C PRO A 431 22.57 -9.45 20.90
N LYS A 432 23.24 -10.33 21.63
CA LYS A 432 24.08 -9.92 22.76
C LYS A 432 25.43 -9.46 22.25
N ASP A 433 26.28 -8.95 23.14
CA ASP A 433 27.60 -8.49 22.75
C ASP A 433 28.44 -9.65 22.24
N SER A 434 28.20 -10.83 22.82
CA SER A 434 28.92 -12.04 22.42
C SER A 434 28.63 -12.40 20.97
N PHE A 435 27.43 -12.08 20.51
CA PHE A 435 27.02 -12.35 19.13
C PHE A 435 27.94 -11.59 18.20
N TYR A 436 28.04 -10.28 18.41
CA TYR A 436 28.88 -9.42 17.59
C TYR A 436 30.35 -9.78 17.72
N TRP A 437 30.74 -10.25 18.90
CA TRP A 437 32.12 -10.64 19.14
C TRP A 437 32.45 -11.88 18.32
N TYR A 438 31.62 -12.91 18.46
CA TYR A 438 31.81 -14.17 17.75
C TYR A 438 31.80 -13.91 16.24
N LYS A 439 30.95 -12.99 15.82
CA LYS A 439 30.83 -12.62 14.41
C LYS A 439 32.19 -12.17 13.90
N GLY A 440 32.85 -11.32 14.69
CA GLY A 440 34.16 -10.81 14.34
C GLY A 440 35.22 -11.88 14.28
N VAL A 441 35.16 -12.84 15.20
CA VAL A 441 36.12 -13.93 15.24
C VAL A 441 35.98 -14.76 13.97
N ILE A 442 34.74 -15.04 13.58
CA ILE A 442 34.46 -15.83 12.39
C ILE A 442 34.96 -15.10 11.15
N SER A 443 34.74 -13.79 11.11
CA SER A 443 35.17 -12.96 9.98
C SER A 443 36.67 -12.93 9.82
N ARG A 444 37.39 -12.68 10.92
CA ARG A 444 38.84 -12.62 10.90
C ARG A 444 39.48 -13.98 10.67
N GLY A 445 39.00 -14.97 11.41
CA GLY A 445 39.55 -16.32 11.29
C GLY A 445 40.64 -16.52 12.33
N TRP A 446 40.86 -15.49 13.14
CA TRP A 446 41.87 -15.53 14.18
C TRP A 446 41.39 -14.74 15.40
N LEU A 447 42.17 -14.77 16.47
CA LEU A 447 41.79 -14.07 17.68
C LEU A 447 42.96 -13.34 18.32
N ASP A 448 42.82 -12.04 18.51
CA ASP A 448 43.87 -11.22 19.12
C ASP A 448 43.53 -11.04 20.59
N LEU A 449 44.00 -11.97 21.41
CA LEU A 449 43.73 -11.96 22.84
C LEU A 449 45.02 -12.27 23.62
N SER B 1 5.85 -26.54 46.53
CA SER B 1 4.69 -27.44 46.76
C SER B 1 3.70 -27.25 45.62
N ILE B 2 3.24 -28.37 45.04
CA ILE B 2 2.30 -28.31 43.93
C ILE B 2 0.83 -28.23 44.32
N HIS B 3 0.22 -27.12 43.96
CA HIS B 3 -1.19 -26.85 44.23
C HIS B 3 -1.94 -27.10 42.94
N MET B 4 -2.61 -28.25 42.90
CA MET B 4 -3.35 -28.68 41.72
C MET B 4 -4.75 -28.09 41.60
N PHE B 5 -5.22 -27.99 40.35
CA PHE B 5 -6.54 -27.48 40.03
C PHE B 5 -7.17 -28.44 39.04
N PRO B 6 -8.50 -28.67 39.16
CA PRO B 6 -9.24 -29.57 38.27
C PRO B 6 -9.04 -29.23 36.80
N SER B 7 -9.07 -30.26 35.96
CA SER B 7 -8.89 -30.10 34.53
C SER B 7 -9.93 -29.16 33.92
N ASP B 8 -11.17 -29.25 34.42
CA ASP B 8 -12.27 -28.42 33.94
C ASP B 8 -12.45 -27.12 34.73
N PHE B 9 -11.39 -26.68 35.41
CA PHE B 9 -11.44 -25.45 36.20
C PHE B 9 -11.56 -24.26 35.27
N LYS B 10 -12.50 -23.36 35.57
CA LYS B 10 -12.72 -22.19 34.74
C LYS B 10 -11.85 -21.00 35.14
N TRP B 11 -10.74 -20.85 34.44
CA TRP B 11 -9.81 -19.75 34.68
C TRP B 11 -10.32 -18.53 33.94
N GLY B 12 -10.37 -17.40 34.62
CA GLY B 12 -10.85 -16.19 33.98
C GLY B 12 -10.35 -14.90 34.60
N VAL B 13 -10.87 -13.79 34.09
CA VAL B 13 -10.52 -12.46 34.56
C VAL B 13 -11.79 -11.61 34.41
N ALA B 14 -11.91 -10.55 35.19
CA ALA B 14 -13.11 -9.72 35.13
C ALA B 14 -12.90 -8.22 35.04
N THR B 15 -13.93 -7.52 34.54
CA THR B 15 -13.94 -6.07 34.40
C THR B 15 -15.36 -5.57 34.69
N ALA B 16 -15.57 -4.27 34.58
CA ALA B 16 -16.88 -3.67 34.81
C ALA B 16 -17.08 -2.55 33.81
N ALA B 17 -18.29 -2.46 33.29
CA ALA B 17 -18.67 -1.45 32.29
C ALA B 17 -18.13 -0.04 32.51
N TYR B 18 -18.62 0.63 33.54
CA TYR B 18 -18.20 2.01 33.80
C TYR B 18 -16.72 2.16 34.13
N GLN B 19 -16.08 1.08 34.56
CA GLN B 19 -14.68 1.13 34.92
C GLN B 19 -13.72 1.10 33.74
N ILE B 20 -14.12 0.49 32.62
CA ILE B 20 -13.22 0.39 31.46
C ILE B 20 -13.73 0.94 30.13
N GLU B 21 -15.03 0.83 29.88
CA GLU B 21 -15.64 1.27 28.62
C GLU B 21 -15.34 2.66 28.07
N GLY B 22 -15.68 3.69 28.83
CA GLY B 22 -15.48 5.04 28.36
C GLY B 22 -16.63 5.35 27.40
N ALA B 23 -16.46 6.37 26.56
CA ALA B 23 -17.50 6.76 25.60
C ALA B 23 -18.86 6.85 26.31
N TYR B 24 -18.86 7.52 27.45
CA TYR B 24 -20.06 7.67 28.27
C TYR B 24 -21.16 8.47 27.60
N ASN B 25 -20.76 9.40 26.73
CA ASN B 25 -21.70 10.26 26.03
C ASN B 25 -21.70 9.98 24.54
N GLU B 26 -21.62 8.70 24.17
CA GLU B 26 -21.60 8.32 22.77
C GLU B 26 -22.65 7.29 22.40
N ASP B 27 -23.00 7.28 21.12
CA ASP B 27 -23.99 6.35 20.58
C ASP B 27 -25.26 6.24 21.40
N GLY B 28 -25.74 7.38 21.88
CA GLY B 28 -26.97 7.42 22.65
C GLY B 28 -26.97 6.83 24.05
N ARG B 29 -25.80 6.72 24.68
CA ARG B 29 -25.74 6.17 26.03
C ARG B 29 -26.29 7.19 27.02
N GLY B 30 -27.15 6.73 27.92
CA GLY B 30 -27.72 7.61 28.92
C GLY B 30 -26.79 7.69 30.11
N MET B 31 -26.93 8.74 30.92
CA MET B 31 -26.09 8.90 32.10
C MET B 31 -26.52 7.92 33.19
N SER B 32 -25.54 7.50 33.99
CA SER B 32 -25.81 6.58 35.10
C SER B 32 -25.58 7.38 36.37
N ILE B 33 -25.89 6.79 37.51
CA ILE B 33 -25.70 7.47 38.79
C ILE B 33 -24.21 7.75 39.00
N TRP B 34 -23.36 6.93 38.39
CA TRP B 34 -21.91 7.11 38.51
C TRP B 34 -21.37 8.23 37.65
N ASP B 35 -22.01 8.49 36.51
CA ASP B 35 -21.58 9.57 35.64
C ASP B 35 -21.84 10.85 36.43
N THR B 36 -23.03 10.90 37.03
CA THR B 36 -23.46 12.03 37.83
C THR B 36 -22.55 12.21 39.04
N PHE B 37 -22.35 11.13 39.78
CA PHE B 37 -21.52 11.13 40.99
C PHE B 37 -20.10 11.61 40.68
N ALA B 38 -19.47 10.99 39.69
CA ALA B 38 -18.11 11.32 39.29
C ALA B 38 -17.98 12.77 38.83
N HIS B 39 -19.03 13.28 38.19
CA HIS B 39 -19.03 14.66 37.70
C HIS B 39 -19.25 15.66 38.82
N THR B 40 -19.71 15.18 39.97
CA THR B 40 -19.96 16.05 41.13
C THR B 40 -18.65 16.33 41.85
N PRO B 41 -18.29 17.62 41.96
CA PRO B 41 -17.06 18.05 42.63
C PRO B 41 -16.94 17.50 44.05
N GLY B 42 -15.80 16.90 44.35
CA GLY B 42 -15.56 16.36 45.67
C GLY B 42 -16.01 14.94 45.92
N LYS B 43 -16.71 14.34 44.96
CA LYS B 43 -17.19 12.96 45.12
C LYS B 43 -16.14 11.92 44.77
N VAL B 44 -15.33 12.20 43.76
CA VAL B 44 -14.27 11.28 43.35
C VAL B 44 -12.92 11.96 43.48
N LYS B 45 -11.91 11.18 43.89
CA LYS B 45 -10.55 11.68 44.06
C LYS B 45 -10.02 12.33 42.80
N ASN B 46 -9.50 13.55 42.95
CA ASN B 46 -8.93 14.33 41.85
C ASN B 46 -9.95 14.80 40.81
N GLY B 47 -11.21 14.41 41.00
CA GLY B 47 -12.25 14.77 40.06
C GLY B 47 -12.27 13.85 38.86
N ASP B 48 -11.77 12.63 39.06
CA ASP B 48 -11.73 11.63 37.99
C ASP B 48 -13.12 11.12 37.67
N ASN B 49 -13.28 10.61 36.46
CA ASN B 49 -14.56 10.07 36.01
C ASN B 49 -14.35 9.04 34.91
N GLY B 50 -15.37 8.21 34.67
CA GLY B 50 -15.28 7.19 33.66
C GLY B 50 -15.63 7.64 32.25
N ASN B 51 -15.41 8.93 31.95
CA ASN B 51 -15.71 9.48 30.64
C ASN B 51 -14.97 8.71 29.55
N VAL B 52 -13.67 8.50 29.77
CA VAL B 52 -12.82 7.79 28.81
C VAL B 52 -12.38 6.44 29.36
N ALA B 53 -11.95 6.43 30.62
CA ALA B 53 -11.48 5.22 31.29
C ALA B 53 -10.38 4.53 30.48
N CYS B 54 -10.65 3.33 30.00
CA CYS B 54 -9.67 2.59 29.21
C CYS B 54 -10.05 2.60 27.74
N ASP B 55 -11.18 3.25 27.43
CA ASP B 55 -11.70 3.39 26.08
C ASP B 55 -12.00 2.02 25.44
N SER B 56 -12.34 1.05 26.26
CA SER B 56 -12.65 -0.30 25.78
C SER B 56 -13.85 -0.35 24.83
N TYR B 57 -14.65 0.70 24.83
CA TYR B 57 -15.82 0.77 23.95
C TYR B 57 -15.36 0.81 22.49
N HIS B 58 -14.19 1.41 22.26
CA HIS B 58 -13.62 1.54 20.93
C HIS B 58 -12.46 0.57 20.73
N ARG B 59 -12.22 -0.29 21.71
CA ARG B 59 -11.11 -1.23 21.63
C ARG B 59 -11.49 -2.68 21.93
N VAL B 60 -12.56 -3.14 21.28
CA VAL B 60 -13.03 -4.52 21.44
C VAL B 60 -11.94 -5.50 21.04
N GLU B 61 -11.31 -5.23 19.91
CA GLU B 61 -10.25 -6.07 19.37
C GLU B 61 -9.08 -6.16 20.33
N GLU B 62 -8.70 -5.02 20.90
CA GLU B 62 -7.59 -4.97 21.84
C GLU B 62 -7.89 -5.73 23.12
N ASP B 63 -9.12 -5.59 23.62
CA ASP B 63 -9.55 -6.29 24.83
C ASP B 63 -9.44 -7.79 24.64
N VAL B 64 -10.08 -8.28 23.58
CA VAL B 64 -10.08 -9.69 23.27
C VAL B 64 -8.68 -10.24 23.02
N GLN B 65 -7.81 -9.42 22.46
CA GLN B 65 -6.44 -9.85 22.20
C GLN B 65 -5.73 -10.12 23.51
N LEU B 66 -5.93 -9.24 24.50
CA LEU B 66 -5.32 -9.41 25.81
C LEU B 66 -5.85 -10.69 26.42
N LEU B 67 -7.14 -10.94 26.24
CA LEU B 67 -7.81 -12.12 26.76
C LEU B 67 -7.28 -13.42 26.17
N LYS B 68 -7.06 -13.46 24.86
CA LYS B 68 -6.55 -14.68 24.26
C LYS B 68 -5.06 -14.85 24.53
N ASP B 69 -4.36 -13.74 24.77
CA ASP B 69 -2.95 -13.79 25.09
C ASP B 69 -2.79 -14.35 26.51
N LEU B 70 -3.72 -13.99 27.38
CA LEU B 70 -3.71 -14.45 28.76
C LEU B 70 -4.08 -15.93 28.84
N GLY B 71 -4.78 -16.42 27.83
CA GLY B 71 -5.19 -17.82 27.80
C GLY B 71 -6.41 -18.10 28.65
N VAL B 72 -7.12 -17.03 28.99
CA VAL B 72 -8.32 -17.10 29.80
C VAL B 72 -9.44 -17.92 29.13
N LYS B 73 -10.13 -18.73 29.92
CA LYS B 73 -11.23 -19.55 29.41
C LYS B 73 -12.57 -18.88 29.63
N VAL B 74 -12.63 -17.96 30.58
CA VAL B 74 -13.86 -17.25 30.90
C VAL B 74 -13.56 -15.77 31.08
N TYR B 75 -14.45 -14.92 30.59
CA TYR B 75 -14.29 -13.47 30.73
C TYR B 75 -15.55 -12.90 31.34
N ARG B 76 -15.42 -12.30 32.51
CA ARG B 76 -16.57 -11.70 33.17
C ARG B 76 -16.59 -10.20 32.96
N PHE B 77 -17.69 -9.71 32.40
CA PHE B 77 -17.86 -8.29 32.13
C PHE B 77 -19.31 -7.93 32.49
N SER B 78 -19.62 -6.64 32.49
CA SER B 78 -20.98 -6.21 32.81
C SER B 78 -21.58 -5.38 31.69
N ILE B 79 -22.91 -5.33 31.68
CA ILE B 79 -23.65 -4.57 30.68
C ILE B 79 -24.02 -3.21 31.28
N SER B 80 -23.73 -2.14 30.54
CA SER B 80 -24.08 -0.81 30.99
C SER B 80 -25.55 -0.61 30.69
N TRP B 81 -26.38 -0.66 31.74
CA TRP B 81 -27.82 -0.49 31.63
C TRP B 81 -28.20 0.75 30.80
N PRO B 82 -27.62 1.93 31.12
CA PRO B 82 -27.96 3.15 30.38
C PRO B 82 -27.54 3.11 28.90
N ARG B 83 -26.68 2.16 28.54
CA ARG B 83 -26.23 2.06 27.15
C ARG B 83 -27.21 1.28 26.28
N VAL B 84 -28.01 0.41 26.90
CA VAL B 84 -29.00 -0.37 26.15
C VAL B 84 -30.41 0.20 26.33
N LEU B 85 -30.64 0.84 27.45
CA LEU B 85 -31.91 1.47 27.79
C LEU B 85 -31.53 2.77 28.49
N PRO B 86 -31.26 3.83 27.72
CA PRO B 86 -30.87 5.15 28.21
C PRO B 86 -31.73 5.72 29.33
N GLN B 87 -33.02 5.40 29.31
CA GLN B 87 -33.95 5.88 30.33
C GLN B 87 -34.24 4.80 31.36
N GLY B 88 -33.55 3.67 31.24
CA GLY B 88 -33.74 2.56 32.15
C GLY B 88 -34.87 1.67 31.70
N THR B 89 -35.78 2.25 30.93
CA THR B 89 -36.94 1.55 30.42
C THR B 89 -37.41 2.21 29.13
N GLY B 90 -38.17 1.46 28.34
CA GLY B 90 -38.70 1.99 27.09
C GLY B 90 -37.81 1.85 25.87
N GLU B 91 -37.44 2.98 25.30
CA GLU B 91 -36.60 3.03 24.10
C GLU B 91 -35.30 2.24 24.22
N VAL B 92 -35.13 1.30 23.30
CA VAL B 92 -33.93 0.46 23.26
C VAL B 92 -32.86 1.07 22.35
N ASN B 93 -31.68 1.29 22.90
CA ASN B 93 -30.57 1.85 22.14
C ASN B 93 -29.79 0.71 21.49
N ARG B 94 -30.13 0.42 20.24
CA ARG B 94 -29.49 -0.67 19.50
C ARG B 94 -27.99 -0.50 19.32
N ALA B 95 -27.51 0.75 19.30
CA ALA B 95 -26.09 1.01 19.14
C ALA B 95 -25.31 0.40 20.31
N GLY B 96 -25.92 0.47 21.50
CA GLY B 96 -25.30 -0.09 22.69
C GLY B 96 -25.26 -1.60 22.61
N LEU B 97 -26.39 -2.21 22.27
CA LEU B 97 -26.49 -3.65 22.15
C LEU B 97 -25.53 -4.18 21.08
N ASP B 98 -25.30 -3.39 20.05
CA ASP B 98 -24.38 -3.77 18.97
C ASP B 98 -22.99 -4.00 19.54
N TYR B 99 -22.57 -3.12 20.43
CA TYR B 99 -21.26 -3.21 21.07
C TYR B 99 -21.11 -4.54 21.82
N TYR B 100 -22.09 -4.83 22.66
CA TYR B 100 -22.06 -6.06 23.44
C TYR B 100 -22.11 -7.30 22.58
N HIS B 101 -22.83 -7.23 21.46
CA HIS B 101 -22.91 -8.35 20.54
C HIS B 101 -21.55 -8.55 19.87
N ARG B 102 -20.91 -7.45 19.51
CA ARG B 102 -19.60 -7.48 18.85
C ARG B 102 -18.57 -8.09 19.80
N LEU B 103 -18.64 -7.69 21.07
CA LEU B 103 -17.73 -8.18 22.10
C LEU B 103 -17.93 -9.68 22.30
N VAL B 104 -19.17 -10.07 22.57
CA VAL B 104 -19.51 -11.47 22.79
C VAL B 104 -19.13 -12.34 21.59
N ASP B 105 -19.34 -11.84 20.38
CA ASP B 105 -18.99 -12.58 19.18
C ASP B 105 -17.50 -12.83 19.10
N GLU B 106 -16.72 -11.82 19.44
CA GLU B 106 -15.26 -11.94 19.42
C GLU B 106 -14.81 -12.95 20.47
N LEU B 107 -15.42 -12.89 21.65
CA LEU B 107 -15.09 -13.82 22.72
C LEU B 107 -15.32 -15.24 22.24
N LEU B 108 -16.55 -15.50 21.78
CA LEU B 108 -16.94 -16.82 21.28
C LEU B 108 -16.02 -17.29 20.16
N ALA B 109 -15.66 -16.37 19.28
CA ALA B 109 -14.80 -16.69 18.14
C ALA B 109 -13.40 -17.11 18.57
N ASN B 110 -13.00 -16.71 19.77
CA ASN B 110 -11.69 -17.05 20.29
C ASN B 110 -11.72 -18.07 21.43
N GLY B 111 -12.85 -18.76 21.56
CA GLY B 111 -13.01 -19.78 22.59
C GLY B 111 -13.08 -19.28 24.02
N ILE B 112 -13.53 -18.03 24.20
CA ILE B 112 -13.65 -17.45 25.52
C ILE B 112 -15.12 -17.41 25.93
N GLU B 113 -15.43 -18.07 27.05
CA GLU B 113 -16.79 -18.13 27.55
C GLU B 113 -17.20 -16.83 28.26
N PRO B 114 -18.27 -16.18 27.77
CA PRO B 114 -18.76 -14.93 28.35
C PRO B 114 -19.47 -15.16 29.68
N PHE B 115 -19.16 -14.33 30.66
CA PHE B 115 -19.76 -14.40 31.98
C PHE B 115 -20.34 -13.01 32.16
N CYS B 116 -21.59 -12.84 31.77
CA CYS B 116 -22.26 -11.54 31.82
C CYS B 116 -22.84 -11.15 33.16
N THR B 117 -22.57 -9.90 33.55
CA THR B 117 -23.05 -9.33 34.80
C THR B 117 -24.03 -8.23 34.42
N LEU B 118 -25.30 -8.44 34.71
CA LEU B 118 -26.34 -7.48 34.39
C LEU B 118 -26.17 -6.13 35.08
N TYR B 119 -26.01 -6.14 36.39
CA TYR B 119 -25.89 -4.89 37.13
C TYR B 119 -24.61 -4.75 37.94
N HIS B 120 -23.83 -3.72 37.61
CA HIS B 120 -22.60 -3.44 38.32
C HIS B 120 -22.56 -1.96 38.74
N TRP B 121 -23.60 -1.56 39.47
CA TRP B 121 -23.73 -0.22 40.03
C TRP B 121 -24.11 0.96 39.12
N ASP B 122 -24.08 0.76 37.82
CA ASP B 122 -24.41 1.85 36.88
C ASP B 122 -25.90 2.05 36.57
N LEU B 123 -26.69 2.32 37.61
CA LEU B 123 -28.13 2.55 37.46
C LEU B 123 -28.39 3.80 36.62
N PRO B 124 -29.32 3.72 35.64
CA PRO B 124 -29.64 4.86 34.80
C PRO B 124 -30.13 6.02 35.66
N GLN B 125 -29.58 7.20 35.41
CA GLN B 125 -29.95 8.39 36.16
C GLN B 125 -31.46 8.65 36.12
N ALA B 126 -32.07 8.33 34.98
CA ALA B 126 -33.52 8.51 34.80
C ALA B 126 -34.30 7.79 35.89
N LEU B 127 -33.87 6.58 36.23
CA LEU B 127 -34.53 5.79 37.26
C LEU B 127 -34.21 6.35 38.64
N GLN B 128 -33.00 6.87 38.79
CA GLN B 128 -32.58 7.45 40.05
C GLN B 128 -33.41 8.69 40.36
N ASP B 129 -33.79 9.41 39.31
CA ASP B 129 -34.61 10.61 39.46
C ASP B 129 -35.98 10.23 40.00
N GLN B 130 -36.39 8.99 39.76
CA GLN B 130 -37.68 8.47 40.23
C GLN B 130 -37.54 7.79 41.60
N GLY B 131 -36.39 7.94 42.22
CA GLY B 131 -36.15 7.34 43.52
C GLY B 131 -35.10 6.25 43.51
N GLY B 132 -34.68 5.83 42.33
CA GLY B 132 -33.68 4.80 42.21
C GLY B 132 -34.12 3.51 42.86
N TRP B 133 -33.17 2.77 43.43
CA TRP B 133 -33.48 1.51 44.08
C TRP B 133 -34.33 1.65 45.34
N GLY B 134 -34.64 2.89 45.70
CA GLY B 134 -35.47 3.13 46.86
C GLY B 134 -36.93 2.94 46.51
N SER B 135 -37.22 3.00 45.21
CA SER B 135 -38.58 2.83 44.69
C SER B 135 -38.76 1.45 44.05
N ARG B 136 -39.93 0.86 44.26
CA ARG B 136 -40.24 -0.45 43.70
C ARG B 136 -40.37 -0.41 42.18
N ILE B 137 -40.51 0.80 41.64
CA ILE B 137 -40.64 1.00 40.20
C ILE B 137 -39.39 0.47 39.49
N THR B 138 -38.24 0.66 40.14
CA THR B 138 -36.97 0.22 39.59
C THR B 138 -36.91 -1.30 39.47
N ILE B 139 -37.65 -2.00 40.32
CA ILE B 139 -37.69 -3.47 40.27
C ILE B 139 -38.26 -3.89 38.92
N ASP B 140 -39.30 -3.17 38.48
CA ASP B 140 -39.95 -3.43 37.21
C ASP B 140 -38.95 -3.16 36.09
N ALA B 141 -38.30 -2.00 36.17
CA ALA B 141 -37.32 -1.59 35.18
C ALA B 141 -36.22 -2.62 35.01
N PHE B 142 -35.75 -3.19 36.11
CA PHE B 142 -34.70 -4.20 36.06
C PHE B 142 -35.21 -5.48 35.41
N ALA B 143 -36.46 -5.82 35.69
CA ALA B 143 -37.07 -7.02 35.13
C ALA B 143 -37.15 -6.88 33.61
N GLU B 144 -37.48 -5.67 33.16
CA GLU B 144 -37.58 -5.37 31.73
C GLU B 144 -36.18 -5.46 31.11
N TYR B 145 -35.21 -4.88 31.82
CA TYR B 145 -33.82 -4.85 31.40
C TYR B 145 -33.26 -6.28 31.29
N ALA B 146 -33.49 -7.08 32.32
CA ALA B 146 -33.02 -8.45 32.37
C ALA B 146 -33.58 -9.25 31.19
N GLU B 147 -34.89 -9.15 31.00
CA GLU B 147 -35.57 -9.86 29.91
C GLU B 147 -34.97 -9.48 28.56
N LEU B 148 -34.69 -8.19 28.38
CA LEU B 148 -34.11 -7.68 27.14
C LEU B 148 -32.77 -8.35 26.86
N MET B 149 -31.88 -8.33 27.85
CA MET B 149 -30.55 -8.91 27.70
C MET B 149 -30.61 -10.42 27.50
N PHE B 150 -31.54 -11.07 28.19
CA PHE B 150 -31.70 -12.52 28.07
C PHE B 150 -32.10 -12.89 26.65
N LYS B 151 -32.95 -12.07 26.05
CA LYS B 151 -33.40 -12.32 24.69
C LYS B 151 -32.33 -11.95 23.66
N GLU B 152 -31.60 -10.89 23.94
CA GLU B 152 -30.54 -10.42 23.05
C GLU B 152 -29.30 -11.32 23.05
N LEU B 153 -28.66 -11.41 24.20
CA LEU B 153 -27.43 -12.20 24.34
C LEU B 153 -27.60 -13.59 24.93
N GLY B 154 -28.82 -13.92 25.35
CA GLY B 154 -29.07 -15.22 25.95
C GLY B 154 -28.67 -16.44 25.15
N GLY B 155 -28.62 -16.29 23.82
CA GLY B 155 -28.24 -17.41 22.97
C GLY B 155 -26.74 -17.64 22.90
N LYS B 156 -25.97 -16.62 23.27
CA LYS B 156 -24.51 -16.69 23.23
C LYS B 156 -23.90 -16.80 24.63
N ILE B 157 -24.59 -16.20 25.60
CA ILE B 157 -24.13 -16.21 26.99
C ILE B 157 -24.86 -17.23 27.84
N LYS B 158 -24.08 -18.10 28.50
CA LYS B 158 -24.63 -19.16 29.34
C LYS B 158 -24.20 -18.99 30.80
N GLN B 159 -23.67 -17.81 31.14
CA GLN B 159 -23.21 -17.51 32.50
C GLN B 159 -23.74 -16.13 32.84
N TRP B 160 -24.73 -16.06 33.74
CA TRP B 160 -25.31 -14.78 34.11
C TRP B 160 -25.26 -14.48 35.59
N ILE B 161 -24.99 -13.21 35.90
CA ILE B 161 -24.95 -12.71 37.26
C ILE B 161 -25.88 -11.51 37.29
N THR B 162 -26.85 -11.54 38.20
CA THR B 162 -27.80 -10.45 38.30
C THR B 162 -27.15 -9.19 38.87
N PHE B 163 -26.77 -9.26 40.15
CA PHE B 163 -26.14 -8.12 40.81
C PHE B 163 -24.76 -8.47 41.33
N ASN B 164 -23.84 -7.53 41.18
CA ASN B 164 -22.48 -7.72 41.65
C ASN B 164 -22.27 -6.87 42.90
N GLU B 165 -21.89 -7.53 43.98
CA GLU B 165 -21.62 -6.88 45.27
C GLU B 165 -22.78 -6.02 45.75
N PRO B 166 -23.91 -6.67 46.11
CA PRO B 166 -25.12 -6.01 46.60
C PRO B 166 -24.88 -5.06 47.77
N TRP B 167 -24.01 -5.45 48.68
CA TRP B 167 -23.71 -4.61 49.84
C TRP B 167 -23.11 -3.27 49.43
N CYS B 168 -22.21 -3.30 48.45
CA CYS B 168 -21.57 -2.08 47.98
C CYS B 168 -22.57 -1.12 47.34
N MET B 169 -23.42 -1.62 46.46
CA MET B 169 -24.42 -0.80 45.80
C MET B 169 -25.54 -0.35 46.74
N ALA B 170 -25.72 -1.08 47.84
CA ALA B 170 -26.77 -0.76 48.81
C ALA B 170 -26.26 0.06 49.99
N PHE B 171 -25.47 -0.57 50.86
CA PHE B 171 -24.95 0.09 52.05
C PHE B 171 -23.84 1.12 51.84
N LEU B 172 -22.81 0.77 51.08
CA LEU B 172 -21.71 1.71 50.85
C LEU B 172 -22.19 2.93 50.06
N SER B 173 -23.25 2.73 49.28
CA SER B 173 -23.81 3.78 48.45
C SER B 173 -24.91 4.62 49.11
N ASN B 174 -25.82 3.95 49.81
CA ASN B 174 -26.94 4.65 50.44
C ASN B 174 -26.87 4.79 51.95
N TYR B 175 -25.90 4.14 52.59
CA TYR B 175 -25.75 4.22 54.04
C TYR B 175 -24.48 4.99 54.42
N LEU B 176 -23.37 4.65 53.78
CA LEU B 176 -22.10 5.31 54.07
C LEU B 176 -21.83 6.50 53.16
N GLY B 177 -22.59 6.59 52.07
CA GLY B 177 -22.44 7.69 51.13
C GLY B 177 -21.12 7.81 50.41
N VAL B 178 -20.39 6.70 50.31
CA VAL B 178 -19.09 6.70 49.64
C VAL B 178 -19.24 6.45 48.14
N HIS B 179 -20.28 5.70 47.76
CA HIS B 179 -20.54 5.38 46.37
C HIS B 179 -21.87 5.96 45.92
N ALA B 180 -22.05 6.10 44.61
CA ALA B 180 -23.28 6.65 44.05
C ALA B 180 -24.49 5.82 44.48
N PRO B 181 -25.63 6.47 44.78
CA PRO B 181 -25.94 7.90 44.77
C PRO B 181 -25.22 8.74 45.82
N GLY B 182 -24.79 8.12 46.90
CA GLY B 182 -24.09 8.85 47.95
C GLY B 182 -24.99 9.29 49.08
N ASN B 183 -25.91 8.43 49.48
CA ASN B 183 -26.82 8.73 50.58
C ASN B 183 -26.32 8.16 51.90
N LYS B 184 -26.86 8.69 53.00
CA LYS B 184 -26.50 8.23 54.33
C LYS B 184 -27.78 7.98 55.11
N ASP B 185 -28.39 6.82 54.86
CA ASP B 185 -29.63 6.41 55.50
C ASP B 185 -29.64 4.89 55.57
N LEU B 186 -29.55 4.36 56.79
CA LEU B 186 -29.55 2.92 57.00
C LEU B 186 -30.80 2.26 56.43
N GLN B 187 -31.96 2.82 56.76
CA GLN B 187 -33.23 2.27 56.28
C GLN B 187 -33.28 2.23 54.76
N LEU B 188 -32.83 3.31 54.11
CA LEU B 188 -32.82 3.37 52.66
C LEU B 188 -31.95 2.26 52.10
N ALA B 189 -30.80 2.04 52.75
CA ALA B 189 -29.88 1.00 52.33
C ALA B 189 -30.55 -0.36 52.44
N ILE B 190 -31.37 -0.52 53.47
CA ILE B 190 -32.09 -1.77 53.69
C ILE B 190 -33.20 -1.90 52.66
N ASP B 191 -33.79 -0.77 52.26
CA ASP B 191 -34.85 -0.76 51.25
C ASP B 191 -34.25 -1.21 49.93
N VAL B 192 -33.12 -0.61 49.57
CA VAL B 192 -32.41 -0.93 48.34
C VAL B 192 -32.04 -2.40 48.31
N SER B 193 -31.55 -2.91 49.42
CA SER B 193 -31.16 -4.31 49.53
C SER B 193 -32.34 -5.22 49.24
N HIS B 194 -33.51 -4.84 49.73
CA HIS B 194 -34.71 -5.63 49.53
C HIS B 194 -35.17 -5.57 48.07
N HIS B 195 -35.23 -4.37 47.51
CA HIS B 195 -35.67 -4.18 46.14
C HIS B 195 -34.77 -4.84 45.10
N LEU B 196 -33.46 -4.83 45.34
CA LEU B 196 -32.53 -5.47 44.41
C LEU B 196 -32.72 -6.98 44.44
N LEU B 197 -33.03 -7.51 45.63
CA LEU B 197 -33.26 -8.94 45.80
C LEU B 197 -34.53 -9.38 45.06
N VAL B 198 -35.56 -8.54 45.12
CA VAL B 198 -36.82 -8.84 44.44
C VAL B 198 -36.56 -8.79 42.93
N ALA B 199 -35.81 -7.78 42.50
CA ALA B 199 -35.46 -7.62 41.09
C ALA B 199 -34.67 -8.84 40.63
N HIS B 200 -33.81 -9.35 41.52
CA HIS B 200 -33.00 -10.52 41.24
C HIS B 200 -33.89 -11.74 41.06
N GLY B 201 -34.79 -11.94 42.02
CA GLY B 201 -35.69 -13.08 41.97
C GLY B 201 -36.51 -13.10 40.70
N ARG B 202 -37.03 -11.93 40.32
CA ARG B 202 -37.82 -11.80 39.12
C ARG B 202 -36.98 -12.10 37.88
N ALA B 203 -35.72 -11.68 37.91
CA ALA B 203 -34.80 -11.90 36.79
C ALA B 203 -34.52 -13.39 36.65
N VAL B 204 -34.38 -14.09 37.78
CA VAL B 204 -34.11 -15.52 37.76
C VAL B 204 -35.31 -16.25 37.16
N THR B 205 -36.50 -15.85 37.58
CA THR B 205 -37.73 -16.44 37.09
C THR B 205 -37.81 -16.28 35.57
N LEU B 206 -37.53 -15.07 35.08
CA LEU B 206 -37.55 -14.79 33.64
C LEU B 206 -36.56 -15.69 32.92
N PHE B 207 -35.37 -15.84 33.50
CA PHE B 207 -34.32 -16.67 32.92
C PHE B 207 -34.83 -18.09 32.71
N ARG B 208 -35.56 -18.59 33.71
CA ARG B 208 -36.11 -19.94 33.66
C ARG B 208 -37.23 -20.04 32.61
N GLU B 209 -38.14 -19.07 32.64
CA GLU B 209 -39.28 -19.03 31.73
C GLU B 209 -38.86 -18.94 30.27
N LEU B 210 -37.82 -18.16 30.00
CA LEU B 210 -37.33 -17.98 28.64
C LEU B 210 -36.65 -19.25 28.12
N GLY B 211 -36.49 -20.22 29.00
CA GLY B 211 -35.88 -21.49 28.64
C GLY B 211 -34.45 -21.40 28.15
N ILE B 212 -33.80 -20.26 28.36
CA ILE B 212 -32.42 -20.08 27.93
C ILE B 212 -31.49 -20.92 28.78
N SER B 213 -30.75 -21.81 28.11
CA SER B 213 -29.80 -22.69 28.78
C SER B 213 -28.66 -21.89 29.39
N GLY B 214 -28.10 -22.42 30.48
CA GLY B 214 -27.00 -21.75 31.14
C GLY B 214 -27.16 -21.69 32.64
N GLU B 215 -26.38 -20.82 33.26
CA GLU B 215 -26.39 -20.64 34.71
C GLU B 215 -26.65 -19.19 35.06
N ILE B 216 -27.22 -18.98 36.24
CA ILE B 216 -27.51 -17.63 36.72
C ILE B 216 -27.35 -17.62 38.23
N GLY B 217 -26.73 -16.55 38.74
CA GLY B 217 -26.52 -16.43 40.16
C GLY B 217 -26.32 -14.98 40.57
N ILE B 218 -25.78 -14.80 41.77
CA ILE B 218 -25.52 -13.47 42.31
C ILE B 218 -24.12 -13.49 42.91
N ALA B 219 -23.43 -12.35 42.90
CA ALA B 219 -22.08 -12.29 43.42
C ALA B 219 -21.89 -11.37 44.62
N PRO B 220 -22.07 -11.90 45.84
CA PRO B 220 -21.90 -11.08 47.05
C PRO B 220 -20.43 -10.93 47.41
N ASN B 221 -20.11 -9.81 48.04
CA ASN B 221 -18.75 -9.54 48.50
C ASN B 221 -18.75 -9.75 50.01
N THR B 222 -19.21 -10.94 50.41
CA THR B 222 -19.32 -11.34 51.80
C THR B 222 -18.06 -11.01 52.59
N SER B 223 -18.14 -9.96 53.40
CA SER B 223 -17.02 -9.52 54.23
C SER B 223 -16.74 -10.55 55.30
N TRP B 224 -15.47 -10.91 55.47
CA TRP B 224 -15.09 -11.90 56.46
C TRP B 224 -14.41 -11.29 57.69
N ALA B 225 -14.66 -11.89 58.84
CA ALA B 225 -14.09 -11.42 60.11
C ALA B 225 -13.76 -12.60 61.01
N VAL B 226 -12.60 -12.51 61.64
CA VAL B 226 -12.08 -13.55 62.54
C VAL B 226 -12.27 -13.08 63.98
N PRO B 227 -12.77 -13.97 64.85
CA PRO B 227 -12.99 -13.64 66.27
C PRO B 227 -11.68 -13.34 66.99
N TYR B 228 -11.61 -12.15 67.59
CA TYR B 228 -10.43 -11.72 68.33
C TYR B 228 -10.25 -12.69 69.49
N ARG B 229 -11.31 -12.85 70.28
CA ARG B 229 -11.31 -13.73 71.43
C ARG B 229 -12.30 -14.85 71.16
N ARG B 230 -12.06 -16.02 71.75
CA ARG B 230 -12.95 -17.16 71.60
C ARG B 230 -14.13 -16.94 72.55
N THR B 231 -14.89 -15.88 72.30
CA THR B 231 -16.04 -15.54 73.12
C THR B 231 -17.28 -15.55 72.24
N LYS B 232 -18.43 -15.89 72.82
CA LYS B 232 -19.67 -15.92 72.07
C LYS B 232 -19.96 -14.55 71.45
N GLU B 233 -19.79 -13.50 72.25
CA GLU B 233 -20.05 -12.14 71.79
C GLU B 233 -19.16 -11.73 70.61
N ASP B 234 -17.93 -12.22 70.59
CA ASP B 234 -17.00 -11.91 69.50
C ASP B 234 -17.35 -12.68 68.25
N MET B 235 -17.73 -13.95 68.42
CA MET B 235 -18.11 -14.79 67.30
C MET B 235 -19.37 -14.26 66.63
N GLU B 236 -20.29 -13.74 67.44
CA GLU B 236 -21.53 -13.17 66.93
C GLU B 236 -21.23 -11.83 66.26
N ALA B 237 -20.28 -11.10 66.80
CA ALA B 237 -19.87 -9.82 66.24
C ALA B 237 -19.29 -10.06 64.85
N CYS B 238 -18.63 -11.20 64.69
CA CYS B 238 -18.03 -11.56 63.41
C CYS B 238 -19.09 -12.09 62.45
N LEU B 239 -20.10 -12.76 63.01
CA LEU B 239 -21.18 -13.31 62.20
C LEU B 239 -21.98 -12.19 61.54
N ARG B 240 -22.12 -11.08 62.25
CA ARG B 240 -22.84 -9.92 61.73
C ARG B 240 -22.09 -9.27 60.57
N VAL B 241 -20.77 -9.41 60.55
CA VAL B 241 -19.95 -8.83 59.50
C VAL B 241 -20.26 -9.53 58.16
N ASN B 242 -20.24 -10.85 58.15
CA ASN B 242 -20.55 -11.59 56.94
C ASN B 242 -22.07 -11.65 56.75
N GLY B 243 -22.78 -11.40 57.84
CA GLY B 243 -24.23 -11.43 57.81
C GLY B 243 -24.88 -10.28 57.08
N TRP B 244 -24.42 -9.06 57.34
CA TRP B 244 -25.02 -7.89 56.69
C TRP B 244 -24.51 -7.62 55.29
N SER B 245 -23.48 -8.35 54.87
CA SER B 245 -22.90 -8.17 53.55
C SER B 245 -23.16 -9.33 52.60
N GLY B 246 -23.32 -10.54 53.16
CA GLY B 246 -23.56 -11.71 52.32
C GLY B 246 -24.80 -12.51 52.67
N ASP B 247 -24.92 -12.89 53.94
CA ASP B 247 -26.06 -13.68 54.40
C ASP B 247 -27.39 -12.98 54.17
N TRP B 248 -27.37 -11.66 54.30
CA TRP B 248 -28.54 -10.82 54.12
C TRP B 248 -29.15 -10.98 52.73
N TYR B 249 -28.33 -11.36 51.76
CA TYR B 249 -28.80 -11.53 50.39
C TYR B 249 -28.96 -12.99 49.97
N LEU B 250 -28.06 -13.84 50.44
CA LEU B 250 -28.11 -15.26 50.11
C LEU B 250 -29.21 -16.04 50.81
N ASP B 251 -29.54 -15.66 52.05
CA ASP B 251 -30.58 -16.34 52.80
C ASP B 251 -31.97 -16.22 52.18
N PRO B 252 -32.38 -15.01 51.75
CA PRO B 252 -33.70 -14.88 51.15
C PRO B 252 -33.82 -15.71 49.87
N ILE B 253 -32.68 -15.89 49.19
CA ILE B 253 -32.62 -16.65 47.96
C ILE B 253 -32.64 -18.17 48.19
N TYR B 254 -31.85 -18.63 49.14
CA TYR B 254 -31.75 -20.06 49.45
C TYR B 254 -32.78 -20.59 50.44
N PHE B 255 -33.18 -19.76 51.40
CA PHE B 255 -34.13 -20.18 52.42
C PHE B 255 -35.45 -19.43 52.40
N GLY B 256 -35.52 -18.35 51.62
CA GLY B 256 -36.75 -17.58 51.53
C GLY B 256 -37.02 -16.70 52.74
N GLU B 257 -35.95 -16.33 53.44
CA GLU B 257 -36.07 -15.48 54.61
C GLU B 257 -34.74 -14.81 54.93
N TYR B 258 -34.81 -13.59 55.44
CA TYR B 258 -33.62 -12.85 55.81
C TYR B 258 -33.03 -13.55 57.04
N PRO B 259 -31.70 -13.47 57.21
CA PRO B 259 -31.07 -14.10 58.36
C PRO B 259 -31.64 -13.56 59.67
N LYS B 260 -32.17 -14.47 60.49
CA LYS B 260 -32.78 -14.10 61.77
C LYS B 260 -31.95 -13.17 62.63
N PHE B 261 -30.70 -13.53 62.88
CA PHE B 261 -29.84 -12.69 63.72
C PHE B 261 -29.70 -11.26 63.22
N MET B 262 -29.71 -11.08 61.90
CA MET B 262 -29.61 -9.75 61.33
C MET B 262 -30.92 -9.01 61.47
N LEU B 263 -32.03 -9.71 61.26
CA LEU B 263 -33.35 -9.12 61.38
C LEU B 263 -33.53 -8.55 62.79
N ASP B 264 -33.18 -9.34 63.79
CA ASP B 264 -33.28 -8.94 65.19
C ASP B 264 -32.38 -7.74 65.48
N TRP B 265 -31.19 -7.75 64.91
CA TRP B 265 -30.24 -6.66 65.12
C TRP B 265 -30.79 -5.34 64.60
N TYR B 266 -31.29 -5.36 63.37
CA TYR B 266 -31.86 -4.17 62.75
C TYR B 266 -33.15 -3.76 63.46
N GLU B 267 -33.96 -4.75 63.81
CA GLU B 267 -35.23 -4.50 64.49
C GLU B 267 -35.04 -3.75 65.80
N ASN B 268 -34.02 -4.16 66.56
CA ASN B 268 -33.71 -3.53 67.83
C ASN B 268 -33.30 -2.07 67.62
N LEU B 269 -32.79 -1.78 66.42
CA LEU B 269 -32.37 -0.42 66.08
C LEU B 269 -33.51 0.35 65.43
N GLY B 270 -34.61 -0.36 65.14
CA GLY B 270 -35.76 0.26 64.53
C GLY B 270 -35.73 0.25 63.01
N TYR B 271 -35.19 -0.84 62.45
CA TYR B 271 -35.08 -0.98 61.00
C TYR B 271 -35.61 -2.32 60.55
N LYS B 272 -36.35 -2.31 59.44
CA LYS B 272 -36.95 -3.52 58.89
C LYS B 272 -37.04 -3.40 57.37
N PRO B 273 -36.82 -4.51 56.66
CA PRO B 273 -36.89 -4.49 55.20
C PRO B 273 -38.35 -4.29 54.76
N PRO B 274 -38.59 -3.44 53.77
CA PRO B 274 -39.93 -3.14 53.26
C PRO B 274 -40.53 -4.33 52.49
N ILE B 275 -40.79 -5.41 53.21
CA ILE B 275 -41.34 -6.62 52.62
C ILE B 275 -42.82 -6.50 52.29
N VAL B 276 -43.12 -6.53 51.00
CA VAL B 276 -44.50 -6.48 50.53
C VAL B 276 -44.89 -7.94 50.36
N ASP B 277 -46.10 -8.29 50.77
CA ASP B 277 -46.56 -9.68 50.68
C ASP B 277 -46.27 -10.31 49.33
N GLY B 278 -45.57 -11.44 49.36
CA GLY B 278 -45.22 -12.14 48.12
C GLY B 278 -43.76 -11.97 47.73
N ASP B 279 -43.14 -10.90 48.22
CA ASP B 279 -41.75 -10.60 47.90
C ASP B 279 -40.76 -11.72 48.19
N MET B 280 -40.79 -12.24 49.41
CA MET B 280 -39.87 -13.30 49.81
C MET B 280 -39.96 -14.53 48.92
N GLU B 281 -41.16 -14.81 48.41
CA GLU B 281 -41.36 -15.95 47.53
C GLU B 281 -40.75 -15.67 46.16
N LEU B 282 -40.79 -14.40 45.76
CA LEU B 282 -40.23 -13.98 44.48
C LEU B 282 -38.71 -14.09 44.53
N ILE B 283 -38.15 -13.74 45.68
CA ILE B 283 -36.69 -13.78 45.90
C ILE B 283 -36.22 -15.22 46.06
N HIS B 284 -37.08 -16.05 46.65
CA HIS B 284 -36.77 -17.46 46.92
C HIS B 284 -36.76 -18.33 45.67
N GLN B 285 -35.93 -17.98 44.70
CA GLN B 285 -35.80 -18.72 43.45
C GLN B 285 -34.42 -19.35 43.38
N PRO B 286 -34.36 -20.66 43.10
CA PRO B 286 -33.11 -21.41 42.99
C PRO B 286 -32.15 -20.82 41.98
N ILE B 287 -30.91 -20.57 42.40
CA ILE B 287 -29.88 -20.05 41.51
C ILE B 287 -28.85 -21.15 41.27
N ASP B 288 -28.16 -21.06 40.13
CA ASP B 288 -27.18 -22.08 39.76
C ASP B 288 -25.82 -22.00 40.43
N PHE B 289 -25.45 -20.83 40.96
CA PHE B 289 -24.15 -20.67 41.60
C PHE B 289 -24.09 -19.40 42.45
N ILE B 290 -23.05 -19.30 43.26
CA ILE B 290 -22.81 -18.14 44.10
C ILE B 290 -21.46 -17.58 43.68
N GLY B 291 -21.41 -16.28 43.43
CA GLY B 291 -20.17 -15.64 43.03
C GLY B 291 -19.49 -15.06 44.24
N ILE B 292 -18.33 -15.60 44.59
CA ILE B 292 -17.57 -15.14 45.74
C ILE B 292 -16.56 -14.06 45.34
N ASN B 293 -16.70 -12.88 45.92
CA ASN B 293 -15.80 -11.78 45.68
C ASN B 293 -14.97 -11.59 46.95
N TYR B 294 -13.72 -12.01 46.92
CA TYR B 294 -12.85 -11.90 48.07
C TYR B 294 -11.60 -11.06 47.83
N TYR B 295 -11.19 -10.31 48.85
CA TYR B 295 -10.01 -9.46 48.80
C TYR B 295 -9.29 -9.42 50.14
N THR B 296 -10.06 -9.38 51.21
CA THR B 296 -9.51 -9.32 52.55
C THR B 296 -10.53 -9.69 53.61
N SER B 297 -10.05 -9.76 54.86
CA SER B 297 -10.89 -10.05 56.01
C SER B 297 -10.24 -9.41 57.21
N SER B 298 -10.99 -9.27 58.31
CA SER B 298 -10.47 -8.63 59.50
C SER B 298 -10.54 -9.50 60.74
N MET B 299 -10.19 -8.91 61.88
CA MET B 299 -10.20 -9.58 63.17
C MET B 299 -11.09 -8.70 64.03
N ASN B 300 -12.31 -9.14 64.30
CA ASN B 300 -13.26 -8.34 65.07
C ASN B 300 -13.58 -8.82 66.46
N ARG B 301 -14.10 -7.90 67.27
CA ARG B 301 -14.50 -8.18 68.64
C ARG B 301 -15.73 -7.35 68.94
N TYR B 302 -16.56 -7.85 69.85
CA TYR B 302 -17.78 -7.15 70.24
C TYR B 302 -17.43 -5.85 70.95
N ASN B 303 -18.14 -4.79 70.59
CA ASN B 303 -17.92 -3.48 71.20
C ASN B 303 -19.17 -2.62 71.05
N PRO B 304 -19.93 -2.45 72.15
CA PRO B 304 -21.17 -1.66 72.20
C PRO B 304 -20.95 -0.17 71.98
N GLY B 305 -19.71 0.27 72.12
CA GLY B 305 -19.37 1.68 71.93
C GLY B 305 -19.27 2.09 70.48
N GLU B 306 -18.84 3.33 70.26
CA GLU B 306 -18.69 3.86 68.91
C GLU B 306 -17.72 3.04 68.06
N ALA B 307 -16.67 2.53 68.70
CA ALA B 307 -15.66 1.73 68.02
C ALA B 307 -16.26 0.50 67.35
N GLY B 308 -17.35 -0.01 67.91
CA GLY B 308 -18.00 -1.17 67.35
C GLY B 308 -18.87 -0.83 66.16
N GLY B 309 -19.35 0.41 66.13
CA GLY B 309 -20.19 0.85 65.02
C GLY B 309 -21.61 0.35 65.15
N MET B 310 -22.36 0.45 64.05
CA MET B 310 -23.76 0.01 64.00
C MET B 310 -23.88 -1.48 64.36
N LEU B 311 -22.92 -2.27 63.91
CA LEU B 311 -22.92 -3.71 64.18
C LEU B 311 -22.25 -4.07 65.49
N SER B 312 -21.77 -3.07 66.22
CA SER B 312 -21.09 -3.28 67.50
C SER B 312 -20.01 -4.35 67.34
N SER B 313 -19.28 -4.26 66.24
CA SER B 313 -18.21 -5.20 65.92
C SER B 313 -16.98 -4.38 65.52
N GLU B 314 -16.06 -4.22 66.46
CA GLU B 314 -14.85 -3.46 66.24
C GLU B 314 -13.73 -4.28 65.62
N ALA B 315 -13.16 -3.76 64.53
CA ALA B 315 -12.07 -4.43 63.85
C ALA B 315 -10.75 -4.04 64.53
N ILE B 316 -9.87 -5.03 64.68
CA ILE B 316 -8.58 -4.82 65.32
C ILE B 316 -7.47 -5.20 64.34
N SER B 317 -6.55 -4.26 64.12
CA SER B 317 -5.44 -4.46 63.21
C SER B 317 -4.62 -5.69 63.55
N MET B 318 -4.35 -6.51 62.54
CA MET B 318 -3.55 -7.71 62.71
C MET B 318 -2.08 -7.35 62.48
N GLY B 319 -1.83 -6.11 62.05
CA GLY B 319 -0.49 -5.66 61.78
C GLY B 319 0.05 -6.31 60.54
N ALA B 320 -0.83 -6.97 59.80
CA ALA B 320 -0.49 -7.67 58.57
C ALA B 320 -0.15 -6.73 57.42
N PRO B 321 0.56 -7.23 56.41
CA PRO B 321 0.94 -6.40 55.26
C PRO B 321 -0.32 -5.97 54.53
N LYS B 322 -0.26 -4.79 53.92
CA LYS B 322 -1.42 -4.26 53.21
C LYS B 322 -1.13 -4.00 51.75
N THR B 323 -2.19 -3.95 50.94
CA THR B 323 -2.06 -3.66 49.53
C THR B 323 -1.94 -2.13 49.47
N ASP B 324 -1.65 -1.60 48.29
CA ASP B 324 -1.52 -0.16 48.15
C ASP B 324 -2.78 0.65 48.41
N ILE B 325 -3.92 -0.04 48.52
CA ILE B 325 -5.18 0.62 48.80
C ILE B 325 -5.47 0.56 50.30
N GLY B 326 -4.57 -0.10 51.03
CA GLY B 326 -4.69 -0.21 52.48
C GLY B 326 -5.38 -1.42 53.07
N TRP B 327 -5.66 -2.43 52.25
CA TRP B 327 -6.34 -3.63 52.74
C TRP B 327 -5.35 -4.68 53.21
N GLU B 328 -5.59 -5.24 54.40
CA GLU B 328 -4.71 -6.26 54.96
C GLU B 328 -4.79 -7.55 54.14
N ILE B 329 -3.67 -8.26 54.07
CA ILE B 329 -3.62 -9.51 53.34
C ILE B 329 -3.90 -10.66 54.30
N TYR B 330 -5.02 -11.35 54.10
CA TYR B 330 -5.38 -12.48 54.93
C TYR B 330 -5.92 -13.55 53.99
N ALA B 331 -5.01 -14.21 53.29
CA ALA B 331 -5.35 -15.25 52.32
C ALA B 331 -6.23 -16.37 52.86
N GLU B 332 -6.01 -16.73 54.11
CA GLU B 332 -6.77 -17.80 54.74
C GLU B 332 -8.25 -17.49 54.80
N GLY B 333 -8.59 -16.20 54.74
CA GLY B 333 -9.97 -15.78 54.78
C GLY B 333 -10.76 -16.30 53.59
N LEU B 334 -10.07 -16.50 52.46
CA LEU B 334 -10.72 -17.01 51.25
C LEU B 334 -11.25 -18.41 51.55
N TYR B 335 -10.37 -19.26 52.08
CA TYR B 335 -10.73 -20.61 52.42
C TYR B 335 -11.87 -20.63 53.44
N ASP B 336 -11.74 -19.78 54.47
CA ASP B 336 -12.75 -19.69 55.51
C ASP B 336 -14.12 -19.30 54.95
N LEU B 337 -14.14 -18.33 54.05
CA LEU B 337 -15.37 -17.86 53.44
C LEU B 337 -16.01 -18.94 52.57
N LEU B 338 -15.18 -19.60 51.77
CA LEU B 338 -15.65 -20.66 50.89
C LEU B 338 -16.20 -21.82 51.72
N ARG B 339 -15.52 -22.14 52.81
CA ARG B 339 -15.92 -23.21 53.70
C ARG B 339 -17.27 -22.88 54.33
N TYR B 340 -17.41 -21.64 54.78
CA TYR B 340 -18.64 -21.16 55.41
C TYR B 340 -19.82 -21.27 54.44
N THR B 341 -19.62 -20.74 53.24
CA THR B 341 -20.65 -20.75 52.21
C THR B 341 -21.02 -22.17 51.81
N ALA B 342 -20.03 -23.03 51.70
CA ALA B 342 -20.25 -24.42 51.32
C ALA B 342 -21.08 -25.15 52.39
N ASP B 343 -20.77 -24.89 53.65
CA ASP B 343 -21.48 -25.53 54.75
C ASP B 343 -22.94 -25.09 54.84
N LYS B 344 -23.13 -23.77 54.90
CA LYS B 344 -24.46 -23.19 55.03
C LYS B 344 -25.42 -23.35 53.87
N TYR B 345 -24.93 -23.18 52.65
CA TYR B 345 -25.79 -23.27 51.47
C TYR B 345 -25.81 -24.58 50.70
N GLY B 346 -25.41 -25.66 51.37
CA GLY B 346 -25.43 -26.97 50.74
C GLY B 346 -24.39 -27.23 49.68
N ASN B 347 -23.21 -26.62 49.85
CA ASN B 347 -22.09 -26.77 48.93
C ASN B 347 -22.49 -26.56 47.46
N PRO B 348 -23.06 -25.40 47.14
CA PRO B 348 -23.47 -25.13 45.76
C PRO B 348 -22.25 -24.81 44.90
N THR B 349 -22.48 -24.64 43.60
CA THR B 349 -21.40 -24.32 42.69
C THR B 349 -20.89 -22.93 43.07
N LEU B 350 -19.58 -22.80 43.22
CA LEU B 350 -18.97 -21.54 43.59
C LEU B 350 -17.98 -21.09 42.52
N TYR B 351 -17.96 -19.79 42.28
CA TYR B 351 -17.04 -19.18 41.33
C TYR B 351 -16.46 -17.97 42.01
N ILE B 352 -15.14 -17.88 42.08
CA ILE B 352 -14.52 -16.70 42.67
C ILE B 352 -14.60 -15.67 41.54
N THR B 353 -15.66 -14.86 41.58
CA THR B 353 -15.91 -13.85 40.56
C THR B 353 -15.03 -12.61 40.65
N GLU B 354 -14.30 -12.47 41.75
CA GLU B 354 -13.39 -11.34 41.96
C GLU B 354 -12.36 -11.64 43.04
N ASN B 355 -11.10 -11.39 42.71
CA ASN B 355 -9.98 -11.56 43.64
C ASN B 355 -8.72 -10.98 43.03
N GLY B 356 -8.20 -9.96 43.68
CA GLY B 356 -7.00 -9.32 43.19
C GLY B 356 -6.44 -8.38 44.23
N ALA B 357 -5.32 -7.73 43.90
CA ALA B 357 -4.69 -6.81 44.83
C ALA B 357 -4.45 -5.47 44.18
N CYS B 358 -4.48 -4.42 44.99
CA CYS B 358 -4.24 -3.08 44.50
C CYS B 358 -2.78 -2.75 44.72
N TYR B 359 -2.02 -2.75 43.63
CA TYR B 359 -0.61 -2.42 43.68
C TYR B 359 -0.35 -1.44 42.55
N ASN B 360 0.06 -0.24 42.93
CA ASN B 360 0.30 0.84 41.98
C ASN B 360 1.61 0.84 41.20
N ASP B 361 2.21 -0.33 41.04
CA ASP B 361 3.46 -0.44 40.29
C ASP B 361 3.30 0.10 38.87
N GLY B 362 4.24 0.92 38.46
CA GLY B 362 4.21 1.47 37.12
C GLY B 362 5.33 0.85 36.32
N LEU B 363 5.59 1.40 35.14
CA LEU B 363 6.65 0.89 34.29
C LEU B 363 8.03 1.31 34.80
N SER B 364 8.95 0.34 34.81
CA SER B 364 10.31 0.61 35.22
C SER B 364 11.00 1.06 33.92
N LEU B 365 12.23 1.54 34.01
CA LEU B 365 12.95 1.96 32.81
C LEU B 365 13.16 0.73 31.92
N ASP B 366 12.91 -0.43 32.52
CA ASP B 366 12.99 -1.74 31.91
C ASP B 366 11.96 -1.78 30.77
N GLY B 367 10.85 -1.08 30.99
CA GLY B 367 9.75 -1.02 30.03
C GLY B 367 8.65 -1.94 30.48
N ARG B 368 8.91 -2.68 31.56
CA ARG B 368 7.95 -3.62 32.12
C ARG B 368 7.54 -3.26 33.54
N ILE B 369 6.44 -3.84 33.99
CA ILE B 369 5.92 -3.60 35.33
C ILE B 369 6.23 -4.83 36.18
N HIS B 370 7.21 -4.70 37.07
CA HIS B 370 7.61 -5.81 37.93
C HIS B 370 6.81 -5.84 39.22
N ASP B 371 5.54 -6.20 39.09
CA ASP B 371 4.64 -6.26 40.24
C ASP B 371 4.65 -7.61 40.97
N GLN B 372 5.81 -7.96 41.52
CA GLN B 372 5.94 -9.21 42.26
C GLN B 372 4.93 -9.32 43.40
N ARG B 373 4.60 -8.17 43.99
CA ARG B 373 3.65 -8.13 45.10
C ARG B 373 2.28 -8.65 44.69
N ARG B 374 1.87 -8.38 43.45
CA ARG B 374 0.58 -8.85 42.97
C ARG B 374 0.66 -10.36 42.73
N ILE B 375 1.79 -10.79 42.20
CA ILE B 375 2.01 -12.22 41.94
C ILE B 375 1.95 -13.00 43.25
N ASP B 376 2.63 -12.48 44.26
CA ASP B 376 2.66 -13.12 45.57
C ASP B 376 1.27 -13.20 46.17
N TYR B 377 0.51 -12.12 46.06
CA TYR B 377 -0.85 -12.06 46.60
C TYR B 377 -1.72 -13.11 45.91
N LEU B 378 -1.75 -13.07 44.58
CA LEU B 378 -2.55 -14.01 43.81
C LEU B 378 -2.17 -15.45 44.14
N ALA B 379 -0.86 -15.72 44.17
CA ALA B 379 -0.36 -17.06 44.47
C ALA B 379 -0.89 -17.57 45.81
N MET B 380 -0.82 -16.72 46.83
CA MET B 380 -1.30 -17.09 48.17
C MET B 380 -2.77 -17.45 48.17
N HIS B 381 -3.57 -16.68 47.44
CA HIS B 381 -5.00 -16.91 47.37
C HIS B 381 -5.37 -18.10 46.51
N LEU B 382 -4.59 -18.37 45.47
CA LEU B 382 -4.86 -19.51 44.60
C LEU B 382 -4.52 -20.77 45.37
N ILE B 383 -3.59 -20.67 46.32
CA ILE B 383 -3.21 -21.79 47.16
C ILE B 383 -4.40 -22.14 48.07
N GLN B 384 -5.10 -21.10 48.52
CA GLN B 384 -6.27 -21.29 49.37
C GLN B 384 -7.43 -21.82 48.54
N ALA B 385 -7.48 -21.42 47.27
CA ALA B 385 -8.53 -21.87 46.36
C ALA B 385 -8.35 -23.37 46.12
N SER B 386 -7.11 -23.78 45.89
CA SER B 386 -6.79 -25.19 45.67
C SER B 386 -7.10 -25.98 46.93
N ARG B 387 -6.82 -25.37 48.09
CA ARG B 387 -7.06 -25.98 49.39
C ARG B 387 -8.54 -26.29 49.53
N ALA B 388 -9.39 -25.32 49.16
CA ALA B 388 -10.84 -25.48 49.24
C ALA B 388 -11.32 -26.64 48.38
N ILE B 389 -10.76 -26.74 47.18
CA ILE B 389 -11.12 -27.82 46.26
C ILE B 389 -10.71 -29.15 46.86
N GLU B 390 -9.53 -29.18 47.46
CA GLU B 390 -9.02 -30.38 48.10
C GLU B 390 -9.88 -30.73 49.32
N ASP B 391 -10.50 -29.71 49.90
CA ASP B 391 -11.35 -29.88 51.07
C ASP B 391 -12.81 -30.16 50.69
N GLY B 392 -13.02 -30.61 49.46
CA GLY B 392 -14.37 -30.94 49.00
C GLY B 392 -15.34 -29.83 48.64
N ILE B 393 -14.89 -28.58 48.67
CA ILE B 393 -15.77 -27.46 48.33
C ILE B 393 -15.92 -27.39 46.82
N ASN B 394 -17.14 -27.12 46.35
CA ASN B 394 -17.42 -27.04 44.92
C ASN B 394 -16.99 -25.74 44.23
N LEU B 395 -15.70 -25.45 44.26
CA LEU B 395 -15.18 -24.26 43.60
C LEU B 395 -14.90 -24.67 42.16
N LYS B 396 -15.68 -24.14 41.23
CA LYS B 396 -15.52 -24.47 39.82
C LYS B 396 -14.76 -23.48 38.96
N GLY B 397 -14.39 -22.33 39.54
CA GLY B 397 -13.66 -21.35 38.76
C GLY B 397 -13.09 -20.19 39.56
N TYR B 398 -12.14 -19.49 38.94
CA TYR B 398 -11.49 -18.34 39.54
C TYR B 398 -11.31 -17.26 38.49
N MET B 399 -11.71 -16.04 38.84
CA MET B 399 -11.61 -14.90 37.94
C MET B 399 -10.95 -13.76 38.69
N GLU B 400 -9.66 -13.53 38.43
CA GLU B 400 -8.94 -12.48 39.13
C GLU B 400 -9.48 -11.11 38.73
N TRP B 401 -9.62 -10.23 39.71
CA TRP B 401 -10.16 -8.91 39.44
C TRP B 401 -9.30 -7.95 38.65
N SER B 402 -9.93 -7.41 37.62
CA SER B 402 -9.38 -6.44 36.71
C SER B 402 -8.32 -6.96 35.76
N LEU B 403 -8.71 -7.03 34.48
CA LEU B 403 -7.82 -7.46 33.42
C LEU B 403 -6.78 -6.37 33.26
N MET B 404 -7.23 -5.13 33.37
CA MET B 404 -6.36 -3.97 33.23
C MET B 404 -6.71 -2.92 34.27
N ASP B 405 -5.78 -2.02 34.56
CA ASP B 405 -6.02 -0.95 35.52
C ASP B 405 -7.20 -0.14 35.02
N ASN B 406 -8.09 0.26 35.92
CA ASN B 406 -9.25 1.02 35.52
C ASN B 406 -9.70 2.08 36.53
N PHE B 407 -10.87 2.64 36.29
CA PHE B 407 -11.46 3.66 37.15
C PHE B 407 -11.90 2.99 38.44
N GLU B 408 -11.12 3.19 39.50
CA GLU B 408 -11.43 2.57 40.79
C GLU B 408 -12.43 3.38 41.61
N TRP B 409 -13.60 3.60 41.03
CA TRP B 409 -14.70 4.30 41.65
C TRP B 409 -14.32 5.61 42.37
N ALA B 410 -14.63 5.71 43.65
CA ALA B 410 -14.31 6.92 44.43
C ALA B 410 -12.81 7.20 44.51
N GLU B 411 -11.99 6.17 44.33
CA GLU B 411 -10.55 6.30 44.39
C GLU B 411 -9.98 6.90 43.11
N GLY B 412 -10.82 6.98 42.07
CA GLY B 412 -10.37 7.51 40.81
C GLY B 412 -9.46 6.51 40.12
N TYR B 413 -8.46 7.00 39.40
CA TYR B 413 -7.53 6.14 38.68
C TYR B 413 -6.25 5.80 39.44
N GLY B 414 -6.08 6.41 40.61
CA GLY B 414 -4.89 6.18 41.42
C GLY B 414 -4.60 4.77 41.88
N MET B 415 -5.64 3.99 42.16
CA MET B 415 -5.46 2.61 42.62
C MET B 415 -5.51 1.64 41.45
N ARG B 416 -4.45 0.85 41.29
CA ARG B 416 -4.35 -0.11 40.19
C ARG B 416 -4.56 -1.56 40.61
N PHE B 417 -5.57 -2.20 40.02
CA PHE B 417 -5.92 -3.60 40.31
C PHE B 417 -5.67 -4.57 39.16
N GLY B 418 -5.30 -4.05 38.00
CA GLY B 418 -5.12 -4.92 36.84
C GLY B 418 -3.83 -5.68 36.59
N LEU B 419 -3.95 -6.65 35.68
CA LEU B 419 -2.82 -7.47 35.24
C LEU B 419 -2.13 -6.75 34.10
N VAL B 420 -2.85 -5.83 33.48
CA VAL B 420 -2.35 -5.03 32.37
C VAL B 420 -2.31 -3.57 32.80
N HIS B 421 -1.12 -2.97 32.69
CA HIS B 421 -0.95 -1.57 33.06
C HIS B 421 -1.53 -0.64 32.00
N VAL B 422 -2.31 0.34 32.44
CA VAL B 422 -2.91 1.29 31.52
C VAL B 422 -2.45 2.69 31.90
N ASP B 423 -1.79 3.37 30.96
CA ASP B 423 -1.33 4.73 31.18
C ASP B 423 -2.53 5.58 30.78
N TYR B 424 -3.22 6.16 31.75
CA TYR B 424 -4.41 6.96 31.49
C TYR B 424 -4.24 8.20 30.64
N ASP B 425 -3.01 8.70 30.51
CA ASP B 425 -2.76 9.88 29.72
C ASP B 425 -2.60 9.52 28.24
N THR B 426 -1.96 8.39 27.98
CA THR B 426 -1.71 7.92 26.62
C THR B 426 -2.58 6.71 26.24
N LEU B 427 -3.31 6.19 27.23
CA LEU B 427 -4.16 5.03 27.04
C LEU B 427 -3.43 3.78 26.54
N VAL B 428 -2.10 3.79 26.69
CA VAL B 428 -1.27 2.67 26.25
C VAL B 428 -1.35 1.55 27.27
N ARG B 429 -1.56 0.33 26.79
CA ARG B 429 -1.66 -0.85 27.64
C ARG B 429 -0.40 -1.69 27.57
N THR B 430 0.15 -2.01 28.74
CA THR B 430 1.36 -2.82 28.85
C THR B 430 1.14 -3.95 29.83
N PRO B 431 1.22 -5.21 29.37
CA PRO B 431 1.03 -6.34 30.27
C PRO B 431 2.09 -6.36 31.37
N LYS B 432 1.63 -6.49 32.61
CA LYS B 432 2.53 -6.53 33.76
C LYS B 432 3.11 -7.93 33.91
N ASP B 433 4.03 -8.10 34.86
CA ASP B 433 4.62 -9.40 35.08
C ASP B 433 3.59 -10.39 35.58
N SER B 434 2.60 -9.88 36.32
CA SER B 434 1.53 -10.70 36.85
C SER B 434 0.69 -11.31 35.73
N PHE B 435 0.58 -10.58 34.62
CA PHE B 435 -0.16 -11.03 33.46
C PHE B 435 0.47 -12.33 32.95
N TYR B 436 1.77 -12.27 32.68
CA TYR B 436 2.51 -13.42 32.18
C TYR B 436 2.53 -14.55 33.20
N TRP B 437 2.54 -14.20 34.48
CA TRP B 437 2.54 -15.20 35.54
C TRP B 437 1.22 -15.95 35.54
N TYR B 438 0.12 -15.20 35.60
CA TYR B 438 -1.22 -15.78 35.61
C TYR B 438 -1.43 -16.62 34.37
N LYS B 439 -0.88 -16.15 33.24
CA LYS B 439 -0.99 -16.87 31.98
C LYS B 439 -0.41 -18.27 32.15
N GLY B 440 0.74 -18.34 32.79
CA GLY B 440 1.40 -19.62 33.02
C GLY B 440 0.62 -20.53 33.94
N VAL B 441 0.00 -19.96 34.96
CA VAL B 441 -0.80 -20.73 35.90
C VAL B 441 -1.98 -21.37 35.17
N ILE B 442 -2.62 -20.57 34.32
CA ILE B 442 -3.77 -21.03 33.54
C ILE B 442 -3.35 -22.15 32.60
N SER B 443 -2.20 -21.98 31.97
CA SER B 443 -1.67 -22.96 31.03
C SER B 443 -1.36 -24.30 31.69
N ARG B 444 -0.64 -24.24 32.82
CA ARG B 444 -0.27 -25.44 33.56
C ARG B 444 -1.47 -26.11 34.23
N GLY B 445 -2.28 -25.30 34.90
CA GLY B 445 -3.44 -25.83 35.60
C GLY B 445 -3.08 -26.13 37.03
N TRP B 446 -1.84 -25.84 37.39
CA TRP B 446 -1.34 -26.06 38.74
C TRP B 446 -0.36 -24.97 39.13
N LEU B 447 0.12 -24.99 40.36
CA LEU B 447 1.04 -23.98 40.83
C LEU B 447 2.16 -24.57 41.67
N ASP B 448 3.40 -24.33 41.25
CA ASP B 448 4.56 -24.83 41.97
C ASP B 448 5.10 -23.70 42.86
N LEU B 449 4.58 -23.63 44.07
CA LEU B 449 4.96 -22.58 45.02
C LEU B 449 5.19 -23.19 46.40
N SER C 1 -9.70 21.65 48.36
CA SER C 1 -10.74 22.71 48.24
C SER C 1 -11.13 22.83 46.77
N ILE C 2 -12.43 22.85 46.50
CA ILE C 2 -12.92 22.94 45.13
C ILE C 2 -13.08 24.36 44.61
N HIS C 3 -12.29 24.66 43.58
CA HIS C 3 -12.29 25.97 42.93
C HIS C 3 -13.08 25.81 41.64
N MET C 4 -14.31 26.29 41.67
CA MET C 4 -15.24 26.19 40.55
C MET C 4 -15.05 27.26 39.47
N PHE C 5 -15.42 26.90 38.24
CA PHE C 5 -15.35 27.79 37.10
C PHE C 5 -16.68 27.70 36.37
N PRO C 6 -17.16 28.83 35.83
CA PRO C 6 -18.44 28.89 35.09
C PRO C 6 -18.50 27.87 33.96
N SER C 7 -19.70 27.37 33.70
CA SER C 7 -19.93 26.38 32.66
C SER C 7 -19.47 26.89 31.28
N ASP C 8 -19.70 28.17 31.02
CA ASP C 8 -19.33 28.79 29.75
C ASP C 8 -17.93 29.42 29.76
N PHE C 9 -17.08 28.99 30.70
CA PHE C 9 -15.73 29.52 30.80
C PHE C 9 -14.91 29.08 29.59
N LYS C 10 -14.21 30.04 28.98
CA LYS C 10 -13.41 29.75 27.80
C LYS C 10 -11.99 29.30 28.13
N TRP C 11 -11.79 27.99 28.15
CA TRP C 11 -10.49 27.40 28.42
C TRP C 11 -9.69 27.40 27.14
N GLY C 12 -8.45 27.87 27.20
CA GLY C 12 -7.63 27.91 26.02
C GLY C 12 -6.14 27.89 26.27
N VAL C 13 -5.38 28.03 25.19
CA VAL C 13 -3.92 28.05 25.24
C VAL C 13 -3.48 29.00 24.12
N ALA C 14 -2.28 29.57 24.25
CA ALA C 14 -1.81 30.52 23.24
C ALA C 14 -0.40 30.32 22.73
N THR C 15 -0.15 30.88 21.55
CA THR C 15 1.16 30.83 20.89
C THR C 15 1.37 32.16 20.16
N ALA C 16 2.49 32.28 19.47
CA ALA C 16 2.81 33.48 18.71
C ALA C 16 3.53 33.07 17.44
N ALA C 17 3.17 33.74 16.34
CA ALA C 17 3.73 33.47 15.02
C ALA C 17 5.23 33.20 14.95
N TYR C 18 6.03 34.22 15.20
CA TYR C 18 7.48 34.06 15.13
C TYR C 18 8.07 33.06 16.13
N GLN C 19 7.33 32.78 17.19
CA GLN C 19 7.82 31.87 18.20
C GLN C 19 7.68 30.39 17.86
N ILE C 20 6.69 30.04 17.02
CA ILE C 20 6.47 28.64 16.66
C ILE C 20 6.48 28.27 15.19
N GLU C 21 6.00 29.17 14.33
CA GLU C 21 5.89 28.92 12.89
C GLU C 21 7.10 28.37 12.13
N GLY C 22 8.19 29.13 12.12
CA GLY C 22 9.36 28.70 11.38
C GLY C 22 9.10 29.07 9.93
N ALA C 23 9.85 28.46 9.00
CA ALA C 23 9.69 28.74 7.57
C ALA C 23 9.66 30.25 7.33
N TYR C 24 10.61 30.94 7.94
CA TYR C 24 10.71 32.40 7.86
C TYR C 24 11.00 32.90 6.44
N ASN C 25 11.71 32.08 5.67
CA ASN C 25 12.08 32.45 4.32
C ASN C 25 11.38 31.55 3.29
N GLU C 26 10.10 31.25 3.54
CA GLU C 26 9.35 30.39 2.63
C GLU C 26 8.05 31.02 2.17
N ASP C 27 7.58 30.54 1.03
CA ASP C 27 6.33 30.99 0.42
C ASP C 27 6.17 32.50 0.39
N GLY C 28 7.25 33.19 0.07
CA GLY C 28 7.23 34.64 -0.03
C GLY C 28 7.09 35.46 1.23
N ARG C 29 7.44 34.88 2.38
CA ARG C 29 7.34 35.62 3.64
C ARG C 29 8.44 36.67 3.70
N GLY C 30 8.07 37.89 4.08
CA GLY C 30 9.05 38.95 4.21
C GLY C 30 9.69 38.91 5.59
N MET C 31 10.86 39.52 5.72
CA MET C 31 11.54 39.54 7.00
C MET C 31 10.86 40.51 7.95
N SER C 32 10.91 40.20 9.24
CA SER C 32 10.33 41.05 10.26
C SER C 32 11.49 41.63 11.06
N ILE C 33 11.20 42.55 11.96
CA ILE C 33 12.24 43.16 12.78
C ILE C 33 12.92 42.09 13.65
N TRP C 34 12.18 41.02 13.94
CA TRP C 34 12.72 39.93 14.76
C TRP C 34 13.63 39.00 14.00
N ASP C 35 13.39 38.85 12.69
CA ASP C 35 14.25 38.01 11.87
C ASP C 35 15.60 38.72 11.84
N THR C 36 15.54 40.02 11.63
CA THR C 36 16.73 40.87 11.58
C THR C 36 17.46 40.85 12.92
N PHE C 37 16.72 41.11 13.98
CA PHE C 37 17.26 41.16 15.34
C PHE C 37 17.95 39.84 15.71
N ALA C 38 17.23 38.73 15.53
CA ALA C 38 17.75 37.40 15.84
C ALA C 38 18.98 37.05 15.02
N HIS C 39 19.02 37.53 13.80
CA HIS C 39 20.16 37.26 12.91
C HIS C 39 21.37 38.13 13.27
N THR C 40 21.15 39.17 14.04
CA THR C 40 22.22 40.06 14.46
C THR C 40 23.01 39.45 15.62
N PRO C 41 24.32 39.24 15.41
CA PRO C 41 25.20 38.66 16.43
C PRO C 41 25.12 39.39 17.77
N GLY C 42 24.93 38.64 18.83
CA GLY C 42 24.86 39.21 20.17
C GLY C 42 23.50 39.70 20.63
N LYS C 43 22.51 39.68 19.76
CA LYS C 43 21.17 40.14 20.12
C LYS C 43 20.34 39.07 20.82
N VAL C 44 20.51 37.83 20.40
CA VAL C 44 19.78 36.71 21.01
C VAL C 44 20.76 35.70 21.58
N LYS C 45 20.39 35.12 22.72
CA LYS C 45 21.23 34.14 23.41
C LYS C 45 21.59 32.98 22.50
N ASN C 46 22.89 32.67 22.44
CA ASN C 46 23.43 31.57 21.63
C ASN C 46 23.31 31.79 20.13
N GLY C 47 22.72 32.91 19.73
CA GLY C 47 22.55 33.20 18.32
C GLY C 47 21.33 32.48 17.75
N ASP C 48 20.38 32.18 18.62
CA ASP C 48 19.15 31.50 18.22
C ASP C 48 18.25 32.42 17.42
N ASN C 49 17.39 31.83 16.59
CA ASN C 49 16.45 32.58 15.77
C ASN C 49 15.23 31.75 15.44
N GLY C 50 14.15 32.41 15.01
CA GLY C 50 12.94 31.71 14.67
C GLY C 50 12.87 31.18 13.26
N ASN C 51 14.03 30.85 12.68
CA ASN C 51 14.09 30.32 11.32
C ASN C 51 13.23 29.06 11.19
N VAL C 52 13.41 28.14 12.13
CA VAL C 52 12.67 26.88 12.14
C VAL C 52 11.68 26.82 13.30
N ALA C 53 12.14 27.22 14.49
CA ALA C 53 11.31 27.22 15.68
C ALA C 53 10.70 25.84 15.94
N CYS C 54 9.38 25.74 15.87
CA CYS C 54 8.68 24.48 16.09
C CYS C 54 8.18 23.92 14.76
N ASP C 55 8.44 24.66 13.68
CA ASP C 55 8.04 24.27 12.33
C ASP C 55 6.53 24.12 12.19
N SER C 56 5.78 24.87 12.99
CA SER C 56 4.32 24.80 12.95
C SER C 56 3.71 25.20 11.61
N TYR C 57 4.51 25.87 10.77
CA TYR C 57 4.04 26.29 9.46
C TYR C 57 3.77 25.06 8.60
N HIS C 58 4.53 24.00 8.84
CA HIS C 58 4.39 22.75 8.10
C HIS C 58 3.70 21.68 8.94
N ARG C 59 3.25 22.06 10.13
CA ARG C 59 2.62 21.09 11.01
C ARG C 59 1.26 21.54 11.57
N VAL C 60 0.39 22.01 10.68
CA VAL C 60 -0.95 22.47 11.06
C VAL C 60 -1.71 21.33 11.71
N GLU C 61 -1.65 20.16 11.09
CA GLU C 61 -2.34 18.97 11.58
C GLU C 61 -1.86 18.60 12.98
N GLU C 62 -0.55 18.63 13.19
CA GLU C 62 0.03 18.30 14.48
C GLU C 62 -0.38 19.29 15.57
N ASP C 63 -0.39 20.58 15.21
CA ASP C 63 -0.78 21.63 16.15
C ASP C 63 -2.21 21.40 16.62
N VAL C 64 -3.11 21.28 15.66
CA VAL C 64 -4.53 21.07 15.95
C VAL C 64 -4.77 19.79 16.74
N GLN C 65 -3.97 18.76 16.48
CA GLN C 65 -4.13 17.49 17.18
C GLN C 65 -3.83 17.70 18.66
N LEU C 66 -2.78 18.46 18.96
CA LEU C 66 -2.41 18.74 20.34
C LEU C 66 -3.55 19.50 20.99
N LEU C 67 -4.13 20.43 20.24
CA LEU C 67 -5.23 21.25 20.72
C LEU C 67 -6.49 20.45 21.05
N LYS C 68 -6.86 19.51 20.18
CA LYS C 68 -8.04 18.71 20.47
C LYS C 68 -7.77 17.67 21.55
N ASP C 69 -6.51 17.27 21.69
CA ASP C 69 -6.13 16.32 22.73
C ASP C 69 -6.20 17.02 24.07
N LEU C 70 -5.83 18.29 24.09
CA LEU C 70 -5.86 19.09 25.31
C LEU C 70 -7.29 19.42 25.73
N GLY C 71 -8.21 19.36 24.76
CA GLY C 71 -9.61 19.65 25.04
C GLY C 71 -9.90 21.14 25.11
N VAL C 72 -8.99 21.93 24.59
CA VAL C 72 -9.10 23.38 24.59
C VAL C 72 -10.31 23.86 23.77
N LYS C 73 -11.00 24.87 24.28
CA LYS C 73 -12.16 25.43 23.61
C LYS C 73 -11.80 26.67 22.80
N VAL C 74 -10.68 27.29 23.15
CA VAL C 74 -10.21 28.49 22.45
C VAL C 74 -8.71 28.38 22.20
N TYR C 75 -8.27 28.82 21.03
CA TYR C 75 -6.85 28.80 20.69
C TYR C 75 -6.44 30.19 20.25
N ARG C 76 -5.51 30.79 20.97
CA ARG C 76 -5.03 32.12 20.63
C ARG C 76 -3.71 32.03 19.89
N PHE C 77 -3.67 32.61 18.70
CA PHE C 77 -2.48 32.61 17.87
C PHE C 77 -2.38 33.99 17.22
N SER C 78 -1.25 34.28 16.59
CA SER C 78 -1.08 35.56 15.93
C SER C 78 -0.77 35.41 14.44
N ILE C 79 -1.04 36.47 13.70
CA ILE C 79 -0.80 36.48 12.26
C ILE C 79 0.55 37.17 12.01
N SER C 80 1.39 36.52 11.21
CA SER C 80 2.69 37.09 10.87
C SER C 80 2.44 38.11 9.77
N TRP C 81 2.50 39.38 10.13
CA TRP C 81 2.29 40.49 9.20
C TRP C 81 3.11 40.33 7.91
N PRO C 82 4.43 40.07 8.02
CA PRO C 82 5.27 39.92 6.83
C PRO C 82 4.91 38.72 5.95
N ARG C 83 4.13 37.79 6.50
CA ARG C 83 3.73 36.60 5.75
C ARG C 83 2.52 36.87 4.85
N VAL C 84 1.71 37.86 5.20
CA VAL C 84 0.53 38.21 4.39
C VAL C 84 0.78 39.46 3.55
N LEU C 85 1.65 40.33 4.03
CA LEU C 85 2.04 41.55 3.36
C LEU C 85 3.53 41.69 3.61
N PRO C 86 4.36 41.04 2.78
CA PRO C 86 5.82 41.03 2.88
C PRO C 86 6.47 42.41 3.05
N GLN C 87 5.87 43.42 2.44
CA GLN C 87 6.40 44.78 2.53
C GLN C 87 5.62 45.61 3.55
N GLY C 88 4.70 44.95 4.24
CA GLY C 88 3.89 45.63 5.24
C GLY C 88 2.67 46.26 4.62
N THR C 89 2.77 46.54 3.33
CA THR C 89 1.70 47.16 2.58
C THR C 89 1.82 46.80 1.11
N GLY C 90 0.72 46.92 0.38
CA GLY C 90 0.73 46.62 -1.04
C GLY C 90 0.45 45.18 -1.43
N GLU C 91 1.43 44.57 -2.08
CA GLU C 91 1.32 43.19 -2.54
C GLU C 91 0.93 42.19 -1.46
N VAL C 92 -0.17 41.48 -1.71
CA VAL C 92 -0.68 40.49 -0.77
C VAL C 92 -0.13 39.10 -1.10
N ASN C 93 0.51 38.48 -0.12
CA ASN C 93 1.07 37.14 -0.30
C ASN C 93 0.00 36.11 0.06
N ARG C 94 -0.71 35.63 -0.96
CA ARG C 94 -1.78 34.66 -0.78
C ARG C 94 -1.33 33.33 -0.15
N ALA C 95 -0.06 32.97 -0.37
CA ALA C 95 0.47 31.73 0.18
C ALA C 95 0.42 31.80 1.71
N GLY C 96 0.69 32.99 2.25
CA GLY C 96 0.65 33.18 3.69
C GLY C 96 -0.75 33.07 4.21
N LEU C 97 -1.68 33.77 3.56
CA LEU C 97 -3.08 33.75 3.95
C LEU C 97 -3.66 32.34 3.87
N ASP C 98 -3.16 31.55 2.93
CA ASP C 98 -3.62 30.18 2.75
C ASP C 98 -3.34 29.38 4.02
N TYR C 99 -2.16 29.59 4.60
CA TYR C 99 -1.76 28.90 5.82
C TYR C 99 -2.73 29.21 6.95
N TYR C 100 -3.00 30.49 7.18
CA TYR C 100 -3.91 30.90 8.23
C TYR C 100 -5.32 30.40 8.02
N HIS C 101 -5.73 30.33 6.76
CA HIS C 101 -7.07 29.83 6.44
C HIS C 101 -7.14 28.34 6.74
N ARG C 102 -6.06 27.62 6.42
CA ARG C 102 -5.98 26.18 6.65
C ARG C 102 -6.02 25.89 8.15
N LEU C 103 -5.30 26.71 8.92
CA LEU C 103 -5.25 26.57 10.36
C LEU C 103 -6.63 26.83 10.96
N VAL C 104 -7.20 27.98 10.63
CA VAL C 104 -8.52 28.36 11.12
C VAL C 104 -9.58 27.32 10.77
N ASP C 105 -9.51 26.79 9.55
CA ASP C 105 -10.48 25.78 9.11
C ASP C 105 -10.38 24.53 9.96
N GLU C 106 -9.16 24.11 10.26
CA GLU C 106 -8.93 22.93 11.09
C GLU C 106 -9.47 23.16 12.49
N LEU C 107 -9.21 24.35 13.03
CA LEU C 107 -9.68 24.70 14.36
C LEU C 107 -11.19 24.59 14.40
N LEU C 108 -11.86 25.30 13.48
CA LEU C 108 -13.32 25.29 13.39
C LEU C 108 -13.86 23.88 13.20
N ALA C 109 -13.19 23.08 12.40
CA ALA C 109 -13.60 21.71 12.13
C ALA C 109 -13.55 20.83 13.37
N ASN C 110 -12.73 21.22 14.34
CA ASN C 110 -12.59 20.46 15.58
C ASN C 110 -13.21 21.15 16.79
N GLY C 111 -14.08 22.13 16.54
CA GLY C 111 -14.76 22.84 17.60
C GLY C 111 -13.90 23.76 18.45
N ILE C 112 -12.81 24.24 17.88
CA ILE C 112 -11.91 25.13 18.60
C ILE C 112 -12.10 26.56 18.09
N GLU C 113 -12.45 27.47 19.00
CA GLU C 113 -12.68 28.86 18.67
C GLU C 113 -11.37 29.62 18.49
N PRO C 114 -11.16 30.22 17.31
CA PRO C 114 -9.95 30.98 17.02
C PRO C 114 -9.94 32.33 17.72
N PHE C 115 -8.81 32.67 18.31
CA PHE C 115 -8.64 33.93 19.01
C PHE C 115 -7.42 34.53 18.30
N CYS C 116 -7.68 35.32 17.26
CA CYS C 116 -6.61 35.91 16.48
C CYS C 116 -5.99 37.18 17.02
N THR C 117 -4.66 37.21 17.00
CA THR C 117 -3.88 38.35 17.46
C THR C 117 -3.19 38.93 16.23
N LEU C 118 -3.62 40.12 15.83
CA LEU C 118 -3.05 40.80 14.68
C LEU C 118 -1.56 41.10 14.77
N TYR C 119 -1.15 41.74 15.87
CA TYR C 119 0.24 42.09 16.02
C TYR C 119 0.91 41.55 17.27
N HIS C 120 1.95 40.74 17.07
CA HIS C 120 2.71 40.18 18.16
C HIS C 120 4.20 40.42 17.95
N TRP C 121 4.55 41.70 17.79
CA TRP C 121 5.93 42.16 17.64
C TRP C 121 6.67 41.95 16.32
N ASP C 122 6.12 41.15 15.41
CA ASP C 122 6.77 40.89 14.14
C ASP C 122 6.52 41.92 13.01
N LEU C 123 6.90 43.17 13.27
CA LEU C 123 6.72 44.24 12.28
C LEU C 123 7.58 43.98 11.05
N PRO C 124 7.00 44.15 9.84
CA PRO C 124 7.74 43.93 8.61
C PRO C 124 8.96 44.86 8.55
N GLN C 125 10.12 44.28 8.23
CA GLN C 125 11.35 45.06 8.16
C GLN C 125 11.22 46.24 7.20
N ALA C 126 10.45 46.07 6.13
CA ALA C 126 10.23 47.13 5.15
C ALA C 126 9.69 48.39 5.81
N LEU C 127 8.76 48.22 6.75
CA LEU C 127 8.17 49.34 7.46
C LEU C 127 9.16 49.91 8.46
N GLN C 128 9.99 49.03 9.04
CA GLN C 128 10.98 49.45 10.01
C GLN C 128 12.02 50.33 9.32
N ASP C 129 12.30 50.03 8.07
CA ASP C 129 13.27 50.80 7.29
C ASP C 129 12.76 52.23 7.09
N GLN C 130 11.44 52.38 7.15
CA GLN C 130 10.80 53.69 6.99
C GLN C 130 10.58 54.38 8.34
N GLY C 131 11.19 53.82 9.39
CA GLY C 131 11.05 54.38 10.72
C GLY C 131 10.29 53.50 11.69
N GLY C 132 9.65 52.46 11.17
CA GLY C 132 8.89 51.56 12.02
C GLY C 132 7.77 52.28 12.75
N TRP C 133 7.48 51.84 13.96
CA TRP C 133 6.42 52.45 14.76
C TRP C 133 6.72 53.88 15.19
N GLY C 134 7.91 54.37 14.83
CA GLY C 134 8.27 55.74 15.16
C GLY C 134 7.64 56.70 14.18
N SER C 135 7.26 56.16 13.01
CA SER C 135 6.63 56.94 11.96
C SER C 135 5.13 56.69 11.89
N ARG C 136 4.37 57.74 11.64
CA ARG C 136 2.91 57.64 11.53
C ARG C 136 2.48 56.85 10.30
N ILE C 137 3.41 56.67 9.37
CA ILE C 137 3.15 55.92 8.14
C ILE C 137 2.75 54.49 8.49
N THR C 138 3.39 53.95 9.52
CA THR C 138 3.11 52.58 9.96
C THR C 138 1.68 52.44 10.46
N ILE C 139 1.10 53.52 10.96
CA ILE C 139 -0.28 53.50 11.45
C ILE C 139 -1.20 53.16 10.28
N ASP C 140 -0.89 53.75 9.12
CA ASP C 140 -1.67 53.51 7.90
C ASP C 140 -1.50 52.05 7.50
N ALA C 141 -0.25 51.60 7.49
CA ALA C 141 0.08 50.23 7.13
C ALA C 141 -0.68 49.22 7.97
N PHE C 142 -0.77 49.49 9.27
CA PHE C 142 -1.48 48.59 10.17
C PHE C 142 -2.97 48.60 9.89
N ALA C 143 -3.51 49.76 9.55
CA ALA C 143 -4.92 49.89 9.24
C ALA C 143 -5.25 49.06 8.00
N GLU C 144 -4.33 49.08 7.03
CA GLU C 144 -4.49 48.32 5.80
C GLU C 144 -4.43 46.83 6.12
N TYR C 145 -3.46 46.48 6.95
CA TYR C 145 -3.23 45.11 7.40
C TYR C 145 -4.45 44.57 8.14
N ALA C 146 -4.95 45.35 9.09
CA ALA C 146 -6.10 44.97 9.89
C ALA C 146 -7.32 44.71 9.00
N GLU C 147 -7.59 45.65 8.10
CA GLU C 147 -8.71 45.54 7.18
C GLU C 147 -8.61 44.27 6.35
N LEU C 148 -7.41 43.97 5.88
CA LEU C 148 -7.16 42.78 5.08
C LEU C 148 -7.55 41.52 5.84
N MET C 149 -7.03 41.38 7.05
CA MET C 149 -7.30 40.21 7.88
C MET C 149 -8.78 40.12 8.27
N PHE C 150 -9.40 41.25 8.53
CA PHE C 150 -10.82 41.28 8.89
C PHE C 150 -11.66 40.76 7.73
N LYS C 151 -11.28 41.12 6.52
CA LYS C 151 -12.00 40.67 5.33
C LYS C 151 -11.71 39.21 5.01
N GLU C 152 -10.47 38.80 5.23
CA GLU C 152 -10.05 37.43 4.95
C GLU C 152 -10.58 36.41 5.95
N LEU C 153 -10.20 36.57 7.22
CA LEU C 153 -10.60 35.65 8.27
C LEU C 153 -11.76 36.10 9.14
N GLY C 154 -12.24 37.33 8.93
CA GLY C 154 -13.32 37.86 9.72
C GLY C 154 -14.59 37.04 9.79
N GLY C 155 -14.83 36.22 8.76
CA GLY C 155 -16.02 35.40 8.74
C GLY C 155 -15.91 34.14 9.59
N LYS C 156 -14.67 33.76 9.90
CA LYS C 156 -14.41 32.56 10.70
C LYS C 156 -13.97 32.90 12.12
N ILE C 157 -13.28 34.03 12.26
CA ILE C 157 -12.77 34.48 13.55
C ILE C 157 -13.65 35.55 14.18
N LYS C 158 -14.09 35.29 15.41
CA LYS C 158 -14.95 36.22 16.14
C LYS C 158 -14.27 36.74 17.42
N GLN C 159 -12.96 36.53 17.52
CA GLN C 159 -12.18 36.97 18.67
C GLN C 159 -10.92 37.62 18.13
N TRP C 160 -10.83 38.95 18.25
CA TRP C 160 -9.67 39.66 17.73
C TRP C 160 -8.94 40.50 18.76
N ILE C 161 -7.61 40.50 18.67
CA ILE C 161 -6.74 41.27 19.54
C ILE C 161 -5.85 42.07 18.60
N THR C 162 -5.84 43.38 18.76
CA THR C 162 -5.02 44.23 17.93
C THR C 162 -3.54 44.07 18.25
N PHE C 163 -3.13 44.51 19.43
CA PHE C 163 -1.75 44.42 19.85
C PHE C 163 -1.58 43.61 21.13
N ASN C 164 -0.54 42.79 21.16
CA ASN C 164 -0.26 41.97 22.32
C ASN C 164 0.94 42.55 23.06
N GLU C 165 0.73 42.87 24.33
CA GLU C 165 1.76 43.44 25.21
C GLU C 165 2.43 44.67 24.62
N PRO C 166 1.67 45.78 24.52
CA PRO C 166 2.14 47.06 23.98
C PRO C 166 3.42 47.57 24.63
N TRP C 167 3.52 47.40 25.95
CA TRP C 167 4.70 47.86 26.67
C TRP C 167 5.97 47.16 26.18
N CYS C 168 5.87 45.86 25.95
CA CYS C 168 7.02 45.08 25.49
C CYS C 168 7.49 45.53 24.11
N MET C 169 6.56 45.68 23.18
CA MET C 169 6.91 46.12 21.82
C MET C 169 7.33 47.58 21.75
N ALA C 170 6.92 48.36 22.75
CA ALA C 170 7.25 49.78 22.80
C ALA C 170 8.48 50.10 23.66
N PHE C 171 8.34 49.95 24.98
CA PHE C 171 9.42 50.25 25.91
C PHE C 171 10.58 49.25 25.97
N LEU C 172 10.27 47.97 26.09
CA LEU C 172 11.33 46.96 26.16
C LEU C 172 12.11 46.90 24.86
N SER C 173 11.46 47.29 23.77
CA SER C 173 12.07 47.27 22.45
C SER C 173 12.77 48.56 22.04
N ASN C 174 12.14 49.71 22.32
CA ASN C 174 12.72 50.99 21.93
C ASN C 174 13.30 51.83 23.04
N TYR C 175 13.11 51.41 24.29
CA TYR C 175 13.64 52.15 25.44
C TYR C 175 14.75 51.37 26.13
N LEU C 176 14.52 50.09 26.37
CA LEU C 176 15.51 49.25 27.04
C LEU C 176 16.42 48.52 26.05
N GLY C 177 16.00 48.48 24.79
CA GLY C 177 16.79 47.83 23.76
C GLY C 177 17.00 46.34 23.88
N VAL C 178 16.12 45.67 24.62
CA VAL C 178 16.23 44.22 24.81
C VAL C 178 15.52 43.46 23.70
N HIS C 179 14.47 44.05 23.15
CA HIS C 179 13.71 43.43 22.06
C HIS C 179 13.81 44.26 20.78
N ALA C 180 13.52 43.63 19.65
CA ALA C 180 13.57 44.30 18.36
C ALA C 180 12.64 45.51 18.33
N PRO C 181 13.07 46.62 17.70
CA PRO C 181 14.32 46.89 16.99
C PRO C 181 15.59 46.94 17.85
N GLY C 182 15.41 47.24 19.14
CA GLY C 182 16.56 47.30 20.03
C GLY C 182 17.09 48.70 20.24
N ASN C 183 16.19 49.66 20.37
CA ASN C 183 16.57 51.05 20.56
C ASN C 183 16.54 51.42 22.05
N LYS C 184 17.22 52.51 22.39
CA LYS C 184 17.27 53.00 23.76
C LYS C 184 16.96 54.50 23.74
N ASP C 185 15.67 54.81 23.67
CA ASP C 185 15.19 56.19 23.61
C ASP C 185 13.79 56.21 24.24
N LEU C 186 13.67 56.85 25.39
CA LEU C 186 12.40 56.93 26.09
C LEU C 186 11.32 57.61 25.23
N GLN C 187 11.67 58.74 24.63
CA GLN C 187 10.73 59.47 23.80
C GLN C 187 10.24 58.61 22.63
N LEU C 188 11.16 57.88 22.00
CA LEU C 188 10.80 57.02 20.88
C LEU C 188 9.81 55.96 21.35
N ALA C 189 10.06 55.41 22.53
CA ALA C 189 9.19 54.40 23.11
C ALA C 189 7.80 54.99 23.32
N ILE C 190 7.76 56.26 23.73
CA ILE C 190 6.49 56.95 23.96
C ILE C 190 5.80 57.23 22.62
N ASP C 191 6.61 57.49 21.59
CA ASP C 191 6.08 57.75 20.26
C ASP C 191 5.41 56.47 19.74
N VAL C 192 6.13 55.36 19.87
CA VAL C 192 5.65 54.06 19.44
C VAL C 192 4.36 53.71 20.17
N SER C 193 4.33 53.96 21.47
CA SER C 193 3.15 53.69 22.28
C SER C 193 1.94 54.45 21.76
N HIS C 194 2.17 55.70 21.36
CA HIS C 194 1.09 56.52 20.84
C HIS C 194 0.61 56.04 19.47
N HIS C 195 1.55 55.77 18.58
CA HIS C 195 1.23 55.32 17.23
C HIS C 195 0.53 53.97 17.19
N LEU C 196 0.91 53.06 18.07
CA LEU C 196 0.27 51.74 18.11
C LEU C 196 -1.17 51.89 18.60
N LEU C 197 -1.39 52.83 19.51
CA LEU C 197 -2.73 53.09 20.04
C LEU C 197 -3.64 53.67 18.97
N VAL C 198 -3.09 54.56 18.14
CA VAL C 198 -3.86 55.15 17.05
C VAL C 198 -4.18 54.05 16.05
N ALA C 199 -3.20 53.22 15.75
CA ALA C 199 -3.37 52.10 14.83
C ALA C 199 -4.46 51.18 15.36
N HIS C 200 -4.46 51.00 16.68
CA HIS C 200 -5.45 50.15 17.35
C HIS C 200 -6.84 50.74 17.18
N GLY C 201 -6.96 52.04 17.49
CA GLY C 201 -8.24 52.72 17.39
C GLY C 201 -8.82 52.63 15.99
N ARG C 202 -7.96 52.84 15.00
CA ARG C 202 -8.38 52.77 13.60
C ARG C 202 -8.82 51.35 13.24
N ALA C 203 -8.12 50.36 13.78
CA ALA C 203 -8.44 48.97 13.54
C ALA C 203 -9.80 48.61 14.13
N VAL C 204 -10.08 49.16 15.32
CA VAL C 204 -11.36 48.91 15.98
C VAL C 204 -12.48 49.50 15.15
N THR C 205 -12.27 50.71 14.67
CA THR C 205 -13.25 51.41 13.85
C THR C 205 -13.56 50.58 12.60
N LEU C 206 -12.52 50.08 11.94
CA LEU C 206 -12.68 49.26 10.75
C LEU C 206 -13.49 48.01 11.07
N PHE C 207 -13.18 47.39 12.21
CA PHE C 207 -13.88 46.18 12.66
C PHE C 207 -15.37 46.46 12.75
N ARG C 208 -15.72 47.62 13.28
CA ARG C 208 -17.12 48.00 13.45
C ARG C 208 -17.77 48.30 12.10
N GLU C 209 -17.08 49.06 11.26
CA GLU C 209 -17.57 49.44 9.94
C GLU C 209 -17.81 48.24 9.04
N LEU C 210 -16.92 47.27 9.11
CA LEU C 210 -17.03 46.06 8.29
C LEU C 210 -18.20 45.18 8.74
N GLY C 211 -18.82 45.56 9.85
CA GLY C 211 -19.95 44.82 10.37
C GLY C 211 -19.68 43.38 10.75
N ILE C 212 -18.41 43.01 10.84
CA ILE C 212 -18.04 41.65 11.19
C ILE C 212 -18.36 41.37 12.66
N SER C 213 -19.20 40.37 12.88
CA SER C 213 -19.60 39.99 14.22
C SER C 213 -18.43 39.45 15.02
N GLY C 214 -18.47 39.63 16.33
CA GLY C 214 -17.39 39.14 17.16
C GLY C 214 -16.94 40.17 18.19
N GLU C 215 -15.76 39.91 18.77
CA GLU C 215 -15.19 40.77 19.78
C GLU C 215 -13.80 41.23 19.36
N ILE C 216 -13.38 42.39 19.85
CA ILE C 216 -12.07 42.93 19.56
C ILE C 216 -11.58 43.69 20.79
N GLY C 217 -10.30 43.52 21.10
CA GLY C 217 -9.72 44.18 22.25
C GLY C 217 -8.22 44.29 22.13
N ILE C 218 -7.57 44.57 23.25
CA ILE C 218 -6.13 44.71 23.30
C ILE C 218 -5.65 43.93 24.53
N ALA C 219 -4.43 43.39 24.47
CA ALA C 219 -3.90 42.60 25.58
C ALA C 219 -2.66 43.17 26.24
N PRO C 220 -2.83 44.04 27.26
CA PRO C 220 -1.69 44.63 27.95
C PRO C 220 -1.09 43.66 28.97
N ASN C 221 0.20 43.79 29.20
CA ASN C 221 0.90 42.98 30.18
C ASN C 221 1.13 43.87 31.39
N THR C 222 0.04 44.44 31.89
CA THR C 222 0.05 45.35 33.03
C THR C 222 0.88 44.81 34.19
N SER C 223 2.08 45.37 34.35
CA SER C 223 2.98 44.96 35.42
C SER C 223 2.40 45.36 36.77
N TRP C 224 2.41 44.42 37.71
CA TRP C 224 1.87 44.69 39.04
C TRP C 224 2.95 44.88 40.09
N ALA C 225 2.67 45.74 41.07
CA ALA C 225 3.61 46.03 42.15
C ALA C 225 2.86 46.28 43.45
N VAL C 226 3.38 45.72 44.52
CA VAL C 226 2.81 45.82 45.85
C VAL C 226 3.61 46.83 46.66
N PRO C 227 2.92 47.73 47.38
CA PRO C 227 3.59 48.75 48.20
C PRO C 227 4.39 48.13 49.34
N TYR C 228 5.67 48.45 49.39
CA TYR C 228 6.56 47.95 50.43
C TYR C 228 6.04 48.47 51.76
N ARG C 229 5.89 49.78 51.84
CA ARG C 229 5.39 50.44 53.04
C ARG C 229 4.04 51.07 52.71
N ARG C 230 3.19 51.20 53.72
CA ARG C 230 1.88 51.81 53.54
C ARG C 230 2.07 53.33 53.54
N THR C 231 2.81 53.81 52.54
CA THR C 231 3.10 55.22 52.41
C THR C 231 2.55 55.70 51.07
N LYS C 232 2.12 56.96 51.02
CA LYS C 232 1.59 57.52 49.78
C LYS C 232 2.61 57.43 48.66
N GLU C 233 3.86 57.78 48.96
CA GLU C 233 4.93 57.73 47.97
C GLU C 233 5.18 56.33 47.41
N ASP C 234 5.00 55.32 48.25
CA ASP C 234 5.20 53.93 47.83
C ASP C 234 4.03 53.47 46.97
N MET C 235 2.83 53.85 47.37
CA MET C 235 1.62 53.47 46.63
C MET C 235 1.63 54.09 45.24
N GLU C 236 2.13 55.33 45.16
CA GLU C 236 2.23 56.05 43.90
C GLU C 236 3.33 55.44 43.05
N ALA C 237 4.39 54.99 43.71
CA ALA C 237 5.52 54.35 43.03
C ALA C 237 5.03 53.06 42.39
N CYS C 238 4.08 52.41 43.04
CA CYS C 238 3.52 51.17 42.54
C CYS C 238 2.49 51.45 41.45
N LEU C 239 1.80 52.58 41.56
CA LEU C 239 0.80 52.96 40.57
C LEU C 239 1.47 53.22 39.23
N ARG C 240 2.67 53.79 39.27
CA ARG C 240 3.42 54.08 38.06
C ARG C 240 3.87 52.81 37.35
N VAL C 241 4.05 51.73 38.11
CA VAL C 241 4.46 50.45 37.54
C VAL C 241 3.36 49.90 36.63
N ASN C 242 2.13 49.86 37.13
CA ASN C 242 1.02 49.38 36.32
C ASN C 242 0.56 50.49 35.38
N GLY C 243 0.94 51.71 35.71
CA GLY C 243 0.56 52.86 34.91
C GLY C 243 1.27 52.97 33.58
N TRP C 244 2.58 52.79 33.57
CA TRP C 244 3.34 52.90 32.33
C TRP C 244 3.30 51.66 31.45
N SER C 245 2.74 50.58 31.96
CA SER C 245 2.66 49.33 31.22
C SER C 245 1.25 48.96 30.80
N GLY C 246 0.26 49.39 31.57
CA GLY C 246 -1.13 49.07 31.25
C GLY C 246 -2.06 50.26 31.15
N ASP C 247 -2.08 51.10 32.17
CA ASP C 247 -2.95 52.28 32.19
C ASP C 247 -2.67 53.23 31.03
N TRP C 248 -1.40 53.31 30.65
CA TRP C 248 -0.95 54.17 29.57
C TRP C 248 -1.64 53.84 28.25
N TYR C 249 -2.09 52.60 28.10
CA TYR C 249 -2.76 52.15 26.89
C TYR C 249 -4.26 52.02 27.02
N LEU C 250 -4.71 51.55 28.19
CA LEU C 250 -6.14 51.37 28.44
C LEU C 250 -6.91 52.66 28.65
N ASP C 251 -6.27 53.65 29.27
CA ASP C 251 -6.93 54.93 29.53
C ASP C 251 -7.32 55.69 28.25
N PRO C 252 -6.42 55.78 27.26
CA PRO C 252 -6.79 56.50 26.04
C PRO C 252 -7.95 55.81 25.32
N ILE C 253 -8.05 54.51 25.50
CA ILE C 253 -9.11 53.70 24.89
C ILE C 253 -10.44 53.84 25.61
N TYR C 254 -10.42 53.74 26.94
CA TYR C 254 -11.63 53.83 27.75
C TYR C 254 -12.08 55.23 28.13
N PHE C 255 -11.13 56.14 28.33
CA PHE C 255 -11.45 57.50 28.74
C PHE C 255 -11.06 58.57 27.72
N GLY C 256 -10.30 58.18 26.70
CA GLY C 256 -9.89 59.13 25.68
C GLY C 256 -8.79 60.08 26.12
N GLU C 257 -7.99 59.64 27.09
CA GLU C 257 -6.89 60.45 27.59
C GLU C 257 -5.87 59.57 28.30
N TYR C 258 -4.60 59.95 28.19
CA TYR C 258 -3.53 59.23 28.85
C TYR C 258 -3.68 59.46 30.34
N PRO C 259 -3.25 58.49 31.17
CA PRO C 259 -3.36 58.65 32.62
C PRO C 259 -2.61 59.91 33.08
N LYS C 260 -3.34 60.80 33.75
CA LYS C 260 -2.77 62.05 34.25
C LYS C 260 -1.46 61.91 35.00
N PHE C 261 -1.42 61.03 36.00
CA PHE C 261 -0.21 60.85 36.79
C PHE C 261 1.00 60.47 35.95
N MET C 262 0.78 59.71 34.89
CA MET C 262 1.88 59.31 34.03
C MET C 262 2.30 60.46 33.14
N LEU C 263 1.33 61.22 32.65
CA LEU C 263 1.60 62.37 31.80
C LEU C 263 2.51 63.35 32.54
N ASP C 264 2.14 63.64 33.78
CA ASP C 264 2.89 64.57 34.63
C ASP C 264 4.30 64.04 34.90
N TRP C 265 4.41 62.73 35.11
CA TRP C 265 5.69 62.12 35.39
C TRP C 265 6.64 62.28 34.20
N TYR C 266 6.16 61.96 33.01
CA TYR C 266 6.95 62.07 31.80
C TYR C 266 7.23 63.53 31.47
N GLU C 267 6.23 64.38 31.67
CA GLU C 267 6.35 65.81 31.39
C GLU C 267 7.47 66.43 32.21
N ASN C 268 7.55 66.06 33.48
CA ASN C 268 8.58 66.58 34.37
C ASN C 268 9.97 66.15 33.90
N LEU C 269 10.02 65.04 33.17
CA LEU C 269 11.27 64.51 32.63
C LEU C 269 11.53 65.07 31.23
N GLY C 270 10.53 65.77 30.69
CA GLY C 270 10.66 66.35 29.36
C GLY C 270 10.21 65.43 28.25
N TYR C 271 9.18 64.64 28.53
CA TYR C 271 8.65 63.69 27.55
C TYR C 271 7.14 63.83 27.42
N LYS C 272 6.66 63.78 26.18
CA LYS C 272 5.25 63.90 25.89
C LYS C 272 4.89 63.08 24.65
N PRO C 273 3.70 62.46 24.65
CA PRO C 273 3.27 61.66 23.49
C PRO C 273 3.00 62.58 22.31
N PRO C 274 3.45 62.21 21.11
CA PRO C 274 3.26 63.00 19.89
C PRO C 274 1.80 63.00 19.43
N ILE C 275 0.94 63.62 20.24
CA ILE C 275 -0.48 63.68 19.93
C ILE C 275 -0.81 64.67 18.84
N VAL C 276 -1.29 64.16 17.72
CA VAL C 276 -1.70 65.00 16.60
C VAL C 276 -3.20 65.18 16.81
N ASP C 277 -3.69 66.40 16.59
CA ASP C 277 -5.11 66.70 16.78
C ASP C 277 -6.01 65.64 16.16
N GLY C 278 -6.89 65.07 16.98
CA GLY C 278 -7.81 64.05 16.50
C GLY C 278 -7.43 62.65 16.92
N ASP C 279 -6.16 62.44 17.23
CA ASP C 279 -5.64 61.14 17.64
C ASP C 279 -6.37 60.51 18.81
N MET C 280 -6.49 61.24 19.91
CA MET C 280 -7.16 60.71 21.11
C MET C 280 -8.58 60.24 20.84
N GLU C 281 -9.26 60.89 19.91
CA GLU C 281 -10.63 60.52 19.56
C GLU C 281 -10.62 59.23 18.75
N LEU C 282 -9.56 59.04 17.96
CA LEU C 282 -9.40 57.84 17.15
C LEU C 282 -9.15 56.64 18.06
N ILE C 283 -8.35 56.86 19.09
CA ILE C 283 -8.00 55.84 20.06
C ILE C 283 -9.17 55.53 20.98
N HIS C 284 -9.97 56.54 21.27
CA HIS C 284 -11.13 56.42 22.15
C HIS C 284 -12.29 55.66 21.53
N GLN C 285 -12.04 54.42 21.14
CA GLN C 285 -13.08 53.57 20.54
C GLN C 285 -13.35 52.40 21.47
N PRO C 286 -14.64 52.16 21.78
CA PRO C 286 -15.07 51.08 22.66
C PRO C 286 -14.59 49.72 22.19
N ILE C 287 -13.96 48.98 23.09
CA ILE C 287 -13.48 47.63 22.78
C ILE C 287 -14.33 46.63 23.57
N ASP C 288 -14.43 45.41 23.06
CA ASP C 288 -15.24 44.37 23.69
C ASP C 288 -14.66 43.67 24.91
N PHE C 289 -13.34 43.70 25.06
CA PHE C 289 -12.69 43.05 26.19
C PHE C 289 -11.26 43.52 26.39
N ILE C 290 -10.69 43.16 27.54
CA ILE C 290 -9.31 43.48 27.87
C ILE C 290 -8.59 42.16 28.08
N GLY C 291 -7.45 41.99 27.42
CA GLY C 291 -6.68 40.78 27.55
C GLY C 291 -5.62 40.95 28.63
N ILE C 292 -5.76 40.20 29.71
CA ILE C 292 -4.82 40.28 30.82
C ILE C 292 -3.70 39.25 30.67
N ASN C 293 -2.47 39.74 30.59
CA ASN C 293 -1.30 38.88 30.49
C ASN C 293 -0.57 38.98 31.82
N TYR C 294 -0.67 37.94 32.64
CA TYR C 294 -0.03 37.92 33.95
C TYR C 294 0.97 36.78 34.13
N TYR C 295 2.06 37.08 34.84
CA TYR C 295 3.10 36.10 35.11
C TYR C 295 3.70 36.31 36.50
N THR C 296 3.86 37.58 36.88
CA THR C 296 4.45 37.92 38.17
C THR C 296 4.16 39.36 38.55
N SER C 297 4.57 39.71 39.76
CA SER C 297 4.43 41.07 40.30
C SER C 297 5.54 41.27 41.31
N SER C 298 5.81 42.52 41.67
CA SER C 298 6.87 42.82 42.61
C SER C 298 6.41 43.59 43.84
N MET C 299 7.35 43.99 44.67
CA MET C 299 7.11 44.75 45.88
C MET C 299 7.97 46.00 45.71
N ASN C 300 7.35 47.13 45.41
CA ASN C 300 8.10 48.36 45.18
C ASN C 300 7.98 49.44 46.25
N ARG C 301 8.94 50.35 46.22
CA ARG C 301 8.98 51.48 47.14
C ARG C 301 9.56 52.66 46.39
N TYR C 302 9.17 53.86 46.81
CA TYR C 302 9.65 55.08 46.18
C TYR C 302 11.14 55.24 46.42
N ASN C 303 11.86 55.64 45.37
CA ASN C 303 13.29 55.83 45.46
C ASN C 303 13.75 56.78 44.35
N PRO C 304 14.06 58.04 44.70
CA PRO C 304 14.51 59.09 43.78
C PRO C 304 15.88 58.80 43.18
N GLY C 305 16.63 57.88 43.79
CA GLY C 305 17.95 57.54 43.31
C GLY C 305 17.94 56.60 42.12
N GLU C 306 19.12 56.15 41.72
CA GLU C 306 19.26 55.24 40.60
C GLU C 306 18.48 53.95 40.78
N ALA C 307 18.44 53.46 42.03
CA ALA C 307 17.74 52.23 42.35
C ALA C 307 16.26 52.29 41.98
N GLY C 308 15.69 53.50 42.00
CA GLY C 308 14.30 53.67 41.66
C GLY C 308 14.07 53.67 40.17
N GLY C 309 15.10 54.06 39.42
CA GLY C 309 14.99 54.10 37.97
C GLY C 309 14.22 55.31 37.48
N MET C 310 13.83 55.27 36.21
CA MET C 310 13.08 56.36 35.59
C MET C 310 11.78 56.63 36.33
N LEU C 311 11.13 55.58 36.82
CA LEU C 311 9.88 55.72 37.55
C LEU C 311 10.08 55.95 39.04
N SER C 312 11.33 56.00 39.48
CA SER C 312 11.66 56.20 40.88
C SER C 312 10.88 55.23 41.75
N SER C 313 10.81 53.99 41.29
CA SER C 313 10.11 52.91 41.97
C SER C 313 11.03 51.71 42.03
N GLU C 314 11.67 51.53 43.18
CA GLU C 314 12.60 50.42 43.39
C GLU C 314 11.91 49.14 43.84
N ALA C 315 12.21 48.05 43.13
CA ALA C 315 11.66 46.75 43.46
C ALA C 315 12.51 46.10 44.54
N ILE C 316 11.85 45.46 45.50
CA ILE C 316 12.53 44.80 46.60
C ILE C 316 12.16 43.32 46.61
N SER C 317 13.18 42.47 46.60
CA SER C 317 13.00 41.02 46.59
C SER C 317 12.14 40.54 47.75
N MET C 318 11.15 39.72 47.43
CA MET C 318 10.27 39.14 48.44
C MET C 318 10.88 37.84 48.94
N GLY C 319 11.96 37.41 48.28
CA GLY C 319 12.62 36.17 48.65
C GLY C 319 11.78 34.98 48.24
N ALA C 320 10.74 35.25 47.45
CA ALA C 320 9.81 34.24 46.97
C ALA C 320 10.45 33.30 45.96
N PRO C 321 9.84 32.12 45.75
CA PRO C 321 10.36 31.15 44.79
C PRO C 321 10.27 31.75 43.39
N LYS C 322 11.20 31.35 42.52
CA LYS C 322 11.22 31.88 41.18
C LYS C 322 11.10 30.78 40.13
N THR C 323 10.67 31.17 38.93
CA THR C 323 10.56 30.23 37.82
C THR C 323 11.98 30.13 37.28
N ASP C 324 12.20 29.22 36.35
CA ASP C 324 13.54 29.04 35.78
C ASP C 324 14.06 30.24 34.99
N ILE C 325 13.19 31.20 34.72
CA ILE C 325 13.59 32.40 33.99
C ILE C 325 13.91 33.52 34.99
N GLY C 326 13.71 33.22 36.28
CA GLY C 326 14.00 34.16 37.34
C GLY C 326 12.88 35.04 37.86
N TRP C 327 11.64 34.78 37.47
CA TRP C 327 10.52 35.58 37.92
C TRP C 327 9.91 35.04 39.19
N GLU C 328 9.69 35.93 40.16
CA GLU C 328 9.10 35.53 41.44
C GLU C 328 7.65 35.09 41.26
N ILE C 329 7.23 34.14 42.08
CA ILE C 329 5.86 33.63 42.03
C ILE C 329 5.01 34.40 43.03
N TYR C 330 4.06 35.17 42.52
CA TYR C 330 3.16 35.94 43.38
C TYR C 330 1.78 35.80 42.76
N ALA C 331 1.17 34.64 42.98
CA ALA C 331 -0.16 34.32 42.45
C ALA C 331 -1.24 35.32 42.80
N GLU C 332 -1.16 35.88 44.00
CA GLU C 332 -2.16 36.85 44.45
C GLU C 332 -2.20 38.09 43.57
N GLY C 333 -1.10 38.34 42.88
CA GLY C 333 -1.02 39.49 41.99
C GLY C 333 -2.04 39.41 40.86
N LEU C 334 -2.39 38.19 40.46
CA LEU C 334 -3.35 37.98 39.38
C LEU C 334 -4.68 38.56 39.84
N TYR C 335 -5.12 38.16 41.03
CA TYR C 335 -6.37 38.63 41.60
C TYR C 335 -6.35 40.15 41.76
N ASP C 336 -5.24 40.66 42.29
CA ASP C 336 -5.09 42.10 42.49
C ASP C 336 -5.21 42.88 41.18
N LEU C 337 -4.57 42.37 40.13
CA LEU C 337 -4.60 43.02 38.82
C LEU C 337 -6.00 42.99 38.22
N LEU C 338 -6.65 41.83 38.32
CA LEU C 338 -8.01 41.68 37.79
C LEU C 338 -8.96 42.60 38.54
N ARG C 339 -8.78 42.68 39.86
CA ARG C 339 -9.62 43.51 40.71
C ARG C 339 -9.44 44.97 40.33
N TYR C 340 -8.19 45.38 40.13
CA TYR C 340 -7.86 46.76 39.76
C TYR C 340 -8.52 47.13 38.44
N THR C 341 -8.32 46.28 37.44
CA THR C 341 -8.87 46.50 36.11
C THR C 341 -10.40 46.53 36.13
N ALA C 342 -10.99 45.64 36.92
CA ALA C 342 -12.45 45.58 37.02
C ALA C 342 -13.01 46.86 37.64
N ASP C 343 -12.33 47.36 38.66
CA ASP C 343 -12.78 48.58 39.34
C ASP C 343 -12.67 49.81 38.46
N LYS C 344 -11.48 50.03 37.90
CA LYS C 344 -11.21 51.20 37.07
C LYS C 344 -11.92 51.27 35.73
N TYR C 345 -12.01 50.16 35.02
CA TYR C 345 -12.62 50.15 33.69
C TYR C 345 -14.07 49.70 33.59
N GLY C 346 -14.79 49.74 34.71
CA GLY C 346 -16.19 49.37 34.71
C GLY C 346 -16.50 47.88 34.58
N ASN C 347 -15.61 47.05 35.12
CA ASN C 347 -15.74 45.60 35.09
C ASN C 347 -16.08 45.06 33.70
N PRO C 348 -15.22 45.35 32.70
CA PRO C 348 -15.46 44.88 31.34
C PRO C 348 -15.14 43.39 31.25
N THR C 349 -15.41 42.81 30.08
CA THR C 349 -15.12 41.40 29.85
C THR C 349 -13.60 41.24 29.90
N LEU C 350 -13.14 40.28 30.69
CA LEU C 350 -11.72 40.03 30.82
C LEU C 350 -11.37 38.61 30.40
N TYR C 351 -10.23 38.47 29.74
CA TYR C 351 -9.73 37.18 29.29
C TYR C 351 -8.26 37.14 29.67
N ILE C 352 -7.85 36.11 30.41
CA ILE C 352 -6.44 35.98 30.74
C ILE C 352 -5.84 35.40 29.47
N THR C 353 -5.33 36.29 28.63
CA THR C 353 -4.74 35.92 27.35
C THR C 353 -3.35 35.28 27.42
N GLU C 354 -2.74 35.33 28.61
CA GLU C 354 -1.41 34.75 28.83
C GLU C 354 -1.14 34.55 30.32
N ASN C 355 -0.70 33.35 30.66
CA ASN C 355 -0.34 32.99 32.03
C ASN C 355 0.32 31.63 32.04
N GLY C 356 1.59 31.61 32.44
CA GLY C 356 2.32 30.36 32.48
C GLY C 356 3.62 30.54 33.22
N ALA C 357 4.39 29.46 33.33
CA ALA C 357 5.66 29.52 34.03
C ALA C 357 6.78 28.96 33.18
N CYS C 358 7.98 29.49 33.39
CA CYS C 358 9.12 29.03 32.65
C CYS C 358 9.84 27.98 33.47
N TYR C 359 9.71 26.73 33.08
CA TYR C 359 10.36 25.63 33.76
C TYR C 359 11.00 24.77 32.68
N ASN C 360 12.32 24.68 32.74
CA ASN C 360 13.10 23.95 31.75
C ASN C 360 13.18 22.44 31.87
N ASP C 361 12.19 21.83 32.52
CA ASP C 361 12.16 20.38 32.68
C ASP C 361 12.22 19.69 31.33
N GLY C 362 13.08 18.69 31.22
CA GLY C 362 13.19 17.94 29.99
C GLY C 362 12.65 16.55 30.22
N LEU C 363 12.87 15.66 29.27
CA LEU C 363 12.41 14.28 29.39
C LEU C 363 13.26 13.49 30.38
N SER C 364 12.59 12.73 31.24
CA SER C 364 13.27 11.87 32.19
C SER C 364 13.47 10.57 31.42
N LEU C 365 14.24 9.63 31.97
CA LEU C 365 14.44 8.35 31.30
C LEU C 365 13.09 7.64 31.20
N ASP C 366 12.13 8.17 31.96
CA ASP C 366 10.75 7.72 32.02
C ASP C 366 10.16 7.88 30.62
N GLY C 367 10.61 8.92 29.93
CA GLY C 367 10.12 9.22 28.59
C GLY C 367 9.14 10.38 28.67
N ARG C 368 8.83 10.80 29.89
CA ARG C 368 7.89 11.87 30.15
C ARG C 368 8.55 13.05 30.85
N ILE C 369 7.87 14.20 30.81
CA ILE C 369 8.38 15.41 31.46
C ILE C 369 7.54 15.63 32.72
N HIS C 370 8.16 15.38 33.87
CA HIS C 370 7.47 15.53 35.15
C HIS C 370 7.61 16.95 35.69
N ASP C 371 6.96 17.89 35.03
CA ASP C 371 7.02 19.29 35.44
C ASP C 371 5.99 19.69 36.49
N GLN C 372 6.09 19.08 37.67
CA GLN C 372 5.17 19.38 38.76
C GLN C 372 5.18 20.87 39.11
N ARG C 373 6.33 21.50 38.95
CA ARG C 373 6.45 22.92 39.25
C ARG C 373 5.53 23.78 38.40
N ARG C 374 5.34 23.38 37.15
CA ARG C 374 4.46 24.12 36.25
C ARG C 374 3.01 23.90 36.67
N ILE C 375 2.71 22.66 37.05
CA ILE C 375 1.37 22.30 37.50
C ILE C 375 1.01 23.11 38.74
N ASP C 376 1.94 23.17 39.69
CA ASP C 376 1.73 23.92 40.93
C ASP C 376 1.50 25.39 40.65
N TYR C 377 2.31 25.95 39.75
CA TYR C 377 2.19 27.37 39.40
C TYR C 377 0.82 27.64 38.80
N LEU C 378 0.46 26.89 37.77
CA LEU C 378 -0.82 27.05 37.11
C LEU C 378 -1.97 26.91 38.09
N ALA C 379 -1.90 25.88 38.92
CA ALA C 379 -2.95 25.62 39.92
C ALA C 379 -3.15 26.84 40.83
N MET C 380 -2.06 27.40 41.32
CA MET C 380 -2.12 28.56 42.21
C MET C 380 -2.81 29.74 41.54
N HIS C 381 -2.48 29.97 40.28
CA HIS C 381 -3.06 31.08 39.54
C HIS C 381 -4.50 30.85 39.12
N LEU C 382 -4.86 29.60 38.86
CA LEU C 382 -6.23 29.28 38.49
C LEU C 382 -7.11 29.44 39.73
N ILE C 383 -6.51 29.25 40.90
CA ILE C 383 -7.23 29.42 42.17
C ILE C 383 -7.55 30.91 42.32
N GLN C 384 -6.63 31.76 41.90
CA GLN C 384 -6.84 33.21 41.98
C GLN C 384 -7.85 33.64 40.91
N ALA C 385 -7.84 32.94 39.78
CA ALA C 385 -8.77 33.23 38.70
C ALA C 385 -10.19 32.92 39.17
N SER C 386 -10.35 31.78 39.83
CA SER C 386 -11.64 31.37 40.35
C SER C 386 -12.08 32.35 41.44
N ARG C 387 -11.11 32.81 42.23
CA ARG C 387 -11.36 33.76 43.30
C ARG C 387 -11.97 35.04 42.72
N ALA C 388 -11.37 35.52 41.62
CA ALA C 388 -11.82 36.73 40.95
C ALA C 388 -13.26 36.59 40.48
N ILE C 389 -13.58 35.43 39.91
CA ILE C 389 -14.92 35.15 39.42
C ILE C 389 -15.89 35.15 40.60
N GLU C 390 -15.47 34.56 41.71
CA GLU C 390 -16.29 34.50 42.91
C GLU C 390 -16.46 35.90 43.49
N ASP C 391 -15.49 36.77 43.20
CA ASP C 391 -15.51 38.14 43.69
C ASP C 391 -16.22 39.10 42.72
N GLY C 392 -17.04 38.53 41.83
CA GLY C 392 -17.79 39.33 40.88
C GLY C 392 -17.10 39.92 39.68
N ILE C 393 -15.81 39.62 39.48
CA ILE C 393 -15.09 40.14 38.33
C ILE C 393 -15.50 39.37 37.08
N ASN C 394 -15.66 40.08 35.97
CA ASN C 394 -16.06 39.45 34.70
C ASN C 394 -14.98 38.73 33.94
N LEU C 395 -14.38 37.71 34.55
CA LEU C 395 -13.35 36.93 33.89
C LEU C 395 -14.08 35.85 33.13
N LYS C 396 -14.03 35.93 31.80
CA LYS C 396 -14.72 34.97 30.95
C LYS C 396 -13.86 33.86 30.35
N GLY C 397 -12.55 33.92 30.56
CA GLY C 397 -11.69 32.90 30.01
C GLY C 397 -10.25 32.92 30.47
N TYR C 398 -9.56 31.82 30.26
CA TYR C 398 -8.16 31.66 30.65
C TYR C 398 -7.42 30.91 29.55
N MET C 399 -6.29 31.47 29.15
CA MET C 399 -5.47 30.87 28.09
C MET C 399 -4.04 30.81 28.61
N GLU C 400 -3.60 29.63 29.02
CA GLU C 400 -2.25 29.47 29.54
C GLU C 400 -1.22 29.70 28.44
N TRP C 401 -0.15 30.40 28.78
CA TRP C 401 0.87 30.71 27.80
C TRP C 401 1.74 29.56 27.31
N SER C 402 1.78 29.47 25.99
CA SER C 402 2.56 28.51 25.24
C SER C 402 2.04 27.08 25.29
N LEU C 403 1.52 26.65 24.15
CA LEU C 403 1.01 25.29 23.99
C LEU C 403 2.22 24.37 24.03
N MET C 404 3.30 24.82 23.41
CA MET C 404 4.54 24.05 23.34
C MET C 404 5.73 24.98 23.54
N ASP C 405 6.87 24.41 23.94
CA ASP C 405 8.08 25.20 24.13
C ASP C 405 8.41 25.87 22.81
N ASN C 406 8.85 27.12 22.85
CA ASN C 406 9.16 27.85 21.64
C ASN C 406 10.33 28.81 21.77
N PHE C 407 10.51 29.64 20.73
CA PHE C 407 11.57 30.64 20.69
C PHE C 407 11.22 31.74 21.67
N GLU C 408 11.89 31.74 22.83
CA GLU C 408 11.62 32.73 23.84
C GLU C 408 12.37 34.05 23.63
N TRP C 409 12.13 34.64 22.47
CA TRP C 409 12.72 35.92 22.08
C TRP C 409 14.21 36.06 22.35
N ALA C 410 14.61 37.07 23.10
CA ALA C 410 16.02 37.29 23.41
C ALA C 410 16.67 36.14 24.18
N GLU C 411 15.84 35.36 24.87
CA GLU C 411 16.33 34.23 25.65
C GLU C 411 16.64 33.02 24.77
N GLY C 412 16.22 33.08 23.51
CA GLY C 412 16.45 31.97 22.61
C GLY C 412 15.54 30.82 22.96
N TYR C 413 16.03 29.61 22.76
CA TYR C 413 15.24 28.42 23.05
C TYR C 413 15.43 27.83 24.45
N GLY C 414 16.39 28.40 25.20
CA GLY C 414 16.68 27.91 26.53
C GLY C 414 15.57 27.91 27.56
N MET C 415 14.69 28.90 27.50
CA MET C 415 13.59 29.01 28.46
C MET C 415 12.33 28.34 27.91
N ARG C 416 11.80 27.37 28.64
CA ARG C 416 10.61 26.62 28.23
C ARG C 416 9.34 27.02 28.98
N PHE C 417 8.33 27.46 28.22
CA PHE C 417 7.04 27.90 28.78
C PHE C 417 5.87 26.99 28.41
N GLY C 418 6.10 26.02 27.53
CA GLY C 418 5.00 25.17 27.08
C GLY C 418 4.52 23.97 27.87
N LEU C 419 3.33 23.51 27.49
CA LEU C 419 2.70 22.34 28.08
C LEU C 419 3.21 21.12 27.33
N VAL C 420 3.71 21.35 26.12
CA VAL C 420 4.25 20.30 25.27
C VAL C 420 5.74 20.54 25.07
N HIS C 421 6.54 19.54 25.40
CA HIS C 421 7.99 19.64 25.25
C HIS C 421 8.40 19.51 23.80
N VAL C 422 9.26 20.41 23.35
CA VAL C 422 9.74 20.37 21.98
C VAL C 422 11.26 20.24 21.99
N ASP C 423 11.77 19.17 21.39
CA ASP C 423 13.20 18.97 21.30
C ASP C 423 13.60 19.70 20.03
N TYR C 424 14.25 20.85 20.18
CA TYR C 424 14.63 21.66 19.03
C TYR C 424 15.59 21.04 18.02
N ASP C 425 16.30 20.00 18.41
CA ASP C 425 17.22 19.34 17.50
C ASP C 425 16.49 18.34 16.62
N THR C 426 15.52 17.64 17.19
CA THR C 426 14.75 16.63 16.47
C THR C 426 13.32 17.08 16.17
N LEU C 427 12.95 18.25 16.70
CA LEU C 427 11.61 18.81 16.53
C LEU C 427 10.49 17.89 17.02
N VAL C 428 10.85 16.90 17.84
CA VAL C 428 9.88 15.96 18.38
C VAL C 428 9.11 16.61 19.53
N ARG C 429 7.79 16.46 19.50
CA ARG C 429 6.92 17.03 20.53
C ARG C 429 6.41 15.95 21.47
N THR C 430 6.58 16.19 22.78
CA THR C 430 6.16 15.27 23.81
C THR C 430 5.33 16.01 24.85
N PRO C 431 4.05 15.63 25.01
CA PRO C 431 3.21 16.32 26.00
C PRO C 431 3.76 16.11 27.41
N LYS C 432 3.89 17.20 28.15
CA LYS C 432 4.41 17.16 29.51
C LYS C 432 3.28 16.75 30.47
N ASP C 433 3.61 16.57 31.74
CA ASP C 433 2.61 16.19 32.73
C ASP C 433 1.59 17.31 32.90
N SER C 434 2.05 18.55 32.73
CA SER C 434 1.19 19.72 32.85
C SER C 434 0.11 19.71 31.78
N PHE C 435 0.44 19.17 30.61
CA PHE C 435 -0.50 19.07 29.51
C PHE C 435 -1.70 18.24 29.94
N TYR C 436 -1.42 17.03 30.42
CA TYR C 436 -2.46 16.11 30.88
C TYR C 436 -3.21 16.68 32.08
N TRP C 437 -2.50 17.43 32.91
CA TRP C 437 -3.13 18.04 34.09
C TRP C 437 -4.13 19.09 33.65
N TYR C 438 -3.67 20.03 32.81
CA TYR C 438 -4.52 21.10 32.31
C TYR C 438 -5.72 20.53 31.57
N LYS C 439 -5.48 19.43 30.85
CA LYS C 439 -6.54 18.76 30.10
C LYS C 439 -7.66 18.36 31.07
N GLY C 440 -7.26 17.80 32.21
CA GLY C 440 -8.22 17.38 33.21
C GLY C 440 -8.99 18.54 33.82
N VAL C 441 -8.30 19.66 34.04
CA VAL C 441 -8.94 20.84 34.60
C VAL C 441 -10.01 21.36 33.65
N ILE C 442 -9.68 21.39 32.36
CA ILE C 442 -10.60 21.84 31.32
C ILE C 442 -11.81 20.92 31.25
N SER C 443 -11.56 19.62 31.34
CA SER C 443 -12.63 18.62 31.29
C SER C 443 -13.59 18.75 32.46
N ARG C 444 -13.06 18.84 33.67
CA ARG C 444 -13.86 18.95 34.88
C ARG C 444 -14.57 20.29 34.98
N GLY C 445 -13.82 21.36 34.74
CA GLY C 445 -14.38 22.70 34.82
C GLY C 445 -14.16 23.26 36.22
N TRP C 446 -13.49 22.46 37.05
CA TRP C 446 -13.19 22.86 38.43
C TRP C 446 -11.83 22.31 38.84
N LEU C 447 -11.39 22.66 40.04
CA LEU C 447 -10.09 22.22 40.51
C LEU C 447 -10.13 21.80 41.97
N ASP C 448 -9.74 20.56 42.25
CA ASP C 448 -9.73 20.02 43.60
C ASP C 448 -8.30 20.14 44.14
N LEU C 449 -8.00 21.28 44.74
CA LEU C 449 -6.67 21.56 45.27
C LEU C 449 -6.77 22.18 46.67
N SER D 1 32.18 36.36 23.51
CA SER D 1 32.91 37.17 22.47
C SER D 1 32.52 36.62 21.10
N ILE D 2 32.16 37.52 20.18
CA ILE D 2 31.75 37.12 18.84
C ILE D 2 32.89 36.97 17.85
N HIS D 3 33.07 35.74 17.38
CA HIS D 3 34.10 35.39 16.42
C HIS D 3 33.41 35.28 15.07
N MET D 4 33.59 36.30 14.25
CA MET D 4 32.97 36.39 12.93
C MET D 4 33.71 35.63 11.83
N PHE D 5 32.95 35.21 10.83
CA PHE D 5 33.47 34.51 9.67
C PHE D 5 32.87 35.15 8.43
N PRO D 6 33.67 35.26 7.35
CA PRO D 6 33.23 35.86 6.08
C PRO D 6 31.95 35.23 5.56
N SER D 7 31.14 36.04 4.89
CA SER D 7 29.86 35.59 4.32
C SER D 7 30.05 34.42 3.34
N ASP D 8 31.13 34.49 2.56
CA ASP D 8 31.44 33.46 1.57
C ASP D 8 32.35 32.35 2.11
N PHE D 9 32.40 32.19 3.42
CA PHE D 9 33.23 31.16 4.05
C PHE D 9 32.67 29.79 3.71
N LYS D 10 33.55 28.89 3.28
CA LYS D 10 33.13 27.54 2.93
C LYS D 10 33.13 26.57 4.10
N TRP D 11 31.95 26.39 4.69
CA TRP D 11 31.79 25.48 5.82
C TRP D 11 31.60 24.07 5.27
N GLY D 12 32.34 23.12 5.81
CA GLY D 12 32.23 21.76 5.34
C GLY D 12 32.62 20.70 6.34
N VAL D 13 32.63 19.46 5.88
CA VAL D 13 32.99 18.30 6.68
C VAL D 13 33.66 17.31 5.74
N ALA D 14 34.50 16.43 6.26
CA ALA D 14 35.21 15.49 5.42
C ALA D 14 35.20 14.03 5.85
N THR D 15 35.45 13.15 4.88
CA THR D 15 35.51 11.70 5.11
C THR D 15 36.59 11.14 4.19
N ALA D 16 36.78 9.82 4.23
CA ALA D 16 37.76 9.14 3.39
C ALA D 16 37.18 7.81 2.94
N ALA D 17 37.42 7.48 1.67
CA ALA D 17 36.92 6.25 1.07
C ALA D 17 36.99 4.98 1.91
N TYR D 18 38.19 4.50 2.19
CA TYR D 18 38.35 3.27 2.96
C TYR D 18 37.83 3.36 4.40
N GLN D 19 37.71 4.57 4.92
CA GLN D 19 37.24 4.75 6.28
C GLN D 19 35.73 4.63 6.47
N ILE D 20 34.95 4.93 5.43
CA ILE D 20 33.50 4.87 5.54
C ILE D 20 32.73 3.99 4.55
N GLU D 21 33.23 3.90 3.32
CA GLU D 21 32.57 3.14 2.26
C GLU D 21 32.12 1.71 2.51
N GLY D 22 33.08 0.83 2.83
CA GLY D 22 32.73 -0.56 3.04
C GLY D 22 32.61 -1.20 1.66
N ALA D 23 31.96 -2.35 1.58
CA ALA D 23 31.78 -3.06 0.31
C ALA D 23 33.11 -3.13 -0.43
N TYR D 24 34.14 -3.53 0.29
CA TYR D 24 35.50 -3.63 -0.25
C TYR D 24 35.64 -4.68 -1.34
N ASN D 25 34.82 -5.72 -1.26
CA ASN D 25 34.86 -6.81 -2.23
C ASN D 25 33.59 -6.86 -3.06
N GLU D 26 33.08 -5.70 -3.45
CA GLU D 26 31.86 -5.62 -4.24
C GLU D 26 32.01 -4.83 -5.51
N ASP D 27 31.13 -5.13 -6.47
CA ASP D 27 31.10 -4.47 -7.76
C ASP D 27 32.47 -4.31 -8.42
N GLY D 28 33.27 -5.36 -8.33
CA GLY D 28 34.59 -5.37 -8.94
C GLY D 28 35.67 -4.49 -8.34
N ARG D 29 35.54 -4.13 -7.07
CA ARG D 29 36.56 -3.29 -6.44
C ARG D 29 37.81 -4.13 -6.17
N GLY D 30 38.97 -3.57 -6.52
CA GLY D 30 40.21 -4.27 -6.29
C GLY D 30 40.71 -3.98 -4.88
N MET D 31 41.57 -4.84 -4.37
CA MET D 31 42.12 -4.65 -3.02
C MET D 31 43.13 -3.51 -3.02
N SER D 32 43.21 -2.81 -1.89
CA SER D 32 44.16 -1.72 -1.73
C SER D 32 45.19 -2.19 -0.72
N ILE D 33 46.23 -1.40 -0.50
CA ILE D 33 47.26 -1.75 0.46
C ILE D 33 46.66 -1.82 1.87
N TRP D 34 45.58 -1.07 2.08
CA TRP D 34 44.92 -1.05 3.38
C TRP D 34 44.04 -2.27 3.63
N ASP D 35 43.49 -2.84 2.56
CA ASP D 35 42.66 -4.03 2.70
C ASP D 35 43.62 -5.13 3.16
N THR D 36 44.77 -5.18 2.48
CA THR D 36 45.82 -6.15 2.78
C THR D 36 46.34 -5.96 4.20
N PHE D 37 46.71 -4.73 4.52
CA PHE D 37 47.25 -4.37 5.83
C PHE D 37 46.29 -4.75 6.96
N ALA D 38 45.04 -4.29 6.83
CA ALA D 38 44.00 -4.56 7.83
C ALA D 38 43.73 -6.05 7.99
N HIS D 39 43.84 -6.80 6.91
CA HIS D 39 43.60 -8.24 6.95
C HIS D 39 44.78 -8.99 7.56
N THR D 40 45.92 -8.33 7.65
CA THR D 40 47.12 -8.93 8.23
C THR D 40 47.05 -8.92 9.75
N PRO D 41 47.10 -10.11 10.38
CA PRO D 41 47.03 -10.23 11.84
C PRO D 41 48.08 -9.38 12.54
N GLY D 42 47.62 -8.61 13.53
CA GLY D 42 48.52 -7.77 14.30
C GLY D 42 48.80 -6.39 13.75
N LYS D 43 48.31 -6.09 12.55
CA LYS D 43 48.54 -4.78 11.94
C LYS D 43 47.54 -3.73 12.42
N VAL D 44 46.30 -4.13 12.64
CA VAL D 44 45.27 -3.21 13.10
C VAL D 44 44.71 -3.69 14.43
N LYS D 45 44.40 -2.74 15.31
CA LYS D 45 43.87 -3.04 16.64
C LYS D 45 42.61 -3.88 16.57
N ASN D 46 42.60 -4.98 17.33
CA ASN D 46 41.48 -5.91 17.40
C ASN D 46 41.24 -6.70 16.12
N GLY D 47 42.03 -6.42 15.09
CA GLY D 47 41.87 -7.10 13.82
C GLY D 47 40.77 -6.47 12.98
N ASP D 48 40.50 -5.19 13.24
CA ASP D 48 39.48 -4.45 12.52
C ASP D 48 39.91 -4.16 11.09
N ASN D 49 38.94 -3.95 10.21
CA ASN D 49 39.20 -3.67 8.81
C ASN D 49 38.05 -2.88 8.20
N GLY D 50 38.30 -2.24 7.06
CA GLY D 50 37.27 -1.47 6.40
C GLY D 50 36.36 -2.27 5.48
N ASN D 51 36.16 -3.54 5.78
CA ASN D 51 35.30 -4.39 4.97
C ASN D 51 33.90 -3.81 4.86
N VAL D 52 33.34 -3.42 6.00
CA VAL D 52 32.00 -2.84 6.06
C VAL D 52 32.05 -1.36 6.43
N ALA D 53 32.86 -1.03 7.44
CA ALA D 53 33.01 0.34 7.91
C ALA D 53 31.65 0.95 8.27
N CYS D 54 31.24 1.98 7.54
CA CYS D 54 29.96 2.65 7.79
C CYS D 54 28.95 2.26 6.72
N ASP D 55 29.40 1.44 5.76
CA ASP D 55 28.57 0.96 4.66
C ASP D 55 28.04 2.10 3.79
N SER D 56 28.79 3.19 3.73
CA SER D 56 28.39 4.36 2.93
C SER D 56 28.26 4.08 1.44
N TYR D 57 28.82 2.96 0.99
CA TYR D 57 28.73 2.58 -0.41
C TYR D 57 27.28 2.27 -0.78
N HIS D 58 26.54 1.77 0.20
CA HIS D 58 25.13 1.42 0.01
C HIS D 58 24.21 2.44 0.66
N ARG D 59 24.79 3.52 1.19
CA ARG D 59 24.00 4.54 1.88
C ARG D 59 24.26 5.96 1.40
N VAL D 60 24.26 6.16 0.09
CA VAL D 60 24.48 7.47 -0.51
C VAL D 60 23.43 8.45 -0.01
N GLU D 61 22.18 8.01 -0.03
CA GLU D 61 21.05 8.83 0.40
C GLU D 61 21.20 9.26 1.86
N GLU D 62 21.60 8.32 2.72
CA GLU D 62 21.77 8.59 4.13
C GLU D 62 22.92 9.58 4.38
N ASP D 63 24.02 9.41 3.64
CA ASP D 63 25.17 10.30 3.76
C ASP D 63 24.76 11.73 3.44
N VAL D 64 24.17 11.90 2.26
CA VAL D 64 23.73 13.21 1.80
C VAL D 64 22.71 13.84 2.72
N GLN D 65 21.86 13.01 3.33
CA GLN D 65 20.84 13.51 4.24
C GLN D 65 21.51 14.15 5.46
N LEU D 66 22.53 13.49 5.98
CA LEU D 66 23.28 14.01 7.13
C LEU D 66 23.91 15.33 6.73
N LEU D 67 24.43 15.38 5.51
CA LEU D 67 25.08 16.58 4.99
C LEU D 67 24.14 17.76 4.85
N LYS D 68 22.94 17.54 4.33
CA LYS D 68 22.00 18.65 4.21
C LYS D 68 21.40 19.04 5.54
N ASP D 69 21.35 18.09 6.48
CA ASP D 69 20.83 18.36 7.81
C ASP D 69 21.85 19.24 8.55
N LEU D 70 23.13 18.97 8.30
CA LEU D 70 24.21 19.73 8.92
C LEU D 70 24.30 21.13 8.36
N GLY D 71 23.78 21.31 7.14
CA GLY D 71 23.80 22.61 6.50
C GLY D 71 25.14 22.93 5.86
N VAL D 72 25.94 21.89 5.67
CA VAL D 72 27.27 22.02 5.09
C VAL D 72 27.21 22.53 3.64
N LYS D 73 28.14 23.42 3.30
CA LYS D 73 28.22 23.99 1.96
C LYS D 73 29.22 23.24 1.09
N VAL D 74 30.16 22.54 1.73
CA VAL D 74 31.18 21.79 1.03
C VAL D 74 31.35 20.42 1.68
N TYR D 75 31.54 19.40 0.86
CA TYR D 75 31.74 18.05 1.37
C TYR D 75 33.01 17.48 0.76
N ARG D 76 33.99 17.16 1.60
CA ARG D 76 35.24 16.61 1.11
C ARG D 76 35.25 15.09 1.30
N PHE D 77 35.46 14.38 0.20
CA PHE D 77 35.50 12.93 0.21
C PHE D 77 36.63 12.50 -0.72
N SER D 78 36.98 11.22 -0.71
CA SER D 78 38.03 10.73 -1.58
C SER D 78 37.54 9.60 -2.49
N ILE D 79 38.26 9.40 -3.58
CA ILE D 79 37.92 8.37 -4.55
C ILE D 79 38.79 7.15 -4.27
N SER D 80 38.16 5.98 -4.19
CA SER D 80 38.89 4.74 -3.96
C SER D 80 39.48 4.32 -5.30
N TRP D 81 40.78 4.51 -5.45
CA TRP D 81 41.50 4.17 -6.67
C TRP D 81 41.18 2.74 -7.16
N PRO D 82 41.28 1.73 -6.26
CA PRO D 82 40.99 0.35 -6.66
C PRO D 82 39.55 0.11 -7.10
N ARG D 83 38.65 1.04 -6.77
CA ARG D 83 37.25 0.90 -7.13
C ARG D 83 36.97 1.35 -8.56
N VAL D 84 37.80 2.24 -9.09
CA VAL D 84 37.63 2.73 -10.46
C VAL D 84 38.61 2.06 -11.42
N LEU D 85 39.76 1.66 -10.88
CA LEU D 85 40.81 0.97 -11.64
C LEU D 85 41.34 -0.08 -10.69
N PRO D 86 40.68 -1.26 -10.65
CA PRO D 86 41.04 -2.39 -9.79
C PRO D 86 42.52 -2.78 -9.79
N GLN D 87 43.16 -2.63 -10.95
CA GLN D 87 44.57 -2.98 -11.09
C GLN D 87 45.45 -1.73 -11.03
N GLY D 88 44.83 -0.59 -10.75
CA GLY D 88 45.55 0.66 -10.67
C GLY D 88 45.69 1.31 -12.04
N THR D 89 45.62 0.48 -13.07
CA THR D 89 45.74 0.93 -14.44
C THR D 89 45.02 -0.05 -15.37
N GLY D 90 44.68 0.42 -16.56
CA GLY D 90 44.00 -0.42 -17.52
C GLY D 90 42.49 -0.45 -17.45
N GLU D 91 41.95 -1.63 -17.20
CA GLU D 91 40.51 -1.85 -17.12
C GLU D 91 39.79 -0.93 -16.15
N VAL D 92 38.82 -0.18 -16.67
CA VAL D 92 38.04 0.75 -15.88
C VAL D 92 36.77 0.08 -15.33
N ASN D 93 36.61 0.12 -14.01
CA ASN D 93 35.45 -0.47 -13.36
C ASN D 93 34.34 0.57 -13.30
N ARG D 94 33.44 0.55 -14.28
CA ARG D 94 32.35 1.51 -14.36
C ARG D 94 31.40 1.47 -13.17
N ALA D 95 31.28 0.31 -12.52
CA ALA D 95 30.39 0.18 -11.37
C ALA D 95 30.87 1.11 -10.25
N GLY D 96 32.20 1.23 -10.13
CA GLY D 96 32.77 2.11 -9.12
C GLY D 96 32.49 3.56 -9.44
N LEU D 97 32.76 3.94 -10.68
CA LEU D 97 32.53 5.31 -11.14
C LEU D 97 31.06 5.70 -10.99
N ASP D 98 30.17 4.72 -11.17
CA ASP D 98 28.74 4.96 -11.04
C ASP D 98 28.42 5.46 -9.64
N TYR D 99 29.04 4.85 -8.64
CA TYR D 99 28.83 5.23 -7.25
C TYR D 99 29.21 6.68 -7.02
N TYR D 100 30.41 7.05 -7.46
CA TYR D 100 30.88 8.42 -7.28
C TYR D 100 30.04 9.42 -8.03
N HIS D 101 29.52 9.02 -9.19
CA HIS D 101 28.66 9.91 -9.97
C HIS D 101 27.34 10.10 -9.24
N ARG D 102 26.83 9.02 -8.66
CA ARG D 102 25.56 9.07 -7.92
C ARG D 102 25.71 9.96 -6.69
N LEU D 103 26.84 9.85 -6.01
CA LEU D 103 27.14 10.66 -4.83
C LEU D 103 27.23 12.13 -5.21
N VAL D 104 28.08 12.42 -6.19
CA VAL D 104 28.27 13.80 -6.65
C VAL D 104 26.97 14.42 -7.12
N ASP D 105 26.14 13.64 -7.82
CA ASP D 105 24.87 14.13 -8.31
C ASP D 105 23.96 14.54 -7.17
N GLU D 106 23.93 13.71 -6.12
CA GLU D 106 23.10 13.99 -4.96
C GLU D 106 23.60 15.24 -4.26
N LEU D 107 24.91 15.38 -4.14
CA LEU D 107 25.51 16.54 -3.50
C LEU D 107 25.07 17.79 -4.25
N LEU D 108 25.32 17.81 -5.55
CA LEU D 108 24.96 18.94 -6.41
C LEU D 108 23.46 19.25 -6.34
N ALA D 109 22.65 18.21 -6.29
CA ALA D 109 21.20 18.35 -6.23
C ALA D 109 20.74 19.02 -4.94
N ASN D 110 21.57 18.93 -3.89
CA ASN D 110 21.23 19.52 -2.61
C ASN D 110 22.07 20.75 -2.27
N GLY D 111 22.71 21.33 -3.28
CA GLY D 111 23.52 22.51 -3.10
C GLY D 111 24.80 22.34 -2.31
N ILE D 112 25.36 21.12 -2.34
CA ILE D 112 26.59 20.83 -1.63
C ILE D 112 27.74 20.72 -2.63
N GLU D 113 28.75 21.56 -2.44
CA GLU D 113 29.91 21.59 -3.32
C GLU D 113 30.87 20.44 -3.03
N PRO D 114 31.14 19.60 -4.03
CA PRO D 114 32.05 18.45 -3.87
C PRO D 114 33.50 18.89 -3.83
N PHE D 115 34.24 18.32 -2.88
CA PHE D 115 35.66 18.62 -2.73
C PHE D 115 36.29 17.23 -2.81
N CYS D 116 36.68 16.86 -4.03
CA CYS D 116 37.25 15.53 -4.27
C CYS D 116 38.72 15.38 -3.98
N THR D 117 39.05 14.29 -3.29
CA THR D 117 40.42 13.95 -2.93
C THR D 117 40.78 12.69 -3.71
N LEU D 118 41.69 12.82 -4.67
CA LEU D 118 42.11 11.70 -5.49
C LEU D 118 42.75 10.56 -4.71
N TYR D 119 43.76 10.88 -3.89
CA TYR D 119 44.45 9.85 -3.16
C TYR D 119 44.44 10.02 -1.64
N HIS D 120 43.87 9.04 -0.95
CA HIS D 120 43.82 9.05 0.49
C HIS D 120 44.32 7.72 1.05
N TRP D 121 45.55 7.38 0.66
CA TRP D 121 46.27 6.18 1.12
C TRP D 121 45.86 4.81 0.59
N ASP D 122 44.74 4.71 -0.10
CA ASP D 122 44.28 3.41 -0.64
C ASP D 122 44.87 2.99 -1.99
N LEU D 123 46.19 2.87 -2.06
CA LEU D 123 46.88 2.45 -3.28
C LEU D 123 46.49 1.03 -3.67
N PRO D 124 46.17 0.80 -4.96
CA PRO D 124 45.78 -0.54 -5.42
C PRO D 124 46.91 -1.52 -5.15
N GLN D 125 46.56 -2.66 -4.56
CA GLN D 125 47.53 -3.70 -4.24
C GLN D 125 48.34 -4.12 -5.46
N ALA D 126 47.70 -4.12 -6.62
CA ALA D 126 48.36 -4.50 -7.87
C ALA D 126 49.61 -3.65 -8.11
N LEU D 127 49.50 -2.35 -7.83
CA LEU D 127 50.61 -1.43 -8.01
C LEU D 127 51.65 -1.64 -6.92
N GLN D 128 51.18 -1.98 -5.73
CA GLN D 128 52.06 -2.22 -4.60
C GLN D 128 52.93 -3.44 -4.88
N ASP D 129 52.36 -4.41 -5.58
CA ASP D 129 53.08 -5.63 -5.93
C ASP D 129 54.24 -5.30 -6.87
N GLN D 130 54.11 -4.19 -7.59
CA GLN D 130 55.13 -3.74 -8.53
C GLN D 130 56.10 -2.76 -7.86
N GLY D 131 56.01 -2.65 -6.53
CA GLY D 131 56.88 -1.75 -5.80
C GLY D 131 56.16 -0.58 -5.15
N GLY D 132 54.90 -0.39 -5.51
CA GLY D 132 54.12 0.71 -4.96
C GLY D 132 54.74 2.05 -5.26
N TRP D 133 54.61 2.99 -4.33
CA TRP D 133 55.16 4.33 -4.51
C TRP D 133 56.67 4.36 -4.54
N GLY D 134 57.31 3.20 -4.35
CA GLY D 134 58.76 3.14 -4.40
C GLY D 134 59.23 3.09 -5.83
N SER D 135 58.32 2.71 -6.73
CA SER D 135 58.61 2.61 -8.16
C SER D 135 58.01 3.78 -8.92
N ARG D 136 58.75 4.29 -9.92
CA ARG D 136 58.29 5.41 -10.73
C ARG D 136 57.12 5.02 -11.62
N ILE D 137 56.89 3.71 -11.76
CA ILE D 137 55.80 3.19 -12.57
C ILE D 137 54.46 3.68 -12.01
N THR D 138 54.39 3.76 -10.68
CA THR D 138 53.19 4.21 -10.01
C THR D 138 52.87 5.67 -10.34
N ILE D 139 53.89 6.45 -10.66
CA ILE D 139 53.69 7.85 -11.02
C ILE D 139 52.83 7.90 -12.29
N ASP D 140 53.13 7.00 -13.22
CA ASP D 140 52.39 6.91 -14.47
C ASP D 140 50.95 6.50 -14.18
N ALA D 141 50.81 5.48 -13.34
CA ALA D 141 49.50 4.97 -12.95
C ALA D 141 48.63 6.06 -12.35
N PHE D 142 49.22 6.90 -11.50
CA PHE D 142 48.47 7.97 -10.88
C PHE D 142 48.06 9.02 -11.90
N ALA D 143 48.93 9.28 -12.87
CA ALA D 143 48.64 10.25 -13.91
C ALA D 143 47.45 9.77 -14.73
N GLU D 144 47.41 8.47 -14.98
CA GLU D 144 46.32 7.85 -15.74
C GLU D 144 45.03 7.95 -14.92
N TYR D 145 45.16 7.65 -13.64
CA TYR D 145 44.06 7.69 -12.68
C TYR D 145 43.48 9.10 -12.58
N ALA D 146 44.36 10.09 -12.41
CA ALA D 146 43.97 11.48 -12.28
C ALA D 146 43.20 11.94 -13.52
N GLU D 147 43.77 11.65 -14.68
CA GLU D 147 43.15 12.03 -15.95
C GLU D 147 41.75 11.42 -16.08
N LEU D 148 41.62 10.17 -15.67
CA LEU D 148 40.34 9.48 -15.73
C LEU D 148 39.29 10.21 -14.90
N MET D 149 39.62 10.50 -13.64
CA MET D 149 38.70 11.17 -12.74
C MET D 149 38.38 12.59 -13.21
N PHE D 150 39.38 13.27 -13.76
CA PHE D 150 39.18 14.63 -14.25
C PHE D 150 38.17 14.64 -15.39
N LYS D 151 38.26 13.62 -16.25
CA LYS D 151 37.34 13.51 -17.38
C LYS D 151 35.95 13.05 -16.94
N GLU D 152 35.92 12.15 -15.96
CA GLU D 152 34.65 11.62 -15.45
C GLU D 152 33.87 12.62 -14.61
N LEU D 153 34.45 13.05 -13.50
CA LEU D 153 33.80 13.97 -12.57
C LEU D 153 34.21 15.44 -12.70
N GLY D 154 35.19 15.72 -13.56
CA GLY D 154 35.66 17.08 -13.74
C GLY D 154 34.61 18.13 -14.08
N GLY D 155 33.51 17.71 -14.68
CA GLY D 155 32.47 18.65 -15.04
C GLY D 155 31.55 19.01 -13.88
N LYS D 156 31.57 18.19 -12.84
CA LYS D 156 30.73 18.41 -11.67
C LYS D 156 31.55 18.88 -10.47
N ILE D 157 32.80 18.45 -10.40
CA ILE D 157 33.69 18.79 -9.30
C ILE D 157 34.67 19.91 -9.68
N LYS D 158 34.68 20.97 -8.89
CA LYS D 158 35.55 22.12 -9.12
C LYS D 158 36.54 22.32 -7.97
N GLN D 159 36.68 21.32 -7.12
CA GLN D 159 37.58 21.36 -5.97
C GLN D 159 38.33 20.04 -5.94
N TRP D 160 39.61 20.06 -6.28
CA TRP D 160 40.40 18.84 -6.31
C TRP D 160 41.65 18.86 -5.43
N ILE D 161 41.92 17.74 -4.79
CA ILE D 161 43.08 17.55 -3.94
C ILE D 161 43.76 16.31 -4.45
N THR D 162 45.04 16.42 -4.80
CA THR D 162 45.78 15.28 -5.31
C THR D 162 46.06 14.25 -4.20
N PHE D 163 46.89 14.64 -3.25
CA PHE D 163 47.24 13.75 -2.14
C PHE D 163 46.87 14.35 -0.79
N ASN D 164 46.36 13.51 0.10
CA ASN D 164 45.98 13.94 1.43
C ASN D 164 47.01 13.42 2.42
N GLU D 165 47.61 14.33 3.16
CA GLU D 165 48.61 14.02 4.18
C GLU D 165 49.76 13.16 3.65
N PRO D 166 50.59 13.74 2.76
CA PRO D 166 51.74 13.08 2.15
C PRO D 166 52.69 12.43 3.15
N TRP D 167 52.93 13.12 4.27
CA TRP D 167 53.82 12.58 5.29
C TRP D 167 53.32 11.26 5.85
N CYS D 168 52.02 11.17 6.09
CA CYS D 168 51.43 9.95 6.63
C CYS D 168 51.57 8.78 5.67
N MET D 169 51.24 8.98 4.41
CA MET D 169 51.34 7.92 3.41
C MET D 169 52.78 7.58 3.06
N ALA D 170 53.70 8.50 3.32
CA ALA D 170 55.11 8.29 3.03
C ALA D 170 55.93 7.81 4.23
N PHE D 171 56.13 8.69 5.20
CA PHE D 171 56.91 8.36 6.39
C PHE D 171 56.26 7.44 7.41
N LEU D 172 55.03 7.74 7.81
CA LEU D 172 54.36 6.89 8.79
C LEU D 172 54.11 5.49 8.24
N SER D 173 54.02 5.39 6.92
CA SER D 173 53.77 4.12 6.24
C SER D 173 55.02 3.34 5.85
N ASN D 174 56.02 4.04 5.31
CA ASN D 174 57.24 3.38 4.86
C ASN D 174 58.48 3.58 5.73
N TYR D 175 58.38 4.45 6.72
CA TYR D 175 59.51 4.70 7.62
C TYR D 175 59.23 4.19 9.03
N LEU D 176 58.05 4.50 9.55
CA LEU D 176 57.68 4.06 10.89
C LEU D 176 56.93 2.73 10.89
N GLY D 177 56.45 2.32 9.72
CA GLY D 177 55.73 1.06 9.59
C GLY D 177 54.42 0.93 10.34
N VAL D 178 53.80 2.07 10.66
CA VAL D 178 52.54 2.06 11.38
C VAL D 178 51.34 1.98 10.43
N HIS D 179 51.51 2.51 9.23
CA HIS D 179 50.46 2.48 8.22
C HIS D 179 50.89 1.67 7.01
N ALA D 180 49.92 1.23 6.21
CA ALA D 180 50.19 0.44 5.01
C ALA D 180 51.10 1.21 4.06
N PRO D 181 52.06 0.53 3.40
CA PRO D 181 52.39 -0.91 3.44
C PRO D 181 52.97 -1.42 4.76
N GLY D 182 53.57 -0.53 5.55
CA GLY D 182 54.13 -0.93 6.82
C GLY D 182 55.62 -1.21 6.75
N ASN D 183 56.36 -0.38 6.02
CA ASN D 183 57.79 -0.54 5.88
C ASN D 183 58.54 0.36 6.86
N LYS D 184 59.81 0.03 7.08
CA LYS D 184 60.66 0.80 7.98
C LYS D 184 61.98 1.07 7.27
N ASP D 185 61.96 2.08 6.40
CA ASP D 185 63.12 2.47 5.61
C ASP D 185 62.99 3.97 5.32
N LEU D 186 63.89 4.75 5.90
CA LEU D 186 63.87 6.20 5.72
C LEU D 186 64.02 6.58 4.25
N GLN D 187 64.99 5.97 3.57
CA GLN D 187 65.22 6.27 2.16
C GLN D 187 63.98 5.96 1.32
N LEU D 188 63.33 4.84 1.59
CA LEU D 188 62.13 4.45 0.86
C LEU D 188 61.05 5.51 1.06
N ALA D 189 60.92 5.99 2.29
CA ALA D 189 59.94 7.00 2.63
C ALA D 189 60.24 8.27 1.84
N ILE D 190 61.52 8.57 1.66
CA ILE D 190 61.94 9.75 0.91
C ILE D 190 61.68 9.52 -0.58
N ASP D 191 61.81 8.28 -1.02
CA ASP D 191 61.56 7.94 -2.42
C ASP D 191 60.08 8.16 -2.71
N VAL D 192 59.24 7.62 -1.83
CA VAL D 192 57.80 7.73 -1.94
C VAL D 192 57.38 9.19 -1.97
N SER D 193 57.97 9.99 -1.07
CA SER D 193 57.67 11.41 -0.99
C SER D 193 57.97 12.10 -2.32
N HIS D 194 59.07 11.71 -2.95
CA HIS D 194 59.45 12.29 -4.22
C HIS D 194 58.51 11.88 -5.35
N HIS D 195 58.22 10.58 -5.42
CA HIS D 195 57.35 10.04 -6.46
C HIS D 195 55.91 10.56 -6.39
N LEU D 196 55.40 10.75 -5.18
CA LEU D 196 54.03 11.26 -5.02
C LEU D 196 53.98 12.72 -5.48
N LEU D 197 55.07 13.45 -5.24
CA LEU D 197 55.15 14.85 -5.64
C LEU D 197 55.19 14.98 -7.17
N VAL D 198 55.90 14.07 -7.82
CA VAL D 198 55.99 14.07 -9.28
C VAL D 198 54.60 13.73 -9.83
N ALA D 199 53.96 12.74 -9.22
CA ALA D 199 52.63 12.31 -9.62
C ALA D 199 51.67 13.48 -9.46
N HIS D 200 51.87 14.25 -8.38
CA HIS D 200 51.04 15.42 -8.11
C HIS D 200 51.23 16.47 -9.20
N GLY D 201 52.49 16.78 -9.49
CA GLY D 201 52.81 17.76 -10.51
C GLY D 201 52.20 17.41 -11.85
N ARG D 202 52.31 16.14 -12.22
CA ARG D 202 51.76 15.67 -13.49
C ARG D 202 50.25 15.78 -13.48
N ALA D 203 49.64 15.51 -12.34
CA ALA D 203 48.18 15.60 -12.20
C ALA D 203 47.72 17.04 -12.35
N VAL D 204 48.49 17.98 -11.79
CA VAL D 204 48.16 19.39 -11.88
C VAL D 204 48.22 19.83 -13.34
N THR D 205 49.27 19.41 -14.02
CA THR D 205 49.46 19.73 -15.43
C THR D 205 48.27 19.25 -16.24
N LEU D 206 47.85 18.00 -16.00
CA LEU D 206 46.71 17.41 -16.70
C LEU D 206 45.46 18.23 -16.45
N PHE D 207 45.27 18.64 -15.19
CA PHE D 207 44.12 19.43 -14.79
C PHE D 207 44.05 20.70 -15.62
N ARG D 208 45.21 21.32 -15.82
CA ARG D 208 45.30 22.57 -16.59
C ARG D 208 45.03 22.31 -18.08
N GLU D 209 45.68 21.27 -18.62
CA GLU D 209 45.55 20.92 -20.03
C GLU D 209 44.12 20.56 -20.41
N LEU D 210 43.43 19.84 -19.52
CA LEU D 210 42.05 19.44 -19.78
C LEU D 210 41.09 20.63 -19.75
N GLY D 211 41.62 21.79 -19.37
CA GLY D 211 40.82 23.00 -19.31
C GLY D 211 39.65 22.97 -18.36
N ILE D 212 39.61 21.97 -17.48
CA ILE D 212 38.52 21.85 -16.52
C ILE D 212 38.61 22.95 -15.47
N SER D 213 37.54 23.75 -15.39
CA SER D 213 37.47 24.85 -14.45
C SER D 213 37.46 24.35 -13.02
N GLY D 214 37.98 25.15 -12.10
CA GLY D 214 38.00 24.77 -10.71
C GLY D 214 39.35 25.01 -10.05
N GLU D 215 39.54 24.39 -8.90
CA GLU D 215 40.76 24.54 -8.13
C GLU D 215 41.38 23.17 -7.86
N ILE D 216 42.69 23.16 -7.67
CA ILE D 216 43.42 21.93 -7.38
C ILE D 216 44.58 22.27 -6.46
N GLY D 217 44.81 21.41 -5.47
CA GLY D 217 45.88 21.62 -4.53
C GLY D 217 46.29 20.34 -3.85
N ILE D 218 47.01 20.47 -2.74
CA ILE D 218 47.48 19.33 -1.97
C ILE D 218 47.20 19.64 -0.50
N ALA D 219 46.96 18.60 0.31
CA ALA D 219 46.66 18.81 1.71
C ALA D 219 47.66 18.20 2.69
N PRO D 220 48.70 18.95 3.05
CA PRO D 220 49.72 18.44 3.98
C PRO D 220 49.23 18.53 5.43
N ASN D 221 49.72 17.62 6.26
CA ASN D 221 49.39 17.61 7.68
C ASN D 221 50.61 18.15 8.40
N THR D 222 51.04 19.34 7.98
CA THR D 222 52.21 20.02 8.54
C THR D 222 52.22 20.01 10.05
N SER D 223 53.06 19.15 10.62
CA SER D 223 53.19 19.03 12.07
C SER D 223 53.80 20.30 12.65
N TRP D 224 53.19 20.82 13.71
CA TRP D 224 53.68 22.04 14.33
C TRP D 224 54.41 21.78 15.66
N ALA D 225 55.42 22.59 15.92
CA ALA D 225 56.21 22.48 17.15
C ALA D 225 56.63 23.85 17.64
N VAL D 226 56.53 24.04 18.95
CA VAL D 226 56.87 25.29 19.62
C VAL D 226 58.22 25.13 20.32
N PRO D 227 59.10 26.13 20.16
CA PRO D 227 60.44 26.10 20.78
C PRO D 227 60.36 26.10 22.30
N TYR D 228 60.96 25.08 22.91
CA TYR D 228 60.98 24.96 24.36
C TYR D 228 61.73 26.17 24.91
N ARG D 229 62.94 26.38 24.41
CA ARG D 229 63.78 27.50 24.82
C ARG D 229 63.97 28.41 23.62
N ARG D 230 64.18 29.70 23.89
CA ARG D 230 64.39 30.66 22.83
C ARG D 230 65.85 30.55 22.38
N THR D 231 66.19 29.38 21.84
CA THR D 231 67.55 29.10 21.39
C THR D 231 67.49 28.76 19.90
N LYS D 232 68.55 29.10 19.18
CA LYS D 232 68.61 28.84 17.75
C LYS D 232 68.44 27.34 17.48
N GLU D 233 69.13 26.52 18.26
CA GLU D 233 69.05 25.07 18.09
C GLU D 233 67.65 24.51 18.30
N ASP D 234 66.89 25.12 19.22
CA ASP D 234 65.52 24.69 19.49
C ASP D 234 64.58 25.12 18.38
N MET D 235 64.78 26.34 17.89
CA MET D 235 63.95 26.88 16.83
C MET D 235 64.16 26.06 15.54
N GLU D 236 65.39 25.65 15.30
CA GLU D 236 65.72 24.84 14.13
C GLU D 236 65.16 23.44 14.31
N ALA D 237 65.18 22.95 15.55
CA ALA D 237 64.66 21.63 15.85
C ALA D 237 63.16 21.62 15.58
N CYS D 238 62.51 22.76 15.80
CA CYS D 238 61.09 22.90 15.55
C CYS D 238 60.81 23.09 14.07
N LEU D 239 61.74 23.75 13.37
CA LEU D 239 61.58 23.98 11.94
C LEU D 239 61.61 22.67 11.18
N ARG D 240 62.42 21.73 11.67
CA ARG D 240 62.53 20.42 11.04
C ARG D 240 61.24 19.62 11.19
N VAL D 241 60.49 19.89 12.26
CA VAL D 241 59.23 19.19 12.51
C VAL D 241 58.22 19.54 11.42
N ASN D 242 58.03 20.83 11.15
CA ASN D 242 57.10 21.25 10.11
C ASN D 242 57.77 21.10 8.75
N GLY D 243 59.10 21.02 8.76
CA GLY D 243 59.85 20.87 7.54
C GLY D 243 59.75 19.53 6.87
N TRP D 244 59.86 18.45 7.63
CA TRP D 244 59.80 17.11 7.05
C TRP D 244 58.39 16.59 6.80
N SER D 245 57.40 17.33 7.29
CA SER D 245 56.01 16.93 7.13
C SER D 245 55.22 17.83 6.17
N GLY D 246 55.61 19.09 6.08
CA GLY D 246 54.92 20.02 5.20
C GLY D 246 55.78 20.74 4.19
N ASP D 247 56.84 21.38 4.66
CA ASP D 247 57.76 22.12 3.79
C ASP D 247 58.37 21.23 2.71
N TRP D 248 58.63 19.98 3.08
CA TRP D 248 59.24 19.01 2.17
C TRP D 248 58.40 18.79 0.92
N TYR D 249 57.10 19.04 1.02
CA TYR D 249 56.19 18.86 -0.11
C TYR D 249 55.76 20.16 -0.76
N LEU D 250 55.55 21.19 0.05
CA LEU D 250 55.13 22.49 -0.46
C LEU D 250 56.22 23.27 -1.18
N ASP D 251 57.46 23.14 -0.72
CA ASP D 251 58.57 23.85 -1.34
C ASP D 251 58.84 23.44 -2.80
N PRO D 252 58.85 22.14 -3.10
CA PRO D 252 59.09 21.73 -4.49
C PRO D 252 57.99 22.23 -5.42
N ILE D 253 56.80 22.40 -4.87
CA ILE D 253 55.63 22.88 -5.61
C ILE D 253 55.66 24.39 -5.83
N TYR D 254 55.95 25.13 -4.77
CA TYR D 254 55.98 26.59 -4.84
C TYR D 254 57.30 27.22 -5.29
N PHE D 255 58.40 26.58 -4.95
CA PHE D 255 59.72 27.10 -5.30
C PHE D 255 60.53 26.22 -6.25
N GLY D 256 60.05 25.01 -6.49
CA GLY D 256 60.73 24.10 -7.39
C GLY D 256 61.99 23.49 -6.80
N GLU D 257 62.03 23.39 -5.47
CA GLU D 257 63.18 22.82 -4.78
C GLU D 257 62.80 22.37 -3.39
N TYR D 258 63.41 21.30 -2.92
CA TYR D 258 63.17 20.80 -1.59
C TYR D 258 63.77 21.79 -0.60
N PRO D 259 63.19 21.90 0.60
CA PRO D 259 63.73 22.84 1.59
C PRO D 259 65.19 22.54 1.90
N LYS D 260 66.05 23.54 1.70
CA LYS D 260 67.48 23.40 1.93
C LYS D 260 67.87 22.76 3.26
N PHE D 261 67.33 23.31 4.36
CA PHE D 261 67.67 22.77 5.68
C PHE D 261 67.34 21.29 5.83
N MET D 262 66.29 20.83 5.18
CA MET D 262 65.92 19.43 5.25
C MET D 262 66.85 18.59 4.39
N LEU D 263 67.20 19.12 3.21
CA LEU D 263 68.09 18.42 2.31
C LEU D 263 69.41 18.14 3.00
N ASP D 264 69.96 19.18 3.64
CA ASP D 264 71.22 19.08 4.36
C ASP D 264 71.14 18.08 5.51
N TRP D 265 70.00 18.09 6.20
CA TRP D 265 69.79 17.18 7.33
C TRP D 265 69.83 15.73 6.89
N TYR D 266 69.08 15.42 5.83
CA TYR D 266 69.03 14.07 5.28
C TYR D 266 70.36 13.69 4.67
N GLU D 267 70.98 14.63 3.97
CA GLU D 267 72.26 14.41 3.31
C GLU D 267 73.33 13.99 4.31
N ASN D 268 73.36 14.66 5.46
CA ASN D 268 74.33 14.35 6.51
C ASN D 268 74.10 12.94 7.05
N LEU D 269 72.87 12.46 6.91
CA LEU D 269 72.52 11.11 7.37
C LEU D 269 72.70 10.10 6.24
N GLY D 270 72.98 10.59 5.04
CA GLY D 270 73.18 9.74 3.89
C GLY D 270 71.90 9.44 3.14
N TYR D 271 71.01 10.41 3.07
CA TYR D 271 69.73 10.25 2.39
C TYR D 271 69.48 11.40 1.42
N LYS D 272 68.98 11.05 0.23
CA LYS D 272 68.69 12.04 -0.79
C LYS D 272 67.50 11.59 -1.63
N PRO D 273 66.64 12.54 -2.05
CA PRO D 273 65.48 12.20 -2.87
C PRO D 273 65.95 11.75 -4.26
N PRO D 274 65.37 10.67 -4.79
CA PRO D 274 65.71 10.13 -6.11
C PRO D 274 65.25 11.05 -7.25
N ILE D 275 65.86 12.22 -7.32
CA ILE D 275 65.51 13.21 -8.34
C ILE D 275 66.06 12.86 -9.70
N VAL D 276 65.16 12.57 -10.63
CA VAL D 276 65.53 12.27 -12.01
C VAL D 276 65.41 13.61 -12.72
N ASP D 277 66.38 13.91 -13.59
CA ASP D 277 66.39 15.18 -14.31
C ASP D 277 65.03 15.53 -14.90
N GLY D 278 64.52 16.71 -14.54
CA GLY D 278 63.23 17.15 -15.03
C GLY D 278 62.13 17.06 -14.00
N ASP D 279 62.32 16.20 -13.00
CA ASP D 279 61.33 16.00 -11.94
C ASP D 279 60.90 17.25 -11.22
N MET D 280 61.86 18.01 -10.71
CA MET D 280 61.56 19.24 -9.97
C MET D 280 60.71 20.22 -10.76
N GLU D 281 60.90 20.25 -12.07
CA GLU D 281 60.15 21.14 -12.94
C GLU D 281 58.72 20.64 -13.09
N LEU D 282 58.56 19.32 -13.06
CA LEU D 282 57.25 18.69 -13.16
C LEU D 282 56.45 18.97 -11.90
N ILE D 283 57.13 18.95 -10.76
CA ILE D 283 56.52 19.20 -9.46
C ILE D 283 56.22 20.68 -9.28
N HIS D 284 57.08 21.52 -9.86
CA HIS D 284 56.95 22.97 -9.76
C HIS D 284 55.80 23.54 -10.59
N GLN D 285 54.59 23.09 -10.31
CA GLN D 285 53.39 23.55 -11.01
C GLN D 285 52.50 24.30 -10.04
N PRO D 286 52.07 25.51 -10.41
CA PRO D 286 51.20 26.35 -9.58
C PRO D 286 49.91 25.67 -9.19
N ILE D 287 49.62 25.65 -7.89
CA ILE D 287 48.38 25.06 -7.38
C ILE D 287 47.48 26.18 -6.88
N ASP D 288 46.18 25.93 -6.88
CA ASP D 288 45.20 26.94 -6.47
C ASP D 288 45.02 27.17 -4.97
N PHE D 289 45.40 26.18 -4.16
CA PHE D 289 45.25 26.31 -2.71
C PHE D 289 46.07 25.27 -1.96
N ILE D 290 46.18 25.47 -0.65
CA ILE D 290 46.88 24.56 0.23
C ILE D 290 45.87 24.06 1.26
N GLY D 291 45.80 22.75 1.43
CA GLY D 291 44.88 22.18 2.39
C GLY D 291 45.59 21.95 3.70
N ILE D 292 45.16 22.69 4.73
CA ILE D 292 45.76 22.56 6.05
C ILE D 292 45.01 21.55 6.91
N ASN D 293 45.72 20.52 7.34
CA ASN D 293 45.16 19.49 8.20
C ASN D 293 45.79 19.67 9.58
N TYR D 294 45.02 20.21 10.51
CA TYR D 294 45.52 20.46 11.86
C TYR D 294 44.73 19.72 12.95
N TYR D 295 45.45 19.27 13.97
CA TYR D 295 44.86 18.55 15.10
C TYR D 295 45.58 18.89 16.40
N THR D 296 46.91 19.00 16.32
CA THR D 296 47.71 19.29 17.50
C THR D 296 49.11 19.77 17.11
N SER D 297 49.87 20.17 18.13
CA SER D 297 51.24 20.62 17.97
C SER D 297 51.97 20.31 19.27
N SER D 298 53.30 20.34 19.23
CA SER D 298 54.09 20.03 20.43
C SER D 298 55.04 21.15 20.83
N MET D 299 55.86 20.85 21.83
CA MET D 299 56.86 21.79 22.34
C MET D 299 58.17 21.02 22.23
N ASN D 300 58.99 21.37 21.26
CA ASN D 300 60.25 20.66 21.05
C ASN D 300 61.52 21.40 21.40
N ARG D 301 62.59 20.62 21.58
CA ARG D 301 63.91 21.15 21.89
C ARG D 301 64.94 20.27 21.21
N TYR D 302 66.09 20.86 20.88
CA TYR D 302 67.16 20.14 20.22
C TYR D 302 67.71 19.07 21.15
N ASN D 303 67.94 17.89 20.59
CA ASN D 303 68.48 16.77 21.36
C ASN D 303 69.15 15.78 20.43
N PRO D 304 70.49 15.75 20.40
CA PRO D 304 71.32 14.88 19.57
C PRO D 304 71.19 13.40 19.95
N GLY D 305 70.68 13.14 21.15
CA GLY D 305 70.53 11.77 21.62
C GLY D 305 69.31 11.07 21.04
N GLU D 306 69.05 9.87 21.55
CA GLU D 306 67.92 9.08 21.08
C GLU D 306 66.59 9.79 21.27
N ALA D 307 66.47 10.53 22.37
CA ALA D 307 65.26 11.27 22.69
C ALA D 307 64.88 12.25 21.58
N GLY D 308 65.87 12.75 20.87
CA GLY D 308 65.63 13.70 19.79
C GLY D 308 65.16 13.00 18.52
N GLY D 309 65.54 11.74 18.37
CA GLY D 309 65.16 10.98 17.20
C GLY D 309 65.97 11.34 15.98
N MET D 310 65.48 10.92 14.80
CA MET D 310 66.16 11.18 13.53
C MET D 310 66.33 12.69 13.30
N LEU D 311 65.34 13.47 13.70
CA LEU D 311 65.37 14.91 13.54
C LEU D 311 66.06 15.63 14.69
N SER D 312 66.51 14.87 15.69
CA SER D 312 67.16 15.43 16.87
C SER D 312 66.32 16.56 17.45
N SER D 313 65.02 16.31 17.52
CA SER D 313 64.06 17.26 18.04
C SER D 313 63.16 16.52 19.02
N GLU D 314 63.45 16.67 20.31
CA GLU D 314 62.69 16.00 21.36
C GLU D 314 61.47 16.79 21.79
N ALA D 315 60.33 16.12 21.81
CA ALA D 315 59.07 16.73 22.23
C ALA D 315 58.97 16.66 23.75
N ILE D 316 58.48 17.74 24.35
CA ILE D 316 58.33 17.82 25.80
C ILE D 316 56.88 18.09 26.14
N SER D 317 56.31 17.23 26.98
CA SER D 317 54.92 17.35 27.39
C SER D 317 54.60 18.70 28.00
N MET D 318 53.51 19.31 27.52
CA MET D 318 53.06 20.59 28.02
C MET D 318 52.12 20.37 29.20
N GLY D 319 51.79 19.10 29.44
CA GLY D 319 50.88 18.74 30.52
C GLY D 319 49.47 19.16 30.18
N ALA D 320 49.26 19.54 28.92
CA ALA D 320 47.97 20.00 28.42
C ALA D 320 46.96 18.87 28.33
N PRO D 321 45.66 19.22 28.28
CA PRO D 321 44.61 18.20 28.17
C PRO D 321 44.75 17.48 26.84
N LYS D 322 44.35 16.21 26.81
CA LYS D 322 44.47 15.42 25.61
C LYS D 322 43.12 14.88 25.14
N THR D 323 43.05 14.55 23.86
CA THR D 323 41.85 13.96 23.29
C THR D 323 41.92 12.49 23.68
N ASP D 324 40.85 11.74 23.43
CA ASP D 324 40.84 10.32 23.77
C ASP D 324 41.86 9.46 23.02
N ILE D 325 42.48 10.03 21.99
CA ILE D 325 43.48 9.31 21.23
C ILE D 325 44.87 9.67 21.76
N GLY D 326 44.91 10.57 22.73
CA GLY D 326 46.15 10.98 23.35
C GLY D 326 46.87 12.20 22.83
N TRP D 327 46.22 12.97 21.97
CA TRP D 327 46.84 14.17 21.41
C TRP D 327 46.56 15.40 22.26
N GLU D 328 47.61 16.16 22.55
CA GLU D 328 47.47 17.38 23.35
C GLU D 328 46.67 18.43 22.60
N ILE D 329 45.92 19.24 23.33
CA ILE D 329 45.12 20.30 22.74
C ILE D 329 45.92 21.60 22.77
N TYR D 330 46.29 22.09 21.59
CA TYR D 330 47.04 23.33 21.48
C TYR D 330 46.42 24.11 20.32
N ALA D 331 45.26 24.69 20.57
CA ALA D 331 44.51 25.45 19.57
C ALA D 331 45.30 26.55 18.89
N GLU D 332 46.17 27.21 19.65
CA GLU D 332 46.97 28.30 19.12
C GLU D 332 47.88 27.85 17.97
N GLY D 333 48.18 26.55 17.94
CA GLY D 333 49.01 26.00 16.90
C GLY D 333 48.39 26.16 15.52
N LEU D 334 47.06 26.18 15.47
CA LEU D 334 46.34 26.33 14.20
C LEU D 334 46.70 27.69 13.62
N TYR D 335 46.56 28.73 14.44
CA TYR D 335 46.88 30.10 14.04
C TYR D 335 48.34 30.20 13.61
N ASP D 336 49.22 29.61 14.43
CA ASP D 336 50.66 29.65 14.15
C ASP D 336 50.98 29.00 12.80
N LEU D 337 50.37 27.85 12.53
CA LEU D 337 50.59 27.13 11.28
C LEU D 337 50.09 27.91 10.09
N LEU D 338 48.89 28.47 10.22
CA LEU D 338 48.29 29.26 9.15
C LEU D 338 49.14 30.49 8.87
N ARG D 339 49.61 31.12 9.95
CA ARG D 339 50.45 32.32 9.85
C ARG D 339 51.74 31.98 9.12
N TYR D 340 52.35 30.86 9.49
CA TYR D 340 53.60 30.40 8.90
C TYR D 340 53.43 30.17 7.40
N THR D 341 52.40 29.41 7.05
CA THR D 341 52.11 29.08 5.66
C THR D 341 51.80 30.33 4.85
N ALA D 342 51.06 31.26 5.44
CA ALA D 342 50.70 32.50 4.77
C ALA D 342 51.93 33.35 4.48
N ASP D 343 52.85 33.40 5.44
CA ASP D 343 54.07 34.18 5.27
C ASP D 343 55.00 33.61 4.21
N LYS D 344 55.32 32.33 4.36
CA LYS D 344 56.23 31.65 3.45
C LYS D 344 55.77 31.45 2.01
N TYR D 345 54.50 31.07 1.83
CA TYR D 345 53.99 30.79 0.49
C TYR D 345 53.21 31.91 -0.20
N GLY D 346 53.40 33.14 0.24
CA GLY D 346 52.73 34.28 -0.37
C GLY D 346 51.24 34.40 -0.11
N ASN D 347 50.82 33.99 1.09
CA ASN D 347 49.43 34.05 1.51
C ASN D 347 48.46 33.49 0.46
N PRO D 348 48.65 32.23 0.07
CA PRO D 348 47.76 31.61 -0.93
C PRO D 348 46.43 31.26 -0.30
N THR D 349 45.49 30.79 -1.12
CA THR D 349 44.19 30.39 -0.62
C THR D 349 44.40 29.18 0.28
N LEU D 350 43.82 29.24 1.48
CA LEU D 350 43.95 28.15 2.43
C LEU D 350 42.59 27.60 2.81
N TYR D 351 42.54 26.29 2.97
CA TYR D 351 41.32 25.59 3.36
C TYR D 351 41.71 24.62 4.45
N ILE D 352 41.06 24.70 5.61
CA ILE D 352 41.35 23.74 6.67
C ILE D 352 40.59 22.49 6.23
N THR D 353 41.30 21.60 5.55
CA THR D 353 40.72 20.38 5.03
C THR D 353 40.47 19.28 6.06
N GLU D 354 40.99 19.47 7.26
CA GLU D 354 40.82 18.51 8.37
C GLU D 354 41.10 19.16 9.71
N ASN D 355 40.18 18.98 10.65
CA ASN D 355 40.32 19.48 12.01
C ASN D 355 39.20 18.92 12.86
N GLY D 356 39.57 18.13 13.85
CA GLY D 356 38.59 17.53 14.73
C GLY D 356 39.27 16.90 15.94
N ALA D 357 38.46 16.33 16.82
CA ALA D 357 39.00 15.70 18.02
C ALA D 357 38.50 14.28 18.17
N CYS D 358 39.32 13.45 18.79
CA CYS D 358 38.94 12.07 19.01
C CYS D 358 38.36 11.94 20.40
N TYR D 359 37.05 11.80 20.47
CA TYR D 359 36.36 11.64 21.75
C TYR D 359 35.41 10.48 21.58
N ASN D 360 35.64 9.43 22.37
CA ASN D 360 34.86 8.21 22.29
C ASN D 360 33.50 8.18 22.97
N ASP D 361 32.89 9.35 23.16
CA ASP D 361 31.58 9.43 23.79
C ASP D 361 30.56 8.58 23.03
N GLY D 362 29.79 7.80 23.77
CA GLY D 362 28.78 6.96 23.16
C GLY D 362 27.42 7.52 23.55
N LEU D 363 26.37 6.75 23.27
CA LEU D 363 25.02 7.18 23.62
C LEU D 363 24.75 7.04 25.11
N SER D 364 24.14 8.08 25.67
CA SER D 364 23.75 8.06 27.07
C SER D 364 22.37 7.42 27.06
N LEU D 365 21.82 7.10 28.23
CA LEU D 365 20.49 6.50 28.30
C LEU D 365 19.49 7.53 27.74
N ASP D 366 19.98 8.75 27.62
CA ASP D 366 19.26 9.91 27.08
C ASP D 366 18.88 9.58 25.64
N GLY D 367 19.76 8.82 24.97
CA GLY D 367 19.56 8.45 23.58
C GLY D 367 20.44 9.32 22.70
N ARG D 368 21.10 10.29 23.32
CA ARG D 368 21.96 11.23 22.62
C ARG D 368 23.41 11.14 23.08
N ILE D 369 24.31 11.68 22.28
CA ILE D 369 25.73 11.68 22.60
C ILE D 369 26.11 13.10 23.04
N HIS D 370 26.34 13.27 24.33
CA HIS D 370 26.68 14.58 24.89
C HIS D 370 28.18 14.80 24.87
N ASP D 371 28.74 14.98 23.67
CA ASP D 371 30.17 15.20 23.51
C ASP D 371 30.60 16.65 23.61
N GLN D 372 30.38 17.25 24.79
CA GLN D 372 30.76 18.64 25.01
C GLN D 372 32.24 18.87 24.75
N ARG D 373 33.05 17.86 25.01
CA ARG D 373 34.49 17.97 24.80
C ARG D 373 34.84 18.22 23.35
N ARG D 374 34.08 17.64 22.43
CA ARG D 374 34.32 17.85 21.01
C ARG D 374 33.90 19.26 20.64
N ILE D 375 32.77 19.71 21.21
CA ILE D 375 32.27 21.05 20.95
C ILE D 375 33.29 22.08 21.41
N ASP D 376 33.82 21.89 22.61
CA ASP D 376 34.81 22.80 23.18
C ASP D 376 36.06 22.85 22.31
N TYR D 377 36.52 21.69 21.87
CA TYR D 377 37.71 21.60 21.03
C TYR D 377 37.49 22.38 19.73
N LEU D 378 36.41 22.05 19.02
CA LEU D 378 36.08 22.70 17.76
C LEU D 378 35.98 24.20 17.94
N ALA D 379 35.25 24.62 18.98
CA ALA D 379 35.06 26.03 19.28
C ALA D 379 36.39 26.77 19.42
N MET D 380 37.31 26.18 20.18
CA MET D 380 38.63 26.78 20.40
C MET D 380 39.39 26.97 19.10
N HIS D 381 39.32 25.97 18.23
CA HIS D 381 40.01 26.03 16.96
C HIS D 381 39.36 26.95 15.95
N LEU D 382 38.04 27.06 16.01
CA LEU D 382 37.32 27.95 15.10
C LEU D 382 37.62 29.39 15.52
N ILE D 383 37.91 29.59 16.79
CA ILE D 383 38.26 30.91 17.32
C ILE D 383 39.61 31.30 16.72
N GLN D 384 40.50 30.33 16.58
CA GLN D 384 41.82 30.56 16.02
C GLN D 384 41.70 30.77 14.52
N ALA D 385 40.73 30.10 13.90
CA ALA D 385 40.49 30.22 12.46
C ALA D 385 40.01 31.65 12.17
N SER D 386 39.10 32.13 13.01
CA SER D 386 38.56 33.48 12.86
C SER D 386 39.68 34.49 13.09
N ARG D 387 40.56 34.18 14.04
CA ARG D 387 41.68 35.02 14.39
C ARG D 387 42.57 35.20 13.16
N ALA D 388 42.85 34.08 12.48
CA ALA D 388 43.69 34.09 11.29
C ALA D 388 43.10 34.97 10.20
N ILE D 389 41.79 34.89 10.02
CA ILE D 389 41.09 35.68 9.02
C ILE D 389 41.20 37.15 9.39
N GLU D 390 41.04 37.44 10.67
CA GLU D 390 41.15 38.82 11.18
C GLU D 390 42.57 39.31 11.02
N ASP D 391 43.53 38.38 11.01
CA ASP D 391 44.94 38.72 10.87
C ASP D 391 45.38 38.75 9.41
N GLY D 392 44.43 38.88 8.50
CA GLY D 392 44.73 38.96 7.08
C GLY D 392 45.12 37.69 6.33
N ILE D 393 45.06 36.54 6.97
CA ILE D 393 45.39 35.28 6.30
C ILE D 393 44.23 34.87 5.40
N ASN D 394 44.54 34.37 4.21
CA ASN D 394 43.51 33.94 3.25
C ASN D 394 42.87 32.59 3.52
N LEU D 395 42.23 32.45 4.67
CA LEU D 395 41.55 31.21 5.01
C LEU D 395 40.16 31.33 4.42
N LYS D 396 39.88 30.52 3.41
CA LYS D 396 38.59 30.57 2.73
C LYS D 396 37.58 29.49 3.14
N GLY D 397 38.00 28.55 3.98
CA GLY D 397 37.08 27.50 4.39
C GLY D 397 37.56 26.61 5.51
N TYR D 398 36.62 25.90 6.12
CA TYR D 398 36.90 24.99 7.23
C TYR D 398 36.07 23.73 7.06
N MET D 399 36.73 22.58 7.16
CA MET D 399 36.07 21.29 7.03
C MET D 399 36.47 20.42 8.20
N GLU D 400 35.58 20.28 9.17
CA GLU D 400 35.90 19.50 10.36
C GLU D 400 36.03 18.03 9.99
N TRP D 401 37.03 17.35 10.57
CA TRP D 401 37.27 15.97 10.26
C TRP D 401 36.26 14.95 10.77
N SER D 402 35.82 14.14 9.82
CA SER D 402 34.88 13.06 10.02
C SER D 402 33.45 13.48 10.28
N LEU D 403 32.61 13.22 9.30
CA LEU D 403 31.19 13.51 9.39
C LEU D 403 30.61 12.53 10.41
N MET D 404 31.11 11.29 10.35
CA MET D 404 30.65 10.24 11.24
C MET D 404 31.85 9.41 11.71
N ASP D 405 31.68 8.70 12.82
CA ASP D 405 32.75 7.85 13.34
C ASP D 405 33.07 6.82 12.27
N ASN D 406 34.35 6.53 12.08
CA ASN D 406 34.77 5.58 11.06
C ASN D 406 35.97 4.73 11.44
N PHE D 407 36.48 3.99 10.46
CA PHE D 407 37.65 3.13 10.64
C PHE D 407 38.87 4.01 10.80
N GLU D 408 39.34 4.15 12.03
CA GLU D 408 40.50 4.99 12.31
C GLU D 408 41.83 4.28 12.07
N TRP D 409 42.01 3.81 10.84
CA TRP D 409 43.22 3.13 10.40
C TRP D 409 43.77 2.08 11.36
N ALA D 410 45.02 2.22 11.79
CA ALA D 410 45.63 1.25 12.71
C ALA D 410 44.92 1.16 14.06
N GLU D 411 44.20 2.21 14.42
CA GLU D 411 43.47 2.25 15.68
C GLU D 411 42.16 1.45 15.61
N GLY D 412 41.78 1.07 14.41
CA GLY D 412 40.55 0.32 14.24
C GLY D 412 39.36 1.24 14.43
N TYR D 413 38.28 0.70 14.99
CA TYR D 413 37.06 1.49 15.21
C TYR D 413 36.96 2.13 16.59
N GLY D 414 37.91 1.81 17.47
CA GLY D 414 37.91 2.33 18.83
C GLY D 414 37.95 3.84 19.01
N MET D 415 38.65 4.55 18.12
CA MET D 415 38.76 5.99 18.22
C MET D 415 37.70 6.69 17.37
N ARG D 416 36.88 7.53 17.99
CA ARG D 416 35.80 8.22 17.32
C ARG D 416 36.09 9.71 17.05
N PHE D 417 36.06 10.09 15.77
CA PHE D 417 36.33 11.47 15.34
C PHE D 417 35.11 12.19 14.76
N GLY D 418 34.02 11.48 14.56
CA GLY D 418 32.86 12.07 13.94
C GLY D 418 31.85 12.90 14.71
N LEU D 419 31.03 13.63 13.95
CA LEU D 419 29.96 14.46 14.48
C LEU D 419 28.73 13.58 14.63
N VAL D 420 28.72 12.47 13.89
CA VAL D 420 27.62 11.52 13.90
C VAL D 420 28.14 10.20 14.47
N HIS D 421 27.48 9.71 15.52
CA HIS D 421 27.86 8.46 16.14
C HIS D 421 27.42 7.27 15.30
N VAL D 422 28.33 6.33 15.09
CA VAL D 422 28.02 5.14 14.32
C VAL D 422 28.24 3.92 15.19
N ASP D 423 27.19 3.13 15.40
CA ASP D 423 27.30 1.91 16.18
C ASP D 423 27.72 0.87 15.16
N TYR D 424 28.98 0.44 15.21
CA TYR D 424 29.51 -0.52 14.25
C TYR D 424 28.86 -1.91 14.22
N ASP D 425 28.16 -2.28 15.28
CA ASP D 425 27.50 -3.57 15.32
C ASP D 425 26.15 -3.53 14.61
N THR D 426 25.44 -2.42 14.78
CA THR D 426 24.13 -2.23 14.18
C THR D 426 24.14 -1.23 13.01
N LEU D 427 25.28 -0.59 12.79
CA LEU D 427 25.46 0.41 11.75
C LEU D 427 24.49 1.58 11.85
N VAL D 428 23.88 1.75 13.02
CA VAL D 428 22.93 2.83 13.25
C VAL D 428 23.68 4.14 13.47
N ARG D 429 23.24 5.19 12.80
CA ARG D 429 23.85 6.50 12.91
C ARG D 429 23.00 7.45 13.75
N THR D 430 23.63 8.07 14.74
CA THR D 430 22.96 9.00 15.63
C THR D 430 23.75 10.30 15.71
N PRO D 431 23.16 11.42 15.28
CA PRO D 431 23.87 12.70 15.34
C PRO D 431 24.21 13.07 16.78
N LYS D 432 25.46 13.42 17.03
CA LYS D 432 25.92 13.80 18.36
C LYS D 432 25.56 15.26 18.62
N ASP D 433 25.81 15.73 19.84
CA ASP D 433 25.51 17.12 20.18
C ASP D 433 26.37 18.07 19.36
N SER D 434 27.59 17.62 19.04
CA SER D 434 28.51 18.42 18.24
C SER D 434 27.96 18.67 16.85
N PHE D 435 27.19 17.71 16.34
CA PHE D 435 26.58 17.81 15.02
C PHE D 435 25.66 19.03 15.00
N TYR D 436 24.73 19.05 15.95
CA TYR D 436 23.78 20.14 16.08
C TYR D 436 24.45 21.47 16.38
N TRP D 437 25.56 21.41 17.12
CA TRP D 437 26.31 22.61 17.46
C TRP D 437 26.95 23.19 16.20
N TYR D 438 27.69 22.35 15.48
CA TYR D 438 28.36 22.76 14.26
C TYR D 438 27.33 23.30 13.26
N LYS D 439 26.17 22.66 13.23
CA LYS D 439 25.09 23.07 12.34
C LYS D 439 24.74 24.52 12.61
N GLY D 440 24.63 24.86 13.89
CA GLY D 440 24.29 26.21 14.29
C GLY D 440 25.37 27.22 13.93
N VAL D 441 26.63 26.82 14.06
CA VAL D 441 27.76 27.69 13.72
C VAL D 441 27.71 28.01 12.23
N ILE D 442 27.46 26.99 11.42
CA ILE D 442 27.38 27.13 9.97
C ILE D 442 26.23 28.07 9.60
N SER D 443 25.10 27.88 10.26
CA SER D 443 23.91 28.69 10.01
C SER D 443 24.14 30.17 10.33
N ARG D 444 24.68 30.44 11.52
CA ARG D 444 24.93 31.80 11.96
C ARG D 444 26.06 32.46 11.17
N GLY D 445 27.16 31.74 11.00
CA GLY D 445 28.31 32.28 10.30
C GLY D 445 29.27 32.91 11.28
N TRP D 446 28.92 32.85 12.56
CA TRP D 446 29.74 33.41 13.62
C TRP D 446 29.64 32.54 14.86
N LEU D 447 30.41 32.89 15.89
CA LEU D 447 30.42 32.11 17.11
C LEU D 447 30.43 32.98 18.35
N ASP D 448 29.43 32.80 19.21
CA ASP D 448 29.33 33.57 20.45
C ASP D 448 29.91 32.73 21.59
N LEU D 449 31.22 32.86 21.79
CA LEU D 449 31.92 32.09 22.82
C LEU D 449 32.86 33.01 23.59
N SER E 1 33.83 -28.28 49.34
CA SER E 1 34.82 -29.39 49.49
C SER E 1 35.87 -28.97 50.52
N ILE E 2 36.16 -29.86 51.46
CA ILE E 2 37.13 -29.56 52.51
C ILE E 2 38.57 -29.87 52.16
N HIS E 3 39.37 -28.80 52.13
CA HIS E 3 40.79 -28.88 51.81
C HIS E 3 41.53 -28.78 53.14
N MET E 4 42.01 -29.93 53.61
CA MET E 4 42.70 -30.03 54.88
C MET E 4 44.19 -29.66 54.83
N PHE E 5 44.69 -29.19 55.96
CA PHE E 5 46.09 -28.83 56.12
C PHE E 5 46.60 -29.46 57.42
N PRO E 6 47.86 -29.93 57.42
CA PRO E 6 48.48 -30.56 58.59
C PRO E 6 48.38 -29.69 59.84
N SER E 7 48.26 -30.35 61.00
CA SER E 7 48.15 -29.65 62.28
C SER E 7 49.35 -28.74 62.54
N ASP E 8 50.54 -29.19 62.14
CA ASP E 8 51.77 -28.44 62.32
C ASP E 8 52.13 -27.55 61.13
N PHE E 9 51.14 -27.22 60.31
CA PHE E 9 51.36 -26.38 59.13
C PHE E 9 51.71 -24.97 59.57
N LYS E 10 52.76 -24.40 59.00
CA LYS E 10 53.19 -23.06 59.36
C LYS E 10 52.51 -21.98 58.55
N TRP E 11 51.45 -21.40 59.11
CA TRP E 11 50.72 -20.33 58.47
C TRP E 11 51.44 -19.02 58.74
N GLY E 12 51.65 -18.23 57.69
CA GLY E 12 52.33 -16.97 57.88
C GLY E 12 52.03 -15.92 56.83
N VAL E 13 52.75 -14.80 56.93
CA VAL E 13 52.59 -13.69 56.00
C VAL E 13 53.98 -13.06 55.88
N ALA E 14 54.26 -12.37 54.78
CA ALA E 14 55.57 -11.79 54.57
C ALA E 14 55.61 -10.33 54.12
N THR E 15 56.75 -9.69 54.36
CA THR E 15 57.00 -8.31 53.98
C THR E 15 58.47 -8.18 53.57
N ALA E 16 58.88 -6.97 53.22
CA ALA E 16 60.27 -6.72 52.83
C ALA E 16 60.68 -5.34 53.37
N ALA E 17 61.91 -5.27 53.87
CA ALA E 17 62.46 -4.05 54.46
C ALA E 17 62.16 -2.74 53.73
N TYR E 18 62.72 -2.56 52.54
CA TYR E 18 62.52 -1.34 51.80
C TYR E 18 61.07 -1.08 51.38
N GLN E 19 60.26 -2.11 51.35
CA GLN E 19 58.87 -1.98 50.95
C GLN E 19 57.95 -1.43 52.04
N ILE E 20 58.28 -1.65 53.31
CA ILE E 20 57.42 -1.19 54.41
C ILE E 20 58.05 -0.28 55.47
N GLU E 21 59.31 -0.51 55.77
CA GLU E 21 60.02 0.24 56.82
C GLU E 21 59.96 1.77 56.83
N GLY E 22 60.45 2.38 55.76
CA GLY E 22 60.48 3.84 55.72
C GLY E 22 61.68 4.28 56.53
N ALA E 23 61.71 5.55 56.94
CA ALA E 23 62.83 6.08 57.73
C ALA E 23 64.16 5.69 57.08
N TYR E 24 64.24 5.90 55.77
CA TYR E 24 65.41 5.55 54.99
C TYR E 24 66.65 6.36 55.38
N ASN E 25 66.43 7.58 55.84
CA ASN E 25 67.52 8.47 56.22
C ASN E 25 67.52 8.75 57.72
N GLU E 26 67.24 7.72 58.51
CA GLU E 26 67.20 7.86 59.95
C GLU E 26 68.09 6.88 60.69
N ASP E 27 68.47 7.27 61.90
CA ASP E 27 69.31 6.45 62.78
C ASP E 27 70.52 5.84 62.09
N GLY E 28 71.16 6.65 61.25
CA GLY E 28 72.36 6.22 60.54
C GLY E 28 72.23 5.17 59.46
N ARG E 29 71.04 5.04 58.87
CA ARG E 29 70.85 4.06 57.80
C ARG E 29 71.53 4.57 56.53
N GLY E 30 72.28 3.68 55.87
CA GLY E 30 72.95 4.03 54.64
C GLY E 30 72.01 3.83 53.47
N MET E 31 72.30 4.48 52.35
CA MET E 31 71.46 4.35 51.17
C MET E 31 71.69 2.99 50.51
N SER E 32 70.65 2.47 49.89
CA SER E 32 70.73 1.20 49.19
C SER E 32 70.59 1.52 47.71
N ILE E 33 70.77 0.51 46.86
CA ILE E 33 70.64 0.71 45.42
C ILE E 33 69.22 1.13 45.07
N TRP E 34 68.26 0.74 45.91
CA TRP E 34 66.86 1.09 45.69
C TRP E 34 66.53 2.51 46.09
N ASP E 35 67.24 3.05 47.07
CA ASP E 35 67.01 4.44 47.48
C ASP E 35 67.46 5.28 46.30
N THR E 36 68.62 4.93 45.76
CA THR E 36 69.20 5.61 44.62
C THR E 36 68.30 5.50 43.39
N PHE E 37 67.91 4.26 43.07
CA PHE E 37 67.04 3.97 41.94
C PHE E 37 65.74 4.75 42.00
N ALA E 38 65.05 4.63 43.14
CA ALA E 38 63.77 5.30 43.35
C ALA E 38 63.88 6.82 43.26
N HIS E 39 65.02 7.34 43.70
CA HIS E 39 65.25 8.79 43.67
C HIS E 39 65.60 9.28 42.27
N THR E 40 65.95 8.35 41.39
CA THR E 40 66.30 8.69 40.01
C THR E 40 65.03 8.92 39.18
N PRO E 41 64.88 10.12 38.61
CA PRO E 41 63.72 10.47 37.79
C PRO E 41 63.47 9.47 36.67
N GLY E 42 62.23 9.00 36.57
CA GLY E 42 61.88 8.06 35.51
C GLY E 42 62.09 6.59 35.80
N LYS E 43 62.71 6.27 36.93
CA LYS E 43 62.95 4.88 37.29
C LYS E 43 61.76 4.21 37.95
N VAL E 44 61.03 4.96 38.77
CA VAL E 44 59.85 4.43 39.44
C VAL E 44 58.62 5.22 39.04
N LYS E 45 57.50 4.52 38.91
CA LYS E 45 56.23 5.14 38.53
C LYS E 45 55.84 6.28 39.46
N ASN E 46 55.53 7.42 38.87
CA ASN E 46 55.12 8.63 39.60
C ASN E 46 56.23 9.26 40.44
N GLY E 47 57.41 8.63 40.44
CA GLY E 47 58.51 9.15 41.21
C GLY E 47 58.42 8.72 42.66
N ASP E 48 57.73 7.61 42.91
CA ASP E 48 57.56 7.08 44.24
C ASP E 48 58.85 6.49 44.78
N ASN E 49 58.97 6.43 46.10
CA ASN E 49 60.16 5.88 46.75
C ASN E 49 59.82 5.36 48.13
N GLY E 50 60.70 4.52 48.68
CA GLY E 50 60.47 3.96 50.00
C GLY E 50 60.93 4.82 51.15
N ASN E 51 60.94 6.15 50.96
CA ASN E 51 61.35 7.07 52.01
C ASN E 51 60.52 6.87 53.28
N VAL E 52 59.20 6.81 53.10
CA VAL E 52 58.29 6.63 54.23
C VAL E 52 57.61 5.27 54.18
N ALA E 53 57.16 4.88 52.99
CA ALA E 53 56.49 3.60 52.78
C ALA E 53 55.31 3.43 53.74
N CYS E 54 55.39 2.45 54.65
CA CYS E 54 54.33 2.20 55.62
C CYS E 54 54.75 2.68 57.00
N ASP E 55 55.98 3.21 57.08
CA ASP E 55 56.54 3.73 58.31
C ASP E 55 56.64 2.67 59.40
N SER E 56 56.80 1.41 59.00
CA SER E 56 56.91 0.30 59.94
C SER E 56 58.10 0.39 60.88
N TYR E 57 59.06 1.24 60.54
CA TYR E 57 60.25 1.43 61.36
C TYR E 57 59.85 2.05 62.70
N HIS E 58 58.80 2.88 62.65
CA HIS E 58 58.30 3.55 63.84
C HIS E 58 57.00 2.92 64.33
N ARG E 59 56.60 1.81 63.72
CA ARG E 59 55.36 1.16 64.10
C ARG E 59 55.49 -0.33 64.36
N VAL E 60 56.49 -0.70 65.16
CA VAL E 60 56.73 -2.11 65.50
C VAL E 60 55.50 -2.69 66.19
N GLU E 61 54.97 -1.94 67.15
CA GLU E 61 53.79 -2.36 67.90
C GLU E 61 52.60 -2.59 66.99
N GLU E 62 52.38 -1.68 66.06
CA GLU E 62 51.26 -1.78 65.13
C GLU E 62 51.41 -2.99 64.20
N ASP E 63 52.64 -3.25 63.73
CA ASP E 63 52.91 -4.38 62.86
C ASP E 63 52.57 -5.68 63.57
N VAL E 64 53.15 -5.85 64.75
CA VAL E 64 52.94 -7.05 65.56
C VAL E 64 51.47 -7.24 65.92
N GLN E 65 50.76 -6.14 66.14
CA GLN E 65 49.35 -6.22 66.49
C GLN E 65 48.56 -6.82 65.34
N LEU E 66 48.87 -6.40 64.12
CA LEU E 66 48.21 -6.93 62.93
C LEU E 66 48.51 -8.41 62.84
N LEU E 67 49.75 -8.78 63.14
CA LEU E 67 50.20 -10.16 63.09
C LEU E 67 49.49 -11.06 64.08
N LYS E 68 49.30 -10.60 65.31
CA LYS E 68 48.61 -11.42 66.29
C LYS E 68 47.11 -11.44 66.05
N ASP E 69 46.59 -10.39 65.41
CA ASP E 69 45.17 -10.32 65.09
C ASP E 69 44.89 -11.32 63.96
N LEU E 70 45.85 -11.45 63.05
CA LEU E 70 45.73 -12.37 61.92
C LEU E 70 45.85 -13.82 62.38
N GLY E 71 46.49 -14.02 63.53
CA GLY E 71 46.67 -15.36 64.06
C GLY E 71 47.80 -16.11 63.41
N VAL E 72 48.67 -15.36 62.73
CA VAL E 72 49.82 -15.92 62.03
C VAL E 72 50.81 -16.60 62.99
N LYS E 73 51.33 -17.74 62.56
CA LYS E 73 52.30 -18.49 63.37
C LYS E 73 53.73 -18.18 62.96
N VAL E 74 53.90 -17.67 61.75
CA VAL E 74 55.22 -17.32 61.23
C VAL E 74 55.16 -15.98 60.52
N TYR E 75 56.19 -15.16 60.71
CA TYR E 75 56.25 -13.87 60.06
C TYR E 75 57.58 -13.76 59.32
N ARG E 76 57.52 -13.59 58.00
CA ARG E 76 58.72 -13.46 57.21
C ARG E 76 58.99 -12.00 56.88
N PHE E 77 60.17 -11.54 57.26
CA PHE E 77 60.58 -10.15 57.01
C PHE E 77 62.05 -10.19 56.59
N SER E 78 62.56 -9.06 56.14
CA SER E 78 63.96 -8.99 55.73
C SER E 78 64.73 -7.92 56.50
N ILE E 79 66.05 -8.08 56.53
CA ILE E 79 66.93 -7.15 57.22
C ILE E 79 67.49 -6.18 56.20
N SER E 80 67.40 -4.88 56.49
CA SER E 80 67.95 -3.87 55.60
C SER E 80 69.45 -3.81 55.85
N TRP E 81 70.21 -4.37 54.91
CA TRP E 81 71.67 -4.41 55.01
C TRP E 81 72.27 -3.03 55.35
N PRO E 82 71.89 -1.97 54.61
CA PRO E 82 72.42 -0.63 54.89
C PRO E 82 72.05 -0.07 56.26
N ARG E 83 71.06 -0.67 56.91
CA ARG E 83 70.64 -0.21 58.23
C ARG E 83 71.51 -0.76 59.35
N VAL E 84 72.14 -1.91 59.11
CA VAL E 84 73.02 -2.53 60.12
C VAL E 84 74.49 -2.29 59.80
N LEU E 85 74.79 -2.14 58.51
CA LEU E 85 76.14 -1.88 58.02
C LEU E 85 75.95 -0.88 56.89
N PRO E 86 75.87 0.42 57.23
CA PRO E 86 75.68 1.52 56.28
C PRO E 86 76.59 1.50 55.06
N GLN E 87 77.81 1.02 55.23
CA GLN E 87 78.78 0.95 54.14
C GLN E 87 78.87 -0.47 53.57
N GLY E 88 78.00 -1.34 54.07
CA GLY E 88 77.98 -2.72 53.62
C GLY E 88 78.98 -3.56 54.39
N THR E 89 79.99 -2.90 54.92
CA THR E 89 81.03 -3.56 55.69
C THR E 89 81.65 -2.56 56.67
N GLY E 90 82.29 -3.09 57.71
CA GLY E 90 82.94 -2.24 58.69
C GLY E 90 82.07 -1.80 59.85
N GLU E 91 81.90 -0.49 59.97
CA GLU E 91 81.12 0.11 61.05
C GLU E 91 79.71 -0.44 61.19
N VAL E 92 79.41 -0.95 62.37
CA VAL E 92 78.10 -1.52 62.66
C VAL E 92 77.17 -0.47 63.27
N ASN E 93 76.02 -0.27 62.64
CA ASN E 93 75.03 0.69 63.12
C ASN E 93 74.11 0.00 64.11
N ARG E 94 74.43 0.12 65.39
CA ARG E 94 73.64 -0.51 66.45
C ARG E 94 72.18 -0.04 66.52
N ALA E 95 71.92 1.18 66.07
CA ALA E 95 70.57 1.71 66.08
C ALA E 95 69.67 0.85 65.18
N GLY E 96 70.24 0.40 64.06
CA GLY E 96 69.51 -0.44 63.14
C GLY E 96 69.22 -1.80 63.75
N LEU E 97 70.26 -2.42 64.31
CA LEU E 97 70.12 -3.72 64.95
C LEU E 97 69.12 -3.68 66.10
N ASP E 98 69.05 -2.53 66.78
CA ASP E 98 68.12 -2.35 67.89
C ASP E 98 66.69 -2.54 67.40
N TYR E 99 66.39 -1.99 66.23
CA TYR E 99 65.06 -2.09 65.64
C TYR E 99 64.69 -3.55 65.40
N TYR E 100 65.58 -4.28 64.75
CA TYR E 100 65.33 -5.69 64.46
C TYR E 100 65.20 -6.53 65.71
N HIS E 101 65.96 -6.17 66.75
CA HIS E 101 65.88 -6.90 68.01
C HIS E 101 64.53 -6.63 68.67
N ARG E 102 64.09 -5.38 68.59
CA ARG E 102 62.81 -4.96 69.17
C ARG E 102 61.66 -5.69 68.47
N LEU E 103 61.76 -5.79 67.15
CA LEU E 103 60.75 -6.46 66.33
C LEU E 103 60.70 -7.95 66.68
N VAL E 104 61.86 -8.60 66.62
CA VAL E 104 61.96 -10.02 66.92
C VAL E 104 61.48 -10.34 68.33
N ASP E 105 61.80 -9.47 69.28
CA ASP E 105 61.38 -9.67 70.67
C ASP E 105 59.86 -9.65 70.79
N GLU E 106 59.24 -8.70 70.09
CA GLU E 106 57.79 -8.57 70.10
C GLU E 106 57.15 -9.80 69.47
N LEU E 107 57.72 -10.27 68.37
CA LEU E 107 57.22 -11.44 67.68
C LEU E 107 57.24 -12.63 68.65
N LEU E 108 58.42 -12.90 69.20
CA LEU E 108 58.60 -13.99 70.15
C LEU E 108 57.67 -13.88 71.34
N ALA E 109 57.48 -12.67 71.83
CA ALA E 109 56.61 -12.41 72.98
C ALA E 109 55.15 -12.73 72.68
N ASN E 110 54.78 -12.72 71.40
CA ASN E 110 53.41 -13.02 71.00
C ASN E 110 53.26 -14.36 70.30
N GLY E 111 54.26 -15.23 70.46
CA GLY E 111 54.21 -16.55 69.87
C GLY E 111 54.33 -16.62 68.35
N ILE E 112 54.96 -15.61 67.76
CA ILE E 112 55.13 -15.56 66.32
C ILE E 112 56.58 -15.91 65.97
N GLU E 113 56.76 -16.95 65.17
CA GLU E 113 58.07 -17.42 64.75
C GLU E 113 58.66 -16.53 63.65
N PRO E 114 59.84 -15.94 63.90
CA PRO E 114 60.50 -15.07 62.94
C PRO E 114 61.14 -15.88 61.80
N PHE E 115 60.93 -15.41 60.58
CA PHE E 115 61.47 -16.05 59.39
C PHE E 115 62.26 -14.91 58.75
N CYS E 116 63.54 -14.82 59.09
CA CYS E 116 64.39 -13.75 58.60
C CYS E 116 64.99 -13.96 57.22
N THR E 117 64.91 -12.90 56.40
CA THR E 117 65.45 -12.91 55.05
C THR E 117 66.60 -11.90 55.04
N LEU E 118 67.82 -12.42 54.89
CA LEU E 118 69.01 -11.58 54.87
C LEU E 118 69.05 -10.56 53.75
N TYR E 119 68.84 -11.01 52.51
CA TYR E 119 68.90 -10.10 51.38
C TYR E 119 67.64 -10.05 50.53
N HIS E 120 67.05 -8.87 50.45
CA HIS E 120 65.85 -8.66 49.65
C HIS E 120 66.04 -7.45 48.74
N TRP E 121 67.10 -7.51 47.94
CA TRP E 121 67.44 -6.49 46.94
C TRP E 121 68.02 -5.15 47.38
N ASP E 122 68.00 -4.85 48.67
CA ASP E 122 68.53 -3.58 49.16
C ASP E 122 70.05 -3.52 49.42
N LEU E 123 70.84 -3.77 48.38
CA LEU E 123 72.30 -3.73 48.49
C LEU E 123 72.78 -2.32 48.83
N PRO E 124 73.70 -2.20 49.80
CA PRO E 124 74.23 -0.90 50.20
C PRO E 124 74.88 -0.21 49.00
N GLN E 125 74.53 1.05 48.78
CA GLN E 125 75.08 1.82 47.67
C GLN E 125 76.60 1.84 47.68
N ALA E 126 77.19 1.83 48.87
CA ALA E 126 78.64 1.84 49.01
C ALA E 126 79.28 0.66 48.28
N LEU E 127 78.64 -0.50 48.38
CA LEU E 127 79.14 -1.71 47.72
C LEU E 127 78.87 -1.63 46.22
N GLN E 128 77.75 -1.01 45.86
CA GLN E 128 77.39 -0.86 44.45
C GLN E 128 78.40 0.03 43.75
N ASP E 129 78.93 1.02 44.48
CA ASP E 129 79.92 1.93 43.95
C ASP E 129 81.20 1.18 43.61
N GLN E 130 81.42 0.05 44.29
CA GLN E 130 82.59 -0.80 44.09
C GLN E 130 82.31 -1.89 43.05
N GLY E 131 81.17 -1.78 42.38
CA GLY E 131 80.81 -2.77 41.37
C GLY E 131 79.59 -3.60 41.72
N GLY E 132 79.15 -3.50 42.97
CA GLY E 132 77.99 -4.25 43.42
C GLY E 132 78.20 -5.74 43.29
N TRP E 133 77.14 -6.47 42.99
CA TRP E 133 77.21 -7.91 42.84
C TRP E 133 78.04 -8.36 41.64
N GLY E 134 78.54 -7.40 40.87
CA GLY E 134 79.36 -7.73 39.72
C GLY E 134 80.78 -8.01 40.17
N SER E 135 81.11 -7.54 41.37
CA SER E 135 82.43 -7.73 41.96
C SER E 135 82.42 -8.79 43.04
N ARG E 136 83.47 -9.61 43.10
CA ARG E 136 83.58 -10.67 44.10
C ARG E 136 83.76 -10.11 45.51
N ILE E 137 84.11 -8.82 45.60
CA ILE E 137 84.31 -8.15 46.87
C ILE E 137 83.01 -8.18 47.67
N THR E 138 81.89 -8.04 46.96
CA THR E 138 80.58 -8.06 47.60
C THR E 138 80.28 -9.40 48.25
N ILE E 139 80.88 -10.47 47.73
CA ILE E 139 80.68 -11.80 48.29
C ILE E 139 81.23 -11.80 49.72
N ASP E 140 82.37 -11.15 49.91
CA ASP E 140 83.00 -11.04 51.22
C ASP E 140 82.10 -10.23 52.14
N ALA E 141 81.64 -9.09 51.62
CA ALA E 141 80.76 -8.19 52.37
C ALA E 141 79.52 -8.92 52.87
N PHE E 142 78.93 -9.76 52.02
CA PHE E 142 77.73 -10.50 52.40
C PHE E 142 78.05 -11.53 53.47
N ALA E 143 79.22 -12.14 53.38
CA ALA E 143 79.65 -13.15 54.35
C ALA E 143 79.79 -12.49 55.72
N GLU E 144 80.31 -11.26 55.73
CA GLU E 144 80.50 -10.50 56.95
C GLU E 144 79.14 -10.13 57.52
N TYR E 145 78.26 -9.69 56.62
CA TYR E 145 76.90 -9.30 56.95
C TYR E 145 76.12 -10.48 57.54
N ALA E 146 76.19 -11.62 56.87
CA ALA E 146 75.50 -12.83 57.32
C ALA E 146 75.96 -13.23 58.71
N GLU E 147 77.27 -13.29 58.90
CA GLU E 147 77.85 -13.65 60.19
C GLU E 147 77.37 -12.73 61.30
N LEU E 148 77.31 -11.43 60.99
CA LEU E 148 76.85 -10.44 61.96
C LEU E 148 75.43 -10.73 62.41
N MET E 149 74.53 -10.92 61.45
CA MET E 149 73.13 -11.20 61.76
C MET E 149 72.95 -12.52 62.48
N PHE E 150 73.73 -13.51 62.10
CA PHE E 150 73.66 -14.83 62.74
C PHE E 150 74.04 -14.72 64.21
N LYS E 151 75.03 -13.90 64.50
CA LYS E 151 75.48 -13.71 65.88
C LYS E 151 74.51 -12.83 66.66
N GLU E 152 73.95 -11.83 66.00
CA GLU E 152 73.01 -10.92 66.64
C GLU E 152 71.64 -11.54 66.92
N LEU E 153 70.95 -11.95 65.86
CA LEU E 153 69.61 -12.51 65.98
C LEU E 153 69.55 -14.03 65.92
N GLY E 154 70.67 -14.69 65.69
CA GLY E 154 70.70 -16.14 65.60
C GLY E 154 70.13 -16.91 66.77
N GLY E 155 70.14 -16.29 67.95
CA GLY E 155 69.61 -16.96 69.13
C GLY E 155 68.10 -16.90 69.23
N LYS E 156 67.49 -15.97 68.50
CA LYS E 156 66.05 -15.79 68.52
C LYS E 156 65.39 -16.29 67.23
N ILE E 157 66.12 -16.20 66.13
CA ILE E 157 65.64 -16.62 64.82
C ILE E 157 66.16 -17.99 64.41
N LYS E 158 65.24 -18.90 64.10
CA LYS E 158 65.59 -20.26 63.69
C LYS E 158 65.15 -20.56 62.25
N GLN E 159 64.81 -19.50 61.51
CA GLN E 159 64.36 -19.64 60.12
C GLN E 159 65.09 -18.58 59.32
N TRP E 160 66.05 -18.98 58.49
CA TRP E 160 66.83 -18.03 57.71
C TRP E 160 66.78 -18.27 56.21
N ILE E 161 66.72 -17.17 55.46
CA ILE E 161 66.71 -17.20 54.00
C ILE E 161 67.82 -16.26 53.59
N THR E 162 68.75 -16.76 52.78
CA THR E 162 69.86 -15.94 52.32
C THR E 162 69.41 -14.88 51.32
N PHE E 163 68.98 -15.34 50.15
CA PHE E 163 68.52 -14.43 49.10
C PHE E 163 67.09 -14.71 48.70
N ASN E 164 66.34 -13.65 48.47
CA ASN E 164 64.95 -13.77 48.06
C ASN E 164 64.84 -13.40 46.58
N GLU E 165 64.33 -14.33 45.79
CA GLU E 165 64.13 -14.16 44.36
C GLU E 165 65.40 -13.72 43.64
N PRO E 166 66.40 -14.62 43.56
CA PRO E 166 67.68 -14.38 42.91
C PRO E 166 67.57 -13.88 41.47
N TRP E 167 66.62 -14.43 40.73
CA TRP E 167 66.42 -14.03 39.33
C TRP E 167 66.07 -12.55 39.23
N CYS E 168 65.19 -12.08 40.12
CA CYS E 168 64.77 -10.68 40.11
C CYS E 168 65.93 -9.74 40.38
N MET E 169 66.71 -10.03 41.43
CA MET E 169 67.85 -9.18 41.78
C MET E 169 69.01 -9.29 40.77
N ALA E 170 69.04 -10.39 40.02
CA ALA E 170 70.08 -10.61 39.03
C ALA E 170 69.69 -10.20 37.62
N PHE E 171 68.78 -10.95 37.00
CA PHE E 171 68.34 -10.68 35.64
C PHE E 171 67.41 -9.48 35.44
N LEU E 172 66.36 -9.37 36.23
CA LEU E 172 65.44 -8.24 36.09
C LEU E 172 66.13 -6.93 36.41
N SER E 173 67.17 -6.99 37.23
CA SER E 173 67.91 -5.82 37.65
C SER E 173 69.11 -5.46 36.78
N ASN E 174 69.89 -6.47 36.39
CA ASN E 174 71.09 -6.24 35.58
C ASN E 174 71.00 -6.63 34.11
N TYR E 175 69.92 -7.30 33.72
CA TYR E 175 69.74 -7.72 32.34
C TYR E 175 68.60 -6.95 31.66
N LEU E 176 67.46 -6.85 32.35
CA LEU E 176 66.30 -6.15 31.80
C LEU E 176 66.27 -4.68 32.22
N GLY E 177 67.05 -4.33 33.23
CA GLY E 177 67.12 -2.96 33.71
C GLY E 177 65.85 -2.38 34.31
N VAL E 178 64.95 -3.24 34.77
CA VAL E 178 63.70 -2.79 35.36
C VAL E 178 63.85 -2.52 36.85
N HIS E 179 64.75 -3.25 37.50
CA HIS E 179 65.00 -3.08 38.93
C HIS E 179 66.43 -2.60 39.17
N ALA E 180 66.66 -2.04 40.35
CA ALA E 180 67.98 -1.53 40.73
C ALA E 180 69.03 -2.64 40.66
N PRO E 181 70.24 -2.33 40.18
CA PRO E 181 70.78 -1.05 39.68
C PRO E 181 70.18 -0.54 38.39
N GLY E 182 69.62 -1.43 37.58
CA GLY E 182 69.02 -1.02 36.33
C GLY E 182 69.94 -1.16 35.13
N ASN E 183 70.69 -2.25 35.09
CA ASN E 183 71.63 -2.50 34.00
C ASN E 183 71.00 -3.42 32.95
N LYS E 184 71.58 -3.42 31.76
CA LYS E 184 71.11 -4.26 30.65
C LYS E 184 72.32 -4.97 30.06
N ASP E 185 72.73 -6.05 30.72
CA ASP E 185 73.88 -6.84 30.31
C ASP E 185 73.63 -8.27 30.78
N LEU E 186 73.44 -9.18 29.84
CA LEU E 186 73.18 -10.58 30.15
C LEU E 186 74.33 -11.19 30.95
N GLN E 187 75.56 -10.97 30.49
CA GLN E 187 76.74 -11.52 31.17
C GLN E 187 76.83 -11.01 32.61
N LEU E 188 76.56 -9.73 32.81
CA LEU E 188 76.62 -9.15 34.14
C LEU E 188 75.59 -9.82 35.04
N ALA E 189 74.41 -10.08 34.47
CA ALA E 189 73.33 -10.73 35.21
C ALA E 189 73.78 -12.13 35.62
N ILE E 190 74.53 -12.78 34.73
CA ILE E 190 75.03 -14.12 34.99
C ILE E 190 76.15 -14.06 36.05
N ASP E 191 76.92 -12.97 36.02
CA ASP E 191 77.99 -12.77 36.99
C ASP E 191 77.37 -12.63 38.37
N VAL E 192 76.36 -11.76 38.46
CA VAL E 192 75.65 -11.50 39.70
C VAL E 192 75.04 -12.78 40.25
N SER E 193 74.44 -13.57 39.36
CA SER E 193 73.83 -14.83 39.75
C SER E 193 74.85 -15.76 40.39
N HIS E 194 76.06 -15.77 39.82
CA HIS E 194 77.12 -16.62 40.34
C HIS E 194 77.63 -16.12 41.69
N HIS E 195 77.89 -14.82 41.78
CA HIS E 195 78.40 -14.23 43.02
C HIS E 195 77.43 -14.32 44.19
N LEU E 196 76.13 -14.20 43.93
CA LEU E 196 75.14 -14.29 44.99
C LEU E 196 75.08 -15.73 45.50
N LEU E 197 75.28 -16.69 44.60
CA LEU E 197 75.26 -18.10 44.96
C LEU E 197 76.47 -18.44 45.83
N VAL E 198 77.63 -17.87 45.51
CA VAL E 198 78.84 -18.10 46.30
C VAL E 198 78.62 -17.47 47.68
N ALA E 199 78.06 -16.26 47.70
CA ALA E 199 77.79 -15.56 48.94
C ALA E 199 76.83 -16.40 49.78
N HIS E 200 75.87 -17.04 49.12
CA HIS E 200 74.89 -17.88 49.76
C HIS E 200 75.57 -19.09 50.39
N GLY E 201 76.40 -19.77 49.60
CA GLY E 201 77.12 -20.94 50.07
C GLY E 201 77.96 -20.63 51.29
N ARG E 202 78.66 -19.51 51.24
CA ARG E 202 79.50 -19.08 52.35
C ARG E 202 78.67 -18.79 53.59
N ALA E 203 77.50 -18.20 53.37
CA ALA E 203 76.58 -17.87 54.46
C ALA E 203 76.06 -19.15 55.13
N VAL E 204 75.78 -20.16 54.31
CA VAL E 204 75.28 -21.44 54.83
C VAL E 204 76.36 -22.07 55.68
N THR E 205 77.59 -22.05 55.19
CA THR E 205 78.73 -22.62 55.90
C THR E 205 78.88 -21.94 57.26
N LEU E 206 78.80 -20.62 57.27
CA LEU E 206 78.91 -19.85 58.52
C LEU E 206 77.81 -20.25 59.49
N PHE E 207 76.59 -20.41 58.96
CA PHE E 207 75.44 -20.80 59.77
C PHE E 207 75.72 -22.11 60.47
N ARG E 208 76.34 -23.05 59.76
CA ARG E 208 76.67 -24.35 60.30
C ARG E 208 77.79 -24.25 61.34
N GLU E 209 78.84 -23.52 61.00
CA GLU E 209 80.00 -23.34 61.87
C GLU E 209 79.64 -22.66 63.19
N LEU E 210 78.74 -21.68 63.13
CA LEU E 210 78.32 -20.96 64.32
C LEU E 210 77.46 -21.83 65.23
N GLY E 211 77.13 -23.02 64.76
CA GLY E 211 76.32 -23.96 65.53
C GLY E 211 74.95 -23.47 65.91
N ILE E 212 74.49 -22.39 65.29
CA ILE E 212 73.17 -21.85 65.58
C ILE E 212 72.08 -22.78 65.06
N SER E 213 71.23 -23.24 65.98
CA SER E 213 70.15 -24.14 65.63
C SER E 213 69.13 -23.44 64.74
N GLY E 214 68.45 -24.22 63.90
CA GLY E 214 67.46 -23.66 63.02
C GLY E 214 67.59 -24.17 61.59
N GLU E 215 66.93 -23.46 60.68
CA GLU E 215 66.93 -23.81 59.27
C GLU E 215 67.41 -22.65 58.43
N ILE E 216 67.98 -22.96 57.27
CA ILE E 216 68.47 -21.95 56.35
C ILE E 216 68.26 -22.44 54.92
N GLY E 217 67.82 -21.54 54.06
CA GLY E 217 67.58 -21.90 52.68
C GLY E 217 67.60 -20.69 51.77
N ILE E 218 67.06 -20.86 50.57
CA ILE E 218 67.01 -19.79 49.59
C ILE E 218 65.60 -19.79 48.99
N ALA E 219 65.10 -18.63 48.57
CA ALA E 219 63.76 -18.55 48.02
C ALA E 219 63.68 -18.09 46.56
N PRO E 220 63.75 -19.04 45.62
CA PRO E 220 63.68 -18.70 44.20
C PRO E 220 62.24 -18.45 43.76
N ASN E 221 62.09 -17.59 42.76
CA ASN E 221 60.78 -17.29 42.20
C ASN E 221 60.71 -18.03 40.86
N THR E 222 60.95 -19.34 40.94
CA THR E 222 60.95 -20.22 39.78
C THR E 222 59.74 -20.00 38.88
N SER E 223 59.96 -19.32 37.76
CA SER E 223 58.91 -19.04 36.79
C SER E 223 58.43 -20.32 36.14
N TRP E 224 57.12 -20.50 36.08
CA TRP E 224 56.55 -21.71 35.49
C TRP E 224 55.96 -21.48 34.11
N ALA E 225 56.06 -22.48 33.24
CA ALA E 225 55.53 -22.41 31.89
C ALA E 225 55.00 -23.76 31.45
N VAL E 226 53.85 -23.73 30.80
CA VAL E 226 53.16 -24.91 30.31
C VAL E 226 53.36 -25.03 28.81
N PRO E 227 53.69 -26.24 28.32
CA PRO E 227 53.92 -26.47 26.89
C PRO E 227 52.66 -26.23 26.07
N TYR E 228 52.76 -25.35 25.09
CA TYR E 228 51.65 -25.03 24.20
C TYR E 228 51.28 -26.31 23.46
N ARG E 229 52.28 -26.90 22.81
CA ARG E 229 52.09 -28.13 22.06
C ARG E 229 52.91 -29.23 22.73
N ARG E 230 52.46 -30.47 22.58
CA ARG E 230 53.16 -31.61 23.17
C ARG E 230 54.33 -31.94 22.23
N THR E 231 55.26 -31.00 22.12
CA THR E 231 56.43 -31.15 21.26
C THR E 231 57.67 -31.04 22.13
N LYS E 232 58.72 -31.75 21.74
CA LYS E 232 59.98 -31.71 22.49
C LYS E 232 60.51 -30.29 22.58
N GLU E 233 60.48 -29.57 21.46
CA GLU E 233 60.96 -28.19 21.42
C GLU E 233 60.19 -27.25 22.34
N ASP E 234 58.89 -27.50 22.50
CA ASP E 234 58.05 -26.68 23.37
C ASP E 234 58.32 -26.99 24.84
N MET E 235 58.49 -28.29 25.12
CA MET E 235 58.75 -28.72 26.49
C MET E 235 60.11 -28.19 26.96
N GLU E 236 61.08 -28.15 26.05
CA GLU E 236 62.41 -27.64 26.36
C GLU E 236 62.35 -26.13 26.51
N ALA E 237 61.49 -25.49 25.72
CA ALA E 237 61.32 -24.05 25.76
C ALA E 237 60.75 -23.68 27.13
N CYS E 238 59.92 -24.56 27.68
CA CYS E 238 59.31 -24.34 28.97
C CYS E 238 60.30 -24.67 30.09
N LEU E 239 61.18 -25.64 29.84
CA LEU E 239 62.17 -26.03 30.83
C LEU E 239 63.15 -24.89 31.06
N ARG E 240 63.45 -24.15 30.00
CA ARG E 240 64.37 -23.01 30.11
C ARG E 240 63.77 -21.88 30.94
N VAL E 241 62.44 -21.79 30.95
CA VAL E 241 61.76 -20.75 31.72
C VAL E 241 61.99 -20.95 33.21
N ASN E 242 61.76 -22.18 33.69
CA ASN E 242 61.98 -22.48 35.11
C ASN E 242 63.47 -22.71 35.34
N GLY E 243 64.19 -22.98 34.26
CA GLY E 243 65.61 -23.22 34.35
C GLY E 243 66.45 -22.01 34.64
N TRP E 244 66.20 -20.90 33.94
CA TRP E 244 67.00 -19.70 34.15
C TRP E 244 66.58 -18.86 35.36
N SER E 245 65.45 -19.22 35.97
CA SER E 245 64.95 -18.49 37.12
C SER E 245 65.04 -19.27 38.44
N GLY E 246 65.00 -20.60 38.35
CA GLY E 246 65.07 -21.42 39.55
C GLY E 246 66.15 -22.48 39.54
N ASP E 247 66.17 -23.31 38.50
CA ASP E 247 67.16 -24.39 38.38
C ASP E 247 68.59 -23.86 38.39
N TRP E 248 68.77 -22.68 37.80
CA TRP E 248 70.08 -22.04 37.71
C TRP E 248 70.69 -21.79 39.08
N TYR E 249 69.85 -21.66 40.10
CA TYR E 249 70.32 -21.40 41.45
C TYR E 249 70.26 -22.63 42.37
N LEU E 250 69.22 -23.44 42.20
CA LEU E 250 69.05 -24.63 43.02
C LEU E 250 69.99 -25.78 42.67
N ASP E 251 70.33 -25.91 41.40
CA ASP E 251 71.23 -26.98 40.97
C ASP E 251 72.64 -26.87 41.54
N PRO E 252 73.24 -25.67 41.53
CA PRO E 252 74.60 -25.55 42.09
C PRO E 252 74.61 -25.86 43.58
N ILE E 253 73.48 -25.62 44.24
CA ILE E 253 73.32 -25.86 45.67
C ILE E 253 73.11 -27.35 45.98
N TYR E 254 72.21 -27.99 45.24
CA TYR E 254 71.89 -29.40 45.45
C TYR E 254 72.79 -30.40 44.76
N PHE E 255 73.29 -30.04 43.57
CA PHE E 255 74.13 -30.95 42.80
C PHE E 255 75.56 -30.46 42.58
N GLY E 256 75.82 -29.21 42.94
CA GLY E 256 77.16 -28.65 42.78
C GLY E 256 77.52 -28.32 41.36
N GLU E 257 76.52 -28.06 40.53
CA GLU E 257 76.73 -27.72 39.14
C GLU E 257 75.53 -26.99 38.56
N TYR E 258 75.78 -26.07 37.66
CA TYR E 258 74.71 -25.34 37.00
C TYR E 258 73.97 -26.31 36.09
N PRO E 259 72.67 -26.09 35.86
CA PRO E 259 71.91 -26.99 34.99
C PRO E 259 72.53 -27.04 33.59
N LYS E 260 72.88 -28.25 33.16
CA LYS E 260 73.51 -28.47 31.86
C LYS E 260 72.81 -27.79 30.69
N PHE E 261 71.50 -28.00 30.55
CA PHE E 261 70.77 -27.40 29.45
C PHE E 261 70.87 -25.88 29.40
N MET E 262 70.96 -25.25 30.58
CA MET E 262 71.08 -23.80 30.63
C MET E 262 72.49 -23.37 30.27
N LEU E 263 73.47 -24.13 30.75
CA LEU E 263 74.88 -23.84 30.46
C LEU E 263 75.10 -23.84 28.95
N ASP E 264 74.59 -24.87 28.30
CA ASP E 264 74.73 -25.02 26.85
C ASP E 264 74.02 -23.88 26.11
N TRP E 265 72.86 -23.47 26.61
CA TRP E 265 72.09 -22.40 26.00
C TRP E 265 72.87 -21.10 26.04
N TYR E 266 73.40 -20.76 27.20
CA TYR E 266 74.17 -19.53 27.38
C TYR E 266 75.48 -19.60 26.61
N GLU E 267 76.11 -20.77 26.66
CA GLU E 267 77.38 -21.00 25.98
C GLU E 267 77.27 -20.74 24.48
N ASN E 268 76.18 -21.22 23.88
CA ASN E 268 75.95 -21.05 22.46
C ASN E 268 75.78 -19.56 22.12
N LEU E 269 75.36 -18.78 23.12
CA LEU E 269 75.16 -17.35 22.96
C LEU E 269 76.44 -16.59 23.32
N GLY E 270 77.42 -17.32 23.87
CA GLY E 270 78.68 -16.71 24.26
C GLY E 270 78.68 -16.18 25.68
N TYR E 271 77.99 -16.89 26.57
CA TYR E 271 77.90 -16.49 27.98
C TYR E 271 78.22 -17.65 28.89
N LYS E 272 78.99 -17.36 29.94
CA LYS E 272 79.40 -18.36 30.90
C LYS E 272 79.55 -17.73 32.28
N PRO E 273 79.18 -18.46 33.34
CA PRO E 273 79.30 -17.94 34.70
C PRO E 273 80.78 -17.85 35.07
N PRO E 274 81.19 -16.74 35.71
CA PRO E 274 82.58 -16.50 36.12
C PRO E 274 82.98 -17.41 37.28
N ILE E 275 83.05 -18.70 36.99
CA ILE E 275 83.41 -19.70 38.00
C ILE E 275 84.90 -19.70 38.31
N VAL E 276 85.23 -19.32 39.54
CA VAL E 276 86.62 -19.32 40.00
C VAL E 276 86.76 -20.69 40.69
N ASP E 277 87.89 -21.34 40.47
CA ASP E 277 88.13 -22.66 41.06
C ASP E 277 87.78 -22.71 42.54
N GLY E 278 86.91 -23.64 42.90
CA GLY E 278 86.49 -23.79 44.28
C GLY E 278 85.09 -23.27 44.55
N ASP E 279 84.63 -22.35 43.70
CA ASP E 279 83.31 -21.75 43.84
C ASP E 279 82.15 -22.72 43.93
N MET E 280 82.06 -23.63 42.97
CA MET E 280 80.98 -24.61 42.96
C MET E 280 80.89 -25.44 44.23
N GLU E 281 82.03 -25.70 44.85
CA GLU E 281 82.09 -26.47 46.08
C GLU E 281 81.57 -25.63 47.24
N LEU E 282 81.82 -24.32 47.16
CA LEU E 282 81.38 -23.38 48.19
C LEU E 282 79.85 -23.27 48.14
N ILE E 283 79.32 -23.26 46.92
CA ILE E 283 77.89 -23.15 46.69
C ILE E 283 77.18 -24.46 47.03
N HIS E 284 77.87 -25.56 46.80
CA HIS E 284 77.33 -26.90 47.04
C HIS E 284 77.22 -27.26 48.53
N GLN E 285 76.47 -26.45 49.27
CA GLN E 285 76.27 -26.68 50.70
C GLN E 285 74.81 -27.01 50.96
N PRO E 286 74.55 -28.11 51.69
CA PRO E 286 73.20 -28.56 52.01
C PRO E 286 72.37 -27.50 52.73
N ILE E 287 71.18 -27.22 52.20
CA ILE E 287 70.28 -26.25 52.81
C ILE E 287 69.09 -27.02 53.39
N ASP E 288 68.46 -26.42 54.41
CA ASP E 288 67.34 -27.06 55.09
C ASP E 288 65.98 -27.02 54.39
N PHE E 289 65.80 -26.07 53.48
CA PHE E 289 64.53 -25.94 52.77
C PHE E 289 64.64 -25.07 51.53
N ILE E 290 63.59 -25.10 50.70
CA ILE E 290 63.53 -24.29 49.50
C ILE E 290 62.29 -23.40 49.65
N GLY E 291 62.47 -22.11 49.42
CA GLY E 291 61.36 -21.18 49.52
C GLY E 291 60.74 -20.97 48.16
N ILE E 292 59.49 -21.41 48.00
CA ILE E 292 58.79 -21.27 46.73
C ILE E 292 57.98 -19.97 46.69
N ASN E 293 58.30 -19.12 45.73
CA ASN E 293 57.58 -17.87 45.54
C ASN E 293 56.77 -18.01 44.26
N TYR E 294 55.46 -18.19 44.41
CA TYR E 294 54.59 -18.36 43.25
C TYR E 294 53.50 -17.30 43.15
N TYR E 295 53.19 -16.91 41.91
CA TYR E 295 52.16 -15.91 41.63
C TYR E 295 51.42 -16.24 40.33
N THR E 296 52.15 -16.72 39.34
CA THR E 296 51.58 -17.04 38.05
C THR E 296 52.50 -17.94 37.22
N SER E 297 51.98 -18.36 36.07
CA SER E 297 52.72 -19.19 35.13
C SER E 297 52.14 -18.91 33.75
N SER E 298 52.88 -19.29 32.70
CA SER E 298 52.44 -19.04 31.34
C SER E 298 52.33 -20.30 30.50
N MET E 299 52.05 -20.11 29.21
CA MET E 299 51.91 -21.20 28.25
C MET E 299 52.91 -20.82 27.15
N ASN E 300 54.04 -21.52 27.11
CA ASN E 300 55.08 -21.21 26.14
C ASN E 300 55.26 -22.20 25.00
N ARG E 301 55.90 -21.72 23.94
CA ARG E 301 56.22 -22.53 22.78
C ARG E 301 57.56 -22.07 22.23
N TYR E 302 58.28 -22.99 21.59
CA TYR E 302 59.57 -22.68 21.01
C TYR E 302 59.42 -21.68 19.88
N ASN E 303 60.30 -20.69 19.85
CA ASN E 303 60.28 -19.67 18.82
C ASN E 303 61.66 -19.02 18.69
N PRO E 304 62.40 -19.38 17.63
CA PRO E 304 63.74 -18.87 17.34
C PRO E 304 63.77 -17.39 17.00
N GLY E 305 62.60 -16.83 16.67
CA GLY E 305 62.52 -15.42 16.33
C GLY E 305 62.52 -14.50 17.54
N GLU E 306 62.30 -13.21 17.30
CA GLU E 306 62.28 -12.22 18.37
C GLU E 306 61.22 -12.52 19.42
N ALA E 307 60.08 -13.05 18.97
CA ALA E 307 58.97 -13.37 19.86
C ALA E 307 59.39 -14.37 20.95
N GLY E 308 60.36 -15.21 20.63
CA GLY E 308 60.84 -16.19 21.59
C GLY E 308 61.78 -15.58 22.61
N GLY E 309 62.46 -14.51 22.21
CA GLY E 309 63.39 -13.85 23.10
C GLY E 309 64.71 -14.59 23.21
N MET E 310 65.50 -14.21 24.22
CA MET E 310 66.80 -14.84 24.47
C MET E 310 66.68 -16.34 24.68
N LEU E 311 65.61 -16.77 25.35
CA LEU E 311 65.37 -18.18 25.60
C LEU E 311 64.62 -18.88 24.48
N SER E 312 64.27 -18.13 23.44
CA SER E 312 63.54 -18.68 22.30
C SER E 312 62.31 -19.44 22.80
N SER E 313 61.63 -18.84 23.76
CA SER E 313 60.44 -19.42 24.36
C SER E 313 59.37 -18.33 24.41
N GLU E 314 58.46 -18.36 23.44
CA GLU E 314 57.39 -17.38 23.35
C GLU E 314 56.17 -17.74 24.18
N ALA E 315 55.73 -16.79 25.00
CA ALA E 315 54.55 -16.98 25.84
C ALA E 315 53.31 -16.67 25.03
N ILE E 316 52.27 -17.47 25.21
CA ILE E 316 51.01 -17.31 24.50
C ILE E 316 49.89 -17.13 25.51
N SER E 317 49.14 -16.04 25.35
CA SER E 317 48.03 -15.72 26.24
C SER E 317 47.01 -16.84 26.33
N MET E 318 46.65 -17.20 27.56
CA MET E 318 45.65 -18.23 27.81
C MET E 318 44.28 -17.58 27.84
N GLY E 319 44.25 -16.25 27.80
CA GLY E 319 42.99 -15.52 27.84
C GLY E 319 42.39 -15.59 29.24
N ALA E 320 43.19 -16.07 30.18
CA ALA E 320 42.78 -16.23 31.57
C ALA E 320 42.62 -14.90 32.28
N PRO E 321 41.87 -14.89 33.40
CA PRO E 321 41.66 -13.66 34.16
C PRO E 321 42.99 -13.19 34.73
N LYS E 322 43.14 -11.88 34.88
CA LYS E 322 44.39 -11.33 35.39
C LYS E 322 44.19 -10.52 36.65
N THR E 323 45.27 -10.37 37.42
CA THR E 323 45.22 -9.56 38.63
C THR E 323 45.36 -8.13 38.14
N ASP E 324 45.20 -7.16 39.04
CA ASP E 324 45.30 -5.75 38.65
C ASP E 324 46.67 -5.32 38.16
N ILE E 325 47.67 -6.18 38.35
CA ILE E 325 49.02 -5.86 37.88
C ILE E 325 49.25 -6.51 36.51
N GLY E 326 48.23 -7.24 36.03
CA GLY E 326 48.30 -7.87 34.72
C GLY E 326 48.76 -9.31 34.63
N TRP E 327 48.90 -9.99 35.76
CA TRP E 327 49.36 -11.37 35.75
C TRP E 327 48.20 -12.35 35.66
N GLU E 328 48.31 -13.31 34.75
CA GLU E 328 47.27 -14.32 34.57
C GLU E 328 47.17 -15.22 35.80
N ILE E 329 45.95 -15.69 36.08
CA ILE E 329 45.72 -16.57 37.20
C ILE E 329 45.78 -18.01 36.73
N TYR E 330 46.78 -18.75 37.19
CA TYR E 330 46.93 -20.14 36.83
C TYR E 330 47.32 -20.88 38.11
N ALA E 331 46.33 -21.10 38.97
CA ALA E 331 46.52 -21.75 40.25
C ALA E 331 47.20 -23.12 40.18
N GLU E 332 46.88 -23.86 39.13
CA GLU E 332 47.44 -25.20 38.94
C GLU E 332 48.96 -25.17 38.83
N GLY E 333 49.49 -24.02 38.43
CA GLY E 333 50.93 -23.87 38.28
C GLY E 333 51.65 -24.04 39.61
N LEU E 334 50.98 -23.72 40.72
CA LEU E 334 51.57 -23.86 42.04
C LEU E 334 51.86 -25.33 42.28
N TYR E 335 50.85 -26.16 42.06
CA TYR E 335 50.97 -27.61 42.23
C TYR E 335 52.06 -28.16 41.32
N ASP E 336 52.04 -27.72 40.06
CA ASP E 336 53.03 -28.18 39.08
C ASP E 336 54.46 -27.84 39.50
N LEU E 337 54.66 -26.62 40.01
CA LEU E 337 55.97 -26.17 40.44
C LEU E 337 56.44 -26.95 41.66
N LEU E 338 55.54 -27.14 42.62
CA LEU E 338 55.87 -27.88 43.83
C LEU E 338 56.20 -29.33 43.49
N ARG E 339 55.43 -29.90 42.56
CA ARG E 339 55.64 -31.28 42.12
C ARG E 339 57.00 -31.40 41.46
N TYR E 340 57.33 -30.45 40.60
CA TYR E 340 58.60 -30.44 39.89
C TYR E 340 59.77 -30.38 40.86
N THR E 341 59.71 -29.43 41.78
CA THR E 341 60.75 -29.23 42.78
C THR E 341 60.89 -30.46 43.67
N ALA E 342 59.77 -31.06 44.05
CA ALA E 342 59.78 -32.23 44.91
C ALA E 342 60.44 -33.41 44.21
N ASP E 343 60.16 -33.58 42.92
CA ASP E 343 60.73 -34.68 42.15
C ASP E 343 62.23 -34.53 41.94
N LYS E 344 62.63 -33.37 41.43
CA LYS E 344 64.02 -33.10 41.13
C LYS E 344 64.99 -32.99 42.31
N TYR E 345 64.57 -32.31 43.38
CA TYR E 345 65.44 -32.11 44.53
C TYR E 345 65.27 -33.06 45.71
N GLY E 346 64.68 -34.22 45.47
CA GLY E 346 64.50 -35.20 46.52
C GLY E 346 63.46 -34.89 47.57
N ASN E 347 62.40 -34.20 47.17
CA ASN E 347 61.29 -33.83 48.04
C ASN E 347 61.77 -33.20 49.35
N PRO E 348 62.52 -32.09 49.25
CA PRO E 348 63.01 -31.42 50.46
C PRO E 348 61.89 -30.63 51.11
N THR E 349 62.17 -30.05 52.27
CA THR E 349 61.18 -29.24 52.97
C THR E 349 60.89 -28.02 52.11
N LEU E 350 59.62 -27.76 51.88
CA LEU E 350 59.21 -26.62 51.07
C LEU E 350 58.34 -25.67 51.87
N TYR E 351 58.54 -24.38 51.63
CA TYR E 351 57.75 -23.34 52.27
C TYR E 351 57.35 -22.36 51.19
N ILE E 352 56.06 -22.09 51.06
CA ILE E 352 55.62 -21.11 50.07
C ILE E 352 55.90 -19.79 50.75
N THR E 353 57.08 -19.22 50.46
CA THR E 353 57.51 -17.97 51.06
C THR E 353 56.85 -16.72 50.51
N GLU E 354 56.11 -16.86 49.42
CA GLU E 354 55.39 -15.75 48.78
C GLU E 354 54.29 -16.24 47.85
N ASN E 355 53.10 -15.70 48.04
CA ASN E 355 51.95 -16.01 47.19
C ASN E 355 50.82 -15.06 47.52
N GLY E 356 50.44 -14.27 46.52
CA GLY E 356 49.37 -13.31 46.71
C GLY E 356 48.94 -12.72 45.39
N ALA E 357 47.96 -11.83 45.44
CA ALA E 357 47.45 -11.22 44.23
C ALA E 357 47.45 -9.71 44.34
N CYS E 358 47.62 -9.04 43.21
CA CYS E 358 47.61 -7.60 43.19
C CYS E 358 46.22 -7.13 42.82
N TYR E 359 45.50 -6.62 43.81
CA TYR E 359 44.16 -6.11 43.60
C TYR E 359 44.10 -4.76 44.30
N ASN E 360 43.88 -3.72 43.51
CA ASN E 360 43.84 -2.35 44.00
C ASN E 360 42.57 -1.87 44.70
N ASP E 361 41.79 -2.78 45.24
CA ASP E 361 40.56 -2.42 45.95
C ASP E 361 40.85 -1.45 47.07
N GLY E 362 40.05 -0.39 47.14
CA GLY E 362 40.23 0.58 48.20
C GLY E 362 39.04 0.48 49.13
N LEU E 363 38.90 1.45 50.03
CA LEU E 363 37.80 1.46 50.97
C LEU E 363 36.50 1.87 50.31
N SER E 364 35.43 1.13 50.61
CA SER E 364 34.12 1.45 50.10
C SER E 364 33.56 2.43 51.12
N LEU E 365 32.41 3.04 50.83
CA LEU E 365 31.80 3.98 51.79
C LEU E 365 31.43 3.19 53.04
N ASP E 366 31.47 1.87 52.90
CA ASP E 366 31.20 0.89 53.95
C ASP E 366 32.24 1.10 55.05
N GLY E 367 33.44 1.48 54.62
CA GLY E 367 34.56 1.71 55.53
C GLY E 367 35.50 0.52 55.47
N ARG E 368 35.08 -0.50 54.72
CA ARG E 368 35.86 -1.72 54.57
C ARG E 368 36.29 -1.95 53.12
N ILE E 369 37.26 -2.84 52.94
CA ILE E 369 37.77 -3.17 51.62
C ILE E 369 37.24 -4.55 51.26
N HIS E 370 36.28 -4.60 50.34
CA HIS E 370 35.67 -5.85 49.93
C HIS E 370 36.42 -6.48 48.77
N ASP E 371 37.63 -6.96 49.05
CA ASP E 371 38.47 -7.57 48.03
C ASP E 371 38.22 -9.07 47.82
N GLN E 372 37.01 -9.41 47.40
CA GLN E 372 36.65 -10.81 47.15
C GLN E 372 37.59 -11.46 46.16
N ARG E 373 38.09 -10.67 45.21
CA ARG E 373 39.01 -11.19 44.19
C ARG E 373 40.28 -11.74 44.80
N ARG E 374 40.76 -11.11 45.87
CA ARG E 374 41.98 -11.58 46.53
C ARG E 374 41.67 -12.87 47.27
N ILE E 375 40.49 -12.90 47.90
CA ILE E 375 40.06 -14.09 48.64
C ILE E 375 39.96 -15.28 47.70
N ASP E 376 39.34 -15.06 46.55
CA ASP E 376 39.16 -16.11 45.56
C ASP E 376 40.51 -16.63 45.06
N TYR E 377 41.43 -15.70 44.79
CA TYR E 377 42.77 -16.06 44.33
C TYR E 377 43.48 -16.92 45.36
N LEU E 378 43.55 -16.42 46.59
CA LEU E 378 44.21 -17.14 47.67
C LEU E 378 43.59 -18.51 47.86
N ALA E 379 42.26 -18.56 47.90
CA ALA E 379 41.55 -19.83 48.08
C ALA E 379 41.95 -20.85 47.02
N MET E 380 41.99 -20.43 45.77
CA MET E 380 42.36 -21.32 44.67
C MET E 380 43.75 -21.90 44.84
N HIS E 381 44.68 -21.04 45.26
CA HIS E 381 46.06 -21.47 45.46
C HIS E 381 46.26 -22.32 46.70
N LEU E 382 45.48 -22.06 47.74
CA LEU E 382 45.58 -22.85 48.96
C LEU E 382 45.02 -24.24 48.69
N ILE E 383 44.09 -24.32 47.73
CA ILE E 383 43.51 -25.60 47.34
C ILE E 383 44.60 -26.42 46.65
N GLN E 384 45.45 -25.75 45.88
CA GLN E 384 46.55 -26.41 45.19
C GLN E 384 47.63 -26.79 46.20
N ALA E 385 47.78 -25.97 47.23
CA ALA E 385 48.77 -26.23 48.27
C ALA E 385 48.37 -27.50 49.03
N SER E 386 47.08 -27.61 49.35
CA SER E 386 46.54 -28.76 50.05
C SER E 386 46.69 -29.99 49.16
N ARG E 387 46.47 -29.79 47.86
CA ARG E 387 46.58 -30.85 46.87
C ARG E 387 47.99 -31.43 46.89
N ALA E 388 48.98 -30.55 46.91
CA ALA E 388 50.39 -30.95 46.94
C ALA E 388 50.70 -31.78 48.17
N ILE E 389 50.17 -31.37 49.32
CA ILE E 389 50.38 -32.09 50.56
C ILE E 389 49.74 -33.47 50.47
N GLU E 390 48.55 -33.52 49.88
CA GLU E 390 47.83 -34.77 49.69
C GLU E 390 48.60 -35.67 48.71
N ASP E 391 49.35 -35.04 47.83
CA ASP E 391 50.13 -35.74 46.82
C ASP E 391 51.54 -36.10 47.32
N GLY E 392 51.71 -36.10 48.63
CA GLY E 392 53.00 -36.46 49.23
C GLY E 392 54.15 -35.47 49.20
N ILE E 393 53.91 -34.26 48.70
CA ILE E 393 54.96 -33.25 48.64
C ILE E 393 55.17 -32.66 50.04
N ASN E 394 56.43 -32.44 50.42
CA ASN E 394 56.75 -31.90 51.74
C ASN E 394 56.57 -30.40 51.91
N LEU E 395 55.34 -29.93 51.74
CA LEU E 395 55.03 -28.52 51.90
C LEU E 395 54.73 -28.34 53.39
N LYS E 396 55.61 -27.64 54.09
CA LYS E 396 55.45 -27.43 55.52
C LYS E 396 54.87 -26.08 55.95
N GLY E 397 54.68 -25.18 54.99
CA GLY E 397 54.14 -23.87 55.34
C GLY E 397 53.75 -22.99 54.17
N TYR E 398 52.94 -21.98 54.47
CA TYR E 398 52.46 -21.03 53.48
C TYR E 398 52.49 -19.63 54.07
N MET E 399 53.06 -18.70 53.32
CA MET E 399 53.18 -17.31 53.76
C MET E 399 52.69 -16.43 52.61
N GLU E 400 51.46 -15.92 52.75
CA GLU E 400 50.90 -15.08 51.70
C GLU E 400 51.66 -13.77 51.60
N TRP E 401 51.91 -13.32 50.37
CA TRP E 401 52.67 -12.10 50.17
C TRP E 401 51.99 -10.80 50.53
N SER E 402 52.74 -10.04 51.33
CA SER E 402 52.37 -8.73 51.82
C SER E 402 51.27 -8.70 52.86
N LEU E 403 51.68 -8.37 54.09
CA LEU E 403 50.77 -8.26 55.21
C LEU E 403 49.91 -7.02 54.94
N MET E 404 50.55 -5.99 54.40
CA MET E 404 49.89 -4.72 54.10
C MET E 404 50.37 -4.19 52.76
N ASP E 405 49.59 -3.31 52.14
CA ASP E 405 49.97 -2.72 50.86
C ASP E 405 51.29 -1.98 51.09
N ASN E 406 52.19 -2.08 50.13
CA ASN E 406 53.49 -1.42 50.26
C ASN E 406 54.06 -0.88 48.96
N PHE E 407 55.33 -0.45 49.02
CA PHE E 407 56.04 0.08 47.86
C PHE E 407 56.32 -1.07 46.91
N GLU E 408 55.56 -1.14 45.83
CA GLU E 408 55.72 -2.21 44.86
C GLU E 408 56.82 -1.93 43.84
N TRP E 409 58.02 -1.71 44.34
CA TRP E 409 59.21 -1.45 43.53
C TRP E 409 59.02 -0.45 42.40
N ALA E 410 59.30 -0.87 41.16
CA ALA E 410 59.16 0.02 40.00
C ALA E 410 57.73 0.49 39.77
N GLU E 411 56.76 -0.26 40.29
CA GLU E 411 55.35 0.08 40.14
C GLU E 411 54.93 1.17 41.11
N GLY E 412 55.79 1.48 42.07
CA GLY E 412 55.46 2.49 43.06
C GLY E 412 54.43 1.95 44.02
N TYR E 413 53.55 2.83 44.49
CA TYR E 413 52.51 2.44 45.44
C TYR E 413 51.18 2.07 44.80
N GLY E 414 51.07 2.24 43.49
CA GLY E 414 49.84 1.94 42.78
C GLY E 414 49.31 0.51 42.84
N MET E 415 50.20 -0.48 42.89
CA MET E 415 49.78 -1.87 42.95
C MET E 415 49.72 -2.36 44.39
N ARG E 416 48.55 -2.86 44.79
CA ARG E 416 48.33 -3.34 46.16
C ARG E 416 48.29 -4.86 46.28
N PHE E 417 49.20 -5.40 47.10
CA PHE E 417 49.31 -6.84 47.33
C PHE E 417 48.94 -7.29 48.75
N GLY E 418 48.69 -6.33 49.64
CA GLY E 418 48.41 -6.69 51.03
C GLY E 418 47.03 -7.10 51.49
N LEU E 419 47.01 -7.68 52.69
CA LEU E 419 45.78 -8.11 53.35
C LEU E 419 45.24 -6.92 54.13
N VAL E 420 46.13 -5.97 54.41
CA VAL E 420 45.79 -4.76 55.15
C VAL E 420 45.97 -3.56 54.23
N HIS E 421 44.91 -2.77 54.09
CA HIS E 421 44.94 -1.59 53.23
C HIS E 421 45.70 -0.45 53.91
N VAL E 422 46.61 0.16 53.17
CA VAL E 422 47.38 1.28 53.70
C VAL E 422 47.14 2.51 52.84
N ASP E 423 46.63 3.57 53.46
CA ASP E 423 46.39 4.82 52.75
C ASP E 423 47.72 5.55 52.86
N TYR E 424 48.46 5.62 51.76
CA TYR E 424 49.77 6.27 51.77
C TYR E 424 49.83 7.74 52.11
N ASP E 425 48.70 8.43 52.01
CA ASP E 425 48.67 9.85 52.33
C ASP E 425 48.50 10.07 53.83
N THR E 426 47.68 9.22 54.45
CA THR E 426 47.41 9.31 55.88
C THR E 426 48.08 8.20 56.69
N LEU E 427 48.69 7.26 55.99
CA LEU E 427 49.35 6.10 56.60
C LEU E 427 48.43 5.26 57.49
N VAL E 428 47.13 5.42 57.31
CA VAL E 428 46.14 4.69 58.08
C VAL E 428 46.01 3.27 57.53
N ARG E 429 46.03 2.30 58.43
CA ARG E 429 45.91 0.89 58.06
C ARG E 429 44.54 0.34 58.38
N THR E 430 43.91 -0.28 57.39
CA THR E 430 42.58 -0.86 57.53
C THR E 430 42.59 -2.31 57.03
N PRO E 431 42.32 -3.27 57.91
CA PRO E 431 42.30 -4.68 57.48
C PRO E 431 41.23 -4.91 56.43
N LYS E 432 41.62 -5.55 55.32
CA LYS E 432 40.69 -5.84 54.24
C LYS E 432 39.89 -7.10 54.57
N ASP E 433 38.93 -7.44 53.72
CA ASP E 433 38.12 -8.63 53.95
C ASP E 433 38.98 -9.88 53.88
N SER E 434 40.01 -9.84 53.04
CA SER E 434 40.93 -10.96 52.86
C SER E 434 41.68 -11.25 54.16
N PHE E 435 41.94 -10.19 54.93
CA PHE E 435 42.64 -10.32 56.21
C PHE E 435 41.82 -11.23 57.13
N TYR E 436 40.56 -10.87 57.32
CA TYR E 436 39.65 -11.64 58.17
C TYR E 436 39.42 -13.03 57.62
N TRP E 437 39.43 -13.16 56.30
CA TRP E 437 39.24 -14.46 55.66
C TRP E 437 40.42 -15.37 55.97
N TYR E 438 41.62 -14.87 55.68
CA TYR E 438 42.86 -15.62 55.92
C TYR E 438 42.96 -15.99 57.39
N LYS E 439 42.54 -15.08 58.25
CA LYS E 439 42.55 -15.30 59.69
C LYS E 439 41.76 -16.55 60.02
N GLY E 440 40.58 -16.66 59.41
CA GLY E 440 39.72 -17.81 59.63
C GLY E 440 40.32 -19.11 59.12
N VAL E 441 41.00 -19.05 57.97
CA VAL E 441 41.63 -20.22 57.40
C VAL E 441 42.72 -20.74 58.34
N ILE E 442 43.51 -19.80 58.88
CA ILE E 442 44.58 -20.14 59.80
C ILE E 442 44.02 -20.76 61.07
N SER E 443 42.93 -20.20 61.56
CA SER E 443 42.28 -20.68 62.78
C SER E 443 41.73 -22.09 62.62
N ARG E 444 41.00 -22.33 61.53
CA ARG E 444 40.43 -23.63 61.25
C ARG E 444 41.48 -24.68 60.90
N GLY E 445 42.38 -24.31 60.02
CA GLY E 445 43.43 -25.23 59.58
C GLY E 445 42.99 -25.96 58.33
N TRP E 446 41.80 -25.63 57.85
CA TRP E 446 41.23 -26.23 56.66
C TRP E 446 40.42 -25.19 55.90
N LEU E 447 39.92 -25.58 54.72
CA LEU E 447 39.16 -24.67 53.90
C LEU E 447 37.93 -25.33 53.29
N ASP E 448 36.76 -24.77 53.55
CA ASP E 448 35.51 -25.30 53.03
C ASP E 448 35.13 -24.49 51.79
N LEU E 449 35.63 -24.94 50.64
CA LEU E 449 35.39 -24.25 49.37
C LEU E 449 35.03 -25.27 48.29
N SER F 1 57.17 12.97 30.78
CA SER F 1 58.37 13.82 30.54
C SER F 1 58.80 14.42 31.88
N ILE F 2 60.09 14.34 32.18
CA ILE F 2 60.62 14.86 33.44
C ILE F 2 61.00 16.34 33.41
N HIS F 3 60.28 17.11 34.22
CA HIS F 3 60.50 18.54 34.35
C HIS F 3 61.27 18.75 35.64
N MET F 4 62.56 19.01 35.49
CA MET F 4 63.47 19.19 36.61
C MET F 4 63.47 20.59 37.20
N PHE F 5 63.80 20.66 38.48
CA PHE F 5 63.89 21.92 39.23
C PHE F 5 65.20 21.90 40.01
N PRO F 6 65.86 23.07 40.11
CA PRO F 6 67.14 23.21 40.82
C PRO F 6 67.06 22.68 42.25
N SER F 7 68.18 22.15 42.73
CA SER F 7 68.26 21.59 44.07
C SER F 7 67.92 22.62 45.14
N ASP F 8 68.34 23.86 44.92
CA ASP F 8 68.08 24.96 45.86
C ASP F 8 66.81 25.74 45.55
N PHE F 9 65.88 25.13 44.82
CA PHE F 9 64.63 25.77 44.47
C PHE F 9 63.78 25.95 45.72
N LYS F 10 63.24 27.15 45.90
CA LYS F 10 62.42 27.44 47.07
C LYS F 10 60.95 27.12 46.87
N TRP F 11 60.55 25.94 47.32
CA TRP F 11 59.16 25.50 47.23
C TRP F 11 58.39 26.09 48.39
N GLY F 12 57.24 26.68 48.11
CA GLY F 12 56.45 27.28 49.16
C GLY F 12 54.97 27.39 48.87
N VAL F 13 54.27 28.04 49.78
CA VAL F 13 52.82 28.25 49.67
C VAL F 13 52.56 29.60 50.34
N ALA F 14 51.46 30.26 49.97
CA ALA F 14 51.16 31.57 50.53
C ALA F 14 49.74 31.79 51.02
N THR F 15 49.60 32.77 51.91
CA THR F 15 48.31 33.17 52.48
C THR F 15 48.32 34.68 52.66
N ALA F 16 47.23 35.22 53.21
CA ALA F 16 47.11 36.65 53.45
C ALA F 16 46.37 36.86 54.76
N ALA F 17 46.84 37.82 55.54
CA ALA F 17 46.27 38.15 56.86
C ALA F 17 44.75 38.14 56.96
N TYR F 18 44.10 39.10 56.31
CA TYR F 18 42.64 39.20 56.38
C TYR F 18 41.90 38.01 55.79
N GLN F 19 42.56 37.25 54.93
CA GLN F 19 41.93 36.10 54.31
C GLN F 19 41.84 34.85 55.18
N ILE F 20 42.77 34.70 56.13
CA ILE F 20 42.79 33.52 56.99
C ILE F 20 42.74 33.72 58.50
N GLU F 21 43.37 34.79 58.98
CA GLU F 21 43.45 35.07 60.41
C GLU F 21 42.19 35.04 61.27
N GLY F 22 41.23 35.90 60.95
CA GLY F 22 40.03 35.96 61.76
C GLY F 22 40.36 36.80 62.98
N ALA F 23 39.54 36.69 64.03
CA ALA F 23 39.76 37.45 65.26
C ALA F 23 40.03 38.92 64.93
N TYR F 24 39.19 39.47 64.07
CA TYR F 24 39.33 40.85 63.61
C TYR F 24 39.13 41.87 64.72
N ASN F 25 38.32 41.52 65.72
CA ASN F 25 38.03 42.41 66.83
C ASN F 25 38.60 41.87 68.14
N GLU F 26 39.80 41.31 68.07
CA GLU F 26 40.44 40.75 69.26
C GLU F 26 41.83 41.29 69.52
N ASP F 27 42.23 41.20 70.78
CA ASP F 27 43.54 41.66 71.23
C ASP F 27 43.94 43.04 70.70
N GLY F 28 42.98 43.94 70.70
CA GLY F 28 43.23 45.30 70.27
C GLY F 28 43.48 45.56 68.80
N ARG F 29 43.02 44.67 67.92
CA ARG F 29 43.21 44.87 66.49
C ARG F 29 42.28 45.97 65.99
N GLY F 30 42.84 46.88 65.21
CA GLY F 30 42.03 47.97 64.66
C GLY F 30 41.37 47.52 63.37
N MET F 31 40.31 48.20 62.98
CA MET F 31 39.61 47.85 61.74
C MET F 31 40.42 48.28 60.54
N SER F 32 40.30 47.53 59.45
CA SER F 32 41.00 47.84 58.21
C SER F 32 39.92 48.26 57.21
N ILE F 33 40.34 48.71 56.04
CA ILE F 33 39.39 49.12 55.02
C ILE F 33 38.54 47.92 54.57
N TRP F 34 39.10 46.73 54.72
CA TRP F 34 38.39 45.51 54.34
C TRP F 34 37.35 45.08 55.35
N ASP F 35 37.59 45.39 56.63
CA ASP F 35 36.62 45.04 57.67
C ASP F 35 35.40 45.89 57.38
N THR F 36 35.66 47.17 57.09
CA THR F 36 34.62 48.14 56.78
C THR F 36 33.87 47.75 55.51
N PHE F 37 34.63 47.48 54.45
CA PHE F 37 34.08 47.09 53.15
C PHE F 37 33.19 45.85 53.27
N ALA F 38 33.73 44.80 53.87
CA ALA F 38 33.02 43.54 54.05
C ALA F 38 31.75 43.70 54.89
N HIS F 39 31.80 44.60 55.85
CA HIS F 39 30.65 44.85 56.73
C HIS F 39 29.58 45.70 56.03
N THR F 40 29.96 46.33 54.92
CA THR F 40 29.03 47.16 54.16
C THR F 40 28.13 46.28 53.29
N PRO F 41 26.81 46.37 53.48
CA PRO F 41 25.84 45.58 52.73
C PRO F 41 26.00 45.76 51.22
N GLY F 42 26.06 44.64 50.51
CA GLY F 42 26.19 44.67 49.07
C GLY F 42 27.60 44.74 48.51
N LYS F 43 28.60 44.89 49.38
CA LYS F 43 29.99 44.97 48.91
C LYS F 43 30.63 43.62 48.70
N VAL F 44 30.28 42.65 49.54
CA VAL F 44 30.82 41.30 49.42
C VAL F 44 29.68 40.31 49.21
N LYS F 45 29.94 39.30 48.38
CA LYS F 45 28.95 38.27 48.07
C LYS F 45 28.43 37.58 49.32
N ASN F 46 27.10 37.52 49.43
CA ASN F 46 26.41 36.90 50.57
C ASN F 46 26.58 37.64 51.89
N GLY F 47 27.35 38.72 51.87
CA GLY F 47 27.58 39.48 53.09
C GLY F 47 28.69 38.85 53.93
N ASP F 48 29.56 38.11 53.28
CA ASP F 48 30.68 37.45 53.95
C ASP F 48 31.73 38.46 54.40
N ASN F 49 32.49 38.10 55.41
CA ASN F 49 33.55 38.96 55.94
C ASN F 49 34.64 38.13 56.61
N GLY F 50 35.80 38.73 56.81
CA GLY F 50 36.90 38.03 57.43
C GLY F 50 36.90 38.05 58.95
N ASN F 51 35.73 38.14 59.55
CA ASN F 51 35.61 38.17 61.01
C ASN F 51 36.26 36.93 61.63
N VAL F 52 35.93 35.76 61.08
CA VAL F 52 36.47 34.50 61.58
C VAL F 52 37.41 33.87 60.55
N ALA F 53 37.00 33.87 59.30
CA ALA F 53 37.80 33.30 58.21
C ALA F 53 38.19 31.85 58.51
N CYS F 54 39.48 31.58 58.66
CA CYS F 54 39.97 30.24 58.96
C CYS F 54 40.39 30.14 60.42
N ASP F 55 40.28 31.25 61.13
CA ASP F 55 40.62 31.35 62.55
C ASP F 55 42.10 31.03 62.80
N SER F 56 42.94 31.31 61.82
CA SER F 56 44.37 31.05 61.94
C SER F 56 45.05 31.81 63.06
N TYR F 57 44.39 32.85 63.56
CA TYR F 57 44.93 33.66 64.65
C TYR F 57 45.03 32.81 65.91
N HIS F 58 44.10 31.86 66.04
CA HIS F 58 44.06 30.97 67.20
C HIS F 58 44.57 29.58 66.84
N ARG F 59 45.05 29.41 65.62
CA ARG F 59 45.52 28.10 65.17
C ARG F 59 46.92 28.11 64.55
N VAL F 60 47.86 28.75 65.24
CA VAL F 60 49.25 28.82 64.78
C VAL F 60 49.82 27.42 64.62
N GLU F 61 49.59 26.58 65.62
CA GLU F 61 50.07 25.21 65.64
C GLU F 61 49.53 24.42 64.45
N GLU F 62 48.23 24.58 64.19
CA GLU F 62 47.58 23.88 63.09
C GLU F 62 48.13 24.32 61.74
N ASP F 63 48.34 25.63 61.59
CA ASP F 63 48.88 26.19 60.35
C ASP F 63 50.24 25.59 60.05
N VAL F 64 51.14 25.70 61.03
CA VAL F 64 52.50 25.18 60.90
C VAL F 64 52.53 23.68 60.65
N GLN F 65 51.58 22.96 61.24
CA GLN F 65 51.53 21.52 61.05
C GLN F 65 51.24 21.20 59.59
N LEU F 66 50.31 21.94 58.99
CA LEU F 66 49.98 21.75 57.58
C LEU F 66 51.22 22.03 56.75
N LEU F 67 51.94 23.07 57.12
CA LEU F 67 53.15 23.49 56.43
C LEU F 67 54.25 22.46 56.46
N LYS F 68 54.49 21.84 57.63
CA LYS F 68 55.53 20.83 57.71
C LYS F 68 55.08 19.52 57.07
N ASP F 69 53.77 19.29 57.03
CA ASP F 69 53.24 18.08 56.42
C ASP F 69 53.41 18.22 54.90
N LEU F 70 53.23 19.43 54.40
CA LEU F 70 53.36 19.72 52.98
C LEU F 70 54.81 19.64 52.54
N GLY F 71 55.73 19.82 53.49
CA GLY F 71 57.15 19.77 53.19
C GLY F 71 57.68 21.05 52.58
N VAL F 72 56.90 22.11 52.75
CA VAL F 72 57.23 23.43 52.22
C VAL F 72 58.51 23.99 52.85
N LYS F 73 59.34 24.62 52.03
CA LYS F 73 60.59 25.21 52.49
C LYS F 73 60.44 26.70 52.78
N VAL F 74 59.41 27.31 52.18
CA VAL F 74 59.15 28.74 52.37
C VAL F 74 57.66 28.96 52.57
N TYR F 75 57.31 29.87 53.49
CA TYR F 75 55.91 30.18 53.75
C TYR F 75 55.73 31.68 53.63
N ARG F 76 54.88 32.10 52.70
CA ARG F 76 54.63 33.52 52.51
C ARG F 76 53.31 33.91 53.17
N PHE F 77 53.39 34.88 54.07
CA PHE F 77 52.22 35.37 54.78
C PHE F 77 52.34 36.89 54.87
N SER F 78 51.28 37.56 55.31
CA SER F 78 51.33 39.01 55.44
C SER F 78 51.02 39.46 56.87
N ILE F 79 51.46 40.67 57.19
CA ILE F 79 51.24 41.25 58.50
C ILE F 79 50.03 42.17 58.44
N SER F 80 49.11 41.99 59.38
CA SER F 80 47.92 42.84 59.43
C SER F 80 48.34 44.15 60.09
N TRP F 81 48.47 45.19 59.27
CA TRP F 81 48.86 46.52 59.75
C TRP F 81 48.05 46.97 60.97
N PRO F 82 46.71 46.90 60.90
CA PRO F 82 45.87 47.32 62.03
C PRO F 82 46.06 46.49 63.30
N ARG F 83 46.68 45.31 63.16
CA ARG F 83 46.89 44.45 64.31
C ARG F 83 48.14 44.85 65.11
N VAL F 84 49.10 45.50 64.46
CA VAL F 84 50.32 45.94 65.13
C VAL F 84 50.28 47.43 65.44
N LEU F 85 49.55 48.18 64.63
CA LEU F 85 49.37 49.62 64.79
C LEU F 85 47.90 49.87 64.44
N PRO F 86 47.00 49.70 65.43
CA PRO F 86 45.55 49.89 65.28
C PRO F 86 45.12 51.17 64.58
N GLN F 87 45.89 52.24 64.80
CA GLN F 87 45.57 53.54 64.20
C GLN F 87 46.45 53.80 62.98
N GLY F 88 47.25 52.80 62.61
CA GLY F 88 48.14 52.93 61.46
C GLY F 88 49.45 53.56 61.87
N THR F 89 49.41 54.32 62.95
CA THR F 89 50.59 55.00 63.47
C THR F 89 50.42 55.23 64.97
N GLY F 90 51.55 55.45 65.65
CA GLY F 90 51.51 55.70 67.08
C GLY F 90 51.57 54.48 67.97
N GLU F 91 50.52 54.30 68.77
CA GLU F 91 50.42 53.19 69.71
C GLU F 91 50.64 51.82 69.08
N VAL F 92 51.63 51.10 69.62
CA VAL F 92 51.96 49.77 69.14
C VAL F 92 51.21 48.70 69.93
N ASN F 93 50.46 47.86 69.23
CA ASN F 93 49.70 46.78 69.86
C ASN F 93 50.59 45.55 69.95
N ARG F 94 51.24 45.38 71.10
CA ARG F 94 52.14 44.26 71.33
C ARG F 94 51.47 42.88 71.21
N ALA F 95 50.18 42.82 71.51
CA ALA F 95 49.46 41.55 71.42
C ALA F 95 49.49 41.03 69.98
N GLY F 96 49.40 41.97 69.03
CA GLY F 96 49.44 41.62 67.62
C GLY F 96 50.81 41.11 67.24
N LEU F 97 51.84 41.85 67.62
CA LEU F 97 53.22 41.48 67.32
C LEU F 97 53.57 40.12 67.94
N ASP F 98 52.97 39.83 69.09
CA ASP F 98 53.21 38.56 69.77
C ASP F 98 52.79 37.40 68.88
N TYR F 99 51.65 37.56 68.21
CA TYR F 99 51.14 36.54 67.31
C TYR F 99 52.12 36.25 66.19
N TYR F 100 52.58 37.30 65.53
CA TYR F 100 53.52 37.15 64.42
C TYR F 100 54.84 36.57 64.88
N HIS F 101 55.26 36.90 66.09
CA HIS F 101 56.51 36.37 66.62
C HIS F 101 56.34 34.87 66.89
N ARG F 102 55.17 34.50 67.42
CA ARG F 102 54.87 33.11 67.73
C ARG F 102 54.84 32.29 66.44
N LEU F 103 54.25 32.85 65.40
CA LEU F 103 54.15 32.19 64.09
C LEU F 103 55.53 32.01 63.51
N VAL F 104 56.29 33.10 63.41
CA VAL F 104 57.65 33.06 62.87
C VAL F 104 58.54 32.09 63.63
N ASP F 105 58.40 32.06 64.95
CA ASP F 105 59.20 31.16 65.78
C ASP F 105 58.91 29.71 65.44
N GLU F 106 57.63 29.39 65.27
CA GLU F 106 57.21 28.04 64.92
C GLU F 106 57.76 27.66 63.55
N LEU F 107 57.67 28.59 62.61
CA LEU F 107 58.17 28.35 61.26
C LEU F 107 59.64 28.00 61.33
N LEU F 108 60.42 28.88 61.95
CA LEU F 108 61.86 28.70 62.10
C LEU F 108 62.20 27.39 62.81
N ALA F 109 61.41 27.06 63.82
CA ALA F 109 61.62 25.84 64.60
C ALA F 109 61.41 24.58 63.76
N ASN F 110 60.64 24.70 62.68
CA ASN F 110 60.37 23.57 61.80
C ASN F 110 61.08 23.66 60.45
N GLY F 111 62.09 24.51 60.38
CA GLY F 111 62.85 24.68 59.15
C GLY F 111 62.13 25.33 57.99
N ILE F 112 61.13 26.16 58.29
CA ILE F 112 60.37 26.84 57.27
C ILE F 112 60.78 28.31 57.21
N GLU F 113 61.26 28.74 56.05
CA GLU F 113 61.71 30.12 55.85
C GLU F 113 60.53 31.07 55.68
N PRO F 114 60.44 32.09 56.55
CA PRO F 114 59.36 33.08 56.50
C PRO F 114 59.56 34.06 55.35
N PHE F 115 58.48 34.31 54.62
CA PHE F 115 58.49 35.25 53.50
C PHE F 115 57.40 36.24 53.88
N CYS F 116 57.78 37.30 54.56
CA CYS F 116 56.84 38.29 55.05
C CYS F 116 56.41 39.35 54.05
N THR F 117 55.10 39.58 54.00
CA THR F 117 54.50 40.57 53.12
C THR F 117 53.93 41.67 54.01
N LEU F 118 54.54 42.85 53.96
CA LEU F 118 54.10 43.98 54.76
C LEU F 118 52.68 44.44 54.50
N TYR F 119 52.35 44.68 53.24
CA TYR F 119 51.02 45.16 52.91
C TYR F 119 50.26 44.31 51.91
N HIS F 120 49.11 43.80 52.36
CA HIS F 120 48.26 42.98 51.51
C HIS F 120 46.82 43.50 51.56
N TRP F 121 46.68 44.78 51.22
CA TRP F 121 45.39 45.48 51.13
C TRP F 121 44.65 45.88 52.40
N ASP F 122 45.08 45.40 53.56
CA ASP F 122 44.41 45.73 54.82
C ASP F 122 44.84 47.04 55.49
N LEU F 123 44.66 48.16 54.78
CA LEU F 123 45.01 49.48 55.31
C LEU F 123 44.14 49.83 56.52
N PRO F 124 44.76 50.34 57.60
CA PRO F 124 44.01 50.71 58.81
C PRO F 124 42.97 51.76 58.47
N GLN F 125 41.73 51.53 58.92
CA GLN F 125 40.63 52.45 58.66
C GLN F 125 40.96 53.87 59.11
N ALA F 126 41.72 53.98 60.20
CA ALA F 126 42.10 55.29 60.74
C ALA F 126 42.82 56.12 59.69
N LEU F 127 43.69 55.48 58.91
CA LEU F 127 44.45 56.17 57.86
C LEU F 127 43.53 56.46 56.68
N GLN F 128 42.59 55.56 56.42
CA GLN F 128 41.64 55.74 55.33
C GLN F 128 40.76 56.95 55.60
N ASP F 129 40.45 57.19 56.88
CA ASP F 129 39.64 58.32 57.28
C ASP F 129 40.37 59.63 56.96
N GLN F 130 41.70 59.55 56.89
CA GLN F 130 42.54 60.71 56.59
C GLN F 130 42.82 60.81 55.09
N GLY F 131 42.13 59.99 54.30
CA GLY F 131 42.33 60.01 52.86
C GLY F 131 42.94 58.73 52.31
N GLY F 132 43.41 57.87 53.20
CA GLY F 132 44.01 56.62 52.78
C GLY F 132 45.21 56.84 51.88
N TRP F 133 45.41 55.94 50.93
CA TRP F 133 46.54 56.05 50.00
C TRP F 133 46.45 57.25 49.06
N GLY F 134 45.36 58.01 49.18
CA GLY F 134 45.21 59.18 48.35
C GLY F 134 46.00 60.34 48.94
N SER F 135 46.32 60.23 50.23
CA SER F 135 47.07 61.24 50.95
C SER F 135 48.51 60.81 51.18
N ARG F 136 49.43 61.75 51.06
CA ARG F 136 50.86 61.47 51.25
C ARG F 136 51.18 61.15 52.71
N ILE F 137 50.25 61.46 53.60
CA ILE F 137 50.41 61.20 55.03
C ILE F 137 50.58 59.70 55.25
N THR F 138 49.85 58.91 54.46
CA THR F 138 49.91 57.46 54.56
C THR F 138 51.29 56.91 54.21
N ILE F 139 52.02 57.64 53.36
CA ILE F 139 53.37 57.24 52.98
C ILE F 139 54.24 57.22 54.24
N ASP F 140 54.06 58.24 55.09
CA ASP F 140 54.80 58.35 56.33
C ASP F 140 54.42 57.19 57.24
N ALA F 141 53.11 56.96 57.37
CA ALA F 141 52.58 55.89 58.19
C ALA F 141 53.16 54.53 57.80
N PHE F 142 53.28 54.28 56.50
CA PHE F 142 53.82 53.01 56.03
C PHE F 142 55.31 52.91 56.35
N ALA F 143 56.01 54.03 56.26
CA ALA F 143 57.44 54.06 56.57
C ALA F 143 57.65 53.70 58.03
N GLU F 144 56.77 54.21 58.89
CA GLU F 144 56.82 53.95 60.32
C GLU F 144 56.53 52.47 60.56
N TYR F 145 55.50 51.98 59.87
CA TYR F 145 55.06 50.60 59.96
C TYR F 145 56.17 49.66 59.52
N ALA F 146 56.77 49.94 58.37
CA ALA F 146 57.84 49.11 57.82
C ALA F 146 59.00 49.03 58.79
N GLU F 147 59.44 50.19 59.28
CA GLU F 147 60.54 50.26 60.23
C GLU F 147 60.26 49.42 61.47
N LEU F 148 59.03 49.49 61.96
CA LEU F 148 58.62 48.73 63.14
C LEU F 148 58.80 47.23 62.90
N MET F 149 58.24 46.74 61.80
CA MET F 149 58.32 45.32 61.48
C MET F 149 59.75 44.86 61.22
N PHE F 150 60.54 45.73 60.59
CA PHE F 150 61.94 45.41 60.29
C PHE F 150 62.71 45.22 61.60
N LYS F 151 62.41 46.06 62.58
CA LYS F 151 63.08 45.98 63.88
C LYS F 151 62.57 44.80 64.70
N GLU F 152 61.27 44.53 64.61
CA GLU F 152 60.66 43.44 65.34
C GLU F 152 61.01 42.06 64.81
N LEU F 153 60.62 41.79 63.56
CA LEU F 153 60.86 40.49 62.93
C LEU F 153 62.07 40.43 62.00
N GLY F 154 62.72 41.56 61.78
CA GLY F 154 63.87 41.59 60.89
C GLY F 154 65.01 40.62 61.18
N GLY F 155 65.12 40.21 62.45
CA GLY F 155 66.17 39.28 62.82
C GLY F 155 65.84 37.83 62.49
N LYS F 156 64.56 37.55 62.28
CA LYS F 156 64.11 36.19 61.97
C LYS F 156 63.70 36.05 60.52
N ILE F 157 63.20 37.13 59.94
CA ILE F 157 62.75 37.14 58.55
C ILE F 157 63.77 37.77 57.61
N LYS F 158 64.14 37.01 56.58
CA LYS F 158 65.13 37.46 55.59
C LYS F 158 64.51 37.57 54.19
N GLN F 159 63.18 37.53 54.12
CA GLN F 159 62.47 37.63 52.85
C GLN F 159 61.33 38.61 53.05
N TRP F 160 61.44 39.79 52.46
CA TRP F 160 60.42 40.81 52.62
C TRP F 160 59.81 41.32 51.32
N ILE F 161 58.49 41.54 51.36
CA ILE F 161 57.75 42.06 50.23
C ILE F 161 57.00 43.27 50.77
N THR F 162 57.19 44.42 50.14
CA THR F 162 56.52 45.63 50.58
C THR F 162 55.03 45.59 50.27
N PHE F 163 54.68 45.61 48.99
CA PHE F 163 53.29 45.59 48.57
C PHE F 163 52.99 44.39 47.68
N ASN F 164 51.83 43.78 47.90
CA ASN F 164 51.41 42.64 47.11
C ASN F 164 50.30 43.08 46.16
N GLU F 165 50.53 42.87 44.86
CA GLU F 165 49.59 43.22 43.81
C GLU F 165 49.13 44.67 43.88
N PRO F 166 50.05 45.61 43.59
CA PRO F 166 49.80 47.05 43.60
C PRO F 166 48.60 47.47 42.75
N TRP F 167 48.45 46.85 41.59
CA TRP F 167 47.35 47.18 40.70
C TRP F 167 45.99 46.90 41.35
N CYS F 168 45.89 45.78 42.04
CA CYS F 168 44.65 45.41 42.73
C CYS F 168 44.27 46.40 43.81
N MET F 169 45.23 46.76 44.66
CA MET F 169 44.97 47.70 45.75
C MET F 169 44.78 49.14 45.25
N ALA F 170 45.28 49.41 44.06
CA ALA F 170 45.18 50.75 43.48
C ALA F 170 44.01 50.91 42.51
N PHE F 171 44.10 50.26 41.35
CA PHE F 171 43.06 50.35 40.33
C PHE F 171 41.77 49.59 40.59
N LEU F 172 41.87 48.32 40.96
CA LEU F 172 40.67 47.53 41.22
C LEU F 172 39.90 48.08 42.42
N SER F 173 40.62 48.74 43.32
CA SER F 173 40.04 49.31 44.52
C SER F 173 39.55 50.74 44.40
N ASN F 174 40.34 51.59 43.75
CA ASN F 174 39.99 53.00 43.61
C ASN F 174 39.51 53.45 42.24
N TYR F 175 39.62 52.58 41.25
CA TYR F 175 39.19 52.91 39.89
C TYR F 175 37.96 52.10 39.48
N LEU F 176 37.99 50.80 39.73
CA LEU F 176 36.87 49.93 39.39
C LEU F 176 35.88 49.76 40.53
N GLY F 177 36.30 50.13 41.74
CA GLY F 177 35.44 50.03 42.91
C GLY F 177 35.00 48.64 43.33
N VAL F 178 35.76 47.63 42.94
CA VAL F 178 35.43 46.25 43.27
C VAL F 178 36.02 45.86 44.63
N HIS F 179 37.16 46.45 44.96
CA HIS F 179 37.84 46.17 46.23
C HIS F 179 37.88 47.42 47.11
N ALA F 180 38.09 47.21 48.40
CA ALA F 180 38.16 48.31 49.36
C ALA F 180 39.26 49.29 48.98
N PRO F 181 39.02 50.61 49.13
CA PRO F 181 37.84 51.31 49.64
C PRO F 181 36.59 51.22 48.77
N GLY F 182 36.78 50.99 47.47
CA GLY F 182 35.65 50.89 46.57
C GLY F 182 35.34 52.19 45.84
N ASN F 183 36.38 52.88 45.40
CA ASN F 183 36.21 54.14 44.69
C ASN F 183 36.27 53.92 43.18
N LYS F 184 35.77 54.90 42.43
CA LYS F 184 35.77 54.85 40.98
C LYS F 184 36.30 56.17 40.46
N ASP F 185 37.62 56.31 40.48
CA ASP F 185 38.31 57.51 40.03
C ASP F 185 39.68 57.09 39.52
N LEU F 186 39.89 57.24 38.20
CA LEU F 186 41.15 56.86 37.58
C LEU F 186 42.33 57.64 38.18
N GLN F 187 42.17 58.96 38.30
CA GLN F 187 43.22 59.79 38.85
C GLN F 187 43.60 59.36 40.26
N LEU F 188 42.58 59.07 41.08
CA LEU F 188 42.82 58.63 42.46
C LEU F 188 43.63 57.34 42.45
N ALA F 189 43.28 56.44 41.54
CA ALA F 189 43.97 55.17 41.42
C ALA F 189 45.43 55.42 41.06
N ILE F 190 45.67 56.42 40.22
CA ILE F 190 47.02 56.78 39.80
C ILE F 190 47.77 57.43 40.97
N ASP F 191 47.03 58.17 41.80
CA ASP F 191 47.61 58.83 42.97
C ASP F 191 48.08 57.75 43.93
N VAL F 192 47.19 56.79 44.21
CA VAL F 192 47.48 55.68 45.10
C VAL F 192 48.70 54.90 44.61
N SER F 193 48.74 54.64 43.31
CA SER F 193 49.84 53.91 42.71
C SER F 193 51.16 54.63 42.96
N HIS F 194 51.14 55.95 42.86
CA HIS F 194 52.34 56.75 43.09
C HIS F 194 52.76 56.73 44.55
N HIS F 195 51.80 56.96 45.45
CA HIS F 195 52.07 56.99 46.88
C HIS F 195 52.56 55.66 47.44
N LEU F 196 52.03 54.56 46.94
CA LEU F 196 52.45 53.24 47.42
C LEU F 196 53.89 52.98 46.96
N LEU F 197 54.24 53.48 45.79
CA LEU F 197 55.59 53.31 45.24
C LEU F 197 56.60 54.11 46.08
N VAL F 198 56.21 55.31 46.50
CA VAL F 198 57.08 56.15 47.32
C VAL F 198 57.25 55.46 48.67
N ALA F 199 56.14 54.95 49.21
CA ALA F 199 56.16 54.25 50.49
C ALA F 199 57.08 53.04 50.38
N HIS F 200 57.04 52.38 49.22
CA HIS F 200 57.87 51.21 48.95
C HIS F 200 59.34 51.61 48.94
N GLY F 201 59.66 52.66 48.19
CA GLY F 201 61.02 53.14 48.09
C GLY F 201 61.60 53.48 49.45
N ARG F 202 60.81 54.17 50.26
CA ARG F 202 61.23 54.56 51.60
C ARG F 202 61.45 53.33 52.46
N ALA F 203 60.60 52.33 52.30
CA ALA F 203 60.71 51.09 53.06
C ALA F 203 61.99 50.34 52.69
N VAL F 204 62.33 50.36 51.40
CA VAL F 204 63.54 49.69 50.92
C VAL F 204 64.75 50.37 51.53
N THR F 205 64.74 51.71 51.52
CA THR F 205 65.83 52.49 52.07
C THR F 205 66.03 52.15 53.55
N LEU F 206 64.92 52.10 54.29
CA LEU F 206 64.98 51.76 55.72
C LEU F 206 65.58 50.37 55.91
N PHE F 207 65.17 49.43 55.07
CA PHE F 207 65.65 48.05 55.12
C PHE F 207 67.18 48.04 55.00
N ARG F 208 67.69 48.86 54.09
CA ARG F 208 69.13 48.95 53.86
C ARG F 208 69.84 49.62 55.03
N GLU F 209 69.28 50.74 55.49
CA GLU F 209 69.86 51.50 56.61
C GLU F 209 69.92 50.69 57.90
N LEU F 210 68.89 49.90 58.16
CA LEU F 210 68.83 49.08 59.37
C LEU F 210 69.84 47.93 59.32
N GLY F 211 70.49 47.78 58.17
CA GLY F 211 71.49 46.74 58.01
C GLY F 211 70.99 45.31 58.17
N ILE F 212 69.67 45.14 58.18
CA ILE F 212 69.09 43.81 58.33
C ILE F 212 69.34 42.97 57.08
N SER F 213 70.01 41.84 57.28
CA SER F 213 70.34 40.93 56.19
C SER F 213 69.07 40.32 55.60
N GLY F 214 69.12 39.99 54.32
CA GLY F 214 67.97 39.40 53.67
C GLY F 214 67.67 40.02 52.32
N GLU F 215 66.47 39.76 51.83
CA GLU F 215 66.01 40.26 50.54
C GLU F 215 64.71 41.03 50.72
N ILE F 216 64.48 41.98 49.81
CA ILE F 216 63.26 42.78 49.82
C ILE F 216 62.87 43.10 48.38
N GLY F 217 61.58 43.01 48.11
CA GLY F 217 61.10 43.29 46.77
C GLY F 217 59.63 43.65 46.78
N ILE F 218 59.01 43.59 45.60
CA ILE F 218 57.61 43.92 45.44
C ILE F 218 56.98 42.82 44.57
N ALA F 219 55.71 42.53 44.77
CA ALA F 219 55.05 41.47 44.01
C ALA F 219 53.89 41.94 43.13
N PRO F 220 54.19 42.33 41.88
CA PRO F 220 53.14 42.78 40.97
C PRO F 220 52.38 41.61 40.35
N ASN F 221 51.12 41.84 40.04
CA ASN F 221 50.29 40.83 39.39
C ASN F 221 50.17 41.24 37.93
N THR F 222 51.34 41.42 37.31
CA THR F 222 51.44 41.83 35.91
C THR F 222 50.53 41.04 34.99
N SER F 223 49.43 41.67 34.58
CA SER F 223 48.46 41.03 33.70
C SER F 223 49.07 40.80 32.33
N TRP F 224 48.90 39.59 31.79
CA TRP F 224 49.45 39.26 30.49
C TRP F 224 48.40 39.21 29.39
N ALA F 225 48.79 39.62 28.19
CA ALA F 225 47.90 39.62 27.03
C ALA F 225 48.66 39.26 25.76
N VAL F 226 48.03 38.41 24.95
CA VAL F 226 48.60 37.93 23.70
C VAL F 226 47.94 38.68 22.54
N PRO F 227 48.75 39.14 21.58
CA PRO F 227 48.24 39.86 20.40
C PRO F 227 47.34 38.99 19.54
N TYR F 228 46.11 39.46 19.32
CA TYR F 228 45.14 38.75 18.50
C TYR F 228 45.71 38.66 17.10
N ARG F 229 46.08 39.81 16.55
CA ARG F 229 46.65 39.89 15.22
C ARG F 229 48.07 40.40 15.34
N ARG F 230 48.92 40.01 14.39
CA ARG F 230 50.32 40.44 14.39
C ARG F 230 50.36 41.86 13.82
N THR F 231 49.73 42.78 14.54
CA THR F 231 49.66 44.18 14.14
C THR F 231 50.30 45.02 15.22
N LYS F 232 50.90 46.14 14.83
CA LYS F 232 51.55 47.03 15.79
C LYS F 232 50.54 47.51 16.83
N GLU F 233 49.35 47.91 16.37
CA GLU F 233 48.30 48.39 17.26
C GLU F 233 47.85 47.34 18.29
N ASP F 234 47.86 46.08 17.88
CA ASP F 234 47.46 44.99 18.79
C ASP F 234 48.55 44.71 19.80
N MET F 235 49.80 44.73 19.34
CA MET F 235 50.94 44.48 20.21
C MET F 235 51.04 45.57 21.27
N GLU F 236 50.75 46.81 20.87
CA GLU F 236 50.78 47.95 21.78
C GLU F 236 49.61 47.86 22.75
N ALA F 237 48.47 47.36 22.25
CA ALA F 237 47.28 47.21 23.07
C ALA F 237 47.57 46.19 24.16
N CYS F 238 48.40 45.20 23.83
CA CYS F 238 48.78 44.17 24.78
C CYS F 238 49.85 44.68 25.75
N LEU F 239 50.71 45.57 25.25
CA LEU F 239 51.77 46.14 26.07
C LEU F 239 51.17 46.97 27.19
N ARG F 240 50.06 47.64 26.89
CA ARG F 240 49.39 48.48 27.88
C ARG F 240 48.76 47.65 28.99
N VAL F 241 48.41 46.40 28.67
CA VAL F 241 47.81 45.50 29.65
C VAL F 241 48.83 45.17 30.74
N ASN F 242 50.03 44.76 30.35
CA ASN F 242 51.07 44.44 31.33
C ASN F 242 51.70 45.74 31.81
N GLY F 243 51.52 46.80 31.04
CA GLY F 243 52.08 48.10 31.38
C GLY F 243 51.42 48.80 32.54
N TRP F 244 50.09 48.82 32.56
CA TRP F 244 49.38 49.51 33.64
C TRP F 244 49.24 48.69 34.92
N SER F 245 49.62 47.42 34.86
CA SER F 245 49.52 46.54 36.01
C SER F 245 50.86 46.15 36.61
N GLY F 246 51.90 46.11 35.77
CA GLY F 246 53.22 45.72 36.24
C GLY F 246 54.33 46.71 35.94
N ASP F 247 54.46 47.10 34.69
CA ASP F 247 55.49 48.05 34.26
C ASP F 247 55.38 49.39 34.99
N TRP F 248 54.15 49.79 35.25
CA TRP F 248 53.86 51.05 35.93
C TRP F 248 54.51 51.14 37.31
N TYR F 249 54.75 49.98 37.91
CA TYR F 249 55.36 49.93 39.24
C TYR F 249 56.84 49.52 39.21
N LEU F 250 57.19 48.60 38.33
CA LEU F 250 58.56 48.13 38.22
C LEU F 250 59.52 49.11 37.58
N ASP F 251 59.04 49.89 36.62
CA ASP F 251 59.88 50.87 35.94
C ASP F 251 60.41 51.98 36.85
N PRO F 252 59.55 52.57 37.71
CA PRO F 252 60.04 53.62 38.60
C PRO F 252 61.09 53.09 39.56
N ILE F 253 60.98 51.80 39.89
CA ILE F 253 61.92 51.13 40.79
C ILE F 253 63.25 50.79 40.13
N TYR F 254 63.18 50.22 38.93
CA TYR F 254 64.38 49.81 38.19
C TYR F 254 65.04 50.90 37.35
N PHE F 255 64.23 51.79 36.79
CA PHE F 255 64.74 52.84 35.92
C PHE F 255 64.54 54.26 36.45
N GLY F 256 63.76 54.40 37.52
CA GLY F 256 63.52 55.71 38.09
C GLY F 256 62.56 56.57 37.30
N GLU F 257 61.70 55.93 36.53
CA GLU F 257 60.73 56.65 35.71
C GLU F 257 59.56 55.74 35.33
N TYR F 258 58.38 56.33 35.24
CA TYR F 258 57.20 55.57 34.85
C TYR F 258 57.36 55.21 33.38
N PRO F 259 56.77 54.08 32.95
CA PRO F 259 56.88 53.67 31.54
C PRO F 259 56.33 54.76 30.61
N LYS F 260 57.16 55.22 29.70
CA LYS F 260 56.79 56.28 28.76
C LYS F 260 55.46 56.07 28.05
N PHE F 261 55.28 54.90 27.44
CA PHE F 261 54.04 54.61 26.73
C PHE F 261 52.79 54.75 27.59
N MET F 262 52.91 54.42 28.87
CA MET F 262 51.78 54.53 29.78
C MET F 262 51.55 55.99 30.16
N LEU F 263 52.65 56.72 30.38
CA LEU F 263 52.55 58.13 30.73
C LEU F 263 51.81 58.88 29.64
N ASP F 264 52.20 58.64 28.38
CA ASP F 264 51.58 59.29 27.24
C ASP F 264 50.11 58.92 27.12
N TRP F 265 49.79 57.66 27.40
CA TRP F 265 48.42 57.18 27.32
C TRP F 265 47.53 57.91 28.31
N TYR F 266 47.99 57.97 29.56
CA TYR F 266 47.24 58.66 30.61
C TYR F 266 47.18 60.15 30.36
N GLU F 267 48.30 60.71 29.92
CA GLU F 267 48.41 62.13 29.64
C GLU F 267 47.38 62.58 28.60
N ASN F 268 47.23 61.78 27.56
CA ASN F 268 46.27 62.07 26.49
C ASN F 268 44.84 62.06 27.04
N LEU F 269 44.64 61.33 28.12
CA LEU F 269 43.33 61.23 28.76
C LEU F 269 43.18 62.30 29.84
N GLY F 270 44.29 62.99 30.13
CA GLY F 270 44.27 64.03 31.14
C GLY F 270 44.59 63.53 32.53
N TYR F 271 45.48 62.55 32.62
CA TYR F 271 45.87 61.96 33.89
C TYR F 271 47.38 61.92 34.03
N LYS F 272 47.86 62.25 35.22
CA LYS F 272 49.29 62.26 35.51
C LYS F 272 49.54 61.92 36.98
N PRO F 273 50.61 61.17 37.26
CA PRO F 273 50.93 60.79 38.63
C PRO F 273 51.37 62.04 39.41
N PRO F 274 50.88 62.21 40.64
CA PRO F 274 51.21 63.36 41.51
C PRO F 274 52.66 63.31 41.99
N ILE F 275 53.59 63.45 41.05
CA ILE F 275 55.01 63.40 41.37
C ILE F 275 55.51 64.67 42.03
N VAL F 276 55.92 64.55 43.29
CA VAL F 276 56.47 65.67 44.04
C VAL F 276 57.97 65.53 43.83
N ASP F 277 58.65 66.66 43.61
CA ASP F 277 60.09 66.65 43.38
C ASP F 277 60.84 65.78 44.39
N GLY F 278 61.60 64.82 43.88
CA GLY F 278 62.36 63.92 44.73
C GLY F 278 61.77 62.53 44.83
N ASP F 279 60.47 62.43 44.57
CA ASP F 279 59.75 61.16 44.64
C ASP F 279 60.36 60.03 43.82
N MET F 280 60.58 60.28 42.54
CA MET F 280 61.13 59.26 41.65
C MET F 280 62.45 58.70 42.13
N GLU F 281 63.25 59.54 42.78
CA GLU F 281 64.55 59.13 43.31
C GLU F 281 64.35 58.24 44.53
N LEU F 282 63.30 58.52 45.28
CA LEU F 282 62.97 57.74 46.48
C LEU F 282 62.51 56.35 46.07
N ILE F 283 61.74 56.29 44.99
CA ILE F 283 61.22 55.04 44.46
C ILE F 283 62.31 54.24 43.76
N HIS F 284 63.26 54.96 43.15
CA HIS F 284 64.37 54.35 42.42
C HIS F 284 65.42 53.70 43.32
N GLN F 285 64.99 52.74 44.14
CA GLN F 285 65.88 52.04 45.05
C GLN F 285 65.97 50.58 44.63
N PRO F 286 67.19 50.05 44.49
CA PRO F 286 67.44 48.66 44.08
C PRO F 286 66.76 47.66 45.00
N ILE F 287 66.00 46.74 44.40
CA ILE F 287 65.33 45.69 45.16
C ILE F 287 66.00 44.36 44.84
N ASP F 288 65.91 43.41 45.77
CA ASP F 288 66.55 42.11 45.60
C ASP F 288 65.85 41.10 44.69
N PHE F 289 64.55 41.27 44.49
CA PHE F 289 63.79 40.35 43.65
C PHE F 289 62.44 40.92 43.22
N ILE F 290 61.80 40.24 42.27
CA ILE F 290 60.49 40.63 41.79
C ILE F 290 59.57 39.44 42.05
N GLY F 291 58.43 39.71 42.67
CA GLY F 291 57.47 38.66 42.95
C GLY F 291 56.45 38.58 41.85
N ILE F 292 56.46 37.47 41.12
CA ILE F 292 55.51 37.28 40.03
C ILE F 292 54.25 36.55 40.50
N ASN F 293 53.12 37.21 40.34
CA ASN F 293 51.83 36.63 40.70
C ASN F 293 51.10 36.34 39.39
N TYR F 294 51.03 35.07 39.03
CA TYR F 294 50.37 34.66 37.79
C TYR F 294 49.20 33.70 38.00
N TYR F 295 48.16 33.87 37.19
CA TYR F 295 46.97 33.03 37.24
C TYR F 295 46.40 32.80 35.85
N THR F 296 46.42 33.85 35.03
CA THR F 296 45.88 33.77 33.67
C THR F 296 46.38 34.91 32.80
N SER F 297 46.01 34.84 31.52
CA SER F 297 46.35 35.87 30.54
C SER F 297 45.26 35.84 29.48
N SER F 298 45.19 36.89 28.68
CA SER F 298 44.17 36.98 27.64
C SER F 298 44.73 37.17 26.24
N MET F 299 43.83 37.37 25.28
CA MET F 299 44.19 37.58 23.89
C MET F 299 43.52 38.91 23.55
N ASN F 300 44.32 39.97 23.43
CA ASN F 300 43.77 41.29 23.16
C ASN F 300 44.04 41.87 21.79
N ARG F 301 43.23 42.86 21.44
CA ARG F 301 43.34 43.57 20.17
C ARG F 301 42.97 45.02 20.40
N TYR F 302 43.53 45.90 19.59
CA TYR F 302 43.27 47.32 19.70
C TYR F 302 41.81 47.61 19.36
N ASN F 303 41.18 48.45 20.15
CA ASN F 303 39.79 48.83 19.93
C ASN F 303 39.50 50.16 20.61
N PRO F 304 39.39 51.24 19.80
CA PRO F 304 39.12 52.61 20.26
C PRO F 304 37.72 52.78 20.87
N GLY F 305 36.83 51.82 20.59
CA GLY F 305 35.48 51.89 21.11
C GLY F 305 35.37 51.46 22.56
N GLU F 306 34.14 51.36 23.04
CA GLU F 306 33.87 50.97 24.43
C GLU F 306 34.45 49.59 24.76
N ALA F 307 34.39 48.69 23.78
CA ALA F 307 34.89 47.33 23.96
C ALA F 307 36.37 47.30 24.35
N GLY F 308 37.11 48.32 23.91
CA GLY F 308 38.52 48.39 24.22
C GLY F 308 38.77 48.92 25.62
N GLY F 309 37.82 49.70 26.13
CA GLY F 309 37.95 50.26 27.46
C GLY F 309 38.91 51.44 27.51
N MET F 310 39.31 51.80 28.72
CA MET F 310 40.24 52.92 28.93
C MET F 310 41.55 52.71 28.19
N LEU F 311 42.02 51.46 28.16
CA LEU F 311 43.27 51.13 27.48
C LEU F 311 43.08 50.83 26.01
N SER F 312 41.84 50.90 25.53
CA SER F 312 41.53 50.62 24.13
C SER F 312 42.14 49.28 23.71
N SER F 313 42.01 48.30 24.60
CA SER F 313 42.54 46.97 24.39
C SER F 313 41.44 45.96 24.74
N GLU F 314 40.77 45.47 23.70
CA GLU F 314 39.67 44.52 23.88
C GLU F 314 40.14 43.08 23.96
N ALA F 315 39.70 42.38 25.01
CA ALA F 315 40.04 40.99 25.20
C ALA F 315 39.07 40.12 24.40
N ILE F 316 39.61 39.08 23.78
CA ILE F 316 38.83 38.17 22.96
C ILE F 316 38.96 36.75 23.52
N SER F 317 37.82 36.13 23.79
CA SER F 317 37.79 34.78 24.34
C SER F 317 38.52 33.78 23.48
N MET F 318 39.38 32.99 24.12
CA MET F 318 40.15 31.96 23.43
C MET F 318 39.34 30.67 23.42
N GLY F 319 38.21 30.68 24.13
CA GLY F 319 37.37 29.51 24.23
C GLY F 319 38.02 28.44 25.08
N ALA F 320 39.10 28.83 25.76
CA ALA F 320 39.87 27.93 26.61
C ALA F 320 39.11 27.55 27.88
N PRO F 321 39.53 26.44 28.52
CA PRO F 321 38.88 25.99 29.75
C PRO F 321 39.08 27.04 30.84
N LYS F 322 38.13 27.14 31.75
CA LYS F 322 38.21 28.13 32.81
C LYS F 322 38.17 27.49 34.19
N THR F 323 38.68 28.22 35.18
CA THR F 323 38.66 27.76 36.55
C THR F 323 37.25 28.08 37.04
N ASP F 324 36.89 27.61 38.23
CA ASP F 324 35.56 27.88 38.77
C ASP F 324 35.24 29.33 39.04
N ILE F 325 36.26 30.19 38.98
CA ILE F 325 36.06 31.62 39.19
C ILE F 325 35.91 32.31 37.84
N GLY F 326 36.03 31.53 36.77
CA GLY F 326 35.88 32.06 35.42
C GLY F 326 37.11 32.51 34.66
N TRP F 327 38.29 32.22 35.18
CA TRP F 327 39.53 32.63 34.51
C TRP F 327 40.02 31.57 33.55
N GLU F 328 40.36 31.99 32.33
CA GLU F 328 40.87 31.06 31.31
C GLU F 328 42.23 30.50 31.71
N ILE F 329 42.49 29.27 31.31
CA ILE F 329 43.75 28.62 31.60
C ILE F 329 44.70 28.83 30.42
N TYR F 330 45.77 29.59 30.65
CA TYR F 330 46.76 29.83 29.62
C TYR F 330 48.13 29.73 30.29
N ALA F 331 48.54 28.48 30.55
CA ALA F 331 49.81 28.19 31.21
C ALA F 331 51.03 28.83 30.56
N GLU F 332 51.02 28.90 29.24
CA GLU F 332 52.14 29.47 28.51
C GLU F 332 52.38 30.93 28.87
N GLY F 333 51.35 31.59 29.38
CA GLY F 333 51.47 32.98 29.77
C GLY F 333 52.47 33.17 30.90
N LEU F 334 52.63 32.15 31.73
CA LEU F 334 53.58 32.21 32.85
C LEU F 334 54.97 32.37 32.27
N TYR F 335 55.33 31.50 31.33
CA TYR F 335 56.62 31.53 30.68
C TYR F 335 56.83 32.86 29.98
N ASP F 336 55.81 33.32 29.25
CA ASP F 336 55.88 34.58 28.53
C ASP F 336 56.14 35.76 29.46
N LEU F 337 55.45 35.78 30.60
CA LEU F 337 55.60 36.85 31.58
C LEU F 337 56.98 36.84 32.20
N LEU F 338 57.45 35.64 32.56
CA LEU F 338 58.76 35.50 33.17
C LEU F 338 59.85 35.92 32.18
N ARG F 339 59.66 35.53 30.92
CA ARG F 339 60.59 35.85 29.85
C ARG F 339 60.66 37.37 29.66
N TYR F 340 59.48 38.00 29.64
CA TYR F 340 59.38 39.45 29.47
C TYR F 340 60.10 40.18 30.59
N THR F 341 59.80 39.80 31.82
CA THR F 341 60.39 40.41 33.00
C THR F 341 61.91 40.21 33.03
N ALA F 342 62.35 39.01 32.66
CA ALA F 342 63.77 38.69 32.63
C ALA F 342 64.51 39.55 31.62
N ASP F 343 63.90 39.75 30.45
CA ASP F 343 64.52 40.54 29.40
C ASP F 343 64.62 42.02 29.76
N LYS F 344 63.48 42.60 30.14
CA LYS F 344 63.41 44.01 30.48
C LYS F 344 64.15 44.47 31.73
N TYR F 345 64.07 43.70 32.80
CA TYR F 345 64.70 44.10 34.06
C TYR F 345 66.07 43.50 34.38
N GLY F 346 66.76 43.02 33.36
CA GLY F 346 68.09 42.46 33.56
C GLY F 346 68.16 41.11 34.24
N ASN F 347 67.14 40.28 34.00
CA ASN F 347 67.06 38.94 34.56
C ASN F 347 67.33 38.91 36.07
N PRO F 348 66.54 39.67 36.85
CA PRO F 348 66.73 39.70 38.30
C PRO F 348 66.18 38.42 38.93
N THR F 349 66.38 38.28 40.23
CA THR F 349 65.88 37.11 40.95
C THR F 349 64.35 37.18 40.89
N LEU F 350 63.73 36.07 40.51
CA LEU F 350 62.29 36.01 40.42
C LEU F 350 61.73 34.92 41.32
N TYR F 351 60.59 35.20 41.92
CA TYR F 351 59.91 34.26 42.79
C TYR F 351 58.44 34.29 42.40
N ILE F 352 57.87 33.15 42.07
CA ILE F 352 56.45 33.11 41.75
C ILE F 352 55.78 33.15 43.12
N THR F 353 55.43 34.35 43.55
CA THR F 353 54.82 34.56 44.86
C THR F 353 53.34 34.16 44.96
N GLU F 354 52.73 33.86 43.82
CA GLU F 354 51.33 33.44 43.76
C GLU F 354 51.00 32.75 42.44
N ASN F 355 50.39 31.58 42.55
CA ASN F 355 49.94 30.81 41.40
C ASN F 355 49.08 29.65 41.86
N GLY F 356 47.83 29.67 41.45
CA GLY F 356 46.90 28.62 41.82
C GLY F 356 45.63 28.72 41.02
N ALA F 357 44.71 27.79 41.28
CA ALA F 357 43.45 27.76 40.55
C ALA F 357 42.28 27.75 41.50
N CYS F 358 41.17 28.34 41.06
CA CYS F 358 39.97 28.35 41.87
C CYS F 358 39.08 27.20 41.46
N TYR F 359 39.04 26.17 42.29
CA TYR F 359 38.21 25.01 42.04
C TYR F 359 37.46 24.73 43.32
N ASN F 360 36.14 24.82 43.25
CA ASN F 360 35.27 24.62 44.40
C ASN F 360 34.96 23.20 44.85
N ASP F 361 35.84 22.26 44.51
CA ASP F 361 35.63 20.86 44.89
C ASP F 361 35.50 20.74 46.40
N GLY F 362 34.50 19.99 46.83
CA GLY F 362 34.29 19.78 48.25
C GLY F 362 34.60 18.33 48.56
N LEU F 363 34.26 17.89 49.77
CA LEU F 363 34.50 16.52 50.18
C LEU F 363 33.53 15.56 49.52
N SER F 364 34.06 14.45 49.02
CA SER F 364 33.24 13.41 48.42
C SER F 364 32.84 12.53 49.61
N LEU F 365 31.95 11.57 49.41
CA LEU F 365 31.55 10.67 50.50
C LEU F 365 32.78 9.86 50.91
N ASP F 366 33.79 9.93 50.05
CA ASP F 366 35.08 9.29 50.22
C ASP F 366 35.72 9.85 51.48
N GLY F 367 35.45 11.14 51.73
CA GLY F 367 36.00 11.84 52.87
C GLY F 367 37.14 12.73 52.43
N ARG F 368 37.49 12.61 51.14
CA ARG F 368 38.58 13.35 50.55
C ARG F 368 38.11 14.28 49.44
N ILE F 369 38.95 15.24 49.08
CA ILE F 369 38.64 16.19 48.01
C ILE F 369 39.47 15.80 46.79
N HIS F 370 38.81 15.24 45.79
CA HIS F 370 39.49 14.80 44.58
C HIS F 370 39.55 15.92 43.55
N ASP F 371 40.36 16.93 43.83
CA ASP F 371 40.50 18.08 42.95
C ASP F 371 41.57 17.90 41.87
N GLN F 372 41.36 16.92 41.00
CA GLN F 372 42.29 16.66 39.91
C GLN F 372 42.52 17.89 39.04
N ARG F 373 41.48 18.71 38.90
CA ARG F 373 41.56 19.91 38.09
C ARG F 373 42.61 20.88 38.61
N ARG F 374 42.77 20.95 39.93
CA ARG F 374 43.77 21.83 40.53
C ARG F 374 45.15 21.24 40.27
N ILE F 375 45.26 19.93 40.39
CA ILE F 375 46.52 19.23 40.16
C ILE F 375 46.98 19.46 38.73
N ASP F 376 46.06 19.30 37.79
CA ASP F 376 46.36 19.50 36.37
C ASP F 376 46.81 20.92 36.09
N TYR F 377 46.12 21.89 36.68
CA TYR F 377 46.46 23.29 36.50
C TYR F 377 47.86 23.57 37.01
N LEU F 378 48.11 23.20 38.27
CA LEU F 378 49.42 23.41 38.88
C LEU F 378 50.52 22.74 38.06
N ALA F 379 50.29 21.50 37.67
CA ALA F 379 51.25 20.75 36.88
C ALA F 379 51.63 21.48 35.60
N MET F 380 50.63 21.97 34.88
CA MET F 380 50.86 22.71 33.64
C MET F 380 51.72 23.93 33.85
N HIS F 381 51.46 24.66 34.93
CA HIS F 381 52.21 25.87 35.23
C HIS F 381 53.62 25.60 35.76
N LEU F 382 53.78 24.49 36.48
CA LEU F 382 55.09 24.13 37.00
C LEU F 382 55.97 23.69 35.83
N ILE F 383 55.32 23.17 34.78
CA ILE F 383 56.03 22.75 33.58
C ILE F 383 56.59 24.00 32.90
N GLN F 384 55.82 25.09 32.94
CA GLN F 384 56.23 26.35 32.35
C GLN F 384 57.31 26.99 33.21
N ALA F 385 57.23 26.77 34.52
CA ALA F 385 58.21 27.31 35.46
C ALA F 385 59.55 26.63 35.20
N SER F 386 59.52 25.32 35.01
CA SER F 386 60.73 24.54 34.73
C SER F 386 61.30 24.98 33.38
N ARG F 387 60.41 25.26 32.44
CA ARG F 387 60.77 25.70 31.10
C ARG F 387 61.57 26.99 31.20
N ALA F 388 61.07 27.92 32.01
CA ALA F 388 61.72 29.22 32.22
C ALA F 388 63.13 29.06 32.77
N ILE F 389 63.27 28.15 33.73
CA ILE F 389 64.57 27.88 34.34
C ILE F 389 65.51 27.30 33.29
N GLU F 390 64.98 26.40 32.46
CA GLU F 390 65.75 25.78 31.40
C GLU F 390 66.13 26.83 30.35
N ASP F 391 65.32 27.88 30.26
CA ASP F 391 65.54 28.96 29.30
C ASP F 391 66.41 30.08 29.89
N GLY F 392 67.14 29.77 30.95
CA GLY F 392 68.03 30.74 31.57
C GLY F 392 67.45 31.83 32.45
N ILE F 393 66.13 31.81 32.69
CA ILE F 393 65.51 32.83 33.54
C ILE F 393 65.82 32.53 35.00
N ASN F 394 66.11 33.56 35.78
CA ASN F 394 66.43 33.39 37.20
C ASN F 394 65.25 33.18 38.13
N LEU F 395 64.50 32.11 37.91
CA LEU F 395 63.36 31.78 38.76
C LEU F 395 63.94 30.96 39.92
N LYS F 396 63.93 31.54 41.11
CA LYS F 396 64.48 30.87 42.28
C LYS F 396 63.46 30.21 43.20
N GLY F 397 62.17 30.38 42.93
CA GLY F 397 61.17 29.77 43.79
C GLY F 397 59.75 29.85 43.29
N TYR F 398 58.91 29.00 43.86
CA TYR F 398 57.49 28.92 43.50
C TYR F 398 56.66 28.76 44.76
N MET F 399 55.63 29.58 44.89
CA MET F 399 54.74 29.55 46.04
C MET F 399 53.31 29.52 45.54
N GLU F 400 52.69 28.35 45.58
CA GLU F 400 51.32 28.21 45.08
C GLU F 400 50.36 28.97 45.98
N TRP F 401 49.40 29.66 45.36
CA TRP F 401 48.46 30.46 46.11
C TRP F 401 47.44 29.72 46.95
N SER F 402 47.40 30.14 48.22
CA SER F 402 46.50 29.63 49.23
C SER F 402 46.79 28.23 49.73
N LEU F 403 47.25 28.17 50.98
CA LEU F 403 47.55 26.92 51.64
C LEU F 403 46.21 26.24 51.88
N MET F 404 45.22 27.05 52.25
CA MET F 404 43.87 26.55 52.55
C MET F 404 42.83 27.50 51.97
N ASP F 405 41.62 27.00 51.76
CA ASP F 405 40.54 27.83 51.24
C ASP F 405 40.34 28.98 52.21
N ASN F 406 40.10 30.18 51.69
CA ASN F 406 39.93 31.35 52.54
C ASN F 406 38.92 32.36 52.01
N PHE F 407 38.89 33.53 52.66
CA PHE F 407 37.99 34.62 52.29
C PHE F 407 38.49 35.21 50.99
N GLU F 408 37.82 34.88 49.90
CA GLU F 408 38.21 35.38 48.58
C GLU F 408 37.69 36.78 48.27
N TRP F 409 38.03 37.72 49.14
CA TRP F 409 37.65 39.13 49.01
C TRP F 409 36.19 39.37 48.65
N ALA F 410 35.94 40.09 47.56
CA ALA F 410 34.58 40.39 47.13
C ALA F 410 33.75 39.14 46.80
N GLU F 411 34.43 38.04 46.49
CA GLU F 411 33.76 36.78 46.16
C GLU F 411 33.29 36.05 47.41
N GLY F 412 33.74 36.52 48.57
CA GLY F 412 33.35 35.87 49.81
C GLY F 412 34.07 34.54 49.95
N TYR F 413 33.40 33.58 50.55
CA TYR F 413 33.99 32.26 50.76
C TYR F 413 33.68 31.22 49.67
N GLY F 414 32.82 31.61 48.73
CA GLY F 414 32.43 30.71 47.65
C GLY F 414 33.51 30.18 46.73
N MET F 415 34.54 30.98 46.46
CA MET F 415 35.63 30.55 45.59
C MET F 415 36.78 29.95 46.39
N ARG F 416 37.13 28.71 46.08
CA ARG F 416 38.20 28.00 46.79
C ARG F 416 39.52 27.90 46.01
N PHE F 417 40.58 28.44 46.60
CA PHE F 417 41.91 28.44 45.98
C PHE F 417 42.94 27.57 46.70
N GLY F 418 42.58 27.03 47.85
CA GLY F 418 43.53 26.26 48.63
C GLY F 418 43.82 24.80 48.36
N LEU F 419 44.92 24.33 48.94
CA LEU F 419 45.35 22.95 48.84
C LEU F 419 44.67 22.18 49.97
N VAL F 420 44.23 22.92 50.99
CA VAL F 420 43.56 22.35 52.14
C VAL F 420 42.13 22.87 52.17
N HIS F 421 41.17 21.95 52.20
CA HIS F 421 39.77 22.31 52.25
C HIS F 421 39.35 22.79 53.63
N VAL F 422 38.66 23.91 53.68
CA VAL F 422 38.19 24.45 54.95
C VAL F 422 36.68 24.56 54.92
N ASP F 423 36.02 23.87 55.84
CA ASP F 423 34.57 23.93 55.95
C ASP F 423 34.31 25.13 56.84
N TYR F 424 33.84 26.22 56.26
CA TYR F 424 33.61 27.46 57.01
C TYR F 424 32.59 27.41 58.13
N ASP F 425 31.71 26.41 58.12
CA ASP F 425 30.72 26.28 59.17
C ASP F 425 31.29 25.58 60.39
N THR F 426 32.14 24.59 60.15
CA THR F 426 32.76 23.81 61.23
C THR F 426 34.24 24.12 61.40
N LEU F 427 34.78 24.93 60.49
CA LEU F 427 36.19 25.31 60.50
C LEU F 427 37.15 24.12 60.44
N VAL F 428 36.64 22.97 60.02
CA VAL F 428 37.44 21.76 59.89
C VAL F 428 38.28 21.81 58.63
N ARG F 429 39.56 21.49 58.77
CA ARG F 429 40.48 21.49 57.64
C ARG F 429 40.81 20.09 57.17
N THR F 430 40.66 19.86 55.87
CA THR F 430 40.92 18.55 55.27
C THR F 430 41.83 18.73 54.06
N PRO F 431 43.04 18.14 54.10
CA PRO F 431 43.96 18.26 52.97
C PRO F 431 43.36 17.64 51.71
N LYS F 432 43.38 18.39 50.62
CA LYS F 432 42.85 17.92 49.34
C LYS F 432 43.88 17.04 48.66
N ASP F 433 43.50 16.44 47.53
CA ASP F 433 44.42 15.58 46.79
C ASP F 433 45.61 16.40 46.27
N SER F 434 45.34 17.66 45.94
CA SER F 434 46.36 18.56 45.44
C SER F 434 47.45 18.79 46.49
N PHE F 435 47.06 18.76 47.76
CA PHE F 435 47.99 18.95 48.87
C PHE F 435 49.04 17.84 48.82
N TYR F 436 48.57 16.59 48.80
CA TYR F 436 49.44 15.44 48.75
C TYR F 436 50.26 15.40 47.46
N TRP F 437 49.67 15.88 46.38
CA TRP F 437 50.35 15.92 45.09
C TRP F 437 51.52 16.90 45.15
N TYR F 438 51.23 18.13 45.57
CA TYR F 438 52.24 19.17 45.68
C TYR F 438 53.34 18.74 46.62
N LYS F 439 52.95 18.03 47.69
CA LYS F 439 53.90 17.54 48.67
C LYS F 439 54.92 16.65 47.97
N GLY F 440 54.44 15.77 47.10
CA GLY F 440 55.30 14.87 46.36
C GLY F 440 56.23 15.59 45.41
N VAL F 441 55.72 16.65 44.76
CA VAL F 441 56.52 17.42 43.82
C VAL F 441 57.68 18.09 44.58
N ILE F 442 57.37 18.64 45.75
CA ILE F 442 58.36 19.31 46.58
C ILE F 442 59.42 18.31 47.03
N SER F 443 58.98 17.13 47.41
CA SER F 443 59.87 16.07 47.88
C SER F 443 60.83 15.60 46.79
N ARG F 444 60.30 15.31 45.61
CA ARG F 444 61.10 14.85 44.48
C ARG F 444 61.99 15.94 43.93
N GLY F 445 61.43 17.13 43.72
CA GLY F 445 62.18 18.24 43.17
C GLY F 445 62.01 18.27 41.67
N TRP F 446 61.23 17.33 41.14
CA TRP F 446 60.97 17.23 39.71
C TRP F 446 59.54 16.76 39.48
N LEU F 447 59.13 16.73 38.22
CA LEU F 447 57.78 16.33 37.88
C LEU F 447 57.73 15.39 36.68
N ASP F 448 57.15 14.22 36.87
CA ASP F 448 57.03 13.23 35.80
C ASP F 448 55.63 13.35 35.20
N LEU F 449 55.50 14.21 34.20
CA LEU F 449 54.22 14.47 33.55
C LEU F 449 54.41 14.51 32.04
N SER G 1 18.64 41.85 47.07
CA SER G 1 18.09 43.07 47.72
C SER G 1 18.43 43.02 49.20
N ILE G 2 18.95 44.12 49.73
CA ILE G 2 19.33 44.18 51.13
C ILE G 2 18.22 44.59 52.09
N HIS G 3 17.87 43.65 52.97
CA HIS G 3 16.83 43.85 53.96
C HIS G 3 17.54 44.11 55.28
N MET G 4 17.55 45.39 55.66
CA MET G 4 18.21 45.85 56.87
C MET G 4 17.41 45.67 58.16
N PHE G 5 18.13 45.54 59.27
CA PHE G 5 17.53 45.39 60.58
C PHE G 5 18.27 46.35 61.52
N PRO G 6 17.53 46.96 62.47
CA PRO G 6 18.10 47.91 63.43
C PRO G 6 19.29 47.32 64.19
N SER G 7 20.24 48.19 64.54
CA SER G 7 21.44 47.78 65.26
C SER G 7 21.10 47.11 66.59
N ASP G 8 20.08 47.60 67.27
CA ASP G 8 19.65 47.07 68.56
C ASP G 8 18.56 46.01 68.44
N PHE G 9 18.46 45.38 67.27
CA PHE G 9 17.45 44.35 67.04
C PHE G 9 17.80 43.11 67.87
N LYS G 10 16.81 42.57 68.57
CA LYS G 10 17.03 41.41 69.42
C LYS G 10 16.83 40.09 68.68
N TRP G 11 17.95 39.53 68.22
CA TRP G 11 17.94 38.25 67.52
C TRP G 11 17.93 37.13 68.55
N GLY G 12 17.03 36.17 68.37
CA GLY G 12 16.95 35.09 69.31
C GLY G 12 16.37 33.80 68.75
N VAL G 13 16.18 32.84 69.64
CA VAL G 13 15.62 31.53 69.29
C VAL G 13 14.83 31.08 70.53
N ALA G 14 13.86 30.20 70.33
CA ALA G 14 13.03 29.76 71.46
C ALA G 14 12.80 28.26 71.58
N THR G 15 12.45 27.84 72.79
CA THR G 15 12.16 26.45 73.12
C THR G 15 11.04 26.43 74.16
N ALA G 16 10.66 25.23 74.59
CA ALA G 16 9.61 25.07 75.59
C ALA G 16 9.98 23.93 76.51
N ALA G 17 9.74 24.11 77.81
CA ALA G 17 10.07 23.14 78.83
C ALA G 17 9.78 21.67 78.50
N TYR G 18 8.51 21.31 78.40
CA TYR G 18 8.14 19.93 78.12
C TYR G 18 8.60 19.40 76.77
N GLN G 19 8.90 20.31 75.85
CA GLN G 19 9.35 19.91 74.52
C GLN G 19 10.82 19.49 74.43
N ILE G 20 11.66 20.02 75.31
CA ILE G 20 13.08 19.70 75.26
C ILE G 20 13.73 19.13 76.52
N GLU G 21 13.28 19.58 77.69
CA GLU G 21 13.84 19.17 78.98
C GLU G 21 14.05 17.69 79.27
N GLY G 22 12.98 16.93 79.28
CA GLY G 22 13.09 15.52 79.60
C GLY G 22 13.16 15.41 81.11
N ALA G 23 13.63 14.27 81.63
CA ALA G 23 13.74 14.07 83.08
C ALA G 23 12.43 14.48 83.76
N TYR G 24 11.33 14.00 83.21
CA TYR G 24 10.00 14.32 83.70
C TYR G 24 9.73 13.78 85.10
N ASN G 25 10.38 12.66 85.43
CA ASN G 25 10.20 12.03 86.73
C ASN G 25 11.48 12.09 87.56
N GLU G 26 12.17 13.22 87.50
CA GLU G 26 13.42 13.39 88.24
C GLU G 26 13.43 14.61 89.13
N ASP G 27 14.28 14.54 90.16
CA ASP G 27 14.45 15.62 91.11
C ASP G 27 13.15 16.22 91.63
N GLY G 28 12.20 15.34 91.92
CA GLY G 28 10.91 15.77 92.45
C GLY G 28 9.96 16.52 91.55
N ARG G 29 10.10 16.37 90.24
CA ARG G 29 9.20 17.06 89.32
C ARG G 29 7.84 16.39 89.34
N GLY G 30 6.79 17.20 89.42
CA GLY G 30 5.44 16.67 89.44
C GLY G 30 4.96 16.50 88.01
N MET G 31 3.95 15.66 87.82
CA MET G 31 3.40 15.43 86.49
C MET G 31 2.57 16.63 86.04
N SER G 32 2.56 16.87 84.74
CA SER G 32 1.78 17.96 84.16
C SER G 32 0.67 17.32 83.36
N ILE G 33 -0.26 18.13 82.86
CA ILE G 33 -1.35 17.61 82.05
C ILE G 33 -0.82 16.95 80.80
N TRP G 34 0.35 17.39 80.34
CA TRP G 34 0.97 16.82 79.14
C TRP G 34 1.64 15.49 79.39
N ASP G 35 2.14 15.27 80.60
CA ASP G 35 2.77 13.99 80.93
C ASP G 35 1.64 12.97 80.88
N THR G 36 0.51 13.35 81.49
CA THR G 36 -0.68 12.51 81.55
C THR G 36 -1.22 12.24 80.14
N PHE G 37 -1.40 13.31 79.38
CA PHE G 37 -1.92 13.24 78.02
C PHE G 37 -1.07 12.34 77.14
N ALA G 38 0.24 12.61 77.12
CA ALA G 38 1.18 11.84 76.32
C ALA G 38 1.23 10.38 76.70
N HIS G 39 1.03 10.10 77.99
CA HIS G 39 1.04 8.73 78.49
C HIS G 39 -0.25 7.99 78.17
N THR G 40 -1.28 8.74 77.80
CA THR G 40 -2.58 8.16 77.46
C THR G 40 -2.55 7.61 76.04
N PRO G 41 -2.81 6.30 75.89
CA PRO G 41 -2.81 5.63 74.58
C PRO G 41 -3.73 6.33 73.58
N GLY G 42 -3.20 6.60 72.40
CA GLY G 42 -3.98 7.23 71.35
C GLY G 42 -4.02 8.75 71.35
N LYS G 43 -3.46 9.39 72.36
CA LYS G 43 -3.46 10.84 72.44
C LYS G 43 -2.33 11.48 71.64
N VAL G 44 -1.17 10.84 71.62
CA VAL G 44 -0.03 11.35 70.88
C VAL G 44 0.41 10.34 69.83
N LYS G 45 0.82 10.85 68.67
CA LYS G 45 1.26 10.00 67.56
C LYS G 45 2.37 9.05 67.97
N ASN G 46 2.19 7.77 67.66
CA ASN G 46 3.15 6.71 67.97
C ASN G 46 3.31 6.42 69.46
N GLY G 47 2.61 7.18 70.29
CA GLY G 47 2.71 6.99 71.73
C GLY G 47 3.92 7.70 72.30
N ASP G 48 4.36 8.74 71.60
CA ASP G 48 5.52 9.53 72.02
C ASP G 48 5.18 10.38 73.23
N ASN G 49 6.21 10.74 74.00
CA ASN G 49 6.04 11.57 75.20
C ASN G 49 7.32 12.32 75.50
N GLY G 50 7.20 13.36 76.33
CA GLY G 50 8.36 14.15 76.68
C GLY G 50 9.16 13.63 77.86
N ASN G 51 9.15 12.31 78.05
CA ASN G 51 9.90 11.69 79.14
C ASN G 51 11.39 12.05 79.06
N VAL G 52 11.95 11.91 77.87
CA VAL G 52 13.36 12.21 77.64
C VAL G 52 13.53 13.43 76.75
N ALA G 53 12.75 13.49 75.68
CA ALA G 53 12.80 14.60 74.73
C ALA G 53 14.22 14.83 74.20
N CYS G 54 14.81 15.98 74.52
CA CYS G 54 16.17 16.29 74.08
C CYS G 54 17.14 16.18 75.24
N ASP G 55 16.60 15.83 76.42
CA ASP G 55 17.38 15.67 77.64
C ASP G 55 18.11 16.96 78.04
N SER G 56 17.54 18.10 77.69
CA SER G 56 18.14 19.39 78.00
C SER G 56 18.28 19.65 79.50
N TYR G 57 17.57 18.88 80.32
CA TYR G 57 17.64 19.04 81.76
C TYR G 57 19.04 18.66 82.25
N HIS G 58 19.66 17.72 81.54
CA HIS G 58 21.00 17.26 81.88
C HIS G 58 22.04 17.82 80.92
N ARG G 59 21.62 18.70 80.03
CA ARG G 59 22.53 19.25 79.04
C ARG G 59 22.51 20.78 78.95
N VAL G 60 22.59 21.44 80.11
CA VAL G 60 22.59 22.90 80.17
C VAL G 60 23.76 23.45 79.37
N GLU G 61 24.93 22.87 79.59
CA GLU G 61 26.15 23.28 78.92
C GLU G 61 26.02 23.16 77.40
N GLU G 62 25.46 22.05 76.94
CA GLU G 62 25.28 21.82 75.51
C GLU G 62 24.30 22.81 74.90
N ASP G 63 23.22 23.09 75.61
CA ASP G 63 22.21 24.04 75.15
C ASP G 63 22.84 25.41 74.94
N VAL G 64 23.49 25.91 75.98
CA VAL G 64 24.13 27.21 75.95
C VAL G 64 25.22 27.29 74.88
N GLN G 65 25.90 26.18 74.64
CA GLN G 65 26.96 26.16 73.64
C GLN G 65 26.36 26.39 72.26
N LEU G 66 25.22 25.75 71.99
CA LEU G 66 24.53 25.92 70.71
C LEU G 66 24.13 27.39 70.57
N LEU G 67 23.66 27.96 71.68
CA LEU G 67 23.22 29.34 71.72
C LEU G 67 24.33 30.34 71.43
N LYS G 68 25.50 30.13 72.02
CA LYS G 68 26.60 31.06 71.77
C LYS G 68 27.21 30.83 70.39
N ASP G 69 27.08 29.61 69.88
CA ASP G 69 27.59 29.29 68.54
C ASP G 69 26.70 29.98 67.52
N LEU G 70 25.41 30.04 67.81
CA LEU G 70 24.43 30.66 66.92
C LEU G 70 24.58 32.17 66.94
N GLY G 71 25.17 32.70 68.01
CA GLY G 71 25.37 34.14 68.14
C GLY G 71 24.11 34.87 68.57
N VAL G 72 23.17 34.11 69.11
CA VAL G 72 21.90 34.64 69.59
C VAL G 72 22.07 35.63 70.73
N LYS G 73 21.30 36.71 70.70
CA LYS G 73 21.36 37.74 71.74
C LYS G 73 20.29 37.53 72.80
N VAL G 74 19.23 36.80 72.44
CA VAL G 74 18.13 36.52 73.34
C VAL G 74 17.72 35.05 73.23
N TYR G 75 17.41 34.43 74.36
CA TYR G 75 16.98 33.05 74.37
C TYR G 75 15.66 32.95 75.11
N ARG G 76 14.63 32.50 74.42
CA ARG G 76 13.33 32.37 75.05
C ARG G 76 13.07 30.90 75.43
N PHE G 77 12.79 30.69 76.70
CA PHE G 77 12.52 29.36 77.22
C PHE G 77 11.37 29.47 78.22
N SER G 78 10.83 28.35 78.67
CA SER G 78 9.75 28.38 79.63
C SER G 78 10.09 27.61 80.90
N ILE G 79 9.38 27.94 81.98
CA ILE G 79 9.59 27.29 83.26
C ILE G 79 8.54 26.19 83.42
N SER G 80 8.98 25.01 83.80
CA SER G 80 8.05 23.89 84.01
C SER G 80 7.45 24.08 85.39
N TRP G 81 6.20 24.52 85.43
CA TRP G 81 5.47 24.76 86.68
C TRP G 81 5.59 23.58 87.66
N PRO G 82 5.32 22.34 87.20
CA PRO G 82 5.40 21.17 88.08
C PRO G 82 6.80 20.88 88.61
N ARG G 83 7.81 21.48 87.98
CA ARG G 83 9.19 21.26 88.40
C ARG G 83 9.59 22.15 89.58
N VAL G 84 8.92 23.29 89.73
CA VAL G 84 9.21 24.22 90.82
C VAL G 84 8.16 24.11 91.94
N LEU G 85 6.95 23.73 91.57
CA LEU G 85 5.83 23.54 92.49
C LEU G 85 5.12 22.29 91.97
N PRO G 86 5.59 21.11 92.38
CA PRO G 86 5.03 19.81 91.98
C PRO G 86 3.51 19.68 92.09
N GLN G 87 2.93 20.34 93.10
CA GLN G 87 1.50 20.30 93.32
C GLN G 87 0.82 21.55 92.78
N GLY G 88 1.59 22.40 92.13
CA GLY G 88 1.07 23.64 91.57
C GLY G 88 1.07 24.74 92.60
N THR G 89 1.05 24.35 93.87
CA THR G 89 1.05 25.28 94.98
C THR G 89 1.64 24.60 96.21
N GLY G 90 2.09 25.43 97.16
CA GLY G 90 2.66 24.89 98.38
C GLY G 90 4.14 24.61 98.37
N GLU G 91 4.49 23.34 98.58
CA GLU G 91 5.87 22.89 98.62
C GLU G 91 6.69 23.28 97.39
N VAL G 92 7.79 23.99 97.64
CA VAL G 92 8.68 24.44 96.57
C VAL G 92 9.81 23.43 96.35
N ASN G 93 9.92 22.96 95.12
CA ASN G 93 10.97 22.01 94.76
C ASN G 93 12.22 22.77 94.34
N ARG G 94 13.13 22.97 95.29
CA ARG G 94 14.36 23.71 95.03
C ARG G 94 15.26 23.09 93.97
N ALA G 95 15.18 21.77 93.81
CA ALA G 95 15.98 21.09 92.79
C ALA G 95 15.62 21.61 91.40
N GLY G 96 14.33 21.89 91.20
CA GLY G 96 13.86 22.40 89.93
C GLY G 96 14.37 23.81 89.70
N LEU G 97 14.21 24.66 90.72
CA LEU G 97 14.66 26.04 90.64
C LEU G 97 16.16 26.12 90.41
N ASP G 98 16.90 25.15 90.95
CA ASP G 98 18.35 25.10 90.79
C ASP G 98 18.70 25.00 89.31
N TYR G 99 17.95 24.17 88.59
CA TYR G 99 18.18 23.97 87.15
C TYR G 99 18.02 25.28 86.40
N TYR G 100 16.90 25.97 86.64
CA TYR G 100 16.63 27.23 85.97
C TYR G 100 17.65 28.30 86.32
N HIS G 101 18.15 28.28 87.55
CA HIS G 101 19.15 29.24 87.98
C HIS G 101 20.46 28.95 87.26
N ARG G 102 20.78 27.67 87.12
CA ARG G 102 22.01 27.24 86.45
C ARG G 102 21.96 27.64 84.98
N LEU G 103 20.80 27.47 84.36
CA LEU G 103 20.60 27.81 82.96
C LEU G 103 20.74 29.31 82.77
N VAL G 104 19.99 30.08 83.56
CA VAL G 104 20.03 31.54 83.48
C VAL G 104 21.42 32.08 83.73
N ASP G 105 22.14 31.49 84.67
CA ASP G 105 23.50 31.92 84.99
C ASP G 105 24.42 31.73 83.80
N GLU G 106 24.28 30.59 83.13
CA GLU G 106 25.10 30.29 81.97
C GLU G 106 24.79 31.27 80.84
N LEU G 107 23.50 31.55 80.65
CA LEU G 107 23.07 32.47 79.62
C LEU G 107 23.72 33.82 79.86
N LEU G 108 23.52 34.36 81.06
CA LEU G 108 24.08 35.64 81.46
C LEU G 108 25.60 35.69 81.31
N ALA G 109 26.24 34.58 81.68
CA ALA G 109 27.69 34.47 81.60
C ALA G 109 28.21 34.53 80.16
N ASN G 110 27.34 34.20 79.21
CA ASN G 110 27.72 34.22 77.80
C ASN G 110 27.07 35.36 77.01
N GLY G 111 26.57 36.36 77.74
CA GLY G 111 25.94 37.51 77.10
C GLY G 111 24.62 37.25 76.40
N ILE G 112 23.89 36.23 76.85
CA ILE G 112 22.60 35.90 76.27
C ILE G 112 21.49 36.34 77.21
N GLU G 113 20.61 37.20 76.71
CA GLU G 113 19.50 37.73 77.49
C GLU G 113 18.36 36.72 77.61
N PRO G 114 18.00 36.34 78.84
CA PRO G 114 16.92 35.38 79.09
C PRO G 114 15.55 35.99 78.85
N PHE G 115 14.70 35.24 78.16
CA PHE G 115 13.34 35.68 77.86
C PHE G 115 12.51 34.53 78.44
N CYS G 116 12.10 34.69 79.69
CA CYS G 116 11.35 33.66 80.39
C CYS G 116 9.86 33.64 80.14
N THR G 117 9.35 32.43 79.88
CA THR G 117 7.93 32.21 79.64
C THR G 117 7.41 31.39 80.81
N LEU G 118 6.57 32.00 81.64
CA LEU G 118 5.99 31.34 82.80
C LEU G 118 5.16 30.11 82.49
N TYR G 119 4.19 30.26 81.57
CA TYR G 119 3.32 29.14 81.25
C TYR G 119 3.31 28.76 79.78
N HIS G 120 3.70 27.51 79.51
CA HIS G 120 3.70 26.99 78.16
C HIS G 120 2.98 25.64 78.12
N TRP G 121 1.73 25.66 78.58
CA TRP G 121 0.83 24.50 78.57
C TRP G 121 1.03 23.37 79.58
N ASP G 122 2.15 23.36 80.29
CA ASP G 122 2.42 22.30 81.26
C ASP G 122 1.82 22.49 82.67
N LEU G 123 0.49 22.61 82.73
CA LEU G 123 -0.21 22.78 84.01
C LEU G 123 -0.03 21.55 84.90
N PRO G 124 0.30 21.77 86.19
CA PRO G 124 0.48 20.65 87.12
C PRO G 124 -0.79 19.81 87.21
N GLN G 125 -0.63 18.50 87.08
CA GLN G 125 -1.77 17.59 87.13
C GLN G 125 -2.59 17.77 88.40
N ALA G 126 -1.93 18.10 89.50
CA ALA G 126 -2.59 18.30 90.78
C ALA G 126 -3.68 19.37 90.67
N LEU G 127 -3.39 20.44 89.94
CA LEU G 127 -4.34 21.52 89.73
C LEU G 127 -5.43 21.10 88.77
N GLN G 128 -5.05 20.28 87.79
CA GLN G 128 -6.00 19.78 86.80
C GLN G 128 -7.04 18.89 87.49
N ASP G 129 -6.60 18.17 88.52
CA ASP G 129 -7.49 17.29 89.27
C ASP G 129 -8.55 18.11 90.00
N GLN G 130 -8.22 19.38 90.26
CA GLN G 130 -9.13 20.30 90.94
C GLN G 130 -9.97 21.10 89.93
N GLY G 131 -9.90 20.71 88.67
CA GLY G 131 -10.64 21.40 87.63
C GLY G 131 -9.78 22.13 86.62
N GLY G 132 -8.49 22.24 86.92
CA GLY G 132 -7.57 22.92 86.02
C GLY G 132 -7.98 24.36 85.80
N TRP G 133 -7.72 24.85 84.59
CA TRP G 133 -8.05 26.24 84.26
C TRP G 133 -9.55 26.51 84.23
N GLY G 134 -10.35 25.48 84.46
CA GLY G 134 -11.79 25.66 84.48
C GLY G 134 -12.23 26.22 85.83
N SER G 135 -11.35 26.06 86.83
CA SER G 135 -11.61 26.54 88.18
C SER G 135 -10.81 27.80 88.49
N ARG G 136 -11.44 28.73 89.20
CA ARG G 136 -10.78 29.99 89.57
C ARG G 136 -9.64 29.77 90.57
N ILE G 137 -9.62 28.59 91.19
CA ILE G 137 -8.59 28.23 92.15
C ILE G 137 -7.23 28.27 91.48
N THR G 138 -7.18 27.86 90.23
CA THR G 138 -5.95 27.82 89.46
C THR G 138 -5.39 29.24 89.24
N ILE G 139 -6.27 30.23 89.23
CA ILE G 139 -5.84 31.62 89.06
C ILE G 139 -4.96 32.00 90.24
N ASP G 140 -5.35 31.55 91.43
CA ASP G 140 -4.59 31.82 92.66
C ASP G 140 -3.25 31.10 92.56
N ALA G 141 -3.29 29.84 92.17
CA ALA G 141 -2.09 29.02 92.02
C ALA G 141 -1.08 29.67 91.09
N PHE G 142 -1.57 30.22 89.97
CA PHE G 142 -0.67 30.87 89.01
C PHE G 142 -0.08 32.14 89.60
N ALA G 143 -0.87 32.87 90.38
CA ALA G 143 -0.40 34.10 91.00
C ALA G 143 0.74 33.77 91.97
N GLU G 144 0.59 32.66 92.69
CA GLU G 144 1.59 32.20 93.64
C GLU G 144 2.85 31.79 92.88
N TYR G 145 2.64 31.07 91.78
CA TYR G 145 3.70 30.58 90.91
C TYR G 145 4.47 31.76 90.31
N ALA G 146 3.75 32.72 89.77
CA ALA G 146 4.36 33.90 89.16
C ALA G 146 5.22 34.65 90.16
N GLU G 147 4.66 34.91 91.33
CA GLU G 147 5.36 35.62 92.40
C GLU G 147 6.66 34.90 92.77
N LEU G 148 6.59 33.57 92.85
CA LEU G 148 7.75 32.76 93.19
C LEU G 148 8.87 32.96 92.17
N MET G 149 8.54 32.82 90.89
CA MET G 149 9.53 32.97 89.83
C MET G 149 10.08 34.39 89.75
N PHE G 150 9.21 35.38 89.99
CA PHE G 150 9.63 36.78 89.96
C PHE G 150 10.66 37.04 91.05
N LYS G 151 10.46 36.43 92.22
CA LYS G 151 11.37 36.59 93.33
C LYS G 151 12.66 35.80 93.13
N GLU G 152 12.53 34.62 92.54
CA GLU G 152 13.68 33.75 92.29
C GLU G 152 14.58 34.24 91.16
N LEU G 153 14.03 34.31 89.96
CA LEU G 153 14.79 34.71 88.78
C LEU G 153 14.61 36.17 88.35
N GLY G 154 13.72 36.89 89.02
CA GLY G 154 13.47 38.28 88.68
C GLY G 154 14.67 39.21 88.63
N GLY G 155 15.72 38.87 89.39
CA GLY G 155 16.90 39.70 89.41
C GLY G 155 17.82 39.47 88.22
N LYS G 156 17.65 38.34 87.54
CA LYS G 156 18.47 37.99 86.39
C LYS G 156 17.70 38.11 85.07
N ILE G 157 16.40 37.88 85.15
CA ILE G 157 15.53 37.93 83.97
C ILE G 157 14.74 39.24 83.90
N LYS G 158 14.88 39.93 82.77
CA LYS G 158 14.20 41.20 82.55
C LYS G 158 13.20 41.13 81.38
N GLN G 159 12.89 39.91 80.94
CA GLN G 159 11.97 39.68 79.84
C GLN G 159 11.03 38.57 80.27
N TRP G 160 9.78 38.91 80.55
CA TRP G 160 8.80 37.92 81.00
C TRP G 160 7.56 37.82 80.15
N ILE G 161 7.10 36.59 79.95
CA ILE G 161 5.89 36.30 79.20
C ILE G 161 5.04 35.43 80.11
N THR G 162 3.81 35.87 80.36
CA THR G 162 2.92 35.13 81.23
C THR G 162 2.46 33.83 80.57
N PHE G 163 1.66 33.96 79.51
CA PHE G 163 1.14 32.80 78.80
C PHE G 163 1.55 32.79 77.35
N ASN G 164 1.89 31.61 76.84
CA ASN G 164 2.29 31.46 75.45
C ASN G 164 1.16 30.79 74.69
N GLU G 165 0.68 31.45 73.65
CA GLU G 165 -0.38 30.94 72.80
C GLU G 165 -1.63 30.53 73.57
N PRO G 166 -2.34 31.52 74.16
CA PRO G 166 -3.56 31.31 74.95
C PRO G 166 -4.62 30.49 74.23
N TRP G 167 -4.79 30.74 72.93
CA TRP G 167 -5.79 30.04 72.15
C TRP G 167 -5.52 28.54 72.13
N CYS G 168 -4.26 28.16 71.97
CA CYS G 168 -3.87 26.75 71.93
C CYS G 168 -4.16 26.04 73.24
N MET G 169 -3.76 26.65 74.35
CA MET G 169 -3.99 26.05 75.66
C MET G 169 -5.47 26.09 76.08
N ALA G 170 -6.23 26.98 75.47
CA ALA G 170 -7.65 27.12 75.79
C ALA G 170 -8.57 26.36 74.83
N PHE G 171 -8.66 26.84 73.60
CA PHE G 171 -9.53 26.24 72.59
C PHE G 171 -9.06 24.91 71.99
N LEU G 172 -7.81 24.85 71.55
CA LEU G 172 -7.30 23.61 70.96
C LEU G 172 -7.26 22.48 71.99
N SER G 173 -7.14 22.86 73.27
CA SER G 173 -7.07 21.91 74.36
C SER G 173 -8.41 21.53 74.98
N ASN G 174 -9.27 22.52 75.20
CA ASN G 174 -10.56 22.27 75.83
C ASN G 174 -11.78 22.32 74.92
N TYR G 175 -11.60 22.74 73.68
CA TYR G 175 -12.69 22.83 72.72
C TYR G 175 -12.55 21.80 71.60
N LEU G 176 -11.35 21.70 71.04
CA LEU G 176 -11.09 20.76 69.95
C LEU G 176 -10.56 19.43 70.47
N GLY G 177 -10.10 19.40 71.71
CA GLY G 177 -9.59 18.18 72.32
C GLY G 177 -8.34 17.59 71.70
N VAL G 178 -7.56 18.42 71.00
CA VAL G 178 -6.34 17.95 70.36
C VAL G 178 -5.14 18.02 71.31
N HIS G 179 -5.18 18.98 72.22
CA HIS G 179 -4.12 19.16 73.21
C HIS G 179 -4.63 18.94 74.62
N ALA G 180 -3.71 18.67 75.54
CA ALA G 180 -4.06 18.42 76.94
C ALA G 180 -4.81 19.62 77.53
N PRO G 181 -5.84 19.37 78.36
CA PRO G 181 -6.40 18.10 78.85
C PRO G 181 -7.09 17.24 77.79
N GLY G 182 -7.56 17.87 76.72
CA GLY G 182 -8.23 17.12 75.67
C GLY G 182 -9.74 17.11 75.80
N ASN G 183 -10.31 18.25 76.15
CA ASN G 183 -11.75 18.39 76.30
C ASN G 183 -12.38 18.97 75.04
N LYS G 184 -13.69 18.78 74.91
CA LYS G 184 -14.45 19.29 73.77
C LYS G 184 -15.68 20.00 74.31
N ASP G 185 -15.48 21.25 74.74
CA ASP G 185 -16.54 22.08 75.31
C ASP G 185 -16.17 23.54 75.04
N LEU G 186 -16.95 24.18 74.18
CA LEU G 186 -16.71 25.57 73.83
C LEU G 186 -16.75 26.48 75.05
N GLN G 187 -17.78 26.33 75.88
CA GLN G 187 -17.91 27.15 77.08
C GLN G 187 -16.71 26.99 78.01
N LEU G 188 -16.26 25.75 78.18
CA LEU G 188 -15.10 25.47 79.04
C LEU G 188 -13.87 26.20 78.49
N ALA G 189 -13.73 26.17 77.17
CA ALA G 189 -12.60 26.83 76.50
C ALA G 189 -12.67 28.33 76.77
N ILE G 190 -13.88 28.86 76.79
CA ILE G 190 -14.10 30.28 77.05
C ILE G 190 -13.83 30.59 78.52
N ASP G 191 -14.13 29.63 79.39
CA ASP G 191 -13.89 29.78 80.83
C ASP G 191 -12.39 29.86 81.05
N VAL G 192 -11.67 28.91 80.45
CA VAL G 192 -10.22 28.83 80.55
C VAL G 192 -9.59 30.11 80.04
N SER G 193 -10.08 30.61 78.91
CA SER G 193 -9.57 31.84 78.32
C SER G 193 -9.70 33.01 79.29
N HIS G 194 -10.83 33.05 80.00
CA HIS G 194 -11.08 34.11 80.96
C HIS G 194 -10.17 33.98 82.19
N HIS G 195 -10.09 32.79 82.74
CA HIS G 195 -9.27 32.53 83.92
C HIS G 195 -7.79 32.77 83.70
N LEU G 196 -7.28 32.42 82.51
CA LEU G 196 -5.87 32.62 82.22
C LEU G 196 -5.58 34.11 82.11
N LEU G 197 -6.55 34.87 81.59
CA LEU G 197 -6.40 36.32 81.47
C LEU G 197 -6.35 36.99 82.83
N VAL G 198 -7.19 36.50 83.75
CA VAL G 198 -7.22 37.05 85.11
C VAL G 198 -5.89 36.72 85.77
N ALA G 199 -5.43 35.48 85.59
CA ALA G 199 -4.17 35.03 86.15
C ALA G 199 -3.04 35.90 85.60
N HIS G 200 -3.15 36.25 84.32
CA HIS G 200 -2.16 37.10 83.65
C HIS G 200 -2.15 38.48 84.27
N GLY G 201 -3.34 39.07 84.41
CA GLY G 201 -3.48 40.39 84.98
C GLY G 201 -2.88 40.47 86.37
N ARG G 202 -3.17 39.46 87.18
CA ARG G 202 -2.67 39.40 88.54
C ARG G 202 -1.14 39.27 88.54
N ALA G 203 -0.62 38.51 87.58
CA ALA G 203 0.82 38.31 87.47
C ALA G 203 1.51 39.61 87.08
N VAL G 204 0.88 40.39 86.21
CA VAL G 204 1.43 41.67 85.78
C VAL G 204 1.48 42.61 86.97
N THR G 205 0.39 42.63 87.75
CA THR G 205 0.31 43.49 88.92
C THR G 205 1.43 43.14 89.90
N LEU G 206 1.63 41.85 90.14
CA LEU G 206 2.70 41.39 91.03
C LEU G 206 4.06 41.86 90.53
N PHE G 207 4.26 41.73 89.21
CA PHE G 207 5.51 42.14 88.57
C PHE G 207 5.81 43.60 88.89
N ARG G 208 4.76 44.43 88.82
CA ARG G 208 4.89 45.86 89.08
C ARG G 208 5.16 46.13 90.56
N GLU G 209 4.37 45.47 91.43
CA GLU G 209 4.50 45.64 92.87
C GLU G 209 5.87 45.22 93.40
N LEU G 210 6.41 44.14 92.85
CA LEU G 210 7.72 43.65 93.27
C LEU G 210 8.84 44.57 92.83
N GLY G 211 8.49 45.58 92.04
CA GLY G 211 9.47 46.56 91.57
C GLY G 211 10.59 45.99 90.72
N ILE G 212 10.45 44.75 90.27
CA ILE G 212 11.47 44.12 89.44
C ILE G 212 11.52 44.77 88.06
N SER G 213 12.69 45.30 87.73
CA SER G 213 12.90 45.97 86.45
C SER G 213 12.79 44.97 85.30
N GLY G 214 12.37 45.46 84.15
CA GLY G 214 12.23 44.60 82.99
C GLY G 214 10.92 44.79 82.25
N GLU G 215 10.60 43.83 81.40
CA GLU G 215 9.39 43.87 80.59
C GLU G 215 8.56 42.62 80.83
N ILE G 216 7.25 42.75 80.63
CA ILE G 216 6.34 41.63 80.79
C ILE G 216 5.21 41.77 79.78
N GLY G 217 4.84 40.65 79.16
CA GLY G 217 3.78 40.67 78.18
C GLY G 217 3.15 39.31 78.01
N ILE G 218 2.42 39.15 76.91
CA ILE G 218 1.76 37.89 76.60
C ILE G 218 2.02 37.59 75.12
N ALA G 219 2.08 36.32 74.76
CA ALA G 219 2.37 35.94 73.38
C ALA G 219 1.25 35.18 72.68
N PRO G 220 0.31 35.90 72.04
CA PRO G 220 -0.78 35.24 71.33
C PRO G 220 -0.35 34.74 69.96
N ASN G 221 -0.99 33.66 69.52
CA ASN G 221 -0.72 33.08 68.21
C ASN G 221 -1.87 33.50 67.31
N THR G 222 -2.09 34.81 67.25
CA THR G 222 -3.15 35.42 66.46
C THR G 222 -3.22 34.86 65.05
N SER G 223 -4.20 33.99 64.81
CA SER G 223 -4.39 33.37 63.50
C SER G 223 -4.82 34.42 62.49
N TRP G 224 -4.18 34.42 61.32
CA TRP G 224 -4.50 35.38 60.28
C TRP G 224 -5.29 34.78 59.13
N ALA G 225 -6.18 35.58 58.56
CA ALA G 225 -7.01 35.15 57.44
C ALA G 225 -7.24 36.30 56.46
N VAL G 226 -7.15 35.97 55.17
CA VAL G 226 -7.32 36.93 54.10
C VAL G 226 -8.69 36.74 53.47
N PRO G 227 -9.42 37.85 53.23
CA PRO G 227 -10.75 37.81 52.63
C PRO G 227 -10.72 37.24 51.21
N TYR G 228 -11.49 36.18 51.00
CA TYR G 228 -11.59 35.54 49.69
C TYR G 228 -12.15 36.56 48.72
N ARG G 229 -13.30 37.12 49.08
CA ARG G 229 -13.97 38.12 48.27
C ARG G 229 -13.98 39.44 49.05
N ARG G 230 -14.00 40.55 48.32
CA ARG G 230 -14.03 41.86 48.95
C ARG G 230 -15.47 42.14 49.37
N THR G 231 -15.97 41.32 50.28
CA THR G 231 -17.34 41.44 50.78
C THR G 231 -17.28 41.67 52.29
N LYS G 232 -18.25 42.41 52.81
CA LYS G 232 -18.31 42.70 54.23
C LYS G 232 -18.36 41.40 55.03
N GLU G 233 -19.19 40.46 54.60
CA GLU G 233 -19.33 39.18 55.29
C GLU G 233 -18.03 38.37 55.32
N ASP G 234 -17.23 38.48 54.27
CA ASP G 234 -15.96 37.77 54.21
C ASP G 234 -14.92 38.43 55.11
N MET G 235 -14.91 39.75 55.11
CA MET G 235 -13.98 40.51 55.93
C MET G 235 -14.25 40.27 57.41
N GLU G 236 -15.53 40.16 57.76
CA GLU G 236 -15.94 39.90 59.14
C GLU G 236 -15.61 38.46 59.50
N ALA G 237 -15.75 37.56 58.53
CA ALA G 237 -15.44 36.16 58.73
C ALA G 237 -13.96 36.02 59.04
N CYS G 238 -13.15 36.88 58.43
CA CYS G 238 -11.71 36.88 58.64
C CYS G 238 -11.36 37.55 59.97
N LEU G 239 -12.15 38.56 60.34
CA LEU G 239 -11.92 39.28 61.59
C LEU G 239 -12.13 38.35 62.78
N ARG G 240 -13.09 37.43 62.65
CA ARG G 240 -13.37 36.47 63.71
C ARG G 240 -12.23 35.49 63.90
N VAL G 241 -11.49 35.23 62.82
CA VAL G 241 -10.36 34.30 62.88
C VAL G 241 -9.26 34.86 63.79
N ASN G 242 -8.87 36.11 63.57
CA ASN G 242 -7.86 36.73 64.41
C ASN G 242 -8.49 37.19 65.71
N GLY G 243 -9.81 37.32 65.70
CA GLY G 243 -10.54 37.75 66.87
C GLY G 243 -10.63 36.75 68.00
N TRP G 244 -10.94 35.49 67.68
CA TRP G 244 -11.06 34.47 68.71
C TRP G 244 -9.73 33.88 69.16
N SER G 245 -8.66 34.21 68.46
CA SER G 245 -7.34 33.68 68.80
C SER G 245 -6.39 34.73 69.38
N GLY G 246 -6.58 35.99 69.00
CA GLY G 246 -5.72 37.05 69.48
C GLY G 246 -6.43 38.22 70.14
N ASP G 247 -7.40 38.80 69.45
CA ASP G 247 -8.16 39.94 69.97
C ASP G 247 -8.87 39.62 71.26
N TRP G 248 -9.33 38.37 71.39
CA TRP G 248 -10.05 37.90 72.56
C TRP G 248 -9.21 38.03 73.83
N TYR G 249 -7.89 38.02 73.68
CA TYR G 249 -6.99 38.12 74.82
C TYR G 249 -6.34 39.50 74.96
N LEU G 250 -6.00 40.11 73.84
CA LEU G 250 -5.37 41.43 73.85
C LEU G 250 -6.30 42.58 74.20
N ASP G 251 -7.56 42.48 73.79
CA ASP G 251 -8.53 43.53 74.07
C ASP G 251 -8.80 43.73 75.57
N PRO G 252 -9.00 42.64 76.33
CA PRO G 252 -9.26 42.81 77.77
C PRO G 252 -8.06 43.45 78.47
N ILE G 253 -6.88 43.21 77.93
CA ILE G 253 -5.63 43.74 78.48
C ILE G 253 -5.42 45.21 78.14
N TYR G 254 -5.63 45.55 76.86
CA TYR G 254 -5.43 46.92 76.40
C TYR G 254 -6.62 47.86 76.56
N PHE G 255 -7.83 47.33 76.45
CA PHE G 255 -9.03 48.14 76.54
C PHE G 255 -9.93 47.80 77.72
N GLY G 256 -9.63 46.70 78.41
CA GLY G 256 -10.43 46.30 79.56
C GLY G 256 -11.78 45.71 79.20
N GLU G 257 -11.88 45.15 78.01
CA GLU G 257 -13.12 44.55 77.55
C GLU G 257 -12.86 43.58 76.41
N TYR G 258 -13.65 42.51 76.36
CA TYR G 258 -13.52 41.52 75.30
C TYR G 258 -14.00 42.18 74.02
N PRO G 259 -13.45 41.75 72.86
CA PRO G 259 -13.87 42.33 71.59
C PRO G 259 -15.37 42.16 71.37
N LYS G 260 -16.05 43.30 71.17
CA LYS G 260 -17.50 43.30 70.98
C LYS G 260 -18.02 42.29 69.96
N PHE G 261 -17.46 42.30 68.75
CA PHE G 261 -17.90 41.40 67.71
C PHE G 261 -17.82 39.93 68.12
N MET G 262 -16.82 39.58 68.91
CA MET G 262 -16.69 38.20 69.37
C MET G 262 -17.69 37.89 70.46
N LEU G 263 -17.92 38.85 71.35
CA LEU G 263 -18.89 38.69 72.42
C LEU G 263 -20.26 38.39 71.84
N ASP G 264 -20.66 39.18 70.85
CA ASP G 264 -21.94 39.03 70.19
C ASP G 264 -22.05 37.68 69.48
N TRP G 265 -20.94 37.25 68.87
CA TRP G 265 -20.92 35.99 68.15
C TRP G 265 -21.16 34.83 69.11
N TYR G 266 -20.43 34.81 70.22
CA TYR G 266 -20.57 33.76 71.21
C TYR G 266 -21.93 33.84 71.90
N GLU G 267 -22.37 35.06 72.19
CA GLU G 267 -23.65 35.29 72.85
C GLU G 267 -24.81 34.70 72.04
N ASN G 268 -24.77 34.91 70.73
CA ASN G 268 -25.80 34.40 69.84
C ASN G 268 -25.82 32.87 69.86
N LEU G 269 -24.68 32.27 70.20
CA LEU G 269 -24.55 30.83 70.27
C LEU G 269 -24.85 30.33 71.69
N GLY G 270 -25.01 31.27 72.61
CA GLY G 270 -25.30 30.94 74.00
C GLY G 270 -24.06 30.73 74.84
N TYR G 271 -23.02 31.52 74.57
CA TYR G 271 -21.77 31.42 75.30
C TYR G 271 -21.31 32.78 75.78
N LYS G 272 -20.83 32.82 77.02
CA LYS G 272 -20.35 34.07 77.63
C LYS G 272 -19.22 33.76 78.60
N PRO G 273 -18.22 34.66 78.67
CA PRO G 273 -17.09 34.46 79.58
C PRO G 273 -17.58 34.63 81.02
N PRO G 274 -17.15 33.75 81.94
CA PRO G 274 -17.54 33.78 83.35
C PRO G 274 -16.90 34.97 84.08
N ILE G 275 -17.31 36.17 83.70
CA ILE G 275 -16.79 37.39 84.30
C ILE G 275 -17.34 37.65 85.69
N VAL G 276 -16.46 37.59 86.67
CA VAL G 276 -16.83 37.88 88.06
C VAL G 276 -16.49 39.35 88.23
N ASP G 277 -17.36 40.10 88.91
CA ASP G 277 -17.15 41.52 89.12
C ASP G 277 -15.73 41.84 89.57
N GLY G 278 -15.07 42.71 88.82
CA GLY G 278 -13.70 43.10 89.15
C GLY G 278 -12.66 42.47 88.24
N ASP G 279 -13.01 41.35 87.63
CA ASP G 279 -12.11 40.62 86.75
C ASP G 279 -11.51 41.44 85.61
N MET G 280 -12.37 42.11 84.84
CA MET G 280 -11.90 42.91 83.71
C MET G 280 -10.89 43.98 84.11
N GLU G 281 -11.03 44.51 85.32
CA GLU G 281 -10.12 45.52 85.82
C GLU G 281 -8.78 44.90 86.18
N LEU G 282 -8.83 43.64 86.64
CA LEU G 282 -7.63 42.90 87.00
C LEU G 282 -6.83 42.58 85.73
N ILE G 283 -7.55 42.24 84.67
CA ILE G 283 -6.95 41.91 83.39
C ILE G 283 -6.43 43.16 82.69
N HIS G 284 -7.13 44.27 82.89
CA HIS G 284 -6.78 45.54 82.27
C HIS G 284 -5.53 46.20 82.87
N GLN G 285 -4.42 45.48 82.81
CA GLN G 285 -3.14 45.98 83.32
C GLN G 285 -2.18 46.17 82.16
N PRO G 286 -1.55 47.36 82.08
CA PRO G 286 -0.59 47.69 81.02
C PRO G 286 0.57 46.71 80.94
N ILE G 287 0.81 46.19 79.74
CA ILE G 287 1.91 45.26 79.52
C ILE G 287 2.97 45.97 78.67
N ASP G 288 4.22 45.54 78.79
CA ASP G 288 5.32 46.16 78.07
C ASP G 288 5.49 45.79 76.60
N PHE G 289 4.93 44.66 76.18
CA PHE G 289 5.05 44.22 74.80
C PHE G 289 4.05 43.11 74.45
N ILE G 290 3.94 42.83 73.16
CA ILE G 290 3.07 41.79 72.66
C ILE G 290 3.96 40.80 71.91
N GLY G 291 3.82 39.53 72.23
CA GLY G 291 4.61 38.51 71.58
C GLY G 291 3.84 37.94 70.41
N ILE G 292 4.34 38.16 69.20
CA ILE G 292 3.69 37.66 67.99
C ILE G 292 4.24 36.30 67.59
N ASN G 293 3.36 35.31 67.55
CA ASN G 293 3.74 33.96 67.13
C ASN G 293 3.09 33.72 65.78
N TYR G 294 3.91 33.76 64.73
CA TYR G 294 3.41 33.57 63.38
C TYR G 294 4.02 32.37 62.65
N TYR G 295 3.22 31.70 61.85
CA TYR G 295 3.65 30.53 61.07
C TYR G 295 2.96 30.48 59.72
N THR G 296 1.67 30.82 59.72
CA THR G 296 0.87 30.78 58.51
C THR G 296 -0.41 31.58 58.65
N SER G 297 -1.15 31.69 57.53
CA SER G 297 -2.43 32.37 57.49
C SER G 297 -3.23 31.74 56.36
N SER G 298 -4.53 31.97 56.35
CA SER G 298 -5.40 31.38 55.34
C SER G 298 -6.19 32.41 54.54
N MET G 299 -7.07 31.90 53.69
CA MET G 299 -7.93 32.72 52.84
C MET G 299 -9.34 32.26 53.18
N ASN G 300 -10.07 33.07 53.95
CA ASN G 300 -11.41 32.68 54.37
C ASN G 300 -12.57 33.43 53.73
N ARG G 301 -13.75 32.83 53.83
CA ARG G 301 -14.98 33.39 53.31
C ARG G 301 -16.11 33.00 54.24
N TYR G 302 -17.13 33.84 54.31
CA TYR G 302 -18.28 33.58 55.15
C TYR G 302 -19.03 32.35 54.67
N ASN G 303 -19.42 31.49 55.61
CA ASN G 303 -20.15 30.28 55.28
C ASN G 303 -20.94 29.81 56.50
N PRO G 304 -22.26 30.01 56.51
CA PRO G 304 -23.18 29.63 57.58
C PRO G 304 -23.31 28.12 57.76
N GLY G 305 -22.88 27.37 56.76
CA GLY G 305 -22.95 25.92 56.82
C GLY G 305 -21.85 25.30 57.64
N GLU G 306 -21.78 23.96 57.63
CA GLU G 306 -20.76 23.23 58.38
C GLU G 306 -19.35 23.62 57.98
N ALA G 307 -19.17 23.87 56.69
CA ALA G 307 -17.86 24.25 56.15
C ALA G 307 -17.29 25.50 56.83
N GLY G 308 -18.19 26.37 57.28
CA GLY G 308 -17.75 27.58 57.95
C GLY G 308 -17.36 27.34 59.39
N GLY G 309 -17.92 26.29 59.99
CA GLY G 309 -17.63 25.96 61.36
C GLY G 309 -18.33 26.87 62.35
N MET G 310 -17.87 26.84 63.60
CA MET G 310 -18.45 27.65 64.67
C MET G 310 -18.39 29.14 64.34
N LEU G 311 -17.29 29.56 63.70
CA LEU G 311 -17.11 30.95 63.33
C LEU G 311 -17.72 31.29 61.97
N SER G 312 -18.31 30.30 61.32
CA SER G 312 -18.91 30.49 60.00
C SER G 312 -17.92 31.17 59.06
N SER G 313 -16.68 30.72 59.13
CA SER G 313 -15.60 31.25 58.31
C SER G 313 -14.86 30.08 57.70
N GLU G 314 -15.17 29.79 56.44
CA GLU G 314 -14.55 28.68 55.72
C GLU G 314 -13.24 29.06 55.06
N ALA G 315 -12.22 28.25 55.32
CA ALA G 315 -10.90 28.46 54.74
C ALA G 315 -10.85 27.82 53.35
N ILE G 316 -10.23 28.52 52.41
CA ILE G 316 -10.11 28.05 51.04
C ILE G 316 -8.64 27.94 50.66
N SER G 317 -8.25 26.76 50.20
CA SER G 317 -6.87 26.50 49.81
C SER G 317 -6.36 27.48 48.76
N MET G 318 -5.19 28.03 49.01
CA MET G 318 -4.56 28.96 48.09
C MET G 318 -3.70 28.18 47.10
N GLY G 319 -3.57 26.88 47.36
CA GLY G 319 -2.77 26.01 46.51
C GLY G 319 -1.29 26.30 46.70
N ALA G 320 -1.00 27.08 47.74
CA ALA G 320 0.36 27.48 48.06
C ALA G 320 1.19 26.33 48.60
N PRO G 321 2.54 26.46 48.56
CA PRO G 321 3.42 25.41 49.05
C PRO G 321 3.21 25.24 50.54
N LYS G 322 3.41 24.03 51.04
CA LYS G 322 3.22 23.76 52.45
C LYS G 322 4.47 23.22 53.12
N THR G 323 4.54 23.38 54.43
CA THR G 323 5.66 22.86 55.21
C THR G 323 5.35 21.38 55.39
N ASP G 324 6.29 20.62 55.92
CA ASP G 324 6.07 19.19 56.12
C ASP G 324 4.97 18.83 57.11
N ILE G 325 4.48 19.83 57.84
CA ILE G 325 3.39 19.59 58.79
C ILE G 325 2.05 19.95 58.13
N GLY G 326 2.13 20.42 56.89
CA GLY G 326 0.93 20.76 56.12
C GLY G 326 0.44 22.19 56.14
N TRP G 327 1.23 23.11 56.69
CA TRP G 327 0.81 24.51 56.75
C TRP G 327 1.26 25.29 55.53
N GLU G 328 0.32 26.05 54.94
CA GLU G 328 0.63 26.84 53.75
C GLU G 328 1.60 27.97 54.10
N ILE G 329 2.45 28.33 53.13
CA ILE G 329 3.41 29.40 53.32
C ILE G 329 2.82 30.69 52.80
N TYR G 330 2.58 31.63 53.70
CA TYR G 330 2.03 32.93 53.33
C TYR G 330 2.80 33.97 54.14
N ALA G 331 4.03 34.24 53.72
CA ALA G 331 4.92 35.18 54.40
C ALA G 331 4.32 36.56 54.60
N GLU G 332 3.54 37.03 53.64
CA GLU G 332 2.94 38.35 53.72
C GLU G 332 2.01 38.49 54.92
N GLY G 333 1.52 37.35 55.42
CA GLY G 333 0.65 37.36 56.57
C GLY G 333 1.33 37.91 57.81
N LEU G 334 2.65 37.75 57.89
CA LEU G 334 3.42 38.23 59.03
C LEU G 334 3.28 39.76 59.06
N TYR G 335 3.57 40.39 57.92
CA TYR G 335 3.47 41.83 57.79
C TYR G 335 2.06 42.31 58.10
N ASP G 336 1.07 41.62 57.54
CA ASP G 336 -0.33 41.96 57.76
C ASP G 336 -0.71 41.92 59.24
N LEU G 337 -0.27 40.87 59.92
CA LEU G 337 -0.56 40.69 61.34
C LEU G 337 0.10 41.77 62.18
N LEU G 338 1.36 42.05 61.88
CA LEU G 338 2.11 43.07 62.60
C LEU G 338 1.48 44.43 62.39
N ARG G 339 1.07 44.69 61.15
CA ARG G 339 0.44 45.95 60.78
C ARG G 339 -0.87 46.12 61.55
N TYR G 340 -1.66 45.04 61.59
CA TYR G 340 -2.94 45.04 62.28
C TYR G 340 -2.76 45.34 63.76
N THR G 341 -1.86 44.61 64.40
CA THR G 341 -1.57 44.77 65.81
C THR G 341 -1.05 46.17 66.13
N ALA G 342 -0.19 46.69 65.26
CA ALA G 342 0.38 48.02 65.44
C ALA G 342 -0.70 49.09 65.36
N ASP G 343 -1.63 48.94 64.42
CA ASP G 343 -2.70 49.90 64.26
C ASP G 343 -3.68 49.91 65.43
N LYS G 344 -4.20 48.72 65.76
CA LYS G 344 -5.17 48.57 66.83
C LYS G 344 -4.69 48.85 68.26
N TYR G 345 -3.50 48.37 68.60
CA TYR G 345 -3.00 48.53 69.96
C TYR G 345 -2.03 49.68 70.21
N GLY G 346 -2.04 50.68 69.34
CA GLY G 346 -1.18 51.84 69.52
C GLY G 346 0.29 51.63 69.26
N ASN G 347 0.60 50.74 68.32
CA ASN G 347 1.98 50.43 67.93
C ASN G 347 2.88 50.15 69.14
N PRO G 348 2.52 49.16 69.96
CA PRO G 348 3.32 48.83 71.13
C PRO G 348 4.57 48.06 70.71
N THR G 349 5.45 47.78 71.68
CA THR G 349 6.66 47.04 71.39
C THR G 349 6.24 45.63 70.99
N LEU G 350 6.78 45.15 69.86
CA LEU G 350 6.45 43.84 69.37
C LEU G 350 7.70 42.97 69.26
N TYR G 351 7.54 41.69 69.59
CA TYR G 351 8.63 40.73 69.51
C TYR G 351 8.05 39.51 68.84
N ILE G 352 8.67 39.05 67.76
CA ILE G 352 8.20 37.83 67.11
C ILE G 352 8.77 36.73 67.99
N THR G 353 7.95 36.27 68.94
CA THR G 353 8.36 35.25 69.88
C THR G 353 8.40 33.83 69.34
N GLU G 354 7.87 33.64 68.12
CA GLU G 354 7.87 32.33 67.45
C GLU G 354 7.63 32.47 65.95
N ASN G 355 8.50 31.83 65.18
CA ASN G 355 8.38 31.80 63.73
C ASN G 355 9.38 30.81 63.16
N GLY G 356 8.85 29.77 62.52
CA GLY G 356 9.70 28.75 61.95
C GLY G 356 8.90 27.84 61.05
N ALA G 357 9.58 26.87 60.45
CA ALA G 357 8.92 25.95 59.54
C ALA G 357 9.18 24.51 59.94
N CYS G 358 8.22 23.65 59.66
CA CYS G 358 8.38 22.24 59.96
C CYS G 358 8.87 21.53 58.72
N TYR G 359 10.15 21.16 58.75
CA TYR G 359 10.76 20.45 57.64
C TYR G 359 11.53 19.28 58.25
N ASN G 360 11.12 18.08 57.88
CA ASN G 360 11.70 16.86 58.42
C ASN G 360 13.02 16.37 57.83
N ASP G 361 13.79 17.29 57.25
CA ASP G 361 15.08 16.93 56.67
C ASP G 361 15.98 16.27 57.71
N GLY G 362 16.59 15.15 57.32
CA GLY G 362 17.49 14.46 58.22
C GLY G 362 18.90 14.61 57.70
N LEU G 363 19.83 13.85 58.26
CA LEU G 363 21.21 13.90 57.82
C LEU G 363 21.42 13.20 56.49
N SER G 364 22.16 13.84 55.60
CA SER G 364 22.48 13.25 54.32
C SER G 364 23.75 12.45 54.60
N LEU G 365 24.21 11.66 53.64
CA LEU G 365 25.43 10.88 53.83
C LEU G 365 26.60 11.86 53.98
N ASP G 366 26.31 13.12 53.65
CA ASP G 366 27.20 14.25 53.75
C ASP G 366 27.58 14.42 55.22
N GLY G 367 26.62 14.11 56.09
CA GLY G 367 26.80 14.24 57.52
C GLY G 367 26.10 15.50 58.01
N ARG G 368 25.58 16.27 57.06
CA ARG G 368 24.90 17.51 57.35
C ARG G 368 23.44 17.48 56.91
N ILE G 369 22.66 18.42 57.43
CA ILE G 369 21.24 18.52 57.10
C ILE G 369 21.08 19.72 56.16
N HIS G 370 20.83 19.43 54.89
CA HIS G 370 20.68 20.49 53.90
C HIS G 370 19.22 20.94 53.78
N ASP G 371 18.75 21.62 54.82
CA ASP G 371 17.38 22.11 54.86
C ASP G 371 17.17 23.46 54.22
N GLN G 372 17.44 23.56 52.91
CA GLN G 372 17.27 24.81 52.19
C GLN G 372 15.85 25.35 52.31
N ARG G 373 14.88 24.45 52.40
CA ARG G 373 13.48 24.84 52.52
C ARG G 373 13.22 25.67 53.78
N ARG G 374 13.93 25.35 54.87
CA ARG G 374 13.76 26.10 56.11
C ARG G 374 14.41 27.47 55.95
N ILE G 375 15.57 27.49 55.28
CA ILE G 375 16.28 28.73 55.04
C ILE G 375 15.42 29.68 54.20
N ASP G 376 14.81 29.14 53.14
CA ASP G 376 13.97 29.92 52.26
C ASP G 376 12.77 30.49 53.01
N TYR G 377 12.15 29.65 53.85
CA TYR G 377 10.99 30.06 54.63
C TYR G 377 11.37 31.21 55.56
N LEU G 378 12.41 31.00 56.36
CA LEU G 378 12.87 32.01 57.30
C LEU G 378 13.20 33.31 56.59
N ALA G 379 13.94 33.19 55.49
CA ALA G 379 14.35 34.36 54.70
C ALA G 379 13.14 35.18 54.27
N MET G 380 12.12 34.51 53.75
CA MET G 380 10.90 35.18 53.29
C MET G 380 10.23 35.94 54.41
N HIS G 381 10.17 35.33 55.59
CA HIS G 381 9.53 35.96 56.73
C HIS G 381 10.35 37.08 57.35
N LEU G 382 11.68 36.96 57.29
CA LEU G 382 12.55 37.99 57.83
C LEU G 382 12.46 39.21 56.91
N ILE G 383 12.16 38.97 55.64
CA ILE G 383 12.01 40.04 54.66
C ILE G 383 10.75 40.83 55.03
N GLN G 384 9.72 40.12 55.49
CA GLN G 384 8.47 40.76 55.91
C GLN G 384 8.67 41.47 57.23
N ALA G 385 9.55 40.93 58.07
CA ALA G 385 9.85 41.54 59.37
C ALA G 385 10.56 42.86 59.13
N SER G 386 11.51 42.87 58.21
CA SER G 386 12.25 44.08 57.86
C SER G 386 11.29 45.10 57.24
N ARG G 387 10.35 44.59 56.45
CA ARG G 387 9.35 45.43 55.80
C ARG G 387 8.54 46.17 56.84
N ALA G 388 8.12 45.44 57.88
CA ALA G 388 7.33 46.01 58.97
C ALA G 388 8.08 47.13 59.67
N ILE G 389 9.38 46.91 59.91
CA ILE G 389 10.22 47.89 60.57
C ILE G 389 10.33 49.13 59.68
N GLU G 390 10.48 48.90 58.38
CA GLU G 390 10.57 49.98 57.41
C GLU G 390 9.25 50.73 57.34
N ASP G 391 8.17 50.02 57.66
CA ASP G 391 6.82 50.60 57.63
C ASP G 391 6.43 51.23 58.97
N GLY G 392 7.43 51.54 59.80
CA GLY G 392 7.18 52.17 61.08
C GLY G 392 6.64 51.35 62.23
N ILE G 393 6.50 50.04 62.06
CA ILE G 393 5.99 49.19 63.13
C ILE G 393 7.11 48.96 64.14
N ASN G 394 6.76 48.97 65.43
CA ASN G 394 7.75 48.78 66.50
C ASN G 394 8.16 47.35 66.76
N LEU G 395 8.74 46.69 65.76
CA LEU G 395 9.20 45.32 65.91
C LEU G 395 10.63 45.43 66.45
N LYS G 396 10.81 45.02 67.70
CA LYS G 396 12.11 45.09 68.35
C LYS G 396 12.93 43.81 68.39
N GLY G 397 12.34 42.70 67.94
CA GLY G 397 13.07 41.45 67.96
C GLY G 397 12.41 40.29 67.24
N TYR G 398 13.22 39.28 66.95
CA TYR G 398 12.76 38.08 66.25
C TYR G 398 13.40 36.86 66.89
N MET G 399 12.56 35.87 67.20
CA MET G 399 13.02 34.63 67.81
C MET G 399 12.45 33.47 67.02
N GLU G 400 13.27 32.84 66.19
CA GLU G 400 12.81 31.75 65.37
C GLU G 400 12.46 30.54 66.25
N TRP G 401 11.36 29.87 65.92
CA TRP G 401 10.91 28.75 66.71
C TRP G 401 11.73 27.48 66.64
N SER G 402 12.08 27.01 67.84
CA SER G 402 12.83 25.80 68.07
C SER G 402 14.30 25.87 67.71
N LEU G 403 15.13 25.86 68.74
CA LEU G 403 16.57 25.87 68.58
C LEU G 403 16.96 24.51 68.01
N MET G 404 16.28 23.47 68.50
CA MET G 404 16.53 22.11 68.07
C MET G 404 15.22 21.36 67.92
N ASP G 405 15.23 20.28 67.14
CA ASP G 405 14.03 19.48 66.94
C ASP G 405 13.58 18.98 68.30
N ASN G 406 12.28 18.97 68.55
CA ASN G 406 11.76 18.54 69.84
C ASN G 406 10.43 17.80 69.76
N PHE G 407 9.84 17.57 70.94
CA PHE G 407 8.55 16.89 71.05
C PHE G 407 7.47 17.83 70.55
N GLU G 408 6.99 17.57 69.34
CA GLU G 408 5.97 18.42 68.74
C GLU G 408 4.54 18.07 69.19
N TRP G 409 4.34 18.11 70.50
CA TRP G 409 3.05 17.84 71.13
C TRP G 409 2.32 16.61 70.61
N ALA G 410 1.09 16.77 70.11
CA ALA G 410 0.32 15.65 69.61
C ALA G 410 0.95 14.96 68.41
N GLU G 411 1.83 15.68 67.69
CA GLU G 411 2.50 15.14 66.52
C GLU G 411 3.67 14.23 66.92
N GLY G 412 4.03 14.26 68.20
CA GLY G 412 5.13 13.45 68.65
C GLY G 412 6.45 14.04 68.17
N TYR G 413 7.41 13.17 67.87
CA TYR G 413 8.72 13.63 67.42
C TYR G 413 8.88 13.69 65.90
N GLY G 414 7.86 13.22 65.18
CA GLY G 414 7.91 13.21 63.72
C GLY G 414 8.09 14.53 63.00
N MET G 415 7.54 15.61 63.54
CA MET G 415 7.64 16.93 62.91
C MET G 415 8.83 17.71 63.49
N ARG G 416 9.74 18.11 62.62
CA ARG G 416 10.94 18.85 63.02
C ARG G 416 10.89 20.35 62.72
N PHE G 417 11.02 21.15 63.77
CA PHE G 417 10.99 22.62 63.66
C PHE G 417 12.31 23.30 63.97
N GLY G 418 13.29 22.55 64.45
CA GLY G 418 14.56 23.15 64.83
C GLY G 418 15.65 23.47 63.84
N LEU G 419 16.59 24.30 64.31
CA LEU G 419 17.76 24.70 63.53
C LEU G 419 18.84 23.64 63.75
N VAL G 420 18.70 22.89 64.84
CA VAL G 420 19.64 21.84 65.20
C VAL G 420 18.91 20.50 65.15
N HIS G 421 19.45 19.58 64.37
CA HIS G 421 18.86 18.26 64.23
C HIS G 421 19.14 17.39 65.46
N VAL G 422 18.11 16.75 65.97
CA VAL G 422 18.25 15.89 67.13
C VAL G 422 17.81 14.48 66.76
N ASP G 423 18.72 13.53 66.90
CA ASP G 423 18.40 12.14 66.61
C ASP G 423 17.86 11.61 67.93
N TYR G 424 16.54 11.41 68.00
CA TYR G 424 15.91 10.95 69.24
C TYR G 424 16.33 9.60 69.79
N ASP G 425 16.94 8.77 68.96
CA ASP G 425 17.39 7.45 69.41
C ASP G 425 18.75 7.55 70.09
N THR G 426 19.61 8.39 69.54
CA THR G 426 20.96 8.58 70.07
C THR G 426 21.14 9.92 70.78
N LEU G 427 20.12 10.76 70.72
CA LEU G 427 20.13 12.09 71.32
C LEU G 427 21.28 12.99 70.83
N VAL G 428 21.86 12.62 69.69
CA VAL G 428 22.95 13.38 69.11
C VAL G 428 22.41 14.61 68.40
N ARG G 429 23.03 15.76 68.66
CA ARG G 429 22.62 17.01 68.06
C ARG G 429 23.57 17.45 66.96
N THR G 430 23.02 17.75 65.79
CA THR G 430 23.80 18.17 64.64
C THR G 430 23.21 19.46 64.06
N PRO G 431 23.98 20.56 64.08
CA PRO G 431 23.47 21.82 63.53
C PRO G 431 23.15 21.68 62.05
N LYS G 432 21.95 22.11 61.66
CA LYS G 432 21.52 22.04 60.27
C LYS G 432 22.10 23.23 59.50
N ASP G 433 21.87 23.26 58.19
CA ASP G 433 22.37 24.36 57.37
C ASP G 433 21.70 25.66 57.77
N SER G 434 20.44 25.56 58.19
CA SER G 434 19.68 26.73 58.62
C SER G 434 20.30 27.38 59.84
N PHE G 435 20.93 26.57 60.69
CA PHE G 435 21.60 27.05 61.89
C PHE G 435 22.69 28.03 61.48
N TYR G 436 23.59 27.56 60.61
CA TYR G 436 24.70 28.36 60.13
C TYR G 436 24.21 29.58 59.34
N TRP G 437 23.09 29.42 58.64
CA TRP G 437 22.52 30.51 57.86
C TRP G 437 22.02 31.61 58.80
N TYR G 438 21.19 31.22 59.77
CA TYR G 438 20.64 32.15 60.74
C TYR G 438 21.75 32.84 61.50
N LYS G 439 22.80 32.09 61.79
CA LYS G 439 23.97 32.61 62.49
C LYS G 439 24.53 33.80 61.72
N GLY G 440 24.65 33.63 60.41
CA GLY G 440 25.17 34.67 59.55
C GLY G 440 24.28 35.90 59.50
N VAL G 441 22.97 35.68 59.49
CA VAL G 441 22.01 36.77 59.46
C VAL G 441 22.14 37.61 60.72
N ILE G 442 22.27 36.93 61.86
CA ILE G 442 22.40 37.57 63.16
C ILE G 442 23.69 38.39 63.20
N SER G 443 24.76 37.80 62.67
CA SER G 443 26.08 38.45 62.64
C SER G 443 26.07 39.72 61.80
N ARG G 444 25.53 39.61 60.59
CA ARG G 444 25.48 40.75 59.67
C ARG G 444 24.50 41.82 60.12
N GLY G 445 23.30 41.38 60.52
CA GLY G 445 22.28 42.31 60.95
C GLY G 445 21.40 42.70 59.78
N TRP G 446 21.69 42.12 58.62
CA TRP G 446 20.92 42.37 57.41
C TRP G 446 20.84 41.11 56.57
N LEU G 447 20.10 41.17 55.47
CA LEU G 447 19.93 40.01 54.62
C LEU G 447 20.02 40.36 53.14
N ASP G 448 20.94 39.72 52.43
CA ASP G 448 21.13 39.96 51.00
C ASP G 448 20.39 38.86 50.24
N LEU G 449 19.11 39.12 49.96
CA LEU G 449 18.26 38.14 49.27
C LEU G 449 17.45 38.84 48.19
N SER H 1 -4.52 0.73 65.85
CA SER H 1 -5.28 0.00 66.89
C SER H 1 -4.35 -0.24 68.08
N ILE H 2 -4.84 0.06 69.28
CA ILE H 2 -4.05 -0.10 70.50
C ILE H 2 -4.12 -1.49 71.12
N HIS H 3 -2.97 -2.14 71.14
CA HIS H 3 -2.83 -3.48 71.70
C HIS H 3 -2.18 -3.31 73.06
N MET H 4 -3.01 -3.43 74.10
CA MET H 4 -2.58 -3.25 75.47
C MET H 4 -1.93 -4.48 76.10
N PHE H 5 -1.05 -4.23 77.07
CA PHE H 5 -0.36 -5.27 77.81
C PHE H 5 -0.47 -4.93 79.30
N PRO H 6 -0.62 -5.96 80.15
CA PRO H 6 -0.73 -5.78 81.60
C PRO H 6 0.43 -4.97 82.18
N SER H 7 0.12 -4.20 83.23
CA SER H 7 1.13 -3.36 83.89
C SER H 7 2.32 -4.18 84.40
N ASP H 8 2.03 -5.37 84.90
CA ASP H 8 3.07 -6.26 85.44
C ASP H 8 3.62 -7.24 84.40
N PHE H 9 3.46 -6.92 83.12
CA PHE H 9 3.95 -7.78 82.05
C PHE H 9 5.48 -7.78 82.06
N LYS H 10 6.07 -8.97 81.98
CA LYS H 10 7.52 -9.10 82.00
C LYS H 10 8.14 -9.03 80.61
N TRP H 11 8.61 -7.83 80.27
CA TRP H 11 9.25 -7.60 78.98
C TRP H 11 10.71 -8.01 79.10
N GLY H 12 11.18 -8.79 78.14
CA GLY H 12 12.56 -9.23 78.19
C GLY H 12 13.16 -9.58 76.84
N VAL H 13 14.39 -10.10 76.90
CA VAL H 13 15.12 -10.51 75.71
C VAL H 13 15.97 -11.71 76.15
N ALA H 14 16.36 -12.57 75.20
CA ALA H 14 17.13 -13.75 75.55
C ALA H 14 18.36 -14.03 74.68
N THR H 15 19.27 -14.81 75.26
CA THR H 15 20.51 -15.22 74.60
C THR H 15 20.83 -16.66 75.04
N ALA H 16 21.94 -17.19 74.56
CA ALA H 16 22.36 -18.54 74.92
C ALA H 16 23.88 -18.55 75.05
N ALA H 17 24.38 -19.25 76.06
CA ALA H 17 25.79 -19.36 76.37
C ALA H 17 26.73 -19.52 75.17
N TYR H 18 26.68 -20.67 74.51
CA TYR H 18 27.57 -20.93 73.38
C TYR H 18 27.37 -20.00 72.19
N GLN H 19 26.21 -19.37 72.12
CA GLN H 19 25.92 -18.47 71.01
C GLN H 19 26.56 -17.08 71.13
N ILE H 20 26.79 -16.61 72.36
CA ILE H 20 27.35 -15.27 72.55
C ILE H 20 28.63 -15.15 73.36
N GLU H 21 28.80 -16.00 74.37
CA GLU H 21 29.95 -15.96 75.26
C GLU H 21 31.36 -15.90 74.69
N GLY H 22 31.74 -16.92 73.91
CA GLY H 22 33.07 -16.95 73.37
C GLY H 22 33.99 -17.45 74.47
N ALA H 23 35.29 -17.22 74.34
CA ALA H 23 36.27 -17.67 75.34
C ALA H 23 36.01 -19.13 75.72
N TYR H 24 35.84 -19.95 74.69
CA TYR H 24 35.55 -21.37 74.86
C TYR H 24 36.68 -22.15 75.53
N ASN H 25 37.90 -21.69 75.31
CA ASN H 25 39.08 -22.35 75.86
C ASN H 25 39.77 -21.47 76.90
N GLU H 26 38.98 -20.78 77.73
CA GLU H 26 39.54 -19.91 78.74
C GLU H 26 39.02 -20.21 80.15
N ASP H 27 39.82 -19.80 81.12
CA ASP H 27 39.51 -19.97 82.53
C ASP H 27 39.01 -21.37 82.89
N GLY H 28 39.65 -22.38 82.31
CA GLY H 28 39.30 -23.77 82.58
C GLY H 28 37.98 -24.30 82.07
N ARG H 29 37.42 -23.68 81.03
CA ARG H 29 36.17 -24.16 80.47
C ARG H 29 36.41 -25.45 79.70
N GLY H 30 35.55 -26.44 79.93
CA GLY H 30 35.68 -27.70 79.22
C GLY H 30 34.94 -27.62 77.90
N MET H 31 35.29 -28.50 76.97
CA MET H 31 34.63 -28.52 75.67
C MET H 31 33.23 -29.10 75.79
N SER H 32 32.32 -28.62 74.94
CA SER H 32 30.96 -29.11 74.93
C SER H 32 30.79 -29.85 73.61
N ILE H 33 29.64 -30.50 73.44
CA ILE H 33 29.38 -31.24 72.21
C ILE H 33 29.36 -30.28 71.02
N TRP H 34 29.03 -29.02 71.28
CA TRP H 34 28.99 -28.01 70.22
C TRP H 34 30.35 -27.49 69.83
N ASP H 35 31.30 -27.49 70.76
CA ASP H 35 32.65 -27.05 70.44
C ASP H 35 33.20 -28.10 69.48
N THR H 36 32.96 -29.36 69.83
CA THR H 36 33.40 -30.50 69.03
C THR H 36 32.73 -30.47 67.65
N PHE H 37 31.41 -30.35 67.65
CA PHE H 37 30.61 -30.32 66.43
C PHE H 37 31.06 -29.21 65.49
N ALA H 38 31.13 -27.99 66.02
CA ALA H 38 31.55 -26.83 65.24
C ALA H 38 32.95 -26.96 64.68
N HIS H 39 33.83 -27.62 65.44
CA HIS H 39 35.21 -27.82 65.02
C HIS H 39 35.34 -28.91 63.96
N THR H 40 34.28 -29.72 63.82
CA THR H 40 34.28 -30.80 62.84
C THR H 40 33.97 -30.25 61.45
N PRO H 41 34.89 -30.46 60.49
CA PRO H 41 34.72 -29.98 59.12
C PRO H 41 33.42 -30.46 58.50
N GLY H 42 32.67 -29.51 57.92
CA GLY H 42 31.42 -29.84 57.26
C GLY H 42 30.18 -29.85 58.14
N LYS H 43 30.34 -29.69 59.45
CA LYS H 43 29.20 -29.70 60.36
C LYS H 43 28.51 -28.35 60.46
N VAL H 44 29.28 -27.28 60.41
CA VAL H 44 28.74 -25.93 60.48
C VAL H 44 29.09 -25.16 59.22
N LYS H 45 28.15 -24.33 58.77
CA LYS H 45 28.34 -23.52 57.57
C LYS H 45 29.59 -22.66 57.65
N ASN H 46 30.42 -22.73 56.62
CA ASN H 46 31.66 -21.97 56.50
C ASN H 46 32.73 -22.38 57.51
N GLY H 47 32.40 -23.34 58.37
CA GLY H 47 33.35 -23.78 59.38
C GLY H 47 33.36 -22.86 60.58
N ASP H 48 32.24 -22.16 60.79
CA ASP H 48 32.10 -21.24 61.91
C ASP H 48 31.99 -22.00 63.23
N ASN H 49 32.35 -21.33 64.32
CA ASN H 49 32.29 -21.92 65.65
C ASN H 49 32.14 -20.83 66.71
N GLY H 50 31.71 -21.23 67.91
CA GLY H 50 31.53 -20.28 68.98
C GLY H 50 32.77 -19.97 69.79
N ASN H 51 33.93 -20.07 69.17
CA ASN H 51 35.20 -19.79 69.85
C ASN H 51 35.20 -18.39 70.43
N VAL H 52 34.81 -17.41 69.61
CA VAL H 52 34.77 -16.01 70.03
C VAL H 52 33.33 -15.51 70.13
N ALA H 53 32.53 -15.84 69.12
CA ALA H 53 31.13 -15.42 69.07
C ALA H 53 31.00 -13.90 69.22
N CYS H 54 30.36 -13.45 70.30
CA CYS H 54 30.18 -12.03 70.56
C CYS H 54 31.13 -11.56 71.66
N ASP H 55 31.91 -12.50 72.20
CA ASP H 55 32.88 -12.24 73.24
C ASP H 55 32.23 -11.69 74.52
N SER H 56 30.98 -12.07 74.75
CA SER H 56 30.24 -11.62 75.93
C SER H 56 30.86 -12.04 77.24
N TYR H 57 31.76 -13.01 77.20
CA TYR H 57 32.43 -13.49 78.40
C TYR H 57 33.33 -12.38 78.96
N HIS H 58 33.85 -11.55 78.07
CA HIS H 58 34.72 -10.44 78.44
C HIS H 58 33.99 -9.11 78.34
N ARG H 59 32.69 -9.14 78.06
CA ARG H 59 31.92 -7.92 77.92
C ARG H 59 30.63 -7.90 78.74
N VAL H 60 30.74 -8.24 80.02
CA VAL H 60 29.59 -8.24 80.93
C VAL H 60 28.98 -6.85 80.98
N GLU H 61 29.84 -5.85 81.15
CA GLU H 61 29.43 -4.45 81.24
C GLU H 61 28.67 -4.02 79.99
N GLU H 62 29.20 -4.39 78.82
CA GLU H 62 28.58 -4.02 77.56
C GLU H 62 27.21 -4.68 77.38
N ASP H 63 27.12 -5.96 77.78
CA ASP H 63 25.87 -6.71 77.69
C ASP H 63 24.79 -6.02 78.51
N VAL H 64 25.10 -5.79 79.78
CA VAL H 64 24.17 -5.16 80.71
C VAL H 64 23.78 -3.76 80.27
N GLN H 65 24.71 -3.05 79.65
CA GLN H 65 24.44 -1.70 79.17
C GLN H 65 23.36 -1.74 78.09
N LEU H 66 23.47 -2.70 77.19
CA LEU H 66 22.49 -2.86 76.12
C LEU H 66 21.13 -3.16 76.75
N LEU H 67 21.16 -4.00 77.79
CA LEU H 67 19.96 -4.41 78.49
C LEU H 67 19.26 -3.25 79.19
N LYS H 68 20.01 -2.38 79.86
CA LYS H 68 19.37 -1.26 80.52
C LYS H 68 18.96 -0.17 79.54
N ASP H 69 19.64 -0.13 78.39
CA ASP H 69 19.29 0.84 77.35
C ASP H 69 17.98 0.41 76.71
N LEU H 70 17.80 -0.90 76.59
CA LEU H 70 16.58 -1.47 75.99
C LEU H 70 15.40 -1.31 76.94
N GLY H 71 15.68 -1.16 78.24
CA GLY H 71 14.63 -1.00 79.23
C GLY H 71 13.99 -2.32 79.61
N VAL H 72 14.68 -3.41 79.30
CA VAL H 72 14.20 -4.75 79.59
C VAL H 72 14.07 -5.00 81.09
N LYS H 73 12.99 -5.69 81.48
CA LYS H 73 12.75 -6.01 82.88
C LYS H 73 13.23 -7.40 83.24
N VAL H 74 13.39 -8.25 82.23
CA VAL H 74 13.84 -9.63 82.42
C VAL H 74 14.87 -9.97 81.36
N TYR H 75 15.92 -10.69 81.76
CA TYR H 75 16.95 -11.12 80.83
C TYR H 75 17.13 -12.62 80.95
N ARG H 76 16.87 -13.34 79.86
CA ARG H 76 17.02 -14.78 79.87
C ARG H 76 18.34 -15.18 79.23
N PHE H 77 19.15 -15.92 79.98
CA PHE H 77 20.45 -16.39 79.51
C PHE H 77 20.62 -17.81 80.00
N SER H 78 21.65 -18.49 79.52
CA SER H 78 21.90 -19.87 79.94
C SER H 78 23.29 -20.04 80.54
N ILE H 79 23.43 -21.09 81.35
CA ILE H 79 24.70 -21.39 82.00
C ILE H 79 25.43 -22.44 81.17
N SER H 80 26.70 -22.19 80.88
CA SER H 80 27.50 -23.13 80.13
C SER H 80 27.96 -24.22 81.10
N TRP H 81 27.33 -25.38 81.02
CA TRP H 81 27.64 -26.51 81.89
C TRP H 81 29.15 -26.79 81.97
N PRO H 82 29.85 -26.90 80.82
CA PRO H 82 31.29 -27.17 80.83
C PRO H 82 32.13 -26.06 81.46
N ARG H 83 31.55 -24.89 81.64
CA ARG H 83 32.27 -23.77 82.24
C ARG H 83 32.27 -23.82 83.76
N VAL H 84 31.27 -24.49 84.35
CA VAL H 84 31.17 -24.60 85.80
C VAL H 84 31.63 -25.99 86.27
N LEU H 85 31.45 -26.99 85.41
CA LEU H 85 31.85 -28.37 85.67
C LEU H 85 32.41 -28.86 84.34
N PRO H 86 33.70 -28.60 84.09
CA PRO H 86 34.41 -28.99 82.86
C PRO H 86 34.23 -30.44 82.43
N GLN H 87 34.10 -31.33 83.41
CA GLN H 87 33.93 -32.76 83.12
C GLN H 87 32.47 -33.16 83.25
N GLY H 88 31.60 -32.18 83.49
CA GLY H 88 30.18 -32.44 83.63
C GLY H 88 29.84 -32.81 85.06
N THR H 89 30.84 -33.30 85.78
CA THR H 89 30.68 -33.71 87.16
C THR H 89 32.03 -33.63 87.88
N GLY H 90 31.98 -33.55 89.20
CA GLY H 90 33.19 -33.49 89.99
C GLY H 90 33.75 -32.11 90.24
N GLU H 91 34.98 -31.89 89.76
CA GLU H 91 35.69 -30.63 89.93
C GLU H 91 34.90 -29.40 89.48
N VAL H 92 34.70 -28.46 90.40
CA VAL H 92 33.97 -27.24 90.12
C VAL H 92 34.93 -26.13 89.69
N ASN H 93 34.68 -25.56 88.52
CA ASN H 93 35.50 -24.48 88.00
C ASN H 93 34.94 -23.15 88.49
N ARG H 94 35.50 -22.65 89.59
CA ARG H 94 35.05 -21.40 90.20
C ARG H 94 35.18 -20.19 89.29
N ALA H 95 36.13 -20.22 88.37
CA ALA H 95 36.34 -19.10 87.45
C ALA H 95 35.08 -18.92 86.60
N GLY H 96 34.44 -20.03 86.23
CA GLY H 96 33.24 -19.99 85.43
C GLY H 96 32.10 -19.41 86.24
N LEU H 97 31.91 -19.93 87.45
CA LEU H 97 30.85 -19.45 88.34
C LEU H 97 31.01 -17.96 88.65
N ASP H 98 32.26 -17.50 88.70
CA ASP H 98 32.55 -16.10 88.98
C ASP H 98 31.91 -15.22 87.91
N TYR H 99 32.02 -15.67 86.66
CA TYR H 99 31.46 -14.92 85.53
C TYR H 99 29.96 -14.77 85.68
N TYR H 100 29.28 -15.88 85.93
CA TYR H 100 27.83 -15.86 86.08
C TYR H 100 27.38 -15.03 87.27
N HIS H 101 28.18 -15.04 88.34
CA HIS H 101 27.86 -14.24 89.52
C HIS H 101 28.01 -12.76 89.19
N ARG H 102 29.06 -12.44 88.43
CA ARG H 102 29.32 -11.05 88.03
C ARG H 102 28.19 -10.54 87.14
N LEU H 103 27.73 -11.39 86.23
CA LEU H 103 26.65 -11.05 85.32
C LEU H 103 25.36 -10.82 86.10
N VAL H 104 24.99 -11.80 86.92
CA VAL H 104 23.78 -11.73 87.73
C VAL H 104 23.79 -10.50 88.64
N ASP H 105 24.95 -10.21 89.22
CA ASP H 105 25.07 -9.05 90.11
C ASP H 105 24.80 -7.76 89.37
N GLU H 106 25.34 -7.65 88.16
CA GLU H 106 25.13 -6.47 87.34
C GLU H 106 23.67 -6.32 86.97
N LEU H 107 23.04 -7.44 86.61
CA LEU H 107 21.63 -7.44 86.24
C LEU H 107 20.83 -6.90 87.42
N LEU H 108 20.99 -7.53 88.58
CA LEU H 108 20.29 -7.13 89.80
C LEU H 108 20.53 -5.68 90.15
N ALA H 109 21.77 -5.23 89.97
CA ALA H 109 22.16 -3.85 90.27
C ALA H 109 21.45 -2.85 89.38
N ASN H 110 21.00 -3.30 88.21
CA ASN H 110 20.31 -2.42 87.27
C ASN H 110 18.82 -2.71 87.16
N GLY H 111 18.28 -3.43 88.13
CA GLY H 111 16.86 -3.76 88.14
C GLY H 111 16.39 -4.74 87.07
N ILE H 112 17.30 -5.59 86.61
CA ILE H 112 16.95 -6.57 85.58
C ILE H 112 16.85 -7.95 86.23
N GLU H 113 15.68 -8.56 86.10
CA GLU H 113 15.42 -9.88 86.67
C GLU H 113 16.04 -10.99 85.83
N PRO H 114 16.92 -11.80 86.45
CA PRO H 114 17.59 -12.90 85.75
C PRO H 114 16.64 -14.08 85.52
N PHE H 115 16.68 -14.62 84.31
CA PHE H 115 15.87 -15.76 83.94
C PHE H 115 16.90 -16.77 83.46
N CYS H 116 17.37 -17.61 84.38
CA CYS H 116 18.40 -18.59 84.08
C CYS H 116 17.94 -19.88 83.44
N THR H 117 18.66 -20.27 82.40
CA THR H 117 18.38 -21.50 81.66
C THR H 117 19.56 -22.44 81.91
N LEU H 118 19.31 -23.51 82.64
CA LEU H 118 20.35 -24.48 82.97
C LEU H 118 20.97 -25.16 81.76
N TYR H 119 20.15 -25.72 80.88
CA TYR H 119 20.67 -26.42 79.72
C TYR H 119 20.19 -25.89 78.38
N HIS H 120 21.15 -25.45 77.56
CA HIS H 120 20.84 -24.95 76.23
C HIS H 120 21.75 -25.62 75.20
N TRP H 121 21.69 -26.96 75.20
CA TRP H 121 22.42 -27.80 74.25
C TRP H 121 23.92 -28.01 74.40
N ASP H 122 24.58 -27.23 75.27
CA ASP H 122 26.02 -27.37 75.46
C ASP H 122 26.48 -28.44 76.46
N LEU H 123 26.12 -29.69 76.18
CA LEU H 123 26.51 -30.82 77.05
C LEU H 123 28.02 -31.01 77.05
N PRO H 124 28.62 -31.18 78.25
CA PRO H 124 30.07 -31.38 78.36
C PRO H 124 30.49 -32.60 77.55
N GLN H 125 31.54 -32.43 76.73
CA GLN H 125 32.04 -33.51 75.90
C GLN H 125 32.38 -34.75 76.72
N ALA H 126 32.86 -34.53 77.95
CA ALA H 126 33.23 -35.63 78.84
C ALA H 126 32.06 -36.58 79.05
N LEU H 127 30.86 -36.01 79.22
CA LEU H 127 29.65 -36.81 79.42
C LEU H 127 29.24 -37.47 78.12
N GLN H 128 29.46 -36.77 77.01
CA GLN H 128 29.11 -37.30 75.70
C GLN H 128 29.96 -38.52 75.39
N ASP H 129 31.20 -38.51 75.87
CA ASP H 129 32.12 -39.63 75.67
C ASP H 129 31.59 -40.87 76.38
N GLN H 130 30.78 -40.65 77.42
CA GLN H 130 30.20 -41.73 78.20
C GLN H 130 28.82 -42.11 77.67
N GLY H 131 28.46 -41.58 76.50
CA GLY H 131 27.17 -41.88 75.90
C GLY H 131 26.24 -40.69 75.81
N GLY H 132 26.61 -39.60 76.48
CA GLY H 132 25.78 -38.41 76.48
C GLY H 132 24.41 -38.67 77.03
N TRP H 133 23.41 -37.97 76.49
CA TRP H 133 22.03 -38.14 76.95
C TRP H 133 21.45 -39.51 76.65
N GLY H 134 22.23 -40.36 75.98
CA GLY H 134 21.76 -41.70 75.69
C GLY H 134 21.94 -42.60 76.90
N SER H 135 22.80 -42.16 77.81
CA SER H 135 23.09 -42.89 79.04
C SER H 135 22.41 -42.25 80.24
N ARG H 136 21.90 -43.09 81.15
CA ARG H 136 21.23 -42.59 82.35
C ARG H 136 22.20 -41.91 83.31
N ILE H 137 23.50 -42.14 83.09
CA ILE H 137 24.53 -41.55 83.92
C ILE H 137 24.46 -40.03 83.85
N THR H 138 24.13 -39.53 82.66
CA THR H 138 24.03 -38.10 82.43
C THR H 138 22.90 -37.48 83.26
N ILE H 139 21.88 -38.28 83.57
CA ILE H 139 20.76 -37.80 84.38
C ILE H 139 21.30 -37.40 85.75
N ASP H 140 22.21 -38.23 86.27
CA ASP H 140 22.83 -37.98 87.58
C ASP H 140 23.66 -36.71 87.48
N ALA H 141 24.47 -36.62 86.43
CA ALA H 141 25.33 -35.47 86.19
C ALA H 141 24.53 -34.16 86.17
N PHE H 142 23.38 -34.19 85.51
CA PHE H 142 22.53 -33.00 85.42
C PHE H 142 21.96 -32.64 86.78
N ALA H 143 21.61 -33.66 87.56
CA ALA H 143 21.05 -33.44 88.90
C ALA H 143 22.10 -32.76 89.77
N GLU H 144 23.35 -33.17 89.61
CA GLU H 144 24.47 -32.60 90.36
C GLU H 144 24.67 -31.16 89.92
N TYR H 145 24.63 -30.96 88.61
CA TYR H 145 24.79 -29.65 87.98
C TYR H 145 23.71 -28.70 88.43
N ALA H 146 22.46 -29.14 88.39
CA ALA H 146 21.31 -28.34 88.78
C ALA H 146 21.44 -27.90 90.23
N GLU H 147 21.74 -28.86 91.11
CA GLU H 147 21.90 -28.58 92.53
C GLU H 147 22.98 -27.54 92.77
N LEU H 148 24.09 -27.65 92.04
CA LEU H 148 25.19 -26.71 92.16
C LEU H 148 24.74 -25.30 91.84
N MET H 149 24.09 -25.12 90.69
CA MET H 149 23.62 -23.81 90.28
C MET H 149 22.55 -23.25 91.20
N PHE H 150 21.68 -24.12 91.70
CA PHE H 150 20.63 -23.70 92.62
C PHE H 150 21.25 -23.14 93.90
N LYS H 151 22.31 -23.78 94.37
CA LYS H 151 22.99 -23.33 95.58
C LYS H 151 23.83 -22.08 95.34
N GLU H 152 24.44 -22.00 94.17
CA GLU H 152 25.27 -20.86 93.81
C GLU H 152 24.48 -19.59 93.51
N LEU H 153 23.64 -19.65 92.47
CA LEU H 153 22.85 -18.51 92.04
C LEU H 153 21.40 -18.48 92.53
N GLY H 154 20.97 -19.55 93.19
CA GLY H 154 19.60 -19.64 93.67
C GLY H 154 19.10 -18.49 94.54
N GLY H 155 20.02 -17.81 95.21
CA GLY H 155 19.63 -16.70 96.06
C GLY H 155 19.39 -15.41 95.29
N LYS H 156 19.91 -15.33 94.08
CA LYS H 156 19.77 -14.15 93.24
C LYS H 156 18.78 -14.37 92.09
N ILE H 157 18.70 -15.61 91.62
CA ILE H 157 17.82 -15.97 90.52
C ILE H 157 16.55 -16.66 91.00
N LYS H 158 15.41 -16.10 90.59
CA LYS H 158 14.10 -16.63 90.97
C LYS H 158 13.30 -17.11 89.75
N GLN H 159 13.98 -17.26 88.61
CA GLN H 159 13.36 -17.71 87.37
C GLN H 159 14.28 -18.77 86.77
N TRP H 160 13.86 -20.02 86.82
CA TRP H 160 14.69 -21.10 86.29
C TRP H 160 14.02 -21.95 85.21
N ILE H 161 14.81 -22.32 84.21
CA ILE H 161 14.36 -23.16 83.11
C ILE H 161 15.35 -24.30 83.05
N THR H 162 14.85 -25.54 83.14
CA THR H 162 15.72 -26.70 83.10
C THR H 162 16.31 -26.90 81.70
N PHE H 163 15.46 -27.24 80.75
CA PHE H 163 15.89 -27.48 79.37
C PHE H 163 15.20 -26.55 78.39
N ASN H 164 15.96 -26.06 77.42
CA ASN H 164 15.43 -25.18 76.40
C ASN H 164 15.31 -25.95 75.09
N GLU H 165 14.10 -25.99 74.55
CA GLU H 165 13.80 -26.67 73.30
C GLU H 165 14.28 -28.13 73.28
N PRO H 166 13.63 -28.99 74.10
CA PRO H 166 13.94 -30.41 74.21
C PRO H 166 13.96 -31.15 72.88
N TRP H 167 13.02 -30.81 72.00
CA TRP H 167 12.96 -31.46 70.70
C TRP H 167 14.22 -31.22 69.88
N CYS H 168 14.73 -30.00 69.91
CA CYS H 168 15.93 -29.66 69.17
C CYS H 168 17.15 -30.43 69.66
N MET H 169 17.35 -30.46 70.97
CA MET H 169 18.49 -31.17 71.55
C MET H 169 18.35 -32.69 71.45
N ALA H 170 17.12 -33.17 71.29
CA ALA H 170 16.85 -34.60 71.19
C ALA H 170 16.73 -35.10 69.75
N PHE H 171 15.66 -34.71 69.07
CA PHE H 171 15.41 -35.15 67.70
C PHE H 171 16.26 -34.52 66.61
N LEU H 172 16.38 -33.19 66.60
CA LEU H 172 17.18 -32.52 65.59
C LEU H 172 18.65 -32.89 65.72
N SER H 173 19.06 -33.24 66.93
CA SER H 173 20.44 -33.60 67.22
C SER H 173 20.77 -35.08 67.07
N ASN H 174 19.89 -35.94 67.57
CA ASN H 174 20.13 -37.39 67.51
C ASN H 174 19.31 -38.18 66.50
N TYR H 175 18.35 -37.53 65.87
CA TYR H 175 17.51 -38.20 64.88
C TYR H 175 17.78 -37.66 63.47
N LEU H 176 17.83 -36.34 63.33
CA LEU H 176 18.06 -35.71 62.05
C LEU H 176 19.55 -35.42 61.80
N GLY H 177 20.34 -35.47 62.87
CA GLY H 177 21.78 -35.23 62.76
C GLY H 177 22.21 -33.85 62.32
N VAL H 178 21.34 -32.86 62.50
CA VAL H 178 21.66 -31.49 62.10
C VAL H 178 22.38 -30.74 63.22
N HIS H 179 22.08 -31.10 64.46
CA HIS H 179 22.71 -30.48 65.62
C HIS H 179 23.55 -31.48 66.40
N ALA H 180 24.47 -30.98 67.22
CA ALA H 180 25.34 -31.83 68.02
C ALA H 180 24.52 -32.72 68.94
N PRO H 181 24.93 -33.99 69.12
CA PRO H 181 26.09 -34.70 68.58
C PRO H 181 26.06 -34.97 67.08
N GLY H 182 24.87 -35.00 66.49
CA GLY H 182 24.75 -35.24 65.06
C GLY H 182 24.48 -36.69 64.71
N ASN H 183 23.60 -37.33 65.49
CA ASN H 183 23.26 -38.72 65.25
C ASN H 183 21.97 -38.83 64.45
N LYS H 184 21.74 -40.01 63.87
CA LYS H 184 20.54 -40.26 63.08
C LYS H 184 19.96 -41.60 63.54
N ASP H 185 19.25 -41.56 64.66
CA ASP H 185 18.63 -42.74 65.26
C ASP H 185 17.38 -42.27 66.01
N LEU H 186 16.22 -42.67 65.51
CA LEU H 186 14.96 -42.29 66.13
C LEU H 186 14.87 -42.76 67.58
N GLN H 187 15.21 -44.03 67.81
CA GLN H 187 15.16 -44.59 69.16
C GLN H 187 16.07 -43.83 70.11
N LEU H 188 17.27 -43.48 69.66
CA LEU H 188 18.21 -42.74 70.48
C LEU H 188 17.61 -41.39 70.86
N ALA H 189 16.96 -40.76 69.88
CA ALA H 189 16.33 -39.46 70.10
C ALA H 189 15.24 -39.60 71.15
N ILE H 190 14.53 -40.73 71.13
CA ILE H 190 13.48 -41.00 72.10
C ILE H 190 14.09 -41.28 73.47
N ASP H 191 15.27 -41.91 73.47
CA ASP H 191 15.97 -42.22 74.71
C ASP H 191 16.37 -40.91 75.37
N VAL H 192 16.98 -40.04 74.57
CA VAL H 192 17.43 -38.72 75.03
C VAL H 192 16.26 -37.93 75.60
N SER H 193 15.14 -37.96 74.88
CA SER H 193 13.94 -37.24 75.31
C SER H 193 13.49 -37.72 76.68
N HIS H 194 13.58 -39.02 76.91
CA HIS H 194 13.18 -39.59 78.18
C HIS H 194 14.14 -39.21 79.30
N HIS H 195 15.43 -39.37 79.04
CA HIS H 195 16.47 -39.05 80.03
C HIS H 195 16.51 -37.58 80.43
N LEU H 196 16.26 -36.67 79.48
CA LEU H 196 16.27 -35.25 79.79
C LEU H 196 15.06 -34.92 80.67
N LEU H 197 13.95 -35.61 80.44
CA LEU H 197 12.74 -35.40 81.22
C LEU H 197 12.94 -35.87 82.66
N VAL H 198 13.64 -36.99 82.83
CA VAL H 198 13.92 -37.51 84.17
C VAL H 198 14.85 -36.53 84.87
N ALA H 199 15.86 -36.06 84.14
CA ALA H 199 16.82 -35.10 84.67
C ALA H 199 16.08 -33.84 85.10
N HIS H 200 15.08 -33.46 84.30
CA HIS H 200 14.26 -32.29 84.57
C HIS H 200 13.48 -32.49 85.87
N GLY H 201 12.80 -33.62 85.96
CA GLY H 201 12.00 -33.94 87.13
C GLY H 201 12.83 -33.90 88.40
N ARG H 202 14.01 -34.50 88.33
CA ARG H 202 14.91 -34.53 89.48
C ARG H 202 15.37 -33.13 89.84
N ALA H 203 15.60 -32.29 88.83
CA ALA H 203 16.02 -30.92 89.05
C ALA H 203 14.91 -30.11 89.73
N VAL H 204 13.67 -30.37 89.33
CA VAL H 204 12.52 -29.68 89.92
C VAL H 204 12.41 -30.06 91.39
N THR H 205 12.56 -31.35 91.67
CA THR H 205 12.49 -31.86 93.03
C THR H 205 13.55 -31.18 93.90
N LEU H 206 14.77 -31.10 93.38
CA LEU H 206 15.88 -30.46 94.10
C LEU H 206 15.54 -29.00 94.39
N PHE H 207 14.97 -28.33 93.39
CA PHE H 207 14.59 -26.92 93.52
C PHE H 207 13.64 -26.74 94.69
N ARG H 208 12.70 -27.67 94.81
CA ARG H 208 11.71 -27.63 95.89
C ARG H 208 12.35 -27.94 97.24
N GLU H 209 13.16 -28.99 97.28
CA GLU H 209 13.84 -29.41 98.51
C GLU H 209 14.77 -28.35 99.06
N LEU H 210 15.47 -27.65 98.18
CA LEU H 210 16.40 -26.60 98.59
C LEU H 210 15.68 -25.38 99.13
N GLY H 211 14.35 -25.39 99.02
CA GLY H 211 13.53 -24.30 99.52
C GLY H 211 13.79 -22.95 98.89
N ILE H 212 14.52 -22.94 97.77
CA ILE H 212 14.82 -21.69 97.07
C ILE H 212 13.57 -21.12 96.44
N SER H 213 13.22 -19.90 96.84
CA SER H 213 12.04 -19.22 96.32
C SER H 213 12.21 -18.90 94.84
N GLY H 214 11.09 -18.86 94.12
CA GLY H 214 11.14 -18.56 92.71
C GLY H 214 10.28 -19.50 91.88
N GLU H 215 10.52 -19.49 90.57
CA GLU H 215 9.78 -20.32 89.64
C GLU H 215 10.73 -21.20 88.83
N ILE H 216 10.23 -22.33 88.38
CA ILE H 216 11.01 -23.26 87.58
C ILE H 216 10.08 -23.93 86.56
N GLY H 217 10.57 -24.06 85.33
CA GLY H 217 9.78 -24.68 84.29
C GLY H 217 10.65 -25.22 83.18
N ILE H 218 10.03 -25.48 82.04
CA ILE H 218 10.71 -26.01 80.88
C ILE H 218 10.23 -25.21 79.66
N ALA H 219 11.08 -25.05 78.66
CA ALA H 219 10.71 -24.27 77.48
C ALA H 219 10.68 -25.05 76.17
N PRO H 220 9.54 -25.67 75.84
CA PRO H 220 9.44 -26.43 74.60
C PRO H 220 9.21 -25.53 73.39
N ASN H 221 9.69 -25.97 72.23
CA ASN H 221 9.52 -25.23 70.99
C ASN H 221 8.44 -25.97 70.22
N THR H 222 7.29 -26.12 70.87
CA THR H 222 6.13 -26.82 70.32
C THR H 222 5.80 -26.36 68.90
N SER H 223 6.15 -27.20 67.93
CA SER H 223 5.91 -26.89 66.52
C SER H 223 4.41 -26.90 66.24
N TRP H 224 3.94 -25.86 65.55
CA TRP H 224 2.51 -25.76 65.24
C TRP H 224 2.20 -26.07 63.78
N ALA H 225 1.04 -26.67 63.56
CA ALA H 225 0.60 -27.04 62.21
C ALA H 225 -0.91 -26.86 62.09
N VAL H 226 -1.31 -26.31 60.96
CA VAL H 226 -2.71 -26.04 60.64
C VAL H 226 -3.22 -27.08 59.66
N PRO H 227 -4.41 -27.65 59.91
CA PRO H 227 -5.00 -28.67 59.04
C PRO H 227 -5.30 -28.12 57.65
N TYR H 228 -4.73 -28.77 56.63
CA TYR H 228 -4.94 -28.38 55.25
C TYR H 228 -6.43 -28.52 54.95
N ARG H 229 -6.95 -29.72 55.21
CA ARG H 229 -8.35 -30.02 54.99
C ARG H 229 -9.00 -30.29 56.34
N ARG H 230 -10.30 -30.02 56.44
CA ARG H 230 -11.03 -30.27 57.68
C ARG H 230 -11.36 -31.76 57.73
N THR H 231 -10.31 -32.57 57.79
CA THR H 231 -10.45 -34.03 57.83
C THR H 231 -9.83 -34.53 59.12
N LYS H 232 -10.37 -35.61 59.67
CA LYS H 232 -9.84 -36.19 60.89
C LYS H 232 -8.37 -36.56 60.72
N GLU H 233 -8.04 -37.18 59.60
CA GLU H 233 -6.66 -37.59 59.33
C GLU H 233 -5.68 -36.41 59.27
N ASP H 234 -6.16 -35.27 58.78
CA ASP H 234 -5.32 -34.08 58.69
C ASP H 234 -5.13 -33.45 60.05
N MET H 235 -6.20 -33.42 60.83
CA MET H 235 -6.16 -32.84 62.18
C MET H 235 -5.23 -33.66 63.07
N GLU H 236 -5.25 -34.97 62.88
CA GLU H 236 -4.39 -35.88 63.65
C GLU H 236 -2.95 -35.73 63.18
N ALA H 237 -2.78 -35.50 61.88
CA ALA H 237 -1.46 -35.32 61.30
C ALA H 237 -0.84 -34.05 61.89
N CYS H 238 -1.68 -33.07 62.18
CA CYS H 238 -1.24 -31.82 62.75
C CYS H 238 -0.99 -31.97 64.25
N LEU H 239 -1.78 -32.83 64.89
CA LEU H 239 -1.64 -33.07 66.33
C LEU H 239 -0.29 -33.72 66.61
N ARG H 240 0.16 -34.58 65.70
CA ARG H 240 1.44 -35.25 65.86
C ARG H 240 2.61 -34.28 65.76
N VAL H 241 2.41 -33.19 65.01
CA VAL H 241 3.45 -32.17 64.85
C VAL H 241 3.74 -31.48 66.18
N ASN H 242 2.70 -31.03 66.86
CA ASN H 242 2.87 -30.39 68.16
C ASN H 242 3.06 -31.46 69.23
N GLY H 243 2.65 -32.68 68.90
CA GLY H 243 2.75 -33.78 69.82
C GLY H 243 4.16 -34.29 70.06
N TRP H 244 4.93 -34.48 69.00
CA TRP H 244 6.29 -35.00 69.14
C TRP H 244 7.33 -33.95 69.51
N SER H 245 6.92 -32.69 69.51
CA SER H 245 7.83 -31.59 69.85
C SER H 245 7.51 -30.92 71.18
N GLY H 246 6.24 -30.93 71.56
CA GLY H 246 5.84 -30.30 72.81
C GLY H 246 5.08 -31.19 73.78
N ASP H 247 4.02 -31.82 73.31
CA ASP H 247 3.20 -32.69 74.15
C ASP H 247 4.00 -33.84 74.73
N TRP H 248 4.97 -34.34 73.95
CA TRP H 248 5.82 -35.44 74.35
C TRP H 248 6.59 -35.14 75.64
N TYR H 249 6.81 -33.86 75.91
CA TYR H 249 7.56 -33.44 77.10
C TYR H 249 6.67 -32.88 78.20
N LEU H 250 5.64 -32.14 77.81
CA LEU H 250 4.73 -31.53 78.77
C LEU H 250 3.78 -32.51 79.44
N ASP H 251 3.34 -33.52 78.70
CA ASP H 251 2.42 -34.51 79.26
C ASP H 251 3.00 -35.33 80.41
N PRO H 252 4.24 -35.82 80.29
CA PRO H 252 4.82 -36.59 81.39
C PRO H 252 4.96 -35.72 82.65
N ILE H 253 5.14 -34.42 82.45
CA ILE H 253 5.30 -33.47 83.55
C ILE H 253 3.96 -33.12 84.21
N TYR H 254 2.95 -32.84 83.39
CA TYR H 254 1.63 -32.45 83.89
C TYR H 254 0.69 -33.60 84.22
N PHE H 255 0.78 -34.68 83.46
CA PHE H 255 -0.10 -35.83 83.66
C PHE H 255 0.60 -37.12 84.09
N GLY H 256 1.93 -37.11 84.04
CA GLY H 256 2.69 -38.28 84.44
C GLY H 256 2.66 -39.41 83.44
N GLU H 257 2.45 -39.07 82.18
CA GLU H 257 2.40 -40.05 81.11
C GLU H 257 2.64 -39.40 79.76
N TYR H 258 3.30 -40.13 78.87
CA TYR H 258 3.56 -39.64 77.52
C TYR H 258 2.22 -39.58 76.80
N PRO H 259 2.08 -38.65 75.83
CA PRO H 259 0.82 -38.56 75.09
C PRO H 259 0.50 -39.87 74.39
N LYS H 260 -0.68 -40.41 74.69
CA LYS H 260 -1.13 -41.69 74.13
C LYS H 260 -0.99 -41.80 72.62
N PHE H 261 -1.51 -40.82 71.88
CA PHE H 261 -1.43 -40.87 70.43
C PHE H 261 -0.01 -40.97 69.89
N MET H 262 0.94 -40.34 70.60
CA MET H 262 2.33 -40.41 70.17
C MET H 262 2.93 -41.76 70.52
N LEU H 263 2.58 -42.28 71.68
CA LEU H 263 3.07 -43.58 72.12
C LEU H 263 2.69 -44.64 71.10
N ASP H 264 1.42 -44.63 70.70
CA ASP H 264 0.89 -45.58 69.72
C ASP H 264 1.58 -45.43 68.38
N TRP H 265 1.84 -44.19 67.98
CA TRP H 265 2.50 -43.91 66.71
C TRP H 265 3.89 -44.51 66.67
N TYR H 266 4.67 -44.26 67.72
CA TYR H 266 6.02 -44.78 67.82
C TYR H 266 6.02 -46.29 67.98
N GLU H 267 5.09 -46.79 68.78
CA GLU H 267 4.95 -48.21 69.04
C GLU H 267 4.73 -48.99 67.75
N ASN H 268 3.87 -48.46 66.89
CA ASN H 268 3.57 -49.10 65.61
C ASN H 268 4.82 -49.14 64.73
N LEU H 269 5.74 -48.22 64.98
CA LEU H 269 6.98 -48.15 64.22
C LEU H 269 8.07 -48.96 64.91
N GLY H 270 7.77 -49.44 66.12
CA GLY H 270 8.73 -50.23 66.88
C GLY H 270 9.64 -49.40 67.76
N TYR H 271 9.09 -48.33 68.32
CA TYR H 271 9.85 -47.44 69.18
C TYR H 271 9.11 -47.17 70.48
N LYS H 272 9.85 -47.18 71.58
CA LYS H 272 9.28 -46.95 72.91
C LYS H 272 10.31 -46.27 73.80
N PRO H 273 9.86 -45.35 74.66
CA PRO H 273 10.77 -44.65 75.58
C PRO H 273 11.29 -45.64 76.62
N PRO H 274 12.60 -45.60 76.91
CA PRO H 274 13.25 -46.48 77.89
C PRO H 274 12.83 -46.15 79.32
N ILE H 275 11.55 -46.37 79.62
CA ILE H 275 11.01 -46.08 80.94
C ILE H 275 11.41 -47.11 81.99
N VAL H 276 12.20 -46.67 82.96
CA VAL H 276 12.62 -47.52 84.05
C VAL H 276 11.61 -47.25 85.15
N ASP H 277 11.16 -48.30 85.84
CA ASP H 277 10.17 -48.16 86.89
C ASP H 277 10.48 -47.00 87.84
N GLY H 278 9.52 -46.09 87.98
CA GLY H 278 9.70 -44.95 88.85
C GLY H 278 9.96 -43.66 88.10
N ASP H 279 10.47 -43.77 86.88
CA ASP H 279 10.78 -42.61 86.06
C ASP H 279 9.64 -41.63 85.86
N MET H 280 8.49 -42.11 85.41
CA MET H 280 7.34 -41.25 85.17
C MET H 280 6.92 -40.44 86.38
N GLU H 281 7.11 -41.02 87.57
CA GLU H 281 6.76 -40.35 88.82
C GLU H 281 7.77 -39.25 89.11
N LEU H 282 9.02 -39.48 88.70
CA LEU H 282 10.10 -38.51 88.89
C LEU H 282 9.87 -37.30 87.99
N ILE H 283 9.40 -37.58 86.78
CA ILE H 283 9.12 -36.55 85.79
C ILE H 283 7.85 -35.79 86.15
N HIS H 284 6.89 -36.49 86.75
CA HIS H 284 5.61 -35.93 87.13
C HIS H 284 5.68 -34.97 88.33
N GLN H 285 6.49 -33.92 88.19
CA GLN H 285 6.65 -32.92 89.24
C GLN H 285 6.09 -31.60 88.76
N PRO H 286 5.23 -30.97 89.59
CA PRO H 286 4.61 -29.68 89.26
C PRO H 286 5.64 -28.59 88.96
N ILE H 287 5.47 -27.92 87.83
CA ILE H 287 6.35 -26.83 87.44
C ILE H 287 5.56 -25.53 87.52
N ASP H 288 6.26 -24.42 87.73
CA ASP H 288 5.62 -23.11 87.87
C ASP H 288 5.16 -22.42 86.59
N PHE H 289 5.74 -22.80 85.45
CA PHE H 289 5.38 -22.18 84.19
C PHE H 289 5.85 -22.98 82.99
N ILE H 290 5.35 -22.62 81.81
CA ILE H 290 5.74 -23.26 80.56
C ILE H 290 6.34 -22.16 79.69
N GLY H 291 7.51 -22.43 79.14
CA GLY H 291 8.17 -21.47 78.28
C GLY H 291 7.83 -21.76 76.83
N ILE H 292 7.10 -20.84 76.20
CA ILE H 292 6.72 -21.01 74.81
C ILE H 292 7.72 -20.36 73.87
N ASN H 293 8.31 -21.17 73.00
CA ASN H 293 9.27 -20.69 72.00
C ASN H 293 8.58 -20.79 70.65
N TYR H 294 8.17 -19.64 70.12
CA TYR H 294 7.48 -19.60 68.83
C TYR H 294 8.20 -18.78 67.78
N TYR H 295 8.13 -19.24 66.53
CA TYR H 295 8.76 -18.57 65.40
C TYR H 295 7.91 -18.70 64.14
N THR H 296 7.33 -19.89 63.95
CA THR H 296 6.53 -20.18 62.78
C THR H 296 5.65 -21.41 62.97
N SER H 297 4.81 -21.68 61.99
CA SER H 297 3.93 -22.84 61.97
C SER H 297 3.66 -23.17 60.52
N SER H 298 3.16 -24.38 60.26
CA SER H 298 2.90 -24.81 58.89
C SER H 298 1.45 -25.22 58.66
N MET H 299 1.20 -25.74 57.45
CA MET H 299 -0.12 -26.21 57.06
C MET H 299 0.12 -27.65 56.63
N ASN H 300 -0.30 -28.60 57.45
CA ASN H 300 -0.07 -30.01 57.16
C ASN H 300 -1.29 -30.83 56.78
N ARG H 301 -1.01 -31.97 56.14
CA ARG H 301 -2.04 -32.90 55.73
C ARG H 301 -1.47 -34.31 55.87
N TYR H 302 -2.36 -35.27 56.10
CA TYR H 302 -1.96 -36.66 56.25
C TYR H 302 -1.39 -37.19 54.95
N ASN H 303 -0.28 -37.91 55.04
CA ASN H 303 0.36 -38.50 53.88
C ASN H 303 1.22 -39.68 54.29
N PRO H 304 0.75 -40.91 54.02
CA PRO H 304 1.43 -42.16 54.34
C PRO H 304 2.72 -42.37 53.55
N GLY H 305 2.89 -41.61 52.48
CA GLY H 305 4.08 -41.73 51.66
C GLY H 305 5.29 -41.02 52.24
N GLU H 306 6.37 -40.98 51.46
CA GLU H 306 7.60 -40.32 51.90
C GLU H 306 7.41 -38.85 52.23
N ALA H 307 6.53 -38.20 51.47
CA ALA H 307 6.25 -36.78 51.66
C ALA H 307 5.73 -36.49 53.07
N GLY H 308 5.06 -37.47 53.67
CA GLY H 308 4.53 -37.30 55.01
C GLY H 308 5.60 -37.47 56.08
N GLY H 309 6.64 -38.24 55.74
CA GLY H 309 7.72 -38.47 56.68
C GLY H 309 7.35 -39.49 57.75
N MET H 310 8.16 -39.54 58.82
CA MET H 310 7.94 -40.45 59.92
C MET H 310 6.56 -40.25 60.56
N LEU H 311 6.14 -38.99 60.64
CA LEU H 311 4.85 -38.65 61.24
C LEU H 311 3.70 -38.71 60.23
N SER H 312 4.02 -39.03 58.98
CA SER H 312 3.02 -39.09 57.92
C SER H 312 2.19 -37.82 57.90
N SER H 313 2.88 -36.70 58.05
CA SER H 313 2.26 -35.38 58.08
C SER H 313 3.05 -34.48 57.13
N GLU H 314 2.53 -34.31 55.92
CA GLU H 314 3.18 -33.48 54.91
C GLU H 314 2.82 -32.01 55.02
N ALA H 315 3.86 -31.17 55.04
CA ALA H 315 3.67 -29.73 55.12
C ALA H 315 3.45 -29.18 53.71
N ILE H 316 2.52 -28.25 53.59
CA ILE H 316 2.19 -27.64 52.31
C ILE H 316 2.41 -26.12 52.40
N SER H 317 3.21 -25.61 51.47
CA SER H 317 3.53 -24.18 51.43
C SER H 317 2.29 -23.31 51.37
N MET H 318 2.25 -22.30 52.22
CA MET H 318 1.14 -21.36 52.25
C MET H 318 1.45 -20.21 51.30
N GLY H 319 2.67 -20.21 50.76
CA GLY H 319 3.09 -19.16 49.85
C GLY H 319 3.30 -17.86 50.60
N ALA H 320 3.30 -17.96 51.94
CA ALA H 320 3.47 -16.81 52.82
C ALA H 320 4.88 -16.25 52.79
N PRO H 321 5.05 -14.99 53.22
CA PRO H 321 6.38 -14.38 53.24
C PRO H 321 7.27 -15.13 54.22
N LYS H 322 8.56 -15.15 53.93
CA LYS H 322 9.49 -15.86 54.79
C LYS H 322 10.57 -14.95 55.35
N THR H 323 11.19 -15.38 56.45
CA THR H 323 12.27 -14.64 57.05
C THR H 323 13.50 -15.01 56.23
N ASP H 324 14.62 -14.36 56.48
CA ASP H 324 15.84 -14.65 55.72
C ASP H 324 16.40 -16.04 55.93
N ILE H 325 15.87 -16.76 56.93
CA ILE H 325 16.33 -18.12 57.19
C ILE H 325 15.38 -19.12 56.50
N GLY H 326 14.34 -18.58 55.86
CA GLY H 326 13.38 -19.38 55.14
C GLY H 326 12.12 -19.84 55.85
N TRP H 327 11.85 -19.30 57.03
CA TRP H 327 10.66 -19.68 57.77
C TRP H 327 9.47 -18.80 57.43
N GLU H 328 8.32 -19.43 57.16
CA GLU H 328 7.11 -18.70 56.82
C GLU H 328 6.60 -17.91 58.02
N ILE H 329 5.99 -16.76 57.75
CA ILE H 329 5.45 -15.92 58.80
C ILE H 329 3.98 -16.24 58.99
N TYR H 330 3.65 -16.79 60.16
CA TYR H 330 2.27 -17.15 60.48
C TYR H 330 2.04 -16.73 61.92
N ALA H 331 1.88 -15.42 62.12
CA ALA H 331 1.69 -14.83 63.44
C ALA H 331 0.54 -15.43 64.24
N GLU H 332 -0.54 -15.79 63.54
CA GLU H 332 -1.71 -16.36 64.20
C GLU H 332 -1.38 -17.66 64.92
N GLY H 333 -0.31 -18.33 64.49
CA GLY H 333 0.10 -19.57 65.10
C GLY H 333 0.48 -19.39 66.56
N LEU H 334 0.97 -18.20 66.91
CA LEU H 334 1.35 -17.90 68.29
C LEU H 334 0.11 -18.01 69.16
N TYR H 335 -0.95 -17.32 68.76
CA TYR H 335 -2.21 -17.33 69.49
C TYR H 335 -2.75 -18.75 69.58
N ASP H 336 -2.72 -19.47 68.46
CA ASP H 336 -3.22 -20.84 68.41
C ASP H 336 -2.47 -21.75 69.39
N LEU H 337 -1.14 -21.61 69.43
CA LEU H 337 -0.30 -22.41 70.30
C LEU H 337 -0.58 -22.10 71.76
N LEU H 338 -0.67 -20.81 72.07
CA LEU H 338 -0.93 -20.37 73.44
C LEU H 338 -2.30 -20.86 73.89
N ARG H 339 -3.28 -20.78 72.98
CA ARG H 339 -4.64 -21.21 73.25
C ARG H 339 -4.66 -22.70 73.54
N TYR H 340 -3.95 -23.47 72.72
CA TYR H 340 -3.87 -24.91 72.86
C TYR H 340 -3.28 -25.30 74.21
N THR H 341 -2.13 -24.70 74.53
CA THR H 341 -1.43 -24.95 75.78
C THR H 341 -2.28 -24.57 76.99
N ALA H 342 -2.97 -23.44 76.88
CA ALA H 342 -3.82 -22.95 77.96
C ALA H 342 -4.98 -23.92 78.22
N ASP H 343 -5.57 -24.44 77.15
CA ASP H 343 -6.69 -25.36 77.27
C ASP H 343 -6.29 -26.69 77.87
N LYS H 344 -5.27 -27.32 77.28
CA LYS H 344 -4.80 -28.62 77.71
C LYS H 344 -4.14 -28.71 79.09
N TYR H 345 -3.30 -27.73 79.42
CA TYR H 345 -2.58 -27.77 80.68
C TYR H 345 -3.15 -26.95 81.84
N GLY H 346 -4.43 -26.63 81.76
CA GLY H 346 -5.07 -25.87 82.82
C GLY H 346 -4.71 -24.41 82.94
N ASN H 347 -4.42 -23.78 81.80
CA ASN H 347 -4.06 -22.37 81.73
C ASN H 347 -2.98 -21.98 82.74
N PRO H 348 -1.81 -22.65 82.68
CA PRO H 348 -0.73 -22.34 83.61
C PRO H 348 -0.05 -21.04 83.21
N THR H 349 0.90 -20.59 84.04
CA THR H 349 1.63 -19.37 83.73
C THR H 349 2.46 -19.63 82.48
N LEU H 350 2.35 -18.72 81.52
CA LEU H 350 3.09 -18.86 80.27
C LEU H 350 4.02 -17.68 80.05
N TYR H 351 5.19 -17.96 79.51
CA TYR H 351 6.17 -16.94 79.20
C TYR H 351 6.68 -17.24 77.80
N ILE H 352 6.61 -16.28 76.90
CA ILE H 352 7.14 -16.49 75.56
C ILE H 352 8.64 -16.30 75.76
N THR H 353 9.33 -17.42 75.96
CA THR H 353 10.77 -17.42 76.19
C THR H 353 11.63 -17.19 74.96
N GLU H 354 11.01 -17.23 73.78
CA GLU H 354 11.70 -17.00 72.51
C GLU H 354 10.73 -16.66 71.39
N ASN H 355 11.04 -15.58 70.68
CA ASN H 355 10.24 -15.14 69.53
C ASN H 355 10.98 -14.03 68.82
N GLY H 356 11.35 -14.29 67.58
CA GLY H 356 12.06 -13.31 66.79
C GLY H 356 12.12 -13.73 65.34
N ALA H 357 12.75 -12.90 64.52
CA ALA H 357 12.87 -13.18 63.10
C ALA H 357 14.30 -13.11 62.64
N CYS H 358 14.62 -13.91 61.64
CA CYS H 358 15.96 -13.89 61.08
C CYS H 358 15.99 -12.98 59.89
N TYR H 359 16.59 -11.81 60.06
CA TYR H 359 16.72 -10.84 58.98
C TYR H 359 18.16 -10.38 58.99
N ASN H 360 18.85 -10.64 57.89
CA ASN H 360 20.26 -10.32 57.74
C ASN H 360 20.65 -8.88 57.41
N ASP H 361 19.77 -7.93 57.74
CA ASP H 361 20.04 -6.53 57.47
C ASP H 361 21.34 -6.10 58.13
N GLY H 362 22.17 -5.40 57.37
CA GLY H 362 23.43 -4.91 57.90
C GLY H 362 23.35 -3.40 58.00
N LEU H 363 24.48 -2.77 58.27
CA LEU H 363 24.52 -1.32 58.37
C LEU H 363 24.42 -0.64 57.01
N SER H 364 23.59 0.38 56.93
CA SER H 364 23.45 1.15 55.71
C SER H 364 24.54 2.22 55.82
N LEU H 365 24.78 2.99 54.77
CA LEU H 365 25.80 4.04 54.83
C LEU H 365 25.34 5.08 55.86
N ASP H 366 24.09 4.95 56.26
CA ASP H 366 23.42 5.77 57.26
C ASP H 366 24.17 5.57 58.58
N GLY H 367 24.66 4.35 58.77
CA GLY H 367 25.38 3.99 59.98
C GLY H 367 24.45 3.17 60.88
N ARG H 368 23.21 3.06 60.46
CA ARG H 368 22.19 2.33 61.20
C ARG H 368 21.65 1.14 60.43
N ILE H 369 20.98 0.24 61.14
CA ILE H 369 20.39 -0.95 60.53
C ILE H 369 18.89 -0.74 60.48
N HIS H 370 18.37 -0.50 59.28
CA HIS H 370 16.94 -0.25 59.10
C HIS H 370 16.19 -1.55 58.85
N ASP H 371 16.08 -2.37 59.89
CA ASP H 371 15.40 -3.65 59.80
C ASP H 371 13.90 -3.58 60.05
N GLN H 372 13.19 -2.84 59.21
CA GLN H 372 11.74 -2.71 59.34
C GLN H 372 11.04 -4.06 59.33
N ARG H 373 11.60 -5.01 58.59
CA ARG H 373 11.03 -6.34 58.50
C ARG H 373 10.97 -7.04 59.85
N ARG H 374 11.98 -6.80 60.70
CA ARG H 374 12.00 -7.40 62.02
C ARG H 374 10.95 -6.72 62.89
N ILE H 375 10.84 -5.40 62.74
CA ILE H 375 9.87 -4.62 63.49
C ILE H 375 8.46 -5.11 63.17
N ASP H 376 8.19 -5.27 61.88
CA ASP H 376 6.88 -5.72 61.42
C ASP H 376 6.55 -7.10 61.96
N TYR H 377 7.54 -8.00 61.91
CA TYR H 377 7.35 -9.36 62.41
C TYR H 377 7.02 -9.34 63.90
N LEU H 378 7.85 -8.68 64.69
CA LEU H 378 7.65 -8.58 66.12
C LEU H 378 6.29 -7.98 66.44
N ALA H 379 5.96 -6.89 65.76
CA ALA H 379 4.68 -6.21 65.97
C ALA H 379 3.50 -7.15 65.77
N MET H 380 3.54 -7.91 64.68
CA MET H 380 2.47 -8.87 64.37
C MET H 380 2.29 -9.90 65.47
N HIS H 381 3.40 -10.40 65.98
CA HIS H 381 3.37 -11.40 67.02
C HIS H 381 2.99 -10.86 68.39
N LEU H 382 3.36 -9.61 68.66
CA LEU H 382 3.01 -8.99 69.93
C LEU H 382 1.51 -8.70 69.92
N ILE H 383 0.95 -8.51 68.73
CA ILE H 383 -0.49 -8.28 68.58
C ILE H 383 -1.21 -9.57 68.95
N GLN H 384 -0.62 -10.71 68.58
CA GLN H 384 -1.20 -12.01 68.89
C GLN H 384 -1.03 -12.30 70.38
N ALA H 385 0.07 -11.82 70.95
CA ALA H 385 0.35 -12.01 72.37
C ALA H 385 -0.69 -11.25 73.18
N SER H 386 -0.98 -10.02 72.76
CA SER H 386 -1.98 -9.19 73.43
C SER H 386 -3.35 -9.82 73.28
N ARG H 387 -3.59 -10.41 72.11
CA ARG H 387 -4.85 -11.08 71.81
C ARG H 387 -5.08 -12.22 72.79
N ALA H 388 -4.02 -13.01 73.03
CA ALA H 388 -4.07 -14.13 73.95
C ALA H 388 -4.43 -13.68 75.36
N ILE H 389 -3.82 -12.57 75.79
CA ILE H 389 -4.08 -12.02 77.11
C ILE H 389 -5.53 -11.56 77.19
N GLU H 390 -6.02 -10.94 76.12
CA GLU H 390 -7.39 -10.48 76.05
C GLU H 390 -8.34 -11.67 76.04
N ASP H 391 -7.84 -12.81 75.56
CA ASP H 391 -8.63 -14.03 75.47
C ASP H 391 -8.52 -14.89 76.74
N GLY H 392 -8.09 -14.25 77.83
CA GLY H 392 -7.98 -14.96 79.10
C GLY H 392 -6.81 -15.90 79.34
N ILE H 393 -5.87 -15.99 78.40
CA ILE H 393 -4.73 -16.88 78.56
C ILE H 393 -3.72 -16.22 79.51
N ASN H 394 -3.13 -17.02 80.40
CA ASN H 394 -2.17 -16.51 81.37
C ASN H 394 -0.76 -16.25 80.86
N LEU H 395 -0.65 -15.35 79.89
CA LEU H 395 0.65 -14.99 79.34
C LEU H 395 1.18 -13.88 80.23
N LYS H 396 2.24 -14.18 80.98
CA LYS H 396 2.81 -13.21 81.91
C LYS H 396 4.07 -12.49 81.42
N GLY H 397 4.58 -12.88 80.26
CA GLY H 397 5.79 -12.22 79.76
C GLY H 397 6.18 -12.58 78.34
N TYR H 398 7.03 -11.75 77.76
CA TYR H 398 7.52 -11.93 76.41
C TYR H 398 9.01 -11.59 76.36
N MET H 399 9.78 -12.49 75.77
CA MET H 399 11.22 -12.32 75.65
C MET H 399 11.61 -12.58 74.20
N GLU H 400 11.85 -11.51 73.45
CA GLU H 400 12.20 -11.66 72.04
C GLU H 400 13.56 -12.32 71.90
N TRP H 401 13.67 -13.24 70.94
CA TRP H 401 14.91 -13.96 70.75
C TRP H 401 16.09 -13.19 70.18
N SER H 402 17.19 -13.33 70.91
CA SER H 402 18.47 -12.73 70.61
C SER H 402 18.56 -11.23 70.80
N LEU H 403 19.32 -10.85 71.82
CA LEU H 403 19.55 -9.45 72.14
C LEU H 403 20.44 -8.90 71.02
N MET H 404 21.38 -9.73 70.58
CA MET H 404 22.32 -9.36 69.54
C MET H 404 22.53 -10.54 68.58
N ASP H 405 22.99 -10.25 67.38
CA ASP H 405 23.26 -11.30 66.40
C ASP H 405 24.31 -12.22 67.01
N ASN H 406 24.14 -13.52 66.81
CA ASN H 406 25.06 -14.49 67.38
C ASN H 406 25.32 -15.71 66.49
N PHE H 407 26.00 -16.71 67.07
CA PHE H 407 26.32 -17.95 66.38
C PHE H 407 25.03 -18.75 66.24
N GLU H 408 24.47 -18.75 65.03
CA GLU H 408 23.23 -19.47 64.78
C GLU H 408 23.43 -20.96 64.49
N TRP H 409 24.05 -21.63 65.44
CA TRP H 409 24.31 -23.07 65.38
C TRP H 409 24.87 -23.57 64.05
N ALA H 410 24.19 -24.52 63.41
CA ALA H 410 24.64 -25.08 62.14
C ALA H 410 24.71 -24.04 61.02
N GLU H 411 23.94 -22.97 61.16
CA GLU H 411 23.91 -21.90 60.17
C GLU H 411 25.12 -20.98 60.27
N GLY H 412 25.87 -21.12 61.35
CA GLY H 412 27.03 -20.28 61.55
C GLY H 412 26.59 -18.87 61.91
N TYR H 413 27.35 -17.88 61.48
CA TYR H 413 27.05 -16.49 61.78
C TYR H 413 26.21 -15.77 60.71
N GLY H 414 25.96 -16.46 59.60
CA GLY H 414 25.20 -15.86 58.50
C GLY H 414 23.78 -15.41 58.78
N MET H 415 23.07 -16.12 59.66
CA MET H 415 21.70 -15.76 59.99
C MET H 415 21.64 -14.86 61.23
N ARG H 416 21.05 -13.68 61.08
CA ARG H 416 20.95 -12.71 62.17
C ARG H 416 19.56 -12.62 62.80
N PHE H 417 19.50 -12.89 64.10
CA PHE H 417 18.25 -12.85 64.86
C PHE H 417 18.17 -11.72 65.90
N GLY H 418 19.26 -11.01 66.10
CA GLY H 418 19.27 -9.96 67.11
C GLY H 418 18.73 -8.58 66.87
N LEU H 419 18.52 -7.86 67.99
CA LEU H 419 18.06 -6.48 67.98
C LEU H 419 19.28 -5.59 67.85
N VAL H 420 20.43 -6.14 68.20
CA VAL H 420 21.70 -5.41 68.12
C VAL H 420 22.59 -6.09 67.09
N HIS H 421 23.04 -5.31 66.11
CA HIS H 421 23.91 -5.82 65.07
C HIS H 421 25.33 -6.03 65.57
N VAL H 422 25.89 -7.20 65.27
CA VAL H 422 27.25 -7.51 65.69
C VAL H 422 28.09 -7.80 64.46
N ASP H 423 29.14 -7.02 64.26
CA ASP H 423 30.04 -7.23 63.13
C ASP H 423 31.05 -8.24 63.68
N TYR H 424 30.96 -9.48 63.22
CA TYR H 424 31.84 -10.54 63.70
C TYR H 424 33.34 -10.38 63.45
N ASP H 425 33.70 -9.52 62.51
CA ASP H 425 35.11 -9.28 62.21
C ASP H 425 35.71 -8.28 63.19
N THR H 426 34.93 -7.26 63.52
CA THR H 426 35.38 -6.20 64.43
C THR H 426 34.72 -6.28 65.80
N LEU H 427 33.76 -7.19 65.95
CA LEU H 427 33.01 -7.39 67.19
C LEU H 427 32.29 -6.12 67.67
N VAL H 428 32.11 -5.17 66.76
CA VAL H 428 31.43 -3.92 67.09
C VAL H 428 29.92 -4.15 67.12
N ARG H 429 29.28 -3.64 68.17
CA ARG H 429 27.84 -3.79 68.34
C ARG H 429 27.12 -2.48 68.04
N THR H 430 26.11 -2.56 67.17
CA THR H 430 25.32 -1.39 66.78
C THR H 430 23.84 -1.71 66.92
N PRO H 431 23.13 -0.97 67.80
CA PRO H 431 21.70 -1.23 67.98
C PRO H 431 20.94 -0.98 66.68
N LYS H 432 20.11 -1.93 66.29
CA LYS H 432 19.31 -1.82 65.08
C LYS H 432 18.07 -0.98 65.35
N ASP H 433 17.29 -0.70 64.31
CA ASP H 433 16.07 0.09 64.49
C ASP H 433 15.07 -0.66 65.35
N SER H 434 15.09 -1.99 65.24
CA SER H 434 14.20 -2.84 66.03
C SER H 434 14.48 -2.70 67.52
N PHE H 435 15.74 -2.46 67.86
CA PHE H 435 16.14 -2.28 69.26
C PHE H 435 15.38 -1.09 69.84
N TYR H 436 15.51 0.05 69.17
CA TYR H 436 14.85 1.28 69.60
C TYR H 436 13.33 1.14 69.57
N TRP H 437 12.82 0.35 68.62
CA TRP H 437 11.39 0.13 68.51
C TRP H 437 10.89 -0.66 69.72
N TYR H 438 11.54 -1.80 69.97
CA TYR H 438 11.17 -2.66 71.09
C TYR H 438 11.28 -1.89 72.40
N LYS H 439 12.30 -1.04 72.48
CA LYS H 439 12.51 -0.22 73.67
C LYS H 439 11.26 0.61 73.94
N GLY H 440 10.73 1.21 72.88
CA GLY H 440 9.53 2.03 73.00
C GLY H 440 8.31 1.23 73.42
N VAL H 441 8.18 0.01 72.89
CA VAL H 441 7.05 -0.84 73.22
C VAL H 441 7.09 -1.17 74.71
N ILE H 442 8.29 -1.49 75.21
CA ILE H 442 8.48 -1.84 76.60
C ILE H 442 8.15 -0.64 77.49
N SER H 443 8.58 0.54 77.07
CA SER H 443 8.34 1.76 77.81
C SER H 443 6.86 2.10 77.91
N ARG H 444 6.16 2.06 76.79
CA ARG H 444 4.74 2.36 76.73
C ARG H 444 3.89 1.30 77.42
N GLY H 445 4.18 0.04 77.11
CA GLY H 445 3.42 -1.06 77.67
C GLY H 445 2.29 -1.44 76.76
N TRP H 446 2.19 -0.74 75.63
CA TRP H 446 1.16 -0.99 74.64
C TRP H 446 1.71 -0.77 73.24
N LEU H 447 0.91 -1.05 72.23
CA LEU H 447 1.35 -0.91 70.86
C LEU H 447 0.28 -0.27 69.97
N ASP H 448 0.64 0.84 69.33
CA ASP H 448 -0.29 1.55 68.45
C ASP H 448 0.02 1.13 67.01
N LEU H 449 -0.62 0.06 66.58
CA LEU H 449 -0.40 -0.49 65.24
C LEU H 449 -1.75 -0.83 64.59
N SER I 1 -33.62 28.32 -49.35
CA SER I 1 -33.58 29.63 -50.06
C SER I 1 -33.82 29.37 -51.54
N ILE I 2 -34.72 30.14 -52.14
CA ILE I 2 -35.05 29.98 -53.55
C ILE I 2 -34.15 30.75 -54.51
N HIS I 3 -33.43 30.01 -55.33
CA HIS I 3 -32.51 30.56 -56.31
C HIS I 3 -33.23 30.46 -57.66
N MET I 4 -33.73 31.60 -58.12
CA MET I 4 -34.48 31.69 -59.36
C MET I 4 -33.62 31.80 -60.62
N PHE I 5 -34.18 31.33 -61.72
CA PHE I 5 -33.53 31.38 -63.03
C PHE I 5 -34.55 31.91 -64.03
N PRO I 6 -34.10 32.72 -65.00
CA PRO I 6 -34.96 33.30 -66.03
C PRO I 6 -35.78 32.26 -66.76
N SER I 7 -36.98 32.64 -67.18
CA SER I 7 -37.89 31.75 -67.89
C SER I 7 -37.25 31.20 -69.18
N ASP I 8 -36.50 32.06 -69.87
CA ASP I 8 -35.84 31.69 -71.11
C ASP I 8 -34.41 31.16 -70.92
N PHE I 9 -34.11 30.69 -69.72
CA PHE I 9 -32.77 30.17 -69.41
C PHE I 9 -32.57 28.86 -70.18
N LYS I 10 -31.41 28.74 -70.83
CA LYS I 10 -31.10 27.55 -71.61
C LYS I 10 -30.43 26.46 -70.79
N TRP I 11 -31.23 25.51 -70.32
CA TRP I 11 -30.73 24.39 -69.54
C TRP I 11 -30.22 23.33 -70.50
N GLY I 12 -29.02 22.82 -70.25
CA GLY I 12 -28.46 21.82 -71.13
C GLY I 12 -27.43 20.91 -70.49
N VAL I 13 -26.84 20.06 -71.32
CA VAL I 13 -25.81 19.13 -70.89
C VAL I 13 -24.86 18.97 -72.08
N ALA I 14 -23.61 18.59 -71.82
CA ALA I 14 -22.64 18.47 -72.90
C ALA I 14 -21.82 17.19 -72.93
N THR I 15 -21.28 16.90 -74.12
CA THR I 15 -20.43 15.73 -74.36
C THR I 15 -19.36 16.12 -75.36
N ALA I 16 -18.51 15.16 -75.73
CA ALA I 16 -17.45 15.40 -76.70
C ALA I 16 -17.29 14.15 -77.56
N ALA I 17 -17.10 14.37 -78.86
CA ALA I 17 -16.95 13.30 -79.83
C ALA I 17 -16.11 12.10 -79.41
N TYR I 18 -14.81 12.30 -79.27
CA TYR I 18 -13.91 11.20 -78.91
C TYR I 18 -14.18 10.59 -77.54
N GLN I 19 -14.86 11.33 -76.67
CA GLN I 19 -15.15 10.85 -75.33
C GLN I 19 -16.32 9.87 -75.24
N ILE I 20 -17.28 9.97 -76.17
CA ILE I 20 -18.46 9.10 -76.12
C ILE I 20 -18.77 8.27 -77.36
N GLU I 21 -18.49 8.81 -78.54
CA GLU I 21 -18.78 8.13 -79.81
C GLU I 21 -18.36 6.69 -80.03
N GLY I 22 -17.07 6.42 -79.96
CA GLY I 22 -16.58 5.09 -80.21
C GLY I 22 -16.55 4.89 -81.71
N ALA I 23 -16.50 3.64 -82.18
CA ALA I 23 -16.46 3.34 -83.61
C ALA I 23 -15.41 4.21 -84.29
N TYR I 24 -14.22 4.26 -83.69
CA TYR I 24 -13.11 5.07 -84.19
C TYR I 24 -12.60 4.61 -85.55
N ASN I 25 -12.72 3.32 -85.82
CA ASN I 25 -12.25 2.76 -87.08
C ASN I 25 -13.41 2.25 -87.93
N GLU I 26 -14.51 3.00 -87.95
CA GLU I 26 -15.68 2.61 -88.72
C GLU I 26 -16.16 3.68 -89.67
N ASP I 27 -16.86 3.23 -90.71
CA ASP I 27 -17.43 4.09 -91.74
C ASP I 27 -16.46 5.14 -92.26
N GLY I 28 -15.22 4.73 -92.48
CA GLY I 28 -14.20 5.61 -93.02
C GLY I 28 -13.67 6.72 -92.14
N ARG I 29 -13.80 6.59 -90.83
CA ARG I 29 -13.29 7.63 -89.93
C ARG I 29 -11.76 7.58 -89.90
N GLY I 30 -11.14 8.74 -90.01
CA GLY I 30 -9.70 8.81 -89.96
C GLY I 30 -9.23 8.92 -88.53
N MET I 31 -7.98 8.58 -88.27
CA MET I 31 -7.44 8.64 -86.92
C MET I 31 -7.19 10.10 -86.53
N SER I 32 -7.32 10.39 -85.24
CA SER I 32 -7.08 11.72 -84.72
C SER I 32 -5.83 11.62 -83.87
N ILE I 33 -5.35 12.77 -83.39
CA ILE I 33 -4.16 12.78 -82.54
C ILE I 33 -4.42 12.01 -81.24
N TRP I 34 -5.69 11.96 -80.85
CA TRP I 34 -6.07 11.25 -79.63
C TRP I 34 -6.12 9.74 -79.80
N ASP I 35 -6.45 9.28 -81.01
CA ASP I 35 -6.49 7.85 -81.27
C ASP I 35 -5.04 7.38 -81.15
N THR I 36 -4.14 8.15 -81.76
CA THR I 36 -2.72 7.87 -81.74
C THR I 36 -2.17 7.91 -80.32
N PHE I 37 -2.46 9.01 -79.62
CA PHE I 37 -2.01 9.22 -78.25
C PHE I 37 -2.47 8.09 -77.33
N ALA I 38 -3.77 7.80 -77.35
CA ALA I 38 -4.35 6.75 -76.51
C ALA I 38 -3.77 5.37 -76.82
N HIS I 39 -3.44 5.14 -78.09
CA HIS I 39 -2.87 3.87 -78.51
C HIS I 39 -1.40 3.73 -78.13
N THR I 40 -0.78 4.86 -77.78
CA THR I 40 0.62 4.87 -77.39
C THR I 40 0.77 4.42 -75.94
N PRO I 41 1.53 3.34 -75.70
CA PRO I 41 1.76 2.80 -74.37
C PRO I 41 2.29 3.85 -73.39
N GLY I 42 1.64 3.94 -72.23
CA GLY I 42 2.05 4.88 -71.21
C GLY I 42 1.47 6.28 -71.30
N LYS I 43 0.73 6.58 -72.36
CA LYS I 43 0.14 7.91 -72.52
C LYS I 43 -1.17 8.07 -71.77
N VAL I 44 -1.97 7.01 -71.74
CA VAL I 44 -3.26 7.04 -71.05
C VAL I 44 -3.28 6.00 -69.94
N LYS I 45 -3.91 6.34 -68.82
CA LYS I 45 -4.01 5.44 -67.68
C LYS I 45 -4.63 4.10 -68.05
N ASN I 46 -3.95 3.02 -67.66
CA ASN I 46 -4.37 1.65 -67.93
C ASN I 46 -4.36 1.25 -69.40
N GLY I 47 -3.99 2.19 -70.26
CA GLY I 47 -3.94 1.92 -71.69
C GLY I 47 -5.32 2.04 -72.32
N ASP I 48 -6.17 2.84 -71.69
CA ASP I 48 -7.53 3.08 -72.17
C ASP I 48 -7.52 3.93 -73.43
N ASN I 49 -8.57 3.79 -74.23
CA ASN I 49 -8.71 4.56 -75.47
C ASN I 49 -10.18 4.71 -75.84
N GLY I 50 -10.46 5.67 -76.72
CA GLY I 50 -11.82 5.91 -77.14
C GLY I 50 -12.29 5.04 -78.30
N ASN I 51 -11.75 3.84 -78.42
CA ASN I 51 -12.14 2.92 -79.48
C ASN I 51 -13.64 2.65 -79.44
N VAL I 52 -14.15 2.33 -78.26
CA VAL I 52 -15.56 2.04 -78.07
C VAL I 52 -16.26 3.13 -77.25
N ALA I 53 -15.60 3.56 -76.17
CA ALA I 53 -16.13 4.59 -75.29
C ALA I 53 -17.54 4.23 -74.80
N CYS I 54 -18.53 5.04 -75.19
CA CYS I 54 -19.92 4.79 -74.80
C CYS I 54 -20.72 4.23 -75.97
N ASP I 55 -20.05 4.10 -77.11
CA ASP I 55 -20.64 3.57 -78.34
C ASP I 55 -21.81 4.42 -78.82
N SER I 56 -21.77 5.71 -78.52
CA SER I 56 -22.83 6.63 -78.92
C SER I 56 -23.01 6.75 -80.44
N TYR I 57 -22.01 6.29 -81.19
CA TYR I 57 -22.08 6.33 -82.65
C TYR I 57 -23.18 5.40 -83.13
N HIS I 58 -23.41 4.32 -82.39
CA HIS I 58 -24.42 3.34 -82.72
C HIS I 58 -25.64 3.47 -81.81
N ARG I 59 -25.65 4.49 -80.96
CA ARG I 59 -26.75 4.66 -80.03
C ARG I 59 -27.35 6.07 -80.02
N VAL I 60 -27.65 6.58 -81.22
CA VAL I 60 -28.24 7.91 -81.36
C VAL I 60 -29.57 7.97 -80.62
N GLU I 61 -30.38 6.95 -80.82
CA GLU I 61 -31.70 6.86 -80.19
C GLU I 61 -31.59 6.88 -78.67
N GLU I 62 -30.63 6.11 -78.14
CA GLU I 62 -30.43 6.03 -76.70
C GLU I 62 -29.97 7.37 -76.12
N ASP I 63 -29.07 8.03 -76.84
CA ASP I 63 -28.54 9.34 -76.41
C ASP I 63 -29.69 10.34 -76.29
N VAL I 64 -30.44 10.48 -77.37
CA VAL I 64 -31.57 11.40 -77.42
C VAL I 64 -32.64 11.08 -76.38
N GLN I 65 -32.82 9.80 -76.09
CA GLN I 65 -33.80 9.39 -75.10
C GLN I 65 -33.41 9.92 -73.73
N LEU I 66 -32.12 9.82 -73.41
CA LEU I 66 -31.62 10.31 -72.13
C LEU I 66 -31.84 11.81 -72.08
N LEU I 67 -31.60 12.47 -73.20
CA LEU I 67 -31.76 13.91 -73.30
C LEU I 67 -33.19 14.38 -73.10
N LYS I 68 -34.15 13.69 -73.70
CA LYS I 68 -35.54 14.09 -73.51
C LYS I 68 -36.06 13.70 -72.14
N ASP I 69 -35.46 12.66 -71.54
CA ASP I 69 -35.85 12.23 -70.20
C ASP I 69 -35.36 13.26 -69.21
N LEU I 70 -34.18 13.83 -69.47
CA LEU I 70 -33.59 14.84 -68.62
C LEU I 70 -34.34 16.16 -68.71
N GLY I 71 -35.04 16.36 -69.84
CA GLY I 71 -35.80 17.57 -70.04
C GLY I 71 -34.94 18.74 -70.50
N VAL I 72 -33.75 18.41 -70.98
CA VAL I 72 -32.79 19.39 -71.46
C VAL I 72 -33.31 20.16 -72.67
N LYS I 73 -33.05 21.46 -72.69
CA LYS I 73 -33.48 22.32 -73.79
C LYS I 73 -32.37 22.52 -74.82
N VAL I 74 -31.13 22.31 -74.38
CA VAL I 74 -29.97 22.46 -75.26
C VAL I 74 -29.01 21.30 -75.05
N TYR I 75 -28.44 20.81 -76.14
CA TYR I 75 -27.46 19.71 -76.07
C TYR I 75 -26.21 20.13 -76.78
N ARG I 76 -25.09 20.19 -76.05
CA ARG I 76 -23.83 20.55 -76.64
C ARG I 76 -22.99 19.32 -76.93
N PHE I 77 -22.60 19.17 -78.18
CA PHE I 77 -21.78 18.04 -78.63
C PHE I 77 -20.75 18.58 -79.60
N SER I 78 -19.79 17.75 -79.98
CA SER I 78 -18.77 18.17 -80.93
C SER I 78 -18.71 17.27 -82.15
N ILE I 79 -18.17 17.81 -83.24
CA ILE I 79 -18.03 17.09 -84.48
C ILE I 79 -16.62 16.51 -84.56
N SER I 80 -16.53 15.22 -84.87
CA SER I 80 -15.23 14.57 -85.01
C SER I 80 -14.70 14.93 -86.39
N TRP I 81 -13.73 15.84 -86.43
CA TRP I 81 -13.13 16.29 -87.68
C TRP I 81 -12.71 15.12 -88.60
N PRO I 82 -11.97 14.13 -88.06
CA PRO I 82 -11.54 13.00 -88.88
C PRO I 82 -12.68 12.13 -89.40
N ARG I 83 -13.87 12.29 -88.83
CA ARG I 83 -15.02 11.51 -89.26
C ARG I 83 -15.70 12.11 -90.50
N VAL I 84 -15.54 13.41 -90.69
CA VAL I 84 -16.15 14.09 -91.86
C VAL I 84 -15.10 14.36 -92.94
N LEU I 85 -13.85 14.52 -92.52
CA LEU I 85 -12.73 14.77 -93.41
C LEU I 85 -11.59 13.95 -92.82
N PRO I 86 -11.51 12.66 -93.16
CA PRO I 86 -10.49 11.72 -92.69
C PRO I 86 -9.05 12.22 -92.76
N GLN I 87 -8.75 13.00 -93.79
CA GLN I 87 -7.42 13.54 -93.98
C GLN I 87 -7.33 14.99 -93.51
N GLY I 88 -8.41 15.48 -92.92
CA GLY I 88 -8.46 16.84 -92.43
C GLY I 88 -8.88 17.80 -93.52
N THR I 89 -8.64 17.39 -94.76
CA THR I 89 -8.97 18.19 -95.92
C THR I 89 -9.19 17.28 -97.12
N GLY I 90 -9.90 17.81 -98.12
CA GLY I 90 -10.15 17.04 -99.33
C GLY I 90 -11.39 16.16 -99.31
N GLU I 91 -11.18 14.86 -99.46
CA GLU I 91 -12.27 13.88 -99.50
C GLU I 91 -13.21 13.95 -98.31
N VAL I 92 -14.49 14.15 -98.61
CA VAL I 92 -15.53 14.24 -97.60
C VAL I 92 -16.15 12.88 -97.33
N ASN I 93 -16.12 12.45 -96.07
CA ASN I 93 -16.70 11.17 -95.68
C ASN I 93 -18.17 11.38 -95.33
N ARG I 94 -19.05 11.14 -96.30
CA ARG I 94 -20.48 11.32 -96.11
C ARG I 94 -21.08 10.44 -95.02
N ALA I 95 -20.49 9.28 -94.78
CA ALA I 95 -20.98 8.38 -93.75
C ALA I 95 -20.92 9.07 -92.39
N GLY I 96 -19.86 9.86 -92.18
CA GLY I 96 -19.69 10.58 -90.94
C GLY I 96 -20.73 11.66 -90.79
N LEU I 97 -20.89 12.45 -91.85
CA LEU I 97 -21.88 13.53 -91.87
C LEU I 97 -23.29 13.00 -91.66
N ASP I 98 -23.55 11.79 -92.16
CA ASP I 98 -24.86 11.16 -92.02
C ASP I 98 -25.19 10.99 -90.55
N TYR I 99 -24.20 10.57 -89.76
CA TYR I 99 -24.38 10.37 -88.33
C TYR I 99 -24.79 11.66 -87.64
N TYR I 100 -24.04 12.74 -87.90
CA TYR I 100 -24.34 14.02 -87.30
C TYR I 100 -25.69 14.58 -87.73
N HIS I 101 -26.07 14.29 -88.97
CA HIS I 101 -27.38 14.74 -89.47
C HIS I 101 -28.48 13.97 -88.75
N ARG I 102 -28.26 12.68 -88.55
CA ARG I 102 -29.23 11.81 -87.87
C ARG I 102 -29.41 12.26 -86.43
N LEU I 103 -28.31 12.60 -85.78
CA LEU I 103 -28.31 13.07 -84.40
C LEU I 103 -29.07 14.39 -84.30
N VAL I 104 -28.65 15.36 -85.11
CA VAL I 104 -29.28 16.68 -85.12
C VAL I 104 -30.78 16.60 -85.42
N ASP I 105 -31.14 15.72 -86.35
CA ASP I 105 -32.55 15.55 -86.71
C ASP I 105 -33.36 15.05 -85.52
N GLU I 106 -32.79 14.09 -84.80
CA GLU I 106 -33.47 13.54 -83.62
C GLU I 106 -33.62 14.60 -82.55
N LEU I 107 -32.56 15.40 -82.36
CA LEU I 107 -32.59 16.47 -81.37
C LEU I 107 -33.73 17.43 -81.71
N LEU I 108 -33.71 17.94 -82.94
CA LEU I 108 -34.74 18.87 -83.41
C LEU I 108 -36.14 18.28 -83.29
N ALA I 109 -36.26 17.00 -83.60
CA ALA I 109 -37.54 16.30 -83.55
C ALA I 109 -38.10 16.23 -82.12
N ASN I 110 -37.21 16.31 -81.14
CA ASN I 110 -37.62 16.25 -79.74
C ASN I 110 -37.53 17.59 -79.01
N GLY I 111 -37.43 18.66 -79.78
CA GLY I 111 -37.36 20.00 -79.20
C GLY I 111 -36.07 20.34 -78.47
N ILE I 112 -34.98 19.69 -78.85
CA ILE I 112 -33.68 19.94 -78.22
C ILE I 112 -32.82 20.75 -79.17
N GLU I 113 -32.38 21.91 -78.71
CA GLU I 113 -31.55 22.81 -79.50
C GLU I 113 -30.10 22.35 -79.53
N PRO I 114 -29.57 22.11 -80.75
CA PRO I 114 -28.18 21.66 -80.92
C PRO I 114 -27.19 22.78 -80.69
N PHE I 115 -26.13 22.48 -79.94
CA PHE I 115 -25.08 23.44 -79.65
C PHE I 115 -23.84 22.72 -80.14
N CYS I 116 -23.49 22.96 -81.39
CA CYS I 116 -22.35 22.30 -82.02
C CYS I 116 -20.98 22.89 -81.74
N THR I 117 -20.04 22.02 -81.41
CA THR I 117 -18.67 22.41 -81.13
C THR I 117 -17.80 21.82 -82.24
N LEU I 118 -17.25 22.69 -83.08
CA LEU I 118 -16.43 22.26 -84.20
C LEU I 118 -15.17 21.49 -83.80
N TYR I 119 -14.39 22.07 -82.89
CA TYR I 119 -13.15 21.42 -82.48
C TYR I 119 -13.03 21.14 -80.98
N HIS I 120 -12.90 19.86 -80.66
CA HIS I 120 -12.74 19.44 -79.28
C HIS I 120 -11.53 18.51 -79.14
N TRP I 121 -10.38 19.02 -79.58
CA TRP I 121 -9.09 18.33 -79.50
C TRP I 121 -8.78 17.17 -80.44
N ASP I 122 -9.76 16.67 -81.16
CA ASP I 122 -9.54 15.55 -82.08
C ASP I 122 -9.02 15.91 -83.49
N LEU I 123 -7.85 16.55 -83.54
CA LEU I 123 -7.23 16.93 -84.81
C LEU I 123 -6.87 15.70 -85.64
N PRO I 124 -7.19 15.71 -86.94
CA PRO I 124 -6.87 14.56 -87.81
C PRO I 124 -5.37 14.32 -87.82
N GLN I 125 -4.99 13.06 -87.62
CA GLN I 125 -3.57 12.69 -87.60
C GLN I 125 -2.84 13.14 -88.86
N ALA I 126 -3.55 13.11 -90.00
CA ALA I 126 -2.98 13.51 -91.27
C ALA I 126 -2.42 14.93 -91.20
N LEU I 127 -3.15 15.82 -90.54
CA LEU I 127 -2.73 17.21 -90.39
C LEU I 127 -1.60 17.32 -89.37
N GLN I 128 -1.64 16.45 -88.36
CA GLN I 128 -0.62 16.44 -87.33
C GLN I 128 0.73 16.02 -87.95
N ASP I 129 0.66 15.13 -88.93
CA ASP I 129 1.85 14.66 -89.62
C ASP I 129 2.52 15.81 -90.38
N GLN I 130 1.71 16.82 -90.72
CA GLN I 130 2.20 18.00 -91.43
C GLN I 130 2.59 19.11 -90.47
N GLY I 131 2.64 18.79 -89.18
CA GLY I 131 3.00 19.77 -88.16
C GLY I 131 1.88 20.12 -87.22
N GLY I 132 0.66 19.68 -87.55
CA GLY I 132 -0.49 19.97 -86.70
C GLY I 132 -0.71 21.46 -86.55
N TRP I 133 -1.19 21.87 -85.38
CA TRP I 133 -1.47 23.27 -85.13
C TRP I 133 -0.21 24.15 -85.09
N GLY I 134 0.95 23.52 -85.25
CA GLY I 134 2.20 24.27 -85.26
C GLY I 134 2.40 24.89 -86.62
N SER I 135 1.71 24.35 -87.63
CA SER I 135 1.81 24.81 -89.00
C SER I 135 0.58 25.63 -89.39
N ARG I 136 0.80 26.70 -90.15
CA ARG I 136 -0.30 27.56 -90.60
C ARG I 136 -1.21 26.85 -91.61
N ILE I 137 -0.73 25.74 -92.15
CA ILE I 137 -1.48 24.96 -93.11
C ILE I 137 -2.77 24.46 -92.47
N THR I 138 -2.69 24.12 -91.19
CA THR I 138 -3.84 23.63 -90.44
C THR I 138 -4.92 24.69 -90.32
N ILE I 139 -4.53 25.96 -90.35
CA ILE I 139 -5.49 27.06 -90.27
C ILE I 139 -6.41 26.98 -91.49
N ASP I 140 -5.82 26.68 -92.64
CA ASP I 140 -6.57 26.56 -93.89
C ASP I 140 -7.51 25.37 -93.77
N ALA I 141 -6.97 24.25 -93.31
CA ALA I 141 -7.74 23.02 -93.14
C ALA I 141 -8.96 23.24 -92.25
N PHE I 142 -8.79 24.00 -91.17
CA PHE I 142 -9.89 24.27 -90.26
C PHE I 142 -10.94 25.16 -90.93
N ALA I 143 -10.49 26.11 -91.74
CA ALA I 143 -11.38 27.01 -92.44
C ALA I 143 -12.25 26.20 -93.41
N GLU I 144 -11.64 25.22 -94.04
CA GLU I 144 -12.33 24.34 -94.99
C GLU I 144 -13.35 23.50 -94.23
N TYR I 145 -12.90 22.97 -93.09
CA TYR I 145 -13.70 22.14 -92.22
C TYR I 145 -14.92 22.91 -91.70
N ALA I 146 -14.67 24.12 -91.20
CA ALA I 146 -15.73 24.97 -90.66
C ALA I 146 -16.78 25.25 -91.72
N GLU I 147 -16.33 25.67 -92.90
CA GLU I 147 -17.22 25.98 -94.02
C GLU I 147 -18.09 24.78 -94.36
N LEU I 148 -17.48 23.59 -94.37
CA LEU I 148 -18.20 22.36 -94.67
C LEU I 148 -19.35 22.14 -93.70
N MET I 149 -19.04 22.19 -92.40
CA MET I 149 -20.03 21.98 -91.37
C MET I 149 -21.12 23.06 -91.38
N PHE I 150 -20.72 24.29 -91.66
CA PHE I 150 -21.68 25.40 -91.72
C PHE I 150 -22.68 25.17 -92.84
N LYS I 151 -22.20 24.65 -93.96
CA LYS I 151 -23.07 24.37 -95.10
C LYS I 151 -23.92 23.13 -94.87
N GLU I 152 -23.35 22.12 -94.22
CA GLU I 152 -24.05 20.89 -93.94
C GLU I 152 -25.11 21.01 -92.86
N LEU I 153 -24.68 21.36 -91.65
CA LEU I 153 -25.59 21.47 -90.51
C LEU I 153 -26.04 22.89 -90.16
N GLY I 154 -25.50 23.89 -90.86
CA GLY I 154 -25.84 25.27 -90.59
C GLY I 154 -27.32 25.62 -90.62
N GLY I 155 -28.10 24.85 -91.37
CA GLY I 155 -29.53 25.12 -91.46
C GLY I 155 -30.32 24.60 -90.27
N LYS I 156 -29.72 23.66 -89.53
CA LYS I 156 -30.37 23.06 -88.37
C LYS I 156 -29.77 23.54 -87.06
N ILE I 157 -28.48 23.86 -87.08
CA ILE I 157 -27.76 24.32 -85.90
C ILE I 157 -27.58 25.84 -85.90
N LYS I 158 -28.03 26.47 -84.81
CA LYS I 158 -27.93 27.92 -84.65
C LYS I 158 -27.05 28.30 -83.46
N GLN I 159 -26.28 27.34 -82.95
CA GLN I 159 -25.38 27.56 -81.82
C GLN I 159 -24.06 26.92 -82.18
N TRP I 160 -23.04 27.73 -82.45
CA TRP I 160 -21.74 27.20 -82.83
C TRP I 160 -20.58 27.65 -81.95
N ILE I 161 -19.67 26.72 -81.68
CA ILE I 161 -18.48 26.99 -80.89
C ILE I 161 -17.32 26.51 -81.74
N THR I 162 -16.37 27.39 -81.99
CA THR I 162 -15.22 27.04 -82.80
C THR I 162 -14.29 26.08 -82.06
N PHE I 163 -13.65 26.56 -81.00
CA PHE I 163 -12.73 25.75 -80.22
C PHE I 163 -13.16 25.65 -78.76
N ASN I 164 -13.02 24.46 -78.20
CA ASN I 164 -13.37 24.23 -76.81
C ASN I 164 -12.10 24.10 -75.99
N GLU I 165 -11.97 24.95 -74.98
CA GLU I 165 -10.82 24.96 -74.08
C GLU I 165 -9.48 25.05 -74.81
N PRO I 166 -9.22 26.21 -75.44
CA PRO I 166 -8.00 26.49 -76.21
C PRO I 166 -6.72 26.22 -75.42
N TRP I 167 -6.72 26.57 -74.13
CA TRP I 167 -5.54 26.36 -73.29
C TRP I 167 -5.18 24.89 -73.19
N CYS I 168 -6.20 24.04 -73.03
CA CYS I 168 -5.97 22.61 -72.92
C CYS I 168 -5.37 22.02 -74.18
N MET I 169 -5.93 22.36 -75.34
CA MET I 169 -5.43 21.84 -76.61
C MET I 169 -4.09 22.45 -77.00
N ALA I 170 -3.77 23.61 -76.43
CA ALA I 170 -2.52 24.30 -76.74
C ALA I 170 -1.41 24.03 -75.72
N PHE I 171 -1.58 24.56 -74.51
CA PHE I 171 -0.57 24.41 -73.45
C PHE I 171 -0.49 23.05 -72.79
N LEU I 172 -1.62 22.49 -72.37
CA LEU I 172 -1.60 21.18 -71.71
C LEU I 172 -1.14 20.09 -72.68
N SER I 173 -1.35 20.33 -73.97
CA SER I 173 -0.99 19.38 -75.01
C SER I 173 0.42 19.56 -75.58
N ASN I 174 0.80 20.80 -75.85
CA ASN I 174 2.11 21.07 -76.44
C ASN I 174 3.17 21.66 -75.52
N TYR I 175 2.77 22.03 -74.30
CA TYR I 175 3.71 22.59 -73.34
C TYR I 175 3.95 21.64 -72.16
N LEU I 176 2.87 21.10 -71.61
CA LEU I 176 2.98 20.18 -70.49
C LEU I 176 3.06 18.72 -70.92
N GLY I 177 2.70 18.46 -72.18
CA GLY I 177 2.74 17.11 -72.72
C GLY I 177 1.82 16.08 -72.09
N VAL I 178 0.75 16.56 -71.45
CA VAL I 178 -0.20 15.66 -70.80
C VAL I 178 -1.28 15.19 -71.77
N HIS I 179 -1.60 16.05 -72.74
CA HIS I 179 -2.61 15.73 -73.75
C HIS I 179 -1.99 15.66 -75.14
N ALA I 180 -2.69 15.00 -76.06
CA ALA I 180 -2.22 14.86 -77.44
C ALA I 180 -1.99 16.23 -78.08
N PRO I 181 -0.92 16.38 -78.88
CA PRO I 181 0.12 15.43 -79.28
C PRO I 181 1.06 14.98 -78.17
N GLY I 182 1.20 15.79 -77.13
CA GLY I 182 2.07 15.43 -76.01
C GLY I 182 3.46 16.04 -76.12
N ASN I 183 3.52 17.30 -76.53
CA ASN I 183 4.79 17.99 -76.67
C ASN I 183 5.09 18.83 -75.43
N LYS I 184 6.35 19.21 -75.27
CA LYS I 184 6.79 20.04 -74.16
C LYS I 184 7.65 21.17 -74.70
N ASP I 185 6.97 22.19 -75.22
CA ASP I 185 7.62 23.35 -75.82
C ASP I 185 6.68 24.54 -75.63
N LEU I 186 7.10 25.50 -74.81
CA LEU I 186 6.30 26.69 -74.53
C LEU I 186 6.01 27.47 -75.81
N GLN I 187 7.04 27.71 -76.60
CA GLN I 187 6.88 28.46 -77.84
C GLN I 187 5.88 27.77 -78.78
N LEU I 188 5.98 26.45 -78.89
CA LEU I 188 5.07 25.70 -79.75
C LEU I 188 3.64 25.88 -79.26
N ALA I 189 3.46 25.86 -77.95
CA ALA I 189 2.15 26.03 -77.35
C ALA I 189 1.61 27.41 -77.69
N ILE I 190 2.51 28.40 -77.73
CA ILE I 190 2.12 29.76 -78.06
C ILE I 190 1.80 29.86 -79.55
N ASP I 191 2.52 29.07 -80.36
CA ASP I 191 2.28 29.05 -81.81
C ASP I 191 0.90 28.49 -82.06
N VAL I 192 0.61 27.37 -81.42
CA VAL I 192 -0.69 26.69 -81.54
C VAL I 192 -1.81 27.64 -81.12
N SER I 193 -1.60 28.34 -80.01
CA SER I 193 -2.60 29.28 -79.50
C SER I 193 -2.91 30.35 -80.53
N HIS I 194 -1.87 30.81 -81.22
CA HIS I 194 -2.04 31.84 -82.24
C HIS I 194 -2.77 31.31 -83.47
N HIS I 195 -2.33 30.15 -83.95
CA HIS I 195 -2.93 29.54 -85.13
C HIS I 195 -4.39 29.14 -84.96
N LEU I 196 -4.75 28.67 -83.76
CA LEU I 196 -6.14 28.29 -83.49
C LEU I 196 -7.01 29.54 -83.48
N LEU I 197 -6.46 30.64 -83.00
CA LEU I 197 -7.18 31.91 -82.95
C LEU I 197 -7.45 32.45 -84.35
N VAL I 198 -6.46 32.30 -85.23
CA VAL I 198 -6.60 32.75 -86.62
C VAL I 198 -7.65 31.87 -87.28
N ALA I 199 -7.57 30.57 -87.02
CA ALA I 199 -8.52 29.61 -87.59
C ALA I 199 -9.92 29.98 -87.11
N HIS I 200 -10.02 30.40 -85.85
CA HIS I 200 -11.28 30.80 -85.25
C HIS I 200 -11.83 32.03 -85.95
N GLY I 201 -10.98 33.04 -86.10
CA GLY I 201 -11.38 34.29 -86.74
C GLY I 201 -11.90 34.04 -88.14
N ARG I 202 -11.18 33.21 -88.89
CA ARG I 202 -11.57 32.88 -90.25
C ARG I 202 -12.91 32.14 -90.26
N ALA I 203 -13.12 31.27 -89.29
CA ALA I 203 -14.35 30.51 -89.17
C ALA I 203 -15.53 31.43 -88.88
N VAL I 204 -15.30 32.44 -88.04
CA VAL I 204 -16.34 33.40 -87.69
C VAL I 204 -16.72 34.19 -88.94
N THR I 205 -15.72 34.62 -89.69
CA THR I 205 -15.94 35.38 -90.92
C THR I 205 -16.79 34.56 -91.89
N LEU I 206 -16.44 33.28 -92.06
CA LEU I 206 -17.18 32.39 -92.94
C LEU I 206 -18.63 32.28 -92.49
N PHE I 207 -18.83 32.15 -91.17
CA PHE I 207 -20.15 32.03 -90.58
C PHE I 207 -21.00 33.24 -90.98
N ARG I 208 -20.39 34.42 -90.95
CA ARG I 208 -21.07 35.65 -91.29
C ARG I 208 -21.37 35.72 -92.78
N GLU I 209 -20.36 35.41 -93.60
CA GLU I 209 -20.49 35.44 -95.05
C GLU I 209 -21.54 34.49 -95.58
N LEU I 210 -21.62 33.30 -94.98
CA LEU I 210 -22.59 32.29 -95.39
C LEU I 210 -24.02 32.70 -95.03
N GLY I 211 -24.14 33.80 -94.29
CA GLY I 211 -25.44 34.31 -93.89
C GLY I 211 -26.28 33.38 -93.03
N ILE I 212 -25.65 32.33 -92.50
CA ILE I 212 -26.35 31.37 -91.66
C ILE I 212 -26.73 32.01 -90.33
N SER I 213 -28.02 32.03 -90.04
CA SER I 213 -28.53 32.60 -88.81
C SER I 213 -28.06 31.79 -87.60
N GLY I 214 -27.93 32.47 -86.46
CA GLY I 214 -27.50 31.79 -85.26
C GLY I 214 -26.41 32.54 -84.52
N GLU I 215 -25.76 31.83 -83.60
CA GLU I 215 -24.70 32.40 -82.78
C GLU I 215 -23.43 31.58 -82.93
N ILE I 216 -22.29 32.24 -82.72
CA ILE I 216 -21.00 31.59 -82.79
C ILE I 216 -20.06 32.23 -81.78
N GLY I 217 -19.29 31.39 -81.09
CA GLY I 217 -18.38 31.89 -80.09
C GLY I 217 -17.25 30.91 -79.83
N ILE I 218 -16.57 31.11 -78.71
CA ILE I 218 -15.45 30.25 -78.32
C ILE I 218 -15.63 29.93 -76.84
N ALA I 219 -15.18 28.76 -76.39
CA ALA I 219 -15.34 28.36 -75.00
C ALA I 219 -14.05 28.16 -74.23
N PRO I 220 -13.52 29.23 -73.62
CA PRO I 220 -12.26 29.12 -72.87
C PRO I 220 -12.51 28.53 -71.47
N ASN I 221 -11.50 27.84 -70.95
CA ASN I 221 -11.57 27.26 -69.62
C ASN I 221 -10.72 28.16 -68.72
N THR I 222 -11.06 29.44 -68.73
CA THR I 222 -10.36 30.46 -67.97
C THR I 222 -10.13 30.04 -66.52
N SER I 223 -8.89 29.67 -66.22
CA SER I 223 -8.51 29.24 -64.88
C SER I 223 -8.59 30.41 -63.92
N TRP I 224 -9.22 30.21 -62.77
CA TRP I 224 -9.36 31.26 -61.78
C TRP I 224 -8.43 31.09 -60.58
N ALA I 225 -7.97 32.22 -60.03
CA ALA I 225 -7.08 32.21 -58.89
C ALA I 225 -7.38 33.40 -57.98
N VAL I 226 -7.37 33.12 -56.68
CA VAL I 226 -7.66 34.11 -55.65
C VAL I 226 -6.35 34.53 -54.99
N PRO I 227 -6.15 35.85 -54.80
CA PRO I 227 -4.94 36.38 -54.18
C PRO I 227 -4.79 35.91 -52.74
N TYR I 228 -3.66 35.28 -52.44
CA TYR I 228 -3.36 34.79 -51.10
C TYR I 228 -3.30 36.00 -50.18
N ARG I 229 -2.47 36.96 -50.55
CA ARG I 229 -2.30 38.19 -49.79
C ARG I 229 -2.79 39.35 -50.64
N ARG I 230 -3.27 40.40 -49.98
CA ARG I 230 -3.74 41.59 -50.68
C ARG I 230 -2.52 42.40 -51.10
N THR I 231 -1.69 41.82 -51.95
CA THR I 231 -0.47 42.46 -52.43
C THR I 231 -0.56 42.58 -53.94
N LYS I 232 0.05 43.63 -54.49
CA LYS I 232 0.03 43.85 -55.93
C LYS I 232 0.64 42.65 -56.67
N GLU I 233 1.76 42.15 -56.15
CA GLU I 233 2.43 41.01 -56.76
C GLU I 233 1.59 39.74 -56.78
N ASP I 234 0.76 39.56 -55.76
CA ASP I 234 -0.11 38.40 -55.67
C ASP I 234 -1.28 38.53 -56.62
N MET I 235 -1.83 39.74 -56.70
CA MET I 235 -2.97 40.01 -57.58
C MET I 235 -2.56 39.83 -59.03
N GLU I 236 -1.33 40.24 -59.36
CA GLU I 236 -0.80 40.11 -60.71
C GLU I 236 -0.50 38.65 -60.99
N ALA I 237 -0.05 37.93 -59.97
CA ALA I 237 0.25 36.51 -60.09
C ALA I 237 -1.03 35.76 -60.42
N CYS I 238 -2.14 36.25 -59.87
CA CYS I 238 -3.44 35.65 -60.11
C CYS I 238 -3.99 36.06 -61.47
N LEU I 239 -3.66 37.27 -61.90
CA LEU I 239 -4.12 37.79 -63.19
C LEU I 239 -3.51 36.96 -64.32
N ARG I 240 -2.26 36.53 -64.11
CA ARG I 240 -1.58 35.73 -65.12
C ARG I 240 -2.21 34.35 -65.27
N VAL I 241 -2.83 33.86 -64.20
CA VAL I 241 -3.47 32.55 -64.21
C VAL I 241 -4.66 32.56 -65.17
N ASN I 242 -5.53 33.56 -65.03
CA ASN I 242 -6.68 33.68 -65.92
C ASN I 242 -6.24 34.29 -67.24
N GLY I 243 -5.09 34.95 -67.21
CA GLY I 243 -4.55 35.59 -68.39
C GLY I 243 -4.03 34.65 -69.45
N TRP I 244 -3.24 33.65 -69.06
CA TRP I 244 -2.68 32.73 -70.03
C TRP I 244 -3.62 31.61 -70.47
N SER I 245 -4.77 31.53 -69.81
CA SER I 245 -5.75 30.48 -70.13
C SER I 245 -7.01 31.03 -70.79
N GLY I 246 -7.37 32.28 -70.48
CA GLY I 246 -8.57 32.87 -71.04
C GLY I 246 -8.37 34.19 -71.76
N ASP I 247 -7.75 35.15 -71.07
CA ASP I 247 -7.50 36.47 -71.64
C ASP I 247 -6.67 36.40 -72.92
N TRP I 248 -5.73 35.46 -72.95
CA TRP I 248 -4.85 35.26 -74.09
C TRP I 248 -5.61 34.98 -75.38
N TYR I 249 -6.82 34.44 -75.25
CA TYR I 249 -7.64 34.11 -76.41
C TYR I 249 -8.78 35.09 -76.64
N LEU I 250 -9.39 35.57 -75.56
CA LEU I 250 -10.50 36.50 -75.66
C LEU I 250 -10.11 37.92 -76.06
N ASP I 251 -8.93 38.36 -75.62
CA ASP I 251 -8.47 39.71 -75.95
C ASP I 251 -8.24 39.93 -77.45
N PRO I 252 -7.58 38.99 -78.15
CA PRO I 252 -7.36 39.18 -79.58
C PRO I 252 -8.69 39.24 -80.34
N ILE I 253 -9.69 38.56 -79.81
CA ILE I 253 -11.02 38.51 -80.41
C ILE I 253 -11.83 39.78 -80.15
N TYR I 254 -11.83 40.24 -78.90
CA TYR I 254 -12.58 41.43 -78.51
C TYR I 254 -11.87 42.77 -78.71
N PHE I 255 -10.56 42.76 -78.55
CA PHE I 255 -9.79 44.00 -78.67
C PHE I 255 -8.78 44.01 -79.81
N GLY I 256 -8.57 42.85 -80.44
CA GLY I 256 -7.65 42.75 -81.54
C GLY I 256 -6.18 42.79 -81.14
N GLU I 257 -5.91 42.38 -79.91
CA GLU I 257 -4.55 42.35 -79.40
C GLU I 257 -4.44 41.41 -78.22
N TYR I 258 -3.29 40.76 -78.09
CA TYR I 258 -3.05 39.86 -76.98
C TYR I 258 -2.93 40.71 -75.72
N PRO I 259 -3.29 40.15 -74.55
CA PRO I 259 -3.20 40.91 -73.31
C PRO I 259 -1.77 41.38 -73.06
N LYS I 260 -1.61 42.70 -72.91
CA LYS I 260 -0.30 43.30 -72.69
C LYS I 260 0.54 42.64 -71.61
N PHE I 261 -0.03 42.48 -70.42
CA PHE I 261 0.72 41.88 -69.31
C PHE I 261 1.25 40.48 -69.64
N MET I 262 0.51 39.73 -70.44
CA MET I 262 0.96 38.39 -70.82
C MET I 262 2.06 38.48 -71.87
N LEU I 263 1.90 39.40 -72.80
CA LEU I 263 2.89 39.60 -73.85
C LEU I 263 4.25 39.91 -73.23
N ASP I 264 4.25 40.84 -72.29
CA ASP I 264 5.46 41.25 -71.60
C ASP I 264 6.08 40.10 -70.80
N TRP I 265 5.22 39.29 -70.19
CA TRP I 265 5.68 38.16 -69.40
C TRP I 265 6.42 37.16 -70.28
N TYR I 266 5.80 36.79 -71.40
CA TYR I 266 6.39 35.85 -72.33
C TYR I 266 7.62 36.44 -73.00
N GLU I 267 7.54 37.72 -73.34
CA GLU I 267 8.64 38.43 -74.00
C GLU I 267 9.90 38.40 -73.14
N ASN I 268 9.74 38.62 -71.84
CA ASN I 268 10.86 38.62 -70.91
C ASN I 268 11.49 37.24 -70.84
N LEU I 269 10.70 36.21 -71.16
CA LEU I 269 11.18 34.84 -71.16
C LEU I 269 11.71 34.45 -72.54
N GLY I 270 11.50 35.32 -73.51
CA GLY I 270 11.96 35.08 -74.87
C GLY I 270 10.95 34.34 -75.73
N TYR I 271 9.67 34.64 -75.51
CA TYR I 271 8.59 34.01 -76.25
C TYR I 271 7.65 35.05 -76.82
N LYS I 272 7.23 34.83 -78.07
CA LYS I 272 6.32 35.73 -78.75
C LYS I 272 5.44 34.96 -79.73
N PRO I 273 4.17 35.35 -79.86
CA PRO I 273 3.25 34.67 -80.78
C PRO I 273 3.69 34.96 -82.22
N PRO I 274 3.69 33.94 -83.09
CA PRO I 274 4.08 34.07 -84.50
C PRO I 274 3.05 34.86 -85.31
N ILE I 275 2.93 36.15 -84.99
CA ILE I 275 1.97 37.01 -85.67
C ILE I 275 2.42 37.41 -87.06
N VAL I 276 1.68 36.95 -88.05
CA VAL I 276 1.95 37.29 -89.44
C VAL I 276 1.05 38.49 -89.71
N ASP I 277 1.57 39.50 -90.41
CA ASP I 277 0.80 40.70 -90.70
C ASP I 277 -0.60 40.39 -91.20
N GLY I 278 -1.59 40.95 -90.51
CA GLY I 278 -2.98 40.73 -90.89
C GLY I 278 -3.71 39.77 -89.96
N ASP I 279 -2.95 38.92 -89.28
CA ASP I 279 -3.52 37.93 -88.38
C ASP I 279 -4.44 38.48 -87.30
N MET I 280 -3.96 39.48 -86.56
CA MET I 280 -4.76 40.07 -85.48
C MET I 280 -6.10 40.61 -85.96
N GLU I 281 -6.14 41.10 -87.20
CA GLU I 281 -7.36 41.64 -87.76
C GLU I 281 -8.31 40.50 -88.10
N LEU I 282 -7.75 39.35 -88.48
CA LEU I 282 -8.53 38.17 -88.83
C LEU I 282 -9.18 37.61 -87.57
N ILE I 283 -8.43 37.64 -86.47
CA ILE I 283 -8.89 37.15 -85.17
C ILE I 283 -9.89 38.11 -84.57
N HIS I 284 -9.71 39.40 -84.82
CA HIS I 284 -10.56 40.45 -84.28
C HIS I 284 -11.94 40.50 -84.93
N GLN I 285 -12.67 39.40 -84.85
CA GLN I 285 -14.02 39.31 -85.42
C GLN I 285 -15.03 39.15 -84.28
N PRO I 286 -16.08 39.97 -84.27
CA PRO I 286 -17.13 39.94 -83.25
C PRO I 286 -17.80 38.58 -83.14
N ILE I 287 -17.85 38.06 -81.91
CA ILE I 287 -18.49 36.77 -81.66
C ILE I 287 -19.77 37.03 -80.87
N ASP I 288 -20.73 36.12 -80.99
CA ASP I 288 -22.03 36.27 -80.32
C ASP I 288 -22.08 35.94 -78.83
N PHE I 289 -21.13 35.13 -78.34
CA PHE I 289 -21.11 34.75 -76.93
C PHE I 289 -19.76 34.18 -76.51
N ILE I 290 -19.60 34.02 -75.20
CA ILE I 290 -18.40 33.44 -74.64
C ILE I 290 -18.84 32.23 -73.84
N GLY I 291 -18.18 31.10 -74.09
CA GLY I 291 -18.51 29.87 -73.38
C GLY I 291 -17.61 29.72 -72.17
N ILE I 292 -18.21 29.78 -70.99
CA ILE I 292 -17.46 29.64 -69.75
C ILE I 292 -17.43 28.20 -69.28
N ASN I 293 -16.22 27.65 -69.16
CA ASN I 293 -16.03 26.29 -68.68
C ASN I 293 -15.40 26.39 -67.30
N TYR I 294 -16.20 26.15 -66.26
CA TYR I 294 -15.71 26.23 -64.90
C TYR I 294 -15.83 24.93 -64.12
N TYR I 295 -14.84 24.68 -63.26
CA TYR I 295 -14.80 23.48 -62.43
C TYR I 295 -14.19 23.77 -61.06
N THR I 296 -13.16 24.62 -61.06
CA THR I 296 -12.46 24.96 -59.83
C THR I 296 -11.60 26.21 -59.99
N SER I 297 -11.02 26.65 -58.88
CA SER I 297 -10.13 27.80 -58.85
C SER I 297 -9.18 27.60 -57.67
N SER I 298 -8.09 28.35 -57.66
CA SER I 298 -7.10 28.21 -56.60
C SER I 298 -6.83 29.51 -55.85
N MET I 299 -5.84 29.44 -54.95
CA MET I 299 -5.43 30.59 -54.14
C MET I 299 -3.94 30.72 -54.44
N ASN I 300 -3.57 31.73 -55.23
CA ASN I 300 -2.18 31.90 -55.61
C ASN I 300 -1.45 33.08 -55.00
N ARG I 301 -0.13 33.01 -55.03
CA ARG I 301 0.75 34.05 -54.53
C ARG I 301 1.97 34.11 -55.43
N TYR I 302 2.57 35.29 -55.52
CA TYR I 302 3.76 35.49 -56.33
C TYR I 302 4.92 34.69 -55.76
N ASN I 303 5.66 34.03 -56.64
CA ASN I 303 6.81 33.24 -56.24
C ASN I 303 7.76 33.06 -57.42
N PRO I 304 8.89 33.80 -57.40
CA PRO I 304 9.93 33.78 -58.44
C PRO I 304 10.66 32.45 -58.53
N GLY I 305 10.54 31.62 -57.49
CA GLY I 305 11.20 30.33 -57.47
C GLY I 305 10.47 29.27 -58.28
N GLU I 306 10.96 28.03 -58.19
CA GLU I 306 10.35 26.91 -58.91
C GLU I 306 8.89 26.70 -58.55
N ALA I 307 8.56 26.93 -57.28
CA ALA I 307 7.21 26.76 -56.79
C ALA I 307 6.21 27.63 -57.54
N GLY I 308 6.68 28.77 -58.04
CA GLY I 308 5.82 29.67 -58.78
C GLY I 308 5.61 29.21 -60.21
N GLY I 309 6.58 28.48 -60.73
CA GLY I 309 6.49 27.98 -62.10
C GLY I 309 6.81 29.05 -63.12
N MET I 310 6.45 28.78 -64.37
CA MET I 310 6.68 29.71 -65.48
C MET I 310 6.02 31.06 -65.23
N LEU I 311 4.82 31.01 -64.64
CA LEU I 311 4.07 32.23 -64.35
C LEU I 311 4.43 32.85 -63.00
N SER I 312 5.36 32.22 -62.28
CA SER I 312 5.78 32.70 -60.97
C SER I 312 4.56 32.96 -60.09
N SER I 313 3.61 32.03 -60.16
CA SER I 313 2.38 32.12 -59.39
C SER I 313 2.15 30.77 -58.72
N GLU I 314 2.51 30.70 -57.45
CA GLU I 314 2.37 29.47 -56.67
C GLU I 314 0.99 29.31 -56.05
N ALA I 315 0.39 28.15 -56.29
CA ALA I 315 -0.93 27.83 -55.74
C ALA I 315 -0.76 27.29 -54.32
N ILE I 316 -1.65 27.71 -53.43
CA ILE I 316 -1.61 27.30 -52.04
C ILE I 316 -2.92 26.62 -51.67
N SER I 317 -2.82 25.40 -51.15
CA SER I 317 -3.99 24.62 -50.78
C SER I 317 -4.89 25.35 -49.80
N MET I 318 -6.18 25.37 -50.10
CA MET I 318 -7.17 26.00 -49.24
C MET I 318 -7.67 24.97 -48.23
N GLY I 319 -7.24 23.72 -48.40
CA GLY I 319 -7.66 22.66 -47.51
C GLY I 319 -9.12 22.31 -47.76
N ALA I 320 -9.67 22.84 -48.84
CA ALA I 320 -11.05 22.64 -49.21
C ALA I 320 -11.33 21.22 -49.69
N PRO I 321 -12.60 20.79 -49.67
CA PRO I 321 -12.97 19.45 -50.12
C PRO I 321 -12.65 19.32 -51.61
N LYS I 322 -12.31 18.11 -52.03
CA LYS I 322 -11.97 17.88 -53.43
C LYS I 322 -12.88 16.84 -54.07
N THR I 323 -12.95 16.90 -55.40
CA THR I 323 -13.73 15.93 -56.16
C THR I 323 -12.84 14.70 -56.25
N ASP I 324 -13.37 13.59 -56.76
CA ASP I 324 -12.58 12.38 -56.87
C ASP I 324 -11.39 12.45 -57.82
N ILE I 325 -11.32 13.53 -58.59
CA ILE I 325 -10.20 13.72 -59.51
C ILE I 325 -9.15 14.62 -58.85
N GLY I 326 -9.45 15.08 -57.64
CA GLY I 326 -8.53 15.91 -56.88
C GLY I 326 -8.66 17.41 -56.97
N TRP I 327 -9.74 17.91 -57.59
CA TRP I 327 -9.93 19.35 -57.72
C TRP I 327 -10.69 19.94 -56.55
N GLU I 328 -10.17 21.03 -55.99
CA GLU I 328 -10.82 21.68 -54.86
C GLU I 328 -12.16 22.30 -55.28
N ILE I 329 -13.10 22.33 -54.36
CA ILE I 329 -14.42 22.89 -54.61
C ILE I 329 -14.42 24.34 -54.16
N TYR I 330 -14.55 25.26 -55.12
CA TYR I 330 -14.60 26.69 -54.81
C TYR I 330 -15.68 27.28 -55.69
N ALA I 331 -16.92 27.04 -55.31
CA ALA I 331 -18.10 27.50 -56.05
C ALA I 331 -18.12 28.99 -56.33
N GLU I 332 -17.62 29.78 -55.38
CA GLU I 332 -17.60 31.23 -55.53
C GLU I 332 -16.77 31.68 -56.72
N GLY I 333 -15.85 30.82 -57.14
CA GLY I 333 -15.00 31.13 -58.28
C GLY I 333 -15.80 31.30 -59.56
N LEU I 334 -16.93 30.61 -59.65
CA LEU I 334 -17.80 30.70 -60.82
C LEU I 334 -18.29 32.13 -60.94
N TYR I 335 -18.84 32.64 -59.85
CA TYR I 335 -19.36 34.01 -59.80
C TYR I 335 -18.24 35.00 -60.11
N ASP I 336 -17.08 34.79 -59.50
CA ASP I 336 -15.94 35.68 -59.70
C ASP I 336 -15.51 35.73 -61.17
N LEU I 337 -15.47 34.56 -61.81
CA LEU I 337 -15.06 34.45 -63.21
C LEU I 337 -16.09 35.12 -64.11
N LEU I 338 -17.36 34.88 -63.86
CA LEU I 338 -18.43 35.46 -64.66
C LEU I 338 -18.42 36.98 -64.51
N ARG I 339 -18.18 37.44 -63.28
CA ARG I 339 -18.14 38.87 -62.97
C ARG I 339 -16.98 39.52 -63.72
N TYR I 340 -15.83 38.86 -63.69
CA TYR I 340 -14.63 39.34 -64.36
C TYR I 340 -14.85 39.47 -65.86
N THR I 341 -15.37 38.41 -66.46
CA THR I 341 -15.64 38.38 -67.90
C THR I 341 -16.67 39.42 -68.29
N ALA I 342 -17.70 39.58 -67.47
CA ALA I 342 -18.75 40.55 -67.73
C ALA I 342 -18.21 41.97 -67.71
N ASP I 343 -17.33 42.26 -66.75
CA ASP I 343 -16.74 43.59 -66.62
C ASP I 343 -15.82 43.93 -67.78
N LYS I 344 -14.85 43.06 -68.02
CA LYS I 344 -13.85 43.26 -69.07
C LYS I 344 -14.35 43.25 -70.52
N TYR I 345 -15.23 42.32 -70.85
CA TYR I 345 -15.71 42.19 -72.22
C TYR I 345 -17.04 42.83 -72.56
N GLY I 346 -17.47 43.79 -71.75
CA GLY I 346 -18.72 44.49 -72.01
C GLY I 346 -19.99 43.70 -71.75
N ASN I 347 -19.95 42.81 -70.77
CA ASN I 347 -21.10 41.98 -70.39
C ASN I 347 -21.76 41.30 -71.59
N PRO I 348 -20.99 40.52 -72.35
CA PRO I 348 -21.56 39.83 -73.52
C PRO I 348 -22.39 38.65 -73.08
N THR I 349 -23.05 37.99 -74.03
CA THR I 349 -23.86 36.82 -73.73
C THR I 349 -22.92 35.73 -73.23
N LEU I 350 -23.25 35.13 -72.10
CA LEU I 350 -22.44 34.08 -71.52
C LEU I 350 -23.24 32.79 -71.38
N TYR I 351 -22.57 31.68 -71.64
CA TYR I 351 -23.16 30.36 -71.52
C TYR I 351 -22.16 29.50 -70.77
N ILE I 352 -22.58 28.89 -69.67
CA ILE I 352 -21.68 28.00 -68.95
C ILE I 352 -21.72 26.72 -69.77
N THR I 353 -20.75 26.60 -70.67
CA THR I 353 -20.66 25.45 -71.57
C THR I 353 -20.14 24.16 -70.94
N GLU I 354 -19.64 24.26 -69.71
CA GLU I 354 -19.14 23.11 -68.98
C GLU I 354 -19.03 23.40 -67.48
N ASN I 355 -19.59 22.50 -66.68
CA ASN I 355 -19.53 22.58 -65.23
C ASN I 355 -20.05 21.30 -64.63
N GLY I 356 -19.17 20.59 -63.91
CA GLY I 356 -19.56 19.34 -63.30
C GLY I 356 -18.49 18.88 -62.34
N ALA I 357 -18.74 17.75 -61.69
CA ALA I 357 -17.80 17.21 -60.73
C ALA I 357 -17.43 15.78 -61.04
N CYS I 358 -16.21 15.40 -60.69
CA CYS I 358 -15.78 14.04 -60.92
C CYS I 358 -15.99 13.24 -59.65
N TYR I 359 -17.01 12.39 -59.67
CA TYR I 359 -17.32 11.53 -58.53
C TYR I 359 -17.52 10.14 -59.09
N ASN I 360 -16.67 9.23 -58.65
CA ASN I 360 -16.67 7.85 -59.12
C ASN I 360 -17.71 6.90 -58.53
N ASP I 361 -18.81 7.44 -58.01
CA ASP I 361 -19.87 6.61 -57.43
C ASP I 361 -20.38 5.60 -58.45
N GLY I 362 -20.50 4.35 -58.01
CA GLY I 362 -21.00 3.31 -58.89
C GLY I 362 -22.37 2.90 -58.40
N LEU I 363 -22.88 1.79 -58.93
CA LEU I 363 -24.19 1.30 -58.52
C LEU I 363 -24.13 0.63 -57.15
N SER I 364 -25.11 0.96 -56.31
CA SER I 364 -25.22 0.35 -55.00
C SER I 364 -26.04 -0.91 -55.25
N LEU I 365 -26.16 -1.79 -54.26
CA LEU I 365 -26.97 -3.00 -54.43
C LEU I 365 -28.42 -2.59 -54.66
N ASP I 366 -28.67 -1.31 -54.40
CA ASP I 366 -29.96 -0.65 -54.57
C ASP I 366 -30.31 -0.72 -56.05
N GLY I 367 -29.27 -0.64 -56.89
CA GLY I 367 -29.43 -0.67 -58.33
C GLY I 367 -29.29 0.74 -58.87
N ARG I 368 -29.16 1.70 -57.96
CA ARG I 368 -29.03 3.10 -58.31
C ARG I 368 -27.71 3.69 -57.85
N ILE I 369 -27.35 4.84 -58.41
CA ILE I 369 -26.12 5.53 -58.06
C ILE I 369 -26.48 6.73 -57.19
N HIS I 370 -26.20 6.63 -55.90
CA HIS I 370 -26.53 7.70 -54.97
C HIS I 370 -25.39 8.71 -54.85
N ASP I 371 -25.19 9.48 -55.92
CA ASP I 371 -24.13 10.47 -55.97
C ASP I 371 -24.52 11.83 -55.40
N GLN I 372 -24.86 11.86 -54.11
CA GLN I 372 -25.24 13.11 -53.45
C GLN I 372 -24.16 14.17 -53.59
N ARG I 373 -22.91 13.74 -53.61
CA ARG I 373 -21.79 14.67 -53.73
C ARG I 373 -21.84 15.47 -55.03
N ARG I 374 -22.31 14.85 -56.10
CA ARG I 374 -22.41 15.53 -57.38
C ARG I 374 -23.56 16.53 -57.31
N ILE I 375 -24.65 16.11 -56.67
CA ILE I 375 -25.82 16.96 -56.51
C ILE I 375 -25.45 18.21 -55.71
N ASP I 376 -24.73 18.02 -54.62
CA ASP I 376 -24.30 19.11 -53.77
C ASP I 376 -23.41 20.07 -54.53
N TYR I 377 -22.47 19.54 -55.30
CA TYR I 377 -21.55 20.35 -56.09
C TYR I 377 -22.33 21.19 -57.09
N LEU I 378 -23.16 20.55 -57.89
CA LEU I 378 -23.95 21.23 -58.91
C LEU I 378 -24.82 22.31 -58.26
N ALA I 379 -25.49 21.96 -57.18
CA ALA I 379 -26.36 22.90 -56.47
C ALA I 379 -25.61 24.15 -56.06
N MET I 380 -24.42 23.98 -55.48
CA MET I 380 -23.61 25.11 -55.05
C MET I 380 -23.26 26.04 -56.20
N HIS I 381 -22.91 25.45 -57.34
CA HIS I 381 -22.54 26.23 -58.50
C HIS I 381 -23.72 26.88 -59.20
N LEU I 382 -24.88 26.23 -59.16
CA LEU I 382 -26.07 26.80 -59.76
C LEU I 382 -26.53 27.98 -58.92
N ILE I 383 -26.20 27.94 -57.63
CA ILE I 383 -26.54 29.03 -56.72
C ILE I 383 -25.69 30.24 -57.11
N GLN I 384 -24.45 30.00 -57.51
CA GLN I 384 -23.55 31.06 -57.94
C GLN I 384 -23.99 31.58 -59.30
N ALA I 385 -24.53 30.68 -60.13
CA ALA I 385 -25.00 31.05 -61.46
C ALA I 385 -26.19 31.99 -61.32
N SER I 386 -27.09 31.66 -60.41
CA SER I 386 -28.28 32.46 -60.15
C SER I 386 -27.84 33.81 -59.57
N ARG I 387 -26.81 33.77 -58.74
CA ARG I 387 -26.26 34.97 -58.11
C ARG I 387 -25.78 35.93 -59.19
N ALA I 388 -25.06 35.39 -60.17
CA ALA I 388 -24.53 36.19 -61.28
C ALA I 388 -25.64 36.86 -62.06
N ILE I 389 -26.72 36.12 -62.31
CA ILE I 389 -27.87 36.65 -63.04
C ILE I 389 -28.51 37.77 -62.22
N GLU I 390 -28.60 37.57 -60.91
CA GLU I 390 -29.17 38.56 -60.01
C GLU I 390 -28.26 39.78 -59.95
N ASP I 391 -26.98 39.56 -60.22
CA ASP I 391 -25.98 40.64 -60.20
C ASP I 391 -25.83 41.31 -61.56
N GLY I 392 -26.84 41.14 -62.42
CA GLY I 392 -26.82 41.77 -63.73
C GLY I 392 -25.95 41.19 -64.83
N ILE I 393 -25.29 40.06 -64.58
CA ILE I 393 -24.44 39.44 -65.60
C ILE I 393 -25.33 38.72 -66.61
N ASN I 394 -24.97 38.82 -67.89
CA ASN I 394 -25.74 38.19 -68.96
C ASN I 394 -25.53 36.70 -69.15
N LEU I 395 -25.83 35.92 -68.12
CA LEU I 395 -25.69 34.47 -68.20
C LEU I 395 -27.01 33.96 -68.78
N LYS I 396 -26.96 33.46 -70.00
CA LYS I 396 -28.16 32.97 -70.66
C LYS I 396 -28.38 31.46 -70.65
N GLY I 397 -27.41 30.71 -70.12
CA GLY I 397 -27.57 29.27 -70.09
C GLY I 397 -26.53 28.52 -69.29
N TYR I 398 -26.86 27.27 -68.95
CA TYR I 398 -25.99 26.40 -68.18
C TYR I 398 -26.04 25.00 -68.76
N MET I 399 -24.87 24.42 -68.99
CA MET I 399 -24.76 23.07 -69.55
C MET I 399 -23.79 22.29 -68.69
N GLU I 400 -24.32 21.43 -67.83
CA GLU I 400 -23.48 20.64 -66.94
C GLU I 400 -22.64 19.65 -67.73
N TRP I 401 -21.37 19.52 -67.36
CA TRP I 401 -20.48 18.63 -68.08
C TRP I 401 -20.72 17.13 -67.94
N SER I 402 -20.79 16.52 -69.11
CA SER I 402 -20.98 15.10 -69.29
C SER I 402 -22.36 14.57 -68.95
N LEU I 403 -23.07 14.18 -70.01
CA LEU I 403 -24.40 13.61 -69.87
C LEU I 403 -24.22 12.24 -69.23
N MET I 404 -23.16 11.55 -69.63
CA MET I 404 -22.85 10.22 -69.14
C MET I 404 -21.35 10.08 -68.92
N ASP I 405 -20.96 9.12 -68.08
CA ASP I 405 -19.54 8.90 -67.81
C ASP I 405 -18.88 8.55 -69.14
N ASN I 406 -17.68 9.07 -69.36
CA ASN I 406 -16.98 8.83 -70.62
C ASN I 406 -15.47 8.70 -70.48
N PHE I 407 -14.79 8.68 -71.62
CA PHE I 407 -13.33 8.58 -71.69
C PHE I 407 -12.75 9.91 -71.21
N GLU I 408 -12.25 9.93 -69.99
CA GLU I 408 -11.68 11.14 -69.42
C GLU I 408 -10.23 11.38 -69.82
N TRP I 409 -10.00 11.44 -71.13
CA TRP I 409 -8.69 11.69 -71.72
C TRP I 409 -7.55 10.88 -71.11
N ALA I 410 -6.52 11.56 -70.62
CA ALA I 410 -5.36 10.89 -70.03
C ALA I 410 -5.72 10.04 -68.80
N GLU I 411 -6.83 10.38 -68.15
CA GLU I 411 -7.28 9.67 -66.95
C GLU I 411 -7.96 8.35 -67.32
N GLY I 412 -8.24 8.16 -68.60
CA GLY I 412 -8.90 6.94 -69.03
C GLY I 412 -10.36 6.97 -68.60
N TYR I 413 -10.90 5.81 -68.27
CA TYR I 413 -12.30 5.70 -67.87
C TYR I 413 -12.53 5.76 -66.36
N GLY I 414 -11.44 5.79 -65.59
CA GLY I 414 -11.53 5.83 -64.14
C GLY I 414 -12.26 6.99 -63.49
N MET I 415 -12.17 8.17 -64.09
CA MET I 415 -12.83 9.36 -63.54
C MET I 415 -14.21 9.56 -64.18
N ARG I 416 -15.24 9.60 -63.35
CA ARG I 416 -16.62 9.76 -63.81
C ARG I 416 -17.20 11.16 -63.60
N PHE I 417 -17.61 11.80 -64.70
CA PHE I 417 -18.17 13.15 -64.67
C PHE I 417 -19.65 13.23 -65.05
N GLY I 418 -20.22 12.11 -65.49
CA GLY I 418 -21.60 12.12 -65.93
C GLY I 418 -22.77 12.01 -64.98
N LEU I 419 -23.94 12.36 -65.51
CA LEU I 419 -25.21 12.29 -64.78
C LEU I 419 -25.75 10.88 -64.96
N VAL I 420 -25.27 10.20 -66.00
CA VAL I 420 -25.69 8.84 -66.31
C VAL I 420 -24.49 7.92 -66.17
N HIS I 421 -24.63 6.89 -65.34
CA HIS I 421 -23.56 5.93 -65.13
C HIS I 421 -23.41 4.97 -66.30
N VAL I 422 -22.19 4.79 -66.76
CA VAL I 422 -21.93 3.89 -67.87
C VAL I 422 -20.97 2.81 -67.41
N ASP I 423 -21.40 1.55 -67.51
CA ASP I 423 -20.56 0.43 -67.14
C ASP I 423 -19.80 0.11 -68.42
N TYR I 424 -18.51 0.45 -68.45
CA TYR I 424 -17.70 0.25 -69.65
C TYR I 424 -17.51 -1.18 -70.13
N ASP I 425 -17.76 -2.16 -69.26
CA ASP I 425 -17.62 -3.55 -69.65
C ASP I 425 -18.87 -4.05 -70.34
N THR I 426 -20.03 -3.61 -69.86
CA THR I 426 -21.32 -4.02 -70.43
C THR I 426 -22.00 -2.90 -71.22
N LEU I 427 -21.41 -1.71 -71.19
CA LEU I 427 -21.94 -0.53 -71.87
C LEU I 427 -23.36 -0.17 -71.45
N VAL I 428 -23.79 -0.69 -70.30
CA VAL I 428 -25.12 -0.41 -69.78
C VAL I 428 -25.15 0.97 -69.13
N ARG I 429 -26.18 1.74 -69.47
CA ARG I 429 -26.34 3.09 -68.93
C ARG I 429 -27.43 3.14 -67.88
N THR I 430 -27.09 3.70 -66.72
CA THR I 430 -28.02 3.82 -65.61
C THR I 430 -28.03 5.26 -65.10
N PRO I 431 -29.18 5.94 -65.18
CA PRO I 431 -29.25 7.33 -64.70
C PRO I 431 -28.96 7.40 -63.22
N LYS I 432 -28.05 8.30 -62.84
CA LYS I 432 -27.68 8.48 -61.43
C LYS I 432 -28.72 9.36 -60.74
N ASP I 433 -28.58 9.54 -59.43
CA ASP I 433 -29.51 10.38 -58.69
C ASP I 433 -29.41 11.82 -59.15
N SER I 434 -28.21 12.23 -59.54
CA SER I 434 -27.97 13.58 -60.02
C SER I 434 -28.76 13.86 -61.29
N PHE I 435 -28.96 12.83 -62.10
CA PHE I 435 -29.73 12.94 -63.34
C PHE I 435 -31.15 13.40 -63.01
N TYR I 436 -31.80 12.65 -62.13
CA TYR I 436 -33.16 12.95 -61.71
C TYR I 436 -33.24 14.29 -60.98
N TRP I 437 -32.17 14.64 -60.26
CA TRP I 437 -32.13 15.91 -59.54
C TRP I 437 -32.09 17.06 -60.53
N TYR I 438 -31.13 17.00 -61.46
CA TYR I 438 -30.97 18.03 -62.47
C TYR I 438 -32.24 18.17 -63.29
N LYS I 439 -32.88 17.04 -63.56
CA LYS I 439 -34.13 17.01 -64.31
C LYS I 439 -35.16 17.91 -63.61
N GLY I 440 -35.25 17.76 -62.30
CA GLY I 440 -36.18 18.54 -61.50
C GLY I 440 -35.86 20.02 -61.51
N VAL I 441 -34.58 20.35 -61.47
CA VAL I 441 -34.15 21.75 -61.48
C VAL I 441 -34.56 22.40 -62.80
N ILE I 442 -34.35 21.66 -63.89
CA ILE I 442 -34.70 22.15 -65.22
C ILE I 442 -36.20 22.36 -65.34
N SER I 443 -36.96 21.41 -64.79
CA SER I 443 -38.41 21.47 -64.83
C SER I 443 -38.97 22.67 -64.05
N ARG I 444 -38.48 22.85 -62.83
CA ARG I 444 -38.93 23.95 -61.98
C ARG I 444 -38.45 25.30 -62.47
N GLY I 445 -37.17 25.38 -62.82
CA GLY I 445 -36.59 26.62 -63.30
C GLY I 445 -35.99 27.38 -62.14
N TRP I 446 -36.07 26.79 -60.95
CA TRP I 446 -35.53 27.39 -59.74
C TRP I 446 -34.96 26.30 -58.83
N LEU I 447 -34.36 26.72 -57.73
CA LEU I 447 -33.76 25.76 -56.80
C LEU I 447 -34.03 26.11 -55.35
N ASP I 448 -34.65 25.19 -54.61
CA ASP I 448 -34.96 25.40 -53.21
C ASP I 448 -33.88 24.73 -52.38
N LEU I 449 -32.83 25.50 -52.09
CA LEU I 449 -31.69 24.99 -51.33
C LEU I 449 -31.27 26.02 -50.27
N SER J 1 4.76 -0.96 -65.89
CA SER J 1 5.76 -1.40 -66.90
C SER J 1 5.01 -2.04 -68.07
N ILE J 2 5.34 -1.64 -69.29
CA ILE J 2 4.67 -2.17 -70.48
C ILE J 2 5.29 -3.45 -71.04
N HIS J 3 4.49 -4.50 -71.00
CA HIS J 3 4.90 -5.81 -71.49
C HIS J 3 4.24 -5.98 -72.84
N MET J 4 5.04 -5.82 -73.88
CA MET J 4 4.58 -5.91 -75.26
C MET J 4 4.48 -7.33 -75.82
N PHE J 5 3.58 -7.49 -76.78
CA PHE J 5 3.35 -8.76 -77.47
C PHE J 5 3.31 -8.49 -78.95
N PRO J 6 3.86 -9.41 -79.77
CA PRO J 6 3.91 -9.29 -81.22
C PRO J 6 2.53 -9.03 -81.82
N SER J 7 2.51 -8.26 -82.91
CA SER J 7 1.26 -7.92 -83.60
C SER J 7 0.49 -9.16 -84.04
N ASP J 8 1.23 -10.18 -84.49
CA ASP J 8 0.63 -11.42 -84.96
C ASP J 8 0.50 -12.49 -83.87
N PHE J 9 0.51 -12.06 -82.60
CA PHE J 9 0.39 -12.99 -81.49
C PHE J 9 -1.00 -13.59 -81.47
N LYS J 10 -1.08 -14.91 -81.32
CA LYS J 10 -2.35 -15.61 -81.31
C LYS J 10 -2.96 -15.70 -79.92
N TRP J 11 -3.87 -14.77 -79.62
CA TRP J 11 -4.56 -14.74 -78.34
C TRP J 11 -5.74 -15.70 -78.41
N GLY J 12 -5.87 -16.56 -77.40
CA GLY J 12 -6.96 -17.50 -77.40
C GLY J 12 -7.38 -17.99 -76.03
N VAL J 13 -8.31 -18.94 -76.04
CA VAL J 13 -8.82 -19.55 -74.83
C VAL J 13 -9.14 -21.01 -75.18
N ALA J 14 -9.15 -21.89 -74.18
CA ALA J 14 -9.39 -23.30 -74.45
C ALA J 14 -10.42 -24.00 -73.57
N THR J 15 -10.95 -25.10 -74.08
CA THR J 15 -11.92 -25.94 -73.38
C THR J 15 -11.65 -27.40 -73.74
N ALA J 16 -12.47 -28.30 -73.21
CA ALA J 16 -12.32 -29.73 -73.50
C ALA J 16 -13.72 -30.34 -73.59
N ALA J 17 -13.88 -31.23 -74.56
CA ALA J 17 -15.14 -31.90 -74.83
C ALA J 17 -15.95 -32.36 -73.62
N TYR J 18 -15.45 -33.35 -72.91
CA TYR J 18 -16.16 -33.88 -71.75
C TYR J 18 -16.35 -32.88 -70.61
N GLN J 19 -15.53 -31.84 -70.58
CA GLN J 19 -15.64 -30.84 -69.53
C GLN J 19 -16.76 -29.82 -69.71
N ILE J 20 -17.15 -29.55 -70.95
CA ILE J 20 -18.20 -28.55 -71.21
C ILE J 20 -19.43 -29.00 -72.00
N GLU J 21 -19.23 -29.90 -72.96
CA GLU J 21 -20.31 -30.36 -73.84
C GLU J 21 -21.63 -30.83 -73.23
N GLY J 22 -21.58 -31.86 -72.41
CA GLY J 22 -22.80 -32.40 -71.84
C GLY J 22 -23.43 -33.28 -72.90
N ALA J 23 -24.72 -33.57 -72.75
CA ALA J 23 -25.44 -34.42 -73.72
C ALA J 23 -24.63 -35.67 -74.02
N TYR J 24 -24.15 -36.31 -72.96
CA TYR J 24 -23.32 -37.50 -73.06
C TYR J 24 -24.06 -38.69 -73.66
N ASN J 25 -25.36 -38.75 -73.46
CA ASN J 25 -26.18 -39.84 -73.95
C ASN J 25 -27.17 -39.37 -75.02
N GLU J 26 -26.70 -38.48 -75.89
CA GLU J 26 -27.54 -37.95 -76.95
C GLU J 26 -26.96 -38.09 -78.33
N ASP J 27 -27.84 -38.08 -79.31
CA ASP J 27 -27.48 -38.20 -80.73
C ASP J 27 -26.47 -39.31 -81.01
N GLY J 28 -26.67 -40.45 -80.37
CA GLY J 28 -25.80 -41.59 -80.58
C GLY J 28 -24.37 -41.54 -80.06
N ARG J 29 -24.11 -40.70 -79.07
CA ARG J 29 -22.77 -40.61 -78.51
C ARG J 29 -22.49 -41.84 -77.66
N GLY J 30 -21.31 -42.43 -77.86
CA GLY J 30 -20.93 -43.60 -77.09
C GLY J 30 -20.28 -43.17 -75.79
N MET J 31 -20.26 -44.06 -74.81
CA MET J 31 -19.66 -43.75 -73.52
C MET J 31 -18.14 -43.73 -73.64
N SER J 32 -17.51 -42.89 -72.83
CA SER J 32 -16.05 -42.81 -72.81
C SER J 32 -15.61 -43.35 -71.46
N ILE J 33 -14.30 -43.49 -71.27
CA ILE J 33 -13.78 -43.99 -70.01
C ILE J 33 -14.14 -43.04 -68.87
N TRP J 34 -14.34 -41.76 -69.21
CA TRP J 34 -14.69 -40.76 -68.20
C TRP J 34 -16.16 -40.81 -67.80
N ASP J 35 -17.03 -41.22 -68.73
CA ASP J 35 -18.44 -41.34 -68.40
C ASP J 35 -18.53 -42.46 -67.38
N THR J 36 -17.82 -43.55 -67.67
CA THR J 36 -17.77 -44.71 -66.80
C THR J 36 -17.18 -44.36 -65.45
N PHE J 37 -16.01 -43.73 -65.47
CA PHE J 37 -15.29 -43.33 -64.27
C PHE J 37 -16.15 -42.44 -63.37
N ALA J 38 -16.70 -41.37 -63.96
CA ALA J 38 -17.54 -40.41 -63.24
C ALA J 38 -18.78 -41.06 -62.66
N HIS J 39 -19.32 -42.05 -63.37
CA HIS J 39 -20.51 -42.76 -62.91
C HIS J 39 -20.20 -43.75 -61.79
N THR J 40 -18.92 -44.08 -61.63
CA THR J 40 -18.49 -45.01 -60.59
C THR J 40 -18.43 -44.31 -59.24
N PRO J 41 -19.20 -44.81 -58.26
CA PRO J 41 -19.24 -44.24 -56.91
C PRO J 41 -17.85 -44.12 -56.29
N GLY J 42 -17.54 -42.93 -55.78
CA GLY J 42 -16.26 -42.71 -55.13
C GLY J 42 -15.12 -42.28 -56.02
N LYS J 43 -15.32 -42.27 -57.34
CA LYS J 43 -14.27 -41.88 -58.26
C LYS J 43 -14.16 -40.36 -58.44
N VAL J 44 -15.30 -39.69 -58.44
CA VAL J 44 -15.32 -38.24 -58.59
C VAL J 44 -15.97 -37.60 -57.37
N LYS J 45 -15.43 -36.44 -56.97
CA LYS J 45 -15.92 -35.71 -55.81
C LYS J 45 -17.41 -35.41 -55.91
N ASN J 46 -18.14 -35.75 -54.86
CA ASN J 46 -19.59 -35.54 -54.76
C ASN J 46 -20.41 -36.38 -55.73
N GLY J 47 -19.74 -37.18 -56.55
CA GLY J 47 -20.42 -38.02 -57.51
C GLY J 47 -20.78 -37.24 -58.76
N ASP J 48 -20.03 -36.18 -59.04
CA ASP J 48 -20.26 -35.33 -60.19
C ASP J 48 -19.86 -36.05 -61.48
N ASN J 49 -20.45 -35.63 -62.59
CA ASN J 49 -20.15 -36.22 -63.89
C ASN J 49 -20.43 -35.23 -65.01
N GLY J 50 -19.88 -35.49 -66.19
CA GLY J 50 -20.08 -34.60 -67.32
C GLY J 50 -21.34 -34.86 -68.12
N ASN J 51 -22.38 -35.37 -67.47
CA ASN J 51 -23.64 -35.65 -68.14
C ASN J 51 -24.20 -34.39 -68.80
N VAL J 52 -24.22 -33.30 -68.04
CA VAL J 52 -24.73 -32.03 -68.53
C VAL J 52 -23.61 -31.00 -68.67
N ALA J 53 -22.76 -30.93 -67.66
CA ALA J 53 -21.64 -29.99 -67.66
C ALA J 53 -22.11 -28.55 -67.89
N CYS J 54 -21.69 -27.95 -69.01
CA CYS J 54 -22.10 -26.59 -69.33
C CYS J 54 -23.14 -26.59 -70.45
N ASP J 55 -23.48 -27.79 -70.91
CA ASP J 55 -24.48 -27.98 -71.96
C ASP J 55 -24.08 -27.29 -73.26
N SER J 56 -22.78 -27.17 -73.50
CA SER J 56 -22.28 -26.52 -74.71
C SER J 56 -22.69 -27.22 -76.00
N TYR J 57 -23.13 -28.47 -75.89
CA TYR J 57 -23.55 -29.24 -77.05
C TYR J 57 -24.80 -28.61 -77.65
N HIS J 58 -25.61 -28.00 -76.79
CA HIS J 58 -26.85 -27.34 -77.20
C HIS J 58 -26.71 -25.83 -77.20
N ARG J 59 -25.50 -25.34 -76.94
CA ARG J 59 -25.28 -23.90 -76.87
C ARG J 59 -24.09 -23.41 -77.70
N VAL J 60 -24.05 -23.84 -78.96
CA VAL J 60 -22.99 -23.43 -79.89
C VAL J 60 -22.98 -21.92 -80.04
N GLU J 61 -24.16 -21.35 -80.23
CA GLU J 61 -24.32 -19.92 -80.41
C GLU J 61 -23.82 -19.14 -79.20
N GLU J 62 -24.16 -19.63 -78.00
CA GLU J 62 -23.74 -18.99 -76.76
C GLU J 62 -22.23 -19.05 -76.57
N ASP J 63 -21.64 -20.20 -76.91
CA ASP J 63 -20.19 -20.39 -76.80
C ASP J 63 -19.47 -19.38 -77.68
N VAL J 64 -19.84 -19.37 -78.95
CA VAL J 64 -19.22 -18.47 -79.93
C VAL J 64 -19.42 -17.01 -79.57
N GLN J 65 -20.56 -16.68 -78.96
CA GLN J 65 -20.84 -15.31 -78.57
C GLN J 65 -19.84 -14.87 -77.52
N LEU J 66 -19.57 -15.74 -76.55
CA LEU J 66 -18.60 -15.44 -75.50
C LEU J 66 -17.24 -15.23 -76.13
N LEU J 67 -16.93 -16.06 -77.12
CA LEU J 67 -15.66 -15.99 -77.83
C LEU J 67 -15.46 -14.70 -78.60
N LYS J 68 -16.50 -14.23 -79.30
CA LYS J 68 -16.35 -12.99 -80.03
C LYS J 68 -16.41 -11.78 -79.10
N ASP J 69 -17.05 -11.93 -77.95
CA ASP J 69 -17.12 -10.86 -76.97
C ASP J 69 -15.74 -10.70 -76.34
N LEU J 70 -15.06 -11.83 -76.14
CA LEU J 70 -13.73 -11.84 -75.54
C LEU J 70 -12.69 -11.28 -76.52
N GLY J 71 -13.01 -11.33 -77.80
CA GLY J 71 -12.10 -10.82 -78.83
C GLY J 71 -10.99 -11.80 -79.16
N VAL J 72 -11.19 -13.05 -78.77
CA VAL J 72 -10.24 -14.11 -79.01
C VAL J 72 -10.00 -14.36 -80.50
N LYS J 73 -8.74 -14.60 -80.86
CA LYS J 73 -8.38 -14.87 -82.26
C LYS J 73 -8.28 -16.36 -82.53
N VAL J 74 -8.09 -17.14 -81.48
CA VAL J 74 -7.97 -18.59 -81.59
C VAL J 74 -8.78 -19.26 -80.50
N TYR J 75 -9.45 -20.35 -80.84
CA TYR J 75 -10.24 -21.10 -79.86
C TYR J 75 -9.81 -22.56 -79.91
N ARG J 76 -9.30 -23.05 -78.78
CA ARG J 76 -8.87 -24.44 -78.71
C ARG J 76 -9.94 -25.29 -78.03
N PHE J 77 -10.38 -26.32 -78.73
CA PHE J 77 -11.40 -27.24 -78.22
C PHE J 77 -10.98 -28.65 -78.63
N SER J 78 -11.67 -29.65 -78.10
CA SER J 78 -11.35 -31.03 -78.45
C SER J 78 -12.56 -31.77 -79.03
N ILE J 79 -12.27 -32.82 -79.76
CA ILE J 79 -13.32 -33.64 -80.38
C ILE J 79 -13.57 -34.85 -79.49
N SER J 80 -14.84 -35.10 -79.19
CA SER J 80 -15.22 -36.25 -78.37
C SER J 80 -15.20 -37.47 -79.28
N TRP J 81 -14.16 -38.29 -79.15
CA TRP J 81 -14.01 -39.49 -79.95
C TRP J 81 -15.28 -40.34 -79.99
N PRO J 82 -15.89 -40.65 -78.83
CA PRO J 82 -17.10 -41.47 -78.80
C PRO J 82 -18.30 -40.82 -79.47
N ARG J 83 -18.23 -39.51 -79.72
CA ARG J 83 -19.33 -38.81 -80.36
C ARG J 83 -19.30 -38.95 -81.88
N VAL J 84 -18.12 -39.19 -82.45
CA VAL J 84 -17.99 -39.34 -83.89
C VAL J 84 -17.85 -40.83 -84.28
N LEU J 85 -17.31 -41.61 -83.37
CA LEU J 85 -17.12 -43.06 -83.55
C LEU J 85 -17.45 -43.66 -82.20
N PRO J 86 -18.74 -43.91 -81.93
CA PRO J 86 -19.24 -44.49 -80.67
C PRO J 86 -18.51 -45.72 -80.18
N GLN J 87 -18.04 -46.54 -81.11
CA GLN J 87 -17.32 -47.76 -80.75
C GLN J 87 -15.81 -47.57 -80.89
N GLY J 88 -15.40 -46.34 -81.18
CA GLY J 88 -14.00 -46.02 -81.34
C GLY J 88 -13.53 -46.30 -82.76
N THR J 89 -14.25 -47.19 -83.43
CA THR J 89 -13.94 -47.57 -84.79
C THR J 89 -15.20 -48.08 -85.48
N GLY J 90 -15.18 -48.06 -86.82
CA GLY J 90 -16.32 -48.52 -87.58
C GLY J 90 -17.38 -47.49 -87.89
N GLU J 91 -18.59 -47.75 -87.41
CA GLU J 91 -19.74 -46.87 -87.63
C GLU J 91 -19.50 -45.41 -87.24
N VAL J 92 -19.68 -44.53 -88.23
CA VAL J 92 -19.50 -43.09 -88.02
C VAL J 92 -20.82 -42.44 -87.63
N ASN J 93 -20.82 -41.75 -86.49
CA ASN J 93 -22.00 -41.05 -86.02
C ASN J 93 -22.01 -39.63 -86.59
N ARG J 94 -22.71 -39.46 -87.70
CA ARG J 94 -22.79 -38.17 -88.38
C ARG J 94 -23.39 -37.06 -87.55
N ALA J 95 -24.27 -37.41 -86.60
CA ALA J 95 -24.89 -36.42 -85.73
C ALA J 95 -23.81 -35.70 -84.91
N GLY J 96 -22.79 -36.46 -84.50
CA GLY J 96 -21.71 -35.90 -83.73
C GLY J 96 -20.87 -34.95 -84.58
N LEU J 97 -20.50 -35.43 -85.77
CA LEU J 97 -19.71 -34.62 -86.70
C LEU J 97 -20.43 -33.34 -87.08
N ASP J 98 -21.76 -33.41 -87.14
CA ASP J 98 -22.58 -32.24 -87.48
C ASP J 98 -22.35 -31.14 -86.47
N TYR J 99 -22.28 -31.52 -85.19
CA TYR J 99 -22.06 -30.56 -84.11
C TYR J 99 -20.73 -29.84 -84.30
N TYR J 100 -19.67 -30.59 -84.50
CA TYR J 100 -18.35 -30.02 -84.68
C TYR J 100 -18.26 -29.14 -85.93
N HIS J 101 -18.99 -29.52 -86.97
CA HIS J 101 -19.00 -28.74 -88.19
C HIS J 101 -19.73 -27.41 -87.94
N ARG J 102 -20.82 -27.48 -87.18
CA ARG J 102 -21.61 -26.29 -86.85
C ARG J 102 -20.78 -25.33 -86.01
N LEU J 103 -20.03 -25.88 -85.06
CA LEU J 103 -19.17 -25.10 -84.19
C LEU J 103 -18.07 -24.42 -85.00
N VAL J 104 -17.34 -25.23 -85.77
CA VAL J 104 -16.25 -24.71 -86.61
C VAL J 104 -16.73 -23.65 -87.58
N ASP J 105 -17.92 -23.86 -88.15
CA ASP J 105 -18.48 -22.91 -89.10
C ASP J 105 -18.75 -21.57 -88.43
N GLU J 106 -19.29 -21.62 -87.22
CA GLU J 106 -19.58 -20.41 -86.47
C GLU J 106 -18.28 -19.68 -86.14
N LEU J 107 -17.27 -20.43 -85.72
CA LEU J 107 -15.98 -19.86 -85.38
C LEU J 107 -15.43 -19.11 -86.60
N LEU J 108 -15.34 -19.83 -87.72
CA LEU J 108 -14.85 -19.24 -88.97
C LEU J 108 -15.64 -18.02 -89.39
N ALA J 109 -16.96 -18.09 -89.22
CA ALA J 109 -17.85 -16.99 -89.59
C ALA J 109 -17.60 -15.74 -88.76
N ASN J 110 -17.02 -15.92 -87.57
CA ASN J 110 -16.73 -14.79 -86.69
C ASN J 110 -15.24 -14.46 -86.58
N GLY J 111 -14.46 -14.97 -87.52
CA GLY J 111 -13.03 -14.71 -87.55
C GLY J 111 -12.22 -15.36 -86.44
N ILE J 112 -12.71 -16.48 -85.91
CA ILE J 112 -12.02 -17.19 -84.86
C ILE J 112 -11.37 -18.44 -85.43
N GLU J 113 -10.05 -18.54 -85.29
CA GLU J 113 -9.29 -19.68 -85.79
C GLU J 113 -9.43 -20.90 -84.89
N PRO J 114 -9.93 -22.02 -85.44
CA PRO J 114 -10.11 -23.25 -84.68
C PRO J 114 -8.78 -23.95 -84.41
N PHE J 115 -8.60 -24.40 -83.17
CA PHE J 115 -7.40 -25.10 -82.76
C PHE J 115 -7.96 -26.40 -82.21
N CYS J 116 -8.06 -27.41 -83.08
CA CYS J 116 -8.62 -28.70 -82.70
C CYS J 116 -7.69 -29.67 -82.01
N THR J 117 -8.20 -30.26 -80.93
CA THR J 117 -7.47 -31.23 -80.15
C THR J 117 -8.18 -32.58 -80.32
N LEU J 118 -7.52 -33.50 -81.01
CA LEU J 118 -8.09 -34.81 -81.26
C LEU J 118 -8.41 -35.63 -80.01
N TYR J 119 -7.43 -35.76 -79.12
CA TYR J 119 -7.64 -36.55 -77.92
C TYR J 119 -7.42 -35.81 -76.61
N HIS J 120 -8.47 -35.73 -75.80
CA HIS J 120 -8.39 -35.07 -74.50
C HIS J 120 -8.96 -35.99 -73.43
N TRP J 121 -8.39 -37.20 -73.35
CA TRP J 121 -8.72 -38.21 -72.35
C TRP J 121 -10.02 -39.00 -72.47
N ASP J 122 -10.93 -38.59 -73.35
CA ASP J 122 -12.20 -39.29 -73.52
C ASP J 122 -12.19 -40.51 -74.44
N LEU J 123 -11.37 -41.50 -74.12
CA LEU J 123 -11.28 -42.74 -74.92
C LEU J 123 -12.60 -43.51 -74.89
N PRO J 124 -13.08 -43.97 -76.06
CA PRO J 124 -14.33 -44.72 -76.13
C PRO J 124 -14.24 -45.97 -75.26
N GLN J 125 -15.27 -46.18 -74.43
CA GLN J 125 -15.31 -47.33 -73.53
C GLN J 125 -15.14 -48.64 -74.29
N ALA J 126 -15.66 -48.70 -75.52
CA ALA J 126 -15.56 -49.89 -76.34
C ALA J 126 -14.11 -50.31 -76.53
N LEU J 127 -13.23 -49.33 -76.74
CA LEU J 127 -11.81 -49.60 -76.92
C LEU J 127 -11.16 -49.97 -75.60
N GLN J 128 -11.65 -49.35 -74.53
CA GLN J 128 -11.13 -49.62 -73.19
C GLN J 128 -11.43 -51.07 -72.81
N ASP J 129 -12.57 -51.58 -73.26
CA ASP J 129 -12.97 -52.96 -72.98
C ASP J 129 -12.00 -53.92 -73.65
N GLN J 130 -11.34 -53.46 -74.71
CA GLN J 130 -10.37 -54.26 -75.45
C GLN J 130 -8.95 -54.04 -74.91
N GLY J 131 -8.85 -53.35 -73.79
CA GLY J 131 -7.55 -53.09 -73.19
C GLY J 131 -7.16 -51.62 -73.18
N GLY J 132 -7.91 -50.80 -73.90
CA GLY J 132 -7.64 -49.38 -73.97
C GLY J 132 -6.26 -49.12 -74.53
N TRP J 133 -5.62 -48.06 -74.05
CA TRP J 133 -4.29 -47.69 -74.51
C TRP J 133 -3.21 -48.70 -74.16
N GLY J 134 -3.59 -49.76 -73.45
CA GLY J 134 -2.65 -50.79 -73.08
C GLY J 134 -2.45 -51.74 -74.25
N SER J 135 -3.40 -51.73 -75.17
CA SER J 135 -3.38 -52.59 -76.35
C SER J 135 -3.00 -51.79 -77.60
N ARG J 136 -2.20 -52.40 -78.47
CA ARG J 136 -1.77 -51.75 -79.70
C ARG J 136 -2.93 -51.57 -80.68
N ILE J 137 -4.03 -52.27 -80.42
CA ILE J 137 -5.21 -52.18 -81.27
C ILE J 137 -5.74 -50.76 -81.27
N THR J 138 -5.65 -50.10 -80.11
CA THR J 138 -6.11 -48.73 -79.96
C THR J 138 -5.32 -47.77 -80.83
N ILE J 139 -4.07 -48.12 -81.13
CA ILE J 139 -3.22 -47.28 -81.98
C ILE J 139 -3.87 -47.20 -83.36
N ASP J 140 -4.38 -48.34 -83.82
CA ASP J 140 -5.04 -48.43 -85.12
C ASP J 140 -6.31 -47.58 -85.08
N ALA J 141 -7.09 -47.76 -84.02
CA ALA J 141 -8.33 -47.03 -83.83
C ALA J 141 -8.11 -45.52 -83.88
N PHE J 142 -7.04 -45.06 -83.24
CA PHE J 142 -6.74 -43.63 -83.23
C PHE J 142 -6.34 -43.14 -84.62
N ALA J 143 -5.62 -43.99 -85.36
CA ALA J 143 -5.19 -43.64 -86.71
C ALA J 143 -6.43 -43.46 -87.60
N GLU J 144 -7.40 -44.33 -87.40
CA GLU J 144 -8.65 -44.29 -88.15
C GLU J 144 -9.41 -43.01 -87.78
N TYR J 145 -9.45 -42.75 -86.49
CA TYR J 145 -10.12 -41.59 -85.92
C TYR J 145 -9.50 -40.30 -86.45
N ALA J 146 -8.17 -40.22 -86.39
CA ALA J 146 -7.44 -39.05 -86.85
C ALA J 146 -7.72 -38.78 -88.32
N GLU J 147 -7.61 -39.82 -89.15
CA GLU J 147 -7.86 -39.71 -90.58
C GLU J 147 -9.27 -39.18 -90.85
N LEU J 148 -10.25 -39.69 -90.09
CA LEU J 148 -11.63 -39.27 -90.24
C LEU J 148 -11.77 -37.76 -90.00
N MET J 149 -11.25 -37.29 -88.88
CA MET J 149 -11.34 -35.88 -88.53
C MET J 149 -10.58 -35.00 -89.51
N PHE J 150 -9.43 -35.49 -89.98
CA PHE J 150 -8.62 -34.74 -90.93
C PHE J 150 -9.40 -34.53 -92.23
N LYS J 151 -10.13 -35.56 -92.64
CA LYS J 151 -10.93 -35.49 -93.87
C LYS J 151 -12.17 -34.65 -93.67
N GLU J 152 -12.78 -34.75 -92.50
CA GLU J 152 -14.00 -34.02 -92.19
C GLU J 152 -13.76 -32.52 -91.97
N LEU J 153 -12.98 -32.20 -90.95
CA LEU J 153 -12.71 -30.81 -90.59
C LEU J 153 -11.38 -30.24 -91.09
N GLY J 154 -10.57 -31.09 -91.71
CA GLY J 154 -9.27 -30.65 -92.21
C GLY J 154 -9.26 -29.45 -93.14
N GLY J 155 -10.37 -29.23 -93.83
CA GLY J 155 -10.45 -28.10 -94.74
C GLY J 155 -10.73 -26.78 -94.06
N LYS J 156 -11.24 -26.85 -92.83
CA LYS J 156 -11.58 -25.66 -92.06
C LYS J 156 -10.60 -25.41 -90.92
N ILE J 157 -10.04 -26.49 -90.38
CA ILE J 157 -9.10 -26.43 -89.28
C ILE J 157 -7.65 -26.57 -89.75
N LYS J 158 -6.82 -25.59 -89.38
CA LYS J 158 -5.41 -25.58 -89.76
C LYS J 158 -4.49 -25.65 -88.53
N GLN J 159 -5.07 -25.98 -87.38
CA GLN J 159 -4.32 -26.10 -86.13
C GLN J 159 -4.75 -27.39 -85.46
N TRP J 160 -3.88 -28.38 -85.44
CA TRP J 160 -4.21 -29.67 -84.85
C TRP J 160 -3.27 -30.12 -83.75
N ILE J 161 -3.84 -30.72 -82.71
CA ILE J 161 -3.10 -31.26 -81.58
C ILE J 161 -3.57 -32.70 -81.44
N THR J 162 -2.63 -33.63 -81.46
CA THR J 162 -2.98 -35.04 -81.35
C THR J 162 -3.44 -35.39 -79.94
N PHE J 163 -2.51 -35.31 -78.98
CA PHE J 163 -2.83 -35.63 -77.59
C PHE J 163 -2.56 -34.44 -76.67
N ASN J 164 -3.47 -34.24 -75.72
CA ASN J 164 -3.32 -33.17 -74.76
C ASN J 164 -2.92 -33.76 -73.41
N GLU J 165 -1.79 -33.29 -72.89
CA GLU J 165 -1.25 -33.74 -71.61
C GLU J 165 -1.12 -35.26 -71.51
N PRO J 166 -0.18 -35.83 -72.29
CA PRO J 166 0.10 -37.27 -72.33
C PRO J 166 0.36 -37.88 -70.95
N TRP J 167 1.08 -37.16 -70.10
CA TRP J 167 1.40 -37.65 -68.77
C TRP J 167 0.14 -37.89 -67.95
N CYS J 168 -0.81 -36.96 -68.03
CA CYS J 168 -2.06 -37.07 -67.29
C CYS J 168 -2.88 -38.29 -67.72
N MET J 169 -3.03 -38.47 -69.03
CA MET J 169 -3.80 -39.61 -69.54
C MET J 169 -3.08 -40.94 -69.37
N ALA J 170 -1.75 -40.89 -69.21
CA ALA J 170 -0.95 -42.08 -69.04
C ALA J 170 -0.64 -42.42 -67.58
N PHE J 171 0.20 -41.61 -66.94
CA PHE J 171 0.59 -41.84 -65.55
C PHE J 171 -0.46 -41.54 -64.48
N LEU J 172 -1.07 -40.36 -64.55
CA LEU J 172 -2.08 -40.02 -63.55
C LEU J 172 -3.30 -40.93 -63.64
N SER J 173 -3.52 -41.48 -64.82
CA SER J 173 -4.65 -42.37 -65.07
C SER J 173 -4.37 -43.85 -64.84
N ASN J 174 -3.21 -44.33 -65.30
CA ASN J 174 -2.87 -45.73 -65.18
C ASN J 174 -1.82 -46.09 -64.13
N TYR J 175 -1.18 -45.08 -63.56
CA TYR J 175 -0.16 -45.31 -62.54
C TYR J 175 -0.62 -44.85 -61.16
N LEU J 176 -1.19 -43.65 -61.09
CA LEU J 176 -1.66 -43.10 -59.83
C LEU J 176 -3.14 -43.40 -59.58
N GLY J 177 -3.85 -43.81 -60.63
CA GLY J 177 -5.25 -44.16 -60.50
C GLY J 177 -6.20 -43.03 -60.13
N VAL J 178 -5.80 -41.79 -60.38
CA VAL J 178 -6.63 -40.63 -60.04
C VAL J 178 -7.58 -40.29 -61.18
N HIS J 179 -7.16 -40.58 -62.41
CA HIS J 179 -7.98 -40.31 -63.59
C HIS J 179 -8.35 -41.61 -64.30
N ALA J 180 -9.40 -41.55 -65.12
CA ALA J 180 -9.85 -42.71 -65.88
C ALA J 180 -8.73 -43.26 -66.76
N PRO J 181 -8.62 -44.60 -66.87
CA PRO J 181 -9.40 -45.68 -66.27
C PRO J 181 -9.28 -45.83 -64.75
N GLY J 182 -8.17 -45.36 -64.19
CA GLY J 182 -7.98 -45.45 -62.76
C GLY J 182 -7.16 -46.65 -62.34
N ASN J 183 -6.10 -46.95 -63.09
CA ASN J 183 -5.23 -48.07 -62.79
C ASN J 183 -4.01 -47.63 -62.02
N LYS J 184 -3.34 -48.58 -61.36
CA LYS J 184 -2.13 -48.31 -60.59
C LYS J 184 -1.08 -49.33 -60.99
N ASP J 185 -0.44 -49.07 -62.12
CA ASP J 185 0.60 -49.95 -62.67
C ASP J 185 1.57 -49.06 -63.47
N LEU J 186 2.80 -48.94 -62.98
CA LEU J 186 3.81 -48.13 -63.64
C LEU J 186 4.08 -48.61 -65.05
N GLN J 187 4.27 -49.91 -65.21
CA GLN J 187 4.54 -50.48 -66.53
C GLN J 187 3.40 -50.19 -67.51
N LEU J 188 2.16 -50.33 -67.05
CA LEU J 188 1.01 -50.06 -67.89
C LEU J 188 1.02 -48.61 -68.34
N ALA J 189 1.37 -47.71 -67.42
CA ALA J 189 1.45 -46.29 -67.71
C ALA J 189 2.51 -46.05 -68.78
N ILE J 190 3.59 -46.81 -68.71
CA ILE J 190 4.69 -46.69 -69.68
C ILE J 190 4.24 -47.27 -71.02
N ASP J 191 3.41 -48.30 -70.97
CA ASP J 191 2.89 -48.93 -72.19
C ASP J 191 2.00 -47.92 -72.90
N VAL J 192 1.09 -47.32 -72.13
CA VAL J 192 0.17 -46.32 -72.65
C VAL J 192 0.93 -45.15 -73.27
N SER J 193 1.96 -44.70 -72.58
CA SER J 193 2.79 -43.59 -73.07
C SER J 193 3.39 -43.92 -74.42
N HIS J 194 3.83 -45.17 -74.58
CA HIS J 194 4.43 -45.61 -75.83
C HIS J 194 3.40 -45.69 -76.95
N HIS J 195 2.27 -46.33 -76.66
CA HIS J 195 1.20 -46.50 -77.65
C HIS J 195 0.58 -45.19 -78.12
N LEU J 196 0.45 -44.21 -77.22
CA LEU J 196 -0.12 -42.92 -77.60
C LEU J 196 0.87 -42.20 -78.52
N LEU J 197 2.16 -42.38 -78.27
CA LEU J 197 3.19 -41.76 -79.09
C LEU J 197 3.20 -42.33 -80.50
N VAL J 198 3.00 -43.64 -80.60
CA VAL J 198 2.96 -44.31 -81.90
C VAL J 198 1.71 -43.81 -82.64
N ALA J 199 0.60 -43.74 -81.92
CA ALA J 199 -0.66 -43.27 -82.48
C ALA J 199 -0.47 -41.84 -82.98
N HIS J 200 0.29 -41.06 -82.22
CA HIS J 200 0.59 -39.66 -82.58
C HIS J 200 1.39 -39.62 -83.86
N GLY J 201 2.46 -40.41 -83.91
CA GLY J 201 3.33 -40.43 -85.08
C GLY J 201 2.56 -40.79 -86.33
N ARG J 202 1.70 -41.81 -86.22
CA ARG J 202 0.89 -42.26 -87.34
C ARG J 202 -0.08 -41.17 -87.77
N ALA J 203 -0.62 -40.43 -86.80
CA ALA J 203 -1.55 -39.35 -87.07
C ALA J 203 -0.85 -38.21 -87.82
N VAL J 204 0.39 -37.94 -87.44
CA VAL J 204 1.17 -36.88 -88.07
C VAL J 204 1.43 -37.27 -89.52
N THR J 205 1.80 -38.53 -89.73
CA THR J 205 2.08 -39.04 -91.06
C THR J 205 0.84 -38.88 -91.95
N LEU J 206 -0.33 -39.26 -91.41
CA LEU J 206 -1.58 -39.14 -92.14
C LEU J 206 -1.84 -37.68 -92.52
N PHE J 207 -1.59 -36.79 -91.56
CA PHE J 207 -1.80 -35.37 -91.76
C PHE J 207 -0.99 -34.88 -92.97
N ARG J 208 0.24 -35.37 -93.06
CA ARG J 208 1.14 -35.01 -94.15
C ARG J 208 0.68 -35.61 -95.48
N GLU J 209 0.35 -36.90 -95.45
CA GLU J 209 -0.11 -37.61 -96.64
C GLU J 209 -1.38 -37.03 -97.23
N LEU J 210 -2.30 -36.63 -96.37
CA LEU J 210 -3.57 -36.06 -96.81
C LEU J 210 -3.38 -34.68 -97.44
N GLY J 211 -2.16 -34.16 -97.35
CA GLY J 211 -1.84 -32.86 -97.92
C GLY J 211 -2.61 -31.69 -97.34
N ILE J 212 -3.29 -31.91 -96.22
CA ILE J 212 -4.05 -30.85 -95.59
C ILE J 212 -3.13 -29.79 -94.99
N SER J 213 -3.29 -28.56 -95.47
CA SER J 213 -2.48 -27.44 -95.01
C SER J 213 -2.76 -27.14 -93.54
N GLY J 214 -1.75 -26.61 -92.85
CA GLY J 214 -1.91 -26.29 -91.45
C GLY J 214 -0.77 -26.77 -90.59
N GLU J 215 -1.00 -26.79 -89.28
CA GLU J 215 0.01 -27.20 -88.32
C GLU J 215 -0.53 -28.34 -87.45
N ILE J 216 0.39 -29.15 -86.95
CA ILE J 216 0.03 -30.27 -86.09
C ILE J 216 1.14 -30.46 -85.05
N GLY J 217 0.74 -30.72 -83.82
CA GLY J 217 1.71 -30.91 -82.75
C GLY J 217 1.11 -31.68 -81.60
N ILE J 218 1.78 -31.62 -80.47
CA ILE J 218 1.35 -32.32 -79.26
C ILE J 218 1.48 -31.32 -78.10
N ALA J 219 0.63 -31.46 -77.09
CA ALA J 219 0.66 -30.53 -75.96
C ALA J 219 0.98 -31.18 -74.61
N PRO J 220 2.28 -31.27 -74.27
CA PRO J 220 2.67 -31.87 -72.99
C PRO J 220 2.51 -30.88 -71.84
N ASN J 221 2.24 -31.41 -70.65
CA ASN J 221 2.10 -30.61 -69.45
C ASN J 221 3.39 -30.80 -68.66
N THR J 222 4.51 -30.54 -69.33
CA THR J 222 5.84 -30.68 -68.76
C THR J 222 5.96 -30.05 -67.38
N SER J 223 5.96 -30.90 -66.35
CA SER J 223 6.06 -30.46 -64.97
C SER J 223 7.43 -29.86 -64.71
N TRP J 224 7.46 -28.69 -64.09
CA TRP J 224 8.72 -28.01 -63.81
C TRP J 224 9.12 -28.11 -62.34
N ALA J 225 10.44 -28.18 -62.10
CA ALA J 225 10.98 -28.27 -60.75
C ALA J 225 12.29 -27.52 -60.66
N VAL J 226 12.44 -26.78 -59.56
CA VAL J 226 13.62 -25.96 -59.30
C VAL J 226 14.49 -26.68 -58.26
N PRO J 227 15.81 -26.74 -58.51
CA PRO J 227 16.76 -27.39 -57.59
C PRO J 227 16.81 -26.70 -56.24
N TYR J 228 16.54 -27.46 -55.18
CA TYR J 228 16.57 -26.95 -53.82
C TYR J 228 18.00 -26.48 -53.54
N ARG J 229 18.95 -27.38 -53.75
CA ARG J 229 20.35 -27.09 -53.53
C ARG J 229 21.06 -27.17 -54.88
N ARG J 230 22.15 -26.41 -55.03
CA ARG J 230 22.92 -26.41 -56.26
C ARG J 230 23.81 -27.65 -56.23
N THR J 231 23.18 -28.82 -56.25
CA THR J 231 23.87 -30.10 -56.21
C THR J 231 23.50 -30.88 -57.46
N LYS J 232 24.43 -31.69 -57.95
CA LYS J 232 24.18 -32.49 -59.14
C LYS J 232 22.97 -33.40 -58.93
N GLU J 233 22.90 -34.05 -57.77
CA GLU J 233 21.80 -34.94 -57.45
C GLU J 233 20.43 -34.25 -57.43
N ASP J 234 20.42 -32.98 -57.01
CA ASP J 234 19.18 -32.22 -56.96
C ASP J 234 18.76 -31.78 -58.36
N MET J 235 19.73 -31.38 -59.16
CA MET J 235 19.48 -30.94 -60.52
C MET J 235 18.94 -32.10 -61.36
N GLU J 236 19.48 -33.29 -61.11
CA GLU J 236 19.06 -34.50 -61.82
C GLU J 236 17.67 -34.90 -61.34
N ALA J 237 17.42 -34.69 -60.04
CA ALA J 237 16.12 -35.01 -59.45
C ALA J 237 15.06 -34.14 -60.09
N CYS J 238 15.45 -32.91 -60.44
CA CYS J 238 14.55 -31.96 -61.08
C CYS J 238 14.40 -32.29 -62.56
N LEU J 239 15.45 -32.80 -63.17
CA LEU J 239 15.43 -33.15 -64.59
C LEU J 239 14.44 -34.30 -64.81
N ARG J 240 14.36 -35.20 -63.86
CA ARG J 240 13.45 -36.33 -63.96
C ARG J 240 12.00 -35.90 -63.88
N VAL J 241 11.75 -34.78 -63.20
CA VAL J 241 10.40 -34.25 -63.07
C VAL J 241 9.86 -33.81 -64.42
N ASN J 242 10.64 -33.01 -65.15
CA ASN J 242 10.22 -32.56 -66.48
C ASN J 242 10.48 -33.67 -67.49
N GLY J 243 11.34 -34.62 -67.10
CA GLY J 243 11.68 -35.72 -67.97
C GLY J 243 10.60 -36.76 -68.15
N TRP J 244 9.96 -37.18 -67.06
CA TRP J 244 8.92 -38.19 -67.16
C TRP J 244 7.55 -37.66 -67.57
N SER J 245 7.43 -36.34 -67.63
CA SER J 245 6.16 -35.71 -68.00
C SER J 245 6.19 -35.03 -69.37
N GLY J 246 7.37 -34.57 -69.80
CA GLY J 246 7.49 -33.89 -71.07
C GLY J 246 8.53 -34.47 -72.02
N ASP J 247 9.76 -34.60 -71.52
CA ASP J 247 10.87 -35.13 -72.33
C ASP J 247 10.59 -36.53 -72.84
N TRP J 248 9.89 -37.32 -72.02
CA TRP J 248 9.54 -38.70 -72.35
C TRP J 248 8.72 -38.79 -73.63
N TYR J 249 8.01 -37.72 -73.97
CA TYR J 249 7.17 -37.70 -75.16
C TYR J 249 7.76 -36.88 -76.30
N LEU J 250 8.42 -35.78 -75.97
CA LEU J 250 9.01 -34.91 -76.98
C LEU J 250 10.28 -35.47 -77.61
N ASP J 251 11.08 -36.19 -76.83
CA ASP J 251 12.32 -36.77 -77.35
C ASP J 251 12.11 -37.81 -78.45
N PRO J 252 11.16 -38.74 -78.28
CA PRO J 252 10.94 -39.73 -79.34
C PRO J 252 10.48 -39.07 -80.64
N ILE J 253 9.80 -37.93 -80.50
CA ILE J 253 9.29 -37.18 -81.64
C ILE J 253 10.37 -36.36 -82.34
N TYR J 254 11.18 -35.66 -81.55
CA TYR J 254 12.25 -34.82 -82.10
C TYR J 254 13.58 -35.52 -82.38
N PHE J 255 13.91 -36.52 -81.58
CA PHE J 255 15.17 -37.23 -81.72
C PHE J 255 15.03 -38.70 -82.08
N GLY J 256 13.81 -39.22 -82.01
CA GLY J 256 13.58 -40.61 -82.34
C GLY J 256 14.04 -41.59 -81.27
N GLU J 257 14.10 -41.12 -80.03
CA GLU J 257 14.52 -41.95 -78.92
C GLU J 257 14.04 -41.37 -77.60
N TYR J 258 13.72 -42.25 -76.66
CA TYR J 258 13.29 -41.82 -75.34
C TYR J 258 14.49 -41.22 -74.64
N PRO J 259 14.25 -40.26 -73.72
CA PRO J 259 15.36 -39.63 -73.01
C PRO J 259 16.18 -40.67 -72.25
N LYS J 260 17.48 -40.72 -72.55
CA LYS J 260 18.38 -41.68 -71.93
C LYS J 260 18.30 -41.76 -70.41
N PHE J 261 18.38 -40.62 -69.73
CA PHE J 261 18.33 -40.60 -68.28
C PHE J 261 17.06 -41.23 -67.71
N MET J 262 15.95 -41.07 -68.43
CA MET J 262 14.68 -41.65 -67.98
C MET J 262 14.67 -43.15 -68.24
N LEU J 263 15.20 -43.55 -69.39
CA LEU J 263 15.26 -44.96 -69.75
C LEU J 263 16.03 -45.72 -68.68
N ASP J 264 17.20 -45.19 -68.31
CA ASP J 264 18.05 -45.81 -67.29
C ASP J 264 17.35 -45.87 -65.94
N TRP J 265 16.61 -44.81 -65.61
CA TRP J 265 15.90 -44.75 -64.34
C TRP J 265 14.85 -45.85 -64.25
N TYR J 266 14.05 -45.97 -65.29
CA TYR J 266 13.00 -46.98 -65.34
C TYR J 266 13.60 -48.38 -65.43
N GLU J 267 14.66 -48.51 -66.22
CA GLU J 267 15.35 -49.79 -66.41
C GLU J 267 15.85 -50.35 -65.09
N ASN J 268 16.43 -49.48 -64.26
CA ASN J 268 16.95 -49.87 -62.96
C ASN J 268 15.82 -50.36 -62.05
N LEU J 269 14.61 -49.88 -62.33
CA LEU J 269 13.43 -50.27 -61.56
C LEU J 269 12.76 -51.49 -62.19
N GLY J 270 13.22 -51.87 -63.38
CA GLY J 270 12.66 -53.02 -64.07
C GLY J 270 11.51 -52.66 -64.98
N TYR J 271 11.58 -51.48 -65.60
CA TYR J 271 10.54 -51.01 -66.50
C TYR J 271 11.12 -50.55 -67.82
N LYS J 272 10.45 -50.90 -68.91
CA LYS J 272 10.88 -50.55 -70.25
C LYS J 272 9.68 -50.37 -71.17
N PRO J 273 9.74 -49.40 -72.08
CA PRO J 273 8.62 -49.16 -73.01
C PRO J 273 8.53 -50.32 -73.99
N PRO J 274 7.32 -50.82 -74.26
CA PRO J 274 7.08 -51.93 -75.19
C PRO J 274 7.34 -51.54 -76.65
N ILE J 275 8.60 -51.26 -76.95
CA ILE J 275 9.00 -50.86 -78.29
C ILE J 275 9.03 -52.01 -79.27
N VAL J 276 8.13 -51.96 -80.25
CA VAL J 276 8.08 -52.98 -81.30
C VAL J 276 8.92 -52.39 -82.42
N ASP J 277 9.74 -53.21 -83.06
CA ASP J 277 10.61 -52.75 -84.14
C ASP J 277 9.87 -51.86 -85.14
N GLY J 278 10.39 -50.66 -85.34
CA GLY J 278 9.79 -49.73 -86.28
C GLY J 278 9.03 -48.60 -85.59
N ASP J 279 8.61 -48.83 -84.35
CA ASP J 279 7.85 -47.85 -83.58
C ASP J 279 8.51 -46.50 -83.46
N MET J 280 9.76 -46.47 -83.00
CA MET J 280 10.47 -45.21 -82.82
C MET J 280 10.54 -44.36 -84.09
N GLU J 281 10.61 -45.03 -85.24
CA GLU J 281 10.66 -44.35 -86.52
C GLU J 281 9.30 -43.75 -86.85
N LEU J 282 8.24 -44.44 -86.42
CA LEU J 282 6.87 -43.98 -86.64
C LEU J 282 6.62 -42.73 -85.80
N ILE J 283 7.15 -42.73 -84.59
CA ILE J 283 6.99 -41.62 -83.65
C ILE J 283 7.86 -40.45 -84.07
N HIS J 284 9.02 -40.74 -84.65
CA HIS J 284 9.98 -39.74 -85.09
C HIS J 284 9.54 -38.96 -86.33
N GLN J 285 8.38 -38.31 -86.24
CA GLN J 285 7.84 -37.52 -87.33
C GLN J 285 7.84 -36.05 -86.94
N PRO J 286 8.38 -35.18 -87.79
CA PRO J 286 8.44 -33.73 -87.55
C PRO J 286 7.08 -33.12 -87.29
N ILE J 287 6.96 -32.38 -86.19
CA ILE J 287 5.71 -31.70 -85.85
C ILE J 287 5.93 -30.20 -86.01
N ASP J 288 4.85 -29.47 -86.26
CA ASP J 288 4.92 -28.04 -86.48
C ASP J 288 5.07 -27.15 -85.25
N PHE J 289 4.68 -27.66 -84.08
CA PHE J 289 4.76 -26.88 -82.85
C PHE J 289 4.64 -27.74 -81.61
N ILE J 290 4.95 -27.14 -80.47
CA ILE J 290 4.84 -27.81 -79.18
C ILE J 290 3.86 -27.00 -78.35
N GLY J 291 2.88 -27.67 -77.77
CA GLY J 291 1.90 -27.01 -76.94
C GLY J 291 2.31 -27.06 -75.49
N ILE J 292 2.62 -25.91 -74.92
CA ILE J 292 3.03 -25.83 -73.53
C ILE J 292 1.84 -25.58 -72.61
N ASN J 293 1.62 -26.50 -71.68
CA ASN J 293 0.55 -26.39 -70.70
C ASN J 293 1.22 -26.13 -69.36
N TYR J 294 1.14 -24.89 -68.89
CA TYR J 294 1.75 -24.51 -67.62
C TYR J 294 0.76 -23.98 -66.59
N TYR J 295 1.00 -24.31 -65.33
CA TYR J 295 0.16 -23.87 -64.22
C TYR J 295 0.98 -23.61 -62.97
N THR J 296 1.98 -24.46 -62.74
CA THR J 296 2.83 -24.34 -61.56
C THR J 296 4.12 -25.15 -61.71
N SER J 297 5.00 -25.00 -60.72
CA SER J 297 6.26 -25.72 -60.66
C SER J 297 6.63 -25.84 -59.20
N SER J 298 7.57 -26.74 -58.89
CA SER J 298 7.97 -26.95 -57.51
C SER J 298 9.47 -26.75 -57.27
N MET J 299 9.89 -27.06 -56.06
CA MET J 299 11.29 -26.95 -55.65
C MET J 299 11.64 -28.34 -55.16
N ASN J 300 12.40 -29.10 -55.94
CA ASN J 300 12.74 -30.46 -55.57
C ASN J 300 14.17 -30.72 -55.16
N ARG J 301 14.37 -31.83 -54.47
CA ARG J 301 15.68 -32.27 -54.02
C ARG J 301 15.72 -33.79 -54.08
N TYR J 302 16.91 -34.33 -54.28
CA TYR J 302 17.09 -35.78 -54.36
C TYR J 302 16.77 -36.42 -53.02
N ASN J 303 16.04 -37.52 -53.05
CA ASN J 303 15.67 -38.24 -51.84
C ASN J 303 15.35 -39.69 -52.18
N PRO J 304 16.27 -40.62 -51.85
CA PRO J 304 16.15 -42.06 -52.10
C PRO J 304 15.04 -42.71 -51.28
N GLY J 305 14.58 -42.03 -50.24
CA GLY J 305 13.52 -42.56 -49.40
C GLY J 305 12.13 -42.41 -49.99
N GLU J 306 11.12 -42.76 -49.21
CA GLU J 306 9.73 -42.67 -49.65
C GLU J 306 9.34 -41.26 -50.05
N ALA J 307 9.87 -40.26 -49.35
CA ALA J 307 9.58 -38.86 -49.63
C ALA J 307 9.95 -38.47 -51.05
N GLY J 308 10.95 -39.14 -51.61
CA GLY J 308 11.37 -38.86 -52.96
C GLY J 308 10.47 -39.49 -54.00
N GLY J 309 9.81 -40.58 -53.61
CA GLY J 309 8.92 -41.28 -54.52
C GLY J 309 9.66 -42.11 -55.54
N MET J 310 8.94 -42.54 -56.58
CA MET J 310 9.51 -43.36 -57.64
C MET J 310 10.68 -42.66 -58.32
N LEU J 311 10.59 -41.34 -58.47
CA LEU J 311 11.64 -40.55 -59.10
C LEU J 311 12.71 -40.10 -58.12
N SER J 312 12.54 -40.45 -56.84
CA SER J 312 13.48 -40.06 -55.80
C SER J 312 13.75 -38.55 -55.87
N SER J 313 12.67 -37.81 -56.06
CA SER J 313 12.73 -36.36 -56.16
C SER J 313 11.64 -35.79 -55.25
N GLU J 314 12.04 -35.36 -54.06
CA GLU J 314 11.11 -34.81 -53.08
C GLU J 314 10.86 -33.33 -53.26
N ALA J 315 9.59 -32.96 -53.32
CA ALA J 315 9.19 -31.57 -53.48
C ALA J 315 9.17 -30.90 -52.10
N ILE J 316 9.65 -29.67 -52.04
CA ILE J 316 9.71 -28.91 -50.80
C ILE J 316 8.91 -27.62 -50.97
N SER J 317 7.96 -27.40 -50.05
CA SER J 317 7.11 -26.23 -50.08
C SER J 317 7.90 -24.93 -50.08
N MET J 318 7.56 -24.03 -50.99
CA MET J 318 8.21 -22.74 -51.09
C MET J 318 7.46 -21.75 -50.19
N GLY J 319 6.34 -22.20 -49.64
CA GLY J 319 5.54 -21.35 -48.77
C GLY J 319 4.83 -20.29 -49.58
N ALA J 320 4.87 -20.45 -50.90
CA ALA J 320 4.27 -19.50 -51.83
C ALA J 320 2.76 -19.55 -51.81
N PRO J 321 2.10 -18.49 -52.32
CA PRO J 321 0.64 -18.44 -52.34
C PRO J 321 0.12 -19.53 -53.26
N LYS J 322 -1.06 -20.05 -52.96
CA LYS J 322 -1.64 -21.11 -53.75
C LYS J 322 -2.99 -20.73 -54.34
N THR J 323 -3.37 -21.42 -55.41
CA THR J 323 -4.65 -21.21 -56.03
C THR J 323 -5.64 -21.99 -55.17
N ASP J 324 -6.93 -21.84 -55.42
CA ASP J 324 -7.94 -22.55 -54.64
C ASP J 324 -7.91 -24.06 -54.77
N ILE J 325 -7.14 -24.57 -55.73
CA ILE J 325 -7.02 -26.01 -55.92
C ILE J 325 -5.75 -26.51 -55.20
N GLY J 326 -5.01 -25.57 -54.60
CA GLY J 326 -3.81 -25.90 -53.85
C GLY J 326 -2.48 -25.85 -54.56
N TRP J 327 -2.43 -25.31 -55.77
CA TRP J 327 -1.18 -25.23 -56.51
C TRP J 327 -0.43 -23.94 -56.24
N GLU J 328 0.87 -24.06 -55.96
CA GLU J 328 1.68 -22.88 -55.68
C GLU J 328 1.85 -22.02 -56.93
N ILE J 329 1.95 -20.72 -56.72
CA ILE J 329 2.13 -19.78 -57.82
C ILE J 329 3.61 -19.52 -58.03
N TYR J 330 4.14 -19.96 -59.17
CA TYR J 330 5.54 -19.75 -59.49
C TYR J 330 5.59 -19.36 -60.96
N ALA J 331 5.22 -18.11 -61.23
CA ALA J 331 5.18 -17.56 -62.59
C ALA J 331 6.47 -17.71 -63.37
N GLU J 332 7.60 -17.58 -62.68
CA GLU J 332 8.90 -17.68 -63.32
C GLU J 332 9.12 -19.04 -63.96
N GLY J 333 8.39 -20.04 -63.49
CA GLY J 333 8.50 -21.38 -64.03
C GLY J 333 8.09 -21.44 -65.49
N LEU J 334 7.18 -20.56 -65.89
CA LEU J 334 6.71 -20.51 -67.27
C LEU J 334 7.90 -20.17 -68.16
N TYR J 335 8.61 -19.10 -67.81
CA TYR J 335 9.77 -18.65 -68.56
C TYR J 335 10.83 -19.74 -68.59
N ASP J 336 11.09 -20.36 -67.43
CA ASP J 336 12.07 -21.42 -67.32
C ASP J 336 11.75 -22.60 -68.23
N LEU J 337 10.48 -23.00 -68.26
CA LEU J 337 10.03 -24.11 -69.08
C LEU J 337 10.15 -23.79 -70.56
N LEU J 338 9.73 -22.59 -70.94
CA LEU J 338 9.81 -22.16 -72.33
C LEU J 338 11.26 -22.08 -72.78
N ARG J 339 12.12 -21.58 -71.89
CA ARG J 339 13.55 -21.46 -72.17
C ARG J 339 14.15 -22.84 -72.38
N TYR J 340 13.80 -23.77 -71.50
CA TYR J 340 14.30 -25.14 -71.57
C TYR J 340 13.90 -25.80 -72.89
N THR J 341 12.62 -25.71 -73.22
CA THR J 341 12.08 -26.30 -74.43
C THR J 341 12.71 -25.68 -75.68
N ALA J 342 12.90 -24.36 -75.65
CA ALA J 342 13.50 -23.64 -76.76
C ALA J 342 14.94 -24.08 -76.98
N ASP J 343 15.69 -24.26 -75.90
CA ASP J 343 17.08 -24.67 -76.00
C ASP J 343 17.23 -26.09 -76.53
N LYS J 344 16.54 -27.03 -75.88
CA LYS J 344 16.62 -28.43 -76.24
C LYS J 344 16.06 -28.85 -77.59
N TYR J 345 14.90 -28.31 -77.96
CA TYR J 345 14.26 -28.69 -79.21
C TYR J 345 14.47 -27.78 -80.42
N GLY J 346 15.52 -26.96 -80.38
CA GLY J 346 15.82 -26.08 -81.48
C GLY J 346 14.90 -24.89 -81.67
N ASN J 347 14.39 -24.37 -80.57
CA ASN J 347 13.50 -23.20 -80.57
C ASN J 347 12.37 -23.33 -81.57
N PRO J 348 11.56 -24.40 -81.45
CA PRO J 348 10.44 -24.59 -82.37
C PRO J 348 9.30 -23.64 -82.03
N THR J 349 8.26 -23.65 -82.87
CA THR J 349 7.10 -22.80 -82.62
C THR J 349 6.45 -23.30 -81.34
N LEU J 350 6.17 -22.38 -80.42
CA LEU J 350 5.55 -22.72 -79.16
C LEU J 350 4.23 -21.98 -78.98
N TYR J 351 3.26 -22.68 -78.41
CA TYR J 351 1.94 -22.12 -78.14
C TYR J 351 1.59 -22.52 -76.71
N ILE J 352 1.28 -21.55 -75.86
CA ILE J 352 0.87 -21.89 -74.51
C ILE J 352 -0.58 -22.32 -74.68
N THR J 353 -0.77 -23.62 -74.81
CA THR J 353 -2.09 -24.20 -75.03
C THR J 353 -2.98 -24.27 -73.79
N GLU J 354 -2.41 -23.99 -72.62
CA GLU J 354 -3.14 -23.99 -71.36
C GLU J 354 -2.38 -23.23 -70.27
N ASN J 355 -3.09 -22.32 -69.61
CA ASN J 355 -2.53 -21.54 -68.50
C ASN J 355 -3.65 -20.77 -67.83
N GLY J 356 -3.90 -21.09 -66.57
CA GLY J 356 -4.94 -20.43 -65.82
C GLY J 356 -4.84 -20.76 -64.35
N ALA J 357 -5.75 -20.20 -63.57
CA ALA J 357 -5.75 -20.43 -62.13
C ALA J 357 -7.10 -20.90 -61.65
N CYS J 358 -7.09 -21.71 -60.60
CA CYS J 358 -8.32 -22.19 -60.03
C CYS J 358 -8.71 -21.29 -58.88
N TYR J 359 -9.73 -20.47 -59.10
CA TYR J 359 -10.23 -19.58 -58.08
C TYR J 359 -11.74 -19.72 -58.08
N ASN J 360 -12.27 -20.18 -56.96
CA ASN J 360 -13.69 -20.42 -56.80
C ASN J 360 -14.61 -19.24 -56.54
N ASP J 361 -14.19 -18.04 -56.92
CA ASP J 361 -14.99 -16.85 -56.73
C ASP J 361 -16.35 -16.99 -57.38
N GLY J 362 -17.39 -16.64 -56.64
CA GLY J 362 -18.74 -16.72 -57.18
C GLY J 362 -19.26 -15.31 -57.37
N LEU J 363 -20.55 -15.18 -57.64
CA LEU J 363 -21.16 -13.87 -57.82
C LEU J 363 -21.34 -13.15 -56.50
N SER J 364 -20.98 -11.87 -56.49
CA SER J 364 -21.16 -11.04 -55.30
C SER J 364 -22.58 -10.50 -55.46
N LEU J 365 -23.10 -9.82 -54.43
CA LEU J 365 -24.45 -9.27 -54.53
C LEU J 365 -24.44 -8.20 -55.62
N ASP J 366 -23.24 -7.84 -56.03
CA ASP J 366 -22.95 -6.87 -57.09
C ASP J 366 -23.54 -7.43 -58.38
N GLY J 367 -23.52 -8.75 -58.50
CA GLY J 367 -24.02 -9.43 -59.68
C GLY J 367 -22.85 -9.86 -60.55
N ARG J 368 -21.66 -9.45 -60.15
CA ARG J 368 -20.44 -9.76 -60.87
C ARG J 368 -19.47 -10.60 -60.05
N ILE J 369 -18.50 -11.20 -60.72
CA ILE J 369 -17.49 -12.03 -60.07
C ILE J 369 -16.19 -11.24 -60.05
N HIS J 370 -15.82 -10.75 -58.87
CA HIS J 370 -14.60 -9.95 -58.73
C HIS J 370 -13.41 -10.83 -58.43
N ASP J 371 -12.98 -11.59 -59.43
CA ASP J 371 -11.85 -12.50 -59.28
C ASP J 371 -10.49 -11.86 -59.56
N GLN J 372 -10.13 -10.85 -58.76
CA GLN J 372 -8.85 -10.17 -58.93
C GLN J 372 -7.68 -11.14 -58.87
N ARG J 373 -7.82 -12.19 -58.07
CA ARG J 373 -6.77 -13.18 -57.92
C ARG J 373 -6.44 -13.87 -59.24
N ARG J 374 -7.45 -14.08 -60.07
CA ARG J 374 -7.24 -14.72 -61.37
C ARG J 374 -6.54 -13.73 -62.28
N ILE J 375 -6.95 -12.47 -62.21
CA ILE J 375 -6.35 -11.42 -63.02
C ILE J 375 -4.88 -11.29 -62.69
N ASP J 376 -4.57 -11.26 -61.39
CA ASP J 376 -3.19 -11.14 -60.94
C ASP J 376 -2.35 -12.30 -61.41
N TYR J 377 -2.90 -13.51 -61.31
CA TYR J 377 -2.19 -14.72 -61.74
C TYR J 377 -1.88 -14.65 -63.23
N LEU J 378 -2.91 -14.41 -64.04
CA LEU J 378 -2.75 -14.32 -65.47
C LEU J 378 -1.74 -13.26 -65.85
N ALA J 379 -1.87 -12.08 -65.23
CA ALA J 379 -0.96 -10.97 -65.50
C ALA J 379 0.50 -11.35 -65.27
N MET J 380 0.76 -12.01 -64.13
CA MET J 380 2.11 -12.44 -63.80
C MET J 380 2.69 -13.38 -64.85
N HIS J 381 1.86 -14.31 -65.31
CA HIS J 381 2.30 -15.28 -66.31
C HIS J 381 2.44 -14.70 -67.70
N LEU J 382 1.60 -13.72 -68.03
CA LEU J 382 1.69 -13.07 -69.34
C LEU J 382 2.96 -12.22 -69.37
N ILE J 383 3.39 -11.76 -68.20
CA ILE J 383 4.61 -10.97 -68.09
C ILE J 383 5.80 -11.89 -68.40
N GLN J 384 5.70 -13.15 -67.97
CA GLN J 384 6.74 -14.13 -68.22
C GLN J 384 6.71 -14.55 -69.68
N ALA J 385 5.51 -14.56 -70.26
CA ALA J 385 5.34 -14.93 -71.66
C ALA J 385 6.00 -13.86 -72.54
N SER J 386 5.77 -12.60 -72.18
CA SER J 386 6.36 -11.48 -72.91
C SER J 386 7.88 -11.51 -72.75
N ARG J 387 8.32 -11.90 -71.55
CA ARG J 387 9.74 -12.01 -71.23
C ARG J 387 10.40 -13.01 -72.17
N ALA J 388 9.74 -14.15 -72.35
CA ALA J 388 10.24 -15.22 -73.21
C ALA J 388 10.39 -14.74 -74.65
N ILE J 389 9.40 -13.99 -75.12
CA ILE J 389 9.42 -13.45 -76.47
C ILE J 389 10.58 -12.46 -76.61
N GLU J 390 10.78 -11.65 -75.58
CA GLU J 390 11.86 -10.68 -75.55
C GLU J 390 13.20 -11.40 -75.51
N ASP J 391 13.19 -12.61 -74.95
CA ASP J 391 14.40 -13.42 -74.81
C ASP J 391 14.63 -14.32 -76.04
N GLY J 392 14.00 -13.97 -77.16
CA GLY J 392 14.17 -14.73 -78.38
C GLY J 392 13.47 -16.06 -78.55
N ILE J 393 12.65 -16.46 -77.59
CA ILE J 393 11.93 -17.73 -77.68
C ILE J 393 10.76 -17.57 -78.66
N ASN J 394 10.53 -18.59 -79.49
CA ASN J 394 9.46 -18.55 -80.48
C ASN J 394 8.06 -18.84 -79.94
N LEU J 395 7.59 -18.01 -79.02
CA LEU J 395 6.26 -18.16 -78.47
C LEU J 395 5.33 -17.40 -79.40
N LYS J 396 4.49 -18.12 -80.13
CA LYS J 396 3.58 -17.51 -81.08
C LYS J 396 2.14 -17.32 -80.61
N GLY J 397 1.81 -17.82 -79.43
CA GLY J 397 0.46 -17.67 -78.94
C GLY J 397 0.22 -18.08 -77.50
N TYR J 398 -0.89 -17.61 -76.95
CA TYR J 398 -1.27 -17.89 -75.57
C TYR J 398 -2.77 -18.18 -75.52
N MET J 399 -3.13 -19.27 -74.86
CA MET J 399 -4.53 -19.67 -74.73
C MET J 399 -4.78 -19.98 -73.27
N GLU J 400 -5.43 -19.06 -72.56
CA GLU J 400 -5.70 -19.26 -71.15
C GLU J 400 -6.69 -20.39 -70.95
N TRP J 401 -6.43 -21.22 -69.94
CA TRP J 401 -7.28 -22.37 -69.69
C TRP J 401 -8.68 -22.08 -69.15
N SER J 402 -9.63 -22.68 -69.85
CA SER J 402 -11.04 -22.63 -69.56
C SER J 402 -11.72 -21.30 -69.82
N LEU J 403 -12.56 -21.30 -70.86
CA LEU J 403 -13.33 -20.12 -71.23
C LEU J 403 -14.36 -19.91 -70.13
N MET J 404 -14.91 -21.02 -69.63
CA MET J 404 -15.91 -20.99 -68.59
C MET J 404 -15.66 -22.10 -67.59
N ASP J 405 -16.20 -21.96 -66.37
CA ASP J 405 -16.03 -22.97 -65.34
C ASP J 405 -16.62 -24.26 -65.89
N ASN J 406 -15.96 -25.38 -65.62
CA ASN J 406 -16.42 -26.67 -66.12
C ASN J 406 -16.19 -27.84 -65.17
N PHE J 407 -16.41 -29.05 -65.68
CA PHE J 407 -16.22 -30.28 -64.93
C PHE J 407 -14.73 -30.50 -64.77
N GLU J 408 -14.21 -30.22 -63.57
CA GLU J 408 -12.80 -30.37 -63.30
C GLU J 408 -12.39 -31.80 -62.94
N TRP J 409 -12.70 -32.72 -63.85
CA TRP J 409 -12.38 -34.14 -63.70
C TRP J 409 -12.68 -34.74 -62.34
N ALA J 410 -11.70 -35.31 -61.67
CA ALA J 410 -11.89 -35.93 -60.36
C ALA J 410 -12.36 -34.95 -59.28
N GLU J 411 -12.07 -33.66 -59.50
CA GLU J 411 -12.48 -32.62 -58.56
C GLU J 411 -13.95 -32.25 -58.70
N GLY J 412 -14.58 -32.74 -59.76
CA GLY J 412 -15.98 -32.44 -59.97
C GLY J 412 -16.13 -30.99 -60.42
N TYR J 413 -17.22 -30.36 -60.02
CA TYR J 413 -17.49 -28.97 -60.39
C TYR J 413 -17.00 -27.93 -59.38
N GLY J 414 -16.51 -28.40 -58.24
CA GLY J 414 -16.05 -27.50 -57.19
C GLY J 414 -14.92 -26.54 -57.51
N MET J 415 -13.99 -26.96 -58.37
CA MET J 415 -12.86 -26.10 -58.74
C MET J 415 -13.17 -25.33 -60.02
N ARG J 416 -13.09 -24.00 -59.95
CA ARG J 416 -13.37 -23.13 -61.08
C ARG J 416 -12.13 -22.53 -61.75
N PHE J 417 -11.96 -22.82 -63.04
CA PHE J 417 -10.82 -22.34 -63.82
C PHE J 417 -11.18 -21.33 -64.90
N GLY J 418 -12.47 -21.10 -65.13
CA GLY J 418 -12.89 -20.22 -66.20
C GLY J 418 -12.94 -18.71 -66.03
N LEU J 419 -13.03 -18.04 -67.18
CA LEU J 419 -13.13 -16.59 -67.26
C LEU J 419 -14.61 -16.24 -67.16
N VAL J 420 -15.47 -17.22 -67.45
CA VAL J 420 -16.91 -17.05 -67.40
C VAL J 420 -17.46 -17.96 -66.31
N HIS J 421 -18.19 -17.38 -65.37
CA HIS J 421 -18.79 -18.13 -64.28
C HIS J 421 -20.01 -18.91 -64.75
N VAL J 422 -20.07 -20.18 -64.38
CA VAL J 422 -21.19 -21.03 -64.76
C VAL J 422 -21.86 -21.56 -63.50
N ASP J 423 -23.13 -21.25 -63.32
CA ASP J 423 -23.88 -21.73 -62.17
C ASP J 423 -24.41 -23.08 -62.64
N TYR J 424 -23.84 -24.16 -62.13
CA TYR J 424 -24.23 -25.51 -62.53
C TYR J 424 -25.67 -25.93 -62.27
N ASP J 425 -26.34 -25.23 -61.37
CA ASP J 425 -27.73 -25.56 -61.06
C ASP J 425 -28.68 -24.92 -62.07
N THR J 426 -28.36 -23.70 -62.47
CA THR J 426 -29.18 -22.96 -63.42
C THR J 426 -28.55 -22.83 -64.81
N LEU J 427 -27.30 -23.31 -64.92
CA LEU J 427 -26.53 -23.26 -66.16
C LEU J 427 -26.36 -21.84 -66.72
N VAL J 428 -26.58 -20.85 -65.87
CA VAL J 428 -26.44 -19.45 -66.28
C VAL J 428 -24.97 -19.07 -66.31
N ARG J 429 -24.58 -18.41 -67.40
CA ARG J 429 -23.19 -17.98 -67.58
C ARG J 429 -23.04 -16.48 -67.36
N THR J 430 -22.09 -16.11 -66.51
CA THR J 430 -21.83 -14.71 -66.19
C THR J 430 -20.34 -14.42 -66.35
N PRO J 431 -19.97 -13.52 -67.27
CA PRO J 431 -18.56 -13.20 -67.46
C PRO J 431 -17.97 -12.59 -66.20
N LYS J 432 -16.83 -13.13 -65.77
CA LYS J 432 -16.14 -12.65 -64.57
C LYS J 432 -15.33 -11.40 -64.92
N ASP J 433 -14.73 -10.77 -63.91
CA ASP J 433 -13.91 -9.58 -64.14
C ASP J 433 -12.70 -9.93 -64.98
N SER J 434 -12.19 -11.15 -64.81
CA SER J 434 -11.03 -11.63 -65.56
C SER J 434 -11.34 -11.69 -67.05
N PHE J 435 -12.59 -11.97 -67.38
CA PHE J 435 -13.03 -12.04 -68.77
C PHE J 435 -12.80 -10.69 -69.44
N TYR J 436 -13.36 -9.65 -68.82
CA TYR J 436 -13.24 -8.29 -69.33
C TYR J 436 -11.79 -7.82 -69.32
N TRP J 437 -11.01 -8.29 -68.34
CA TRP J 437 -9.61 -7.92 -68.25
C TRP J 437 -8.84 -8.51 -69.41
N TYR J 438 -8.98 -9.84 -69.60
CA TYR J 438 -8.30 -10.54 -70.68
C TYR J 438 -8.69 -9.95 -72.02
N LYS J 439 -9.96 -9.56 -72.14
CA LYS J 439 -10.48 -8.96 -73.35
C LYS J 439 -9.66 -7.72 -73.69
N GLY J 440 -9.41 -6.91 -72.67
CA GLY J 440 -8.63 -5.69 -72.85
C GLY J 440 -7.19 -5.96 -73.25
N VAL J 441 -6.60 -7.00 -72.67
CA VAL J 441 -5.22 -7.36 -72.97
C VAL J 441 -5.12 -7.77 -74.44
N ILE J 442 -6.09 -8.56 -74.90
CA ILE J 442 -6.14 -9.02 -76.28
C ILE J 442 -6.29 -7.84 -77.23
N SER J 443 -7.16 -6.91 -76.85
CA SER J 443 -7.42 -5.72 -77.66
C SER J 443 -6.19 -4.84 -77.81
N ARG J 444 -5.53 -4.54 -76.69
CA ARG J 444 -4.35 -3.70 -76.68
C ARG J 444 -3.15 -4.39 -77.33
N GLY J 445 -2.91 -5.64 -76.95
CA GLY J 445 -1.78 -6.38 -77.47
C GLY J 445 -0.59 -6.23 -76.55
N TRP J 446 -0.79 -5.49 -75.46
CA TRP J 446 0.26 -5.25 -74.48
C TRP J 446 -0.34 -5.20 -73.08
N LEU J 447 0.51 -5.08 -72.08
CA LEU J 447 0.03 -5.05 -70.70
C LEU J 447 0.76 -4.00 -69.88
N ASP J 448 0.00 -3.08 -69.29
CA ASP J 448 0.56 -2.03 -68.45
C ASP J 448 0.44 -2.45 -67.00
N LEU J 449 1.45 -3.15 -66.51
CA LEU J 449 1.46 -3.67 -65.15
C LEU J 449 2.83 -3.42 -64.51
N SER K 1 -18.86 -41.84 -47.48
CA SER K 1 -19.31 -43.26 -47.56
C SER K 1 -20.44 -43.35 -48.59
N ILE K 2 -20.34 -44.32 -49.50
CA ILE K 2 -21.34 -44.49 -50.54
C ILE K 2 -22.53 -45.35 -50.15
N HIS K 3 -23.70 -44.71 -50.15
CA HIS K 3 -24.96 -45.35 -49.79
C HIS K 3 -25.68 -45.61 -51.11
N MET K 4 -25.64 -46.87 -51.53
CA MET K 4 -26.24 -47.31 -52.79
C MET K 4 -27.74 -47.58 -52.72
N PHE K 5 -28.39 -47.42 -53.85
CA PHE K 5 -29.82 -47.67 -54.01
C PHE K 5 -30.02 -48.50 -55.26
N PRO K 6 -30.98 -49.45 -55.23
CA PRO K 6 -31.28 -50.32 -56.36
C PRO K 6 -31.55 -49.55 -57.65
N SER K 7 -31.18 -50.14 -58.77
CA SER K 7 -31.36 -49.52 -60.08
C SER K 7 -32.83 -49.19 -60.35
N ASP K 8 -33.73 -50.08 -59.92
CA ASP K 8 -35.16 -49.91 -60.11
C ASP K 8 -35.85 -49.19 -58.94
N PHE K 9 -35.09 -48.45 -58.15
CA PHE K 9 -35.64 -47.73 -57.00
C PHE K 9 -36.52 -46.60 -57.50
N LYS K 10 -37.73 -46.49 -56.93
CA LYS K 10 -38.67 -45.46 -57.33
C LYS K 10 -38.50 -44.16 -56.56
N TRP K 11 -37.77 -43.23 -57.17
CA TRP K 11 -37.54 -41.92 -56.59
C TRP K 11 -38.73 -41.03 -56.90
N GLY K 12 -39.25 -40.36 -55.88
CA GLY K 12 -40.39 -39.50 -56.10
C GLY K 12 -40.53 -38.38 -55.09
N VAL K 13 -41.65 -37.66 -55.22
CA VAL K 13 -41.98 -36.54 -54.35
C VAL K 13 -43.50 -36.54 -54.22
N ALA K 14 -44.02 -35.97 -53.13
CA ALA K 14 -45.47 -35.97 -52.93
C ALA K 14 -46.10 -34.64 -52.53
N THR K 15 -47.40 -34.54 -52.77
CA THR K 15 -48.20 -33.36 -52.45
C THR K 15 -49.59 -33.83 -52.01
N ALA K 16 -50.46 -32.89 -51.70
CA ALA K 16 -51.83 -33.21 -51.30
C ALA K 16 -52.77 -32.16 -51.87
N ALA K 17 -53.92 -32.61 -52.36
CA ALA K 17 -54.93 -31.77 -52.98
C ALA K 17 -55.18 -30.41 -52.31
N TYR K 18 -55.77 -30.43 -51.11
CA TYR K 18 -56.09 -29.19 -50.42
C TYR K 18 -54.88 -28.33 -50.05
N GLN K 19 -53.71 -28.96 -49.99
CA GLN K 19 -52.50 -28.24 -49.62
C GLN K 19 -51.88 -27.40 -50.75
N ILE K 20 -52.10 -27.80 -52.00
CA ILE K 20 -51.51 -27.07 -53.13
C ILE K 20 -52.45 -26.56 -54.21
N GLU K 21 -53.52 -27.29 -54.49
CA GLU K 21 -54.47 -26.93 -55.55
C GLU K 21 -55.05 -25.53 -55.61
N GLY K 22 -55.75 -25.12 -54.57
CA GLY K 22 -56.37 -23.81 -54.58
C GLY K 22 -57.65 -23.93 -55.38
N ALA K 23 -58.19 -22.82 -55.84
CA ALA K 23 -59.43 -22.82 -56.63
C ALA K 23 -60.48 -23.69 -55.95
N TYR K 24 -60.64 -23.48 -54.64
CA TYR K 24 -61.57 -24.24 -53.82
C TYR K 24 -63.03 -24.04 -54.22
N ASN K 25 -63.34 -22.84 -54.73
CA ASN K 25 -64.70 -22.50 -55.12
C ASN K 25 -64.81 -22.32 -56.62
N GLU K 26 -64.13 -23.18 -57.38
CA GLU K 26 -64.16 -23.09 -58.84
C GLU K 26 -64.56 -24.38 -59.51
N ASP K 27 -65.07 -24.23 -60.74
CA ASP K 27 -65.49 -25.35 -61.56
C ASP K 27 -66.35 -26.38 -60.83
N GLY K 28 -67.27 -25.87 -60.00
CA GLY K 28 -68.17 -26.73 -59.27
C GLY K 28 -67.63 -27.58 -58.13
N ARG K 29 -66.49 -27.19 -57.56
CA ARG K 29 -65.92 -27.95 -56.46
C ARG K 29 -66.74 -27.72 -55.20
N GLY K 30 -67.05 -28.81 -54.51
CA GLY K 30 -67.81 -28.71 -53.28
C GLY K 30 -66.87 -28.45 -52.12
N MET K 31 -67.40 -27.93 -51.02
CA MET K 31 -66.58 -27.66 -49.84
C MET K 31 -66.23 -28.96 -49.13
N SER K 32 -65.06 -28.98 -48.51
CA SER K 32 -64.62 -30.15 -47.76
C SER K 32 -64.61 -29.74 -46.29
N ILE K 33 -64.37 -30.70 -45.40
CA ILE K 33 -64.33 -30.39 -43.98
C ILE K 33 -63.21 -29.42 -43.67
N TRP K 34 -62.17 -29.41 -44.52
CA TRP K 34 -61.04 -28.51 -44.33
C TRP K 34 -61.32 -27.09 -44.79
N ASP K 35 -62.19 -26.94 -45.78
CA ASP K 35 -62.55 -25.61 -46.25
C ASP K 35 -63.31 -24.96 -45.09
N THR K 36 -64.22 -25.74 -44.51
CA THR K 36 -65.03 -25.30 -43.39
C THR K 36 -64.16 -24.98 -42.19
N PHE K 37 -63.29 -25.93 -41.83
CA PHE K 37 -62.39 -25.80 -40.69
C PHE K 37 -61.51 -24.56 -40.81
N ALA K 38 -60.84 -24.43 -41.95
CA ALA K 38 -59.95 -23.31 -42.21
C ALA K 38 -60.68 -21.97 -42.19
N HIS K 39 -61.93 -21.97 -42.63
CA HIS K 39 -62.73 -20.75 -42.64
C HIS K 39 -63.25 -20.39 -41.25
N THR K 40 -63.18 -21.34 -40.33
CA THR K 40 -63.64 -21.11 -38.96
C THR K 40 -62.58 -20.35 -38.17
N PRO K 41 -62.93 -19.17 -37.64
CA PRO K 41 -62.02 -18.34 -36.87
C PRO K 41 -61.38 -19.10 -35.70
N GLY K 42 -60.06 -19.01 -35.60
CA GLY K 42 -59.35 -19.67 -34.53
C GLY K 42 -58.93 -21.11 -34.76
N LYS K 43 -59.36 -21.71 -35.86
CA LYS K 43 -59.02 -23.09 -36.15
C LYS K 43 -57.65 -23.24 -36.81
N VAL K 44 -57.31 -22.29 -37.68
CA VAL K 44 -56.01 -22.33 -38.35
C VAL K 44 -55.21 -21.08 -38.01
N LYS K 45 -53.90 -21.24 -37.88
CA LYS K 45 -53.01 -20.15 -37.53
C LYS K 45 -53.12 -18.99 -38.52
N ASN K 46 -53.30 -17.79 -37.98
CA ASN K 46 -53.43 -16.55 -38.75
C ASN K 46 -54.70 -16.48 -39.59
N GLY K 47 -55.51 -17.53 -39.55
CA GLY K 47 -56.74 -17.55 -40.33
C GLY K 47 -56.48 -17.96 -41.76
N ASP K 48 -55.39 -18.70 -41.97
CA ASP K 48 -55.02 -19.17 -43.30
C ASP K 48 -55.95 -20.27 -43.77
N ASN K 49 -56.05 -20.43 -45.09
CA ASN K 49 -56.91 -21.44 -45.70
C ASN K 49 -56.38 -21.84 -47.07
N GLY K 50 -56.84 -22.98 -47.57
CA GLY K 50 -56.40 -23.45 -48.87
C GLY K 50 -57.18 -22.90 -50.05
N ASN K 51 -57.72 -21.69 -49.91
CA ASN K 51 -58.49 -21.06 -50.98
C ASN K 51 -57.65 -20.96 -52.25
N VAL K 52 -56.42 -20.47 -52.11
CA VAL K 52 -55.51 -20.30 -53.24
C VAL K 52 -54.34 -21.26 -53.15
N ALA K 53 -53.77 -21.38 -51.95
CA ALA K 53 -52.62 -22.26 -51.71
C ALA K 53 -51.48 -21.96 -52.69
N CYS K 54 -51.15 -22.94 -53.55
CA CYS K 54 -50.08 -22.76 -54.53
C CYS K 54 -50.67 -22.56 -55.93
N ASP K 55 -52.00 -22.59 -56.00
CA ASP K 55 -52.74 -22.40 -57.24
C ASP K 55 -52.40 -23.46 -58.29
N SER K 56 -52.02 -24.65 -57.83
CA SER K 56 -51.66 -25.74 -58.72
C SER K 56 -52.79 -26.18 -59.64
N TYR K 57 -54.01 -25.80 -59.32
CA TYR K 57 -55.17 -26.15 -60.13
C TYR K 57 -55.07 -25.47 -61.50
N HIS K 58 -54.45 -24.29 -61.50
CA HIS K 58 -54.27 -23.51 -62.72
C HIS K 58 -52.84 -23.59 -63.22
N ARG K 59 -52.01 -24.40 -62.57
CA ARG K 59 -50.61 -24.50 -62.94
C ARG K 59 -50.11 -25.93 -63.14
N VAL K 60 -50.88 -26.71 -63.91
CA VAL K 60 -50.52 -28.10 -64.20
C VAL K 60 -49.16 -28.15 -64.89
N GLU K 61 -48.98 -27.29 -65.87
CA GLU K 61 -47.75 -27.21 -66.64
C GLU K 61 -46.55 -26.90 -65.75
N GLU K 62 -46.73 -25.94 -64.85
CA GLU K 62 -45.67 -25.54 -63.93
C GLU K 62 -45.30 -26.67 -62.97
N ASP K 63 -46.31 -27.37 -62.46
CA ASP K 63 -46.10 -28.49 -61.54
C ASP K 63 -45.26 -29.56 -62.22
N VAL K 64 -45.71 -30.01 -63.37
CA VAL K 64 -45.02 -31.04 -64.13
C VAL K 64 -43.62 -30.63 -64.52
N GLN K 65 -43.42 -29.35 -64.79
CA GLN K 65 -42.10 -28.85 -65.16
C GLN K 65 -41.13 -29.03 -64.01
N LEU K 66 -41.59 -28.72 -62.80
CA LEU K 66 -40.77 -28.88 -61.60
C LEU K 66 -40.42 -30.35 -61.45
N LEU K 67 -41.41 -31.20 -61.71
CA LEU K 67 -41.25 -32.64 -61.60
C LEU K 67 -40.23 -33.22 -62.56
N LYS K 68 -40.26 -32.77 -63.82
CA LYS K 68 -39.29 -33.27 -64.78
C LYS K 68 -37.91 -32.67 -64.57
N ASP K 69 -37.88 -31.47 -63.98
CA ASP K 69 -36.61 -30.81 -63.69
C ASP K 69 -35.94 -31.56 -62.53
N LEU K 70 -36.75 -32.03 -61.59
CA LEU K 70 -36.26 -32.77 -60.43
C LEU K 70 -35.77 -34.15 -60.84
N GLY K 71 -36.29 -34.65 -61.96
CA GLY K 71 -35.90 -35.97 -62.45
C GLY K 71 -36.62 -37.09 -61.74
N VAL K 72 -37.71 -36.74 -61.08
CA VAL K 72 -38.53 -37.69 -60.34
C VAL K 72 -39.16 -38.75 -61.24
N LYS K 73 -39.17 -39.99 -60.76
CA LYS K 73 -39.73 -41.11 -61.52
C LYS K 73 -41.17 -41.38 -61.10
N VAL K 74 -41.53 -40.95 -59.90
CA VAL K 74 -42.88 -41.15 -59.38
C VAL K 74 -43.37 -39.88 -58.72
N TYR K 75 -44.65 -39.56 -58.92
CA TYR K 75 -45.24 -38.37 -58.32
C TYR K 75 -46.49 -38.79 -57.56
N ARG K 76 -46.50 -38.56 -56.26
CA ARG K 76 -47.65 -38.91 -55.44
C ARG K 76 -48.50 -37.67 -55.17
N PHE K 77 -49.76 -37.75 -55.53
CA PHE K 77 -50.71 -36.65 -55.34
C PHE K 77 -52.03 -37.26 -54.89
N SER K 78 -52.97 -36.42 -54.46
CA SER K 78 -54.27 -36.92 -54.04
C SER K 78 -55.41 -36.30 -54.83
N ILE K 79 -56.54 -36.99 -54.83
CA ILE K 79 -57.73 -36.53 -55.54
C ILE K 79 -58.64 -35.83 -54.54
N SER K 80 -59.09 -34.63 -54.88
CA SER K 80 -60.01 -33.89 -54.02
C SER K 80 -61.40 -34.46 -54.24
N TRP K 81 -61.86 -35.25 -53.28
CA TRP K 81 -63.17 -35.88 -53.34
C TRP K 81 -64.29 -34.89 -53.72
N PRO K 82 -64.38 -33.73 -53.04
CA PRO K 82 -65.41 -32.75 -53.35
C PRO K 82 -65.31 -32.15 -54.75
N ARG K 83 -64.16 -32.32 -55.39
CA ARG K 83 -63.96 -31.78 -56.73
C ARG K 83 -64.53 -32.69 -57.82
N VAL K 84 -64.63 -33.99 -57.53
CA VAL K 84 -65.18 -34.94 -58.49
C VAL K 84 -66.62 -35.33 -58.15
N LEU K 85 -66.95 -35.26 -56.87
CA LEU K 85 -68.29 -35.55 -56.36
C LEU K 85 -68.52 -34.51 -55.27
N PRO K 86 -68.99 -33.31 -55.67
CA PRO K 86 -69.28 -32.19 -54.77
C PRO K 86 -70.09 -32.53 -53.52
N GLN K 87 -71.01 -33.47 -53.66
CA GLN K 87 -71.85 -33.89 -52.54
C GLN K 87 -71.35 -35.19 -51.91
N GLY K 88 -70.20 -35.66 -52.40
CA GLY K 88 -69.62 -36.89 -51.89
C GLY K 88 -70.18 -38.09 -52.61
N THR K 89 -71.37 -37.93 -53.16
CA THR K 89 -72.06 -38.99 -53.87
C THR K 89 -73.03 -38.38 -54.89
N GLY K 90 -73.40 -39.17 -55.89
CA GLY K 90 -74.34 -38.71 -56.89
C GLY K 90 -73.73 -37.99 -58.08
N GLU K 91 -74.11 -36.73 -58.26
CA GLU K 91 -73.66 -35.91 -59.38
C GLU K 91 -72.14 -35.84 -59.51
N VAL K 92 -71.66 -36.23 -60.69
CA VAL K 92 -70.23 -36.23 -60.98
C VAL K 92 -69.82 -34.91 -61.64
N ASN K 93 -68.85 -34.23 -61.04
CA ASN K 93 -68.34 -32.97 -61.57
C ASN K 93 -67.22 -33.26 -62.55
N ARG K 94 -67.56 -33.33 -63.83
CA ARG K 94 -66.59 -33.63 -64.89
C ARG K 94 -65.45 -32.61 -65.00
N ALA K 95 -65.72 -31.37 -64.61
CA ALA K 95 -64.70 -30.33 -64.66
C ALA K 95 -63.53 -30.70 -63.74
N GLY K 96 -63.86 -31.31 -62.61
CA GLY K 96 -62.84 -31.73 -61.66
C GLY K 96 -62.03 -32.88 -62.21
N LEU K 97 -62.73 -33.89 -62.74
CA LEU K 97 -62.07 -35.05 -63.33
C LEU K 97 -61.17 -34.64 -64.50
N ASP K 98 -61.58 -33.61 -65.22
CA ASP K 98 -60.80 -33.10 -66.36
C ASP K 98 -59.42 -32.67 -65.89
N TYR K 99 -59.38 -31.99 -64.75
CA TYR K 99 -58.12 -31.51 -64.18
C TYR K 99 -57.18 -32.68 -63.89
N TYR K 100 -57.69 -33.68 -63.19
CA TYR K 100 -56.87 -34.84 -62.85
C TYR K 100 -56.42 -35.61 -64.07
N HIS K 101 -57.26 -35.65 -65.11
CA HIS K 101 -56.90 -36.33 -66.34
C HIS K 101 -55.78 -35.55 -67.03
N ARG K 102 -55.88 -34.23 -67.02
CA ARG K 102 -54.89 -33.36 -67.64
C ARG K 102 -53.54 -33.52 -66.93
N LEU K 103 -53.58 -33.59 -65.60
CA LEU K 103 -52.39 -33.75 -64.79
C LEU K 103 -51.74 -35.10 -65.08
N VAL K 104 -52.52 -36.17 -64.97
CA VAL K 104 -52.04 -37.52 -65.22
C VAL K 104 -51.46 -37.67 -66.63
N ASP K 105 -52.12 -37.05 -67.60
CA ASP K 105 -51.65 -37.12 -68.98
C ASP K 105 -50.29 -36.48 -69.13
N GLU K 106 -50.10 -35.33 -68.48
CA GLU K 106 -48.83 -34.62 -68.52
C GLU K 106 -47.74 -35.46 -67.86
N LEU K 107 -48.08 -36.06 -66.72
CA LEU K 107 -47.13 -36.90 -66.01
C LEU K 107 -46.67 -38.02 -66.92
N LEU K 108 -47.63 -38.77 -67.45
CA LEU K 108 -47.34 -39.89 -68.35
C LEU K 108 -46.54 -39.46 -69.56
N ALA K 109 -46.87 -38.29 -70.10
CA ALA K 109 -46.19 -37.75 -71.27
C ALA K 109 -44.72 -37.44 -70.99
N ASN K 110 -44.38 -37.22 -69.72
CA ASN K 110 -43.02 -36.91 -69.34
C ASN K 110 -42.31 -38.04 -68.59
N GLY K 111 -42.87 -39.24 -68.69
CA GLY K 111 -42.29 -40.41 -68.05
C GLY K 111 -42.37 -40.44 -66.54
N ILE K 112 -43.36 -39.76 -65.97
CA ILE K 112 -43.54 -39.73 -64.53
C ILE K 112 -44.71 -40.63 -64.14
N GLU K 113 -44.44 -41.62 -63.30
CA GLU K 113 -45.45 -42.56 -62.85
C GLU K 113 -46.34 -41.95 -61.76
N PRO K 114 -47.66 -41.90 -62.01
CA PRO K 114 -48.63 -41.35 -61.06
C PRO K 114 -48.86 -42.29 -59.89
N PHE K 115 -48.87 -41.72 -58.68
CA PHE K 115 -49.10 -42.48 -57.47
C PHE K 115 -50.28 -41.74 -56.85
N CYS K 116 -51.48 -42.20 -57.18
CA CYS K 116 -52.70 -41.56 -56.70
C CYS K 116 -53.17 -41.93 -55.30
N THR K 117 -53.52 -40.91 -54.54
CA THR K 117 -54.01 -41.07 -53.18
C THR K 117 -55.47 -40.63 -53.18
N LEU K 118 -56.37 -41.59 -52.99
CA LEU K 118 -57.80 -41.32 -52.98
C LEU K 118 -58.25 -40.35 -51.90
N TYR K 119 -57.87 -40.63 -50.66
CA TYR K 119 -58.30 -39.78 -49.56
C TYR K 119 -57.17 -39.18 -48.73
N HIS K 120 -57.12 -37.85 -48.71
CA HIS K 120 -56.11 -37.14 -47.93
C HIS K 120 -56.78 -36.07 -47.07
N TRP K 121 -57.72 -36.53 -46.24
CA TRP K 121 -58.45 -35.70 -45.27
C TRP K 121 -59.53 -34.73 -45.76
N ASP K 122 -59.64 -34.51 -47.06
CA ASP K 122 -60.64 -33.59 -47.59
C ASP K 122 -62.04 -34.17 -47.83
N LEU K 123 -62.67 -34.68 -46.77
CA LEU K 123 -64.02 -35.25 -46.84
C LEU K 123 -65.04 -34.18 -47.23
N PRO K 124 -65.93 -34.50 -48.19
CA PRO K 124 -66.95 -33.54 -48.62
C PRO K 124 -67.82 -33.14 -47.44
N GLN K 125 -68.02 -31.83 -47.27
CA GLN K 125 -68.82 -31.30 -46.19
C GLN K 125 -70.22 -31.92 -46.15
N ALA K 126 -70.76 -32.21 -47.34
CA ALA K 126 -72.09 -32.81 -47.45
C ALA K 126 -72.18 -34.11 -46.67
N LEU K 127 -71.12 -34.92 -46.74
CA LEU K 127 -71.08 -36.18 -46.02
C LEU K 127 -70.86 -35.95 -44.54
N GLN K 128 -70.10 -34.90 -44.21
CA GLN K 128 -69.83 -34.56 -42.83
C GLN K 128 -71.12 -34.13 -42.14
N ASP K 129 -72.00 -33.48 -42.89
CA ASP K 129 -73.29 -33.03 -42.37
C ASP K 129 -74.15 -34.24 -41.99
N GLN K 130 -73.87 -35.37 -42.62
CA GLN K 130 -74.59 -36.62 -42.35
C GLN K 130 -73.89 -37.46 -41.29
N GLY K 131 -72.89 -36.87 -40.64
CA GLY K 131 -72.15 -37.57 -39.60
C GLY K 131 -70.70 -37.84 -39.95
N GLY K 132 -70.35 -37.61 -41.21
CA GLY K 132 -68.98 -37.85 -41.65
C GLY K 132 -68.56 -39.29 -41.46
N TRP K 133 -67.29 -39.49 -41.15
CA TRP K 133 -66.77 -40.84 -40.95
C TRP K 133 -67.33 -41.54 -39.71
N GLY K 134 -68.18 -40.84 -38.97
CA GLY K 134 -68.80 -41.42 -37.80
C GLY K 134 -69.98 -42.29 -38.21
N SER K 135 -70.47 -42.04 -39.42
CA SER K 135 -71.61 -42.78 -39.97
C SER K 135 -71.15 -43.78 -41.02
N ARG K 136 -71.77 -44.96 -41.02
CA ARG K 136 -71.43 -46.01 -41.98
C ARG K 136 -71.83 -45.64 -43.41
N ILE K 137 -72.68 -44.61 -43.53
CA ILE K 137 -73.14 -44.14 -44.83
C ILE K 137 -71.95 -43.67 -45.65
N THR K 138 -70.98 -43.06 -44.98
CA THR K 138 -69.78 -42.55 -45.63
C THR K 138 -68.95 -43.69 -46.25
N ILE K 139 -69.06 -44.88 -45.67
CA ILE K 139 -68.33 -46.04 -46.18
C ILE K 139 -68.84 -46.32 -47.60
N ASP K 140 -70.15 -46.21 -47.79
CA ASP K 140 -70.77 -46.42 -49.09
C ASP K 140 -70.28 -45.35 -50.06
N ALA K 141 -70.32 -44.10 -49.59
CA ALA K 141 -69.90 -42.96 -50.39
C ALA K 141 -68.46 -43.13 -50.88
N PHE K 142 -67.58 -43.62 -50.02
CA PHE K 142 -66.19 -43.81 -50.39
C PHE K 142 -66.06 -44.94 -51.42
N ALA K 143 -66.87 -45.97 -51.27
CA ALA K 143 -66.84 -47.09 -52.20
C ALA K 143 -67.25 -46.61 -53.59
N GLU K 144 -68.24 -45.72 -53.63
CA GLU K 144 -68.72 -45.14 -54.88
C GLU K 144 -67.63 -44.28 -55.49
N TYR K 145 -67.00 -43.48 -54.63
CA TYR K 145 -65.92 -42.58 -55.00
C TYR K 145 -64.73 -43.35 -55.56
N ALA K 146 -64.33 -44.40 -54.85
CA ALA K 146 -63.21 -45.22 -55.26
C ALA K 146 -63.45 -45.84 -56.62
N GLU K 147 -64.64 -46.43 -56.78
CA GLU K 147 -65.02 -47.07 -58.05
C GLU K 147 -64.96 -46.07 -59.19
N LEU K 148 -65.43 -44.86 -58.95
CA LEU K 148 -65.43 -43.80 -59.96
C LEU K 148 -64.01 -43.50 -60.43
N MET K 149 -63.11 -43.26 -59.48
CA MET K 149 -61.73 -42.95 -59.80
C MET K 149 -61.01 -44.12 -60.47
N PHE K 150 -61.32 -45.33 -60.04
CA PHE K 150 -60.72 -46.53 -60.62
C PHE K 150 -61.10 -46.65 -62.09
N LYS K 151 -62.36 -46.32 -62.40
CA LYS K 151 -62.84 -46.39 -63.77
C LYS K 151 -62.32 -45.22 -64.61
N GLU K 152 -62.21 -44.05 -64.00
CA GLU K 152 -61.73 -42.86 -64.69
C GLU K 152 -60.24 -42.88 -64.98
N LEU K 153 -59.44 -42.91 -63.91
CA LEU K 153 -57.99 -42.89 -64.02
C LEU K 153 -57.29 -44.24 -63.92
N GLY K 154 -58.05 -45.29 -63.63
CA GLY K 154 -57.48 -46.62 -63.49
C GLY K 154 -56.64 -47.14 -64.65
N GLY K 155 -56.91 -46.64 -65.85
CA GLY K 155 -56.16 -47.08 -67.02
C GLY K 155 -54.81 -46.41 -67.14
N LYS K 156 -54.64 -45.27 -66.46
CA LYS K 156 -53.38 -44.52 -66.51
C LYS K 156 -52.58 -44.65 -65.22
N ILE K 157 -53.28 -44.82 -64.11
CA ILE K 157 -52.67 -44.94 -62.80
C ILE K 157 -52.58 -46.39 -62.33
N LYS K 158 -51.37 -46.82 -61.99
CA LYS K 158 -51.12 -48.19 -61.52
C LYS K 158 -50.61 -48.22 -60.09
N GLN K 159 -50.72 -47.09 -59.39
CA GLN K 159 -50.26 -46.97 -58.01
C GLN K 159 -51.36 -46.26 -57.23
N TRP K 160 -52.06 -47.00 -56.37
CA TRP K 160 -53.15 -46.42 -55.61
C TRP K 160 -53.02 -46.55 -54.11
N ILE K 161 -53.41 -45.49 -53.40
CA ILE K 161 -53.39 -45.45 -51.94
C ILE K 161 -54.79 -45.04 -51.54
N THR K 162 -55.43 -45.84 -50.71
CA THR K 162 -56.78 -45.54 -50.25
C THR K 162 -56.79 -44.34 -49.30
N PHE K 163 -56.22 -44.52 -48.12
CA PHE K 163 -56.18 -43.47 -47.12
C PHE K 163 -54.75 -43.12 -46.72
N ASN K 164 -54.50 -41.83 -46.56
CA ASN K 164 -53.19 -41.35 -46.16
C ASN K 164 -53.24 -40.91 -44.71
N GLU K 165 -52.38 -41.52 -43.89
CA GLU K 165 -52.27 -41.21 -42.47
C GLU K 165 -53.61 -41.31 -41.74
N PRO K 166 -54.15 -42.54 -41.61
CA PRO K 166 -55.42 -42.83 -40.95
C PRO K 166 -55.51 -42.25 -39.53
N TRP K 167 -54.42 -42.33 -38.78
CA TRP K 167 -54.41 -41.83 -37.42
C TRP K 167 -54.69 -40.33 -37.37
N CYS K 168 -54.09 -39.58 -38.30
CA CYS K 168 -54.29 -38.14 -38.35
C CYS K 168 -55.73 -37.77 -38.64
N MET K 169 -56.32 -38.39 -39.65
CA MET K 169 -57.71 -38.10 -40.02
C MET K 169 -58.71 -38.64 -38.98
N ALA K 170 -58.29 -39.61 -38.18
CA ALA K 170 -59.15 -40.20 -37.17
C ALA K 170 -58.96 -39.60 -35.78
N PHE K 171 -57.82 -39.89 -35.16
CA PHE K 171 -57.52 -39.40 -33.81
C PHE K 171 -57.18 -37.93 -33.68
N LEU K 172 -56.26 -37.42 -34.49
CA LEU K 172 -55.89 -36.02 -34.41
C LEU K 172 -57.06 -35.11 -34.77
N SER K 173 -57.98 -35.64 -35.57
CA SER K 173 -59.15 -34.89 -36.02
C SER K 173 -60.38 -35.02 -35.13
N ASN K 174 -60.67 -36.24 -34.69
CA ASN K 174 -61.86 -36.48 -33.86
C ASN K 174 -61.61 -36.74 -32.39
N TYR K 175 -60.36 -36.89 -32.00
CA TYR K 175 -60.01 -37.14 -30.60
C TYR K 175 -59.29 -35.94 -29.98
N LEU K 176 -58.30 -35.42 -30.68
CA LEU K 176 -57.53 -34.28 -30.19
C LEU K 176 -58.10 -32.94 -30.67
N GLY K 177 -58.96 -32.99 -31.68
CA GLY K 177 -59.59 -31.79 -32.20
C GLY K 177 -58.67 -30.77 -32.85
N VAL K 178 -57.49 -31.21 -33.29
CA VAL K 178 -56.54 -30.30 -33.92
C VAL K 178 -56.79 -30.18 -35.42
N HIS K 179 -57.32 -31.25 -36.02
CA HIS K 179 -57.62 -31.25 -37.45
C HIS K 179 -59.11 -31.41 -37.69
N ALA K 180 -59.56 -31.04 -38.88
CA ALA K 180 -60.98 -31.14 -39.26
C ALA K 180 -61.47 -32.58 -39.13
N PRO K 181 -62.70 -32.78 -38.63
CA PRO K 181 -63.72 -31.81 -38.18
C PRO K 181 -63.37 -31.04 -36.91
N GLY K 182 -62.51 -31.59 -36.08
CA GLY K 182 -62.12 -30.92 -34.86
C GLY K 182 -62.91 -31.38 -33.65
N ASN K 183 -63.14 -32.68 -33.54
CA ASN K 183 -63.88 -33.24 -32.42
C ASN K 183 -62.93 -33.78 -31.35
N LYS K 184 -63.47 -33.96 -30.15
CA LYS K 184 -62.69 -34.48 -29.03
C LYS K 184 -63.49 -35.60 -28.38
N ASP K 185 -63.43 -36.79 -28.99
CA ASP K 185 -64.14 -37.96 -28.53
C ASP K 185 -63.34 -39.18 -28.96
N LEU K 186 -62.78 -39.89 -27.98
CA LEU K 186 -61.98 -41.08 -28.25
C LEU K 186 -62.77 -42.14 -28.99
N GLN K 187 -63.98 -42.42 -28.52
CA GLN K 187 -64.83 -43.42 -29.15
C GLN K 187 -65.13 -43.07 -30.61
N LEU K 188 -65.42 -41.79 -30.86
CA LEU K 188 -65.70 -41.34 -32.21
C LEU K 188 -64.49 -41.58 -33.10
N ALA K 189 -63.31 -41.30 -32.56
CA ALA K 189 -62.06 -41.49 -33.29
C ALA K 189 -61.88 -42.96 -33.63
N ILE K 190 -62.31 -43.83 -32.71
CA ILE K 190 -62.22 -45.27 -32.91
C ILE K 190 -63.25 -45.71 -33.94
N ASP K 191 -64.40 -45.03 -33.95
CA ASP K 191 -65.47 -45.34 -34.90
C ASP K 191 -64.96 -45.00 -36.30
N VAL K 192 -64.41 -43.80 -36.44
CA VAL K 192 -63.86 -43.32 -37.70
C VAL K 192 -62.78 -44.27 -38.21
N SER K 193 -61.90 -44.70 -37.31
CA SER K 193 -60.83 -45.62 -37.66
C SER K 193 -61.38 -46.91 -38.24
N HIS K 194 -62.47 -47.40 -37.65
CA HIS K 194 -63.10 -48.62 -38.11
C HIS K 194 -63.77 -48.44 -39.47
N HIS K 195 -64.54 -47.37 -39.61
CA HIS K 195 -65.25 -47.08 -40.85
C HIS K 195 -64.33 -46.82 -42.05
N LEU K 196 -63.20 -46.17 -41.81
CA LEU K 196 -62.26 -45.89 -42.89
C LEU K 196 -61.61 -47.20 -43.34
N LEU K 197 -61.39 -48.11 -42.40
CA LEU K 197 -60.81 -49.41 -42.71
C LEU K 197 -61.76 -50.26 -43.55
N VAL K 198 -63.06 -50.18 -43.23
CA VAL K 198 -64.06 -50.92 -43.99
C VAL K 198 -64.13 -50.33 -45.39
N ALA K 199 -64.11 -49.00 -45.46
CA ALA K 199 -64.15 -48.30 -46.73
C ALA K 199 -62.93 -48.71 -47.56
N HIS K 200 -61.80 -48.86 -46.88
CA HIS K 200 -60.55 -49.26 -47.53
C HIS K 200 -60.69 -50.67 -48.10
N GLY K 201 -61.17 -51.59 -47.26
CA GLY K 201 -61.34 -52.97 -47.67
C GLY K 201 -62.22 -53.09 -48.89
N ARG K 202 -63.33 -52.35 -48.87
CA ARG K 202 -64.27 -52.36 -49.98
C ARG K 202 -63.63 -51.80 -51.24
N ALA K 203 -62.81 -50.77 -51.07
CA ALA K 203 -62.11 -50.15 -52.19
C ALA K 203 -61.12 -51.12 -52.81
N VAL K 204 -60.44 -51.89 -51.97
CA VAL K 204 -59.46 -52.87 -52.44
C VAL K 204 -60.18 -53.93 -53.25
N THR K 205 -61.31 -54.40 -52.74
CA THR K 205 -62.12 -55.41 -53.41
C THR K 205 -62.54 -54.91 -54.78
N LEU K 206 -63.01 -53.67 -54.86
CA LEU K 206 -63.43 -53.08 -56.12
C LEU K 206 -62.26 -53.03 -57.10
N PHE K 207 -61.09 -52.64 -56.58
CA PHE K 207 -59.88 -52.57 -57.40
C PHE K 207 -59.60 -53.91 -58.06
N ARG K 208 -59.77 -54.98 -57.28
CA ARG K 208 -59.53 -56.34 -57.77
C ARG K 208 -60.59 -56.75 -58.79
N GLU K 209 -61.86 -56.50 -58.45
CA GLU K 209 -62.98 -56.83 -59.32
C GLU K 209 -62.94 -56.14 -60.67
N LEU K 210 -62.53 -54.87 -60.66
CA LEU K 210 -62.44 -54.09 -61.89
C LEU K 210 -61.31 -54.57 -62.78
N GLY K 211 -60.50 -55.49 -62.26
CA GLY K 211 -59.40 -56.05 -63.02
C GLY K 211 -58.33 -55.06 -63.45
N ILE K 212 -58.36 -53.86 -62.87
CA ILE K 212 -57.39 -52.84 -63.21
C ILE K 212 -56.01 -53.21 -62.67
N SER K 213 -55.05 -53.32 -63.59
CA SER K 213 -53.69 -53.68 -63.23
C SER K 213 -53.03 -52.59 -62.39
N GLY K 214 -52.10 -52.99 -61.54
CA GLY K 214 -51.43 -52.04 -60.68
C GLY K 214 -51.34 -52.48 -59.24
N GLU K 215 -51.03 -51.53 -58.37
CA GLU K 215 -50.87 -51.79 -56.94
C GLU K 215 -51.80 -50.89 -56.14
N ILE K 216 -52.18 -51.36 -54.96
CA ILE K 216 -53.04 -50.60 -54.07
C ILE K 216 -52.65 -50.91 -52.63
N GLY K 217 -52.61 -49.86 -51.81
CA GLY K 217 -52.25 -50.04 -50.42
C GLY K 217 -52.76 -48.90 -49.57
N ILE K 218 -52.20 -48.78 -48.36
CA ILE K 218 -52.59 -47.74 -47.43
C ILE K 218 -51.30 -47.15 -46.86
N ALA K 219 -51.34 -45.87 -46.50
CA ALA K 219 -50.14 -45.21 -45.97
C ALA K 219 -50.25 -44.71 -44.54
N PRO K 220 -49.92 -45.56 -43.56
CA PRO K 220 -50.00 -45.16 -42.15
C PRO K 220 -48.79 -44.32 -41.74
N ASN K 221 -49.00 -43.42 -40.78
CA ASN K 221 -47.92 -42.60 -40.25
C ASN K 221 -47.56 -43.19 -38.90
N THR K 222 -47.24 -44.48 -38.91
CA THR K 222 -46.88 -45.23 -37.72
C THR K 222 -45.87 -44.49 -36.85
N SER K 223 -46.35 -43.92 -35.75
CA SER K 223 -45.50 -43.19 -34.82
C SER K 223 -44.54 -44.14 -34.14
N TRP K 224 -43.26 -43.76 -34.09
CA TRP K 224 -42.24 -44.61 -33.47
C TRP K 224 -41.80 -44.08 -32.11
N ALA K 225 -41.48 -45.01 -31.20
CA ALA K 225 -41.03 -44.66 -29.86
C ALA K 225 -39.99 -45.66 -29.38
N VAL K 226 -38.94 -45.12 -28.75
CA VAL K 226 -37.83 -45.90 -28.24
C VAL K 226 -37.97 -46.03 -26.72
N PRO K 227 -37.77 -47.24 -26.18
CA PRO K 227 -37.87 -47.49 -24.75
C PRO K 227 -36.82 -46.72 -23.95
N TYR K 228 -37.28 -45.91 -23.01
CA TYR K 228 -36.39 -45.13 -22.16
C TYR K 228 -35.54 -46.11 -21.37
N ARG K 229 -36.20 -47.03 -20.68
CA ARG K 229 -35.53 -48.05 -19.88
C ARG K 229 -35.82 -49.40 -20.49
N ARG K 230 -34.90 -50.34 -20.32
CA ARG K 230 -35.08 -51.70 -20.84
C ARG K 230 -36.00 -52.44 -19.88
N THR K 231 -37.23 -51.95 -19.77
CA THR K 231 -38.23 -52.54 -18.89
C THR K 231 -39.41 -52.99 -19.73
N LYS K 232 -40.09 -54.05 -19.30
CA LYS K 232 -41.24 -54.56 -20.03
C LYS K 232 -42.31 -53.48 -20.16
N GLU K 233 -42.57 -52.78 -19.08
CA GLU K 233 -43.58 -51.72 -19.08
C GLU K 233 -43.26 -50.58 -20.05
N ASP K 234 -41.98 -50.28 -20.22
CA ASP K 234 -41.56 -49.23 -21.14
C ASP K 234 -41.67 -49.69 -22.58
N MET K 235 -41.29 -50.94 -22.83
CA MET K 235 -41.36 -51.51 -24.17
C MET K 235 -42.81 -51.60 -24.63
N GLU K 236 -43.71 -51.92 -23.70
CA GLU K 236 -45.13 -52.02 -24.00
C GLU K 236 -45.70 -50.63 -24.21
N ALA K 237 -45.19 -49.66 -23.45
CA ALA K 237 -45.62 -48.28 -23.57
C ALA K 237 -45.25 -47.76 -24.95
N CYS K 238 -44.13 -48.25 -25.48
CA CYS K 238 -43.67 -47.86 -26.80
C CYS K 238 -44.44 -48.60 -27.89
N LEU K 239 -44.83 -49.84 -27.58
CA LEU K 239 -45.58 -50.65 -28.54
C LEU K 239 -46.95 -50.02 -28.79
N ARG K 240 -47.52 -49.42 -27.76
CA ARG K 240 -48.83 -48.77 -27.89
C ARG K 240 -48.75 -47.53 -28.77
N VAL K 241 -47.58 -46.90 -28.82
CA VAL K 241 -47.38 -45.71 -29.63
C VAL K 241 -47.51 -46.05 -31.12
N ASN K 242 -46.80 -47.10 -31.55
CA ASN K 242 -46.88 -47.52 -32.95
C ASN K 242 -48.14 -48.34 -33.16
N GLY K 243 -48.68 -48.84 -32.05
CA GLY K 243 -49.87 -49.66 -32.10
C GLY K 243 -51.16 -48.91 -32.42
N TRP K 244 -51.37 -47.77 -31.77
CA TRP K 244 -52.59 -47.00 -32.01
C TRP K 244 -52.56 -46.12 -33.25
N SER K 245 -51.39 -46.01 -33.87
CA SER K 245 -51.22 -45.19 -35.06
C SER K 245 -51.00 -46.00 -36.33
N GLY K 246 -50.41 -47.17 -36.21
CA GLY K 246 -50.14 -48.00 -37.36
C GLY K 246 -50.69 -49.42 -37.31
N ASP K 247 -50.36 -50.14 -36.23
CA ASP K 247 -50.82 -51.52 -36.06
C ASP K 247 -52.33 -51.62 -36.06
N TRP K 248 -52.99 -50.61 -35.50
CA TRP K 248 -54.44 -50.55 -35.41
C TRP K 248 -55.11 -50.63 -36.79
N TYR K 249 -54.39 -50.22 -37.82
CA TYR K 249 -54.93 -50.23 -39.19
C TYR K 249 -54.37 -51.36 -40.03
N LEU K 250 -53.09 -51.66 -39.87
CA LEU K 250 -52.44 -52.72 -40.65
C LEU K 250 -52.84 -54.13 -40.23
N ASP K 251 -53.09 -54.34 -38.94
CA ASP K 251 -53.46 -55.66 -38.46
C ASP K 251 -54.80 -56.16 -39.01
N PRO K 252 -55.84 -55.32 -39.03
CA PRO K 252 -57.13 -55.79 -39.57
C PRO K 252 -57.01 -56.15 -41.05
N ILE K 253 -56.09 -55.49 -41.74
CA ILE K 253 -55.85 -55.71 -43.16
C ILE K 253 -55.04 -56.99 -43.43
N TYR K 254 -53.96 -57.17 -42.66
CA TYR K 254 -53.08 -58.32 -42.84
C TYR K 254 -53.49 -59.59 -42.08
N PHE K 255 -54.08 -59.41 -40.91
CA PHE K 255 -54.48 -60.55 -40.08
C PHE K 255 -55.99 -60.68 -39.86
N GLY K 256 -56.74 -59.66 -40.25
CA GLY K 256 -58.18 -59.71 -40.10
C GLY K 256 -58.65 -59.49 -38.67
N GLU K 257 -57.83 -58.80 -37.88
CA GLU K 257 -58.18 -58.52 -36.50
C GLU K 257 -57.37 -57.34 -35.98
N TYR K 258 -57.98 -56.56 -35.10
CA TYR K 258 -57.31 -55.42 -34.49
C TYR K 258 -56.24 -55.98 -33.56
N PRO K 259 -55.14 -55.23 -33.36
CA PRO K 259 -54.07 -55.70 -32.47
C PRO K 259 -54.62 -55.94 -31.06
N LYS K 260 -54.43 -57.17 -30.58
CA LYS K 260 -54.92 -57.57 -29.26
C LYS K 260 -54.57 -56.61 -28.13
N PHE K 261 -53.29 -56.26 -28.01
CA PHE K 261 -52.86 -55.37 -26.94
C PHE K 261 -53.58 -54.03 -26.95
N MET K 262 -53.91 -53.53 -28.14
CA MET K 262 -54.63 -52.27 -28.25
C MET K 262 -56.09 -52.44 -27.88
N LEU K 263 -56.68 -53.56 -28.32
CA LEU K 263 -58.06 -53.86 -28.01
C LEU K 263 -58.27 -53.88 -26.51
N ASP K 264 -57.38 -54.59 -25.82
CA ASP K 264 -57.44 -54.71 -24.36
C ASP K 264 -57.27 -53.36 -23.69
N TRP K 265 -56.37 -52.54 -24.23
CA TRP K 265 -56.12 -51.22 -23.66
C TRP K 265 -57.36 -50.34 -23.73
N TYR K 266 -57.98 -50.30 -24.90
CA TYR K 266 -59.18 -49.51 -25.10
C TYR K 266 -60.35 -50.08 -24.31
N GLU K 267 -60.44 -51.41 -24.30
CA GLU K 267 -61.51 -52.11 -23.59
C GLU K 267 -61.52 -51.76 -22.11
N ASN K 268 -60.33 -51.73 -21.52
CA ASN K 268 -60.18 -51.40 -20.11
C ASN K 268 -60.64 -49.97 -19.83
N LEU K 269 -60.57 -49.14 -20.86
CA LEU K 269 -60.99 -47.75 -20.76
C LEU K 269 -62.47 -47.59 -21.13
N GLY K 270 -63.05 -48.68 -21.63
CA GLY K 270 -64.46 -48.67 -22.02
C GLY K 270 -64.67 -48.25 -23.46
N TYR K 271 -63.76 -48.64 -24.33
CA TYR K 271 -63.84 -48.29 -25.75
C TYR K 271 -63.67 -49.53 -26.62
N LYS K 272 -64.48 -49.62 -27.66
CA LYS K 272 -64.45 -50.75 -28.58
C LYS K 272 -64.84 -50.29 -29.98
N PRO K 273 -64.19 -50.84 -31.02
CA PRO K 273 -64.53 -50.49 -32.40
C PRO K 273 -65.91 -51.02 -32.74
N PRO K 274 -66.74 -50.20 -33.40
CA PRO K 274 -68.11 -50.58 -33.80
C PRO K 274 -68.12 -51.62 -34.92
N ILE K 275 -67.64 -52.82 -34.59
CA ILE K 275 -67.56 -53.91 -35.55
C ILE K 275 -68.92 -54.55 -35.83
N VAL K 276 -69.38 -54.38 -37.06
CA VAL K 276 -70.64 -54.98 -37.49
C VAL K 276 -70.21 -56.30 -38.13
N ASP K 277 -70.98 -57.36 -37.86
CA ASP K 277 -70.65 -58.68 -38.40
C ASP K 277 -70.31 -58.64 -39.88
N GLY K 278 -69.13 -59.15 -40.22
CA GLY K 278 -68.68 -59.17 -41.60
C GLY K 278 -67.63 -58.13 -41.91
N ASP K 279 -67.59 -57.07 -41.11
CA ASP K 279 -66.64 -55.98 -41.30
C ASP K 279 -65.18 -56.40 -41.38
N MET K 280 -64.72 -57.16 -40.39
CA MET K 280 -63.33 -57.60 -40.36
C MET K 280 -62.91 -58.36 -41.60
N GLU K 281 -63.85 -59.10 -42.18
CA GLU K 281 -63.58 -59.89 -43.38
C GLU K 281 -63.45 -58.95 -44.58
N LEU K 282 -64.22 -57.86 -44.55
CA LEU K 282 -64.20 -56.86 -45.62
C LEU K 282 -62.86 -56.13 -45.60
N ILE K 283 -62.38 -55.84 -44.40
CA ILE K 283 -61.11 -55.15 -44.20
C ILE K 283 -59.93 -56.07 -44.50
N HIS K 284 -60.11 -57.35 -44.22
CA HIS K 284 -59.07 -58.36 -44.42
C HIS K 284 -58.82 -58.70 -45.89
N GLN K 285 -58.48 -57.70 -46.68
CA GLN K 285 -58.20 -57.88 -48.11
C GLN K 285 -56.73 -57.59 -48.37
N PRO K 286 -56.04 -58.51 -49.06
CA PRO K 286 -54.62 -58.38 -49.39
C PRO K 286 -54.32 -57.10 -50.16
N ILE K 287 -53.33 -56.35 -49.67
CA ILE K 287 -52.92 -55.11 -50.33
C ILE K 287 -51.52 -55.34 -50.92
N ASP K 288 -51.19 -54.60 -51.96
CA ASP K 288 -49.91 -54.75 -52.64
C ASP K 288 -48.68 -54.11 -51.97
N PHE K 289 -48.90 -53.13 -51.10
CA PHE K 289 -47.79 -52.46 -50.41
C PHE K 289 -48.26 -51.66 -49.21
N ILE K 290 -47.30 -51.23 -48.41
CA ILE K 290 -47.56 -50.41 -47.24
C ILE K 290 -46.80 -49.11 -47.43
N GLY K 291 -47.50 -47.99 -47.26
CA GLY K 291 -46.87 -46.70 -47.41
C GLY K 291 -46.39 -46.18 -46.07
N ILE K 292 -45.08 -46.07 -45.92
CA ILE K 292 -44.50 -45.59 -44.68
C ILE K 292 -44.28 -44.08 -44.70
N ASN K 293 -44.92 -43.39 -43.76
CA ASN K 293 -44.78 -41.95 -43.64
C ASN K 293 -43.99 -41.70 -42.37
N TYR K 294 -42.72 -41.33 -42.52
CA TYR K 294 -41.85 -41.08 -41.38
C TYR K 294 -41.30 -39.65 -41.34
N TYR K 295 -41.17 -39.13 -40.12
CA TYR K 295 -40.64 -37.77 -39.90
C TYR K 295 -39.82 -37.71 -38.62
N THR K 296 -40.29 -38.42 -37.59
CA THR K 296 -39.63 -38.41 -36.29
C THR K 296 -40.11 -39.57 -35.42
N SER K 297 -39.46 -39.70 -34.26
CA SER K 297 -39.79 -40.71 -33.27
C SER K 297 -39.39 -40.16 -31.91
N SER K 298 -39.90 -40.78 -30.85
CA SER K 298 -39.59 -40.30 -29.51
C SER K 298 -38.97 -41.37 -28.61
N MET K 299 -38.79 -41.02 -27.34
CA MET K 299 -38.23 -41.91 -26.34
C MET K 299 -39.28 -41.94 -25.24
N ASN K 300 -40.02 -43.04 -25.14
CA ASN K 300 -41.09 -43.13 -24.16
C ASN K 300 -40.86 -44.07 -23.00
N ARG K 301 -41.64 -43.86 -21.95
CA ARG K 301 -41.59 -44.67 -20.73
C ARG K 301 -43.00 -44.78 -20.19
N TYR K 302 -43.27 -45.88 -19.49
CA TYR K 302 -44.58 -46.11 -18.91
C TYR K 302 -44.85 -45.09 -17.81
N ASN K 303 -46.06 -44.55 -17.81
CA ASN K 303 -46.46 -43.56 -16.81
C ASN K 303 -47.98 -43.54 -16.68
N PRO K 304 -48.51 -44.13 -15.60
CA PRO K 304 -49.94 -44.20 -15.30
C PRO K 304 -50.58 -42.84 -15.02
N GLY K 305 -49.75 -41.85 -14.74
CA GLY K 305 -50.25 -40.51 -14.46
C GLY K 305 -50.62 -39.72 -15.70
N GLU K 306 -50.96 -38.45 -15.51
CA GLU K 306 -51.35 -37.58 -16.61
C GLU K 306 -50.26 -37.46 -17.67
N ALA K 307 -49.01 -37.45 -17.22
CA ALA K 307 -47.87 -37.34 -18.12
C ALA K 307 -47.84 -38.46 -19.16
N GLY K 308 -48.38 -39.62 -18.79
CA GLY K 308 -48.41 -40.75 -19.71
C GLY K 308 -49.52 -40.62 -20.73
N GLY K 309 -50.58 -39.90 -20.37
CA GLY K 309 -51.70 -39.72 -21.26
C GLY K 309 -52.60 -40.94 -21.32
N MET K 310 -53.46 -40.97 -22.33
CA MET K 310 -54.40 -42.08 -22.52
C MET K 310 -53.67 -43.42 -22.67
N LEU K 311 -52.53 -43.39 -23.35
CA LEU K 311 -51.73 -44.59 -23.56
C LEU K 311 -50.75 -44.87 -22.43
N SER K 312 -50.74 -44.00 -21.41
CA SER K 312 -49.85 -44.15 -20.27
C SER K 312 -48.41 -44.35 -20.76
N SER K 313 -48.04 -43.58 -21.77
CA SER K 313 -46.72 -43.64 -22.36
C SER K 313 -46.19 -42.21 -22.47
N GLU K 314 -45.35 -41.83 -21.52
CA GLU K 314 -44.77 -40.49 -21.48
C GLU K 314 -43.52 -40.35 -22.32
N ALA K 315 -43.51 -39.34 -23.18
CA ALA K 315 -42.36 -39.07 -24.03
C ALA K 315 -41.35 -38.22 -23.26
N ILE K 316 -40.07 -38.56 -23.44
CA ILE K 316 -38.99 -37.85 -22.77
C ILE K 316 -38.04 -37.27 -23.80
N SER K 317 -37.81 -35.96 -23.69
CA SER K 317 -36.93 -35.25 -24.61
C SER K 317 -35.54 -35.86 -24.68
N MET K 318 -35.07 -36.08 -25.91
CA MET K 318 -33.74 -36.63 -26.14
C MET K 318 -32.74 -35.47 -26.22
N GLY K 319 -33.27 -34.24 -26.22
CA GLY K 319 -32.43 -33.07 -26.33
C GLY K 319 -31.86 -32.94 -27.72
N ALA K 320 -32.38 -33.76 -28.63
CA ALA K 320 -31.93 -33.78 -30.02
C ALA K 320 -32.34 -32.53 -30.79
N PRO K 321 -31.66 -32.27 -31.92
CA PRO K 321 -31.98 -31.10 -32.73
C PRO K 321 -33.40 -31.24 -33.28
N LYS K 322 -34.07 -30.11 -33.49
CA LYS K 322 -35.44 -30.14 -33.99
C LYS K 322 -35.58 -29.37 -35.29
N THR K 323 -36.63 -29.71 -36.04
CA THR K 323 -36.93 -29.02 -37.28
C THR K 323 -37.64 -27.74 -36.85
N ASP K 324 -37.89 -26.84 -37.78
CA ASP K 324 -38.55 -25.59 -37.45
C ASP K 324 -39.98 -25.73 -36.95
N ILE K 325 -40.55 -26.93 -37.07
CA ILE K 325 -41.90 -27.17 -36.60
C ILE K 325 -41.84 -27.80 -35.20
N GLY K 326 -40.62 -28.02 -34.72
CA GLY K 326 -40.42 -28.57 -33.39
C GLY K 326 -40.25 -30.07 -33.23
N TRP K 327 -40.10 -30.79 -34.33
CA TRP K 327 -39.95 -32.24 -34.26
C TRP K 327 -38.49 -32.65 -34.15
N GLU K 328 -38.19 -33.54 -33.20
CA GLU K 328 -36.83 -34.01 -33.01
C GLU K 328 -36.37 -34.85 -34.19
N ILE K 329 -35.07 -34.79 -34.48
CA ILE K 329 -34.49 -35.53 -35.58
C ILE K 329 -33.95 -36.86 -35.05
N TYR K 330 -34.56 -37.96 -35.46
CA TYR K 330 -34.12 -39.27 -35.04
C TYR K 330 -34.18 -40.16 -36.29
N ALA K 331 -33.19 -39.98 -37.16
CA ALA K 331 -33.10 -40.73 -38.42
C ALA K 331 -33.16 -42.24 -38.26
N GLU K 332 -32.56 -42.75 -37.20
CA GLU K 332 -32.52 -44.18 -36.95
C GLU K 332 -33.91 -44.78 -36.81
N GLY K 333 -34.87 -43.93 -36.45
CA GLY K 333 -36.24 -44.38 -36.29
C GLY K 333 -36.83 -44.89 -37.59
N LEU K 334 -36.35 -44.36 -38.71
CA LEU K 334 -36.84 -44.79 -40.03
C LEU K 334 -36.50 -46.26 -40.20
N TYR K 335 -35.22 -46.59 -39.97
CA TYR K 335 -34.76 -47.96 -40.09
C TYR K 335 -35.52 -48.87 -39.12
N ASP K 336 -35.67 -48.42 -37.89
CA ASP K 336 -36.39 -49.19 -36.87
C ASP K 336 -37.82 -49.49 -37.28
N LEU K 337 -38.50 -48.48 -37.83
CA LEU K 337 -39.89 -48.63 -38.26
C LEU K 337 -40.00 -49.59 -39.44
N LEU K 338 -39.10 -49.43 -40.41
CA LEU K 338 -39.10 -50.29 -41.58
C LEU K 338 -38.81 -51.74 -41.17
N ARG K 339 -37.88 -51.90 -40.24
CA ARG K 339 -37.49 -53.21 -39.74
C ARG K 339 -38.68 -53.87 -39.05
N TYR K 340 -39.37 -53.10 -38.22
CA TYR K 340 -40.53 -53.57 -37.48
C TYR K 340 -41.62 -54.04 -38.44
N THR K 341 -41.96 -53.20 -39.40
CA THR K 341 -42.99 -53.49 -40.39
C THR K 341 -42.62 -54.70 -41.22
N ALA K 342 -41.35 -54.80 -41.61
CA ALA K 342 -40.88 -55.91 -42.41
C ALA K 342 -41.00 -57.24 -41.65
N ASP K 343 -40.66 -57.21 -40.37
CA ASP K 343 -40.73 -58.41 -39.54
C ASP K 343 -42.16 -58.87 -39.32
N LYS K 344 -43.01 -57.98 -38.83
CA LYS K 344 -44.39 -58.29 -38.52
C LYS K 344 -45.31 -58.63 -39.69
N TYR K 345 -45.19 -57.88 -40.79
CA TYR K 345 -46.08 -58.11 -41.93
C TYR K 345 -45.55 -58.94 -43.08
N GLY K 346 -44.53 -59.75 -42.80
CA GLY K 346 -43.97 -60.62 -43.82
C GLY K 346 -43.14 -59.95 -44.91
N ASN K 347 -42.45 -58.88 -44.54
CA ASN K 347 -41.60 -58.12 -45.46
C ASN K 347 -42.29 -57.79 -46.77
N PRO K 348 -43.44 -57.10 -46.70
CA PRO K 348 -44.17 -56.73 -47.92
C PRO K 348 -43.47 -55.58 -48.63
N THR K 349 -43.97 -55.21 -49.81
CA THR K 349 -43.39 -54.11 -50.55
C THR K 349 -43.64 -52.84 -49.75
N LEU K 350 -42.58 -52.06 -49.55
CA LEU K 350 -42.68 -50.83 -48.80
C LEU K 350 -42.27 -49.63 -49.64
N TYR K 351 -42.98 -48.53 -49.45
CA TYR K 351 -42.69 -47.29 -50.16
C TYR K 351 -42.73 -46.19 -49.12
N ILE K 352 -41.66 -45.41 -49.00
CA ILE K 352 -41.67 -44.30 -48.07
C ILE K 352 -42.47 -43.24 -48.81
N THR K 353 -43.77 -43.19 -48.51
CA THR K 353 -44.69 -42.26 -49.15
C THR K 353 -44.60 -40.81 -48.66
N GLU K 354 -43.86 -40.60 -47.57
CA GLU K 354 -43.66 -39.27 -47.00
C GLU K 354 -42.46 -39.22 -46.07
N ASN K 355 -41.59 -38.23 -46.29
CA ASN K 355 -40.41 -38.02 -45.46
C ASN K 355 -39.77 -36.70 -45.84
N GLY K 356 -39.76 -35.78 -44.90
CA GLY K 356 -39.18 -34.48 -45.14
C GLY K 356 -39.02 -33.70 -43.85
N ALA K 357 -38.49 -32.50 -43.95
CA ALA K 357 -38.28 -31.67 -42.77
C ALA K 357 -38.90 -30.31 -42.94
N CYS K 358 -39.34 -29.72 -41.83
CA CYS K 358 -39.92 -28.40 -41.88
C CYS K 358 -38.84 -27.38 -41.55
N TYR K 359 -38.39 -26.68 -42.57
CA TYR K 359 -37.39 -25.64 -42.41
C TYR K 359 -37.88 -24.42 -43.15
N ASN K 360 -38.10 -23.35 -42.40
CA ASN K 360 -38.64 -22.11 -42.95
C ASN K 360 -37.69 -21.18 -43.68
N ASP K 361 -36.60 -21.72 -44.21
CA ASP K 361 -35.62 -20.91 -44.95
C ASP K 361 -36.29 -20.19 -46.10
N GLY K 362 -36.00 -18.90 -46.24
CA GLY K 362 -36.56 -18.13 -47.33
C GLY K 362 -35.44 -17.78 -48.28
N LEU K 363 -35.71 -16.88 -49.21
CA LEU K 363 -34.71 -16.45 -50.17
C LEU K 363 -33.69 -15.52 -49.56
N SER K 364 -32.42 -15.76 -49.84
CA SER K 364 -31.35 -14.92 -49.36
C SER K 364 -31.25 -13.83 -50.44
N LEU K 365 -30.44 -12.78 -50.20
CA LEU K 365 -30.28 -11.73 -51.20
C LEU K 365 -29.62 -12.35 -52.43
N ASP K 366 -29.11 -13.56 -52.24
CA ASP K 366 -28.47 -14.39 -53.25
C ASP K 366 -29.50 -14.66 -54.33
N GLY K 367 -30.75 -14.79 -53.90
CA GLY K 367 -31.86 -15.09 -54.81
C GLY K 367 -32.23 -16.55 -54.68
N ARG K 368 -31.44 -17.28 -53.89
CA ARG K 368 -31.64 -18.70 -53.68
C ARG K 368 -31.93 -19.03 -52.23
N ILE K 369 -32.46 -20.23 -51.99
CA ILE K 369 -32.78 -20.69 -50.64
C ILE K 369 -31.73 -21.71 -50.24
N HIS K 370 -30.82 -21.32 -49.35
CA HIS K 370 -29.76 -22.20 -48.89
C HIS K 370 -30.19 -23.03 -47.70
N ASP K 371 -31.09 -23.98 -47.94
CA ASP K 371 -31.60 -24.83 -46.87
C ASP K 371 -30.77 -26.08 -46.62
N GLN K 372 -29.52 -25.88 -46.21
CA GLN K 372 -28.62 -26.99 -45.92
C GLN K 372 -29.20 -27.93 -44.88
N ARG K 373 -29.97 -27.38 -43.95
CA ARG K 373 -30.59 -28.18 -42.90
C ARG K 373 -31.54 -29.23 -43.46
N ARG K 374 -32.23 -28.91 -44.54
CA ARG K 374 -33.15 -29.85 -45.16
C ARG K 374 -32.34 -30.93 -45.86
N ILE K 375 -31.25 -30.52 -46.50
CA ILE K 375 -30.37 -31.44 -47.21
C ILE K 375 -29.79 -32.44 -46.23
N ASP K 376 -29.31 -31.94 -45.09
CA ASP K 376 -28.72 -32.78 -44.07
C ASP K 376 -29.74 -33.78 -43.53
N TYR K 377 -30.95 -33.31 -43.28
CA TYR K 377 -32.02 -34.17 -42.77
C TYR K 377 -32.32 -35.28 -43.76
N LEU K 378 -32.59 -34.91 -45.01
CA LEU K 378 -32.90 -35.88 -46.05
C LEU K 378 -31.78 -36.89 -46.20
N ALA K 379 -30.54 -36.40 -46.26
CA ALA K 379 -29.36 -37.25 -46.39
C ALA K 379 -29.31 -38.31 -45.30
N MET K 380 -29.51 -37.89 -44.06
CA MET K 380 -29.48 -38.81 -42.92
C MET K 380 -30.52 -39.90 -43.05
N HIS K 381 -31.72 -39.53 -43.49
CA HIS K 381 -32.80 -40.49 -43.63
C HIS K 381 -32.64 -41.40 -44.84
N LEU K 382 -32.04 -40.89 -45.90
CA LEU K 382 -31.81 -41.70 -47.09
C LEU K 382 -30.72 -42.72 -46.77
N ILE K 383 -29.84 -42.39 -45.84
CA ILE K 383 -28.78 -43.29 -45.40
C ILE K 383 -29.43 -44.46 -44.66
N GLN K 384 -30.48 -44.16 -43.91
CA GLN K 384 -31.21 -45.19 -43.17
C GLN K 384 -32.04 -46.02 -44.13
N ALA K 385 -32.52 -45.38 -45.20
CA ALA K 385 -33.32 -46.07 -46.22
C ALA K 385 -32.43 -47.09 -46.93
N SER K 386 -31.21 -46.66 -47.26
CA SER K 386 -30.25 -47.53 -47.93
C SER K 386 -29.87 -48.68 -46.99
N ARG K 387 -29.76 -48.35 -45.71
CA ARG K 387 -29.41 -49.32 -44.67
C ARG K 387 -30.46 -50.42 -44.65
N ALA K 388 -31.73 -50.03 -44.69
CA ALA K 388 -32.85 -50.96 -44.66
C ALA K 388 -32.79 -51.91 -45.86
N ILE K 389 -32.48 -51.36 -47.03
CA ILE K 389 -32.38 -52.15 -48.25
C ILE K 389 -31.23 -53.14 -48.11
N GLU K 390 -30.13 -52.68 -47.54
CA GLU K 390 -28.95 -53.52 -47.32
C GLU K 390 -29.28 -54.60 -46.30
N ASP K 391 -30.24 -54.30 -45.42
CA ASP K 391 -30.64 -55.23 -44.37
C ASP K 391 -31.78 -56.15 -44.83
N GLY K 392 -31.94 -56.28 -46.15
CA GLY K 392 -32.96 -57.16 -46.70
C GLY K 392 -34.42 -56.73 -46.68
N ILE K 393 -34.70 -55.50 -46.23
CA ILE K 393 -36.07 -55.02 -46.20
C ILE K 393 -36.50 -54.63 -47.62
N ASN K 394 -37.75 -54.96 -47.97
CA ASN K 394 -38.26 -54.66 -49.31
C ASN K 394 -38.72 -53.22 -49.54
N LEU K 395 -37.79 -52.28 -49.41
CA LEU K 395 -38.09 -50.87 -49.63
C LEU K 395 -37.88 -50.65 -51.13
N LYS K 396 -38.98 -50.40 -51.84
CA LYS K 396 -38.92 -50.20 -53.28
C LYS K 396 -38.96 -48.76 -53.77
N GLY K 397 -39.14 -47.81 -52.85
CA GLY K 397 -39.19 -46.42 -53.26
C GLY K 397 -39.19 -45.41 -52.13
N TYR K 398 -38.87 -44.17 -52.48
CA TYR K 398 -38.83 -43.07 -51.54
C TYR K 398 -39.43 -41.82 -52.18
N MET K 399 -40.34 -41.18 -51.46
CA MET K 399 -41.00 -39.98 -51.94
C MET K 399 -40.93 -38.93 -50.85
N GLU K 400 -40.02 -37.97 -51.02
CA GLU K 400 -39.85 -36.93 -50.02
C GLU K 400 -41.08 -36.04 -49.96
N TRP K 401 -41.49 -35.69 -48.74
CA TRP K 401 -42.68 -34.87 -48.57
C TRP K 401 -42.60 -33.43 -48.99
N SER K 402 -43.59 -33.08 -49.81
CA SER K 402 -43.81 -31.75 -50.36
C SER K 402 -42.81 -31.32 -51.43
N LEU K 403 -43.33 -31.24 -52.64
CA LEU K 403 -42.54 -30.80 -53.78
C LEU K 403 -42.27 -29.33 -53.58
N MET K 404 -43.28 -28.63 -53.07
CA MET K 404 -43.18 -27.19 -52.83
C MET K 404 -43.85 -26.85 -51.51
N ASP K 405 -43.49 -25.70 -50.94
CA ASP K 405 -44.09 -25.26 -49.68
C ASP K 405 -45.58 -25.14 -49.90
N ASN K 406 -46.37 -25.55 -48.93
CA ASN K 406 -47.82 -25.49 -49.06
C ASN K 406 -48.57 -25.18 -47.77
N PHE K 407 -49.89 -25.32 -47.81
CA PHE K 407 -50.76 -25.08 -46.67
C PHE K 407 -50.54 -26.20 -45.67
N GLU K 408 -49.81 -25.90 -44.61
CA GLU K 408 -49.53 -26.90 -43.59
C GLU K 408 -50.64 -27.05 -42.55
N TRP K 409 -51.83 -27.37 -43.05
CA TRP K 409 -53.01 -27.59 -42.22
C TRP K 409 -53.25 -26.55 -41.13
N ALA K 410 -53.34 -26.99 -39.88
CA ALA K 410 -53.57 -26.07 -38.76
C ALA K 410 -52.46 -25.05 -38.57
N GLU K 411 -51.26 -25.36 -39.07
CA GLU K 411 -50.11 -24.46 -38.97
C GLU K 411 -50.18 -23.33 -39.99
N GLY K 412 -51.10 -23.45 -40.95
CA GLY K 412 -51.23 -22.44 -41.97
C GLY K 412 -50.07 -22.54 -42.93
N TYR K 413 -49.62 -21.39 -43.45
CA TYR K 413 -48.52 -21.36 -44.41
C TYR K 413 -47.15 -21.14 -43.78
N GLY K 414 -47.12 -20.88 -42.48
CA GLY K 414 -45.86 -20.62 -41.79
C GLY K 414 -44.79 -21.70 -41.80
N MET K 415 -45.20 -22.97 -41.80
CA MET K 415 -44.25 -24.07 -41.80
C MET K 415 -43.99 -24.56 -43.23
N ARG K 416 -42.72 -24.53 -43.64
CA ARG K 416 -42.32 -24.94 -44.98
C ARG K 416 -41.67 -26.32 -45.06
N PHE K 417 -42.27 -27.22 -45.83
CA PHE K 417 -41.78 -28.59 -46.00
C PHE K 417 -41.26 -28.90 -47.41
N GLY K 418 -41.43 -27.97 -48.34
CA GLY K 418 -41.03 -28.23 -49.71
C GLY K 418 -39.60 -28.06 -50.19
N LEU K 419 -39.35 -28.64 -51.36
CA LEU K 419 -38.05 -28.55 -52.04
C LEU K 419 -38.05 -27.27 -52.87
N VAL K 420 -39.25 -26.79 -53.17
CA VAL K 420 -39.44 -25.58 -53.96
C VAL K 420 -40.09 -24.52 -53.08
N HIS K 421 -39.45 -23.36 -52.99
CA HIS K 421 -39.98 -22.27 -52.19
C HIS K 421 -41.13 -21.56 -52.89
N VAL K 422 -42.21 -21.34 -52.15
CA VAL K 422 -43.37 -20.68 -52.71
C VAL K 422 -43.66 -19.42 -51.91
N ASP K 423 -43.63 -18.27 -52.58
CA ASP K 423 -43.93 -17.01 -51.91
C ASP K 423 -45.44 -16.88 -52.03
N TYR K 424 -46.14 -17.07 -50.92
CA TYR K 424 -47.60 -17.03 -50.93
C TYR K 424 -48.26 -15.72 -51.33
N ASP K 425 -47.51 -14.62 -51.27
CA ASP K 425 -48.07 -13.34 -51.66
C ASP K 425 -48.00 -13.14 -53.15
N THR K 426 -46.92 -13.59 -53.77
CA THR K 426 -46.71 -13.46 -55.20
C THR K 426 -46.85 -14.79 -55.96
N LEU K 427 -47.03 -15.87 -55.20
CA LEU K 427 -47.17 -17.21 -55.75
C LEU K 427 -45.98 -17.64 -56.62
N VAL K 428 -44.85 -16.94 -56.48
CA VAL K 428 -43.66 -17.25 -57.25
C VAL K 428 -42.95 -18.45 -56.64
N ARG K 429 -42.57 -19.39 -57.51
CA ARG K 429 -41.89 -20.61 -57.07
C ARG K 429 -40.40 -20.56 -57.40
N THR K 430 -39.57 -20.83 -56.40
CA THR K 430 -38.12 -20.81 -56.55
C THR K 430 -37.54 -22.10 -55.99
N PRO K 431 -36.89 -22.92 -56.84
CA PRO K 431 -36.31 -24.17 -56.36
C PRO K 431 -35.23 -23.89 -55.32
N LYS K 432 -35.32 -24.58 -54.18
CA LYS K 432 -34.35 -24.43 -53.10
C LYS K 432 -33.10 -25.26 -53.42
N ASP K 433 -32.08 -25.14 -52.57
CA ASP K 433 -30.85 -25.91 -52.76
C ASP K 433 -31.12 -27.39 -52.63
N SER K 434 -32.08 -27.73 -51.76
CA SER K 434 -32.45 -29.12 -51.52
C SER K 434 -33.02 -29.75 -52.79
N PHE K 435 -33.69 -28.94 -53.61
CA PHE K 435 -34.28 -29.39 -54.86
C PHE K 435 -33.17 -29.93 -55.76
N TYR K 436 -32.17 -29.08 -55.99
CA TYR K 436 -31.02 -29.44 -56.83
C TYR K 436 -30.24 -30.60 -56.24
N TRP K 437 -30.19 -30.67 -54.90
CA TRP K 437 -29.47 -31.75 -54.22
C TRP K 437 -30.19 -33.07 -54.47
N TYR K 438 -31.49 -33.10 -54.18
CA TYR K 438 -32.30 -34.30 -54.37
C TYR K 438 -32.25 -34.74 -55.82
N LYS K 439 -32.24 -33.77 -56.73
CA LYS K 439 -32.17 -34.05 -58.16
C LYS K 439 -30.93 -34.87 -58.45
N GLY K 440 -29.81 -34.46 -57.86
CA GLY K 440 -28.55 -35.17 -58.05
C GLY K 440 -28.55 -36.57 -57.49
N VAL K 441 -29.20 -36.74 -56.33
CA VAL K 441 -29.30 -38.05 -55.69
C VAL K 441 -30.08 -38.99 -56.59
N ILE K 442 -31.18 -38.49 -57.15
CA ILE K 442 -32.02 -39.28 -58.04
C ILE K 442 -31.25 -39.68 -59.30
N SER K 443 -30.49 -38.72 -59.83
CA SER K 443 -29.70 -38.96 -61.04
C SER K 443 -28.63 -40.01 -60.83
N ARG K 444 -27.86 -39.88 -59.75
CA ARG K 444 -26.79 -40.82 -59.43
C ARG K 444 -27.32 -42.19 -59.02
N GLY K 445 -28.31 -42.20 -58.13
CA GLY K 445 -28.88 -43.43 -57.65
C GLY K 445 -28.17 -43.87 -56.38
N TRP K 446 -27.22 -43.05 -55.95
CA TRP K 446 -26.46 -43.32 -54.74
C TRP K 446 -26.14 -42.01 -54.02
N LEU K 447 -25.52 -42.11 -52.85
CA LEU K 447 -25.20 -40.93 -52.07
C LEU K 447 -23.81 -41.01 -51.46
N ASP K 448 -22.98 -40.02 -51.77
CA ASP K 448 -21.61 -39.96 -51.25
C ASP K 448 -21.61 -39.02 -50.04
N LEU K 449 -21.87 -39.58 -48.88
CA LEU K 449 -21.94 -38.81 -47.64
C LEU K 449 -21.19 -39.54 -46.52
N SER L 1 -57.25 -12.71 -30.93
CA SER L 1 -58.70 -12.40 -30.72
C SER L 1 -59.31 -12.10 -32.08
N ILE L 2 -60.46 -12.72 -32.36
CA ILE L 2 -61.13 -12.54 -33.64
C ILE L 2 -62.09 -11.35 -33.68
N HIS L 3 -61.75 -10.39 -34.54
CA HIS L 3 -62.53 -9.18 -34.74
C HIS L 3 -63.31 -9.38 -36.03
N MET L 4 -64.59 -9.67 -35.87
CA MET L 4 -65.49 -9.94 -37.00
C MET L 4 -66.06 -8.68 -37.67
N PHE L 5 -66.38 -8.83 -38.94
CA PHE L 5 -66.96 -7.76 -39.75
C PHE L 5 -68.14 -8.36 -40.50
N PRO L 6 -69.22 -7.57 -40.67
CA PRO L 6 -70.44 -8.00 -41.37
C PRO L 6 -70.13 -8.54 -42.77
N SER L 7 -70.93 -9.51 -43.20
CA SER L 7 -70.77 -10.12 -44.51
C SER L 7 -70.86 -9.09 -45.64
N ASP L 8 -71.76 -8.12 -45.49
CA ASP L 8 -71.97 -7.08 -46.47
C ASP L 8 -71.13 -5.82 -46.23
N PHE L 9 -70.04 -5.97 -45.47
CA PHE L 9 -69.17 -4.83 -45.17
C PHE L 9 -68.45 -4.40 -46.44
N LYS L 10 -68.45 -3.09 -46.70
CA LYS L 10 -67.81 -2.56 -47.90
C LYS L 10 -66.34 -2.23 -47.69
N TRP L 11 -65.48 -3.17 -48.09
CA TRP L 11 -64.04 -2.99 -47.98
C TRP L 11 -63.57 -2.20 -49.20
N GLY L 12 -62.77 -1.18 -48.95
CA GLY L 12 -62.28 -0.36 -50.05
C GLY L 12 -60.99 0.36 -49.78
N VAL L 13 -60.59 1.19 -50.74
CA VAL L 13 -59.37 1.98 -50.66
C VAL L 13 -59.67 3.28 -51.41
N ALA L 14 -58.95 4.36 -51.07
CA ALA L 14 -59.21 5.63 -51.71
C ALA L 14 -57.99 6.39 -52.22
N THR L 15 -58.27 7.30 -53.17
CA THR L 15 -57.24 8.16 -53.78
C THR L 15 -57.87 9.52 -54.04
N ALA L 16 -57.10 10.43 -54.62
CA ALA L 16 -57.58 11.77 -54.95
C ALA L 16 -56.96 12.20 -56.28
N ALA L 17 -57.79 12.84 -57.10
CA ALA L 17 -57.39 13.29 -58.43
C ALA L 17 -56.00 13.91 -58.56
N TYR L 18 -55.81 15.09 -57.97
CA TYR L 18 -54.52 15.77 -58.07
C TYR L 18 -53.35 15.03 -57.43
N GLN L 19 -53.66 14.11 -56.52
CA GLN L 19 -52.61 13.35 -55.85
C GLN L 19 -52.01 12.20 -56.65
N ILE L 20 -52.79 11.63 -57.58
CA ILE L 20 -52.31 10.50 -58.37
C ILE L 20 -52.34 10.62 -59.89
N GLU L 21 -53.34 11.32 -60.42
CA GLU L 21 -53.52 11.47 -61.87
C GLU L 21 -52.35 11.91 -62.74
N GLY L 22 -51.83 13.10 -62.48
CA GLY L 22 -50.75 13.61 -63.29
C GLY L 22 -51.38 14.17 -64.56
N ALA L 23 -50.58 14.35 -65.62
CA ALA L 23 -51.08 14.88 -66.89
C ALA L 23 -51.94 16.12 -66.62
N TYR L 24 -51.41 17.03 -65.80
CA TYR L 24 -52.09 18.25 -65.42
C TYR L 24 -52.33 19.20 -66.59
N ASN L 25 -51.44 19.15 -67.57
CA ASN L 25 -51.53 20.02 -68.73
C ASN L 25 -51.81 19.23 -69.99
N GLU L 26 -52.68 18.23 -69.89
CA GLU L 26 -53.01 17.39 -71.04
C GLU L 26 -54.50 17.31 -71.30
N ASP L 27 -54.82 16.99 -72.56
CA ASP L 27 -56.20 16.84 -73.01
C ASP L 27 -57.12 17.95 -72.55
N GLY L 28 -56.63 19.18 -72.62
CA GLY L 28 -57.42 20.34 -72.25
C GLY L 28 -57.77 20.56 -70.79
N ARG L 29 -56.99 19.97 -69.88
CA ARG L 29 -57.26 20.16 -68.46
C ARG L 29 -56.88 21.57 -68.03
N GLY L 30 -57.76 22.21 -67.28
CA GLY L 30 -57.48 23.55 -66.81
C GLY L 30 -56.70 23.48 -65.50
N MET L 31 -56.02 24.56 -65.16
CA MET L 31 -55.25 24.60 -63.91
C MET L 31 -56.18 24.71 -62.72
N SER L 32 -55.77 24.15 -61.60
CA SER L 32 -56.54 24.22 -60.37
C SER L 32 -55.74 25.08 -59.42
N ILE L 33 -56.33 25.40 -58.26
CA ILE L 33 -55.64 26.21 -57.28
C ILE L 33 -54.38 25.49 -56.78
N TRP L 34 -54.39 24.17 -56.85
CA TRP L 34 -53.25 23.37 -56.42
C TRP L 34 -52.12 23.34 -57.42
N ASP L 35 -52.45 23.46 -58.71
CA ASP L 35 -51.42 23.49 -59.74
C ASP L 35 -50.65 24.79 -59.51
N THR L 36 -51.41 25.85 -59.29
CA THR L 36 -50.88 27.18 -59.04
C THR L 36 -50.04 27.19 -57.77
N PHE L 37 -50.63 26.69 -56.69
CA PHE L 37 -49.99 26.64 -55.37
C PHE L 37 -48.66 25.87 -55.44
N ALA L 38 -48.72 24.66 -55.97
CA ALA L 38 -47.55 23.79 -56.09
C ALA L 38 -46.46 24.42 -56.95
N HIS L 39 -46.85 25.16 -57.97
CA HIS L 39 -45.91 25.82 -58.86
C HIS L 39 -45.29 27.06 -58.23
N THR L 40 -45.89 27.54 -57.15
CA THR L 40 -45.39 28.72 -56.45
C THR L 40 -44.23 28.34 -55.54
N PRO L 41 -43.06 28.95 -55.77
CA PRO L 41 -41.86 28.68 -54.97
C PRO L 41 -42.09 28.84 -53.48
N GLY L 42 -41.69 27.83 -52.71
CA GLY L 42 -41.83 27.89 -51.26
C GLY L 42 -43.15 27.41 -50.70
N LYS L 43 -44.12 27.09 -51.56
CA LYS L 43 -45.43 26.62 -51.08
C LYS L 43 -45.44 25.13 -50.78
N VAL L 44 -44.73 24.35 -51.58
CA VAL L 44 -44.67 22.91 -51.38
C VAL L 44 -43.22 22.47 -51.13
N LYS L 45 -43.06 21.50 -50.25
CA LYS L 45 -41.74 20.98 -49.90
C LYS L 45 -40.96 20.51 -51.13
N ASN L 46 -39.73 20.99 -51.24
CA ASN L 46 -38.84 20.65 -52.35
C ASN L 46 -39.28 21.18 -53.71
N GLY L 47 -40.42 21.85 -53.74
CA GLY L 47 -40.94 22.38 -54.98
C GLY L 47 -41.67 21.32 -55.78
N ASP L 48 -42.18 20.31 -55.08
CA ASP L 48 -42.92 19.22 -55.70
C ASP L 48 -44.27 19.69 -56.19
N ASN L 49 -44.82 18.97 -57.17
CA ASN L 49 -46.13 19.30 -57.74
C ASN L 49 -46.77 18.07 -58.34
N GLY L 50 -48.08 18.13 -58.56
CA GLY L 50 -48.79 17.00 -59.13
C GLY L 50 -48.79 16.94 -60.64
N ASN L 51 -47.75 17.48 -61.27
CA ASN L 51 -47.63 17.47 -62.73
C ASN L 51 -47.71 16.05 -63.28
N VAL L 52 -46.94 15.15 -62.67
CA VAL L 52 -46.91 13.74 -63.09
C VAL L 52 -47.52 12.84 -62.02
N ALA L 53 -47.16 13.07 -60.77
CA ALA L 53 -47.66 12.29 -59.65
C ALA L 53 -47.41 10.79 -59.86
N CYS L 54 -48.49 10.01 -59.97
CA CYS L 54 -48.37 8.57 -60.20
C CYS L 54 -48.71 8.23 -61.65
N ASP L 55 -49.04 9.26 -62.42
CA ASP L 55 -49.39 9.11 -63.84
C ASP L 55 -50.60 8.21 -64.06
N SER L 56 -51.49 8.17 -63.08
CA SER L 56 -52.69 7.34 -63.16
C SER L 56 -53.62 7.70 -64.32
N TYR L 57 -53.44 8.89 -64.87
CA TYR L 57 -54.25 9.34 -65.99
C TYR L 57 -53.98 8.46 -67.22
N HIS L 58 -52.74 7.97 -67.31
CA HIS L 58 -52.32 7.11 -68.41
C HIS L 58 -52.21 5.66 -67.97
N ARG L 59 -52.61 5.37 -66.74
CA ARG L 59 -52.50 4.02 -66.22
C ARG L 59 -53.78 3.48 -65.59
N VAL L 60 -54.89 3.64 -66.30
CA VAL L 60 -56.19 3.16 -65.82
C VAL L 60 -56.14 1.66 -65.58
N GLU L 61 -55.57 0.94 -66.54
CA GLU L 61 -55.45 -0.52 -66.47
C GLU L 61 -54.64 -0.94 -65.26
N GLU L 62 -53.53 -0.25 -65.02
CA GLU L 62 -52.66 -0.57 -63.89
C GLU L 62 -53.35 -0.31 -62.55
N ASP L 63 -54.09 0.79 -62.47
CA ASP L 63 -54.82 1.15 -61.25
C ASP L 63 -55.83 0.07 -60.92
N VAL L 64 -56.67 -0.26 -61.89
CA VAL L 64 -57.70 -1.27 -61.71
C VAL L 64 -57.12 -2.64 -61.38
N GLN L 65 -55.95 -2.94 -61.93
CA GLN L 65 -55.31 -4.22 -61.68
C GLN L 65 -54.93 -4.32 -60.21
N LEU L 66 -54.40 -3.22 -59.66
CA LEU L 66 -54.02 -3.20 -58.25
C LEU L 66 -55.28 -3.40 -57.41
N LEU L 67 -56.37 -2.76 -57.84
CA LEU L 67 -57.64 -2.84 -57.15
C LEU L 67 -58.23 -4.25 -57.12
N LYS L 68 -58.17 -4.96 -58.24
CA LYS L 68 -58.71 -6.32 -58.26
C LYS L 68 -57.77 -7.29 -57.56
N ASP L 69 -56.48 -6.96 -57.53
CA ASP L 69 -55.51 -7.80 -56.84
C ASP L 69 -55.73 -7.67 -55.35
N LEU L 70 -56.08 -6.46 -54.90
CA LEU L 70 -56.32 -6.18 -53.50
C LEU L 70 -57.62 -6.82 -53.04
N GLY L 71 -58.52 -7.09 -53.98
CA GLY L 71 -59.79 -7.71 -53.67
C GLY L 71 -60.82 -6.71 -53.12
N VAL L 72 -60.54 -5.44 -53.35
CA VAL L 72 -61.38 -4.35 -52.89
C VAL L 72 -62.77 -4.40 -53.53
N LYS L 73 -63.80 -4.12 -52.73
CA LYS L 73 -65.18 -4.12 -53.22
C LYS L 73 -65.64 -2.71 -53.59
N VAL L 74 -64.97 -1.71 -53.03
CA VAL L 74 -65.31 -0.31 -53.29
C VAL L 74 -64.04 0.48 -53.53
N TYR L 75 -64.09 1.40 -54.49
CA TYR L 75 -62.93 2.25 -54.79
C TYR L 75 -63.39 3.70 -54.75
N ARG L 76 -62.80 4.47 -53.85
CA ARG L 76 -63.15 5.88 -53.75
C ARG L 76 -62.11 6.74 -54.44
N PHE L 77 -62.56 7.55 -55.39
CA PHE L 77 -61.69 8.44 -56.14
C PHE L 77 -62.43 9.76 -56.31
N SER L 78 -61.73 10.79 -56.80
CA SER L 78 -62.36 12.08 -57.01
C SER L 78 -62.26 12.54 -58.46
N ILE L 79 -63.16 13.45 -58.83
CA ILE L 79 -63.18 13.99 -60.18
C ILE L 79 -62.45 15.32 -60.18
N SER L 80 -61.53 15.50 -61.12
CA SER L 80 -60.80 16.74 -61.24
C SER L 80 -61.71 17.74 -61.95
N TRP L 81 -62.27 18.68 -61.21
CA TRP L 81 -63.16 19.69 -61.73
C TRP L 81 -62.60 20.38 -62.99
N PRO L 82 -61.33 20.86 -62.94
CA PRO L 82 -60.73 21.53 -64.10
C PRO L 82 -60.56 20.63 -65.31
N ARG L 83 -60.64 19.32 -65.11
CA ARG L 83 -60.47 18.38 -66.21
C ARG L 83 -61.77 18.18 -67.01
N VAL L 84 -62.91 18.42 -66.39
CA VAL L 84 -64.19 18.28 -67.06
C VAL L 84 -64.77 19.64 -67.46
N LEU L 85 -64.42 20.67 -66.69
CA LEU L 85 -64.85 22.04 -66.94
C LEU L 85 -63.61 22.88 -66.62
N PRO L 86 -62.72 23.05 -67.60
CA PRO L 86 -61.47 23.82 -67.48
C PRO L 86 -61.62 25.21 -66.86
N GLN L 87 -62.75 25.86 -67.13
CA GLN L 87 -63.00 27.20 -66.60
C GLN L 87 -63.92 27.14 -65.38
N GLY L 88 -64.24 25.93 -64.95
CA GLY L 88 -65.11 25.73 -63.80
C GLY L 88 -66.57 25.75 -64.21
N THR L 89 -66.83 26.40 -65.35
CA THR L 89 -68.18 26.51 -65.88
C THR L 89 -68.11 26.71 -67.39
N GLY L 90 -69.21 26.41 -68.07
CA GLY L 90 -69.27 26.58 -69.51
C GLY L 90 -68.82 25.39 -70.34
N GLU L 91 -67.77 25.62 -71.13
CA GLU L 91 -67.23 24.60 -72.03
C GLU L 91 -66.86 23.29 -71.32
N VAL L 92 -67.46 22.21 -71.80
CA VAL L 92 -67.22 20.88 -71.25
C VAL L 92 -66.09 20.17 -71.99
N ASN L 93 -65.07 19.76 -71.25
CA ASN L 93 -63.94 19.05 -71.84
C ASN L 93 -64.24 17.56 -71.86
N ARG L 94 -64.75 17.07 -72.98
CA ARG L 94 -65.11 15.67 -73.14
C ARG L 94 -63.94 14.70 -72.97
N ALA L 95 -62.72 15.15 -73.27
CA ALA L 95 -61.55 14.30 -73.12
C ALA L 95 -61.37 13.90 -71.66
N GLY L 96 -61.69 14.84 -70.76
CA GLY L 96 -61.59 14.57 -69.33
C GLY L 96 -62.63 13.56 -68.90
N LEU L 97 -63.87 13.81 -69.31
CA LEU L 97 -64.99 12.91 -68.98
C LEU L 97 -64.75 11.51 -69.52
N ASP L 98 -64.07 11.42 -70.66
CA ASP L 98 -63.75 10.14 -71.27
C ASP L 98 -62.91 9.30 -70.32
N TYR L 99 -61.94 9.94 -69.68
CA TYR L 99 -61.06 9.27 -68.73
C TYR L 99 -61.85 8.66 -67.58
N TYR L 100 -62.71 9.47 -66.97
CA TYR L 100 -63.51 9.02 -65.85
C TYR L 100 -64.47 7.92 -66.25
N HIS L 101 -64.98 7.98 -67.47
CA HIS L 101 -65.89 6.95 -67.97
C HIS L 101 -65.12 5.64 -68.16
N ARG L 102 -63.90 5.75 -68.68
CA ARG L 102 -63.04 4.59 -68.92
C ARG L 102 -62.69 3.92 -67.59
N LEU L 103 -62.40 4.74 -66.59
CA LEU L 103 -62.05 4.26 -65.25
C LEU L 103 -63.25 3.54 -64.64
N VAL L 104 -64.38 4.24 -64.60
CA VAL L 104 -65.60 3.68 -64.03
C VAL L 104 -66.02 2.38 -64.72
N ASP L 105 -65.86 2.34 -66.04
CA ASP L 105 -66.23 1.15 -66.81
C ASP L 105 -65.36 -0.04 -66.41
N GLU L 106 -64.06 0.22 -66.22
CA GLU L 106 -63.14 -0.83 -65.81
C GLU L 106 -63.48 -1.33 -64.43
N LEU L 107 -63.81 -0.40 -63.53
CA LEU L 107 -64.16 -0.75 -62.16
C LEU L 107 -65.38 -1.67 -62.20
N LEU L 108 -66.44 -1.21 -62.85
CA LEU L 108 -67.67 -1.99 -62.98
C LEU L 108 -67.43 -3.35 -63.61
N ALA L 109 -66.57 -3.39 -64.61
CA ALA L 109 -66.25 -4.62 -65.32
C ALA L 109 -65.55 -5.64 -64.43
N ASN L 110 -64.92 -5.16 -63.35
CA ASN L 110 -64.20 -6.03 -62.43
C ASN L 110 -64.90 -6.17 -61.07
N GLY L 111 -66.18 -5.80 -61.02
CA GLY L 111 -66.95 -5.89 -59.79
C GLY L 111 -66.57 -4.94 -58.68
N ILE L 112 -66.00 -3.81 -59.04
CA ILE L 112 -65.59 -2.81 -58.06
C ILE L 112 -66.57 -1.64 -58.08
N GLU L 113 -67.20 -1.37 -56.95
CA GLU L 113 -68.17 -0.30 -56.81
C GLU L 113 -67.49 1.07 -56.71
N PRO L 114 -67.82 1.98 -57.63
CA PRO L 114 -67.24 3.32 -57.64
C PRO L 114 -67.84 4.20 -56.54
N PHE L 115 -66.97 4.92 -55.84
CA PHE L 115 -67.38 5.82 -54.78
C PHE L 115 -66.77 7.15 -55.22
N CYS L 116 -67.56 7.92 -55.97
CA CYS L 116 -67.10 9.19 -56.50
C CYS L 116 -67.15 10.38 -55.56
N THR L 117 -66.06 11.14 -55.55
CA THR L 117 -65.93 12.33 -54.73
C THR L 117 -65.85 13.51 -55.69
N LEU L 118 -66.88 14.34 -55.69
CA LEU L 118 -66.94 15.51 -56.56
C LEU L 118 -65.83 16.51 -56.34
N TYR L 119 -65.65 16.95 -55.09
CA TYR L 119 -64.64 17.94 -54.80
C TYR L 119 -63.60 17.53 -53.78
N HIS L 120 -62.34 17.51 -54.21
CA HIS L 120 -61.24 17.17 -53.33
C HIS L 120 -60.15 18.23 -53.43
N TRP L 121 -60.54 19.47 -53.16
CA TRP L 121 -59.65 20.63 -53.13
C TRP L 121 -59.13 21.25 -54.43
N ASP L 122 -59.32 20.56 -55.55
CA ASP L 122 -58.83 21.07 -56.83
C ASP L 122 -59.75 22.06 -57.57
N LEU L 123 -60.06 23.18 -56.93
CA LEU L 123 -60.91 24.21 -57.51
C LEU L 123 -60.25 24.82 -58.75
N PRO L 124 -61.01 24.98 -59.85
CA PRO L 124 -60.47 25.55 -61.08
C PRO L 124 -59.95 26.95 -60.81
N GLN L 125 -58.73 27.23 -61.27
CA GLN L 125 -58.10 28.53 -61.07
C GLN L 125 -58.98 29.67 -61.60
N ALA L 126 -59.71 29.40 -62.67
CA ALA L 126 -60.59 30.40 -63.27
C ALA L 126 -61.60 30.92 -62.26
N LEU L 127 -62.14 30.02 -61.45
CA LEU L 127 -63.11 30.38 -60.42
C LEU L 127 -62.41 31.09 -59.27
N GLN L 128 -61.18 30.68 -58.98
CA GLN L 128 -60.41 31.29 -57.90
C GLN L 128 -60.10 32.74 -58.25
N ASP L 129 -59.90 33.01 -59.54
CA ASP L 129 -59.62 34.36 -60.00
C ASP L 129 -60.82 35.26 -59.75
N GLN L 130 -62.00 34.66 -59.66
CA GLN L 130 -63.25 35.38 -59.41
C GLN L 130 -63.57 35.43 -57.93
N GLY L 131 -62.62 35.02 -57.10
CA GLY L 131 -62.81 35.02 -55.66
C GLY L 131 -62.84 33.64 -55.03
N GLY L 132 -62.92 32.61 -55.87
CA GLY L 132 -62.95 31.25 -55.37
C GLY L 132 -64.14 31.02 -54.48
N TRP L 133 -63.97 30.16 -53.48
CA TRP L 133 -65.05 29.85 -52.54
C TRP L 133 -65.47 31.02 -51.67
N GLY L 134 -64.79 32.16 -51.83
CA GLY L 134 -65.15 33.33 -51.07
C GLY L 134 -66.34 34.03 -51.72
N SER L 135 -66.56 33.72 -52.99
CA SER L 135 -67.66 34.30 -53.76
C SER L 135 -68.79 33.31 -53.94
N ARG L 136 -70.03 33.79 -53.86
CA ARG L 136 -71.21 32.95 -54.02
C ARG L 136 -71.35 32.44 -55.45
N ILE L 137 -70.62 33.06 -56.37
CA ILE L 137 -70.65 32.67 -57.78
C ILE L 137 -70.18 31.22 -57.92
N THR L 138 -69.20 30.85 -57.10
CA THR L 138 -68.66 29.50 -57.13
C THR L 138 -69.70 28.46 -56.72
N ILE L 139 -70.67 28.87 -55.91
CA ILE L 139 -71.74 27.96 -55.48
C ILE L 139 -72.52 27.52 -56.73
N ASP L 140 -72.75 28.48 -57.63
CA ASP L 140 -73.47 28.21 -58.88
C ASP L 140 -72.64 27.26 -59.73
N ALA L 141 -71.35 27.59 -59.85
CA ALA L 141 -70.41 26.78 -60.63
C ALA L 141 -70.40 25.32 -60.16
N PHE L 142 -70.40 25.12 -58.85
CA PHE L 142 -70.39 23.78 -58.30
C PHE L 142 -71.69 23.05 -58.60
N ALA L 143 -72.80 23.78 -58.56
CA ALA L 143 -74.10 23.20 -58.85
C ALA L 143 -74.14 22.72 -60.29
N GLU L 144 -73.54 23.50 -61.17
CA GLU L 144 -73.47 23.16 -62.59
C GLU L 144 -72.58 21.92 -62.76
N TYR L 145 -71.46 21.94 -62.06
CA TYR L 145 -70.49 20.85 -62.08
C TYR L 145 -71.10 19.56 -61.57
N ALA L 146 -71.79 19.64 -60.44
CA ALA L 146 -72.43 18.48 -59.83
C ALA L 146 -73.45 17.87 -60.78
N GLU L 147 -74.32 18.72 -61.34
CA GLU L 147 -75.35 18.28 -62.27
C GLU L 147 -74.72 17.56 -63.46
N LEU L 148 -73.62 18.11 -63.98
CA LEU L 148 -72.93 17.52 -65.12
C LEU L 148 -72.47 16.10 -64.80
N MET L 149 -71.78 15.93 -63.68
CA MET L 149 -71.27 14.63 -63.28
C MET L 149 -72.40 13.64 -62.98
N PHE L 150 -73.47 14.14 -62.38
CA PHE L 150 -74.62 13.30 -62.06
C PHE L 150 -75.23 12.74 -63.33
N LYS L 151 -75.29 13.56 -64.37
CA LYS L 151 -75.86 13.15 -65.65
C LYS L 151 -74.89 12.24 -66.42
N GLU L 152 -73.60 12.53 -66.31
CA GLU L 152 -72.59 11.76 -67.00
C GLU L 152 -72.35 10.37 -66.39
N LEU L 153 -71.90 10.36 -65.14
CA LEU L 153 -71.59 9.12 -64.45
C LEU L 153 -72.67 8.61 -63.49
N GLY L 154 -73.74 9.38 -63.32
CA GLY L 154 -74.81 8.98 -62.42
C GLY L 154 -75.44 7.63 -62.65
N GLY L 155 -75.37 7.13 -63.89
CA GLY L 155 -75.94 5.83 -64.20
C GLY L 155 -75.05 4.67 -63.79
N LYS L 156 -73.76 4.95 -63.59
CA LYS L 156 -72.80 3.92 -63.22
C LYS L 156 -72.38 4.03 -61.76
N ILE L 157 -72.38 5.25 -61.24
CA ILE L 157 -71.98 5.53 -59.86
C ILE L 157 -73.18 5.72 -58.95
N LYS L 158 -73.21 4.94 -57.87
CA LYS L 158 -74.31 4.99 -56.90
C LYS L 158 -73.80 5.42 -55.51
N GLN L 159 -72.58 5.94 -55.45
CA GLN L 159 -71.98 6.38 -54.20
C GLN L 159 -71.34 7.75 -54.48
N TRP L 160 -71.94 8.80 -53.94
CA TRP L 160 -71.42 10.14 -54.18
C TRP L 160 -71.09 10.92 -52.91
N ILE L 161 -69.99 11.66 -52.98
CA ILE L 161 -69.52 12.50 -51.88
C ILE L 161 -69.34 13.88 -52.49
N THR L 162 -69.99 14.88 -51.92
CA THR L 162 -69.87 16.24 -52.43
C THR L 162 -68.50 16.83 -52.15
N PHE L 163 -68.20 17.06 -50.87
CA PHE L 163 -66.92 17.63 -50.46
C PHE L 163 -66.16 16.71 -49.51
N ASN L 164 -64.86 16.62 -49.72
CA ASN L 164 -64.01 15.79 -48.88
C ASN L 164 -63.20 16.70 -47.96
N GLU L 165 -63.34 16.48 -46.67
CA GLU L 165 -62.63 17.25 -45.63
C GLU L 165 -62.80 18.75 -45.79
N PRO L 166 -64.03 19.25 -45.54
CA PRO L 166 -64.39 20.66 -45.63
C PRO L 166 -63.49 21.58 -44.82
N TRP L 167 -63.10 21.13 -43.62
CA TRP L 167 -62.23 21.94 -42.77
C TRP L 167 -60.89 22.21 -43.43
N CYS L 168 -60.32 21.19 -44.07
CA CYS L 168 -59.03 21.33 -44.73
C CYS L 168 -59.08 22.33 -45.88
N MET L 169 -60.10 22.21 -46.74
CA MET L 169 -60.24 23.12 -47.88
C MET L 169 -60.65 24.53 -47.45
N ALA L 170 -61.24 24.64 -46.27
CA ALA L 170 -61.70 25.93 -45.76
C ALA L 170 -60.70 26.61 -44.82
N PHE L 171 -60.53 26.05 -43.62
CA PHE L 171 -59.64 26.60 -42.62
C PHE L 171 -58.14 26.43 -42.85
N LEU L 172 -57.70 25.21 -43.16
CA LEU L 172 -56.29 24.97 -43.40
C LEU L 172 -55.80 25.72 -44.64
N SER L 173 -56.73 25.98 -45.56
CA SER L 173 -56.41 26.67 -46.80
C SER L 173 -56.56 28.19 -46.75
N ASN L 174 -57.64 28.67 -46.14
CA ASN L 174 -57.89 30.11 -46.08
C ASN L 174 -57.65 30.78 -44.74
N TYR L 175 -57.40 29.99 -43.70
CA TYR L 175 -57.17 30.54 -42.38
C TYR L 175 -55.71 30.34 -41.93
N LEU L 176 -55.20 29.12 -42.12
CA LEU L 176 -53.83 28.81 -41.74
C LEU L 176 -52.84 29.00 -42.89
N GLY L 177 -53.37 29.11 -44.10
CA GLY L 177 -52.53 29.31 -45.28
C GLY L 177 -51.56 28.21 -45.63
N VAL L 178 -51.84 26.99 -45.17
CA VAL L 178 -50.96 25.85 -45.44
C VAL L 178 -51.33 25.18 -46.77
N HIS L 179 -52.61 25.23 -47.12
CA HIS L 179 -53.09 24.63 -48.35
C HIS L 179 -53.64 25.70 -49.30
N ALA L 180 -53.74 25.36 -50.58
CA ALA L 180 -54.24 26.28 -51.60
C ALA L 180 -55.66 26.74 -51.25
N PRO L 181 -55.97 28.03 -51.48
CA PRO L 181 -55.17 29.12 -52.05
C PRO L 181 -54.01 29.60 -51.17
N GLY L 182 -54.11 29.38 -49.87
CA GLY L 182 -53.04 29.81 -48.98
C GLY L 182 -53.29 31.15 -48.33
N ASN L 183 -54.54 31.38 -47.91
CA ASN L 183 -54.90 32.63 -47.27
C ASN L 183 -54.89 32.49 -45.75
N LYS L 184 -54.83 33.62 -45.06
CA LYS L 184 -54.83 33.66 -43.60
C LYS L 184 -55.87 34.68 -43.15
N ASP L 185 -57.12 34.26 -43.15
CA ASP L 185 -58.26 35.09 -42.77
C ASP L 185 -59.33 34.17 -42.21
N LEU L 186 -59.60 34.29 -40.91
CA LEU L 186 -60.59 33.47 -40.25
C LEU L 186 -61.98 33.66 -40.87
N GLN L 187 -62.37 34.91 -41.06
CA GLN L 187 -63.68 35.20 -41.64
C GLN L 187 -63.82 34.59 -43.03
N LEU L 188 -62.78 34.69 -43.84
CA LEU L 188 -62.80 34.13 -45.18
C LEU L 188 -63.01 32.62 -45.11
N ALA L 189 -62.32 31.99 -44.16
CA ALA L 189 -62.44 30.55 -43.95
C ALA L 189 -63.88 30.20 -43.59
N ILE L 190 -64.51 31.07 -42.81
CA ILE L 190 -65.89 30.87 -42.39
C ILE L 190 -66.83 31.09 -43.58
N ASP L 191 -66.45 32.02 -44.46
CA ASP L 191 -67.24 32.31 -45.65
C ASP L 191 -67.22 31.08 -46.55
N VAL L 192 -66.01 30.56 -46.78
CA VAL L 192 -65.81 29.38 -47.61
C VAL L 192 -66.60 28.21 -47.06
N SER L 193 -66.55 28.03 -45.74
CA SER L 193 -67.27 26.94 -45.10
C SER L 193 -68.76 27.03 -45.37
N HIS L 194 -69.28 28.25 -45.35
CA HIS L 194 -70.69 28.47 -45.59
C HIS L 194 -71.05 28.20 -47.05
N HIS L 195 -70.27 28.76 -47.97
CA HIS L 195 -70.51 28.60 -49.40
C HIS L 195 -70.41 27.16 -49.89
N LEU L 196 -69.48 26.40 -49.33
CA LEU L 196 -69.31 25.00 -49.73
C LEU L 196 -70.53 24.20 -49.25
N LEU L 197 -71.06 24.57 -48.09
CA LEU L 197 -72.23 23.90 -47.53
C LEU L 197 -73.46 24.16 -48.38
N VAL L 198 -73.59 25.39 -48.87
CA VAL L 198 -74.72 25.76 -49.73
C VAL L 198 -74.59 24.98 -51.04
N ALA L 199 -73.37 24.95 -51.57
CA ALA L 199 -73.08 24.24 -52.81
C ALA L 199 -73.42 22.76 -52.62
N HIS L 200 -73.13 22.24 -51.43
CA HIS L 200 -73.41 20.85 -51.09
C HIS L 200 -74.91 20.61 -51.09
N GLY L 201 -75.64 21.47 -50.38
CA GLY L 201 -77.08 21.36 -50.29
C GLY L 201 -77.74 21.36 -51.66
N ARG L 202 -77.29 22.27 -52.51
CA ARG L 202 -77.82 22.37 -53.86
C ARG L 202 -77.51 21.12 -54.67
N ALA L 203 -76.32 20.57 -54.46
CA ALA L 203 -75.90 19.35 -55.15
C ALA L 203 -76.77 18.16 -54.72
N VAL L 204 -77.10 18.11 -53.43
CA VAL L 204 -77.93 17.03 -52.91
C VAL L 204 -79.31 17.12 -53.53
N THR L 205 -79.84 18.34 -53.59
CA THR L 205 -81.17 18.58 -54.17
C THR L 205 -81.18 18.10 -55.61
N LEU L 206 -80.15 18.46 -56.38
CA LEU L 206 -80.04 18.06 -57.78
C LEU L 206 -80.02 16.54 -57.89
N PHE L 207 -79.27 15.90 -57.01
CA PHE L 207 -79.15 14.45 -56.98
C PHE L 207 -80.53 13.82 -56.84
N ARG L 208 -81.35 14.40 -55.97
CA ARG L 208 -82.69 13.90 -55.72
C ARG L 208 -83.60 14.15 -56.93
N GLU L 209 -83.55 15.38 -57.45
CA GLU L 209 -84.38 15.76 -58.59
C GLU L 209 -84.09 14.95 -59.84
N LEU L 210 -82.82 14.63 -60.07
CA LEU L 210 -82.42 13.85 -61.23
C LEU L 210 -82.87 12.40 -61.11
N GLY L 211 -83.41 12.05 -59.95
CA GLY L 211 -83.90 10.70 -59.71
C GLY L 211 -82.86 9.60 -59.81
N ILE L 212 -81.59 9.98 -59.83
CA ILE L 212 -80.51 9.00 -59.92
C ILE L 212 -80.40 8.20 -58.63
N SER L 213 -80.55 6.89 -58.75
CA SER L 213 -80.48 5.99 -57.61
C SER L 213 -79.08 5.98 -57.01
N GLY L 214 -79.01 5.73 -55.71
CA GLY L 214 -77.72 5.70 -55.05
C GLY L 214 -77.71 6.46 -53.74
N GLU L 215 -76.51 6.74 -53.25
CA GLU L 215 -76.31 7.45 -51.99
C GLU L 215 -75.45 8.68 -52.22
N ILE L 216 -75.63 9.68 -51.37
CA ILE L 216 -74.86 10.92 -51.44
C ILE L 216 -74.64 11.44 -50.03
N GLY L 217 -73.43 11.91 -49.76
CA GLY L 217 -73.12 12.42 -48.45
C GLY L 217 -71.94 13.36 -48.49
N ILE L 218 -71.35 13.62 -47.33
CA ILE L 218 -70.20 14.50 -47.20
C ILE L 218 -69.20 13.81 -46.28
N ALA L 219 -67.90 14.06 -46.48
CA ALA L 219 -66.89 13.41 -45.68
C ALA L 219 -66.03 14.35 -44.84
N PRO L 220 -66.47 14.65 -43.61
CA PRO L 220 -65.71 15.55 -42.73
C PRO L 220 -64.54 14.82 -42.06
N ASN L 221 -63.48 15.57 -41.77
CA ASN L 221 -62.33 15.02 -41.09
C ASN L 221 -62.41 15.52 -39.65
N THR L 222 -63.55 15.24 -39.02
CA THR L 222 -63.83 15.64 -37.65
C THR L 222 -62.68 15.35 -36.71
N SER L 223 -61.94 16.39 -36.34
CA SER L 223 -60.80 16.26 -35.45
C SER L 223 -61.27 15.88 -34.05
N TRP L 224 -60.63 14.88 -33.46
CA TRP L 224 -61.01 14.42 -32.13
C TRP L 224 -60.04 14.86 -31.04
N ALA L 225 -60.58 15.13 -29.85
CA ALA L 225 -59.77 15.57 -28.72
C ALA L 225 -60.33 14.99 -27.43
N VAL L 226 -59.42 14.53 -26.57
CA VAL L 226 -59.75 13.92 -25.29
C VAL L 226 -59.47 14.93 -24.17
N PRO L 227 -60.41 15.07 -23.23
CA PRO L 227 -60.25 16.00 -22.11
C PRO L 227 -59.08 15.63 -21.21
N TYR L 228 -58.16 16.57 -21.04
CA TYR L 228 -56.99 16.35 -20.19
C TYR L 228 -57.49 16.12 -18.77
N ARG L 229 -58.29 17.05 -18.28
CA ARG L 229 -58.86 16.97 -16.95
C ARG L 229 -60.38 16.82 -17.08
N ARG L 230 -61.00 16.17 -16.10
CA ARG L 230 -62.44 16.00 -16.11
C ARG L 230 -63.07 17.29 -15.62
N THR L 231 -62.86 18.36 -16.38
CA THR L 231 -63.38 19.69 -16.05
C THR L 231 -64.29 20.14 -17.18
N LYS L 232 -65.31 20.92 -16.83
CA LYS L 232 -66.25 21.41 -17.83
C LYS L 232 -65.52 22.20 -18.91
N GLU L 233 -64.61 23.07 -18.49
CA GLU L 233 -63.85 23.90 -19.42
C GLU L 233 -62.99 23.08 -20.39
N ASP L 234 -62.48 21.95 -19.93
CA ASP L 234 -61.66 21.08 -20.76
C ASP L 234 -62.53 20.31 -21.76
N MET L 235 -63.68 19.86 -21.28
CA MET L 235 -64.61 19.11 -22.13
C MET L 235 -65.15 20.00 -23.24
N GLU L 236 -65.38 21.27 -22.90
CA GLU L 236 -65.87 22.25 -23.88
C GLU L 236 -64.76 22.59 -24.86
N ALA L 237 -63.53 22.64 -24.34
CA ALA L 237 -62.36 22.94 -25.17
C ALA L 237 -62.19 21.83 -26.20
N CYS L 238 -62.56 20.61 -25.81
CA CYS L 238 -62.46 19.46 -26.70
C CYS L 238 -63.64 19.44 -27.66
N LEU L 239 -64.79 19.93 -27.22
CA LEU L 239 -65.99 19.96 -28.05
C LEU L 239 -65.78 20.91 -29.22
N ARG L 240 -65.05 21.99 -28.97
CA ARG L 240 -64.76 22.97 -30.01
C ARG L 240 -63.85 22.41 -31.08
N VAL L 241 -63.01 21.44 -30.70
CA VAL L 241 -62.08 20.82 -31.64
C VAL L 241 -62.85 20.04 -32.71
N ASN L 242 -63.80 19.19 -32.27
CA ASN L 242 -64.60 18.43 -33.22
C ASN L 242 -65.71 19.32 -33.77
N GLY L 243 -65.98 20.40 -33.05
CA GLY L 243 -67.02 21.32 -33.44
C GLY L 243 -66.69 22.18 -34.66
N TRP L 244 -65.49 22.75 -34.70
CA TRP L 244 -65.12 23.60 -35.82
C TRP L 244 -64.64 22.85 -37.05
N SER L 245 -64.46 21.54 -36.92
CA SER L 245 -64.00 20.72 -38.03
C SER L 245 -65.06 19.78 -38.59
N GLY L 246 -66.00 19.36 -37.73
CA GLY L 246 -67.04 18.44 -38.17
C GLY L 246 -68.46 18.91 -37.91
N ASP L 247 -68.75 19.27 -36.67
CA ASP L 247 -70.09 19.73 -36.28
C ASP L 247 -70.53 20.96 -37.08
N TRP L 248 -69.56 21.83 -37.38
CA TRP L 248 -69.82 23.05 -38.12
C TRP L 248 -70.42 22.78 -39.50
N TYR L 249 -70.17 21.59 -40.04
CA TYR L 249 -70.69 21.22 -41.35
C TYR L 249 -71.87 20.26 -41.29
N LEU L 250 -71.82 19.32 -40.35
CA LEU L 250 -72.87 18.33 -40.20
C LEU L 250 -74.16 18.87 -39.60
N ASP L 251 -74.05 19.83 -38.69
CA ASP L 251 -75.23 20.41 -38.05
C ASP L 251 -76.16 21.15 -39.02
N PRO L 252 -75.61 21.99 -39.90
CA PRO L 252 -76.47 22.71 -40.84
C PRO L 252 -77.21 21.73 -41.77
N ILE L 253 -76.58 20.59 -42.03
CA ILE L 253 -77.13 19.55 -42.89
C ILE L 253 -78.22 18.73 -42.18
N TYR L 254 -77.94 18.30 -40.96
CA TYR L 254 -78.88 17.48 -40.19
C TYR L 254 -79.93 18.24 -39.39
N PHE L 255 -79.56 19.42 -38.89
CA PHE L 255 -80.47 20.21 -38.07
C PHE L 255 -80.87 21.56 -38.68
N GLY L 256 -80.20 21.94 -39.76
CA GLY L 256 -80.50 23.20 -40.42
C GLY L 256 -80.00 24.42 -39.67
N GLU L 257 -78.95 24.24 -38.88
CA GLU L 257 -78.38 25.33 -38.12
C GLU L 257 -76.95 25.00 -37.71
N TYR L 258 -76.11 26.02 -37.66
CA TYR L 258 -74.73 25.84 -37.25
C TYR L 258 -74.74 25.53 -35.75
N PRO L 259 -73.75 24.77 -35.28
CA PRO L 259 -73.69 24.43 -33.84
C PRO L 259 -73.64 25.69 -32.99
N LYS L 260 -74.61 25.82 -32.08
CA LYS L 260 -74.71 26.98 -31.21
C LYS L 260 -73.42 27.37 -30.51
N PHE L 261 -72.77 26.42 -29.83
CA PHE L 261 -71.53 26.71 -29.13
C PHE L 261 -70.45 27.31 -30.01
N MET L 262 -70.41 26.88 -31.27
CA MET L 262 -69.41 27.40 -32.19
C MET L 262 -69.80 28.80 -32.65
N LEU L 263 -71.09 29.00 -32.90
CA LEU L 263 -71.59 30.30 -33.33
C LEU L 263 -71.23 31.35 -32.29
N ASP L 264 -71.49 31.04 -31.03
CA ASP L 264 -71.21 31.95 -29.91
C ASP L 264 -69.71 32.22 -29.80
N TRP L 265 -68.91 31.18 -30.01
CA TRP L 265 -67.45 31.32 -29.93
C TRP L 265 -66.94 32.29 -30.97
N TYR L 266 -67.36 32.10 -32.21
CA TYR L 266 -66.95 32.97 -33.31
C TYR L 266 -67.52 34.37 -33.14
N GLU L 267 -68.77 34.44 -32.71
CA GLU L 267 -69.47 35.71 -32.50
C GLU L 267 -68.72 36.59 -31.51
N ASN L 268 -68.26 35.98 -30.42
CA ASN L 268 -67.53 36.70 -29.39
C ASN L 268 -66.21 37.25 -29.94
N LEU L 269 -65.71 36.60 -30.99
CA LEU L 269 -64.47 37.01 -31.64
C LEU L 269 -64.76 37.99 -32.78
N GLY L 270 -66.04 38.15 -33.10
CA GLY L 270 -66.45 39.05 -34.16
C GLY L 270 -66.52 38.39 -35.52
N TYR L 271 -66.93 37.13 -35.54
CA TYR L 271 -67.03 36.36 -36.78
C TYR L 271 -68.39 35.70 -36.89
N LYS L 272 -68.96 35.74 -38.10
CA LYS L 272 -70.26 35.14 -38.36
C LYS L 272 -70.33 34.66 -39.80
N PRO L 273 -70.99 33.51 -40.03
CA PRO L 273 -71.12 32.97 -41.39
C PRO L 273 -72.02 33.89 -42.21
N PRO L 274 -71.64 34.17 -43.47
CA PRO L 274 -72.39 35.03 -44.37
C PRO L 274 -73.70 34.37 -44.84
N ILE L 275 -74.61 34.17 -43.90
CA ILE L 275 -75.88 33.53 -44.20
C ILE L 275 -76.85 34.45 -44.92
N VAL L 276 -77.16 34.09 -46.17
CA VAL L 276 -78.12 34.85 -46.97
C VAL L 276 -79.44 34.12 -46.74
N ASP L 277 -80.52 34.87 -46.56
CA ASP L 277 -81.83 34.28 -46.32
C ASP L 277 -82.13 33.13 -47.27
N GLY L 278 -82.45 31.98 -46.69
CA GLY L 278 -82.77 30.80 -47.49
C GLY L 278 -81.65 29.77 -47.52
N ASP L 279 -80.42 30.22 -47.27
CA ASP L 279 -79.25 29.36 -47.29
C ASP L 279 -79.35 28.13 -46.40
N MET L 280 -79.66 28.34 -45.12
CA MET L 280 -79.76 27.23 -44.19
C MET L 280 -80.73 26.15 -44.62
N GLU L 281 -81.79 26.55 -45.30
CA GLU L 281 -82.81 25.61 -45.78
C GLU L 281 -82.25 24.83 -46.95
N LEU L 282 -81.39 25.47 -47.75
CA LEU L 282 -80.76 24.84 -48.90
C LEU L 282 -79.78 23.78 -48.42
N ILE L 283 -79.07 24.10 -47.35
CA ILE L 283 -78.07 23.20 -46.76
C ILE L 283 -78.76 22.06 -46.01
N HIS L 284 -79.92 22.35 -45.42
CA HIS L 284 -80.68 21.38 -44.65
C HIS L 284 -81.37 20.31 -45.50
N GLN L 285 -80.57 19.57 -46.28
CA GLN L 285 -81.08 18.51 -47.13
C GLN L 285 -80.57 17.17 -46.63
N PRO L 286 -81.48 16.20 -46.44
CA PRO L 286 -81.14 14.85 -45.97
C PRO L 286 -80.09 14.17 -46.84
N ILE L 287 -79.03 13.67 -46.21
CA ILE L 287 -77.98 12.96 -46.92
C ILE L 287 -78.04 11.49 -46.52
N ASP L 288 -77.58 10.61 -47.39
CA ASP L 288 -77.62 9.17 -47.15
C ASP L 288 -76.57 8.60 -46.20
N PHE L 289 -75.45 9.30 -46.01
CA PHE L 289 -74.39 8.82 -45.14
C PHE L 289 -73.40 9.91 -44.77
N ILE L 290 -72.56 9.60 -43.79
CA ILE L 290 -71.53 10.52 -43.34
C ILE L 290 -70.20 9.81 -43.56
N GLY L 291 -69.26 10.48 -44.20
CA GLY L 291 -67.95 9.90 -44.45
C GLY L 291 -66.99 10.31 -43.34
N ILE L 292 -66.55 9.34 -42.56
CA ILE L 292 -65.62 9.60 -41.47
C ILE L 292 -64.18 9.44 -41.92
N ASN L 293 -63.40 10.51 -41.80
CA ASN L 293 -61.99 10.50 -42.15
C ASN L 293 -61.22 10.61 -40.84
N TYR L 294 -60.63 9.50 -40.41
CA TYR L 294 -59.88 9.47 -39.17
C TYR L 294 -58.42 9.06 -39.34
N TYR L 295 -57.55 9.68 -38.54
CA TYR L 295 -56.11 9.40 -38.57
C TYR L 295 -55.52 9.51 -37.18
N THR L 296 -55.98 10.49 -36.41
CA THR L 296 -55.46 10.70 -35.06
C THR L 296 -56.40 11.60 -34.25
N SER L 297 -56.05 11.75 -32.97
CA SER L 297 -56.78 12.59 -32.05
C SER L 297 -55.80 13.08 -30.99
N SER L 298 -56.17 14.11 -30.25
CA SER L 298 -55.28 14.66 -29.23
C SER L 298 -55.89 14.67 -27.83
N MET L 299 -55.16 15.28 -26.90
CA MET L 299 -55.58 15.41 -25.52
C MET L 299 -55.52 16.91 -25.25
N ASN L 300 -56.68 17.55 -25.19
CA ASN L 300 -56.74 19.00 -24.99
C ASN L 300 -57.23 19.48 -23.64
N ARG L 301 -56.90 20.74 -23.36
CA ARG L 301 -57.30 21.39 -22.12
C ARG L 301 -57.56 22.86 -22.43
N TYR L 302 -58.45 23.47 -21.67
CA TYR L 302 -58.79 24.87 -21.86
C TYR L 302 -57.58 25.75 -21.55
N ASN L 303 -57.35 26.73 -22.40
CA ASN L 303 -56.23 27.65 -22.22
C ASN L 303 -56.51 28.95 -22.97
N PRO L 304 -56.86 30.02 -22.22
CA PRO L 304 -57.17 31.36 -22.75
C PRO L 304 -55.97 32.05 -23.38
N GLY L 305 -54.77 31.55 -23.08
CA GLY L 305 -53.55 32.14 -23.61
C GLY L 305 -53.26 31.72 -25.04
N GLU L 306 -52.09 32.11 -25.54
CA GLU L 306 -51.68 31.79 -26.90
C GLU L 306 -51.62 30.29 -27.15
N ALA L 307 -51.22 29.54 -26.13
CA ALA L 307 -51.11 28.09 -26.23
C ALA L 307 -52.44 27.43 -26.59
N GLY L 308 -53.54 28.08 -26.20
CA GLY L 308 -54.85 27.55 -26.49
C GLY L 308 -55.28 27.85 -27.92
N GLY L 309 -54.74 28.92 -28.48
CA GLY L 309 -55.07 29.30 -29.84
C GLY L 309 -56.43 29.99 -29.93
N MET L 310 -56.94 30.09 -31.15
CA MET L 310 -58.23 30.71 -31.41
C MET L 310 -59.36 30.02 -30.65
N LEU L 311 -59.27 28.71 -30.54
CA LEU L 311 -60.28 27.92 -29.83
C LEU L 311 -60.00 27.79 -28.35
N SER L 312 -58.90 28.40 -27.89
CA SER L 312 -58.51 28.34 -26.48
C SER L 312 -58.52 26.89 -25.99
N SER L 313 -58.00 26.01 -26.83
CA SER L 313 -57.93 24.59 -26.53
C SER L 313 -56.52 24.11 -26.84
N GLU L 314 -55.70 23.99 -25.79
CA GLU L 314 -54.32 23.57 -25.93
C GLU L 314 -54.15 22.06 -25.93
N ALA L 315 -53.45 21.56 -26.94
CA ALA L 315 -53.19 20.13 -27.06
C ALA L 315 -51.95 19.78 -26.23
N ILE L 316 -52.03 18.65 -25.55
CA ILE L 316 -50.94 18.18 -24.69
C ILE L 316 -50.48 16.81 -25.16
N SER L 317 -49.19 16.70 -25.43
CA SER L 317 -48.59 15.46 -25.90
C SER L 317 -48.87 14.29 -24.97
N MET L 318 -49.31 13.19 -25.56
CA MET L 318 -49.60 11.96 -24.81
C MET L 318 -48.33 11.13 -24.75
N GLY L 319 -47.30 11.56 -25.48
CA GLY L 319 -46.04 10.84 -25.51
C GLY L 319 -46.20 9.55 -26.31
N ALA L 320 -47.33 9.42 -26.99
CA ALA L 320 -47.66 8.25 -27.79
C ALA L 320 -46.80 8.13 -29.03
N PRO L 321 -46.72 6.93 -29.61
CA PRO L 321 -45.93 6.72 -30.82
C PRO L 321 -46.53 7.53 -31.96
N LYS L 322 -45.69 7.97 -32.89
CA LYS L 322 -46.16 8.77 -34.00
C LYS L 322 -45.85 8.14 -35.34
N THR L 323 -46.60 8.54 -36.37
CA THR L 323 -46.38 8.05 -37.71
C THR L 323 -45.23 8.89 -38.23
N ASP L 324 -44.70 8.56 -39.41
CA ASP L 324 -43.59 9.31 -39.97
C ASP L 324 -43.90 10.75 -40.32
N ILE L 325 -45.17 11.12 -40.29
CA ILE L 325 -45.57 12.49 -40.59
C ILE L 325 -45.74 13.27 -39.28
N GLY L 326 -45.54 12.56 -38.16
CA GLY L 326 -45.62 13.16 -36.84
C GLY L 326 -46.94 13.11 -36.10
N TRP L 327 -47.89 12.33 -36.58
CA TRP L 327 -49.20 12.23 -35.93
C TRP L 327 -49.22 11.12 -34.89
N GLU L 328 -49.72 11.43 -33.70
CA GLU L 328 -49.80 10.43 -32.62
C GLU L 328 -50.81 9.35 -32.98
N ILE L 329 -50.54 8.13 -32.50
CA ILE L 329 -51.44 7.01 -32.75
C ILE L 329 -52.40 6.87 -31.57
N TYR L 330 -53.67 7.11 -31.82
CA TYR L 330 -54.69 6.98 -30.80
C TYR L 330 -55.89 6.29 -31.45
N ALA L 331 -55.75 4.98 -31.63
CA ALA L 331 -56.77 4.16 -32.26
C ALA L 331 -58.15 4.27 -31.63
N GLU L 332 -58.20 4.42 -30.31
CA GLU L 332 -59.45 4.51 -29.60
C GLU L 332 -60.28 5.71 -30.04
N GLY L 333 -59.60 6.71 -30.59
CA GLY L 333 -60.27 7.91 -31.06
C GLY L 333 -61.25 7.61 -32.18
N LEU L 334 -60.98 6.57 -32.96
CA LEU L 334 -61.85 6.18 -34.06
C LEU L 334 -63.20 5.79 -33.47
N TYR L 335 -63.16 4.89 -32.49
CA TYR L 335 -64.37 4.42 -31.82
C TYR L 335 -65.12 5.59 -31.18
N ASP L 336 -64.37 6.46 -30.49
CA ASP L 336 -64.96 7.63 -29.84
C ASP L 336 -65.68 8.54 -30.83
N LEU L 337 -65.05 8.78 -31.98
CA LEU L 337 -65.61 9.64 -33.01
C LEU L 337 -66.85 9.03 -33.61
N LEU L 338 -66.80 7.74 -33.90
CA LEU L 338 -67.93 7.02 -34.49
C LEU L 338 -69.09 7.01 -33.50
N ARG L 339 -68.78 6.81 -32.23
CA ARG L 339 -69.78 6.78 -31.17
C ARG L 339 -70.46 8.14 -31.06
N TYR L 340 -69.64 9.19 -31.09
CA TYR L 340 -70.14 10.56 -31.00
C TYR L 340 -71.09 10.87 -32.14
N THR L 341 -70.65 10.59 -33.36
CA THR L 341 -71.43 10.83 -34.56
C THR L 341 -72.73 10.02 -34.56
N ALA L 342 -72.63 8.78 -34.12
CA ALA L 342 -73.80 7.91 -34.06
C ALA L 342 -74.84 8.44 -33.08
N ASP L 343 -74.38 8.93 -31.94
CA ASP L 343 -75.29 9.45 -30.91
C ASP L 343 -75.97 10.73 -31.36
N LYS L 344 -75.17 11.71 -31.78
CA LYS L 344 -75.69 13.01 -32.19
C LYS L 344 -76.54 13.06 -33.45
N TYR L 345 -76.13 12.33 -34.49
CA TYR L 345 -76.86 12.37 -35.76
C TYR L 345 -77.86 11.24 -36.03
N GLY L 346 -78.30 10.57 -34.97
CA GLY L 346 -79.29 9.51 -35.12
C GLY L 346 -78.79 8.22 -35.73
N ASN L 347 -77.52 7.89 -35.46
CA ASN L 347 -76.89 6.67 -35.96
C ASN L 347 -77.11 6.45 -37.46
N PRO L 348 -76.69 7.43 -38.28
CA PRO L 348 -76.86 7.30 -39.73
C PRO L 348 -75.83 6.33 -40.30
N THR L 349 -75.94 6.05 -41.58
CA THR L 349 -74.99 5.16 -42.24
C THR L 349 -73.64 5.84 -42.22
N LEU L 350 -72.62 5.11 -41.78
CA LEU L 350 -71.27 5.65 -41.71
C LEU L 350 -70.31 4.84 -42.54
N TYR L 351 -69.39 5.53 -43.19
CA TYR L 351 -68.37 4.91 -44.02
C TYR L 351 -67.06 5.56 -43.65
N ILE L 352 -66.06 4.77 -43.26
CA ILE L 352 -64.75 5.34 -42.96
C ILE L 352 -64.15 5.57 -44.34
N THR L 353 -64.31 6.79 -44.84
CA THR L 353 -63.83 7.16 -46.16
C THR L 353 -62.32 7.40 -46.26
N GLU L 354 -61.64 7.44 -45.11
CA GLU L 354 -60.19 7.63 -45.05
C GLU L 354 -59.62 7.21 -43.71
N ASN L 355 -58.58 6.39 -43.75
CA ASN L 355 -57.87 5.94 -42.56
C ASN L 355 -56.61 5.22 -42.97
N GLY L 356 -55.47 5.77 -42.58
CA GLY L 356 -54.20 5.18 -42.91
C GLY L 356 -53.09 5.82 -42.13
N ALA L 357 -51.87 5.34 -42.35
CA ALA L 357 -50.72 5.88 -41.65
C ALA L 357 -49.63 6.29 -42.61
N CYS L 358 -48.87 7.31 -42.22
CA CYS L 358 -47.77 7.77 -43.04
C CYS L 358 -46.49 7.11 -42.58
N TYR L 359 -46.02 6.14 -43.36
CA TYR L 359 -44.79 5.44 -43.05
C TYR L 359 -43.97 5.42 -44.33
N ASN L 360 -42.81 6.04 -44.27
CA ASN L 360 -41.93 6.17 -45.43
C ASN L 360 -41.06 4.98 -45.80
N ASP L 361 -41.48 3.78 -45.40
CA ASP L 361 -40.71 2.57 -45.71
C ASP L 361 -40.52 2.42 -47.22
N GLY L 362 -39.29 2.14 -47.62
CA GLY L 362 -39.00 1.95 -49.03
C GLY L 362 -38.70 0.49 -49.26
N LEU L 363 -38.19 0.17 -50.44
CA LEU L 363 -37.85 -1.20 -50.78
C LEU L 363 -36.57 -1.64 -50.09
N SER L 364 -36.61 -2.84 -49.52
CA SER L 364 -35.43 -3.42 -48.87
C SER L 364 -34.70 -4.12 -50.02
N LEU L 365 -33.49 -4.61 -49.79
CA LEU L 365 -32.74 -5.33 -50.83
C LEU L 365 -33.52 -6.60 -51.17
N ASP L 366 -34.48 -6.90 -50.32
CA ASP L 366 -35.40 -8.02 -50.43
C ASP L 366 -36.21 -7.84 -51.71
N GLY L 367 -36.48 -6.58 -52.03
CA GLY L 367 -37.25 -6.22 -53.21
C GLY L 367 -38.68 -5.86 -52.78
N ARG L 368 -38.95 -6.04 -51.50
CA ARG L 368 -40.26 -5.77 -50.93
C ARG L 368 -40.21 -4.68 -49.88
N ILE L 369 -41.38 -4.13 -49.56
CA ILE L 369 -41.49 -3.08 -48.55
C ILE L 369 -42.11 -3.71 -47.30
N HIS L 370 -41.29 -3.90 -46.28
CA HIS L 370 -41.74 -4.51 -45.03
C HIS L 370 -42.26 -3.46 -44.06
N ASP L 371 -43.41 -2.89 -44.39
CA ASP L 371 -44.03 -1.86 -43.56
C ASP L 371 -44.94 -2.40 -42.46
N GLN L 372 -44.35 -3.16 -41.54
CA GLN L 372 -45.11 -3.72 -40.43
C GLN L 372 -45.82 -2.65 -39.62
N ARG L 373 -45.21 -1.47 -39.54
CA ARG L 373 -45.79 -0.37 -38.79
C ARG L 373 -47.14 0.06 -39.35
N ARG L 374 -47.30 -0.02 -40.68
CA ARG L 374 -48.57 0.34 -41.30
C ARG L 374 -49.59 -0.74 -41.00
N ILE L 375 -49.15 -1.99 -41.04
CA ILE L 375 -50.01 -3.13 -40.76
C ILE L 375 -50.54 -3.02 -39.33
N ASP L 376 -49.64 -2.75 -38.40
CA ASP L 376 -50.01 -2.61 -36.99
C ASP L 376 -51.01 -1.50 -36.78
N TYR L 377 -50.77 -0.36 -37.44
CA TYR L 377 -51.66 0.79 -37.33
C TYR L 377 -53.05 0.44 -37.84
N LEU L 378 -53.12 -0.08 -39.06
CA LEU L 378 -54.38 -0.45 -39.66
C LEU L 378 -55.13 -1.46 -38.80
N ALA L 379 -54.40 -2.48 -38.35
CA ALA L 379 -54.98 -3.52 -37.51
C ALA L 379 -55.65 -2.94 -36.26
N MET L 380 -54.94 -2.04 -35.59
CA MET L 380 -55.46 -1.40 -34.38
C MET L 380 -56.76 -0.65 -34.65
N HIS L 381 -56.80 0.06 -35.77
CA HIS L 381 -57.98 0.84 -36.12
C HIS L 381 -59.14 -0.01 -36.62
N LEU L 382 -58.83 -1.13 -37.27
CA LEU L 382 -59.87 -2.01 -37.75
C LEU L 382 -60.50 -2.72 -36.56
N ILE L 383 -59.71 -2.87 -35.49
CA ILE L 383 -60.20 -3.48 -34.25
C ILE L 383 -61.23 -2.53 -33.63
N GLN L 384 -60.96 -1.23 -33.74
CA GLN L 384 -61.88 -0.22 -33.21
C GLN L 384 -63.11 -0.13 -34.10
N ALA L 385 -62.92 -0.37 -35.39
CA ALA L 385 -64.03 -0.33 -36.35
C ALA L 385 -64.98 -1.48 -36.03
N SER L 386 -64.42 -2.66 -35.78
CA SER L 386 -65.20 -3.84 -35.44
C SER L 386 -65.91 -3.60 -34.11
N ARG L 387 -65.23 -2.93 -33.19
CA ARG L 387 -65.76 -2.61 -31.88
C ARG L 387 -67.01 -1.76 -32.03
N ALA L 388 -66.94 -0.75 -32.90
CA ALA L 388 -68.06 0.15 -33.15
C ALA L 388 -69.26 -0.62 -33.68
N ILE L 389 -69.02 -1.55 -34.59
CA ILE L 389 -70.08 -2.35 -35.18
C ILE L 389 -70.71 -3.21 -34.09
N GLU L 390 -69.87 -3.77 -33.22
CA GLU L 390 -70.33 -4.59 -32.12
C GLU L 390 -71.12 -3.74 -31.12
N ASP L 391 -70.80 -2.45 -31.09
CA ASP L 391 -71.45 -1.51 -30.19
C ASP L 391 -72.69 -0.87 -30.82
N GLY L 392 -73.23 -1.51 -31.86
CA GLY L 392 -74.43 -1.03 -32.51
C GLY L 392 -74.34 0.16 -33.46
N ILE L 393 -73.14 0.67 -33.71
CA ILE L 393 -72.98 1.80 -34.63
C ILE L 393 -73.12 1.32 -36.06
N ASN L 394 -73.80 2.11 -36.90
CA ASN L 394 -74.02 1.74 -38.30
C ASN L 394 -72.84 1.99 -39.24
N LEU L 395 -71.72 1.33 -38.97
CA LEU L 395 -70.54 1.45 -39.81
C LEU L 395 -70.71 0.41 -40.91
N LYS L 396 -70.93 0.88 -42.14
CA LYS L 396 -71.14 -0.02 -43.27
C LYS L 396 -69.94 -0.26 -44.17
N GLY L 397 -68.84 0.45 -43.92
CA GLY L 397 -67.66 0.26 -44.76
C GLY L 397 -66.40 0.93 -44.28
N TYR L 398 -65.27 0.48 -44.82
CA TYR L 398 -63.97 1.01 -44.47
C TYR L 398 -63.12 1.13 -45.73
N MET L 399 -62.52 2.30 -45.91
CA MET L 399 -61.69 2.57 -47.08
C MET L 399 -60.38 3.16 -46.59
N GLU L 400 -59.32 2.34 -46.56
CA GLU L 400 -58.04 2.80 -46.09
C GLU L 400 -57.46 3.85 -47.04
N TRP L 401 -56.87 4.90 -46.47
CA TRP L 401 -56.33 5.97 -47.27
C TRP L 401 -55.08 5.68 -48.09
N SER L 402 -55.20 6.00 -49.37
CA SER L 402 -54.17 5.86 -50.37
C SER L 402 -53.86 4.44 -50.79
N LEU L 403 -54.24 4.13 -52.03
CA LEU L 403 -53.99 2.83 -52.62
C LEU L 403 -52.49 2.75 -52.85
N MET L 404 -51.91 3.87 -53.27
CA MET L 404 -50.48 3.96 -53.55
C MET L 404 -49.93 5.28 -53.04
N ASP L 405 -48.62 5.34 -52.82
CA ASP L 405 -47.99 6.56 -52.36
C ASP L 405 -48.27 7.64 -53.39
N ASN L 406 -48.55 8.85 -52.94
CA ASN L 406 -48.85 9.94 -53.85
C ASN L 406 -48.35 11.31 -53.39
N PHE L 407 -48.79 12.35 -54.11
CA PHE L 407 -48.43 13.73 -53.80
C PHE L 407 -49.16 14.13 -52.52
N GLU L 408 -48.41 14.17 -51.43
CA GLU L 408 -49.00 14.53 -50.13
C GLU L 408 -49.09 16.04 -49.90
N TRP L 409 -49.77 16.70 -50.83
CA TRP L 409 -50.01 18.14 -50.77
C TRP L 409 -48.79 18.98 -50.44
N ALA L 410 -48.86 19.79 -49.39
CA ALA L 410 -47.74 20.65 -49.00
C ALA L 410 -46.48 19.88 -48.62
N GLU L 411 -46.65 18.62 -48.24
CA GLU L 411 -45.53 17.77 -47.85
C GLU L 411 -44.78 17.22 -49.06
N GLY L 412 -45.37 17.40 -50.25
CA GLY L 412 -44.75 16.91 -51.45
C GLY L 412 -44.85 15.40 -51.51
N TYR L 413 -43.84 14.75 -52.07
CA TYR L 413 -43.83 13.30 -52.20
C TYR L 413 -43.14 12.55 -51.06
N GLY L 414 -42.52 13.30 -50.15
CA GLY L 414 -41.81 12.70 -49.04
C GLY L 414 -42.58 11.83 -48.07
N MET L 415 -43.85 12.14 -47.84
CA MET L 415 -44.67 11.36 -46.93
C MET L 415 -45.47 10.30 -47.69
N ARG L 416 -45.29 9.03 -47.30
CA ARG L 416 -45.96 7.92 -47.96
C ARG L 416 -47.12 7.32 -47.15
N PHE L 417 -48.32 7.34 -47.75
CA PHE L 417 -49.53 6.83 -47.12
C PHE L 417 -50.11 5.58 -47.78
N GLY L 418 -49.55 5.18 -48.92
CA GLY L 418 -50.10 4.04 -49.64
C GLY L 418 -49.75 2.61 -49.29
N LEU L 419 -50.57 1.70 -49.82
CA LEU L 419 -50.39 0.26 -49.65
C LEU L 419 -49.44 -0.21 -50.74
N VAL L 420 -49.34 0.58 -51.80
CA VAL L 420 -48.47 0.28 -52.94
C VAL L 420 -47.38 1.35 -53.01
N HIS L 421 -46.13 0.90 -53.00
CA HIS L 421 -45.00 1.79 -53.08
C HIS L 421 -44.80 2.33 -54.50
N VAL L 422 -44.63 3.64 -54.62
CA VAL L 422 -44.42 4.25 -55.91
C VAL L 422 -43.08 4.97 -55.91
N ASP L 423 -42.19 4.56 -56.81
CA ASP L 423 -40.89 5.20 -56.93
C ASP L 423 -41.14 6.36 -57.88
N TYR L 424 -41.17 7.58 -57.36
CA TYR L 424 -41.45 8.75 -58.18
C TYR L 424 -40.49 9.07 -59.32
N ASP L 425 -39.28 8.52 -59.26
CA ASP L 425 -38.30 8.76 -60.32
C ASP L 425 -38.53 7.81 -61.50
N THR L 426 -38.90 6.57 -61.20
CA THR L 426 -39.13 5.56 -62.21
C THR L 426 -40.62 5.22 -62.40
N LEU L 427 -41.45 5.78 -61.52
CA LEU L 427 -42.90 5.55 -61.53
C LEU L 427 -43.28 4.08 -61.39
N VAL L 428 -42.33 3.27 -60.92
CA VAL L 428 -42.57 1.84 -60.72
C VAL L 428 -43.38 1.62 -59.45
N ARG L 429 -44.41 0.79 -59.55
CA ARG L 429 -45.27 0.47 -58.42
C ARG L 429 -44.99 -0.92 -57.87
N THR L 430 -44.77 -0.99 -56.56
CA THR L 430 -44.48 -2.26 -55.89
C THR L 430 -45.39 -2.41 -54.68
N PRO L 431 -46.25 -3.45 -54.67
CA PRO L 431 -47.15 -3.64 -53.54
C PRO L 431 -46.36 -3.90 -52.26
N LYS L 432 -46.71 -3.16 -51.20
CA LYS L 432 -46.03 -3.30 -49.91
C LYS L 432 -46.62 -4.51 -49.17
N ASP L 433 -46.05 -4.83 -48.02
CA ASP L 433 -46.54 -5.94 -47.22
C ASP L 433 -47.95 -5.66 -46.72
N SER L 434 -48.23 -4.39 -46.47
CA SER L 434 -49.54 -3.97 -46.00
C SER L 434 -50.62 -4.26 -47.05
N PHE L 435 -50.23 -4.18 -48.32
CA PHE L 435 -51.15 -4.46 -49.42
C PHE L 435 -51.66 -5.89 -49.29
N TYR L 436 -50.72 -6.84 -49.23
CA TYR L 436 -51.03 -8.24 -49.10
C TYR L 436 -51.77 -8.55 -47.81
N TRP L 437 -51.45 -7.80 -46.76
CA TRP L 437 -52.10 -7.99 -45.46
C TRP L 437 -53.56 -7.58 -45.56
N TYR L 438 -53.80 -6.36 -46.05
CA TYR L 438 -55.15 -5.83 -46.20
C TYR L 438 -55.96 -6.73 -47.10
N LYS L 439 -55.30 -7.26 -48.14
CA LYS L 439 -55.95 -8.16 -49.08
C LYS L 439 -56.54 -9.35 -48.31
N GLY L 440 -55.75 -9.90 -47.40
CA GLY L 440 -56.17 -11.04 -46.61
C GLY L 440 -57.32 -10.70 -45.68
N VAL L 441 -57.30 -9.51 -45.11
CA VAL L 441 -58.36 -9.08 -44.20
C VAL L 441 -59.67 -8.98 -44.97
N ILE L 442 -59.61 -8.42 -46.17
CA ILE L 442 -60.78 -8.27 -47.03
C ILE L 442 -61.33 -9.63 -47.41
N SER L 443 -60.43 -10.56 -47.73
CA SER L 443 -60.81 -11.90 -48.13
C SER L 443 -61.50 -12.67 -47.01
N ARG L 444 -60.91 -12.65 -45.82
CA ARG L 444 -61.45 -13.33 -44.66
C ARG L 444 -62.73 -12.68 -44.15
N GLY L 445 -62.70 -11.36 -44.02
CA GLY L 445 -63.85 -10.63 -43.51
C GLY L 445 -63.73 -10.46 -42.01
N TRP L 446 -62.63 -10.96 -41.46
CA TRP L 446 -62.38 -10.86 -40.03
C TRP L 446 -60.89 -10.68 -39.78
N LEU L 447 -60.50 -10.49 -38.53
CA LEU L 447 -59.11 -10.27 -38.19
C LEU L 447 -58.69 -11.04 -36.94
N ASP L 448 -57.68 -11.88 -37.07
CA ASP L 448 -57.18 -12.67 -35.95
C ASP L 448 -55.95 -11.96 -35.38
N LEU L 449 -56.20 -11.06 -34.43
CA LEU L 449 -55.15 -10.27 -33.81
C LEU L 449 -55.34 -10.23 -32.30
N SER M 1 0.69 21.48 -49.18
CA SER M 1 1.20 22.87 -49.11
C SER M 1 1.46 23.21 -47.65
N ILE M 2 2.64 23.77 -47.37
CA ILE M 2 3.01 24.12 -46.01
C ILE M 2 2.56 25.50 -45.55
N HIS M 3 1.69 25.50 -44.54
CA HIS M 3 1.15 26.71 -43.97
C HIS M 3 1.89 26.94 -42.67
N MET M 4 2.82 27.90 -42.71
CA MET M 4 3.66 28.23 -41.57
C MET M 4 3.03 29.17 -40.55
N PHE M 5 3.48 29.05 -39.31
CA PHE M 5 3.02 29.88 -38.21
C PHE M 5 4.25 30.38 -37.46
N PRO M 6 4.21 31.62 -36.98
CA PRO M 6 5.32 32.23 -36.23
C PRO M 6 5.78 31.37 -35.06
N SER M 7 7.06 31.43 -34.76
CA SER M 7 7.64 30.67 -33.66
C SER M 7 6.99 31.00 -32.32
N ASP M 8 6.65 32.28 -32.12
CA ASP M 8 6.03 32.74 -30.89
C ASP M 8 4.50 32.75 -30.95
N PHE M 9 3.93 31.96 -31.86
CA PHE M 9 2.48 31.89 -32.00
C PHE M 9 1.88 31.21 -30.77
N LYS M 10 0.83 31.82 -30.22
CA LYS M 10 0.18 31.28 -29.03
C LYS M 10 -0.92 30.28 -29.36
N TRP M 11 -0.56 29.00 -29.31
CA TRP M 11 -1.51 27.93 -29.56
C TRP M 11 -2.27 27.65 -28.28
N GLY M 12 -3.59 27.56 -28.38
CA GLY M 12 -4.39 27.31 -27.19
C GLY M 12 -5.73 26.67 -27.46
N VAL M 13 -6.51 26.54 -26.40
CA VAL M 13 -7.85 25.96 -26.46
C VAL M 13 -8.67 26.69 -25.39
N ALA M 14 -10.00 26.72 -25.55
CA ALA M 14 -10.84 27.44 -24.61
C ALA M 14 -12.06 26.71 -24.09
N THR M 15 -12.56 27.16 -22.94
CA THR M 15 -13.74 26.61 -22.29
C THR M 15 -14.50 27.76 -21.64
N ALA M 16 -15.60 27.44 -20.96
CA ALA M 16 -16.40 28.45 -20.27
C ALA M 16 -16.92 27.84 -18.98
N ALA M 17 -16.90 28.65 -17.92
CA ALA M 17 -17.33 28.23 -16.58
C ALA M 17 -18.59 27.37 -16.51
N TYR M 18 -19.74 27.95 -16.83
CA TYR M 18 -21.00 27.22 -16.75
C TYR M 18 -21.10 26.03 -17.70
N GLN M 19 -20.29 26.02 -18.75
CA GLN M 19 -20.32 24.94 -19.71
C GLN M 19 -19.60 23.66 -19.29
N ILE M 20 -18.58 23.79 -18.43
CA ILE M 20 -17.82 22.62 -18.00
C ILE M 20 -17.71 22.35 -16.50
N GLU M 21 -17.67 23.40 -15.69
CA GLU M 21 -17.51 23.28 -14.24
C GLU M 21 -18.41 22.33 -13.46
N GLY M 22 -19.72 22.56 -13.50
CA GLY M 22 -20.62 21.73 -12.74
C GLY M 22 -20.59 22.24 -11.31
N ALA M 23 -21.04 21.41 -10.36
CA ALA M 23 -21.05 21.80 -8.95
C ALA M 23 -21.65 23.20 -8.79
N TYR M 24 -22.78 23.42 -9.44
CA TYR M 24 -23.47 24.70 -9.42
C TYR M 24 -23.98 25.10 -8.04
N ASN M 25 -24.31 24.10 -7.23
CA ASN M 25 -24.84 24.35 -5.90
C ASN M 25 -23.86 23.86 -4.82
N GLU M 26 -22.58 24.09 -5.05
CA GLU M 26 -21.56 23.67 -4.09
C GLU M 26 -20.63 24.79 -3.66
N ASP M 27 -20.04 24.58 -2.48
CA ASP M 27 -19.11 25.54 -1.89
C ASP M 27 -19.58 26.98 -1.94
N GLY M 28 -20.86 27.19 -1.66
CA GLY M 28 -21.43 28.52 -1.63
C GLY M 28 -21.59 29.26 -2.94
N ARG M 29 -21.66 28.55 -4.06
CA ARG M 29 -21.83 29.21 -5.35
C ARG M 29 -23.27 29.71 -5.48
N GLY M 30 -23.41 30.95 -5.93
CA GLY M 30 -24.73 31.52 -6.11
C GLY M 30 -25.26 31.15 -7.48
N MET M 31 -26.57 31.23 -7.66
CA MET M 31 -27.17 30.92 -8.94
C MET M 31 -26.92 32.04 -9.94
N SER M 32 -26.80 31.67 -11.21
CA SER M 32 -26.59 32.64 -12.27
C SER M 32 -27.86 32.66 -13.10
N ILE M 33 -27.94 33.57 -14.06
CA ILE M 33 -29.12 33.66 -14.92
C ILE M 33 -29.27 32.38 -15.73
N TRP M 34 -28.16 31.69 -15.97
CA TRP M 34 -28.19 30.44 -16.73
C TRP M 34 -28.66 29.25 -15.92
N ASP M 35 -28.42 29.28 -14.61
CA ASP M 35 -28.88 28.19 -13.75
C ASP M 35 -30.40 28.28 -13.77
N THR M 36 -30.89 29.51 -13.62
CA THR M 36 -32.32 29.80 -13.63
C THR M 36 -32.94 29.42 -14.97
N PHE M 37 -32.35 29.92 -16.04
CA PHE M 37 -32.81 29.67 -17.41
C PHE M 37 -32.89 28.18 -17.71
N ALA M 38 -31.78 27.48 -17.47
CA ALA M 38 -31.70 26.04 -17.72
C ALA M 38 -32.71 25.25 -16.89
N HIS M 39 -32.98 25.71 -15.68
CA HIS M 39 -33.93 25.05 -14.79
C HIS M 39 -35.38 25.33 -15.20
N THR M 40 -35.59 26.33 -16.04
CA THR M 40 -36.92 26.68 -16.51
C THR M 40 -37.35 25.75 -17.64
N PRO M 41 -38.47 25.04 -17.43
CA PRO M 41 -39.01 24.11 -18.43
C PRO M 41 -39.20 24.74 -19.80
N GLY M 42 -38.68 24.09 -20.83
CA GLY M 42 -38.81 24.58 -22.18
C GLY M 42 -37.76 25.56 -22.67
N LYS M 43 -36.87 25.99 -21.77
CA LYS M 43 -35.83 26.94 -22.16
C LYS M 43 -34.62 26.27 -22.79
N VAL M 44 -34.27 25.08 -22.31
CA VAL M 44 -33.13 24.34 -22.85
C VAL M 44 -33.60 22.99 -23.38
N LYS M 45 -32.99 22.57 -24.49
CA LYS M 45 -33.33 21.30 -25.13
C LYS M 45 -33.22 20.12 -24.17
N ASN M 46 -34.27 19.32 -24.11
CA ASN M 46 -34.35 18.15 -23.25
C ASN M 46 -34.37 18.45 -21.75
N GLY M 47 -34.29 19.74 -21.41
CA GLY M 47 -34.30 20.13 -20.02
C GLY M 47 -32.92 19.99 -19.40
N ASP M 48 -31.90 20.07 -20.25
CA ASP M 48 -30.51 19.97 -19.80
C ASP M 48 -30.09 21.22 -19.03
N ASN M 49 -29.09 21.07 -18.18
CA ASN M 49 -28.56 22.17 -17.39
C ASN M 49 -27.12 21.93 -17.00
N GLY M 50 -26.42 22.99 -16.60
CA GLY M 50 -25.03 22.87 -16.22
C GLY M 50 -24.79 22.47 -14.77
N ASN M 51 -25.72 21.72 -14.19
CA ASN M 51 -25.61 21.27 -12.80
C ASN M 51 -24.31 20.48 -12.61
N VAL M 52 -24.07 19.53 -13.50
CA VAL M 52 -22.88 18.68 -13.43
C VAL M 52 -21.93 18.98 -14.58
N ALA M 53 -22.47 19.11 -15.79
CA ALA M 53 -21.69 19.40 -16.99
C ALA M 53 -20.55 18.38 -17.16
N CYS M 54 -19.31 18.83 -17.08
CA CYS M 54 -18.15 17.96 -17.22
C CYS M 54 -17.50 17.70 -15.87
N ASP M 55 -18.07 18.31 -14.83
CA ASP M 55 -17.59 18.19 -13.46
C ASP M 55 -16.15 18.67 -13.29
N SER M 56 -15.75 19.62 -14.13
CA SER M 56 -14.40 20.17 -14.08
C SER M 56 -14.04 20.84 -12.76
N TYR M 57 -15.06 21.16 -11.96
CA TYR M 57 -14.84 21.79 -10.66
C TYR M 57 -14.11 20.82 -9.73
N HIS M 58 -14.37 19.53 -9.93
CA HIS M 58 -13.76 18.49 -9.13
C HIS M 58 -12.68 17.76 -9.90
N ARG M 59 -12.37 18.22 -11.11
CA ARG M 59 -11.37 17.57 -11.94
C ARG M 59 -10.31 18.52 -12.50
N VAL M 60 -9.74 19.34 -11.63
CA VAL M 60 -8.69 20.28 -12.02
C VAL M 60 -7.50 19.53 -12.61
N GLU M 61 -7.10 18.46 -11.94
CA GLU M 61 -5.98 17.64 -12.36
C GLU M 61 -6.21 17.04 -13.74
N GLU M 62 -7.43 16.53 -13.96
CA GLU M 62 -7.77 15.93 -15.24
C GLU M 62 -7.78 16.96 -16.36
N ASP M 63 -8.30 18.15 -16.09
CA ASP M 63 -8.34 19.23 -17.07
C ASP M 63 -6.94 19.58 -17.52
N VAL M 64 -6.09 19.88 -16.55
CA VAL M 64 -4.71 20.26 -16.81
C VAL M 64 -3.94 19.16 -17.53
N GLN M 65 -4.26 17.91 -17.23
CA GLN M 65 -3.58 16.79 -17.86
C GLN M 65 -3.89 16.78 -19.35
N LEU M 66 -5.16 17.02 -19.69
CA LEU M 66 -5.57 17.08 -21.10
C LEU M 66 -4.81 18.21 -21.78
N LEU M 67 -4.69 19.32 -21.06
CA LEU M 67 -4.00 20.51 -21.58
C LEU M 67 -2.53 20.27 -21.86
N LYS M 68 -1.83 19.60 -20.94
CA LYS M 68 -0.41 19.34 -21.18
C LYS M 68 -0.20 18.24 -22.20
N ASP M 69 -1.19 17.35 -22.34
CA ASP M 69 -1.11 16.28 -23.33
C ASP M 69 -1.29 16.89 -24.71
N LEU M 70 -2.15 17.90 -24.80
CA LEU M 70 -2.41 18.59 -26.06
C LEU M 70 -1.23 19.44 -26.48
N GLY M 71 -0.41 19.82 -25.50
CA GLY M 71 0.77 20.65 -25.78
C GLY M 71 0.43 22.11 -25.94
N VAL M 72 -0.74 22.48 -25.45
CA VAL M 72 -1.23 23.85 -25.52
C VAL M 72 -0.35 24.82 -24.72
N LYS M 73 -0.12 26.00 -25.29
CA LYS M 73 0.69 27.02 -24.64
C LYS M 73 -0.16 28.03 -23.89
N VAL M 74 -1.44 28.13 -24.28
CA VAL M 74 -2.37 29.06 -23.65
C VAL M 74 -3.71 28.35 -23.40
N TYR M 75 -4.31 28.63 -22.25
CA TYR M 75 -5.61 28.04 -21.93
C TYR M 75 -6.56 29.17 -21.56
N ARG M 76 -7.64 29.29 -22.32
CA ARG M 76 -8.63 30.33 -22.06
C ARG M 76 -9.82 29.73 -21.33
N PHE M 77 -10.12 30.30 -20.16
CA PHE M 77 -11.24 29.85 -19.34
C PHE M 77 -11.91 31.09 -18.76
N SER M 78 -13.08 30.92 -18.16
CA SER M 78 -13.78 32.05 -17.56
C SER M 78 -14.04 31.86 -16.08
N ILE M 79 -14.25 32.96 -15.38
CA ILE M 79 -14.51 32.94 -13.95
C ILE M 79 -16.02 33.02 -13.74
N SER M 80 -16.55 32.12 -12.92
CA SER M 80 -17.97 32.12 -12.61
C SER M 80 -18.20 33.20 -11.57
N TRP M 81 -18.77 34.33 -12.00
CA TRP M 81 -19.04 35.46 -11.12
C TRP M 81 -19.77 35.04 -9.83
N PRO M 82 -20.87 34.26 -9.94
CA PRO M 82 -21.61 33.83 -8.74
C PRO M 82 -20.81 32.93 -7.81
N ARG M 83 -19.70 32.37 -8.30
CA ARG M 83 -18.88 31.49 -7.48
C ARG M 83 -17.92 32.26 -6.59
N VAL M 84 -17.56 33.48 -6.98
CA VAL M 84 -16.65 34.31 -6.18
C VAL M 84 -17.41 35.38 -5.40
N LEU M 85 -18.55 35.80 -5.95
CA LEU M 85 -19.43 36.80 -5.33
C LEU M 85 -20.84 36.29 -5.61
N PRO M 86 -21.34 35.39 -4.74
CA PRO M 86 -22.68 34.80 -4.85
C PRO M 86 -23.83 35.77 -5.10
N GLN M 87 -23.71 36.96 -4.54
CA GLN M 87 -24.74 37.99 -4.71
C GLN M 87 -24.34 39.01 -5.76
N GLY M 88 -23.22 38.76 -6.42
CA GLY M 88 -22.73 39.66 -7.45
C GLY M 88 -21.89 40.77 -6.84
N THR M 89 -22.14 41.05 -5.57
CA THR M 89 -21.42 42.09 -4.85
C THR M 89 -21.44 41.76 -3.36
N GLY M 90 -20.50 42.36 -2.62
CA GLY M 90 -20.43 42.15 -1.19
C GLY M 90 -19.60 40.97 -0.73
N GLU M 91 -20.25 40.03 -0.06
CA GLU M 91 -19.61 38.84 0.49
C GLU M 91 -18.81 38.04 -0.54
N VAL M 92 -17.52 37.86 -0.26
CA VAL M 92 -16.62 37.12 -1.14
C VAL M 92 -16.57 35.64 -0.74
N ASN M 93 -16.87 34.77 -1.68
CA ASN M 93 -16.85 33.33 -1.45
C ASN M 93 -15.44 32.81 -1.73
N ARG M 94 -14.62 32.71 -0.69
CA ARG M 94 -13.23 32.25 -0.83
C ARG M 94 -13.10 30.84 -1.38
N ALA M 95 -14.11 29.99 -1.15
CA ALA M 95 -14.07 28.63 -1.65
C ALA M 95 -14.01 28.63 -3.17
N GLY M 96 -14.72 29.58 -3.78
CA GLY M 96 -14.74 29.71 -5.22
C GLY M 96 -13.38 30.17 -5.73
N LEU M 97 -12.85 31.21 -5.11
CA LEU M 97 -11.55 31.75 -5.49
C LEU M 97 -10.45 30.71 -5.33
N ASP M 98 -10.61 29.83 -4.35
CA ASP M 98 -9.63 28.77 -4.11
C ASP M 98 -9.53 27.87 -5.33
N TYR M 99 -10.67 27.56 -5.93
CA TYR M 99 -10.71 26.71 -7.11
C TYR M 99 -9.93 27.34 -8.26
N TYR M 100 -10.20 28.60 -8.54
CA TYR M 100 -9.52 29.30 -9.62
C TYR M 100 -8.02 29.43 -9.36
N HIS M 101 -7.65 29.59 -8.09
CA HIS M 101 -6.24 29.70 -7.75
C HIS M 101 -5.56 28.35 -7.97
N ARG M 102 -6.25 27.27 -7.61
CA ARG M 102 -5.73 25.92 -7.77
C ARG M 102 -5.54 25.60 -9.25
N LEU M 103 -6.50 26.03 -10.07
CA LEU M 103 -6.45 25.81 -11.51
C LEU M 103 -5.29 26.59 -12.11
N VAL M 104 -5.24 27.89 -11.83
CA VAL M 104 -4.18 28.75 -12.34
C VAL M 104 -2.79 28.26 -11.92
N ASP M 105 -2.68 27.79 -10.67
CA ASP M 105 -1.41 27.29 -10.17
C ASP M 105 -0.95 26.07 -10.96
N GLU M 106 -1.89 25.17 -11.25
CA GLU M 106 -1.59 23.97 -12.01
C GLU M 106 -1.15 24.34 -13.43
N LEU M 107 -1.86 25.29 -14.02
CA LEU M 107 -1.55 25.75 -15.37
C LEU M 107 -0.11 26.26 -15.39
N LEU M 108 0.19 27.22 -14.51
CA LEU M 108 1.52 27.81 -14.40
C LEU M 108 2.58 26.77 -14.15
N ALA M 109 2.27 25.79 -13.30
CA ALA M 109 3.20 24.72 -12.96
C ALA M 109 3.54 23.85 -14.16
N ASN M 110 2.66 23.83 -15.15
CA ASN M 110 2.89 23.02 -16.35
C ASN M 110 3.21 23.85 -17.59
N GLY M 111 3.59 25.10 -17.38
CA GLY M 111 3.95 25.98 -18.48
C GLY M 111 2.82 26.43 -19.37
N ILE M 112 1.60 26.46 -18.84
CA ILE M 112 0.44 26.87 -19.61
C ILE M 112 0.01 28.26 -19.17
N GLU M 113 0.00 29.19 -20.13
CA GLU M 113 -0.37 30.58 -19.87
C GLU M 113 -1.89 30.74 -19.74
N PRO M 114 -2.36 31.24 -18.59
CA PRO M 114 -3.79 31.46 -18.35
C PRO M 114 -4.32 32.66 -19.11
N PHE M 115 -5.47 32.48 -19.74
CA PHE M 115 -6.13 33.53 -20.50
C PHE M 115 -7.50 33.60 -19.84
N CYS M 116 -7.61 34.47 -18.84
CA CYS M 116 -8.85 34.61 -18.08
C CYS M 116 -9.92 35.49 -18.69
N THR M 117 -11.15 34.97 -18.69
CA THR M 117 -12.31 35.68 -19.21
C THR M 117 -13.22 35.98 -18.02
N LEU M 118 -13.33 37.26 -17.69
CA LEU M 118 -14.15 37.69 -16.57
C LEU M 118 -15.63 37.35 -16.69
N TYR M 119 -16.23 37.72 -17.81
CA TYR M 119 -17.66 37.47 -18.00
C TYR M 119 -18.00 36.64 -19.23
N HIS M 120 -18.63 35.49 -18.99
CA HIS M 120 -19.06 34.62 -20.07
C HIS M 120 -20.52 34.23 -19.87
N TRP M 121 -21.37 35.26 -19.79
CA TRP M 121 -22.82 35.12 -19.66
C TRP M 121 -23.45 34.69 -18.34
N ASP M 122 -22.64 34.22 -17.39
CA ASP M 122 -23.17 33.77 -16.11
C ASP M 122 -23.39 34.86 -15.04
N LEU M 123 -24.24 35.85 -15.35
CA LEU M 123 -24.55 36.94 -14.43
C LEU M 123 -25.26 36.40 -13.19
N PRO M 124 -24.83 36.83 -11.99
CA PRO M 124 -25.45 36.40 -10.74
C PRO M 124 -26.94 36.74 -10.75
N GLN M 125 -27.78 35.76 -10.41
CA GLN M 125 -29.22 35.96 -10.37
C GLN M 125 -29.61 37.14 -9.48
N ALA M 126 -28.86 37.34 -8.41
CA ALA M 126 -29.12 38.44 -7.47
C ALA M 126 -29.13 39.78 -8.20
N LEU M 127 -28.19 39.96 -9.11
CA LEU M 127 -28.09 41.20 -9.88
C LEU M 127 -29.20 41.27 -10.92
N GLN M 128 -29.57 40.11 -11.47
CA GLN M 128 -30.63 40.04 -12.45
C GLN M 128 -31.95 40.44 -11.83
N ASP M 129 -32.13 40.11 -10.55
CA ASP M 129 -33.34 40.45 -9.82
C ASP M 129 -33.46 41.97 -9.69
N GLN M 130 -32.32 42.65 -9.75
CA GLN M 130 -32.27 44.11 -9.66
C GLN M 130 -32.32 44.76 -11.04
N GLY M 131 -32.60 43.96 -12.06
CA GLY M 131 -32.68 44.47 -13.42
C GLY M 131 -31.60 43.94 -14.34
N GLY M 132 -30.61 43.28 -13.77
CA GLY M 132 -29.51 42.73 -14.56
C GLY M 132 -28.78 43.81 -15.31
N TRP M 133 -28.29 43.47 -16.51
CA TRP M 133 -27.55 44.42 -17.33
C TRP M 133 -28.40 45.59 -17.83
N GLY M 134 -29.70 45.57 -17.50
CA GLY M 134 -30.57 46.65 -17.91
C GLY M 134 -30.42 47.82 -16.96
N SER M 135 -29.88 47.55 -15.78
CA SER M 135 -29.66 48.56 -14.75
C SER M 135 -28.19 48.95 -14.66
N ARG M 136 -27.93 50.23 -14.45
CA ARG M 136 -26.56 50.74 -14.34
C ARG M 136 -25.88 50.24 -13.06
N ILE M 137 -26.68 49.74 -12.13
CA ILE M 137 -26.17 49.23 -10.86
C ILE M 137 -25.21 48.07 -11.13
N THR M 138 -25.54 47.27 -12.14
CA THR M 138 -24.72 46.11 -12.51
C THR M 138 -23.34 46.54 -12.99
N ILE M 139 -23.24 47.75 -13.54
CA ILE M 139 -21.96 48.27 -14.02
C ILE M 139 -21.02 48.39 -12.83
N ASP M 140 -21.57 48.85 -11.70
CA ASP M 140 -20.80 49.00 -10.46
C ASP M 140 -20.37 47.63 -9.98
N ALA M 141 -21.33 46.70 -9.96
CA ALA M 141 -21.07 45.33 -9.53
C ALA M 141 -19.95 44.69 -10.32
N PHE M 142 -19.94 44.91 -11.63
CA PHE M 142 -18.89 44.34 -12.48
C PHE M 142 -17.54 44.98 -12.19
N ALA M 143 -17.55 46.27 -11.90
CA ALA M 143 -16.31 46.99 -11.58
C ALA M 143 -15.71 46.42 -10.30
N GLU M 144 -16.58 46.10 -9.35
CA GLU M 144 -16.16 45.53 -8.07
C GLU M 144 -15.60 44.13 -8.32
N TYR M 145 -16.32 43.37 -9.14
CA TYR M 145 -15.96 42.02 -9.52
C TYR M 145 -14.60 41.99 -10.22
N ALA M 146 -14.44 42.86 -11.21
CA ALA M 146 -13.20 42.95 -11.97
C ALA M 146 -12.02 43.25 -11.07
N GLU M 147 -12.18 44.25 -10.22
CA GLU M 147 -11.14 44.67 -9.28
C GLU M 147 -10.73 43.50 -8.37
N LEU M 148 -11.72 42.75 -7.91
CA LEU M 148 -11.48 41.60 -7.05
C LEU M 148 -10.59 40.57 -7.74
N MET M 149 -10.98 40.18 -8.95
CA MET M 149 -10.22 39.20 -9.72
C MET M 149 -8.83 39.69 -10.08
N PHE M 150 -8.72 40.98 -10.40
CA PHE M 150 -7.43 41.56 -10.75
C PHE M 150 -6.48 41.48 -9.57
N LYS M 151 -7.00 41.71 -8.37
CA LYS M 151 -6.19 41.65 -7.16
C LYS M 151 -5.87 40.21 -6.77
N GLU M 152 -6.83 39.31 -6.96
CA GLU M 152 -6.66 37.91 -6.63
C GLU M 152 -5.73 37.16 -7.57
N LEU M 153 -6.11 37.09 -8.84
CA LEU M 153 -5.34 36.37 -9.85
C LEU M 153 -4.45 37.22 -10.73
N GLY M 154 -4.52 38.54 -10.57
CA GLY M 154 -3.72 39.44 -11.39
C GLY M 154 -2.22 39.20 -11.40
N GLY M 155 -1.70 38.60 -10.33
CA GLY M 155 -0.27 38.33 -10.27
C GLY M 155 0.15 37.10 -11.04
N LYS M 156 -0.81 36.24 -11.35
CA LYS M 156 -0.54 35.01 -12.08
C LYS M 156 -1.04 35.06 -13.51
N ILE M 157 -2.11 35.81 -13.73
CA ILE M 157 -2.73 35.95 -15.04
C ILE M 157 -2.35 37.27 -15.72
N LYS M 158 -1.81 37.16 -16.93
CA LYS M 158 -1.38 38.32 -17.70
C LYS M 158 -2.18 38.46 -19.01
N GLN M 159 -3.29 37.73 -19.11
CA GLN M 159 -4.14 37.76 -20.29
C GLN M 159 -5.58 37.87 -19.80
N TRP M 160 -6.19 39.03 -19.97
CA TRP M 160 -7.56 39.22 -19.52
C TRP M 160 -8.55 39.65 -20.59
N ILE M 161 -9.75 39.10 -20.51
CA ILE M 161 -10.84 39.43 -21.42
C ILE M 161 -12.01 39.82 -20.54
N THR M 162 -12.54 41.01 -20.76
CA THR M 162 -13.66 41.48 -19.97
C THR M 162 -14.95 40.71 -20.30
N PHE M 163 -15.45 40.90 -21.50
CA PHE M 163 -16.68 40.23 -21.94
C PHE M 163 -16.45 39.36 -23.17
N ASN M 164 -17.08 38.19 -23.17
CA ASN M 164 -16.96 37.28 -24.30
C ASN M 164 -18.26 37.29 -25.07
N GLU M 165 -18.17 37.61 -26.36
CA GLU M 165 -19.32 37.66 -27.26
C GLU M 165 -20.45 38.54 -26.74
N PRO M 166 -20.21 39.86 -26.70
CA PRO M 166 -21.17 40.87 -26.22
C PRO M 166 -22.53 40.78 -26.92
N TRP M 167 -22.53 40.53 -28.22
CA TRP M 167 -23.77 40.42 -28.97
C TRP M 167 -24.65 39.30 -28.46
N CYS M 168 -24.04 38.15 -28.17
CA CYS M 168 -24.78 37.00 -27.66
C CYS M 168 -25.44 37.28 -26.31
N MET M 169 -24.68 37.84 -25.38
CA MET M 169 -25.21 38.15 -24.06
C MET M 169 -26.19 39.31 -24.07
N ALA M 170 -26.12 40.15 -25.10
CA ALA M 170 -27.00 41.30 -25.22
C ALA M 170 -28.22 41.05 -26.12
N PHE M 171 -27.99 40.91 -27.41
CA PHE M 171 -29.07 40.70 -28.37
C PHE M 171 -29.71 39.32 -28.39
N LEU M 172 -28.91 38.27 -28.44
CA LEU M 172 -29.46 36.92 -28.47
C LEU M 172 -30.19 36.60 -27.17
N SER M 173 -29.79 37.27 -26.10
CA SER M 173 -30.37 37.06 -24.77
C SER M 173 -31.56 37.97 -24.44
N ASN M 174 -31.44 39.25 -24.77
CA ASN M 174 -32.49 40.21 -24.46
C ASN M 174 -33.35 40.69 -25.62
N TYR M 175 -32.97 40.33 -26.85
CA TYR M 175 -33.71 40.73 -28.03
C TYR M 175 -34.40 39.54 -28.70
N LEU M 176 -33.64 38.45 -28.87
CA LEU M 176 -34.19 37.25 -29.50
C LEU M 176 -34.74 36.25 -28.48
N GLY M 177 -34.39 36.45 -27.22
CA GLY M 177 -34.87 35.58 -26.15
C GLY M 177 -34.45 34.12 -26.20
N VAL M 178 -33.36 33.84 -26.89
CA VAL M 178 -32.86 32.48 -27.02
C VAL M 178 -31.93 32.12 -25.86
N HIS M 179 -31.23 33.11 -25.33
CA HIS M 179 -30.31 32.91 -24.21
C HIS M 179 -30.78 33.68 -22.98
N ALA M 180 -30.29 33.27 -21.81
CA ALA M 180 -30.64 33.91 -20.55
C ALA M 180 -30.30 35.40 -20.58
N PRO M 181 -31.16 36.27 -20.01
CA PRO M 181 -32.43 36.03 -19.32
C PRO M 181 -33.57 35.53 -20.20
N GLY M 182 -33.51 35.80 -21.50
CA GLY M 182 -34.55 35.36 -22.41
C GLY M 182 -35.60 36.40 -22.67
N ASN M 183 -35.16 37.64 -22.86
CA ASN M 183 -36.08 38.75 -23.14
C ASN M 183 -36.15 39.03 -24.63
N LYS M 184 -37.22 39.73 -25.03
CA LYS M 184 -37.42 40.10 -26.43
C LYS M 184 -37.75 41.59 -26.48
N ASP M 185 -36.71 42.41 -26.41
CA ASP M 185 -36.82 43.86 -26.43
C ASP M 185 -35.54 44.41 -27.04
N LEU M 186 -35.66 45.00 -28.22
CA LEU M 186 -34.52 45.57 -28.92
C LEU M 186 -33.84 46.66 -28.09
N GLN M 187 -34.63 47.58 -27.54
CA GLN M 187 -34.09 48.66 -26.74
C GLN M 187 -33.33 48.13 -25.53
N LEU M 188 -33.89 47.13 -24.87
CA LEU M 188 -33.24 46.53 -23.71
C LEU M 188 -31.89 45.96 -24.11
N ALA M 189 -31.86 45.30 -25.27
CA ALA M 189 -30.64 44.70 -25.78
C ALA M 189 -29.61 45.80 -26.02
N ILE M 190 -30.07 46.96 -26.49
CA ILE M 190 -29.20 48.09 -26.75
C ILE M 190 -28.72 48.69 -25.42
N ASP M 191 -29.59 48.64 -24.41
CA ASP M 191 -29.24 49.16 -23.08
C ASP M 191 -28.13 48.29 -22.50
N VAL M 192 -28.34 46.98 -22.58
CA VAL M 192 -27.37 46.01 -22.08
C VAL M 192 -26.03 46.19 -22.78
N SER M 193 -26.07 46.37 -24.10
CA SER M 193 -24.86 46.56 -24.88
C SER M 193 -24.08 47.77 -24.39
N HIS M 194 -24.80 48.83 -24.04
CA HIS M 194 -24.19 50.06 -23.56
C HIS M 194 -23.58 49.86 -22.17
N HIS M 195 -24.37 49.28 -21.27
CA HIS M 195 -23.92 49.05 -19.90
C HIS M 195 -22.73 48.11 -19.78
N LEU M 196 -22.67 47.10 -20.62
CA LEU M 196 -21.56 46.15 -20.59
C LEU M 196 -20.29 46.86 -21.07
N LEU M 197 -20.45 47.76 -22.03
CA LEU M 197 -19.32 48.53 -22.57
C LEU M 197 -18.75 49.47 -21.52
N VAL M 198 -19.63 50.09 -20.73
CA VAL M 198 -19.21 51.00 -19.68
C VAL M 198 -18.49 50.17 -18.61
N ALA M 199 -19.06 49.02 -18.28
CA ALA M 199 -18.47 48.12 -17.30
C ALA M 199 -17.09 47.70 -17.77
N HIS M 200 -16.97 47.47 -19.08
CA HIS M 200 -15.71 47.08 -19.70
C HIS M 200 -14.69 48.20 -19.56
N GLY M 201 -15.09 49.41 -19.93
CA GLY M 201 -14.22 50.56 -19.85
C GLY M 201 -13.69 50.76 -18.45
N ARG M 202 -14.58 50.66 -17.47
CA ARG M 202 -14.21 50.82 -16.07
C ARG M 202 -13.24 49.74 -15.63
N ALA M 203 -13.45 48.52 -16.13
CA ALA M 203 -12.59 47.39 -15.80
C ALA M 203 -11.20 47.59 -16.37
N VAL M 204 -11.13 48.16 -17.58
CA VAL M 204 -9.85 48.42 -18.23
C VAL M 204 -9.09 49.46 -17.42
N THR M 205 -9.79 50.51 -17.00
CA THR M 205 -9.19 51.57 -16.21
C THR M 205 -8.62 51.00 -14.92
N LEU M 206 -9.39 50.15 -14.24
CA LEU M 206 -8.93 49.52 -13.01
C LEU M 206 -7.68 48.69 -13.26
N PHE M 207 -7.67 47.96 -14.36
CA PHE M 207 -6.53 47.12 -14.75
C PHE M 207 -5.28 47.97 -14.84
N ARG M 208 -5.42 49.15 -15.43
CA ARG M 208 -4.29 50.07 -15.60
C ARG M 208 -3.86 50.66 -14.26
N GLU M 209 -4.83 51.11 -13.47
CA GLU M 209 -4.56 51.72 -12.17
C GLU M 209 -3.89 50.76 -11.20
N LEU M 210 -4.30 49.50 -11.23
CA LEU M 210 -3.72 48.49 -10.35
C LEU M 210 -2.29 48.14 -10.75
N GLY M 211 -1.85 48.70 -11.87
CA GLY M 211 -0.49 48.46 -12.34
C GLY M 211 -0.15 47.02 -12.66
N ILE M 212 -1.16 46.16 -12.72
CA ILE M 212 -0.92 44.75 -13.02
C ILE M 212 -0.48 44.57 -14.45
N SER M 213 0.71 43.99 -14.62
CA SER M 213 1.27 43.74 -15.95
C SER M 213 0.43 42.73 -16.72
N GLY M 214 0.44 42.86 -18.04
CA GLY M 214 -0.32 41.94 -18.86
C GLY M 214 -1.12 42.64 -19.94
N GLU M 215 -2.07 41.90 -20.51
CA GLU M 215 -2.92 42.41 -21.57
C GLU M 215 -4.39 42.27 -21.18
N ILE M 216 -5.22 43.14 -21.74
CA ILE M 216 -6.65 43.11 -21.49
C ILE M 216 -7.38 43.54 -22.76
N GLY M 217 -8.46 42.85 -23.07
CA GLY M 217 -9.23 43.17 -24.25
C GLY M 217 -10.65 42.67 -24.15
N ILE M 218 -11.32 42.59 -25.30
CA ILE M 218 -12.70 42.13 -25.36
C ILE M 218 -12.79 41.17 -26.56
N ALA M 219 -13.68 40.18 -26.47
CA ALA M 219 -13.80 39.20 -27.54
C ALA M 219 -15.16 39.18 -28.24
N PRO M 220 -15.31 40.00 -29.30
CA PRO M 220 -16.58 40.04 -30.04
C PRO M 220 -16.70 38.87 -31.01
N ASN M 221 -17.94 38.45 -31.25
CA ASN M 221 -18.20 37.37 -32.20
C ASN M 221 -18.75 38.04 -33.45
N THR M 222 -17.97 38.98 -33.97
CA THR M 222 -18.32 39.76 -35.16
C THR M 222 -18.83 38.88 -36.30
N SER M 223 -20.14 38.89 -36.50
CA SER M 223 -20.78 38.11 -37.55
C SER M 223 -20.36 38.64 -38.92
N TRP M 224 -19.96 37.74 -39.81
CA TRP M 224 -19.55 38.14 -41.15
C TRP M 224 -20.58 37.83 -42.22
N ALA M 225 -20.65 38.69 -43.23
CA ALA M 225 -21.59 38.53 -44.32
C ALA M 225 -20.97 39.00 -45.63
N VAL M 226 -21.19 38.23 -46.68
CA VAL M 226 -20.66 38.50 -48.02
C VAL M 226 -21.79 39.05 -48.89
N PRO M 227 -21.52 40.12 -49.64
CA PRO M 227 -22.51 40.74 -50.52
C PRO M 227 -22.95 39.80 -51.63
N TYR M 228 -24.25 39.56 -51.71
CA TYR M 228 -24.83 38.69 -52.74
C TYR M 228 -24.53 39.33 -54.09
N ARG M 229 -24.92 40.59 -54.22
CA ARG M 229 -24.71 41.33 -55.45
C ARG M 229 -23.74 42.48 -55.15
N ARG M 230 -22.99 42.90 -56.16
CA ARG M 230 -22.04 43.99 -56.00
C ARG M 230 -22.85 45.30 -56.08
N THR M 231 -23.74 45.48 -55.12
CA THR M 231 -24.59 46.66 -55.06
C THR M 231 -24.33 47.38 -53.75
N LYS M 232 -24.45 48.71 -53.75
CA LYS M 232 -24.22 49.49 -52.54
C LYS M 232 -25.15 49.03 -51.43
N GLU M 233 -26.43 48.83 -51.75
CA GLU M 233 -27.41 48.39 -50.77
C GLU M 233 -27.08 47.04 -50.13
N ASP M 234 -26.48 46.14 -50.92
CA ASP M 234 -26.10 44.83 -50.42
C ASP M 234 -24.87 44.91 -49.54
N MET M 235 -23.92 45.74 -49.94
CA MET M 235 -22.68 45.92 -49.19
C MET M 235 -22.99 46.55 -47.83
N GLU M 236 -23.96 47.47 -47.82
CA GLU M 236 -24.36 48.14 -46.59
C GLU M 236 -25.15 47.16 -45.72
N ALA M 237 -25.92 46.29 -46.36
CA ALA M 237 -26.71 45.29 -45.66
C ALA M 237 -25.75 44.33 -44.95
N CYS M 238 -24.59 44.10 -45.56
CA CYS M 238 -23.59 43.23 -44.99
C CYS M 238 -22.80 43.95 -43.90
N LEU M 239 -22.63 45.26 -44.07
CA LEU M 239 -21.90 46.05 -43.09
C LEU M 239 -22.66 46.09 -41.77
N ARG M 240 -23.98 46.10 -41.86
CA ARG M 240 -24.82 46.12 -40.67
C ARG M 240 -24.73 44.81 -39.88
N VAL M 241 -24.43 43.72 -40.60
CA VAL M 241 -24.30 42.41 -39.96
C VAL M 241 -23.10 42.40 -39.02
N ASN M 242 -21.95 42.84 -39.50
CA ASN M 242 -20.75 42.89 -38.67
C ASN M 242 -20.82 44.12 -37.78
N GLY M 243 -21.64 45.08 -38.18
CA GLY M 243 -21.80 46.31 -37.43
C GLY M 243 -22.53 46.18 -36.12
N TRP M 244 -23.65 45.47 -36.11
CA TRP M 244 -24.43 45.33 -34.87
C TRP M 244 -23.91 44.26 -33.93
N SER M 245 -22.95 43.47 -34.39
CA SER M 245 -22.38 42.40 -33.58
C SER M 245 -20.95 42.66 -33.13
N GLY M 246 -20.20 43.43 -33.91
CA GLY M 246 -18.82 43.71 -33.57
C GLY M 246 -18.45 45.19 -33.51
N ASP M 247 -18.75 45.92 -34.58
CA ASP M 247 -18.44 47.35 -34.66
C ASP M 247 -19.12 48.15 -33.55
N TRP M 248 -20.32 47.71 -33.18
CA TRP M 248 -21.11 48.36 -32.15
C TRP M 248 -20.38 48.40 -30.81
N TYR M 249 -19.47 47.46 -30.60
CA TYR M 249 -18.71 47.38 -29.35
C TYR M 249 -17.28 47.87 -29.48
N LEU M 250 -16.65 47.58 -30.61
CA LEU M 250 -15.27 47.98 -30.84
C LEU M 250 -15.08 49.46 -31.12
N ASP M 251 -16.05 50.08 -31.78
CA ASP M 251 -15.96 51.50 -32.10
C ASP M 251 -15.95 52.41 -30.87
N PRO M 252 -16.84 52.17 -29.89
CA PRO M 252 -16.84 53.03 -28.71
C PRO M 252 -15.51 52.92 -27.94
N ILE M 253 -14.88 51.75 -28.05
CA ILE M 253 -13.61 51.47 -27.39
C ILE M 253 -12.42 52.12 -28.10
N TYR M 254 -12.37 51.96 -29.43
CA TYR M 254 -11.28 52.50 -30.23
C TYR M 254 -11.44 53.95 -30.68
N PHE M 255 -12.67 54.37 -30.93
CA PHE M 255 -12.92 55.72 -31.41
C PHE M 255 -13.74 56.59 -30.45
N GLY M 256 -14.29 55.97 -29.42
CA GLY M 256 -15.08 56.71 -28.46
C GLY M 256 -16.46 57.10 -28.94
N GLU M 257 -16.99 56.33 -29.90
CA GLU M 257 -18.30 56.60 -30.46
C GLU M 257 -18.86 55.35 -31.12
N TYR M 258 -20.18 55.19 -31.03
CA TYR M 258 -20.84 54.06 -31.67
C TYR M 258 -20.75 54.26 -33.18
N PRO M 259 -20.74 53.17 -33.96
CA PRO M 259 -20.66 53.30 -35.41
C PRO M 259 -21.83 54.11 -35.95
N LYS M 260 -21.52 55.19 -36.66
CA LYS M 260 -22.53 56.09 -37.21
C LYS M 260 -23.65 55.39 -37.97
N PHE M 261 -23.30 54.53 -38.92
CA PHE M 261 -24.31 53.83 -39.72
C PHE M 261 -25.28 53.02 -38.88
N MET M 262 -24.80 52.46 -37.77
CA MET M 262 -25.66 51.69 -36.89
C MET M 262 -26.55 52.61 -36.06
N LEU M 263 -25.99 53.72 -35.61
CA LEU M 263 -26.73 54.70 -34.82
C LEU M 263 -27.93 55.18 -35.63
N ASP M 264 -27.68 55.55 -36.87
CA ASP M 264 -28.72 56.04 -37.77
C ASP M 264 -29.78 54.97 -38.02
N TRP M 265 -29.35 53.73 -38.17
CA TRP M 265 -30.26 52.62 -38.42
C TRP M 265 -31.22 52.44 -37.26
N TYR M 266 -30.67 52.40 -36.05
CA TYR M 266 -31.47 52.23 -34.85
C TYR M 266 -32.34 53.46 -34.59
N GLU M 267 -31.77 54.64 -34.83
CA GLU M 267 -32.47 55.90 -34.63
C GLU M 267 -33.73 55.97 -35.49
N ASN M 268 -33.61 55.55 -36.74
CA ASN M 268 -34.74 55.56 -37.66
C ASN M 268 -35.85 54.62 -37.18
N LEU M 269 -35.45 53.62 -36.39
CA LEU M 269 -36.39 52.65 -35.83
C LEU M 269 -36.90 53.12 -34.47
N GLY M 270 -36.30 54.19 -33.96
CA GLY M 270 -36.69 54.72 -32.66
C GLY M 270 -35.93 54.11 -31.50
N TYR M 271 -34.66 53.80 -31.72
CA TYR M 271 -33.82 53.20 -30.70
C TYR M 271 -32.51 53.95 -30.56
N LYS M 272 -32.08 54.14 -29.32
CA LYS M 272 -30.84 54.86 -29.02
C LYS M 272 -30.22 54.31 -27.74
N PRO M 273 -28.88 54.23 -27.70
CA PRO M 273 -28.19 53.72 -26.50
C PRO M 273 -28.35 54.74 -25.36
N PRO M 274 -28.65 54.26 -24.14
CA PRO M 274 -28.83 55.11 -22.96
C PRO M 274 -27.51 55.73 -22.49
N ILE M 275 -26.96 56.61 -23.32
CA ILE M 275 -25.69 57.26 -23.01
C ILE M 275 -25.83 58.35 -21.97
N VAL M 276 -25.22 58.13 -20.82
CA VAL M 276 -25.22 59.11 -19.74
C VAL M 276 -23.92 59.88 -19.95
N ASP M 277 -23.97 61.19 -19.79
CA ASP M 277 -22.79 62.04 -19.99
C ASP M 277 -21.56 61.48 -19.30
N GLY M 278 -20.50 61.28 -20.08
CA GLY M 278 -19.26 60.75 -19.55
C GLY M 278 -19.02 59.30 -19.91
N ASP M 279 -20.09 58.58 -20.21
CA ASP M 279 -20.02 57.16 -20.55
C ASP M 279 -19.06 56.82 -21.69
N MET M 280 -19.21 57.50 -22.83
CA MET M 280 -18.36 57.24 -23.98
C MET M 280 -16.88 57.38 -23.69
N GLU M 281 -16.55 58.31 -22.79
CA GLU M 281 -15.16 58.55 -22.40
C GLU M 281 -14.66 57.40 -21.53
N LEU M 282 -15.57 56.83 -20.74
CA LEU M 282 -15.25 55.71 -19.87
C LEU M 282 -14.97 54.47 -20.70
N ILE M 283 -15.75 54.31 -21.76
CA ILE M 283 -15.63 53.17 -22.68
C ILE M 283 -14.40 53.33 -23.57
N HIS M 284 -14.08 54.58 -23.91
CA HIS M 284 -12.96 54.91 -24.78
C HIS M 284 -11.60 54.71 -24.11
N GLN M 285 -11.33 53.50 -23.65
CA GLN M 285 -10.06 53.18 -23.01
C GLN M 285 -9.29 52.19 -23.88
N PRO M 286 -8.02 52.48 -24.16
CA PRO M 286 -7.15 51.63 -24.98
C PRO M 286 -7.05 50.20 -24.45
N ILE M 287 -7.30 49.23 -25.31
CA ILE M 287 -7.20 47.82 -24.94
C ILE M 287 -6.00 47.23 -25.66
N ASP M 288 -5.42 46.18 -25.09
CA ASP M 288 -4.24 45.54 -25.66
C ASP M 288 -4.45 44.61 -26.85
N PHE M 289 -5.66 44.10 -27.01
CA PHE M 289 -5.95 43.18 -28.11
C PHE M 289 -7.44 43.02 -28.35
N ILE M 290 -7.78 42.39 -29.47
CA ILE M 290 -9.17 42.11 -29.83
C ILE M 290 -9.28 40.60 -29.98
N GLY M 291 -10.27 40.03 -29.33
CA GLY M 291 -10.48 38.59 -29.40
C GLY M 291 -11.47 38.27 -30.50
N ILE M 292 -11.01 37.60 -31.55
CA ILE M 292 -11.88 37.23 -32.66
C ILE M 292 -12.47 35.85 -32.46
N ASN M 293 -13.80 35.78 -32.42
CA ASN M 293 -14.52 34.53 -32.28
C ASN M 293 -15.19 34.26 -33.62
N TYR M 294 -14.65 33.32 -34.39
CA TYR M 294 -15.18 32.99 -35.69
C TYR M 294 -15.63 31.52 -35.82
N TYR M 295 -16.72 31.32 -36.56
CA TYR M 295 -17.28 29.99 -36.79
C TYR M 295 -17.86 29.88 -38.20
N THR M 296 -18.51 30.94 -38.64
CA THR M 296 -19.15 30.96 -39.95
C THR M 296 -19.47 32.38 -40.41
N SER M 297 -19.95 32.48 -41.64
CA SER M 297 -20.36 33.75 -42.23
C SER M 297 -21.44 33.43 -43.27
N SER M 298 -22.17 34.44 -43.70
CA SER M 298 -23.24 34.24 -44.66
C SER M 298 -23.09 35.08 -45.92
N MET M 299 -24.11 35.02 -46.77
CA MET M 299 -24.15 35.77 -48.02
C MET M 299 -25.45 36.55 -47.93
N ASN M 300 -25.36 37.85 -47.68
CA ASN M 300 -26.55 38.68 -47.52
C ASN M 300 -26.85 39.65 -48.63
N ARG M 301 -28.11 40.10 -48.66
CA ARG M 301 -28.59 41.06 -49.64
C ARG M 301 -29.61 41.95 -48.96
N TYR M 302 -29.73 43.18 -49.44
CA TYR M 302 -30.67 44.12 -48.88
C TYR M 302 -32.10 43.65 -49.14
N ASN M 303 -32.94 43.76 -48.12
CA ASN M 303 -34.34 43.35 -48.22
C ASN M 303 -35.17 44.06 -47.17
N PRO M 304 -35.95 45.08 -47.58
CA PRO M 304 -36.83 45.88 -46.72
C PRO M 304 -37.98 45.10 -46.11
N GLY M 305 -38.26 43.92 -46.69
CA GLY M 305 -39.35 43.09 -46.20
C GLY M 305 -38.98 42.29 -44.96
N GLU M 306 -39.89 41.41 -44.55
CA GLU M 306 -39.67 40.58 -43.37
C GLU M 306 -38.43 39.71 -43.49
N ALA M 307 -38.16 39.23 -44.71
CA ALA M 307 -37.01 38.39 -44.97
C ALA M 307 -35.70 39.06 -44.59
N GLY M 308 -35.67 40.38 -44.67
CA GLY M 308 -34.48 41.14 -44.32
C GLY M 308 -34.31 41.29 -42.82
N GLY M 309 -35.43 41.25 -42.11
CA GLY M 309 -35.39 41.40 -40.67
C GLY M 309 -35.21 42.84 -40.23
N MET M 310 -34.85 43.02 -38.96
CA MET M 310 -34.63 44.34 -38.38
C MET M 310 -33.54 45.10 -39.13
N LEU M 311 -32.51 44.38 -39.56
CA LEU M 311 -31.40 44.98 -40.28
C LEU M 311 -31.63 45.05 -41.78
N SER M 312 -32.79 44.56 -42.24
CA SER M 312 -33.13 44.55 -43.66
C SER M 312 -31.99 43.95 -44.47
N SER M 313 -31.44 42.86 -43.94
CA SER M 313 -30.33 42.15 -44.56
C SER M 313 -30.68 40.66 -44.57
N GLU M 314 -31.16 40.19 -45.71
CA GLU M 314 -31.55 38.80 -45.87
C GLU M 314 -30.39 37.88 -46.25
N ALA M 315 -30.24 36.81 -45.49
CA ALA M 315 -29.19 35.83 -45.74
C ALA M 315 -29.67 34.84 -46.80
N ILE M 316 -28.78 34.48 -47.72
CA ILE M 316 -29.09 33.56 -48.79
C ILE M 316 -28.15 32.35 -48.72
N SER M 317 -28.74 31.16 -48.68
CA SER M 317 -27.98 29.93 -48.58
C SER M 317 -26.98 29.78 -49.71
N MET M 318 -25.74 29.45 -49.35
CA MET M 318 -24.68 29.25 -50.32
C MET M 318 -24.69 27.78 -50.76
N GLY M 319 -25.52 26.97 -50.09
CA GLY M 319 -25.60 25.57 -50.39
C GLY M 319 -24.35 24.84 -49.92
N ALA M 320 -23.55 25.54 -49.13
CA ALA M 320 -22.30 25.02 -48.60
C ALA M 320 -22.52 23.96 -47.54
N PRO M 321 -21.49 23.13 -47.27
CA PRO M 321 -21.60 22.08 -46.26
C PRO M 321 -21.80 22.72 -44.90
N LYS M 322 -22.51 22.02 -44.02
CA LYS M 322 -22.78 22.56 -42.69
C LYS M 322 -22.25 21.65 -41.59
N THR M 323 -22.05 22.23 -40.41
CA THR M 323 -21.60 21.47 -39.25
C THR M 323 -22.87 20.83 -38.72
N ASP M 324 -22.73 19.93 -37.74
CA ASP M 324 -23.89 19.26 -37.18
C ASP M 324 -24.87 20.17 -36.45
N ILE M 325 -24.48 21.42 -36.22
CA ILE M 325 -25.36 22.38 -35.56
C ILE M 325 -26.07 23.23 -36.62
N GLY M 326 -25.74 22.97 -37.89
CA GLY M 326 -26.36 23.67 -39.00
C GLY M 326 -25.68 24.91 -39.56
N TRP M 327 -24.45 25.18 -39.14
CA TRP M 327 -23.74 26.36 -39.62
C TRP M 327 -22.93 26.07 -40.87
N GLU M 328 -23.06 26.91 -41.88
CA GLU M 328 -22.33 26.74 -43.13
C GLU M 328 -20.83 26.94 -42.91
N ILE M 329 -20.03 26.20 -43.68
CA ILE M 329 -18.58 26.31 -43.59
C ILE M 329 -18.09 27.31 -44.63
N TYR M 330 -17.55 28.43 -44.15
CA TYR M 330 -17.02 29.46 -45.04
C TYR M 330 -15.71 29.93 -44.41
N ALA M 331 -14.68 29.11 -44.56
CA ALA M 331 -13.36 29.37 -44.00
C ALA M 331 -12.78 30.72 -44.40
N GLU M 332 -13.03 31.15 -45.62
CA GLU M 332 -12.50 32.41 -46.12
C GLU M 332 -13.00 33.60 -45.30
N GLY M 333 -14.13 33.41 -44.63
CA GLY M 333 -14.70 34.47 -43.80
C GLY M 333 -13.77 34.86 -42.67
N LEU M 334 -12.96 33.90 -42.20
CA LEU M 334 -12.02 34.16 -41.11
C LEU M 334 -11.03 35.21 -41.59
N TYR M 335 -10.43 34.97 -42.75
CA TYR M 335 -9.47 35.88 -43.33
C TYR M 335 -10.10 37.25 -43.57
N ASP M 336 -11.31 37.25 -44.12
CA ASP M 336 -12.04 38.49 -44.40
C ASP M 336 -12.27 39.31 -43.14
N LEU M 337 -12.69 38.62 -42.06
CA LEU M 337 -12.96 39.28 -40.79
C LEU M 337 -11.69 39.86 -40.18
N LEU M 338 -10.62 39.08 -40.22
CA LEU M 338 -9.33 39.51 -39.67
C LEU M 338 -8.81 40.70 -40.46
N ARG M 339 -8.98 40.64 -41.78
CA ARG M 339 -8.53 41.70 -42.67
C ARG M 339 -9.29 42.98 -42.37
N TYR M 340 -10.61 42.85 -42.20
CA TYR M 340 -11.49 43.98 -41.89
C TYR M 340 -11.07 44.65 -40.59
N THR M 341 -10.93 43.84 -39.55
CA THR M 341 -10.56 44.32 -38.23
C THR M 341 -9.18 44.98 -38.24
N ALA M 342 -8.25 44.37 -38.97
CA ALA M 342 -6.90 44.90 -39.07
C ALA M 342 -6.89 46.27 -39.75
N ASP M 343 -7.69 46.42 -40.80
CA ASP M 343 -7.76 47.67 -41.54
C ASP M 343 -8.39 48.79 -40.71
N LYS M 344 -9.58 48.53 -40.18
CA LYS M 344 -10.32 49.51 -39.42
C LYS M 344 -9.74 49.94 -38.07
N TYR M 345 -9.22 48.99 -37.30
CA TYR M 345 -8.70 49.30 -35.98
C TYR M 345 -7.20 49.48 -35.84
N GLY M 346 -6.53 49.76 -36.95
CA GLY M 346 -5.09 49.99 -36.93
C GLY M 346 -4.22 48.77 -36.71
N ASN M 347 -4.68 47.62 -37.22
CA ASN M 347 -3.95 46.37 -37.11
C ASN M 347 -3.47 46.07 -35.69
N PRO M 348 -4.40 46.02 -34.72
CA PRO M 348 -4.03 45.75 -33.34
C PRO M 348 -3.72 44.27 -33.16
N THR M 349 -3.26 43.90 -31.97
CA THR M 349 -2.96 42.51 -31.68
C THR M 349 -4.27 41.74 -31.73
N LEU M 350 -4.28 40.64 -32.46
CA LEU M 350 -5.48 39.82 -32.59
C LEU M 350 -5.22 38.41 -32.10
N TYR M 351 -6.23 37.84 -31.44
CA TYR M 351 -6.16 36.48 -30.94
C TYR M 351 -7.47 35.82 -31.32
N ILE M 352 -7.42 34.69 -32.00
CA ILE M 352 -8.64 33.98 -32.35
C ILE M 352 -8.98 33.26 -31.05
N THR M 353 -9.85 33.89 -30.26
CA THR M 353 -10.26 33.37 -28.96
C THR M 353 -11.26 32.22 -29.02
N GLU M 354 -11.81 31.97 -30.21
CA GLU M 354 -12.77 30.89 -30.41
C GLU M 354 -12.90 30.52 -31.89
N ASN M 355 -12.79 29.23 -32.17
CA ASN M 355 -12.95 28.70 -33.52
C ASN M 355 -12.99 27.19 -33.47
N GLY M 356 -14.12 26.63 -33.88
CA GLY M 356 -14.28 25.20 -33.86
C GLY M 356 -15.53 24.80 -34.61
N ALA M 357 -15.78 23.49 -34.68
CA ALA M 357 -16.94 22.98 -35.39
C ALA M 357 -17.76 22.07 -34.52
N CYS M 358 -19.07 22.05 -34.76
CA CYS M 358 -19.94 21.18 -34.01
C CYS M 358 -20.15 19.91 -34.78
N TYR M 359 -19.52 18.83 -34.32
CA TYR M 359 -19.65 17.54 -34.96
C TYR M 359 -19.91 16.55 -33.84
N ASN M 360 -21.08 15.92 -33.90
CA ASN M 360 -21.52 14.97 -32.88
C ASN M 360 -20.97 13.56 -32.93
N ASP M 361 -19.80 13.38 -33.54
CA ASP M 361 -19.18 12.06 -33.62
C ASP M 361 -18.98 11.47 -32.23
N GLY M 362 -19.37 10.20 -32.08
CA GLY M 362 -19.20 9.54 -30.81
C GLY M 362 -18.13 8.48 -30.96
N LEU M 363 -18.00 7.62 -29.97
CA LEU M 363 -17.01 6.54 -30.02
C LEU M 363 -17.43 5.43 -30.97
N SER M 364 -16.48 4.99 -31.79
CA SER M 364 -16.73 3.89 -32.70
C SER M 364 -16.41 2.64 -31.87
N LEU M 365 -16.71 1.45 -32.38
CA LEU M 365 -16.38 0.22 -31.64
C LEU M 365 -14.86 0.13 -31.50
N ASP M 366 -14.19 0.98 -32.27
CA ASP M 366 -12.74 1.13 -32.30
C ASP M 366 -12.30 1.57 -30.90
N GLY M 367 -13.16 2.38 -30.26
CA GLY M 367 -12.88 2.92 -28.94
C GLY M 367 -12.45 4.37 -29.07
N ARG M 368 -12.31 4.81 -30.31
CA ARG M 368 -11.88 6.17 -30.62
C ARG M 368 -12.95 6.94 -31.38
N ILE M 369 -12.79 8.26 -31.41
CA ILE M 369 -13.72 9.14 -32.12
C ILE M 369 -13.02 9.62 -33.38
N HIS M 370 -13.45 9.09 -34.52
CA HIS M 370 -12.85 9.46 -35.80
C HIS M 370 -13.55 10.66 -36.42
N ASP M 371 -13.35 11.82 -35.81
CA ASP M 371 -13.97 13.06 -36.28
C ASP M 371 -13.17 13.79 -37.35
N GLN M 372 -12.96 13.15 -38.49
CA GLN M 372 -12.22 13.75 -39.59
C GLN M 372 -12.82 15.09 -40.01
N ARG M 373 -14.14 15.20 -39.89
CA ARG M 373 -14.83 16.42 -40.28
C ARG M 373 -14.37 17.62 -39.45
N ARG M 374 -14.05 17.39 -38.18
CA ARG M 374 -13.58 18.47 -37.32
C ARG M 374 -12.16 18.83 -37.72
N ILE M 375 -11.37 17.82 -38.04
CA ILE M 375 -9.98 18.03 -38.46
C ILE M 375 -9.96 18.86 -39.74
N ASP M 376 -10.80 18.49 -40.69
CA ASP M 376 -10.87 19.19 -41.96
C ASP M 376 -11.28 20.64 -41.76
N TYR M 377 -12.27 20.86 -40.90
CA TYR M 377 -12.75 22.22 -40.62
C TYR M 377 -11.63 23.06 -40.02
N LEU M 378 -11.03 22.55 -38.95
CA LEU M 378 -9.94 23.26 -38.28
C LEU M 378 -8.80 23.56 -39.26
N ALA M 379 -8.41 22.56 -40.03
CA ALA M 379 -7.34 22.70 -41.01
C ALA M 379 -7.61 23.86 -41.98
N MET M 380 -8.83 23.89 -42.51
CA MET M 380 -9.21 24.94 -43.45
C MET M 380 -9.10 26.33 -42.84
N HIS M 381 -9.52 26.45 -41.60
CA HIS M 381 -9.47 27.74 -40.90
C HIS M 381 -8.07 28.14 -40.47
N LEU M 382 -7.24 27.16 -40.14
CA LEU M 382 -5.87 27.45 -39.75
C LEU M 382 -5.10 27.90 -40.98
N ILE M 383 -5.54 27.44 -42.15
CA ILE M 383 -4.91 27.82 -43.41
C ILE M 383 -5.22 29.30 -43.64
N GLN M 384 -6.42 29.72 -43.27
CA GLN M 384 -6.82 31.12 -43.42
C GLN M 384 -6.11 31.97 -42.38
N ALA M 385 -5.86 31.39 -41.21
CA ALA M 385 -5.16 32.08 -40.14
C ALA M 385 -3.73 32.36 -40.58
N SER M 386 -3.10 31.35 -41.18
CA SER M 386 -1.73 31.48 -41.67
C SER M 386 -1.70 32.51 -42.80
N ARG M 387 -2.75 32.49 -43.62
CA ARG M 387 -2.89 33.42 -44.74
C ARG M 387 -2.88 34.86 -44.22
N ALA M 388 -3.64 35.09 -43.15
CA ALA M 388 -3.74 36.41 -42.55
C ALA M 388 -2.39 36.89 -42.05
N ILE M 389 -1.64 36.00 -41.43
CA ILE M 389 -0.32 36.32 -40.91
C ILE M 389 0.61 36.66 -42.07
N GLU M 390 0.50 35.90 -43.16
CA GLU M 390 1.30 36.12 -44.35
C GLU M 390 0.90 37.45 -44.99
N ASP M 391 -0.35 37.86 -44.77
CA ASP M 391 -0.88 39.09 -45.32
C ASP M 391 -0.65 40.29 -44.40
N GLY M 392 0.31 40.15 -43.47
CA GLY M 392 0.65 41.23 -42.57
C GLY M 392 -0.28 41.54 -41.39
N ILE M 393 -1.32 40.74 -41.19
CA ILE M 393 -2.23 40.97 -40.08
C ILE M 393 -1.57 40.49 -38.78
N ASN M 394 -1.75 41.25 -37.71
CA ASN M 394 -1.16 40.91 -36.41
C ASN M 394 -1.88 39.83 -35.61
N LEU M 395 -1.99 38.64 -36.18
CA LEU M 395 -2.63 37.53 -35.50
C LEU M 395 -1.55 36.87 -34.65
N LYS M 396 -1.66 37.00 -33.34
CA LYS M 396 -0.66 36.44 -32.43
C LYS M 396 -1.01 35.11 -31.79
N GLY M 397 -2.22 34.62 -32.01
CA GLY M 397 -2.61 33.35 -31.41
C GLY M 397 -3.92 32.77 -31.89
N TYR M 398 -4.10 31.48 -31.63
CA TYR M 398 -5.30 30.75 -32.01
C TYR M 398 -5.70 29.82 -30.88
N MET M 399 -6.98 29.87 -30.52
CA MET M 399 -7.52 29.04 -29.45
C MET M 399 -8.78 28.38 -29.96
N GLU M 400 -8.68 27.10 -30.31
CA GLU M 400 -9.83 26.38 -30.85
C GLU M 400 -10.90 26.21 -29.77
N TRP M 401 -12.15 26.40 -30.14
CA TRP M 401 -13.24 26.31 -29.18
C TRP M 401 -13.58 24.93 -28.65
N SER M 402 -13.62 24.89 -27.32
CA SER M 402 -13.95 23.73 -26.53
C SER M 402 -12.88 22.64 -26.50
N LEU M 403 -12.27 22.50 -25.34
CA LEU M 403 -11.26 21.49 -25.11
C LEU M 403 -11.99 20.15 -25.11
N MET M 404 -13.18 20.14 -24.52
CA MET M 404 -13.99 18.94 -24.42
C MET M 404 -15.46 19.28 -24.68
N ASP M 405 -16.25 18.28 -25.05
CA ASP M 405 -17.67 18.50 -25.30
C ASP M 405 -18.28 19.03 -24.01
N ASN M 406 -19.19 20.00 -24.13
CA ASN M 406 -19.81 20.58 -22.95
C ASN M 406 -21.27 20.98 -23.14
N PHE M 407 -21.79 21.70 -22.14
CA PHE M 407 -23.17 22.18 -22.16
C PHE M 407 -23.27 23.29 -23.20
N GLU M 408 -23.85 22.96 -24.35
CA GLU M 408 -23.98 23.93 -25.43
C GLU M 408 -25.21 24.84 -25.28
N TRP M 409 -25.27 25.53 -24.15
CA TRP M 409 -26.34 26.47 -23.83
C TRP M 409 -27.75 25.97 -24.11
N ALA M 410 -28.51 26.69 -24.93
CA ALA M 410 -29.88 26.31 -25.26
C ALA M 410 -29.97 24.96 -25.98
N GLU M 411 -28.88 24.55 -26.61
CA GLU M 411 -28.85 23.28 -27.34
C GLU M 411 -28.65 22.10 -26.40
N GLY M 412 -28.34 22.39 -25.14
CA GLY M 412 -28.12 21.32 -24.18
C GLY M 412 -26.81 20.63 -24.47
N TYR M 413 -26.76 19.33 -24.22
CA TYR M 413 -25.54 18.56 -24.43
C TYR M 413 -25.45 17.87 -25.80
N GLY M 414 -26.52 17.97 -26.59
CA GLY M 414 -26.56 17.33 -27.90
C GLY M 414 -25.52 17.76 -28.92
N MET M 415 -25.12 19.03 -28.90
CA MET M 415 -24.12 19.53 -29.85
C MET M 415 -22.72 19.46 -29.27
N ARG M 416 -21.82 18.76 -29.95
CA ARG M 416 -20.44 18.58 -29.49
C ARG M 416 -19.42 19.43 -30.24
N PHE M 417 -18.71 20.28 -29.50
CA PHE M 417 -17.70 21.18 -30.06
C PHE M 417 -16.27 20.85 -29.64
N GLY M 418 -16.10 19.92 -28.72
CA GLY M 418 -14.77 19.61 -28.23
C GLY M 418 -13.82 18.68 -28.94
N LEU M 419 -12.55 18.76 -28.52
CA LEU M 419 -11.48 17.93 -29.05
C LEU M 419 -11.47 16.63 -28.24
N VAL M 420 -12.05 16.70 -27.05
CA VAL M 420 -12.14 15.55 -26.15
C VAL M 420 -13.60 15.17 -25.98
N HIS M 421 -13.92 13.92 -26.26
CA HIS M 421 -15.28 13.42 -26.13
C HIS M 421 -15.64 13.19 -24.67
N VAL M 422 -16.81 13.69 -24.27
CA VAL M 422 -17.27 13.51 -22.90
C VAL M 422 -18.60 12.78 -22.92
N ASP M 423 -18.64 11.62 -22.27
CA ASP M 423 -19.87 10.84 -22.19
C ASP M 423 -20.57 11.42 -20.96
N TYR M 424 -21.63 12.18 -21.17
CA TYR M 424 -22.35 12.82 -20.06
C TYR M 424 -23.00 11.91 -19.03
N ASP M 425 -23.21 10.65 -19.38
CA ASP M 425 -23.81 9.71 -18.44
C ASP M 425 -22.76 9.14 -17.49
N THR M 426 -21.57 8.87 -18.03
CA THR M 426 -20.47 8.31 -17.25
C THR M 426 -19.36 9.31 -16.97
N LEU M 427 -19.48 10.50 -17.55
CA LEU M 427 -18.49 11.56 -17.40
C LEU M 427 -17.08 11.17 -17.83
N VAL M 428 -16.98 10.09 -18.61
CA VAL M 428 -15.70 9.60 -19.09
C VAL M 428 -15.23 10.45 -20.26
N ARG M 429 -13.96 10.86 -20.21
CA ARG M 429 -13.38 11.68 -21.27
C ARG M 429 -12.45 10.87 -22.15
N THR M 430 -12.67 10.97 -23.47
CA THR M 430 -11.87 10.24 -24.44
C THR M 430 -11.38 11.22 -25.52
N PRO M 431 -10.06 11.40 -25.66
CA PRO M 431 -9.54 12.32 -26.67
C PRO M 431 -9.92 11.83 -28.07
N LYS M 432 -10.47 12.75 -28.87
CA LYS M 432 -10.88 12.43 -30.24
C LYS M 432 -9.66 12.49 -31.15
N ASP M 433 -9.85 12.13 -32.41
CA ASP M 433 -8.75 12.16 -33.38
C ASP M 433 -8.28 13.58 -33.59
N SER M 434 -9.21 14.53 -33.50
CA SER M 434 -8.89 15.95 -33.68
C SER M 434 -7.93 16.42 -32.59
N PHE M 435 -8.04 15.84 -31.41
CA PHE M 435 -7.19 16.19 -30.28
C PHE M 435 -5.74 15.90 -30.67
N TYR M 436 -5.49 14.67 -31.08
CA TYR M 436 -4.15 14.23 -31.49
C TYR M 436 -3.66 15.00 -32.71
N TRP M 437 -4.59 15.38 -33.59
CA TRP M 437 -4.24 16.13 -34.79
C TRP M 437 -3.76 17.52 -34.40
N TYR M 438 -4.58 18.21 -33.61
CA TYR M 438 -4.27 19.57 -33.16
C TYR M 438 -2.95 19.56 -32.39
N LYS M 439 -2.75 18.50 -31.61
CA LYS M 439 -1.53 18.35 -30.82
C LYS M 439 -0.33 18.41 -31.75
N GLY M 440 -0.42 17.68 -32.87
CA GLY M 440 0.66 17.66 -33.85
C GLY M 440 0.90 18.99 -34.50
N VAL M 441 -0.17 19.72 -34.78
CA VAL M 441 -0.06 21.04 -35.41
C VAL M 441 0.68 21.99 -34.47
N ILE M 442 0.33 21.93 -33.18
CA ILE M 442 0.95 22.77 -32.17
C ILE M 442 2.43 22.44 -32.04
N SER M 443 2.73 21.14 -32.07
CA SER M 443 4.11 20.67 -31.95
C SER M 443 4.98 21.12 -33.12
N ARG M 444 4.49 20.93 -34.34
CA ARG M 444 5.22 21.31 -35.54
C ARG M 444 5.31 22.82 -35.71
N GLY M 445 4.18 23.50 -35.53
CA GLY M 445 4.14 24.94 -35.68
C GLY M 445 3.74 25.30 -37.10
N TRP M 446 3.49 24.28 -37.91
CA TRP M 446 3.10 24.45 -39.30
C TRP M 446 2.10 23.37 -39.69
N LEU M 447 1.58 23.46 -40.90
CA LEU M 447 0.60 22.50 -41.37
C LEU M 447 0.85 22.07 -42.81
N ASP M 448 1.00 20.77 -43.02
CA ASP M 448 1.24 20.22 -44.35
C ASP M 448 -0.09 19.71 -44.90
N LEU M 449 -0.81 20.60 -45.57
CA LEU M 449 -2.12 20.28 -46.12
C LEU M 449 -2.23 20.83 -47.54
N SER N 1 -44.12 18.97 -25.06
CA SER N 1 -45.12 19.45 -24.06
C SER N 1 -44.57 19.19 -22.66
N ILE N 2 -44.62 20.19 -21.80
CA ILE N 2 -44.11 20.06 -20.44
C ILE N 2 -45.10 19.51 -19.43
N HIS N 3 -44.77 18.34 -18.90
CA HIS N 3 -45.58 17.64 -17.91
C HIS N 3 -44.92 17.89 -16.57
N MET N 4 -45.52 18.78 -15.80
CA MET N 4 -45.01 19.18 -14.49
C MET N 4 -45.39 18.24 -13.36
N PHE N 5 -44.54 18.21 -12.34
CA PHE N 5 -44.75 17.41 -11.13
C PHE N 5 -44.49 18.30 -9.93
N PRO N 6 -45.27 18.13 -8.85
CA PRO N 6 -45.14 18.91 -7.62
C PRO N 6 -43.72 18.88 -7.07
N SER N 7 -43.33 19.99 -6.44
CA SER N 7 -41.99 20.12 -5.86
C SER N 7 -41.70 19.04 -4.83
N ASP N 8 -42.72 18.69 -4.05
CA ASP N 8 -42.59 17.67 -3.00
C ASP N 8 -42.96 16.27 -3.48
N PHE N 9 -42.91 16.03 -4.78
CA PHE N 9 -43.25 14.73 -5.35
C PHE N 9 -42.18 13.72 -4.95
N LYS N 10 -42.62 12.56 -4.47
CA LYS N 10 -41.70 11.52 -4.05
C LYS N 10 -41.27 10.59 -5.18
N TRP N 11 -40.13 10.88 -5.77
CA TRP N 11 -39.58 10.06 -6.84
C TRP N 11 -38.84 8.88 -6.22
N GLY N 12 -39.12 7.69 -6.72
CA GLY N 12 -38.46 6.52 -6.18
C GLY N 12 -38.38 5.34 -7.13
N VAL N 13 -37.87 4.23 -6.60
CA VAL N 13 -37.72 2.99 -7.36
C VAL N 13 -37.94 1.86 -6.35
N ALA N 14 -38.34 0.68 -6.83
CA ALA N 14 -38.62 -0.43 -5.93
C ALA N 14 -38.02 -1.77 -6.29
N THR N 15 -37.88 -2.63 -5.29
CA THR N 15 -37.35 -3.98 -5.43
C THR N 15 -38.12 -4.90 -4.48
N ALA N 16 -37.74 -6.17 -4.46
CA ALA N 16 -38.38 -7.14 -3.58
C ALA N 16 -37.32 -8.11 -3.07
N ALA N 17 -37.41 -8.45 -1.79
CA ALA N 17 -36.48 -9.34 -1.11
C ALA N 17 -36.00 -10.55 -1.90
N TYR N 18 -36.88 -11.51 -2.14
CA TYR N 18 -36.52 -12.72 -2.85
C TYR N 18 -36.06 -12.50 -4.29
N GLN N 19 -36.43 -11.38 -4.87
CA GLN N 19 -36.06 -11.07 -6.25
C GLN N 19 -34.63 -10.58 -6.43
N ILE N 20 -34.06 -9.94 -5.42
CA ILE N 20 -32.70 -9.40 -5.54
C ILE N 20 -31.67 -9.85 -4.50
N GLU N 21 -32.10 -10.07 -3.27
CA GLU N 21 -31.20 -10.44 -2.17
C GLU N 21 -30.20 -11.58 -2.36
N GLY N 22 -30.72 -12.78 -2.62
CA GLY N 22 -29.82 -13.92 -2.76
C GLY N 22 -29.47 -14.38 -1.36
N ALA N 23 -28.40 -15.16 -1.22
CA ALA N 23 -27.98 -15.67 0.08
C ALA N 23 -29.17 -16.25 0.84
N TYR N 24 -29.95 -17.08 0.13
CA TYR N 24 -31.14 -17.69 0.68
C TYR N 24 -30.85 -18.64 1.83
N ASN N 25 -29.68 -19.27 1.80
CA ASN N 25 -29.30 -20.24 2.82
C ASN N 25 -28.11 -19.72 3.64
N GLU N 26 -28.14 -18.42 3.97
CA GLU N 26 -27.07 -17.83 4.75
C GLU N 26 -27.56 -17.09 5.98
N ASP N 27 -26.65 -16.97 6.95
CA ASP N 27 -26.91 -16.29 8.21
C ASP N 27 -28.24 -16.68 8.86
N GLY N 28 -28.53 -17.97 8.83
CA GLY N 28 -29.75 -18.49 9.45
C GLY N 28 -31.08 -18.16 8.82
N ARG N 29 -31.09 -17.83 7.53
CA ARG N 29 -32.35 -17.53 6.86
C ARG N 29 -33.14 -18.80 6.63
N GLY N 30 -34.43 -18.75 6.96
CA GLY N 30 -35.28 -19.92 6.77
C GLY N 30 -35.82 -19.93 5.35
N MET N 31 -36.26 -21.08 4.88
CA MET N 31 -36.81 -21.20 3.54
C MET N 31 -38.19 -20.58 3.48
N SER N 32 -38.54 -20.02 2.32
CA SER N 32 -39.85 -19.43 2.11
C SER N 32 -40.58 -20.33 1.12
N ILE N 33 -41.85 -20.05 0.88
CA ILE N 33 -42.62 -20.83 -0.06
C ILE N 33 -42.03 -20.72 -1.47
N TRP N 34 -41.35 -19.60 -1.72
CA TRP N 34 -40.73 -19.37 -3.03
C TRP N 34 -39.43 -20.14 -3.22
N ASP N 35 -38.71 -20.38 -2.11
CA ASP N 35 -37.47 -21.13 -2.21
C ASP N 35 -37.88 -22.54 -2.60
N THR N 36 -38.93 -23.03 -1.92
CA THR N 36 -39.48 -24.36 -2.16
C THR N 36 -40.01 -24.46 -3.60
N PHE N 37 -40.85 -23.51 -3.98
CA PHE N 37 -41.46 -23.47 -5.30
C PHE N 37 -40.41 -23.47 -6.41
N ALA N 38 -39.46 -22.54 -6.30
CA ALA N 38 -38.40 -22.41 -7.29
C ALA N 38 -37.53 -23.65 -7.39
N HIS N 39 -37.34 -24.33 -6.26
CA HIS N 39 -36.54 -25.55 -6.23
C HIS N 39 -37.29 -26.75 -6.79
N THR N 40 -38.60 -26.61 -6.92
CA THR N 40 -39.44 -27.68 -7.47
C THR N 40 -39.34 -27.71 -8.99
N PRO N 41 -38.90 -28.85 -9.55
CA PRO N 41 -38.78 -29.01 -11.00
C PRO N 41 -40.06 -28.69 -11.75
N GLY N 42 -39.94 -27.84 -12.77
CA GLY N 42 -41.09 -27.48 -13.58
C GLY N 42 -41.93 -26.31 -13.09
N LYS N 43 -41.62 -25.79 -11.91
CA LYS N 43 -42.37 -24.66 -11.37
C LYS N 43 -41.89 -23.31 -11.91
N VAL N 44 -40.59 -23.18 -12.11
CA VAL N 44 -40.02 -21.94 -12.62
C VAL N 44 -39.29 -22.21 -13.94
N LYS N 45 -39.38 -21.26 -14.86
CA LYS N 45 -38.75 -21.38 -16.17
C LYS N 45 -37.26 -21.64 -16.06
N ASN N 46 -36.79 -22.67 -16.77
CA ASN N 46 -35.39 -23.07 -16.80
C ASN N 46 -34.86 -23.62 -15.48
N GLY N 47 -35.72 -23.64 -14.46
CA GLY N 47 -35.31 -24.13 -13.16
C GLY N 47 -34.58 -23.06 -12.37
N ASP N 48 -34.86 -21.80 -12.68
CA ASP N 48 -34.24 -20.67 -12.01
C ASP N 48 -34.78 -20.52 -10.59
N ASN N 49 -33.98 -19.89 -9.73
CA ASN N 49 -34.36 -19.67 -8.35
C ASN N 49 -33.63 -18.45 -7.78
N GLY N 50 -34.15 -17.92 -6.67
CA GLY N 50 -33.54 -16.77 -6.05
C GLY N 50 -32.40 -17.07 -5.10
N ASN N 51 -31.69 -18.16 -5.34
CA ASN N 51 -30.56 -18.55 -4.48
C ASN N 51 -29.53 -17.43 -4.42
N VAL N 52 -29.16 -16.91 -5.58
CA VAL N 52 -28.17 -15.84 -5.68
C VAL N 52 -28.82 -14.53 -6.12
N ALA N 53 -29.67 -14.61 -7.14
CA ALA N 53 -30.36 -13.44 -7.68
C ALA N 53 -29.37 -12.35 -8.07
N CYS N 54 -29.43 -11.19 -7.40
CA CYS N 54 -28.53 -10.09 -7.68
C CYS N 54 -27.48 -9.96 -6.60
N ASP N 55 -27.56 -10.85 -5.60
CA ASP N 55 -26.63 -10.90 -4.48
C ASP N 55 -26.62 -9.60 -3.67
N SER N 56 -27.75 -8.91 -3.66
CA SER N 56 -27.87 -7.65 -2.93
C SER N 56 -27.66 -7.78 -1.43
N TYR N 57 -27.73 -9.01 -0.92
CA TYR N 57 -27.52 -9.25 0.50
C TYR N 57 -26.08 -8.93 0.88
N HIS N 58 -25.18 -9.12 -0.08
CA HIS N 58 -23.75 -8.85 0.11
C HIS N 58 -23.33 -7.58 -0.58
N ARG N 59 -24.28 -6.86 -1.17
CA ARG N 59 -23.96 -5.64 -1.91
C ARG N 59 -24.80 -4.43 -1.50
N VAL N 60 -24.89 -4.19 -0.20
CA VAL N 60 -25.65 -3.05 0.33
C VAL N 60 -25.08 -1.75 -0.22
N GLU N 61 -23.76 -1.64 -0.19
CA GLU N 61 -23.06 -0.45 -0.67
C GLU N 61 -23.35 -0.20 -2.14
N GLU N 62 -23.30 -1.26 -2.94
CA GLU N 62 -23.56 -1.14 -4.37
C GLU N 62 -25.00 -0.72 -4.67
N ASP N 63 -25.95 -1.29 -3.91
CA ASP N 63 -27.36 -0.96 -4.06
C ASP N 63 -27.58 0.53 -3.82
N VAL N 64 -27.13 0.99 -2.66
CA VAL N 64 -27.28 2.38 -2.26
C VAL N 64 -26.58 3.33 -3.22
N GLN N 65 -25.46 2.89 -3.79
CA GLN N 65 -24.72 3.73 -4.73
C GLN N 65 -25.57 3.97 -5.97
N LEU N 66 -26.23 2.92 -6.45
CA LEU N 66 -27.10 3.03 -7.62
C LEU N 66 -28.23 4.00 -7.29
N LEU N 67 -28.74 3.89 -6.08
CA LEU N 67 -29.83 4.73 -5.61
C LEU N 67 -29.47 6.21 -5.53
N LYS N 68 -28.28 6.52 -5.01
CA LYS N 68 -27.88 7.93 -4.94
C LYS N 68 -27.47 8.46 -6.31
N ASP N 69 -27.02 7.57 -7.19
CA ASP N 69 -26.64 7.97 -8.54
C ASP N 69 -27.91 8.31 -9.32
N LEU N 70 -28.98 7.56 -9.05
CA LEU N 70 -30.27 7.77 -9.71
C LEU N 70 -30.93 9.06 -9.21
N GLY N 71 -30.55 9.48 -8.01
CA GLY N 71 -31.11 10.69 -7.43
C GLY N 71 -32.47 10.46 -6.81
N VAL N 72 -32.78 9.20 -6.55
CA VAL N 72 -34.05 8.80 -5.96
C VAL N 72 -34.24 9.35 -4.55
N LYS N 73 -35.45 9.79 -4.24
CA LYS N 73 -35.77 10.34 -2.93
C LYS N 73 -36.40 9.30 -2.03
N VAL N 74 -36.96 8.25 -2.63
CA VAL N 74 -37.59 7.17 -1.88
C VAL N 74 -37.18 5.82 -2.46
N TYR N 75 -36.94 4.85 -1.59
CA TYR N 75 -36.57 3.52 -2.04
C TYR N 75 -37.50 2.51 -1.39
N ARG N 76 -38.25 1.78 -2.20
CA ARG N 76 -39.17 0.79 -1.69
C ARG N 76 -38.56 -0.60 -1.80
N PHE N 77 -38.48 -1.29 -0.67
CA PHE N 77 -37.92 -2.64 -0.61
C PHE N 77 -38.78 -3.44 0.36
N SER N 78 -38.58 -4.75 0.41
CA SER N 78 -39.35 -5.59 1.31
C SER N 78 -38.46 -6.37 2.27
N ILE N 79 -39.06 -6.79 3.38
CA ILE N 79 -38.34 -7.55 4.40
C ILE N 79 -38.63 -9.03 4.18
N SER N 80 -37.57 -9.84 4.15
CA SER N 80 -37.72 -11.27 3.99
C SER N 80 -38.11 -11.84 5.35
N TRP N 81 -39.39 -12.19 5.49
CA TRP N 81 -39.92 -12.74 6.74
C TRP N 81 -39.05 -13.89 7.29
N PRO N 82 -38.71 -14.89 6.45
CA PRO N 82 -37.89 -16.01 6.92
C PRO N 82 -36.47 -15.61 7.36
N ARG N 83 -36.04 -14.41 6.98
CA ARG N 83 -34.70 -13.96 7.33
C ARG N 83 -34.66 -13.37 8.74
N VAL N 84 -35.80 -12.87 9.23
CA VAL N 84 -35.85 -12.28 10.57
C VAL N 84 -36.49 -13.26 11.57
N LEU N 85 -37.37 -14.11 11.07
CA LEU N 85 -38.06 -15.13 11.86
C LEU N 85 -38.09 -16.36 10.96
N PRO N 86 -37.01 -17.16 10.98
CA PRO N 86 -36.86 -18.38 10.18
C PRO N 86 -38.05 -19.33 10.21
N GLN N 87 -38.72 -19.41 11.36
CA GLN N 87 -39.87 -20.29 11.52
C GLN N 87 -41.18 -19.52 11.41
N GLY N 88 -41.07 -18.24 11.07
CA GLY N 88 -42.24 -17.39 10.93
C GLY N 88 -42.65 -16.81 12.26
N THR N 89 -42.27 -17.49 13.33
CA THR N 89 -42.59 -17.06 14.68
C THR N 89 -41.54 -17.61 15.64
N GLY N 90 -41.44 -16.99 16.81
CA GLY N 90 -40.50 -17.43 17.82
C GLY N 90 -39.10 -16.84 17.73
N GLU N 91 -38.12 -17.71 17.55
CA GLU N 91 -36.71 -17.32 17.46
C GLU N 91 -36.43 -16.23 16.45
N VAL N 92 -35.85 -15.14 16.93
CA VAL N 92 -35.50 -14.00 16.08
C VAL N 92 -34.07 -14.12 15.57
N ASN N 93 -33.91 -14.08 14.24
CA ASN N 93 -32.60 -14.17 13.62
C ASN N 93 -32.02 -12.77 13.50
N ARG N 94 -31.21 -12.37 14.48
CA ARG N 94 -30.60 -11.04 14.51
C ARG N 94 -29.70 -10.75 13.31
N ALA N 95 -29.10 -11.79 12.73
CA ALA N 95 -28.23 -11.61 11.57
C ALA N 95 -29.03 -11.00 10.42
N GLY N 96 -30.29 -11.43 10.29
CA GLY N 96 -31.15 -10.93 9.24
C GLY N 96 -31.50 -9.48 9.49
N LEU N 97 -31.92 -9.17 10.72
CA LEU N 97 -32.27 -7.81 11.10
C LEU N 97 -31.09 -6.86 10.93
N ASP N 98 -29.88 -7.38 11.14
CA ASP N 98 -28.67 -6.58 11.01
C ASP N 98 -28.55 -6.06 9.58
N TYR N 99 -28.86 -6.92 8.61
CA TYR N 99 -28.80 -6.56 7.20
C TYR N 99 -29.74 -5.40 6.90
N TYR N 100 -30.99 -5.53 7.32
CA TYR N 100 -31.98 -4.49 7.09
C TYR N 100 -31.63 -3.19 7.78
N HIS N 101 -31.02 -3.29 8.95
CA HIS N 101 -30.60 -2.09 9.69
C HIS N 101 -29.48 -1.41 8.94
N ARG N 102 -28.55 -2.20 8.40
CA ARG N 102 -27.40 -1.69 7.66
C ARG N 102 -27.88 -0.99 6.39
N LEU N 103 -28.86 -1.59 5.73
CA LEU N 103 -29.44 -1.03 4.50
C LEU N 103 -30.13 0.29 4.81
N VAL N 104 -31.05 0.25 5.78
CA VAL N 104 -31.79 1.45 6.17
C VAL N 104 -30.86 2.58 6.61
N ASP N 105 -29.80 2.24 7.33
CA ASP N 105 -28.85 3.24 7.80
C ASP N 105 -28.16 3.92 6.63
N GLU N 106 -27.78 3.12 5.62
CA GLU N 106 -27.13 3.66 4.44
C GLU N 106 -28.08 4.57 3.68
N LEU N 107 -29.33 4.15 3.56
CA LEU N 107 -30.35 4.93 2.88
C LEU N 107 -30.46 6.29 3.55
N LEU N 108 -30.72 6.26 4.86
CA LEU N 108 -30.86 7.48 5.65
C LEU N 108 -29.63 8.37 5.56
N ALA N 109 -28.46 7.75 5.57
CA ALA N 109 -27.19 8.48 5.49
C ALA N 109 -27.03 9.21 4.16
N ASN N 110 -27.73 8.75 3.13
CA ASN N 110 -27.65 9.36 1.81
C ASN N 110 -28.92 10.12 1.42
N GLY N 111 -29.75 10.43 2.41
CA GLY N 111 -30.97 11.17 2.15
C GLY N 111 -32.05 10.44 1.39
N ILE N 112 -32.06 9.12 1.48
CA ILE N 112 -33.06 8.31 0.79
C ILE N 112 -34.07 7.78 1.80
N GLU N 113 -35.34 8.14 1.59
CA GLU N 113 -36.42 7.72 2.46
C GLU N 113 -36.83 6.27 2.23
N PRO N 114 -36.74 5.43 3.27
CA PRO N 114 -37.09 4.01 3.18
C PRO N 114 -38.60 3.81 3.13
N PHE N 115 -39.03 2.95 2.21
CA PHE N 115 -40.44 2.64 2.04
C PHE N 115 -40.46 1.12 2.21
N CYS N 116 -40.67 0.66 3.43
CA CYS N 116 -40.65 -0.75 3.75
C CYS N 116 -41.93 -1.52 3.47
N THR N 117 -41.76 -2.68 2.85
CA THR N 117 -42.88 -3.56 2.51
C THR N 117 -42.70 -4.82 3.35
N LEU N 118 -43.60 -5.02 4.30
CA LEU N 118 -43.54 -6.18 5.18
C LEU N 118 -43.65 -7.52 4.47
N TYR N 119 -44.67 -7.68 3.64
CA TYR N 119 -44.88 -8.94 2.95
C TYR N 119 -44.91 -8.85 1.44
N HIS N 120 -43.98 -9.55 0.79
CA HIS N 120 -43.92 -9.58 -0.66
C HIS N 120 -43.82 -11.03 -1.14
N TRP N 121 -44.81 -11.82 -0.73
CA TRP N 121 -44.96 -13.23 -1.12
C TRP N 121 -44.04 -14.29 -0.52
N ASP N 122 -42.98 -13.89 0.18
CA ASP N 122 -42.05 -14.85 0.76
C ASP N 122 -42.43 -15.41 2.14
N LEU N 123 -43.59 -16.07 2.22
CA LEU N 123 -44.07 -16.66 3.47
C LEU N 123 -43.13 -17.78 3.92
N PRO N 124 -42.77 -17.80 5.22
CA PRO N 124 -41.88 -18.84 5.74
C PRO N 124 -42.49 -20.21 5.53
N GLN N 125 -41.69 -21.13 5.00
CA GLN N 125 -42.16 -22.49 4.73
C GLN N 125 -42.74 -23.15 5.97
N ALA N 126 -42.18 -22.83 7.13
CA ALA N 126 -42.65 -23.39 8.40
C ALA N 126 -44.13 -23.12 8.61
N LEU N 127 -44.56 -21.90 8.26
CA LEU N 127 -45.95 -21.51 8.41
C LEU N 127 -46.80 -22.18 7.33
N GLN N 128 -46.21 -22.35 6.15
CA GLN N 128 -46.90 -22.99 5.04
C GLN N 128 -47.20 -24.44 5.38
N ASP N 129 -46.29 -25.06 6.12
CA ASP N 129 -46.45 -26.46 6.55
C ASP N 129 -47.66 -26.57 7.47
N GLN N 130 -48.01 -25.47 8.14
CA GLN N 130 -49.15 -25.43 9.06
C GLN N 130 -50.41 -24.98 8.34
N GLY N 131 -50.35 -24.90 7.01
CA GLY N 131 -51.51 -24.47 6.24
C GLY N 131 -51.32 -23.14 5.54
N GLY N 132 -50.26 -22.43 5.88
CA GLY N 132 -49.98 -21.15 5.26
C GLY N 132 -51.10 -20.16 5.50
N TRP N 133 -51.35 -19.30 4.53
CA TRP N 133 -52.40 -18.30 4.64
C TRP N 133 -53.81 -18.89 4.67
N GLY N 134 -53.90 -20.20 4.55
CA GLY N 134 -55.19 -20.86 4.60
C GLY N 134 -55.63 -21.03 6.04
N SER N 135 -54.67 -20.96 6.95
CA SER N 135 -54.91 -21.10 8.38
C SER N 135 -54.86 -19.75 9.09
N ARG N 136 -55.75 -19.54 10.06
CA ARG N 136 -55.81 -18.31 10.82
C ARG N 136 -54.59 -18.13 11.71
N ILE N 137 -53.85 -19.22 11.92
CA ILE N 137 -52.65 -19.21 12.75
C ILE N 137 -51.62 -18.24 12.15
N THR N 138 -51.57 -18.20 10.83
CA THR N 138 -50.65 -17.33 10.12
C THR N 138 -50.95 -15.85 10.38
N ILE N 139 -52.22 -15.55 10.67
CA ILE N 139 -52.61 -14.16 10.96
C ILE N 139 -51.87 -13.71 12.22
N ASP N 140 -51.78 -14.61 13.19
CA ASP N 140 -51.09 -14.34 14.45
C ASP N 140 -49.62 -14.13 14.16
N ALA N 141 -49.05 -15.05 13.38
CA ALA N 141 -47.64 -15.00 13.01
C ALA N 141 -47.28 -13.68 12.35
N PHE N 142 -48.15 -13.19 11.46
CA PHE N 142 -47.90 -11.93 10.78
C PHE N 142 -47.97 -10.76 11.75
N ALA N 143 -48.89 -10.84 12.71
CA ALA N 143 -49.05 -9.78 13.70
C ALA N 143 -47.77 -9.69 14.54
N GLU N 144 -47.20 -10.85 14.85
CA GLU N 144 -45.96 -10.93 15.63
C GLU N 144 -44.82 -10.35 14.81
N TYR N 145 -44.79 -10.74 13.54
CA TYR N 145 -43.79 -10.29 12.58
C TYR N 145 -43.84 -8.77 12.40
N ALA N 146 -45.04 -8.25 12.18
CA ALA N 146 -45.25 -6.82 11.98
C ALA N 146 -44.76 -6.03 13.19
N GLU N 147 -45.17 -6.47 14.38
CA GLU N 147 -44.79 -5.82 15.62
C GLU N 147 -43.27 -5.79 15.77
N LEU N 148 -42.62 -6.90 15.42
CA LEU N 148 -41.17 -6.99 15.51
C LEU N 148 -40.50 -5.94 14.64
N MET N 149 -40.89 -5.88 13.37
CA MET N 149 -40.32 -4.92 12.44
C MET N 149 -40.62 -3.48 12.83
N PHE N 150 -41.82 -3.24 13.35
CA PHE N 150 -42.21 -1.90 13.78
C PHE N 150 -41.30 -1.43 14.91
N LYS N 151 -40.98 -2.34 15.81
CA LYS N 151 -40.11 -2.02 16.95
C LYS N 151 -38.66 -1.89 16.52
N GLU N 152 -38.24 -2.74 15.59
CA GLU N 152 -36.87 -2.72 15.10
C GLU N 152 -36.54 -1.53 14.20
N LEU N 153 -37.23 -1.44 13.07
CA LEU N 153 -36.99 -0.37 12.10
C LEU N 153 -37.97 0.80 12.16
N GLY N 154 -38.99 0.70 13.01
CA GLY N 154 -39.98 1.75 13.12
C GLY N 154 -39.47 3.16 13.40
N GLY N 155 -38.30 3.25 14.02
CA GLY N 155 -37.73 4.55 14.33
C GLY N 155 -37.04 5.20 13.15
N LYS N 156 -36.69 4.39 12.14
CA LYS N 156 -36.00 4.88 10.96
C LYS N 156 -36.91 4.93 9.74
N ILE N 157 -37.88 4.01 9.70
CA ILE N 157 -38.83 3.91 8.59
C ILE N 157 -40.17 4.53 8.92
N LYS N 158 -40.61 5.47 8.08
CA LYS N 158 -41.87 6.17 8.26
C LYS N 158 -42.85 5.89 7.10
N GLN N 159 -42.54 4.87 6.30
CA GLN N 159 -43.38 4.50 5.17
C GLN N 159 -43.51 2.98 5.20
N TRP N 160 -44.69 2.49 5.55
CA TRP N 160 -44.91 1.06 5.64
C TRP N 160 -46.05 0.53 4.77
N ILE N 161 -45.82 -0.64 4.18
CA ILE N 161 -46.80 -1.31 3.35
C ILE N 161 -46.91 -2.71 3.92
N THR N 162 -48.13 -3.12 4.27
CA THR N 162 -48.34 -4.43 4.84
C THR N 162 -48.16 -5.53 3.79
N PHE N 163 -49.07 -5.57 2.81
CA PHE N 163 -49.00 -6.58 1.76
C PHE N 163 -48.89 -5.95 0.38
N ASN N 164 -48.06 -6.55 -0.46
CA ASN N 164 -47.87 -6.06 -1.82
C ASN N 164 -48.58 -7.00 -2.78
N GLU N 165 -49.50 -6.45 -3.56
CA GLU N 165 -50.26 -7.20 -4.56
C GLU N 165 -50.96 -8.43 -3.98
N PRO N 166 -51.97 -8.20 -3.12
CA PRO N 166 -52.76 -9.24 -2.46
C PRO N 166 -53.35 -10.26 -3.42
N TRP N 167 -53.82 -9.79 -4.58
CA TRP N 167 -54.41 -10.69 -5.56
C TRP N 167 -53.40 -11.72 -6.06
N CYS N 168 -52.17 -11.27 -6.31
CA CYS N 168 -51.12 -12.17 -6.79
C CYS N 168 -50.79 -13.26 -5.78
N MET N 169 -50.60 -12.87 -4.52
CA MET N 169 -50.26 -13.83 -3.47
C MET N 169 -51.45 -14.72 -3.10
N ALA N 170 -52.66 -14.26 -3.39
CA ALA N 170 -53.87 -15.02 -3.08
C ALA N 170 -54.40 -15.85 -4.25
N PHE N 171 -54.92 -15.17 -5.27
CA PHE N 171 -55.48 -15.85 -6.44
C PHE N 171 -54.49 -16.47 -7.42
N LEU N 172 -53.48 -15.72 -7.83
CA LEU N 172 -52.51 -16.26 -8.78
C LEU N 172 -51.72 -17.42 -8.16
N SER N 173 -51.61 -17.40 -6.84
CA SER N 173 -50.88 -18.42 -6.10
C SER N 173 -51.71 -19.62 -5.66
N ASN N 174 -52.91 -19.38 -5.15
CA ASN N 174 -53.76 -20.46 -4.66
C ASN N 174 -54.96 -20.83 -5.53
N TYR N 175 -55.22 -20.04 -6.57
CA TYR N 175 -56.33 -20.31 -7.47
C TYR N 175 -55.86 -20.73 -8.85
N LEU N 176 -54.89 -20.00 -9.40
CA LEU N 176 -54.35 -20.30 -10.71
C LEU N 176 -53.12 -21.20 -10.65
N GLY N 177 -52.53 -21.32 -9.46
CA GLY N 177 -51.37 -22.18 -9.27
C GLY N 177 -50.11 -21.79 -10.02
N VAL N 178 -50.00 -20.51 -10.41
CA VAL N 178 -48.83 -20.04 -11.14
C VAL N 178 -47.72 -19.60 -10.19
N HIS N 179 -48.11 -19.11 -9.01
CA HIS N 179 -47.16 -18.66 -8.00
C HIS N 179 -47.24 -19.52 -6.75
N ALA N 180 -46.19 -19.48 -5.94
CA ALA N 180 -46.13 -20.24 -4.70
C ALA N 180 -47.29 -19.87 -3.78
N PRO N 181 -47.89 -20.87 -3.08
CA PRO N 181 -47.61 -22.31 -3.06
C PRO N 181 -47.91 -23.07 -4.34
N GLY N 182 -48.80 -22.54 -5.17
CA GLY N 182 -49.15 -23.20 -6.41
C GLY N 182 -50.38 -24.06 -6.33
N ASN N 183 -51.40 -23.56 -5.64
CA ASN N 183 -52.64 -24.30 -5.48
C ASN N 183 -53.68 -23.84 -6.50
N LYS N 184 -54.70 -24.67 -6.70
CA LYS N 184 -55.78 -24.36 -7.64
C LYS N 184 -57.11 -24.61 -6.93
N ASP N 185 -57.51 -23.65 -6.12
CA ASP N 185 -58.74 -23.72 -5.33
C ASP N 185 -59.24 -22.30 -5.13
N LEU N 186 -60.38 -21.98 -5.73
CA LEU N 186 -60.96 -20.64 -5.63
C LEU N 186 -61.26 -20.29 -4.18
N GLN N 187 -61.92 -21.20 -3.46
CA GLN N 187 -62.27 -20.96 -2.06
C GLN N 187 -61.03 -20.69 -1.23
N LEU N 188 -59.97 -21.47 -1.44
CA LEU N 188 -58.73 -21.29 -0.69
C LEU N 188 -58.17 -19.90 -0.95
N ALA N 189 -58.24 -19.47 -2.20
CA ALA N 189 -57.75 -18.16 -2.61
C ALA N 189 -58.55 -17.08 -1.88
N ILE N 190 -59.85 -17.34 -1.71
CA ILE N 190 -60.72 -16.40 -1.02
C ILE N 190 -60.42 -16.41 0.48
N ASP N 191 -60.04 -17.58 1.00
CA ASP N 191 -59.69 -17.73 2.41
C ASP N 191 -58.44 -16.91 2.67
N VAL N 192 -57.43 -17.10 1.82
CA VAL N 192 -56.16 -16.39 1.92
C VAL N 192 -56.38 -14.89 1.87
N SER N 193 -57.24 -14.46 0.95
CA SER N 193 -57.55 -13.04 0.79
C SER N 193 -58.11 -12.46 2.07
N HIS N 194 -58.96 -13.25 2.74
CA HIS N 194 -59.57 -12.81 3.98
C HIS N 194 -58.56 -12.74 5.11
N HIS N 195 -57.78 -13.81 5.26
CA HIS N 195 -56.77 -13.88 6.31
C HIS N 195 -55.68 -12.83 6.21
N LEU N 196 -55.26 -12.51 4.99
CA LEU N 196 -54.23 -11.49 4.80
C LEU N 196 -54.79 -10.12 5.18
N LEU N 197 -56.07 -9.91 4.91
CA LEU N 197 -56.73 -8.65 5.25
C LEU N 197 -56.84 -8.48 6.76
N VAL N 198 -57.13 -9.57 7.46
CA VAL N 198 -57.22 -9.53 8.92
C VAL N 198 -55.83 -9.25 9.47
N ALA N 199 -54.83 -9.93 8.91
CA ALA N 199 -53.44 -9.75 9.32
C ALA N 199 -53.04 -8.29 9.11
N HIS N 200 -53.53 -7.72 8.01
CA HIS N 200 -53.25 -6.33 7.65
C HIS N 200 -53.87 -5.41 8.70
N GLY N 201 -55.15 -5.63 8.98
CA GLY N 201 -55.86 -4.81 9.94
C GLY N 201 -55.18 -4.81 11.30
N ARG N 202 -54.77 -5.99 11.74
CA ARG N 202 -54.10 -6.14 13.02
C ARG N 202 -52.76 -5.42 13.01
N ALA N 203 -52.07 -5.47 11.87
CA ALA N 203 -50.78 -4.80 11.72
C ALA N 203 -50.95 -3.29 11.80
N VAL N 204 -52.02 -2.78 11.20
CA VAL N 204 -52.30 -1.35 11.21
C VAL N 204 -52.56 -0.90 12.64
N THR N 205 -53.35 -1.69 13.36
CA THR N 205 -53.69 -1.40 14.75
C THR N 205 -52.41 -1.33 15.58
N LEU N 206 -51.53 -2.30 15.40
CA LEU N 206 -50.25 -2.34 16.13
C LEU N 206 -49.44 -1.09 15.82
N PHE N 207 -49.41 -0.70 14.55
CA PHE N 207 -48.68 0.48 14.10
C PHE N 207 -49.16 1.71 14.87
N ARG N 208 -50.47 1.81 15.04
CA ARG N 208 -51.06 2.93 15.75
C ARG N 208 -50.75 2.87 17.24
N GLU N 209 -50.92 1.70 17.83
CA GLU N 209 -50.68 1.49 19.26
C GLU N 209 -49.23 1.77 19.65
N LEU N 210 -48.29 1.36 18.80
CA LEU N 210 -46.88 1.57 19.07
C LEU N 210 -46.49 3.03 18.97
N GLY N 211 -47.44 3.86 18.54
CA GLY N 211 -47.21 5.29 18.42
C GLY N 211 -46.10 5.70 17.47
N ILE N 212 -45.65 4.76 16.63
CA ILE N 212 -44.60 5.05 15.67
C ILE N 212 -45.11 5.98 14.58
N SER N 213 -44.46 7.13 14.45
CA SER N 213 -44.83 8.12 13.46
C SER N 213 -44.59 7.60 12.05
N GLY N 214 -45.38 8.08 11.10
CA GLY N 214 -45.23 7.64 9.73
C GLY N 214 -46.54 7.30 9.06
N GLU N 215 -46.44 6.60 7.94
CA GLU N 215 -47.60 6.19 7.17
C GLU N 215 -47.60 4.68 6.97
N ILE N 216 -48.80 4.11 6.80
CA ILE N 216 -48.96 2.68 6.57
C ILE N 216 -50.13 2.46 5.64
N GLY N 217 -49.96 1.56 4.69
CA GLY N 217 -51.02 1.27 3.75
C GLY N 217 -50.85 -0.10 3.13
N ILE N 218 -51.55 -0.33 2.03
CA ILE N 218 -51.50 -1.60 1.31
C ILE N 218 -51.36 -1.28 -0.17
N ALA N 219 -50.70 -2.15 -0.92
CA ALA N 219 -50.48 -1.91 -2.34
C ALA N 219 -51.13 -2.92 -3.28
N PRO N 220 -52.39 -2.69 -3.67
CA PRO N 220 -53.08 -3.60 -4.58
C PRO N 220 -52.65 -3.40 -6.03
N ASN N 221 -52.71 -4.47 -6.81
CA ASN N 221 -52.38 -4.41 -8.23
C ASN N 221 -53.71 -4.46 -8.96
N THR N 222 -54.58 -3.52 -8.61
CA THR N 222 -55.93 -3.41 -9.18
C THR N 222 -55.91 -3.49 -10.70
N SER N 223 -56.31 -4.65 -11.23
CA SER N 223 -56.36 -4.88 -12.66
C SER N 223 -57.43 -4.00 -13.30
N TRP N 224 -57.07 -3.33 -14.39
CA TRP N 224 -58.01 -2.44 -15.08
C TRP N 224 -58.54 -3.04 -16.37
N ALA N 225 -59.80 -2.74 -16.68
CA ALA N 225 -60.45 -3.22 -17.89
C ALA N 225 -61.39 -2.17 -18.45
N VAL N 226 -61.35 -2.01 -19.77
CA VAL N 226 -62.16 -1.04 -20.49
C VAL N 226 -63.31 -1.77 -21.17
N PRO N 227 -64.53 -1.22 -21.06
CA PRO N 227 -65.72 -1.82 -21.67
C PRO N 227 -65.63 -1.87 -23.20
N TYR N 228 -65.76 -3.06 -23.76
CA TYR N 228 -65.70 -3.25 -25.20
C TYR N 228 -66.87 -2.48 -25.81
N ARG N 229 -68.07 -2.77 -25.30
CA ARG N 229 -69.28 -2.12 -25.77
C ARG N 229 -69.85 -1.30 -24.62
N ARG N 230 -70.56 -0.23 -24.94
CA ARG N 230 -71.17 0.62 -23.93
C ARG N 230 -72.46 -0.06 -23.48
N THR N 231 -72.30 -1.25 -22.88
CA THR N 231 -73.43 -2.04 -22.40
C THR N 231 -73.27 -2.24 -20.90
N LYS N 232 -74.39 -2.34 -20.19
CA LYS N 232 -74.35 -2.53 -18.74
C LYS N 232 -73.59 -3.81 -18.41
N GLU N 233 -73.87 -4.89 -19.14
CA GLU N 233 -73.21 -6.17 -18.90
C GLU N 233 -71.69 -6.11 -19.08
N ASP N 234 -71.24 -5.29 -20.03
CA ASP N 234 -69.81 -5.13 -20.29
C ASP N 234 -69.15 -4.30 -19.22
N MET N 235 -69.83 -3.25 -18.79
CA MET N 235 -69.31 -2.37 -17.75
C MET N 235 -69.18 -3.13 -16.43
N GLU N 236 -70.15 -4.00 -16.16
CA GLU N 236 -70.14 -4.82 -14.96
C GLU N 236 -69.05 -5.88 -15.06
N ALA N 237 -68.85 -6.39 -16.26
CA ALA N 237 -67.82 -7.39 -16.51
C ALA N 237 -66.46 -6.78 -16.24
N CYS N 238 -66.34 -5.48 -16.53
CA CYS N 238 -65.09 -4.76 -16.30
C CYS N 238 -64.95 -4.40 -14.82
N LEU N 239 -66.07 -4.15 -14.16
CA LEU N 239 -66.05 -3.80 -12.74
C LEU N 239 -65.55 -4.97 -11.92
N ARG N 240 -65.89 -6.18 -12.35
CA ARG N 240 -65.46 -7.39 -11.66
C ARG N 240 -63.96 -7.61 -11.78
N VAL N 241 -63.37 -7.10 -12.86
CA VAL N 241 -61.94 -7.23 -13.08
C VAL N 241 -61.17 -6.45 -12.02
N ASN N 242 -61.54 -5.19 -11.81
CA ASN N 242 -60.87 -4.37 -10.80
C ASN N 242 -61.44 -4.72 -9.43
N GLY N 243 -62.61 -5.34 -9.44
CA GLY N 243 -63.27 -5.71 -8.19
C GLY N 243 -62.63 -6.87 -7.46
N TRP N 244 -62.29 -7.94 -8.16
CA TRP N 244 -61.69 -9.10 -7.52
C TRP N 244 -60.19 -8.98 -7.25
N SER N 245 -59.58 -7.93 -7.78
CA SER N 245 -58.15 -7.71 -7.61
C SER N 245 -57.81 -6.53 -6.70
N GLY N 246 -58.70 -5.54 -6.66
CA GLY N 246 -58.46 -4.36 -5.85
C GLY N 246 -59.55 -4.01 -4.87
N ASP N 247 -60.78 -3.89 -5.35
CA ASP N 247 -61.92 -3.55 -4.52
C ASP N 247 -62.15 -4.55 -3.40
N TRP N 248 -61.86 -5.82 -3.70
CA TRP N 248 -62.02 -6.91 -2.75
C TRP N 248 -61.19 -6.71 -1.49
N TYR N 249 -60.11 -5.95 -1.60
CA TYR N 249 -59.22 -5.69 -0.47
C TYR N 249 -59.37 -4.29 0.11
N LEU N 250 -59.59 -3.30 -0.75
CA LEU N 250 -59.75 -1.93 -0.31
C LEU N 250 -61.08 -1.62 0.37
N ASP N 251 -62.14 -2.28 -0.07
CA ASP N 251 -63.45 -2.06 0.52
C ASP N 251 -63.56 -2.46 1.99
N PRO N 252 -63.04 -3.65 2.36
CA PRO N 252 -63.12 -4.05 3.76
C PRO N 252 -62.34 -3.09 4.67
N ILE N 253 -61.30 -2.48 4.10
CA ILE N 253 -60.44 -1.53 4.81
C ILE N 253 -61.09 -0.16 4.96
N TYR N 254 -61.65 0.35 3.87
CA TYR N 254 -62.27 1.67 3.86
C TYR N 254 -63.73 1.72 4.30
N PHE N 255 -64.48 0.67 3.99
CA PHE N 255 -65.91 0.63 4.32
C PHE N 255 -66.29 -0.46 5.31
N GLY N 256 -65.37 -1.36 5.61
CA GLY N 256 -65.64 -2.44 6.55
C GLY N 256 -66.52 -3.53 6.00
N GLU N 257 -66.50 -3.70 4.69
CA GLU N 257 -67.29 -4.73 4.03
C GLU N 257 -66.75 -5.04 2.66
N TYR N 258 -66.85 -6.30 2.25
CA TYR N 258 -66.40 -6.71 0.94
C TYR N 258 -67.35 -6.09 -0.09
N PRO N 259 -66.85 -5.82 -1.31
CA PRO N 259 -67.70 -5.23 -2.34
C PRO N 259 -68.91 -6.12 -2.62
N LYS N 260 -70.10 -5.55 -2.47
CA LYS N 260 -71.35 -6.28 -2.68
C LYS N 260 -71.42 -7.07 -3.97
N PHE N 261 -71.13 -6.42 -5.10
CA PHE N 261 -71.20 -7.09 -6.39
C PHE N 261 -70.30 -8.33 -6.47
N MET N 262 -69.15 -8.28 -5.80
CA MET N 262 -68.24 -9.40 -5.81
C MET N 262 -68.76 -10.51 -4.90
N LEU N 263 -69.31 -10.12 -3.75
CA LEU N 263 -69.86 -11.08 -2.80
C LEU N 263 -70.95 -11.90 -3.48
N ASP N 264 -71.85 -11.22 -4.17
CA ASP N 264 -72.95 -11.87 -4.88
C ASP N 264 -72.44 -12.79 -5.98
N TRP N 265 -71.40 -12.36 -6.68
CA TRP N 265 -70.83 -13.14 -7.76
C TRP N 265 -70.27 -14.46 -7.23
N TYR N 266 -69.48 -14.37 -6.17
CA TYR N 266 -68.89 -15.56 -5.57
C TYR N 266 -69.95 -16.43 -4.92
N GLU N 267 -70.92 -15.78 -4.26
CA GLU N 267 -72.01 -16.48 -3.59
C GLU N 267 -72.79 -17.36 -4.56
N ASN N 268 -73.08 -16.81 -5.74
CA ASN N 268 -73.81 -17.54 -6.77
C ASN N 268 -73.02 -18.75 -7.24
N LEU N 269 -71.71 -18.69 -7.09
CA LEU N 269 -70.83 -19.79 -7.47
C LEU N 269 -70.60 -20.73 -6.30
N GLY N 270 -71.08 -20.33 -5.12
CA GLY N 270 -70.92 -21.15 -3.93
C GLY N 270 -69.65 -20.87 -3.17
N TYR N 271 -69.23 -19.60 -3.15
CA TYR N 271 -68.01 -19.19 -2.46
C TYR N 271 -68.27 -18.01 -1.56
N LYS N 272 -67.69 -18.06 -0.37
CA LYS N 272 -67.84 -16.99 0.61
C LYS N 272 -66.58 -16.87 1.46
N PRO N 273 -66.20 -15.64 1.83
CA PRO N 273 -65.01 -15.44 2.65
C PRO N 273 -65.28 -15.96 4.07
N PRO N 274 -64.32 -16.68 4.65
CA PRO N 274 -64.43 -17.26 6.00
C PRO N 274 -64.41 -16.18 7.08
N ILE N 275 -65.44 -15.35 7.10
CA ILE N 275 -65.54 -14.26 8.07
C ILE N 275 -65.92 -14.75 9.46
N VAL N 276 -65.00 -14.59 10.39
CA VAL N 276 -65.23 -14.95 11.79
C VAL N 276 -65.70 -13.65 12.43
N ASP N 277 -66.71 -13.73 13.29
CA ASP N 277 -67.25 -12.54 13.94
C ASP N 277 -66.15 -11.63 14.51
N GLY N 278 -66.18 -10.38 14.08
CA GLY N 278 -65.18 -9.42 14.55
C GLY N 278 -64.13 -9.09 13.51
N ASP N 279 -63.93 -10.01 12.56
CA ASP N 279 -62.93 -9.84 11.52
C ASP N 279 -63.04 -8.55 10.72
N MET N 280 -64.22 -8.28 10.19
CA MET N 280 -64.43 -7.08 9.38
C MET N 280 -64.08 -5.80 10.11
N GLU N 281 -64.29 -5.78 11.43
CA GLU N 281 -63.98 -4.62 12.25
C GLU N 281 -62.48 -4.49 12.41
N LEU N 282 -61.78 -5.63 12.44
CA LEU N 282 -60.33 -5.66 12.57
C LEU N 282 -59.69 -5.13 11.29
N ILE N 283 -60.29 -5.49 10.16
CA ILE N 283 -59.82 -5.07 8.85
C ILE N 283 -60.14 -3.61 8.59
N HIS N 284 -61.28 -3.16 9.13
CA HIS N 284 -61.76 -1.80 8.96
C HIS N 284 -60.95 -0.76 9.76
N GLN N 285 -59.65 -0.70 9.49
CA GLN N 285 -58.77 0.25 10.17
C GLN N 285 -58.24 1.25 9.15
N PRO N 286 -58.36 2.55 9.46
CA PRO N 286 -57.89 3.63 8.59
C PRO N 286 -56.42 3.52 8.22
N ILE N 287 -56.14 3.57 6.92
CA ILE N 287 -54.76 3.50 6.44
C ILE N 287 -54.38 4.88 5.88
N ASP N 288 -53.09 5.18 5.89
CA ASP N 288 -52.61 6.48 5.42
C ASP N 288 -52.52 6.69 3.91
N PHE N 289 -52.44 5.60 3.14
CA PHE N 289 -52.33 5.71 1.69
C PHE N 289 -52.65 4.38 1.00
N ILE N 290 -52.81 4.47 -0.32
CA ILE N 290 -53.06 3.29 -1.15
C ILE N 290 -51.93 3.21 -2.15
N GLY N 291 -51.32 2.04 -2.26
CA GLY N 291 -50.22 1.86 -3.19
C GLY N 291 -50.75 1.30 -4.50
N ILE N 292 -50.66 2.09 -5.56
CA ILE N 292 -51.12 1.67 -6.87
C ILE N 292 -50.01 1.01 -7.68
N ASN N 293 -50.24 -0.24 -8.06
CA ASN N 293 -49.28 -0.99 -8.86
C ASN N 293 -49.91 -1.14 -10.24
N TYR N 294 -49.41 -0.38 -11.21
CA TYR N 294 -49.95 -0.44 -12.57
C TYR N 294 -48.91 -0.83 -13.62
N TYR N 295 -49.37 -1.59 -14.62
CA TYR N 295 -48.52 -2.05 -15.71
C TYR N 295 -49.29 -2.10 -17.02
N THR N 296 -50.55 -2.53 -16.94
CA THR N 296 -51.39 -2.66 -18.12
C THR N 296 -52.87 -2.77 -17.75
N SER N 297 -53.70 -2.77 -18.79
CA SER N 297 -55.14 -2.92 -18.65
C SER N 297 -55.66 -3.55 -19.93
N SER N 298 -56.88 -4.08 -19.89
CA SER N 298 -57.45 -4.74 -21.06
C SER N 298 -58.78 -4.13 -21.50
N MET N 299 -59.39 -4.77 -22.49
CA MET N 299 -60.67 -4.35 -23.04
C MET N 299 -61.55 -5.59 -22.89
N ASN N 300 -62.47 -5.56 -21.93
CA ASN N 300 -63.32 -6.72 -21.68
C ASN N 300 -64.79 -6.58 -22.07
N ARG N 301 -65.44 -7.73 -22.19
CA ARG N 301 -66.85 -7.81 -22.53
C ARG N 301 -67.44 -9.00 -21.80
N TYR N 302 -68.72 -8.91 -21.49
CA TYR N 302 -69.42 -9.97 -20.79
C TYR N 302 -69.48 -11.22 -21.65
N ASN N 303 -69.21 -12.38 -21.05
CA ASN N 303 -69.24 -13.65 -21.75
C ASN N 303 -69.45 -14.79 -20.76
N PRO N 304 -70.67 -15.35 -20.73
CA PRO N 304 -71.07 -16.45 -19.86
C PRO N 304 -70.36 -17.76 -20.16
N GLY N 305 -69.76 -17.84 -21.35
CA GLY N 305 -69.05 -19.04 -21.75
C GLY N 305 -67.68 -19.17 -21.15
N GLU N 306 -66.93 -20.17 -21.59
CA GLU N 306 -65.57 -20.42 -21.09
C GLU N 306 -64.65 -19.23 -21.33
N ALA N 307 -64.84 -18.55 -22.46
CA ALA N 307 -64.03 -17.39 -22.82
C ALA N 307 -64.09 -16.29 -21.77
N GLY N 308 -65.23 -16.21 -21.08
CA GLY N 308 -65.39 -15.21 -20.05
C GLY N 308 -64.70 -15.58 -18.75
N GLY N 309 -64.55 -16.89 -18.53
CA GLY N 309 -63.89 -17.37 -17.33
C GLY N 309 -64.81 -17.30 -16.11
N MET N 310 -64.21 -17.43 -14.93
CA MET N 310 -64.95 -17.41 -13.67
C MET N 310 -65.73 -16.11 -13.51
N LEU N 311 -65.14 -15.00 -13.96
CA LEU N 311 -65.77 -13.69 -13.86
C LEU N 311 -66.66 -13.37 -15.05
N SER N 312 -66.76 -14.31 -16.00
CA SER N 312 -67.56 -14.12 -17.20
C SER N 312 -67.24 -12.78 -17.85
N SER N 313 -65.95 -12.47 -17.91
CA SER N 313 -65.46 -11.24 -18.48
C SER N 313 -64.31 -11.59 -19.43
N GLU N 314 -64.63 -11.63 -20.72
CA GLU N 314 -63.65 -11.97 -21.75
C GLU N 314 -62.85 -10.77 -22.23
N ALA N 315 -61.53 -10.92 -22.21
CA ALA N 315 -60.63 -9.87 -22.67
C ALA N 315 -60.47 -9.96 -24.18
N ILE N 316 -60.47 -8.81 -24.84
CA ILE N 316 -60.34 -8.75 -26.29
C ILE N 316 -59.11 -7.92 -26.65
N SER N 317 -58.23 -8.50 -27.45
CA SER N 317 -57.01 -7.85 -27.88
C SER N 317 -57.26 -6.51 -28.55
N MET N 318 -56.52 -5.50 -28.10
CA MET N 318 -56.63 -4.17 -28.68
C MET N 318 -55.66 -4.04 -29.85
N GLY N 319 -54.84 -5.07 -30.02
CA GLY N 319 -53.84 -5.08 -31.08
C GLY N 319 -52.73 -4.10 -30.77
N ALA N 320 -52.72 -3.61 -29.54
CA ALA N 320 -51.74 -2.64 -29.07
C ALA N 320 -50.35 -3.25 -28.92
N PRO N 321 -49.31 -2.39 -28.90
CA PRO N 321 -47.94 -2.88 -28.75
C PRO N 321 -47.79 -3.54 -27.37
N LYS N 322 -46.91 -4.53 -27.30
CA LYS N 322 -46.71 -5.24 -26.05
C LYS N 322 -45.27 -5.16 -25.56
N THR N 323 -45.08 -5.37 -24.27
CA THR N 323 -43.76 -5.39 -23.67
C THR N 323 -43.22 -6.77 -23.99
N ASP N 324 -41.94 -7.01 -23.70
CA ASP N 324 -41.35 -8.31 -23.97
C ASP N 324 -41.93 -9.47 -23.17
N ILE N 325 -42.75 -9.16 -22.18
CA ILE N 325 -43.38 -10.20 -21.37
C ILE N 325 -44.79 -10.46 -21.91
N GLY N 326 -45.18 -9.71 -22.93
CA GLY N 326 -46.47 -9.87 -23.57
C GLY N 326 -47.63 -9.02 -23.10
N TRP N 327 -47.37 -8.02 -22.28
CA TRP N 327 -48.43 -7.16 -21.78
C TRP N 327 -48.67 -5.96 -22.68
N GLU N 328 -49.93 -5.71 -23.02
CA GLU N 328 -50.28 -4.58 -23.87
C GLU N 328 -50.00 -3.26 -23.18
N ILE N 329 -49.63 -2.25 -23.96
CA ILE N 329 -49.35 -0.93 -23.42
C ILE N 329 -50.61 -0.07 -23.51
N TYR N 330 -51.17 0.28 -22.36
CA TYR N 330 -52.36 1.12 -22.31
C TYR N 330 -52.13 2.12 -21.18
N ALA N 331 -51.31 3.13 -21.48
CA ALA N 331 -50.95 4.16 -20.52
C ALA N 331 -52.14 4.88 -19.90
N GLU N 332 -53.19 5.08 -20.67
CA GLU N 332 -54.38 5.78 -20.19
C GLU N 332 -55.03 5.04 -19.02
N GLY N 333 -54.77 3.75 -18.93
CA GLY N 333 -55.32 2.95 -17.85
C GLY N 333 -54.84 3.42 -16.49
N LEU N 334 -53.64 3.98 -16.44
CA LEU N 334 -53.07 4.48 -15.18
C LEU N 334 -53.98 5.59 -14.68
N TYR N 335 -54.25 6.56 -15.55
CA TYR N 335 -55.10 7.70 -15.21
C TYR N 335 -56.49 7.20 -14.79
N ASP N 336 -57.05 6.28 -15.56
CA ASP N 336 -58.36 5.73 -15.27
C ASP N 336 -58.42 5.07 -13.91
N LEU N 337 -57.39 4.29 -13.57
CA LEU N 337 -57.33 3.59 -12.29
C LEU N 337 -57.20 4.58 -11.14
N LEU N 338 -56.33 5.58 -11.31
CA LEU N 338 -56.13 6.58 -10.28
C LEU N 338 -57.41 7.38 -10.06
N ARG N 339 -58.09 7.69 -11.16
CA ARG N 339 -59.34 8.45 -11.12
C ARG N 339 -60.39 7.65 -10.37
N TYR N 340 -60.48 6.36 -10.69
CA TYR N 340 -61.44 5.46 -10.06
C TYR N 340 -61.22 5.39 -8.56
N THR N 341 -59.98 5.14 -8.17
CA THR N 341 -59.60 5.02 -6.77
C THR N 341 -59.84 6.32 -6.02
N ALA N 342 -59.53 7.45 -6.67
CA ALA N 342 -59.72 8.75 -6.06
C ALA N 342 -61.19 9.03 -5.80
N ASP N 343 -62.04 8.67 -6.76
CA ASP N 343 -63.48 8.89 -6.63
C ASP N 343 -64.10 8.03 -5.54
N LYS N 344 -63.87 6.73 -5.61
CA LYS N 344 -64.44 5.78 -4.67
C LYS N 344 -63.96 5.85 -3.22
N TYR N 345 -62.65 6.03 -3.03
CA TYR N 345 -62.10 6.06 -1.68
C TYR N 345 -61.85 7.43 -1.04
N GLY N 346 -62.53 8.45 -1.56
CA GLY N 346 -62.38 9.78 -1.00
C GLY N 346 -61.08 10.49 -1.28
N ASN N 347 -60.50 10.23 -2.45
CA ASN N 347 -59.25 10.84 -2.89
C ASN N 347 -58.15 10.79 -1.81
N PRO N 348 -57.81 9.57 -1.35
CA PRO N 348 -56.78 9.43 -0.34
C PRO N 348 -55.40 9.62 -0.96
N THR N 349 -54.36 9.60 -0.11
CA THR N 349 -53.00 9.76 -0.60
C THR N 349 -52.68 8.52 -1.44
N LEU N 350 -52.17 8.76 -2.64
CA LEU N 350 -51.82 7.68 -3.54
C LEU N 350 -50.35 7.70 -3.90
N TYR N 351 -49.75 6.52 -3.99
CA TYR N 351 -48.35 6.38 -4.36
C TYR N 351 -48.30 5.27 -5.39
N ILE N 352 -47.72 5.56 -6.55
CA ILE N 352 -47.58 4.52 -7.56
C ILE N 352 -46.38 3.71 -7.07
N THR N 353 -46.68 2.64 -6.33
CA THR N 353 -45.66 1.79 -5.76
C THR N 353 -44.96 0.84 -6.73
N GLU N 354 -45.49 0.74 -7.95
CA GLU N 354 -44.92 -0.10 -9.00
C GLU N 354 -45.42 0.30 -10.38
N ASN N 355 -44.49 0.47 -11.31
CA ASN N 355 -44.80 0.79 -12.69
C ASN N 355 -43.54 0.71 -13.53
N GLY N 356 -43.54 -0.21 -14.47
CA GLY N 356 -42.39 -0.39 -15.32
C GLY N 356 -42.73 -1.30 -16.49
N ALA N 357 -41.75 -1.54 -17.35
CA ALA N 357 -41.96 -2.38 -18.51
C ALA N 357 -40.92 -3.48 -18.59
N CYS N 358 -41.32 -4.60 -19.16
CA CYS N 358 -40.40 -5.71 -19.32
C CYS N 358 -39.81 -5.65 -20.70
N TYR N 359 -38.55 -5.26 -20.78
CA TYR N 359 -37.83 -5.18 -22.03
C TYR N 359 -36.49 -5.85 -21.82
N ASN N 360 -36.26 -6.93 -22.56
CA ASN N 360 -35.05 -7.73 -22.43
C ASN N 360 -33.78 -7.22 -23.11
N ASP N 361 -33.70 -5.91 -23.35
CA ASP N 361 -32.53 -5.32 -23.99
C ASP N 361 -31.27 -5.65 -23.20
N GLY N 362 -30.24 -6.08 -23.91
CA GLY N 362 -28.97 -6.40 -23.26
C GLY N 362 -27.96 -5.36 -23.69
N LEU N 363 -26.70 -5.61 -23.38
CA LEU N 363 -25.63 -4.69 -23.74
C LEU N 363 -25.30 -4.77 -25.22
N SER N 364 -25.16 -3.61 -25.84
CA SER N 364 -24.79 -3.54 -27.24
C SER N 364 -23.25 -3.55 -27.21
N LEU N 365 -22.60 -3.66 -28.37
CA LEU N 365 -21.15 -3.66 -28.41
C LEU N 365 -20.66 -2.29 -27.92
N ASP N 366 -21.62 -1.37 -27.84
CA ASP N 366 -21.44 -0.01 -27.38
C ASP N 366 -20.98 -0.08 -25.91
N GLY N 367 -21.48 -1.09 -25.21
CA GLY N 367 -21.18 -1.29 -23.81
C GLY N 367 -22.34 -0.81 -22.95
N ARG N 368 -23.33 -0.22 -23.63
CA ARG N 368 -24.51 0.30 -22.97
C ARG N 368 -25.79 -0.40 -23.42
N ILE N 369 -26.85 -0.23 -22.64
CA ILE N 369 -28.14 -0.83 -22.96
C ILE N 369 -29.06 0.29 -23.46
N HIS N 370 -29.32 0.29 -24.76
CA HIS N 370 -30.15 1.31 -25.37
C HIS N 370 -31.62 0.91 -25.36
N ASP N 371 -32.21 0.90 -24.18
CA ASP N 371 -33.60 0.51 -24.00
C ASP N 371 -34.60 1.66 -24.18
N GLN N 372 -34.62 2.24 -25.38
CA GLN N 372 -35.54 3.34 -25.68
C GLN N 372 -36.98 2.96 -25.42
N ARG N 373 -37.31 1.69 -25.63
CA ARG N 373 -38.67 1.20 -25.43
C ARG N 373 -39.11 1.36 -23.98
N ARG N 374 -38.19 1.19 -23.04
CA ARG N 374 -38.53 1.36 -21.63
C ARG N 374 -38.73 2.83 -21.33
N ILE N 375 -37.87 3.67 -21.92
CA ILE N 375 -37.96 5.11 -21.74
C ILE N 375 -39.32 5.61 -22.25
N ASP N 376 -39.70 5.15 -23.44
CA ASP N 376 -40.96 5.55 -24.04
C ASP N 376 -42.14 5.13 -23.17
N TYR N 377 -42.09 3.90 -22.66
CA TYR N 377 -43.15 3.38 -21.81
C TYR N 377 -43.29 4.23 -20.55
N LEU N 378 -42.18 4.41 -19.84
CA LEU N 378 -42.18 5.20 -18.62
C LEU N 378 -42.68 6.60 -18.87
N ALA N 379 -42.18 7.23 -19.94
CA ALA N 379 -42.58 8.58 -20.31
C ALA N 379 -44.09 8.69 -20.47
N MET N 380 -44.67 7.76 -21.20
CA MET N 380 -46.12 7.74 -21.44
C MET N 380 -46.91 7.67 -20.16
N HIS N 381 -46.45 6.83 -19.24
CA HIS N 381 -47.13 6.66 -17.97
C HIS N 381 -46.92 7.81 -17.00
N LEU N 382 -45.76 8.45 -17.07
CA LEU N 382 -45.49 9.60 -16.22
C LEU N 382 -46.34 10.77 -16.70
N ILE N 383 -46.67 10.77 -17.99
CA ILE N 383 -47.52 11.82 -18.57
C ILE N 383 -48.93 11.65 -17.99
N GLN N 384 -49.34 10.39 -17.81
CA GLN N 384 -50.65 10.10 -17.24
C GLN N 384 -50.65 10.41 -15.75
N ALA N 385 -49.50 10.22 -15.11
CA ALA N 385 -49.36 10.49 -13.68
C ALA N 385 -49.51 12.00 -13.46
N SER N 386 -48.85 12.78 -14.32
CA SER N 386 -48.93 14.24 -14.25
C SER N 386 -50.35 14.69 -14.52
N ARG N 387 -51.00 14.00 -15.45
CA ARG N 387 -52.38 14.29 -15.84
C ARG N 387 -53.29 14.14 -14.62
N ALA N 388 -53.09 13.05 -13.88
CA ALA N 388 -53.88 12.77 -12.68
C ALA N 388 -53.71 13.87 -11.64
N ILE N 389 -52.49 14.32 -11.46
CA ILE N 389 -52.19 15.38 -10.51
C ILE N 389 -52.89 16.67 -10.95
N GLU N 390 -52.84 16.94 -12.25
CA GLU N 390 -53.49 18.11 -12.82
C GLU N 390 -55.00 18.00 -12.68
N ASP N 391 -55.49 16.76 -12.62
CA ASP N 391 -56.91 16.48 -12.50
C ASP N 391 -57.36 16.39 -11.03
N GLY N 392 -56.55 16.96 -10.13
CA GLY N 392 -56.89 16.97 -8.71
C GLY N 392 -56.73 15.71 -7.90
N ILE N 393 -56.20 14.64 -8.49
CA ILE N 393 -56.00 13.39 -7.75
C ILE N 393 -54.78 13.53 -6.84
N ASN N 394 -54.87 13.00 -5.63
CA ASN N 394 -53.78 13.09 -4.66
C ASN N 394 -52.64 12.10 -4.85
N LEU N 395 -51.97 12.19 -6.00
CA LEU N 395 -50.84 11.32 -6.29
C LEU N 395 -49.62 12.02 -5.71
N LYS N 396 -49.06 11.45 -4.65
CA LYS N 396 -47.91 12.05 -3.99
C LYS N 396 -46.54 11.46 -4.34
N GLY N 397 -46.52 10.40 -5.14
CA GLY N 397 -45.25 9.81 -5.50
C GLY N 397 -45.31 8.73 -6.57
N TYR N 398 -44.15 8.45 -7.15
CA TYR N 398 -44.02 7.45 -8.20
C TYR N 398 -42.75 6.65 -7.97
N MET N 399 -42.88 5.33 -8.02
CA MET N 399 -41.75 4.43 -7.82
C MET N 399 -41.75 3.41 -8.96
N GLU N 400 -40.86 3.61 -9.92
CA GLU N 400 -40.81 2.71 -11.06
C GLU N 400 -40.33 1.33 -10.63
N TRP N 401 -40.96 0.29 -11.16
CA TRP N 401 -40.62 -1.07 -10.78
C TRP N 401 -39.28 -1.59 -11.25
N SER N 402 -38.55 -2.11 -10.26
CA SER N 402 -37.25 -2.72 -10.41
C SER N 402 -36.11 -1.76 -10.70
N LEU N 403 -35.25 -1.61 -9.71
CA LEU N 403 -34.07 -0.76 -9.82
C LEU N 403 -33.14 -1.47 -10.78
N MET N 404 -33.08 -2.79 -10.67
CA MET N 404 -32.22 -3.62 -11.50
C MET N 404 -32.96 -4.88 -11.92
N ASP N 405 -32.51 -5.52 -13.01
CA ASP N 405 -33.12 -6.74 -13.47
C ASP N 405 -33.02 -7.77 -12.35
N ASN N 406 -34.06 -8.55 -12.15
CA ASN N 406 -34.07 -9.53 -11.08
C ASN N 406 -34.80 -10.83 -11.41
N PHE N 407 -35.00 -11.66 -10.38
CA PHE N 407 -35.70 -12.93 -10.51
C PHE N 407 -37.18 -12.63 -10.72
N GLU N 408 -37.64 -12.77 -11.95
CA GLU N 408 -39.04 -12.49 -12.27
C GLU N 408 -39.97 -13.67 -11.99
N TRP N 409 -39.95 -14.11 -10.73
CA TRP N 409 -40.79 -15.20 -10.25
C TRP N 409 -40.84 -16.44 -11.16
N ALA N 410 -42.03 -16.83 -11.59
CA ALA N 410 -42.18 -18.01 -12.45
C ALA N 410 -41.48 -17.87 -13.79
N GLU N 411 -41.24 -16.63 -14.22
CA GLU N 411 -40.57 -16.36 -15.48
C GLU N 411 -39.06 -16.54 -15.38
N GLY N 412 -38.57 -16.68 -14.16
CA GLY N 412 -37.14 -16.85 -13.96
C GLY N 412 -36.43 -15.53 -14.20
N TYR N 413 -35.21 -15.60 -14.74
CA TYR N 413 -34.43 -14.41 -15.00
C TYR N 413 -34.56 -13.85 -16.42
N GLY N 414 -35.29 -14.57 -17.27
CA GLY N 414 -35.47 -14.15 -18.65
C GLY N 414 -36.13 -12.80 -18.91
N MET N 415 -37.07 -12.41 -18.07
CA MET N 415 -37.77 -11.14 -18.23
C MET N 415 -37.09 -10.03 -17.42
N ARG N 416 -36.68 -8.96 -18.09
CA ARG N 416 -36.00 -7.84 -17.44
C ARG N 416 -36.87 -6.60 -17.26
N PHE N 417 -37.02 -6.18 -16.00
CA PHE N 417 -37.83 -5.02 -15.64
C PHE N 417 -37.04 -3.84 -15.10
N GLY N 418 -35.74 -4.03 -14.87
CA GLY N 418 -34.94 -2.97 -14.28
C GLY N 418 -34.34 -1.85 -15.10
N LEU N 419 -33.92 -0.81 -14.37
CA LEU N 419 -33.27 0.36 -14.95
C LEU N 419 -31.78 0.06 -15.06
N VAL N 420 -31.33 -0.91 -14.27
CA VAL N 420 -29.94 -1.34 -14.24
C VAL N 420 -29.85 -2.77 -14.74
N HIS N 421 -29.05 -2.99 -15.76
CA HIS N 421 -28.86 -4.33 -16.33
C HIS N 421 -27.98 -5.19 -15.44
N VAL N 422 -28.44 -6.41 -15.18
CA VAL N 422 -27.68 -7.33 -14.35
C VAL N 422 -27.37 -8.59 -15.16
N ASP N 423 -26.09 -8.88 -15.32
CA ASP N 423 -25.67 -10.07 -16.04
C ASP N 423 -25.64 -11.14 -14.97
N TYR N 424 -26.62 -12.05 -15.00
CA TYR N 424 -26.72 -13.10 -13.98
C TYR N 424 -25.57 -14.09 -13.88
N ASP N 425 -24.76 -14.18 -14.93
CA ASP N 425 -23.63 -15.10 -14.90
C ASP N 425 -22.43 -14.47 -14.21
N THR N 426 -22.24 -13.18 -14.43
CA THR N 426 -21.11 -12.44 -13.85
C THR N 426 -21.55 -11.48 -12.73
N LEU N 427 -22.87 -11.36 -12.55
CA LEU N 427 -23.45 -10.46 -11.56
C LEU N 427 -23.04 -9.01 -11.71
N VAL N 428 -22.54 -8.66 -12.90
CA VAL N 428 -22.11 -7.30 -13.18
C VAL N 428 -23.33 -6.42 -13.47
N ARG N 429 -23.36 -5.26 -12.85
CA ARG N 429 -24.46 -4.31 -13.03
C ARG N 429 -24.06 -3.14 -13.91
N THR N 430 -24.88 -2.88 -14.93
CA THR N 430 -24.62 -1.80 -15.88
C THR N 430 -25.88 -0.95 -16.02
N PRO N 431 -25.81 0.34 -15.64
CA PRO N 431 -26.97 1.21 -15.76
C PRO N 431 -27.42 1.34 -17.22
N LYS N 432 -28.70 1.13 -17.47
CA LYS N 432 -29.25 1.23 -18.82
C LYS N 432 -29.51 2.70 -19.16
N ASP N 433 -29.92 2.96 -20.40
CA ASP N 433 -30.21 4.33 -20.81
C ASP N 433 -31.39 4.88 -20.02
N SER N 434 -32.32 4.00 -19.68
CA SER N 434 -33.51 4.38 -18.92
C SER N 434 -33.13 4.90 -17.55
N PHE N 435 -32.04 4.36 -16.99
CA PHE N 435 -31.54 4.78 -15.68
C PHE N 435 -31.20 6.26 -15.73
N TYR N 436 -30.35 6.62 -16.68
CA TYR N 436 -29.92 8.00 -16.87
C TYR N 436 -31.08 8.91 -17.23
N TRP N 437 -32.06 8.37 -17.97
CA TRP N 437 -33.22 9.13 -18.36
C TRP N 437 -34.06 9.46 -17.14
N TYR N 438 -34.40 8.43 -16.37
CA TYR N 438 -35.21 8.60 -15.16
C TYR N 438 -34.50 9.54 -14.20
N LYS N 439 -33.19 9.44 -14.14
CA LYS N 439 -32.37 10.29 -13.28
C LYS N 439 -32.65 11.75 -13.62
N GLY N 440 -32.66 12.05 -14.92
CA GLY N 440 -32.91 13.40 -15.39
C GLY N 440 -34.31 13.89 -15.06
N VAL N 441 -35.29 13.00 -15.16
CA VAL N 441 -36.68 13.35 -14.87
C VAL N 441 -36.80 13.73 -13.39
N ILE N 442 -36.16 12.94 -12.54
CA ILE N 442 -36.18 13.18 -11.10
C ILE N 442 -35.52 14.51 -10.78
N SER N 443 -34.39 14.79 -11.44
CA SER N 443 -33.65 16.01 -11.23
C SER N 443 -34.44 17.25 -11.62
N ARG N 444 -35.04 17.21 -12.82
CA ARG N 444 -35.82 18.34 -13.33
C ARG N 444 -37.13 18.52 -12.58
N GLY N 445 -37.84 17.41 -12.36
CA GLY N 445 -39.11 17.46 -11.68
C GLY N 445 -40.24 17.61 -12.69
N TRP N 446 -39.88 17.63 -13.96
CA TRP N 446 -40.83 17.75 -15.04
C TRP N 446 -40.37 16.95 -16.24
N LEU N 447 -41.20 16.90 -17.28
CA LEU N 447 -40.87 16.12 -18.46
C LEU N 447 -41.22 16.86 -19.75
N ASP N 448 -40.22 17.06 -20.61
CA ASP N 448 -40.42 17.74 -21.88
C ASP N 448 -40.58 16.68 -22.96
N LEU N 449 -41.82 16.26 -23.18
CA LEU N 449 -42.13 15.23 -24.16
C LEU N 449 -43.36 15.64 -24.97
N SER O 1 -38.63 -31.38 -20.70
CA SER O 1 -38.70 -32.67 -19.94
C SER O 1 -37.61 -32.67 -18.88
N ILE O 2 -37.98 -33.02 -17.65
CA ILE O 2 -37.02 -33.04 -16.55
C ILE O 2 -36.25 -34.33 -16.39
N HIS O 3 -34.94 -34.23 -16.57
CA HIS O 3 -34.03 -35.36 -16.46
C HIS O 3 -33.36 -35.23 -15.11
N MET O 4 -33.80 -36.06 -14.17
CA MET O 4 -33.30 -36.05 -12.81
C MET O 4 -32.02 -36.83 -12.59
N PHE O 5 -31.25 -36.41 -11.59
CA PHE O 5 -30.00 -37.05 -11.21
C PHE O 5 -30.02 -37.24 -9.70
N PRO O 6 -29.47 -38.36 -9.21
CA PRO O 6 -29.42 -38.67 -7.78
C PRO O 6 -28.79 -37.55 -6.96
N SER O 7 -29.27 -37.39 -5.73
CA SER O 7 -28.76 -36.36 -4.82
C SER O 7 -27.26 -36.48 -4.59
N ASP O 8 -26.78 -37.73 -4.49
CA ASP O 8 -25.36 -38.00 -4.25
C ASP O 8 -24.55 -38.18 -5.53
N PHE O 9 -25.07 -37.67 -6.66
CA PHE O 9 -24.38 -37.79 -7.94
C PHE O 9 -23.12 -36.95 -7.92
N LYS O 10 -22.01 -37.55 -8.36
CA LYS O 10 -20.73 -36.86 -8.37
C LYS O 10 -20.48 -36.07 -9.65
N TRP O 11 -20.78 -34.78 -9.61
CA TRP O 11 -20.57 -33.90 -10.74
C TRP O 11 -19.13 -33.44 -10.74
N GLY O 12 -18.48 -33.54 -11.90
CA GLY O 12 -17.09 -33.14 -11.97
C GLY O 12 -16.63 -32.73 -13.35
N VAL O 13 -15.33 -32.47 -13.45
CA VAL O 13 -14.70 -32.07 -14.70
C VAL O 13 -13.28 -32.66 -14.67
N ALA O 14 -12.68 -32.87 -15.83
CA ALA O 14 -11.35 -33.48 -15.87
C ALA O 14 -10.32 -32.78 -16.75
N THR O 15 -9.05 -33.05 -16.45
CA THR O 15 -7.91 -32.52 -17.19
C THR O 15 -6.82 -33.59 -17.23
N ALA O 16 -5.69 -33.27 -17.85
CA ALA O 16 -4.56 -34.19 -17.93
C ALA O 16 -3.28 -33.40 -17.79
N ALA O 17 -2.33 -33.96 -17.04
CA ALA O 17 -1.03 -33.34 -16.78
C ALA O 17 -0.37 -32.62 -17.96
N TYR O 18 0.08 -33.39 -18.94
CA TYR O 18 0.77 -32.80 -20.09
C TYR O 18 -0.08 -31.85 -20.92
N GLN O 19 -1.40 -31.96 -20.81
CA GLN O 19 -2.29 -31.11 -21.58
C GLN O 19 -2.49 -29.70 -21.02
N ILE O 20 -2.33 -29.54 -19.71
CA ILE O 20 -2.53 -28.23 -19.09
C ILE O 20 -1.39 -27.64 -18.27
N GLU O 21 -0.63 -28.49 -17.58
CA GLU O 21 0.45 -28.06 -16.71
C GLU O 21 1.50 -27.08 -17.23
N GLY O 22 2.22 -27.47 -18.27
CA GLY O 22 3.26 -26.61 -18.79
C GLY O 22 4.48 -26.80 -17.89
N ALA O 23 5.42 -25.86 -17.93
CA ALA O 23 6.63 -25.94 -17.11
C ALA O 23 7.24 -27.34 -17.22
N TYR O 24 7.36 -27.81 -18.46
CA TYR O 24 7.90 -29.14 -18.75
C TYR O 24 9.36 -29.30 -18.35
N ASN O 25 10.11 -28.21 -18.40
CA ASN O 25 11.52 -28.23 -18.07
C ASN O 25 11.80 -27.43 -16.80
N GLU O 26 10.93 -27.55 -15.81
CA GLU O 26 11.10 -26.82 -14.56
C GLU O 26 11.07 -27.71 -13.34
N ASP O 27 11.68 -27.23 -12.27
CA ASP O 27 11.74 -27.92 -10.99
C ASP O 27 12.12 -29.39 -11.10
N GLY O 28 13.09 -29.67 -11.96
CA GLY O 28 13.57 -31.04 -12.14
C GLY O 28 12.67 -32.04 -12.82
N ARG O 29 11.71 -31.58 -13.62
CA ARG O 29 10.82 -32.50 -14.30
C ARG O 29 11.57 -33.18 -15.44
N GLY O 30 11.41 -34.50 -15.54
CA GLY O 30 12.06 -35.23 -16.61
C GLY O 30 11.19 -35.22 -17.84
N MET O 31 11.78 -35.49 -19.00
CA MET O 31 11.03 -35.51 -20.25
C MET O 31 10.19 -36.77 -20.33
N SER O 32 9.04 -36.65 -20.99
CA SER O 32 8.15 -37.80 -21.18
C SER O 32 8.19 -38.13 -22.66
N ILE O 33 7.54 -39.22 -23.04
CA ILE O 33 7.51 -39.61 -24.44
C ILE O 33 6.79 -38.55 -25.27
N TRP O 34 5.89 -37.80 -24.63
CA TRP O 34 5.15 -36.75 -25.31
C TRP O 34 5.95 -35.48 -25.52
N ASP O 35 6.89 -35.21 -24.62
CA ASP O 35 7.74 -34.03 -24.77
C ASP O 35 8.59 -34.29 -26.01
N THR O 36 9.11 -35.51 -26.08
CA THR O 36 9.93 -35.96 -27.19
C THR O 36 9.15 -35.94 -28.49
N PHE O 37 7.98 -36.56 -28.47
CA PHE O 37 7.09 -36.66 -29.62
C PHE O 37 6.72 -35.28 -30.16
N ALA O 38 6.23 -34.42 -29.28
CA ALA O 38 5.83 -33.07 -29.64
C ALA O 38 6.99 -32.24 -30.19
N HIS O 39 8.18 -32.48 -29.67
CA HIS O 39 9.36 -31.76 -30.13
C HIS O 39 9.88 -32.27 -31.47
N THR O 40 9.40 -33.45 -31.87
CA THR O 40 9.81 -34.04 -33.14
C THR O 40 9.02 -33.41 -34.29
N PRO O 41 9.73 -32.81 -35.26
CA PRO O 41 9.12 -32.15 -36.41
C PRO O 41 8.17 -33.08 -37.17
N GLY O 42 6.96 -32.59 -37.42
CA GLY O 42 5.98 -33.36 -38.15
C GLY O 42 5.10 -34.30 -37.34
N LYS O 43 5.37 -34.43 -36.05
CA LYS O 43 4.58 -35.32 -35.20
C LYS O 43 3.30 -34.65 -34.69
N VAL O 44 3.39 -33.36 -34.38
CA VAL O 44 2.22 -32.63 -33.89
C VAL O 44 1.90 -31.48 -34.84
N LYS O 45 0.61 -31.22 -35.02
CA LYS O 45 0.14 -30.16 -35.90
C LYS O 45 0.74 -28.80 -35.53
N ASN O 46 1.29 -28.13 -36.53
CA ASN O 46 1.91 -26.81 -36.38
C ASN O 46 3.19 -26.81 -35.55
N GLY O 47 3.57 -27.98 -35.04
CA GLY O 47 4.76 -28.08 -34.21
C GLY O 47 4.47 -27.67 -32.78
N ASP O 48 3.22 -27.80 -32.37
CA ASP O 48 2.79 -27.45 -31.02
C ASP O 48 3.32 -28.46 -30.01
N ASN O 49 3.44 -28.03 -28.76
CA ASN O 49 3.93 -28.88 -27.69
C ASN O 49 3.41 -28.40 -26.33
N GLY O 50 3.46 -29.27 -25.33
CA GLY O 50 2.99 -28.92 -24.02
C GLY O 50 4.00 -28.21 -23.15
N ASN O 51 4.93 -27.47 -23.76
CA ASN O 51 5.95 -26.74 -23.00
C ASN O 51 5.30 -25.78 -22.00
N VAL O 52 4.33 -25.01 -22.48
CA VAL O 52 3.63 -24.05 -21.64
C VAL O 52 2.18 -24.46 -21.41
N ALA O 53 1.51 -24.89 -22.47
CA ALA O 53 0.12 -25.32 -22.40
C ALA O 53 -0.77 -24.24 -21.77
N CYS O 54 -1.35 -24.52 -20.61
CA CYS O 54 -2.21 -23.56 -19.93
C CYS O 54 -1.48 -22.97 -18.72
N ASP O 55 -0.25 -23.43 -18.51
CA ASP O 55 0.60 -22.96 -17.41
C ASP O 55 -0.02 -23.24 -16.05
N SER O 56 -0.83 -24.29 -15.96
CA SER O 56 -1.48 -24.65 -14.71
C SER O 56 -0.52 -24.99 -13.58
N TYR O 57 0.73 -25.26 -13.92
CA TYR O 57 1.74 -25.58 -12.93
C TYR O 57 2.00 -24.37 -12.03
N HIS O 58 1.84 -23.18 -12.61
CA HIS O 58 2.05 -21.94 -11.90
C HIS O 58 0.72 -21.26 -11.57
N ARG O 59 -0.38 -21.92 -11.87
CA ARG O 59 -1.69 -21.34 -11.62
C ARG O 59 -2.66 -22.26 -10.86
N VAL O 60 -2.17 -22.81 -9.75
CA VAL O 60 -2.97 -23.69 -8.91
C VAL O 60 -4.20 -22.95 -8.40
N GLU O 61 -3.98 -21.73 -7.93
CA GLU O 61 -5.05 -20.89 -7.40
C GLU O 61 -6.12 -20.61 -8.45
N GLU O 62 -5.67 -20.31 -9.67
CA GLU O 62 -6.59 -20.02 -10.77
C GLU O 62 -7.41 -21.25 -11.15
N ASP O 63 -6.76 -22.41 -11.19
CA ASP O 63 -7.42 -23.67 -11.52
C ASP O 63 -8.55 -23.94 -10.53
N VAL O 64 -8.19 -23.94 -9.25
CA VAL O 64 -9.14 -24.20 -8.19
C VAL O 64 -10.27 -23.19 -8.16
N GLN O 65 -9.97 -21.94 -8.52
CA GLN O 65 -11.00 -20.91 -8.54
C GLN O 65 -12.05 -21.24 -9.58
N LEU O 66 -11.61 -21.70 -10.76
CA LEU O 66 -12.52 -22.08 -11.82
C LEU O 66 -13.38 -23.23 -11.33
N LEU O 67 -12.75 -24.16 -10.62
CA LEU O 67 -13.42 -25.33 -10.08
C LEU O 67 -14.50 -25.00 -9.07
N LYS O 68 -14.21 -24.08 -8.14
CA LYS O 68 -15.22 -23.72 -7.17
C LYS O 68 -16.31 -22.83 -7.77
N ASP O 69 -15.96 -22.11 -8.83
CA ASP O 69 -16.93 -21.25 -9.51
C ASP O 69 -17.90 -22.16 -10.27
N LEU O 70 -17.38 -23.25 -10.81
CA LEU O 70 -18.20 -24.20 -11.56
C LEU O 70 -19.11 -24.99 -10.62
N GLY O 71 -18.73 -25.07 -9.35
CA GLY O 71 -19.53 -25.79 -8.37
C GLY O 71 -19.31 -27.29 -8.42
N VAL O 72 -18.21 -27.68 -9.06
CA VAL O 72 -17.85 -29.08 -9.21
C VAL O 72 -17.58 -29.76 -7.86
N LYS O 73 -18.05 -30.99 -7.73
CA LYS O 73 -17.86 -31.76 -6.50
C LYS O 73 -16.66 -32.69 -6.60
N VAL O 74 -16.25 -33.00 -7.82
CA VAL O 74 -15.11 -33.88 -8.07
C VAL O 74 -14.25 -33.31 -9.18
N TYR O 75 -12.94 -33.41 -9.02
CA TYR O 75 -12.00 -32.92 -10.03
C TYR O 75 -11.04 -34.04 -10.39
N ARG O 76 -11.06 -34.45 -11.65
CA ARG O 76 -10.17 -35.51 -12.09
C ARG O 76 -8.97 -34.92 -12.81
N PHE O 77 -7.78 -35.27 -12.33
CA PHE O 77 -6.54 -34.78 -12.91
C PHE O 77 -5.56 -35.95 -12.90
N SER O 78 -4.42 -35.79 -13.56
CA SER O 78 -3.42 -36.85 -13.58
C SER O 78 -2.08 -36.38 -13.06
N ILE O 79 -1.26 -37.35 -12.62
CA ILE O 79 0.06 -37.06 -12.09
C ILE O 79 1.08 -37.26 -13.20
N SER O 80 1.96 -36.29 -13.39
CA SER O 80 3.01 -36.39 -14.39
C SER O 80 4.11 -37.25 -13.80
N TRP O 81 4.19 -38.49 -14.25
CA TRP O 81 5.20 -39.45 -13.78
C TRP O 81 6.61 -38.86 -13.78
N PRO O 82 7.04 -38.25 -14.90
CA PRO O 82 8.40 -37.67 -14.96
C PRO O 82 8.62 -36.51 -14.00
N ARG O 83 7.54 -35.94 -13.47
CA ARG O 83 7.65 -34.82 -12.54
C ARG O 83 7.94 -35.28 -11.11
N VAL O 84 7.55 -36.51 -10.77
CA VAL O 84 7.78 -37.05 -9.44
C VAL O 84 8.97 -38.02 -9.42
N LEU O 85 9.20 -38.66 -10.56
CA LEU O 85 10.30 -39.61 -10.75
C LEU O 85 10.81 -39.33 -12.16
N PRO O 86 11.70 -38.34 -12.30
CA PRO O 86 12.30 -37.92 -13.57
C PRO O 86 12.83 -39.06 -14.45
N GLN O 87 13.36 -40.10 -13.81
CA GLN O 87 13.92 -41.24 -14.53
C GLN O 87 12.93 -42.41 -14.55
N GLY O 88 11.74 -42.17 -14.03
CA GLY O 88 10.71 -43.20 -13.98
C GLY O 88 10.86 -44.06 -12.75
N THR O 89 12.08 -44.10 -12.22
CA THR O 89 12.39 -44.88 -11.04
C THR O 89 13.58 -44.26 -10.31
N GLY O 90 13.72 -44.58 -9.04
CA GLY O 90 14.84 -44.07 -8.26
C GLY O 90 14.63 -42.74 -7.58
N GLU O 91 15.44 -41.76 -7.96
CA GLU O 91 15.40 -40.42 -7.37
C GLU O 91 14.03 -39.77 -7.44
N VAL O 92 13.53 -39.39 -6.27
CA VAL O 92 12.22 -38.75 -6.15
C VAL O 92 12.36 -37.23 -6.19
N ASN O 93 11.65 -36.61 -7.13
CA ASN O 93 11.68 -35.15 -7.28
C ASN O 93 10.60 -34.55 -6.39
N ARG O 94 10.99 -34.15 -5.18
CA ARG O 94 10.06 -33.57 -4.21
C ARG O 94 9.37 -32.29 -4.69
N ALA O 95 10.03 -31.54 -5.56
CA ALA O 95 9.46 -30.30 -6.09
C ALA O 95 8.17 -30.61 -6.84
N GLY O 96 8.18 -31.75 -7.54
CA GLY O 96 7.00 -32.17 -8.30
C GLY O 96 5.88 -32.56 -7.38
N LEU O 97 6.21 -33.39 -6.38
CA LEU O 97 5.23 -33.84 -5.41
C LEU O 97 4.62 -32.66 -4.64
N ASP O 98 5.42 -31.63 -4.42
CA ASP O 98 4.97 -30.44 -3.72
C ASP O 98 3.81 -29.81 -4.46
N TYR O 99 3.92 -29.75 -5.79
CA TYR O 99 2.88 -29.17 -6.63
C TYR O 99 1.57 -29.92 -6.46
N TYR O 100 1.62 -31.24 -6.57
CA TYR O 100 0.43 -32.07 -6.43
C TYR O 100 -0.18 -31.98 -5.05
N HIS O 101 0.67 -31.83 -4.03
CA HIS O 101 0.19 -31.70 -2.67
C HIS O 101 -0.52 -30.36 -2.51
N ARG O 102 0.05 -29.33 -3.11
CA ARG O 102 -0.52 -27.98 -3.05
C ARG O 102 -1.89 -27.95 -3.74
N LEU O 103 -1.97 -28.63 -4.88
CA LEU O 103 -3.21 -28.72 -5.65
C LEU O 103 -4.27 -29.46 -4.85
N VAL O 104 -3.93 -30.66 -4.39
CA VAL O 104 -4.84 -31.49 -3.61
C VAL O 104 -5.33 -30.76 -2.35
N ASP O 105 -4.42 -30.04 -1.70
CA ASP O 105 -4.78 -29.31 -0.49
C ASP O 105 -5.80 -28.24 -0.79
N GLU O 106 -5.61 -27.52 -1.90
CA GLU O 106 -6.54 -26.48 -2.30
C GLU O 106 -7.90 -27.08 -2.62
N LEU O 107 -7.90 -28.21 -3.32
CA LEU O 107 -9.13 -28.89 -3.67
C LEU O 107 -9.89 -29.23 -2.40
N LEU O 108 -9.23 -29.94 -1.50
CA LEU O 108 -9.82 -30.35 -0.23
C LEU O 108 -10.32 -29.16 0.57
N ALA O 109 -9.56 -28.08 0.56
CA ALA O 109 -9.91 -26.86 1.29
C ALA O 109 -11.19 -26.21 0.75
N ASN O 110 -11.51 -26.50 -0.50
CA ASN O 110 -12.71 -25.93 -1.13
C ASN O 110 -13.82 -26.95 -1.35
N GLY O 111 -13.72 -28.09 -0.67
CA GLY O 111 -14.72 -29.13 -0.77
C GLY O 111 -14.79 -29.87 -2.08
N ILE O 112 -13.67 -29.93 -2.79
CA ILE O 112 -13.60 -30.61 -4.08
C ILE O 112 -12.86 -31.94 -3.90
N GLU O 113 -13.54 -33.03 -4.22
CA GLU O 113 -12.96 -34.36 -4.11
C GLU O 113 -11.99 -34.67 -5.25
N PRO O 114 -10.73 -34.98 -4.92
CA PRO O 114 -9.71 -35.30 -5.92
C PRO O 114 -9.91 -36.68 -6.51
N PHE O 115 -9.80 -36.77 -7.83
CA PHE O 115 -9.95 -38.02 -8.55
C PHE O 115 -8.63 -38.11 -9.32
N CYS O 116 -7.65 -38.76 -8.70
CA CYS O 116 -6.32 -38.88 -9.29
C CYS O 116 -6.13 -39.99 -10.31
N THR O 117 -5.49 -39.62 -11.42
CA THR O 117 -5.20 -40.55 -12.51
C THR O 117 -3.69 -40.70 -12.56
N LEU O 118 -3.21 -41.88 -12.21
CA LEU O 118 -1.78 -42.17 -12.20
C LEU O 118 -1.10 -42.03 -13.55
N TYR O 119 -1.64 -42.69 -14.57
CA TYR O 119 -1.03 -42.64 -15.88
C TYR O 119 -1.93 -42.13 -16.99
N HIS O 120 -1.50 -41.04 -17.61
CA HIS O 120 -2.24 -40.45 -18.72
C HIS O 120 -1.31 -40.20 -19.90
N TRP O 121 -0.66 -41.28 -20.34
CA TRP O 121 0.23 -41.30 -21.49
C TRP O 121 1.64 -40.67 -21.40
N ASP O 122 1.91 -39.93 -20.32
CA ASP O 122 3.22 -39.29 -20.17
C ASP O 122 4.33 -40.15 -19.56
N LEU O 123 4.65 -41.27 -20.22
CA LEU O 123 5.70 -42.18 -19.76
C LEU O 123 7.07 -41.49 -19.79
N PRO O 124 7.86 -41.62 -18.71
CA PRO O 124 9.18 -41.00 -18.65
C PRO O 124 10.05 -41.51 -19.80
N GLN O 125 10.69 -40.59 -20.51
CA GLN O 125 11.54 -40.94 -21.64
C GLN O 125 12.62 -41.94 -21.24
N ALA O 126 13.10 -41.84 -20.02
CA ALA O 126 14.14 -42.74 -19.52
C ALA O 126 13.69 -44.20 -19.62
N LEU O 127 12.43 -44.45 -19.30
CA LEU O 127 11.88 -45.79 -19.36
C LEU O 127 11.65 -46.20 -20.81
N GLN O 128 11.28 -45.23 -21.64
CA GLN O 128 11.05 -45.48 -23.06
C GLN O 128 12.35 -45.90 -23.73
N ASP O 129 13.47 -45.33 -23.27
CA ASP O 129 14.78 -45.65 -23.81
C ASP O 129 15.12 -47.12 -23.52
N GLN O 130 14.50 -47.66 -22.47
CA GLN O 130 14.71 -49.05 -22.08
C GLN O 130 13.67 -49.98 -22.72
N GLY O 131 12.90 -49.44 -23.66
CA GLY O 131 11.89 -50.23 -24.34
C GLY O 131 10.47 -49.78 -24.05
N GLY O 132 10.31 -48.90 -23.07
CA GLY O 132 9.00 -48.40 -22.71
C GLY O 132 8.08 -49.52 -22.28
N TRP O 133 6.79 -49.39 -22.57
CA TRP O 133 5.81 -50.39 -22.21
C TRP O 133 6.00 -51.72 -22.93
N GLY O 134 6.97 -51.78 -23.82
CA GLY O 134 7.25 -53.01 -24.54
C GLY O 134 8.07 -53.95 -23.66
N SER O 135 8.72 -53.38 -22.65
CA SER O 135 9.55 -54.12 -21.72
C SER O 135 8.84 -54.32 -20.38
N ARG O 136 9.00 -55.49 -19.79
CA ARG O 136 8.39 -55.80 -18.50
C ARG O 136 9.00 -54.99 -17.36
N ILE O 137 10.15 -54.40 -17.63
CA ILE O 137 10.86 -53.59 -16.65
C ILE O 137 9.99 -52.40 -16.25
N THR O 138 9.25 -51.86 -17.22
CA THR O 138 8.36 -50.74 -16.98
C THR O 138 7.24 -51.09 -16.01
N ILE O 139 6.86 -52.37 -15.98
CA ILE O 139 5.82 -52.83 -15.07
C ILE O 139 6.28 -52.59 -13.63
N ASP O 140 7.56 -52.87 -13.38
CA ASP O 140 8.17 -52.68 -12.07
C ASP O 140 8.17 -51.20 -11.74
N ALA O 141 8.62 -50.39 -12.71
CA ALA O 141 8.69 -48.96 -12.56
C ALA O 141 7.33 -48.36 -12.18
N PHE O 142 6.27 -48.84 -12.83
CA PHE O 142 4.94 -48.34 -12.54
C PHE O 142 4.49 -48.74 -11.14
N ALA O 143 4.87 -49.95 -10.73
CA ALA O 143 4.51 -50.44 -9.40
C ALA O 143 5.18 -49.55 -8.35
N GLU O 144 6.41 -49.15 -8.61
CA GLU O 144 7.17 -48.29 -7.71
C GLU O 144 6.50 -46.91 -7.67
N TYR O 145 6.14 -46.44 -8.85
CA TYR O 145 5.49 -45.14 -9.03
C TYR O 145 4.15 -45.11 -8.31
N ALA O 146 3.34 -46.14 -8.51
CA ALA O 146 2.02 -46.24 -7.89
C ALA O 146 2.15 -46.21 -6.37
N GLU O 147 3.04 -47.04 -5.85
CA GLU O 147 3.27 -47.13 -4.40
C GLU O 147 3.66 -45.76 -3.84
N LEU O 148 4.52 -45.04 -4.56
CA LEU O 148 4.96 -43.73 -4.13
C LEU O 148 3.79 -42.77 -3.99
N MET O 149 2.96 -42.68 -5.03
CA MET O 149 1.81 -41.79 -5.02
C MET O 149 0.78 -42.19 -3.96
N PHE O 150 0.61 -43.49 -3.77
CA PHE O 150 -0.34 -43.99 -2.78
C PHE O 150 0.09 -43.57 -1.39
N LYS O 151 1.39 -43.59 -1.14
CA LYS O 151 1.92 -43.20 0.16
C LYS O 151 1.92 -41.69 0.33
N GLU O 152 2.20 -40.96 -0.75
CA GLU O 152 2.23 -39.51 -0.71
C GLU O 152 0.85 -38.87 -0.61
N LEU O 153 0.01 -39.10 -1.61
CA LEU O 153 -1.32 -38.51 -1.66
C LEU O 153 -2.47 -39.42 -1.23
N GLY O 154 -2.15 -40.68 -0.92
CA GLY O 154 -3.16 -41.64 -0.52
C GLY O 154 -4.04 -41.24 0.66
N GLY O 155 -3.52 -40.37 1.53
CA GLY O 155 -4.29 -39.95 2.68
C GLY O 155 -5.30 -38.86 2.36
N LYS O 156 -5.11 -38.18 1.23
CA LYS O 156 -6.00 -37.10 0.81
C LYS O 156 -6.89 -37.51 -0.35
N ILE O 157 -6.37 -38.40 -1.19
CA ILE O 157 -7.10 -38.88 -2.37
C ILE O 157 -7.73 -40.24 -2.14
N LYS O 158 -9.05 -40.33 -2.36
CA LYS O 158 -9.79 -41.57 -2.19
C LYS O 158 -10.40 -42.06 -3.50
N GLN O 159 -9.94 -41.50 -4.61
CA GLN O 159 -10.44 -41.87 -5.94
C GLN O 159 -9.22 -42.03 -6.84
N TRP O 160 -8.89 -43.26 -7.20
CA TRP O 160 -7.72 -43.51 -8.03
C TRP O 160 -8.01 -44.26 -9.33
N ILE O 161 -7.33 -43.85 -10.38
CA ILE O 161 -7.44 -44.47 -11.70
C ILE O 161 -6.02 -44.81 -12.10
N THR O 162 -5.77 -46.08 -12.42
CA THR O 162 -4.44 -46.50 -12.82
C THR O 162 -4.08 -45.96 -14.20
N PHE O 163 -4.77 -46.45 -15.23
CA PHE O 163 -4.51 -46.03 -16.60
C PHE O 163 -5.74 -45.41 -17.24
N ASN O 164 -5.52 -44.34 -17.99
CA ASN O 164 -6.61 -43.66 -18.69
C ASN O 164 -6.51 -43.98 -20.17
N GLU O 165 -7.60 -44.55 -20.71
CA GLU O 165 -7.69 -44.90 -22.12
C GLU O 165 -6.53 -45.79 -22.59
N PRO O 166 -6.48 -47.03 -22.10
CA PRO O 166 -5.45 -48.02 -22.44
C PRO O 166 -5.27 -48.23 -23.94
N TRP O 167 -6.38 -48.25 -24.68
CA TRP O 167 -6.31 -48.45 -26.12
C TRP O 167 -5.52 -47.34 -26.81
N CYS O 168 -5.74 -46.11 -26.38
CA CYS O 168 -5.04 -44.97 -26.96
C CYS O 168 -3.53 -45.04 -26.73
N MET O 169 -3.13 -45.31 -25.49
CA MET O 169 -1.71 -45.39 -25.16
C MET O 169 -1.05 -46.64 -25.74
N ALA O 170 -1.85 -47.66 -26.05
CA ALA O 170 -1.34 -48.91 -26.60
C ALA O 170 -1.41 -48.98 -28.13
N PHE O 171 -2.62 -49.09 -28.66
CA PHE O 171 -2.82 -49.20 -30.10
C PHE O 171 -2.62 -47.94 -30.92
N LEU O 172 -3.24 -46.83 -30.51
CA LEU O 172 -3.09 -45.58 -31.25
C LEU O 172 -1.64 -45.10 -31.24
N SER O 173 -0.92 -45.48 -30.18
CA SER O 173 0.47 -45.08 -30.01
C SER O 173 1.50 -46.02 -30.62
N ASN O 174 1.30 -47.33 -30.43
CA ASN O 174 2.25 -48.31 -30.93
C ASN O 174 1.83 -49.11 -32.15
N TYR O 175 0.57 -48.96 -32.56
CA TYR O 175 0.06 -49.68 -33.72
C TYR O 175 -0.23 -48.74 -34.88
N LEU O 176 -0.91 -47.63 -34.58
CA LEU O 176 -1.26 -46.65 -35.61
C LEU O 176 -0.21 -45.54 -35.74
N GLY O 177 0.65 -45.42 -34.73
CA GLY O 177 1.70 -44.42 -34.75
C GLY O 177 1.26 -42.97 -34.72
N VAL O 178 0.05 -42.71 -34.24
CA VAL O 178 -0.47 -41.35 -34.19
C VAL O 178 -0.08 -40.66 -32.88
N HIS O 179 0.07 -41.44 -31.83
CA HIS O 179 0.45 -40.91 -30.52
C HIS O 179 1.81 -41.46 -30.09
N ALA O 180 2.45 -40.77 -29.15
CA ALA O 180 3.76 -41.18 -28.64
C ALA O 180 3.70 -42.59 -28.06
N PRO O 181 4.73 -43.41 -28.29
CA PRO O 181 5.99 -43.19 -29.02
C PRO O 181 5.85 -43.00 -30.53
N GLY O 182 4.78 -43.54 -31.11
CA GLY O 182 4.57 -43.41 -32.53
C GLY O 182 5.04 -44.60 -33.32
N ASN O 183 4.78 -45.79 -32.81
CA ASN O 183 5.19 -47.02 -33.47
C ASN O 183 4.04 -47.61 -34.27
N LYS O 184 4.37 -48.50 -35.20
CA LYS O 184 3.38 -49.16 -36.05
C LYS O 184 3.67 -50.65 -36.04
N ASP O 185 3.24 -51.32 -34.97
CA ASP O 185 3.45 -52.75 -34.78
C ASP O 185 2.29 -53.28 -33.93
N LEU O 186 1.44 -54.10 -34.54
CA LEU O 186 0.30 -54.66 -33.84
C LEU O 186 0.72 -55.47 -32.62
N GLN O 187 1.71 -56.35 -32.80
CA GLN O 187 2.17 -57.18 -31.70
C GLN O 187 2.69 -56.33 -30.54
N LEU O 188 3.44 -55.28 -30.87
CA LEU O 188 3.97 -54.39 -29.83
C LEU O 188 2.83 -53.75 -29.06
N ALA O 189 1.79 -53.35 -29.79
CA ALA O 189 0.61 -52.74 -29.18
C ALA O 189 -0.04 -53.74 -28.23
N ILE O 190 -0.05 -55.01 -28.62
CA ILE O 190 -0.63 -56.07 -27.80
C ILE O 190 0.26 -56.32 -26.58
N ASP O 191 1.58 -56.17 -26.77
CA ASP O 191 2.53 -56.36 -25.68
C ASP O 191 2.29 -55.28 -24.64
N VAL O 192 2.21 -54.04 -25.11
CA VAL O 192 1.96 -52.88 -24.26
C VAL O 192 0.67 -53.04 -23.49
N SER O 193 -0.37 -53.50 -24.18
CA SER O 193 -1.67 -53.71 -23.57
C SER O 193 -1.58 -54.70 -22.41
N HIS O 194 -0.77 -55.75 -22.60
CA HIS O 194 -0.59 -56.77 -21.59
C HIS O 194 0.19 -56.22 -20.39
N HIS O 195 1.30 -55.56 -20.68
CA HIS O 195 2.16 -55.01 -19.63
C HIS O 195 1.49 -53.94 -18.78
N LEU O 196 0.66 -53.11 -19.40
CA LEU O 196 -0.04 -52.06 -18.66
C LEU O 196 -1.07 -52.70 -17.73
N LEU O 197 -1.67 -53.80 -18.18
CA LEU O 197 -2.66 -54.51 -17.38
C LEU O 197 -2.01 -55.16 -16.16
N VAL O 198 -0.81 -55.70 -16.34
CA VAL O 198 -0.08 -56.32 -15.24
C VAL O 198 0.30 -55.22 -14.25
N ALA O 199 0.77 -54.10 -14.79
CA ALA O 199 1.16 -52.95 -13.97
C ALA O 199 -0.06 -52.48 -13.18
N HIS O 200 -1.23 -52.52 -13.82
CA HIS O 200 -2.48 -52.12 -13.20
C HIS O 200 -2.81 -53.06 -12.05
N GLY O 201 -2.75 -54.36 -12.33
CA GLY O 201 -3.06 -55.36 -11.32
C GLY O 201 -2.18 -55.22 -10.10
N ARG O 202 -0.89 -55.01 -10.34
CA ARG O 202 0.07 -54.85 -9.26
C ARG O 202 -0.23 -53.59 -8.45
N ALA O 203 -0.65 -52.53 -9.15
CA ALA O 203 -0.99 -51.27 -8.50
C ALA O 203 -2.21 -51.43 -7.61
N VAL O 204 -3.18 -52.22 -8.08
CA VAL O 204 -4.41 -52.45 -7.32
C VAL O 204 -4.05 -53.21 -6.05
N THR O 205 -3.20 -54.23 -6.19
CA THR O 205 -2.76 -55.04 -5.06
C THR O 205 -2.10 -54.15 -4.01
N LEU O 206 -1.20 -53.27 -4.46
CA LEU O 206 -0.50 -52.35 -3.57
C LEU O 206 -1.51 -51.46 -2.84
N PHE O 207 -2.49 -50.97 -3.58
CA PHE O 207 -3.53 -50.11 -3.02
C PHE O 207 -4.22 -50.81 -1.85
N ARG O 208 -4.50 -52.10 -2.04
CA ARG O 208 -5.17 -52.90 -1.02
C ARG O 208 -4.25 -53.15 0.17
N GLU O 209 -3.01 -53.54 -0.11
CA GLU O 209 -2.02 -53.82 0.92
C GLU O 209 -1.70 -52.63 1.80
N LEU O 210 -1.64 -51.45 1.19
CA LEU O 210 -1.34 -50.22 1.90
C LEU O 210 -2.50 -49.81 2.80
N GLY O 211 -3.62 -50.52 2.69
CA GLY O 211 -4.79 -50.24 3.49
C GLY O 211 -5.39 -48.87 3.31
N ILE O 212 -4.98 -48.15 2.28
CA ILE O 212 -5.50 -46.82 2.02
C ILE O 212 -6.95 -46.88 1.58
N SER O 213 -7.81 -46.22 2.34
CA SER O 213 -9.24 -46.19 2.06
C SER O 213 -9.52 -45.46 0.75
N GLY O 214 -10.59 -45.85 0.08
CA GLY O 214 -10.94 -45.21 -1.18
C GLY O 214 -11.31 -46.20 -2.27
N GLU O 215 -11.32 -45.71 -3.49
CA GLU O 215 -11.66 -46.51 -4.66
C GLU O 215 -10.54 -46.46 -5.68
N ILE O 216 -10.45 -47.51 -6.48
CA ILE O 216 -9.44 -47.60 -7.53
C ILE O 216 -10.02 -48.36 -8.71
N GLY O 217 -9.76 -47.87 -9.91
CA GLY O 217 -10.27 -48.51 -11.10
C GLY O 217 -9.44 -48.16 -12.31
N ILE O 218 -10.01 -48.40 -13.49
CA ILE O 218 -9.35 -48.12 -14.76
C ILE O 218 -10.38 -47.44 -15.65
N ALA O 219 -9.93 -46.56 -16.55
CA ALA O 219 -10.84 -45.84 -17.43
C ALA O 219 -10.67 -46.12 -18.92
N PRO O 220 -11.35 -47.15 -19.43
CA PRO O 220 -11.24 -47.48 -20.86
C PRO O 220 -12.10 -46.56 -21.72
N ASN O 221 -11.65 -46.33 -22.95
CA ASN O 221 -12.40 -45.51 -23.90
C ASN O 221 -13.06 -46.48 -24.87
N THR O 222 -13.81 -47.42 -24.31
CA THR O 222 -14.51 -48.45 -25.06
C THR O 222 -15.25 -47.88 -26.27
N SER O 223 -14.68 -48.09 -27.45
CA SER O 223 -15.29 -47.61 -28.69
C SER O 223 -16.58 -48.36 -28.97
N TRP O 224 -17.64 -47.63 -29.30
CA TRP O 224 -18.92 -48.24 -29.58
C TRP O 224 -19.26 -48.28 -31.07
N ALA O 225 -19.96 -49.32 -31.48
CA ALA O 225 -20.35 -49.50 -32.88
C ALA O 225 -21.72 -50.16 -32.97
N VAL O 226 -22.54 -49.64 -33.86
CA VAL O 226 -23.90 -50.11 -34.08
C VAL O 226 -23.93 -50.96 -35.35
N PRO O 227 -24.60 -52.12 -35.30
CA PRO O 227 -24.69 -53.02 -36.47
C PRO O 227 -25.46 -52.38 -37.61
N TYR O 228 -24.81 -52.31 -38.77
CA TYR O 228 -25.43 -51.74 -39.96
C TYR O 228 -26.64 -52.60 -40.31
N ARG O 229 -26.39 -53.90 -40.44
CA ARG O 229 -27.45 -54.84 -40.76
C ARG O 229 -27.61 -55.79 -39.58
N ARG O 230 -28.82 -56.32 -39.40
CA ARG O 230 -29.09 -57.24 -38.31
C ARG O 230 -28.58 -58.62 -38.74
N THR O 231 -27.27 -58.70 -38.93
CA THR O 231 -26.61 -59.93 -39.35
C THR O 231 -25.61 -60.33 -38.29
N LYS O 232 -25.40 -61.63 -38.12
CA LYS O 232 -24.45 -62.13 -37.13
C LYS O 232 -23.06 -61.56 -37.39
N GLU O 233 -22.64 -61.57 -38.65
CA GLU O 233 -21.32 -61.06 -39.03
C GLU O 233 -21.14 -59.58 -38.70
N ASP O 234 -22.22 -58.80 -38.82
CA ASP O 234 -22.17 -57.37 -38.52
C ASP O 234 -22.11 -57.14 -37.01
N MET O 235 -22.89 -57.91 -36.28
CA MET O 235 -22.93 -57.80 -34.82
C MET O 235 -21.58 -58.17 -34.23
N GLU O 236 -20.93 -59.18 -34.82
CA GLU O 236 -19.62 -59.61 -34.36
C GLU O 236 -18.58 -58.58 -34.75
N ALA O 237 -18.77 -57.95 -35.91
CA ALA O 237 -17.85 -56.92 -36.38
C ALA O 237 -17.91 -55.74 -35.42
N CYS O 238 -19.09 -55.51 -34.85
CA CYS O 238 -19.27 -54.43 -33.89
C CYS O 238 -18.74 -54.81 -32.52
N LEU O 239 -18.83 -56.11 -32.20
CA LEU O 239 -18.36 -56.60 -30.91
C LEU O 239 -16.84 -56.45 -30.83
N ARG O 240 -16.17 -56.63 -31.96
CA ARG O 240 -14.72 -56.49 -32.01
C ARG O 240 -14.27 -55.05 -31.79
N VAL O 241 -15.13 -54.11 -32.15
CA VAL O 241 -14.84 -52.69 -31.98
C VAL O 241 -14.73 -52.34 -30.49
N ASN O 242 -15.72 -52.75 -29.72
CA ASN O 242 -15.69 -52.48 -28.27
C ASN O 242 -14.80 -53.52 -27.60
N GLY O 243 -14.56 -54.62 -28.30
CA GLY O 243 -13.73 -55.68 -27.77
C GLY O 243 -12.25 -55.37 -27.70
N TRP O 244 -11.69 -54.80 -28.76
CA TRP O 244 -10.27 -54.50 -28.77
C TRP O 244 -9.89 -53.20 -28.07
N SER O 245 -10.90 -52.43 -27.69
CA SER O 245 -10.66 -51.16 -27.02
C SER O 245 -11.06 -51.15 -25.54
N GLY O 246 -12.04 -51.98 -25.18
CA GLY O 246 -12.50 -52.03 -23.81
C GLY O 246 -12.51 -53.41 -23.17
N ASP O 247 -13.14 -54.36 -23.83
CA ASP O 247 -13.22 -55.74 -23.33
C ASP O 247 -11.84 -56.36 -23.13
N TRP O 248 -10.92 -56.00 -24.01
CA TRP O 248 -9.55 -56.52 -23.97
C TRP O 248 -8.85 -56.20 -22.65
N TYR O 249 -9.29 -55.14 -21.99
CA TYR O 249 -8.69 -54.72 -20.73
C TYR O 249 -9.55 -55.06 -19.51
N LEU O 250 -10.87 -54.94 -19.65
CA LEU O 250 -11.78 -55.21 -18.56
C LEU O 250 -11.95 -56.69 -18.24
N ASP O 251 -11.90 -57.54 -19.27
CA ASP O 251 -12.05 -58.98 -19.08
C ASP O 251 -10.95 -59.61 -18.22
N PRO O 252 -9.68 -59.28 -18.48
CA PRO O 252 -8.61 -59.87 -17.67
C PRO O 252 -8.73 -59.45 -16.20
N ILE O 253 -9.30 -58.27 -15.98
CA ILE O 253 -9.50 -57.72 -14.64
C ILE O 253 -10.69 -58.36 -13.91
N TYR O 254 -11.82 -58.47 -14.61
CA TYR O 254 -13.03 -59.04 -14.03
C TYR O 254 -13.15 -60.55 -14.09
N PHE O 255 -12.63 -61.15 -15.14
CA PHE O 255 -12.73 -62.60 -15.33
C PHE O 255 -11.40 -63.34 -15.32
N GLY O 256 -10.30 -62.59 -15.35
CA GLY O 256 -8.98 -63.20 -15.33
C GLY O 256 -8.58 -63.83 -16.65
N GLU O 257 -9.15 -63.34 -17.74
CA GLU O 257 -8.84 -63.86 -19.06
C GLU O 257 -9.21 -62.85 -20.13
N TYR O 258 -8.43 -62.83 -21.20
CA TYR O 258 -8.70 -61.93 -22.32
C TYR O 258 -9.96 -62.43 -23.01
N PRO O 259 -10.73 -61.52 -23.63
CA PRO O 259 -11.96 -61.94 -24.31
C PRO O 259 -11.65 -62.97 -25.39
N LYS O 260 -12.29 -64.13 -25.29
CA LYS O 260 -12.09 -65.22 -26.23
C LYS O 260 -12.17 -64.83 -27.70
N PHE O 261 -13.23 -64.15 -28.10
CA PHE O 261 -13.39 -63.74 -29.49
C PHE O 261 -12.24 -62.89 -30.01
N MET O 262 -11.67 -62.07 -29.14
CA MET O 262 -10.54 -61.24 -29.55
C MET O 262 -9.27 -62.07 -29.64
N LEU O 263 -9.10 -62.98 -28.70
CA LEU O 263 -7.93 -63.86 -28.70
C LEU O 263 -7.86 -64.63 -30.01
N ASP O 264 -8.99 -65.22 -30.39
CA ASP O 264 -9.09 -65.99 -31.62
C ASP O 264 -8.82 -65.13 -32.85
N TRP O 265 -9.33 -63.90 -32.83
CA TRP O 265 -9.13 -62.98 -33.93
C TRP O 265 -7.66 -62.67 -34.15
N TYR O 266 -6.98 -62.32 -33.07
CA TYR O 266 -5.56 -62.00 -33.13
C TYR O 266 -4.74 -63.25 -33.45
N GLU O 267 -5.13 -64.38 -32.85
CA GLU O 267 -4.43 -65.65 -33.06
C GLU O 267 -4.42 -66.04 -34.53
N ASN O 268 -5.56 -65.86 -35.19
CA ASN O 268 -5.69 -66.19 -36.61
C ASN O 268 -4.78 -65.29 -37.45
N LEU O 269 -4.46 -64.12 -36.92
CA LEU O 269 -3.58 -63.17 -37.60
C LEU O 269 -2.13 -63.40 -37.19
N GLY O 270 -1.93 -64.28 -36.20
CA GLY O 270 -0.59 -64.57 -35.72
C GLY O 270 -0.12 -63.65 -34.61
N TYR O 271 -1.05 -63.26 -33.75
CA TYR O 271 -0.74 -62.36 -32.64
C TYR O 271 -1.28 -62.92 -31.34
N LYS O 272 -0.47 -62.80 -30.28
CA LYS O 272 -0.84 -63.29 -28.96
C LYS O 272 -0.20 -62.44 -27.88
N PRO O 273 -0.92 -62.19 -26.78
CA PRO O 273 -0.38 -61.38 -25.68
C PRO O 273 0.76 -62.15 -25.00
N PRO O 274 1.87 -61.47 -24.69
CA PRO O 274 3.03 -62.08 -24.04
C PRO O 274 2.75 -62.44 -22.58
N ILE O 275 1.86 -63.40 -22.38
CA ILE O 275 1.47 -63.82 -21.05
C ILE O 275 2.52 -64.69 -20.37
N VAL O 276 3.10 -64.16 -19.30
CA VAL O 276 4.10 -64.90 -18.53
C VAL O 276 3.28 -65.54 -17.42
N ASP O 277 3.58 -66.80 -17.11
CA ASP O 277 2.85 -67.52 -16.06
C ASP O 277 2.67 -66.70 -14.79
N GLY O 278 1.41 -66.55 -14.39
CA GLY O 278 1.10 -65.78 -13.19
C GLY O 278 0.51 -64.42 -13.48
N ASP O 279 0.79 -63.90 -14.68
CA ASP O 279 0.31 -62.58 -15.09
C ASP O 279 -1.19 -62.39 -14.98
N MET O 280 -1.96 -63.28 -15.57
CA MET O 280 -3.42 -63.17 -15.54
C MET O 280 -3.99 -63.09 -14.14
N GLU O 281 -3.34 -63.76 -13.19
CA GLU O 281 -3.78 -63.75 -11.80
C GLU O 281 -3.46 -62.40 -11.17
N LEU O 282 -2.37 -61.80 -11.61
CA LEU O 282 -1.94 -60.48 -11.11
C LEU O 282 -2.93 -59.42 -11.59
N ILE O 283 -3.37 -59.57 -12.82
CA ILE O 283 -4.32 -58.65 -13.44
C ILE O 283 -5.71 -58.84 -12.88
N HIS O 284 -6.03 -60.09 -12.54
CA HIS O 284 -7.35 -60.45 -12.01
C HIS O 284 -7.58 -59.98 -10.58
N GLN O 285 -7.49 -58.68 -10.36
CA GLN O 285 -7.70 -58.09 -9.05
C GLN O 285 -8.95 -57.21 -9.08
N PRO O 286 -9.85 -57.41 -8.12
CA PRO O 286 -11.10 -56.65 -8.03
C PRO O 286 -10.89 -55.14 -7.95
N ILE O 287 -11.56 -54.41 -8.82
CA ILE O 287 -11.46 -52.95 -8.83
C ILE O 287 -12.79 -52.38 -8.35
N ASP O 288 -12.76 -51.17 -7.79
CA ASP O 288 -13.95 -50.53 -7.25
C ASP O 288 -14.91 -49.90 -8.25
N PHE O 289 -14.42 -49.56 -9.44
CA PHE O 289 -15.26 -48.94 -10.45
C PHE O 289 -14.64 -48.99 -11.84
N ILE O 290 -15.45 -48.66 -12.84
CA ILE O 290 -14.99 -48.62 -14.22
C ILE O 290 -15.22 -47.19 -14.71
N GLY O 291 -14.19 -46.60 -15.30
CA GLY O 291 -14.30 -45.25 -15.81
C GLY O 291 -14.67 -45.28 -17.27
N ILE O 292 -15.86 -44.79 -17.59
CA ILE O 292 -16.33 -44.75 -18.96
C ILE O 292 -15.98 -43.43 -19.64
N ASN O 293 -15.22 -43.52 -20.73
CA ASN O 293 -14.84 -42.34 -21.50
C ASN O 293 -15.59 -42.44 -22.82
N TYR O 294 -16.62 -41.61 -22.97
CA TYR O 294 -17.43 -41.61 -24.18
C TYR O 294 -17.44 -40.27 -24.92
N TYR O 295 -17.46 -40.34 -26.24
CA TYR O 295 -17.48 -39.16 -27.10
C TYR O 295 -18.32 -39.41 -28.34
N THR O 296 -18.21 -40.61 -28.90
CA THR O 296 -18.93 -40.97 -30.12
C THR O 296 -18.97 -42.48 -30.32
N SER O 297 -19.70 -42.88 -31.36
CA SER O 297 -19.83 -44.28 -31.75
C SER O 297 -20.11 -44.30 -33.24
N SER O 298 -19.94 -45.46 -33.86
CA SER O 298 -20.16 -45.58 -35.30
C SER O 298 -21.18 -46.64 -35.67
N MET O 299 -21.33 -46.87 -36.97
CA MET O 299 -22.25 -47.86 -37.52
C MET O 299 -21.36 -48.75 -38.37
N ASN O 300 -21.07 -49.95 -37.89
CA ASN O 300 -20.18 -50.85 -38.62
C ASN O 300 -20.83 -52.06 -39.25
N ARG O 301 -20.10 -52.64 -40.21
CA ARG O 301 -20.53 -53.84 -40.92
C ARG O 301 -19.31 -54.67 -41.22
N TYR O 302 -19.50 -55.99 -41.31
CA TYR O 302 -18.41 -56.89 -41.60
C TYR O 302 -17.87 -56.65 -43.00
N ASN O 303 -16.55 -56.64 -43.12
CA ASN O 303 -15.91 -56.43 -44.42
C ASN O 303 -14.50 -57.00 -44.39
N PRO O 304 -14.29 -58.16 -45.05
CA PRO O 304 -13.01 -58.86 -45.13
C PRO O 304 -11.95 -58.10 -45.93
N GLY O 305 -12.39 -57.11 -46.70
CA GLY O 305 -11.47 -56.33 -47.51
C GLY O 305 -10.75 -55.26 -46.72
N GLU O 306 -10.00 -54.41 -47.42
CA GLU O 306 -9.24 -53.34 -46.79
C GLU O 306 -10.13 -52.38 -46.02
N ALA O 307 -11.33 -52.13 -46.54
CA ALA O 307 -12.28 -51.23 -45.91
C ALA O 307 -12.62 -51.66 -44.49
N GLY O 308 -12.55 -52.97 -44.24
CA GLY O 308 -12.87 -53.49 -42.92
C GLY O 308 -11.71 -53.32 -41.96
N GLY O 309 -10.50 -53.27 -42.50
CA GLY O 309 -9.32 -53.11 -41.68
C GLY O 309 -8.91 -54.39 -40.99
N MET O 310 -8.04 -54.27 -39.99
CA MET O 310 -7.55 -55.41 -39.23
C MET O 310 -8.69 -56.18 -38.57
N LEU O 311 -9.71 -55.45 -38.09
CA LEU O 311 -10.85 -56.06 -37.45
C LEU O 311 -11.95 -56.45 -38.42
N SER O 312 -11.73 -56.21 -39.71
CA SER O 312 -12.70 -56.53 -40.75
C SER O 312 -14.07 -55.97 -40.36
N SER O 313 -14.06 -54.74 -39.86
CA SER O 313 -15.27 -54.05 -39.44
C SER O 313 -15.23 -52.65 -40.03
N GLU O 314 -15.97 -52.47 -41.13
CA GLU O 314 -16.02 -51.19 -41.82
C GLU O 314 -17.08 -50.26 -41.26
N ALA O 315 -16.66 -49.04 -40.96
CA ALA O 315 -17.56 -48.02 -40.43
C ALA O 315 -18.26 -47.33 -41.59
N ILE O 316 -19.55 -47.07 -41.42
CA ILE O 316 -20.36 -46.42 -42.45
C ILE O 316 -20.95 -45.14 -41.88
N SER O 317 -20.72 -44.04 -42.58
CA SER O 317 -21.20 -42.72 -42.17
C SER O 317 -22.71 -42.70 -41.97
N MET O 318 -23.13 -42.17 -40.83
CA MET O 318 -24.55 -42.04 -40.52
C MET O 318 -25.06 -40.71 -41.06
N GLY O 319 -24.13 -39.89 -41.55
CA GLY O 319 -24.49 -38.58 -42.08
C GLY O 319 -24.87 -37.64 -40.95
N ALA O 320 -24.59 -38.08 -39.72
CA ALA O 320 -24.91 -37.31 -38.53
C ALA O 320 -24.03 -36.08 -38.36
N PRO O 321 -24.48 -35.11 -37.55
CA PRO O 321 -23.70 -33.89 -37.32
C PRO O 321 -22.40 -34.26 -36.63
N LYS O 322 -21.36 -33.49 -36.89
CA LYS O 322 -20.06 -33.76 -36.29
C LYS O 322 -19.55 -32.60 -35.47
N THR O 323 -18.63 -32.90 -34.55
CA THR O 323 -18.01 -31.88 -33.73
C THR O 323 -16.93 -31.28 -34.61
N ASP O 324 -16.29 -30.20 -34.17
CA ASP O 324 -15.26 -29.56 -34.96
C ASP O 324 -14.02 -30.41 -35.20
N ILE O 325 -13.91 -31.53 -34.50
CA ILE O 325 -12.77 -32.43 -34.67
C ILE O 325 -13.16 -33.55 -35.63
N GLY O 326 -14.42 -33.52 -36.09
CA GLY O 326 -14.90 -34.50 -37.04
C GLY O 326 -15.60 -35.75 -36.52
N TRP O 327 -15.92 -35.78 -35.23
CA TRP O 327 -16.58 -36.95 -34.67
C TRP O 327 -18.10 -36.82 -34.73
N GLU O 328 -18.76 -37.87 -35.19
CA GLU O 328 -20.22 -37.87 -35.29
C GLU O 328 -20.85 -37.84 -33.91
N ILE O 329 -22.01 -37.20 -33.81
CA ILE O 329 -22.74 -37.12 -32.54
C ILE O 329 -23.76 -38.25 -32.48
N TYR O 330 -23.55 -39.19 -31.56
CA TYR O 330 -24.46 -40.30 -31.38
C TYR O 330 -24.63 -40.49 -29.88
N ALA O 331 -25.42 -39.59 -29.28
CA ALA O 331 -25.67 -39.60 -27.84
C ALA O 331 -26.18 -40.92 -27.28
N GLU O 332 -26.99 -41.61 -28.06
CA GLU O 332 -27.55 -42.88 -27.64
C GLU O 332 -26.49 -43.93 -27.37
N GLY O 333 -25.31 -43.73 -27.97
CA GLY O 333 -24.21 -44.66 -27.77
C GLY O 333 -23.75 -44.69 -26.33
N LEU O 334 -23.92 -43.59 -25.62
CA LEU O 334 -23.52 -43.51 -24.22
C LEU O 334 -24.35 -44.52 -23.44
N TYR O 335 -25.66 -44.44 -23.61
CA TYR O 335 -26.58 -45.35 -22.94
C TYR O 335 -26.28 -46.80 -23.30
N ASP O 336 -26.06 -47.05 -24.60
CA ASP O 336 -25.75 -48.38 -25.07
C ASP O 336 -24.49 -48.96 -24.44
N LEU O 337 -23.46 -48.12 -24.34
CA LEU O 337 -22.19 -48.53 -23.75
C LEU O 337 -22.34 -48.82 -22.27
N LEU O 338 -23.04 -47.94 -21.57
CA LEU O 338 -23.27 -48.11 -20.14
C LEU O 338 -24.08 -49.37 -19.88
N ARG O 339 -25.08 -49.59 -20.73
CA ARG O 339 -25.95 -50.76 -20.61
C ARG O 339 -25.13 -52.03 -20.82
N TYR O 340 -24.28 -52.02 -21.83
CA TYR O 340 -23.41 -53.15 -22.15
C TYR O 340 -22.50 -53.49 -20.99
N THR O 341 -21.80 -52.47 -20.48
CA THR O 341 -20.88 -52.63 -19.38
C THR O 341 -21.59 -53.12 -18.11
N ALA O 342 -22.77 -52.58 -17.86
CA ALA O 342 -23.55 -52.95 -16.70
C ALA O 342 -23.97 -54.42 -16.77
N ASP O 343 -24.38 -54.87 -17.95
CA ASP O 343 -24.80 -56.25 -18.13
C ASP O 343 -23.66 -57.24 -17.98
N LYS O 344 -22.58 -57.01 -18.74
CA LYS O 344 -21.43 -57.89 -18.74
C LYS O 344 -20.60 -57.97 -17.46
N TYR O 345 -20.35 -56.83 -16.82
CA TYR O 345 -19.53 -56.80 -15.62
C TYR O 345 -20.25 -56.78 -14.27
N GLY O 346 -21.51 -57.21 -14.26
CA GLY O 346 -22.26 -57.27 -13.02
C GLY O 346 -22.70 -55.93 -12.44
N ASN O 347 -22.98 -54.98 -13.32
CA ASN O 347 -23.44 -53.64 -12.93
C ASN O 347 -22.57 -53.01 -11.84
N PRO O 348 -21.26 -52.88 -12.10
CA PRO O 348 -20.36 -52.29 -11.11
C PRO O 348 -20.55 -50.77 -11.08
N THR O 349 -19.86 -50.12 -10.14
CA THR O 349 -19.94 -48.68 -10.03
C THR O 349 -19.33 -48.09 -11.29
N LEU O 350 -20.04 -47.16 -11.92
CA LEU O 350 -19.57 -46.53 -13.13
C LEU O 350 -19.46 -45.03 -12.96
N TYR O 351 -18.42 -44.46 -13.56
CA TYR O 351 -18.19 -43.03 -13.52
C TYR O 351 -17.83 -42.61 -14.94
N ILE O 352 -18.56 -41.65 -15.48
CA ILE O 352 -18.23 -41.16 -16.81
C ILE O 352 -17.04 -40.24 -16.56
N THR O 353 -15.84 -40.79 -16.71
CA THR O 353 -14.62 -40.06 -16.48
C THR O 353 -14.21 -39.07 -17.57
N GLU O 354 -14.91 -39.13 -18.71
CA GLU O 354 -14.66 -38.22 -19.83
C GLU O 354 -15.84 -38.18 -20.79
N ASN O 355 -16.28 -36.98 -21.12
CA ASN O 355 -17.35 -36.76 -22.08
C ASN O 355 -17.45 -35.28 -22.40
N GLY O 356 -17.21 -34.95 -23.65
CA GLY O 356 -17.26 -33.57 -24.08
C GLY O 356 -17.23 -33.47 -25.59
N ALA O 357 -17.28 -32.25 -26.10
CA ALA O 357 -17.28 -32.03 -27.53
C ALA O 357 -16.20 -31.05 -27.94
N CYS O 358 -15.67 -31.24 -29.14
CA CYS O 358 -14.65 -30.34 -29.64
C CYS O 358 -15.32 -29.27 -30.49
N TYR O 359 -15.40 -28.07 -29.94
CA TYR O 359 -15.98 -26.95 -30.65
C TYR O 359 -15.02 -25.79 -30.49
N ASN O 360 -14.49 -25.32 -31.61
CA ASN O 360 -13.51 -24.25 -31.63
C ASN O 360 -14.01 -22.81 -31.49
N ASP O 361 -15.18 -22.63 -30.90
CA ASP O 361 -15.74 -21.30 -30.69
C ASP O 361 -14.78 -20.42 -29.92
N GLY O 362 -14.57 -19.21 -30.41
CA GLY O 362 -13.69 -18.27 -29.73
C GLY O 362 -14.53 -17.15 -29.17
N LEU O 363 -13.88 -16.09 -28.71
CA LEU O 363 -14.59 -14.95 -28.14
C LEU O 363 -15.25 -14.12 -29.23
N SER O 364 -16.50 -13.75 -28.97
CA SER O 364 -17.24 -12.89 -29.89
C SER O 364 -16.86 -11.47 -29.44
N LEU O 365 -17.25 -10.45 -30.20
CA LEU O 365 -16.95 -9.06 -29.80
C LEU O 365 -17.69 -8.78 -28.50
N ASP O 366 -18.62 -9.68 -28.18
CA ASP O 366 -19.42 -9.67 -26.97
C ASP O 366 -18.48 -9.78 -25.77
N GLY O 367 -17.40 -10.51 -25.98
CA GLY O 367 -16.40 -10.73 -24.94
C GLY O 367 -16.59 -12.12 -24.35
N ARG O 368 -17.65 -12.80 -24.80
CA ARG O 368 -17.98 -14.13 -24.33
C ARG O 368 -17.94 -15.16 -25.45
N ILE O 369 -17.90 -16.43 -25.07
CA ILE O 369 -17.87 -17.53 -26.03
C ILE O 369 -19.24 -18.18 -26.02
N HIS O 370 -20.00 -17.95 -27.08
CA HIS O 370 -21.35 -18.49 -27.19
C HIS O 370 -21.34 -19.87 -27.85
N ASP O 371 -20.83 -20.85 -27.12
CA ASP O 371 -20.73 -22.22 -27.62
C ASP O 371 -21.99 -23.06 -27.37
N GLN O 372 -23.11 -22.64 -27.96
CA GLN O 372 -24.36 -23.37 -27.80
C GLN O 372 -24.23 -24.82 -28.24
N ARG O 373 -23.39 -25.07 -29.24
CA ARG O 373 -23.18 -26.41 -29.75
C ARG O 373 -22.63 -27.35 -28.69
N ARG O 374 -21.78 -26.84 -27.80
CA ARG O 374 -21.22 -27.65 -26.73
C ARG O 374 -22.31 -27.93 -25.71
N ILE O 375 -23.13 -26.91 -25.43
CA ILE O 375 -24.21 -27.05 -24.48
C ILE O 375 -25.19 -28.11 -24.96
N ASP O 376 -25.55 -28.04 -26.23
CA ASP O 376 -26.47 -29.00 -26.82
C ASP O 376 -25.93 -30.41 -26.75
N TYR O 377 -24.65 -30.56 -27.07
CA TYR O 377 -23.99 -31.87 -27.03
C TYR O 377 -24.04 -32.45 -25.62
N LEU O 378 -23.56 -31.67 -24.65
CA LEU O 378 -23.53 -32.10 -23.26
C LEU O 378 -24.93 -32.46 -22.78
N ALA O 379 -25.91 -31.60 -23.08
CA ALA O 379 -27.29 -31.81 -22.68
C ALA O 379 -27.81 -33.16 -23.19
N MET O 380 -27.56 -33.45 -24.47
CA MET O 380 -28.00 -34.71 -25.06
C MET O 380 -27.42 -35.92 -24.35
N HIS O 381 -26.14 -35.83 -24.01
CA HIS O 381 -25.47 -36.93 -23.34
C HIS O 381 -25.85 -37.07 -21.88
N LEU O 382 -26.15 -35.95 -21.22
CA LEU O 382 -26.56 -36.00 -19.83
C LEU O 382 -27.96 -36.61 -19.75
N ILE O 383 -28.72 -36.44 -20.83
CA ILE O 383 -30.06 -37.01 -20.91
C ILE O 383 -29.93 -38.53 -20.97
N GLN O 384 -28.91 -39.00 -21.69
CA GLN O 384 -28.66 -40.43 -21.80
C GLN O 384 -28.10 -40.97 -20.49
N ALA O 385 -27.35 -40.13 -19.78
CA ALA O 385 -26.78 -40.51 -18.49
C ALA O 385 -27.91 -40.71 -17.49
N SER O 386 -28.86 -39.78 -17.50
CA SER O 386 -30.02 -39.85 -16.62
C SER O 386 -30.86 -41.07 -16.98
N ARG O 387 -30.94 -41.35 -18.27
CA ARG O 387 -31.69 -42.50 -18.79
C ARG O 387 -31.11 -43.78 -18.21
N ALA O 388 -29.78 -43.89 -18.23
CA ALA O 388 -29.09 -45.05 -17.71
C ALA O 388 -29.39 -45.27 -16.23
N ILE O 389 -29.39 -44.18 -15.47
CA ILE O 389 -29.67 -44.24 -14.05
C ILE O 389 -31.10 -44.71 -13.84
N GLU O 390 -32.02 -44.19 -14.66
CA GLU O 390 -33.42 -44.57 -14.59
C GLU O 390 -33.59 -46.03 -14.98
N ASP O 391 -32.66 -46.53 -15.80
CA ASP O 391 -32.68 -47.91 -16.28
C ASP O 391 -31.93 -48.85 -15.35
N GLY O 392 -31.72 -48.42 -14.10
CA GLY O 392 -31.04 -49.24 -13.12
C GLY O 392 -29.53 -49.41 -13.19
N ILE O 393 -28.86 -48.72 -14.10
CA ILE O 393 -27.41 -48.81 -14.21
C ILE O 393 -26.77 -48.00 -13.08
N ASN O 394 -25.70 -48.55 -12.50
CA ASN O 394 -25.01 -47.88 -11.40
C ASN O 394 -24.06 -46.76 -11.80
N LEU O 395 -24.60 -45.73 -12.42
CA LEU O 395 -23.80 -44.58 -12.82
C LEU O 395 -23.79 -43.63 -11.62
N LYS O 396 -22.63 -43.50 -10.99
CA LYS O 396 -22.50 -42.67 -9.80
C LYS O 396 -21.92 -41.27 -10.02
N GLY O 397 -21.47 -40.98 -11.24
CA GLY O 397 -20.90 -39.67 -11.50
C GLY O 397 -20.62 -39.35 -12.95
N TYR O 398 -20.45 -38.06 -13.23
CA TYR O 398 -20.17 -37.58 -14.57
C TYR O 398 -19.12 -36.49 -14.50
N MET O 399 -18.09 -36.61 -15.33
CA MET O 399 -17.01 -35.64 -15.38
C MET O 399 -16.79 -35.24 -16.83
N GLU O 400 -17.28 -34.06 -17.20
CA GLU O 400 -17.14 -33.60 -18.58
C GLU O 400 -15.69 -33.34 -18.91
N TRP O 401 -15.26 -33.74 -20.10
CA TRP O 401 -13.88 -33.57 -20.51
C TRP O 401 -13.41 -32.17 -20.79
N SER O 402 -12.29 -31.86 -20.12
CA SER O 402 -11.59 -30.60 -20.22
C SER O 402 -12.26 -29.42 -19.55
N LEU O 403 -11.68 -28.98 -18.46
CA LEU O 403 -12.16 -27.83 -17.71
C LEU O 403 -11.90 -26.61 -18.59
N MET O 404 -10.75 -26.62 -19.26
CA MET O 404 -10.34 -25.53 -20.12
C MET O 404 -9.70 -26.08 -21.39
N ASP O 405 -9.67 -25.27 -22.45
CA ASP O 405 -9.06 -25.69 -23.70
C ASP O 405 -7.60 -26.02 -23.41
N ASN O 406 -7.09 -27.08 -24.02
CA ASN O 406 -5.71 -27.48 -23.77
C ASN O 406 -5.00 -28.07 -25.00
N PHE O 407 -3.82 -28.62 -24.75
CA PHE O 407 -3.01 -29.25 -25.79
C PHE O 407 -3.68 -30.55 -26.20
N GLU O 408 -4.34 -30.54 -27.35
CA GLU O 408 -5.05 -31.72 -27.83
C GLU O 408 -4.15 -32.70 -28.57
N TRP O 409 -3.11 -33.15 -27.88
CA TRP O 409 -2.15 -34.12 -28.39
C TRP O 409 -1.64 -33.85 -29.80
N ALA O 410 -1.82 -34.81 -30.71
CA ALA O 410 -1.35 -34.66 -32.09
C ALA O 410 -2.04 -33.51 -32.83
N GLU O 411 -3.22 -33.12 -32.36
CA GLU O 411 -3.98 -32.02 -32.97
C GLU O 411 -3.43 -30.66 -32.56
N GLY O 412 -2.54 -30.64 -31.58
CA GLY O 412 -1.99 -29.39 -31.11
C GLY O 412 -3.04 -28.63 -30.32
N TYR O 413 -3.00 -27.31 -30.42
CA TYR O 413 -3.94 -26.46 -29.70
C TYR O 413 -5.19 -26.07 -30.48
N GLY O 414 -5.23 -26.45 -31.77
CA GLY O 414 -6.35 -26.11 -32.63
C GLY O 414 -7.72 -26.60 -32.23
N MET O 415 -7.80 -27.78 -31.62
CA MET O 415 -9.08 -28.35 -31.21
C MET O 415 -9.39 -28.01 -29.75
N ARG O 416 -10.52 -27.37 -29.53
CA ARG O 416 -10.94 -26.94 -28.19
C ARG O 416 -12.04 -27.81 -27.57
N PHE O 417 -11.73 -28.40 -26.41
CA PHE O 417 -12.67 -29.27 -25.70
C PHE O 417 -13.16 -28.71 -24.37
N GLY O 418 -12.60 -27.59 -23.93
CA GLY O 418 -12.96 -27.04 -22.64
C GLY O 418 -14.18 -26.18 -22.44
N LEU O 419 -14.54 -26.02 -21.16
CA LEU O 419 -15.66 -25.20 -20.73
C LEU O 419 -15.15 -23.77 -20.56
N VAL O 420 -13.82 -23.66 -20.40
CA VAL O 420 -13.16 -22.37 -20.22
C VAL O 420 -12.24 -22.14 -21.41
N HIS O 421 -12.44 -21.01 -22.08
CA HIS O 421 -11.61 -20.65 -23.24
C HIS O 421 -10.24 -20.18 -22.81
N VAL O 422 -9.21 -20.70 -23.45
CA VAL O 422 -7.84 -20.31 -23.14
C VAL O 422 -7.19 -19.75 -24.40
N ASP O 423 -6.76 -18.49 -24.32
CA ASP O 423 -6.09 -17.86 -25.44
C ASP O 423 -4.63 -18.24 -25.25
N TYR O 424 -4.12 -19.15 -26.07
CA TYR O 424 -2.75 -19.63 -25.94
C TYR O 424 -1.63 -18.61 -26.11
N ASP O 425 -1.94 -17.47 -26.73
CA ASP O 425 -0.93 -16.44 -26.92
C ASP O 425 -0.81 -15.57 -25.68
N THR O 426 -1.93 -15.28 -25.04
CA THR O 426 -1.97 -14.45 -23.84
C THR O 426 -2.25 -15.24 -22.57
N LEU O 427 -2.54 -16.53 -22.74
CA LEU O 427 -2.86 -17.43 -21.63
C LEU O 427 -4.03 -16.97 -20.77
N VAL O 428 -4.85 -16.07 -21.33
CA VAL O 428 -6.01 -15.55 -20.63
C VAL O 428 -7.14 -16.56 -20.69
N ARG O 429 -7.77 -16.81 -19.54
CA ARG O 429 -8.87 -17.75 -19.45
C ARG O 429 -10.21 -17.04 -19.32
N THR O 430 -11.15 -17.43 -20.18
CA THR O 430 -12.49 -16.83 -20.19
C THR O 430 -13.53 -17.94 -20.16
N PRO O 431 -14.36 -18.00 -19.11
CA PRO O 431 -15.39 -19.03 -19.04
C PRO O 431 -16.38 -18.90 -20.19
N LYS O 432 -16.63 -20.01 -20.88
CA LYS O 432 -17.55 -20.04 -22.00
C LYS O 432 -18.99 -20.13 -21.47
N ASP O 433 -19.96 -20.06 -22.38
CA ASP O 433 -21.36 -20.17 -21.99
C ASP O 433 -21.65 -21.54 -21.41
N SER O 434 -20.95 -22.54 -21.93
CA SER O 434 -21.12 -23.93 -21.48
C SER O 434 -20.72 -24.06 -20.01
N PHE O 435 -19.74 -23.27 -19.59
CA PHE O 435 -19.25 -23.27 -18.22
C PHE O 435 -20.41 -22.91 -17.29
N TYR O 436 -21.04 -21.76 -17.56
CA TYR O 436 -22.15 -21.28 -16.77
C TYR O 436 -23.35 -22.22 -16.86
N TRP O 437 -23.52 -22.86 -18.00
CA TRP O 437 -24.62 -23.80 -18.20
C TRP O 437 -24.41 -25.02 -17.32
N TYR O 438 -23.23 -25.63 -17.43
CA TYR O 438 -22.89 -26.81 -16.65
C TYR O 438 -22.99 -26.50 -15.16
N LYS O 439 -22.59 -25.29 -14.79
CA LYS O 439 -22.63 -24.84 -13.41
C LYS O 439 -24.07 -24.96 -12.90
N GLY O 440 -25.01 -24.50 -13.72
CA GLY O 440 -26.42 -24.53 -13.37
C GLY O 440 -26.95 -25.95 -13.23
N VAL O 441 -26.50 -26.84 -14.11
CA VAL O 441 -26.93 -28.22 -14.08
C VAL O 441 -26.47 -28.87 -12.77
N ILE O 442 -25.23 -28.59 -12.40
CA ILE O 442 -24.65 -29.13 -11.17
C ILE O 442 -25.41 -28.62 -9.96
N SER O 443 -25.74 -27.33 -9.99
CA SER O 443 -26.46 -26.69 -8.89
C SER O 443 -27.86 -27.27 -8.71
N ARG O 444 -28.61 -27.40 -9.80
CA ARG O 444 -29.96 -27.92 -9.76
C ARG O 444 -29.99 -29.41 -9.46
N GLY O 445 -29.14 -30.16 -10.15
CA GLY O 445 -29.09 -31.60 -9.97
C GLY O 445 -30.00 -32.29 -10.97
N TRP O 446 -30.63 -31.48 -11.82
CA TRP O 446 -31.53 -31.98 -12.84
C TRP O 446 -31.41 -31.13 -14.10
N LEU O 447 -32.11 -31.52 -15.16
CA LEU O 447 -32.04 -30.79 -16.40
C LEU O 447 -33.41 -30.64 -17.05
N ASP O 448 -33.81 -29.40 -17.30
CA ASP O 448 -35.10 -29.10 -17.93
C ASP O 448 -34.85 -28.88 -19.42
N LEU O 449 -34.90 -29.97 -20.19
CA LEU O 449 -34.66 -29.92 -21.62
C LEU O 449 -35.71 -30.75 -22.36
N SER P 1 5.79 -29.07 -45.25
CA SER P 1 7.23 -29.44 -45.46
C SER P 1 8.05 -28.82 -44.33
N ILE P 2 8.91 -29.62 -43.71
CA ILE P 2 9.74 -29.15 -42.61
C ILE P 2 11.05 -28.51 -43.03
N HIS P 3 11.17 -27.22 -42.72
CA HIS P 3 12.35 -26.44 -43.03
C HIS P 3 13.14 -26.31 -41.74
N MET P 4 14.21 -27.09 -41.65
CA MET P 4 15.06 -27.13 -40.46
C MET P 4 16.09 -26.03 -40.38
N PHE P 5 16.47 -25.68 -39.15
CA PHE P 5 17.48 -24.67 -38.87
C PHE P 5 18.44 -25.26 -37.84
N PRO P 6 19.75 -24.94 -37.96
CA PRO P 6 20.79 -25.42 -37.05
C PRO P 6 20.45 -25.12 -35.59
N SER P 7 20.88 -26.01 -34.70
CA SER P 7 20.64 -25.87 -33.27
C SER P 7 21.21 -24.56 -32.72
N ASP P 8 22.39 -24.17 -33.23
CA ASP P 8 23.05 -22.95 -32.81
C ASP P 8 22.71 -21.73 -33.66
N PHE P 9 21.57 -21.78 -34.35
CA PHE P 9 21.13 -20.67 -35.20
C PHE P 9 20.76 -19.48 -34.32
N LYS P 10 21.26 -18.31 -34.68
CA LYS P 10 20.99 -17.10 -33.91
C LYS P 10 19.72 -16.38 -34.36
N TRP P 11 18.63 -16.65 -33.65
CA TRP P 11 17.34 -16.02 -33.94
C TRP P 11 17.32 -14.66 -33.26
N GLY P 12 16.92 -13.65 -34.00
CA GLY P 12 16.87 -12.32 -33.42
C GLY P 12 15.90 -11.37 -34.09
N VAL P 13 15.95 -10.11 -33.64
CA VAL P 13 15.09 -9.06 -34.17
C VAL P 13 15.92 -7.78 -34.08
N ALA P 14 15.61 -6.79 -34.91
CA ALA P 14 16.37 -5.55 -34.91
C ALA P 14 15.58 -4.25 -34.88
N THR P 15 16.25 -3.19 -34.43
CA THR P 15 15.68 -1.85 -34.36
C THR P 15 16.79 -0.84 -34.69
N ALA P 16 16.45 0.44 -34.64
CA ALA P 16 17.41 1.51 -34.91
C ALA P 16 17.14 2.66 -33.98
N ALA P 17 18.21 3.26 -33.47
CA ALA P 17 18.15 4.38 -32.53
C ALA P 17 17.10 5.45 -32.80
N TYR P 18 17.29 6.21 -33.87
CA TYR P 18 16.35 7.28 -34.19
C TYR P 18 14.93 6.82 -34.51
N GLN P 19 14.79 5.55 -34.89
CA GLN P 19 13.48 5.02 -35.23
C GLN P 19 12.59 4.67 -34.03
N ILE P 20 13.19 4.33 -32.90
CA ILE P 20 12.41 3.94 -31.73
C ILE P 20 12.65 4.71 -30.42
N GLU P 21 13.89 5.13 -30.19
CA GLU P 21 14.25 5.83 -28.95
C GLU P 21 13.42 7.02 -28.47
N GLY P 22 13.34 8.06 -29.29
CA GLY P 22 12.60 9.24 -28.87
C GLY P 22 13.52 10.03 -27.95
N ALA P 23 12.96 10.95 -27.15
CA ALA P 23 13.74 11.76 -26.23
C ALA P 23 14.96 12.34 -26.95
N TYR P 24 14.70 12.91 -28.13
CA TYR P 24 15.75 13.48 -28.97
C TYR P 24 16.43 14.68 -28.34
N ASN P 25 15.68 15.42 -27.52
CA ASN P 25 16.20 16.61 -26.88
C ASN P 25 16.31 16.43 -25.36
N GLU P 26 16.74 15.25 -24.94
CA GLU P 26 16.86 14.95 -23.52
C GLU P 26 18.24 14.46 -23.13
N ASP P 27 18.55 14.63 -21.85
CA ASP P 27 19.81 14.21 -21.26
C ASP P 27 21.03 14.57 -22.10
N GLY P 28 21.02 15.79 -22.64
CA GLY P 28 22.14 16.28 -23.42
C GLY P 28 22.38 15.67 -24.79
N ARG P 29 21.37 15.08 -25.40
CA ARG P 29 21.54 14.48 -26.72
C ARG P 29 21.64 15.59 -27.77
N GLY P 30 22.62 15.47 -28.66
CA GLY P 30 22.80 16.45 -29.71
C GLY P 30 21.92 16.09 -30.89
N MET P 31 21.65 17.07 -31.74
CA MET P 31 20.82 16.83 -32.92
C MET P 31 21.61 16.05 -33.97
N SER P 32 20.90 15.23 -34.74
CA SER P 32 21.52 14.45 -35.80
C SER P 32 21.00 15.02 -37.11
N ILE P 33 21.53 14.56 -38.23
CA ILE P 33 21.09 15.03 -39.52
C ILE P 33 19.61 14.69 -39.74
N TRP P 34 19.15 13.63 -39.08
CA TRP P 34 17.76 13.20 -39.19
C TRP P 34 16.80 14.06 -38.38
N ASP P 35 17.28 14.60 -37.26
CA ASP P 35 16.44 15.47 -36.44
C ASP P 35 16.19 16.71 -37.29
N THR P 36 17.25 17.19 -37.90
CA THR P 36 17.21 18.36 -38.77
C THR P 36 16.30 18.11 -39.97
N PHE P 37 16.56 17.01 -40.66
CA PHE P 37 15.81 16.61 -41.85
C PHE P 37 14.31 16.50 -41.56
N ALA P 38 13.98 15.73 -40.52
CA ALA P 38 12.60 15.51 -40.12
C ALA P 38 11.89 16.80 -39.73
N HIS P 39 12.65 17.72 -39.12
CA HIS P 39 12.09 19.01 -38.70
C HIS P 39 11.90 19.97 -39.88
N THR P 40 12.53 19.65 -41.01
CA THR P 40 12.42 20.48 -42.20
C THR P 40 11.11 20.19 -42.93
N PRO P 41 10.26 21.22 -43.10
CA PRO P 41 8.98 21.08 -43.77
C PRO P 41 9.11 20.47 -45.15
N GLY P 42 8.29 19.45 -45.41
CA GLY P 42 8.29 18.79 -46.71
C GLY P 42 9.29 17.66 -46.89
N LYS P 43 10.16 17.44 -45.91
CA LYS P 43 11.14 16.36 -46.01
C LYS P 43 10.59 15.00 -45.61
N VAL P 44 9.73 14.99 -44.60
CA VAL P 44 9.12 13.74 -44.14
C VAL P 44 7.61 13.81 -44.28
N LYS P 45 7.01 12.69 -44.63
CA LYS P 45 5.57 12.60 -44.82
C LYS P 45 4.80 13.03 -43.58
N ASN P 46 3.85 13.94 -43.78
CA ASN P 46 2.99 14.49 -42.72
C ASN P 46 3.74 15.36 -41.71
N GLY P 47 5.05 15.49 -41.90
CA GLY P 47 5.85 16.30 -40.99
C GLY P 47 6.22 15.52 -39.75
N ASP P 48 6.26 14.20 -39.87
CA ASP P 48 6.61 13.31 -38.76
C ASP P 48 8.09 13.40 -38.44
N ASN P 49 8.44 13.07 -37.20
CA ASN P 49 9.82 13.10 -36.75
C ASN P 49 10.03 12.13 -35.59
N GLY P 50 11.29 11.80 -35.33
CA GLY P 50 11.60 10.87 -34.26
C GLY P 50 11.73 11.50 -32.89
N ASN P 51 11.02 12.60 -32.66
CA ASN P 51 11.06 13.29 -31.36
C ASN P 51 10.67 12.34 -30.24
N VAL P 52 9.57 11.62 -30.42
CA VAL P 52 9.08 10.68 -29.42
C VAL P 52 9.20 9.24 -29.91
N ALA P 53 8.82 9.01 -31.16
CA ALA P 53 8.89 7.67 -31.77
C ALA P 53 8.15 6.64 -30.91
N CYS P 54 8.87 5.66 -30.37
CA CYS P 54 8.26 4.63 -29.53
C CYS P 54 8.60 4.87 -28.07
N ASP P 55 9.37 5.93 -27.81
CA ASP P 55 9.77 6.33 -26.47
C ASP P 55 10.59 5.24 -25.77
N SER P 56 11.30 4.44 -26.55
CA SER P 56 12.12 3.35 -26.00
C SER P 56 13.23 3.83 -25.08
N TYR P 57 13.54 5.11 -25.12
CA TYR P 57 14.58 5.69 -24.26
C TYR P 57 14.13 5.61 -22.80
N HIS P 58 12.82 5.70 -22.61
CA HIS P 58 12.23 5.66 -21.27
C HIS P 58 11.55 4.32 -21.00
N ARG P 59 11.69 3.38 -21.94
CA ARG P 59 11.05 2.09 -21.80
C ARG P 59 11.98 0.89 -22.03
N VAL P 60 13.14 0.92 -21.37
CA VAL P 60 14.12 -0.16 -21.48
C VAL P 60 13.50 -1.47 -21.03
N GLU P 61 12.81 -1.41 -19.89
CA GLU P 61 12.17 -2.58 -19.30
C GLU P 61 11.15 -3.18 -20.25
N GLU P 62 10.33 -2.31 -20.86
CA GLU P 62 9.30 -2.76 -21.79
C GLU P 62 9.90 -3.40 -23.05
N ASP P 63 10.98 -2.80 -23.56
CA ASP P 63 11.66 -3.32 -24.74
C ASP P 63 12.16 -4.73 -24.47
N VAL P 64 12.93 -4.87 -23.40
CA VAL P 64 13.49 -6.16 -23.02
C VAL P 64 12.42 -7.21 -22.74
N GLN P 65 11.29 -6.77 -22.20
CA GLN P 65 10.21 -7.69 -21.90
C GLN P 65 9.67 -8.30 -23.19
N LEU P 66 9.51 -7.45 -24.22
CA LEU P 66 9.03 -7.92 -25.52
C LEU P 66 10.04 -8.92 -26.07
N LEU P 67 11.32 -8.61 -25.89
CA LEU P 67 12.40 -9.45 -26.36
C LEU P 67 12.43 -10.83 -25.71
N LYS P 68 12.24 -10.88 -24.40
CA LYS P 68 12.24 -12.18 -23.73
C LYS P 68 10.95 -12.95 -23.98
N ASP P 69 9.88 -12.21 -24.26
CA ASP P 69 8.59 -12.85 -24.56
C ASP P 69 8.70 -13.49 -25.94
N LEU P 70 9.41 -12.83 -26.85
CA LEU P 70 9.59 -13.33 -28.20
C LEU P 70 10.52 -14.54 -28.22
N GLY P 71 11.36 -14.65 -27.19
CA GLY P 71 12.29 -15.77 -27.10
C GLY P 71 13.52 -15.58 -27.95
N VAL P 72 13.75 -14.33 -28.35
CA VAL P 72 14.89 -13.96 -29.18
C VAL P 72 16.23 -14.23 -28.47
N LYS P 73 17.20 -14.73 -29.23
CA LYS P 73 18.53 -15.03 -28.69
C LYS P 73 19.50 -13.89 -28.96
N VAL P 74 19.18 -13.06 -29.96
CA VAL P 74 20.03 -11.94 -30.33
C VAL P 74 19.17 -10.71 -30.58
N TYR P 75 19.64 -9.54 -30.14
CA TYR P 75 18.92 -8.30 -30.34
C TYR P 75 19.85 -7.30 -30.99
N ARG P 76 19.50 -6.86 -32.20
CA ARG P 76 20.32 -5.89 -32.90
C ARG P 76 19.74 -4.49 -32.74
N PHE P 77 20.55 -3.58 -32.23
CA PHE P 77 20.15 -2.19 -32.03
C PHE P 77 21.32 -1.31 -32.41
N SER P 78 21.09 0.00 -32.50
CA SER P 78 22.17 0.91 -32.85
C SER P 78 22.39 1.98 -31.78
N ILE P 79 23.59 2.55 -31.78
CA ILE P 79 23.95 3.58 -30.83
C ILE P 79 23.75 4.94 -31.49
N SER P 80 23.06 5.85 -30.81
CA SER P 80 22.84 7.18 -31.33
C SER P 80 24.11 7.98 -31.06
N TRP P 81 24.89 8.20 -32.12
CA TRP P 81 26.15 8.94 -32.02
C TRP P 81 26.00 10.27 -31.26
N PRO P 82 25.01 11.10 -31.63
CA PRO P 82 24.81 12.38 -30.94
C PRO P 82 24.44 12.26 -29.47
N ARG P 83 24.02 11.06 -29.05
CA ARG P 83 23.64 10.86 -27.66
C ARG P 83 24.84 10.58 -26.76
N VAL P 84 25.94 10.07 -27.34
CA VAL P 84 27.14 9.79 -26.57
C VAL P 84 28.21 10.86 -26.79
N LEU P 85 28.17 11.49 -27.96
CA LEU P 85 29.09 12.55 -28.33
C LEU P 85 28.23 13.56 -29.10
N PRO P 86 27.56 14.46 -28.36
CA PRO P 86 26.66 15.49 -28.91
C PRO P 86 27.24 16.30 -30.08
N GLN P 87 28.54 16.53 -30.05
CA GLN P 87 29.21 17.29 -31.11
C GLN P 87 29.92 16.36 -32.09
N GLY P 88 29.74 15.06 -31.89
CA GLY P 88 30.36 14.07 -32.76
C GLY P 88 31.75 13.73 -32.29
N THR P 89 32.35 14.67 -31.55
CA THR P 89 33.69 14.50 -31.02
C THR P 89 33.86 15.36 -29.78
N GLY P 90 34.83 15.01 -28.96
CA GLY P 90 35.10 15.78 -27.74
C GLY P 90 34.33 15.35 -26.51
N GLU P 91 33.53 16.27 -25.98
CA GLU P 91 32.74 16.04 -24.78
C GLU P 91 31.86 14.80 -24.84
N VAL P 92 32.07 13.90 -23.88
CA VAL P 92 31.31 12.66 -23.78
C VAL P 92 30.08 12.84 -22.89
N ASN P 93 28.91 12.53 -23.44
CA ASN P 93 27.66 12.64 -22.70
C ASN P 93 27.40 11.32 -21.98
N ARG P 94 27.82 11.25 -20.72
CA ARG P 94 27.65 10.04 -19.92
C ARG P 94 26.20 9.59 -19.73
N ALA P 95 25.27 10.55 -19.76
CA ALA P 95 23.86 10.23 -19.60
C ALA P 95 23.41 9.31 -20.73
N GLY P 96 23.95 9.55 -21.93
CA GLY P 96 23.61 8.74 -23.09
C GLY P 96 24.17 7.34 -22.94
N LEU P 97 25.45 7.26 -22.57
CA LEU P 97 26.12 5.98 -22.38
C LEU P 97 25.44 5.16 -21.29
N ASP P 98 24.89 5.85 -20.29
CA ASP P 98 24.21 5.19 -19.18
C ASP P 98 23.02 4.39 -19.72
N TYR P 99 22.29 4.99 -20.66
CA TYR P 99 21.13 4.34 -21.26
C TYR P 99 21.54 3.04 -21.95
N TYR P 100 22.56 3.11 -22.80
CA TYR P 100 23.02 1.94 -23.52
C TYR P 100 23.56 0.86 -22.59
N HIS P 101 24.17 1.28 -21.49
CA HIS P 101 24.69 0.32 -20.52
C HIS P 101 23.53 -0.37 -19.82
N ARG P 102 22.49 0.40 -19.51
CA ARG P 102 21.31 -0.12 -18.84
C ARG P 102 20.60 -1.13 -19.74
N LEU P 103 20.52 -0.81 -21.03
CA LEU P 103 19.89 -1.66 -22.02
C LEU P 103 20.67 -2.96 -22.15
N VAL P 104 21.97 -2.84 -22.41
CA VAL P 104 22.84 -3.99 -22.57
C VAL P 104 22.83 -4.89 -21.33
N ASP P 105 22.80 -4.29 -20.15
CA ASP P 105 22.78 -5.04 -18.91
C ASP P 105 21.51 -5.87 -18.81
N GLU P 106 20.39 -5.27 -19.17
CA GLU P 106 19.11 -5.96 -19.14
C GLU P 106 19.11 -7.12 -20.12
N LEU P 107 19.65 -6.87 -21.31
CA LEU P 107 19.72 -7.91 -22.34
C LEU P 107 20.51 -9.09 -21.80
N LEU P 108 21.72 -8.82 -21.34
CA LEU P 108 22.60 -9.85 -20.78
C LEU P 108 21.94 -10.59 -19.62
N ALA P 109 21.24 -9.85 -18.78
CA ALA P 109 20.56 -10.42 -17.62
C ALA P 109 19.46 -11.39 -18.02
N ASN P 110 18.94 -11.24 -19.23
CA ASN P 110 17.87 -12.12 -19.72
C ASN P 110 18.32 -13.08 -20.81
N GLY P 111 19.63 -13.27 -20.92
CA GLY P 111 20.19 -14.19 -21.89
C GLY P 111 20.07 -13.77 -23.35
N ILE P 112 19.99 -12.47 -23.59
CA ILE P 112 19.88 -11.94 -24.95
C ILE P 112 21.21 -11.34 -25.37
N GLU P 113 21.77 -11.87 -26.46
CA GLU P 113 23.05 -11.41 -26.99
C GLU P 113 22.91 -10.10 -27.74
N PRO P 114 23.63 -9.05 -27.31
CA PRO P 114 23.59 -7.73 -27.96
C PRO P 114 24.34 -7.73 -29.28
N PHE P 115 23.72 -7.14 -30.30
CA PHE P 115 24.32 -7.03 -31.61
C PHE P 115 24.29 -5.53 -31.86
N CYS P 116 25.37 -4.85 -31.50
CA CYS P 116 25.45 -3.41 -31.62
C CYS P 116 25.84 -2.88 -32.99
N THR P 117 25.10 -1.87 -33.43
CA THR P 117 25.33 -1.22 -34.71
C THR P 117 25.78 0.21 -34.40
N LEU P 118 27.04 0.51 -34.69
CA LEU P 118 27.61 1.82 -34.44
C LEU P 118 26.92 2.96 -35.17
N TYR P 119 26.79 2.81 -36.49
CA TYR P 119 26.18 3.88 -37.28
C TYR P 119 24.96 3.46 -38.08
N HIS P 120 23.83 4.10 -37.79
CA HIS P 120 22.60 3.83 -38.50
C HIS P 120 21.98 5.14 -38.99
N TRP P 121 22.77 5.89 -39.76
CA TRP P 121 22.37 7.15 -40.39
C TRP P 121 22.23 8.42 -39.54
N ASP P 122 22.27 8.30 -38.22
CA ASP P 122 22.14 9.47 -37.34
C ASP P 122 23.42 10.26 -37.06
N LEU P 123 24.04 10.78 -38.12
CA LEU P 123 25.27 11.56 -38.00
C LEU P 123 25.00 12.86 -37.22
N PRO P 124 25.87 13.20 -36.26
CA PRO P 124 25.71 14.42 -35.46
C PRO P 124 25.71 15.63 -36.37
N GLN P 125 24.72 16.51 -36.19
CA GLN P 125 24.60 17.71 -37.00
C GLN P 125 25.88 18.55 -36.98
N ALA P 126 26.56 18.55 -35.84
CA ALA P 126 27.80 19.30 -35.69
C ALA P 126 28.83 18.90 -36.75
N LEU P 127 28.91 17.60 -37.02
CA LEU P 127 29.84 17.09 -38.02
C LEU P 127 29.34 17.41 -39.43
N GLN P 128 28.02 17.40 -39.59
CA GLN P 128 27.40 17.70 -40.88
C GLN P 128 27.69 19.15 -41.25
N ASP P 129 27.74 20.02 -40.25
CA ASP P 129 28.01 21.43 -40.47
C ASP P 129 29.43 21.61 -41.00
N GLN P 130 30.29 20.64 -40.71
CA GLN P 130 31.68 20.67 -41.16
C GLN P 130 31.84 19.93 -42.49
N GLY P 131 30.72 19.57 -43.11
CA GLY P 131 30.77 18.86 -44.38
C GLY P 131 30.22 17.43 -44.31
N GLY P 132 30.01 16.95 -43.09
CA GLY P 132 29.49 15.60 -42.91
C GLY P 132 30.43 14.56 -43.51
N TRP P 133 29.86 13.49 -44.03
CA TRP P 133 30.65 12.42 -44.63
C TRP P 133 31.37 12.83 -45.90
N GLY P 134 31.18 14.08 -46.32
CA GLY P 134 31.85 14.57 -47.51
C GLY P 134 33.27 15.00 -47.15
N SER P 135 33.50 15.23 -45.87
CA SER P 135 34.79 15.64 -45.35
C SER P 135 35.50 14.49 -44.65
N ARG P 136 36.82 14.39 -44.85
CA ARG P 136 37.62 13.34 -44.23
C ARG P 136 37.71 13.50 -42.72
N ILE P 137 37.36 14.69 -42.24
CA ILE P 137 37.38 15.00 -40.80
C ILE P 137 36.44 14.06 -40.06
N THR P 138 35.32 13.74 -40.70
CA THR P 138 34.33 12.85 -40.12
C THR P 138 34.87 11.44 -39.92
N ILE P 139 35.84 11.06 -40.75
CA ILE P 139 36.46 9.74 -40.64
C ILE P 139 37.14 9.64 -39.27
N ASP P 140 37.80 10.74 -38.88
CA ASP P 140 38.49 10.82 -37.60
C ASP P 140 37.47 10.73 -36.48
N ALA P 141 36.40 11.52 -36.61
CA ALA P 141 35.33 11.56 -35.63
C ALA P 141 34.73 10.17 -35.39
N PHE P 142 34.54 9.41 -36.47
CA PHE P 142 33.98 8.07 -36.35
C PHE P 142 34.95 7.13 -35.65
N ALA P 143 36.24 7.31 -35.93
CA ALA P 143 37.27 6.49 -35.32
C ALA P 143 37.27 6.72 -33.81
N GLU P 144 37.08 7.98 -33.41
CA GLU P 144 37.04 8.36 -32.01
C GLU P 144 35.80 7.75 -31.37
N TYR P 145 34.69 7.86 -32.09
CA TYR P 145 33.39 7.35 -31.67
C TYR P 145 33.45 5.84 -31.48
N ALA P 146 33.99 5.14 -32.47
CA ALA P 146 34.10 3.69 -32.44
C ALA P 146 34.92 3.24 -31.24
N GLU P 147 36.09 3.87 -31.06
CA GLU P 147 36.97 3.54 -29.95
C GLU P 147 36.26 3.72 -28.61
N LEU P 148 35.50 4.79 -28.49
CA LEU P 148 34.75 5.07 -27.27
C LEU P 148 33.78 3.95 -26.95
N MET P 149 32.97 3.58 -27.93
CA MET P 149 31.99 2.52 -27.72
C MET P 149 32.64 1.17 -27.46
N PHE P 150 33.76 0.90 -28.13
CA PHE P 150 34.48 -0.35 -27.95
C PHE P 150 34.98 -0.47 -26.52
N LYS P 151 35.44 0.65 -25.96
CA LYS P 151 35.93 0.68 -24.60
C LYS P 151 34.80 0.63 -23.58
N GLU P 152 33.70 1.31 -23.90
CA GLU P 152 32.54 1.35 -23.01
C GLU P 152 31.76 0.05 -22.96
N LEU P 153 31.21 -0.37 -24.09
CA LEU P 153 30.41 -1.58 -24.17
C LEU P 153 31.12 -2.82 -24.71
N GLY P 154 32.38 -2.66 -25.13
CA GLY P 154 33.14 -3.78 -25.66
C GLY P 154 33.25 -5.01 -24.80
N GLY P 155 33.12 -4.83 -23.49
CA GLY P 155 33.22 -5.97 -22.58
C GLY P 155 31.94 -6.77 -22.47
N LYS P 156 30.82 -6.16 -22.88
CA LYS P 156 29.52 -6.81 -22.83
C LYS P 156 29.01 -7.21 -24.21
N ILE P 157 29.41 -6.44 -25.22
CA ILE P 157 29.00 -6.69 -26.59
C ILE P 157 30.09 -7.39 -27.41
N LYS P 158 29.73 -8.52 -28.01
CA LYS P 158 30.66 -9.31 -28.81
C LYS P 158 30.21 -9.40 -30.28
N GLN P 159 29.26 -8.56 -30.66
CA GLN P 159 28.72 -8.52 -32.02
C GLN P 159 28.66 -7.06 -32.44
N TRP P 160 29.55 -6.65 -33.34
CA TRP P 160 29.57 -5.27 -33.79
C TRP P 160 29.42 -5.07 -35.29
N ILE P 161 28.67 -4.03 -35.65
CA ILE P 161 28.44 -3.67 -37.04
C ILE P 161 28.82 -2.20 -37.13
N THR P 162 29.73 -1.88 -38.04
CA THR P 162 30.17 -0.50 -38.21
C THR P 162 29.08 0.36 -38.83
N PHE P 163 28.76 0.08 -40.09
CA PHE P 163 27.74 0.84 -40.81
C PHE P 163 26.61 -0.06 -41.30
N ASN P 164 25.38 0.44 -41.18
CA ASN P 164 24.22 -0.29 -41.62
C ASN P 164 23.70 0.33 -42.91
N GLU P 165 23.61 -0.48 -43.96
CA GLU P 165 23.13 -0.05 -45.27
C GLU P 165 23.86 1.18 -45.80
N PRO P 166 25.15 1.03 -46.15
CA PRO P 166 26.00 2.08 -46.68
C PRO P 166 25.41 2.80 -47.89
N TRP P 167 24.77 2.05 -48.78
CA TRP P 167 24.17 2.64 -49.97
C TRP P 167 23.09 3.65 -49.61
N CYS P 168 22.26 3.31 -48.63
CA CYS P 168 21.19 4.20 -48.21
C CYS P 168 21.72 5.51 -47.63
N MET P 169 22.69 5.41 -46.73
CA MET P 169 23.27 6.62 -46.13
C MET P 169 24.13 7.43 -47.09
N ALA P 170 24.60 6.77 -48.15
CA ALA P 170 25.43 7.44 -49.16
C ALA P 170 24.66 7.92 -50.37
N PHE P 171 24.18 7.00 -51.20
CA PHE P 171 23.45 7.33 -52.41
C PHE P 171 22.02 7.84 -52.24
N LEU P 172 21.21 7.15 -51.46
CA LEU P 172 19.82 7.59 -51.25
C LEU P 172 19.78 8.93 -50.52
N SER P 173 20.82 9.21 -49.75
CA SER P 173 20.90 10.44 -48.98
C SER P 173 21.58 11.61 -49.70
N ASN P 174 22.69 11.33 -50.37
CA ASN P 174 23.44 12.38 -51.06
C ASN P 174 23.34 12.41 -52.57
N TYR P 175 22.72 11.41 -53.16
CA TYR P 175 22.55 11.34 -54.60
C TYR P 175 21.09 11.52 -55.01
N LEU P 176 20.20 10.80 -54.35
CA LEU P 176 18.77 10.88 -54.65
C LEU P 176 18.05 11.91 -53.79
N GLY P 177 18.69 12.34 -52.71
CA GLY P 177 18.12 13.34 -51.83
C GLY P 177 16.84 12.96 -51.10
N VAL P 178 16.62 11.66 -50.94
CA VAL P 178 15.42 11.18 -50.25
C VAL P 178 15.65 11.08 -48.74
N HIS P 179 16.90 10.81 -48.35
CA HIS P 179 17.24 10.69 -46.94
C HIS P 179 18.23 11.79 -46.54
N ALA P 180 18.33 12.05 -45.24
CA ALA P 180 19.24 13.07 -44.71
C ALA P 180 20.68 12.76 -45.11
N PRO P 181 21.47 13.80 -45.46
CA PRO P 181 21.18 15.24 -45.52
C PRO P 181 20.18 15.68 -46.60
N GLY P 182 20.06 14.88 -47.65
CA GLY P 182 19.13 15.21 -48.73
C GLY P 182 19.79 15.92 -49.89
N ASN P 183 20.98 15.47 -50.26
CA ASN P 183 21.72 16.07 -51.38
C ASN P 183 21.49 15.28 -52.66
N LYS P 184 21.78 15.92 -53.79
CA LYS P 184 21.64 15.30 -55.10
C LYS P 184 22.93 15.54 -55.89
N ASP P 185 23.94 14.73 -55.59
CA ASP P 185 25.25 14.82 -56.21
C ASP P 185 25.86 13.42 -56.22
N LEU P 186 26.02 12.85 -57.41
CA LEU P 186 26.58 11.51 -57.54
C LEU P 186 27.99 11.44 -56.97
N GLN P 187 28.83 12.40 -57.33
CA GLN P 187 30.21 12.43 -56.85
C GLN P 187 30.25 12.49 -55.32
N LEU P 188 29.41 13.32 -54.73
CA LEU P 188 29.36 13.46 -53.28
C LEU P 188 28.99 12.11 -52.65
N ALA P 189 28.05 11.42 -53.27
CA ALA P 189 27.60 10.13 -52.79
C ALA P 189 28.77 9.14 -52.84
N ILE P 190 29.59 9.27 -53.88
CA ILE P 190 30.76 8.40 -54.05
C ILE P 190 31.82 8.78 -53.02
N ASP P 191 31.90 10.07 -52.68
CA ASP P 191 32.87 10.55 -51.70
C ASP P 191 32.48 9.95 -50.34
N VAL P 192 31.20 10.08 -50.01
CA VAL P 192 30.67 9.56 -48.75
C VAL P 192 30.92 8.06 -48.64
N SER P 193 30.67 7.35 -49.73
CA SER P 193 30.88 5.90 -49.77
C SER P 193 32.32 5.55 -49.44
N HIS P 194 33.25 6.35 -49.97
CA HIS P 194 34.67 6.12 -49.73
C HIS P 194 35.06 6.42 -48.29
N HIS P 195 34.62 7.57 -47.79
CA HIS P 195 34.93 7.99 -46.43
C HIS P 195 34.37 7.08 -45.36
N LEU P 196 33.17 6.54 -45.58
CA LEU P 196 32.55 5.64 -44.61
C LEU P 196 33.34 4.33 -44.57
N LEU P 197 33.84 3.91 -45.73
CA LEU P 197 34.63 2.69 -45.83
C LEU P 197 35.95 2.82 -45.09
N VAL P 198 36.57 4.00 -45.20
CA VAL P 198 37.84 4.27 -44.52
C VAL P 198 37.56 4.27 -43.02
N ALA P 199 36.47 4.92 -42.63
CA ALA P 199 36.07 5.00 -41.23
C ALA P 199 35.84 3.59 -40.71
N HIS P 200 35.26 2.75 -41.55
CA HIS P 200 34.98 1.35 -41.21
C HIS P 200 36.28 0.61 -40.98
N GLY P 201 37.20 0.74 -41.94
CA GLY P 201 38.48 0.06 -41.85
C GLY P 201 39.23 0.43 -40.59
N ARG P 202 39.23 1.72 -40.27
CA ARG P 202 39.90 2.21 -39.08
C ARG P 202 39.24 1.67 -37.83
N ALA P 203 37.91 1.55 -37.85
CA ALA P 203 37.16 1.02 -36.72
C ALA P 203 37.49 -0.44 -36.50
N VAL P 204 37.64 -1.19 -37.59
CA VAL P 204 37.97 -2.61 -37.51
C VAL P 204 39.35 -2.76 -36.88
N THR P 205 40.29 -1.94 -37.34
CA THR P 205 41.65 -1.97 -36.82
C THR P 205 41.65 -1.72 -35.32
N LEU P 206 40.89 -0.71 -34.89
CA LEU P 206 40.79 -0.37 -33.47
C LEU P 206 40.23 -1.56 -32.69
N PHE P 207 39.21 -2.19 -33.25
CA PHE P 207 38.58 -3.34 -32.62
C PHE P 207 39.61 -4.43 -32.35
N ARG P 208 40.49 -4.65 -33.33
CA ARG P 208 41.54 -5.66 -33.22
C ARG P 208 42.59 -5.25 -32.19
N GLU P 209 43.04 -4.00 -32.28
CA GLU P 209 44.06 -3.47 -31.38
C GLU P 209 43.63 -3.48 -29.92
N LEU P 210 42.35 -3.16 -29.67
CA LEU P 210 41.82 -3.14 -28.32
C LEU P 210 41.70 -4.54 -27.73
N GLY P 211 41.95 -5.55 -28.56
CA GLY P 211 41.89 -6.93 -28.13
C GLY P 211 40.54 -7.40 -27.62
N ILE P 212 39.51 -6.61 -27.89
CA ILE P 212 38.16 -6.97 -27.45
C ILE P 212 37.64 -8.17 -28.24
N SER P 213 37.32 -9.23 -27.53
CA SER P 213 36.81 -10.45 -28.15
C SER P 213 35.45 -10.21 -28.78
N GLY P 214 35.16 -10.97 -29.83
CA GLY P 214 33.89 -10.82 -30.51
C GLY P 214 34.02 -10.78 -32.02
N GLU P 215 32.95 -10.33 -32.66
CA GLU P 215 32.91 -10.23 -34.12
C GLU P 215 32.58 -8.81 -34.54
N ILE P 216 33.02 -8.44 -35.73
CA ILE P 216 32.76 -7.13 -36.29
C ILE P 216 32.61 -7.24 -37.80
N GLY P 217 31.62 -6.54 -38.34
CA GLY P 217 31.38 -6.59 -39.77
C GLY P 217 30.63 -5.36 -40.24
N ILE P 218 30.07 -5.46 -41.45
CA ILE P 218 29.31 -4.38 -42.04
C ILE P 218 28.04 -4.99 -42.63
N ALA P 219 26.96 -4.21 -42.66
CA ALA P 219 25.68 -4.73 -43.17
C ALA P 219 25.15 -4.02 -44.41
N PRO P 220 25.55 -4.49 -45.60
CA PRO P 220 25.07 -3.87 -46.84
C PRO P 220 23.67 -4.33 -47.20
N ASN P 221 22.92 -3.46 -47.88
CA ASN P 221 21.58 -3.78 -48.33
C ASN P 221 21.69 -4.04 -49.83
N THR P 222 22.58 -4.98 -50.17
CA THR P 222 22.85 -5.37 -51.55
C THR P 222 21.57 -5.61 -52.35
N SER P 223 21.23 -4.65 -53.20
CA SER P 223 20.04 -4.73 -54.03
C SER P 223 20.20 -5.85 -55.06
N TRP P 224 19.18 -6.68 -55.18
CA TRP P 224 19.23 -7.80 -56.13
C TRP P 224 18.39 -7.56 -57.38
N ALA P 225 18.86 -8.07 -58.50
CA ALA P 225 18.16 -7.93 -59.78
C ALA P 225 18.33 -9.18 -60.62
N VAL P 226 17.23 -9.61 -61.24
CA VAL P 226 17.19 -10.79 -62.08
C VAL P 226 17.18 -10.37 -63.54
N PRO P 227 18.00 -11.03 -64.38
CA PRO P 227 18.08 -10.71 -65.81
C PRO P 227 16.76 -10.98 -66.53
N TYR P 228 16.24 -9.95 -67.18
CA TYR P 228 14.99 -10.06 -67.93
C TYR P 228 15.22 -11.08 -69.04
N ARG P 229 16.26 -10.83 -69.83
CA ARG P 229 16.62 -11.71 -70.94
C ARG P 229 17.97 -12.32 -70.64
N ARG P 230 18.22 -13.52 -71.17
CA ARG P 230 19.49 -14.19 -70.97
C ARG P 230 20.50 -13.58 -71.94
N THR P 231 20.78 -12.30 -71.76
CA THR P 231 21.69 -11.55 -72.60
C THR P 231 22.82 -11.02 -71.73
N LYS P 232 24.02 -10.91 -72.31
CA LYS P 232 25.17 -10.41 -71.57
C LYS P 232 24.89 -9.00 -71.04
N GLU P 233 24.31 -8.15 -71.87
CA GLU P 233 24.00 -6.78 -71.48
C GLU P 233 23.01 -6.70 -70.32
N ASP P 234 22.07 -7.65 -70.26
CA ASP P 234 21.09 -7.68 -69.18
C ASP P 234 21.71 -8.18 -67.89
N MET P 235 22.57 -9.19 -68.01
CA MET P 235 23.25 -9.76 -66.85
C MET P 235 24.18 -8.74 -66.22
N GLU P 236 24.83 -7.94 -67.07
CA GLU P 236 25.73 -6.89 -66.61
C GLU P 236 24.93 -5.76 -65.98
N ALA P 237 23.75 -5.49 -66.55
CA ALA P 237 22.86 -4.46 -66.05
C ALA P 237 22.41 -4.83 -64.64
N CYS P 238 22.26 -6.13 -64.42
CA CYS P 238 21.85 -6.64 -63.12
C CYS P 238 23.03 -6.66 -62.15
N LEU P 239 24.22 -6.89 -62.68
CA LEU P 239 25.43 -6.93 -61.86
C LEU P 239 25.70 -5.55 -61.27
N ARG P 240 25.39 -4.51 -62.04
CA ARG P 240 25.59 -3.14 -61.58
C ARG P 240 24.64 -2.78 -60.44
N VAL P 241 23.48 -3.44 -60.40
CA VAL P 241 22.50 -3.19 -59.36
C VAL P 241 23.04 -3.63 -58.00
N ASN P 242 23.56 -4.86 -57.94
CA ASN P 242 24.13 -5.36 -56.68
C ASN P 242 25.52 -4.80 -56.51
N GLY P 243 26.10 -4.33 -57.61
CA GLY P 243 27.44 -3.79 -57.60
C GLY P 243 27.56 -2.43 -56.94
N TRP P 244 26.67 -1.51 -57.25
CA TRP P 244 26.74 -0.17 -56.66
C TRP P 244 26.16 -0.05 -55.27
N SER P 245 25.50 -1.12 -54.81
CA SER P 245 24.88 -1.12 -53.49
C SER P 245 25.58 -2.03 -52.49
N GLY P 246 26.21 -3.10 -52.99
CA GLY P 246 26.89 -4.04 -52.10
C GLY P 246 28.34 -4.29 -52.43
N ASP P 247 28.63 -4.67 -53.67
CA ASP P 247 29.99 -4.95 -54.12
C ASP P 247 30.92 -3.76 -53.93
N TRP P 248 30.37 -2.56 -54.12
CA TRP P 248 31.13 -1.32 -54.00
C TRP P 248 31.73 -1.15 -52.61
N TYR P 249 31.13 -1.79 -51.61
CA TYR P 249 31.61 -1.69 -50.24
C TYR P 249 32.34 -2.94 -49.76
N LEU P 250 31.85 -4.10 -50.18
CA LEU P 250 32.46 -5.37 -49.78
C LEU P 250 33.79 -5.67 -50.46
N ASP P 251 33.93 -5.25 -51.72
CA ASP P 251 35.17 -5.50 -52.44
C ASP P 251 36.40 -4.80 -51.85
N PRO P 252 36.28 -3.51 -51.48
CA PRO P 252 37.45 -2.83 -50.90
C PRO P 252 37.87 -3.49 -49.59
N ILE P 253 36.90 -4.07 -48.89
CA ILE P 253 37.13 -4.74 -47.61
C ILE P 253 37.76 -6.12 -47.78
N TYR P 254 37.22 -6.92 -48.70
CA TYR P 254 37.71 -8.27 -48.94
C TYR P 254 38.88 -8.40 -49.91
N PHE P 255 38.92 -7.52 -50.91
CA PHE P 255 39.97 -7.58 -51.92
C PHE P 255 40.88 -6.36 -51.96
N GLY P 256 40.51 -5.31 -51.23
CA GLY P 256 41.32 -4.11 -51.19
C GLY P 256 41.22 -3.26 -52.44
N GLU P 257 40.10 -3.38 -53.15
CA GLU P 257 39.89 -2.61 -54.36
C GLU P 257 38.40 -2.54 -54.69
N TYR P 258 37.99 -1.42 -55.26
CA TYR P 258 36.60 -1.24 -55.66
C TYR P 258 36.35 -2.17 -56.84
N PRO P 259 35.10 -2.63 -57.01
CA PRO P 259 34.78 -3.53 -58.12
C PRO P 259 35.10 -2.87 -59.46
N LYS P 260 35.95 -3.52 -60.24
CA LYS P 260 36.38 -3.01 -61.53
C LYS P 260 35.26 -2.52 -62.44
N PHE P 261 34.24 -3.36 -62.66
CA PHE P 261 33.13 -2.98 -63.52
C PHE P 261 32.43 -1.71 -63.09
N MET P 262 32.36 -1.48 -61.77
CA MET P 262 31.73 -0.27 -61.27
C MET P 262 32.63 0.93 -61.46
N LEU P 263 33.93 0.73 -61.24
CA LEU P 263 34.91 1.80 -61.40
C LEU P 263 34.84 2.33 -62.83
N ASP P 264 34.85 1.40 -63.78
CA ASP P 264 34.80 1.75 -65.20
C ASP P 264 33.50 2.48 -65.55
N TRP P 265 32.40 2.03 -64.96
CA TRP P 265 31.10 2.63 -65.21
C TRP P 265 31.08 4.08 -64.76
N TYR P 266 31.54 4.32 -63.53
CA TYR P 266 31.57 5.67 -62.99
C TYR P 266 32.59 6.53 -63.72
N GLU P 267 33.74 5.93 -64.04
CA GLU P 267 34.82 6.63 -64.74
C GLU P 267 34.34 7.17 -66.08
N ASN P 268 33.58 6.36 -66.81
CA ASN P 268 33.05 6.76 -68.11
C ASN P 268 32.10 7.93 -67.96
N LEU P 269 31.50 8.06 -66.77
CA LEU P 269 30.57 9.14 -66.49
C LEU P 269 31.31 10.33 -65.89
N GLY P 270 32.59 10.14 -65.58
CA GLY P 270 33.40 11.20 -65.01
C GLY P 270 33.36 11.24 -63.49
N TYR P 271 33.29 10.06 -62.88
CA TYR P 271 33.24 9.96 -61.43
C TYR P 271 34.26 8.97 -60.92
N LYS P 272 34.92 9.33 -59.82
CA LYS P 272 35.95 8.49 -59.21
C LYS P 272 35.98 8.71 -57.71
N PRO P 273 36.21 7.63 -56.93
CA PRO P 273 36.26 7.75 -55.47
C PRO P 273 37.51 8.53 -55.08
N PRO P 274 37.38 9.47 -54.13
CA PRO P 274 38.50 10.30 -53.65
C PRO P 274 39.51 9.48 -52.84
N ILE P 275 40.18 8.57 -53.51
CA ILE P 275 41.16 7.71 -52.86
C ILE P 275 42.47 8.42 -52.55
N VAL P 276 42.74 8.57 -51.26
CA VAL P 276 43.98 9.19 -50.81
C VAL P 276 44.93 8.01 -50.59
N ASP P 277 46.18 8.15 -50.99
CA ASP P 277 47.16 7.09 -50.84
C ASP P 277 47.13 6.45 -49.45
N GLY P 278 46.93 5.14 -49.41
CA GLY P 278 46.88 4.42 -48.16
C GLY P 278 45.48 4.01 -47.76
N ASP P 279 44.49 4.72 -48.28
CA ASP P 279 43.09 4.45 -47.95
C ASP P 279 42.63 3.02 -48.19
N MET P 280 42.88 2.50 -49.39
CA MET P 280 42.46 1.13 -49.72
C MET P 280 43.03 0.09 -48.77
N GLU P 281 44.23 0.33 -48.26
CA GLU P 281 44.87 -0.58 -47.33
C GLU P 281 44.19 -0.50 -45.97
N LEU P 282 43.70 0.69 -45.63
CA LEU P 282 43.01 0.92 -44.36
C LEU P 282 41.67 0.20 -44.39
N ILE P 283 41.02 0.25 -45.55
CA ILE P 283 39.71 -0.38 -45.74
C ILE P 283 39.85 -1.89 -45.84
N HIS P 284 40.97 -2.34 -46.40
CA HIS P 284 41.25 -3.76 -46.60
C HIS P 284 41.58 -4.51 -45.30
N GLN P 285 40.66 -4.47 -44.34
CA GLN P 285 40.84 -5.14 -43.06
C GLN P 285 39.83 -6.27 -42.94
N PRO P 286 40.30 -7.48 -42.59
CA PRO P 286 39.45 -8.65 -42.44
C PRO P 286 38.32 -8.45 -41.44
N ILE P 287 37.09 -8.75 -41.86
CA ILE P 287 35.93 -8.62 -40.99
C ILE P 287 35.42 -10.02 -40.68
N ASP P 288 34.75 -10.17 -39.54
CA ASP P 288 34.25 -11.47 -39.10
C ASP P 288 32.98 -11.98 -39.77
N PHE P 289 32.17 -11.08 -40.34
CA PHE P 289 30.93 -11.48 -40.98
C PHE P 289 30.36 -10.39 -41.88
N ILE P 290 29.38 -10.76 -42.68
CA ILE P 290 28.70 -9.83 -43.57
C ILE P 290 27.23 -9.84 -43.17
N GLY P 291 26.67 -8.65 -42.98
CA GLY P 291 25.28 -8.53 -42.60
C GLY P 291 24.43 -8.34 -43.84
N ILE P 292 23.59 -9.32 -44.12
CA ILE P 292 22.71 -9.24 -45.28
C ILE P 292 21.35 -8.65 -44.93
N ASN P 293 21.02 -7.54 -45.58
CA ASN P 293 19.74 -6.87 -45.37
C ASN P 293 18.93 -7.09 -46.64
N TYR P 294 17.94 -7.98 -46.57
CA TYR P 294 17.11 -8.28 -47.73
C TYR P 294 15.62 -7.99 -47.50
N TYR P 295 14.96 -7.52 -48.56
CA TYR P 295 13.54 -7.21 -48.53
C TYR P 295 12.88 -7.53 -49.86
N THR P 296 13.58 -7.24 -50.94
CA THR P 296 13.04 -7.46 -52.28
C THR P 296 14.14 -7.45 -53.34
N SER P 297 13.75 -7.77 -54.57
CA SER P 297 14.65 -7.76 -55.72
C SER P 297 13.80 -7.48 -56.95
N SER P 298 14.44 -7.10 -58.04
CA SER P 298 13.72 -6.78 -59.27
C SER P 298 14.13 -7.62 -60.46
N MET P 299 13.60 -7.27 -61.63
CA MET P 299 13.89 -7.94 -62.88
C MET P 299 14.36 -6.82 -63.79
N ASN P 300 15.66 -6.75 -64.05
CA ASN P 300 16.19 -5.68 -64.87
C ASN P 300 16.70 -6.06 -66.25
N ARG P 301 16.82 -5.05 -67.10
CA ARG P 301 17.30 -5.21 -68.46
C ARG P 301 18.11 -3.97 -68.82
N TYR P 302 19.08 -4.14 -69.71
CA TYR P 302 19.91 -3.04 -70.14
C TYR P 302 19.08 -2.02 -70.91
N ASN P 303 19.31 -0.75 -70.61
CA ASN P 303 18.59 0.33 -71.28
C ASN P 303 19.39 1.62 -71.19
N PRO P 304 20.03 2.03 -72.31
CA PRO P 304 20.85 3.24 -72.41
C PRO P 304 20.05 4.53 -72.26
N GLY P 305 18.73 4.43 -72.41
CA GLY P 305 17.87 5.60 -72.29
C GLY P 305 17.59 6.00 -70.85
N GLU P 306 16.71 6.98 -70.68
CA GLU P 306 16.35 7.47 -69.35
C GLU P 306 15.78 6.37 -68.45
N ALA P 307 15.02 5.46 -69.06
CA ALA P 307 14.41 4.35 -68.33
C ALA P 307 15.44 3.50 -67.60
N GLY P 308 16.65 3.44 -68.16
CA GLY P 308 17.71 2.66 -67.55
C GLY P 308 18.36 3.39 -66.38
N GLY P 309 18.31 4.71 -66.41
CA GLY P 309 18.89 5.51 -65.36
C GLY P 309 20.40 5.60 -65.46
N MET P 310 21.03 6.05 -64.38
CA MET P 310 22.49 6.20 -64.34
C MET P 310 23.20 4.88 -64.61
N LEU P 311 22.63 3.78 -64.12
CA LEU P 311 23.20 2.46 -64.32
C LEU P 311 22.75 1.79 -65.61
N SER P 312 21.90 2.49 -66.38
CA SER P 312 21.38 1.96 -67.63
C SER P 312 20.82 0.55 -67.41
N SER P 313 20.10 0.40 -66.31
CA SER P 313 19.49 -0.87 -65.93
C SER P 313 18.05 -0.59 -65.56
N GLU P 314 17.14 -0.86 -66.50
CA GLU P 314 15.72 -0.63 -66.29
C GLU P 314 15.02 -1.80 -65.62
N ALA P 315 14.29 -1.51 -64.55
CA ALA P 315 13.54 -2.52 -63.83
C ALA P 315 12.18 -2.72 -64.50
N ILE P 316 11.78 -3.98 -64.60
CA ILE P 316 10.51 -4.34 -65.23
C ILE P 316 9.63 -5.08 -64.22
N SER P 317 8.41 -4.57 -64.05
CA SER P 317 7.46 -5.16 -63.11
C SER P 317 7.21 -6.63 -63.38
N MET P 318 7.28 -7.43 -62.32
CA MET P 318 7.03 -8.87 -62.42
C MET P 318 5.54 -9.11 -62.20
N GLY P 319 4.82 -8.05 -61.83
CA GLY P 319 3.40 -8.16 -61.57
C GLY P 319 3.15 -8.92 -60.27
N ALA P 320 4.23 -9.12 -59.52
CA ALA P 320 4.18 -9.85 -58.26
C ALA P 320 3.48 -9.07 -57.16
N PRO P 321 3.02 -9.76 -56.10
CA PRO P 321 2.34 -9.11 -55.00
C PRO P 321 3.31 -8.16 -54.30
N LYS P 322 2.78 -7.07 -53.75
CA LYS P 322 3.62 -6.09 -53.08
C LYS P 322 3.24 -5.91 -51.62
N THR P 323 4.19 -5.40 -50.84
CA THR P 323 3.94 -5.11 -49.44
C THR P 323 3.22 -3.76 -49.45
N ASP P 324 2.74 -3.32 -48.30
CA ASP P 324 2.03 -2.05 -48.22
C ASP P 324 2.88 -0.82 -48.54
N ILE P 325 4.20 -1.01 -48.63
CA ILE P 325 5.09 0.10 -48.95
C ILE P 325 5.39 0.07 -50.46
N GLY P 326 4.83 -0.92 -51.15
CA GLY P 326 5.01 -1.05 -52.58
C GLY P 326 6.13 -1.91 -53.12
N TRP P 327 6.78 -2.68 -52.27
CA TRP P 327 7.88 -3.53 -52.70
C TRP P 327 7.39 -4.91 -53.11
N GLU P 328 7.85 -5.37 -54.27
CA GLU P 328 7.46 -6.69 -54.76
C GLU P 328 8.03 -7.80 -53.89
N ILE P 329 7.30 -8.91 -53.78
CA ILE P 329 7.74 -10.03 -52.98
C ILE P 329 8.46 -11.03 -53.89
N TYR P 330 9.76 -11.19 -53.68
CA TYR P 330 10.55 -12.13 -54.45
C TYR P 330 11.47 -12.84 -53.47
N ALA P 331 10.89 -13.78 -52.73
CA ALA P 331 11.60 -14.54 -51.71
C ALA P 331 12.86 -15.24 -52.21
N GLU P 332 12.81 -15.73 -53.44
CA GLU P 332 13.94 -16.44 -54.02
C GLU P 332 15.18 -15.56 -54.12
N GLY P 333 14.97 -14.24 -54.13
CA GLY P 333 16.08 -13.31 -54.20
C GLY P 333 16.99 -13.41 -52.99
N LEU P 334 16.44 -13.82 -51.85
CA LEU P 334 17.22 -13.96 -50.63
C LEU P 334 18.26 -15.04 -50.87
N TYR P 335 17.81 -16.20 -51.34
CA TYR P 335 18.69 -17.31 -51.63
C TYR P 335 19.74 -16.92 -52.66
N ASP P 336 19.30 -16.25 -53.72
CA ASP P 336 20.20 -15.82 -54.79
C ASP P 336 21.29 -14.88 -54.25
N LEU P 337 20.91 -13.94 -53.40
CA LEU P 337 21.85 -12.99 -52.83
C LEU P 337 22.85 -13.68 -51.92
N LEU P 338 22.35 -14.58 -51.07
CA LEU P 338 23.20 -15.32 -50.15
C LEU P 338 24.18 -16.19 -50.93
N ARG P 339 23.67 -16.82 -51.99
CA ARG P 339 24.49 -17.68 -52.84
C ARG P 339 25.60 -16.87 -53.50
N TYR P 340 25.23 -15.70 -54.02
CA TYR P 340 26.18 -14.81 -54.68
C TYR P 340 27.29 -14.39 -53.72
N THR P 341 26.90 -13.91 -52.54
CA THR P 341 27.83 -13.46 -51.52
C THR P 341 28.74 -14.60 -51.06
N ALA P 342 28.16 -15.78 -50.90
CA ALA P 342 28.92 -16.94 -50.46
C ALA P 342 29.97 -17.34 -51.49
N ASP P 343 29.61 -17.28 -52.77
CA ASP P 343 30.52 -17.64 -53.84
C ASP P 343 31.68 -16.65 -53.97
N LYS P 344 31.34 -15.38 -54.10
CA LYS P 344 32.32 -14.32 -54.28
C LYS P 344 33.25 -14.02 -53.12
N TYR P 345 32.73 -14.01 -51.89
CA TYR P 345 33.54 -13.69 -50.73
C TYR P 345 34.09 -14.84 -49.90
N GLY P 346 34.15 -16.03 -50.51
CA GLY P 346 34.69 -17.19 -49.82
C GLY P 346 33.81 -17.79 -48.72
N ASN P 347 32.50 -17.71 -48.92
CA ASN P 347 31.53 -18.24 -47.98
C ASN P 347 31.80 -17.83 -46.54
N PRO P 348 31.86 -16.52 -46.27
CA PRO P 348 32.12 -16.03 -44.91
C PRO P 348 30.87 -16.19 -44.05
N THR P 349 31.00 -15.88 -42.77
CA THR P 349 29.86 -15.97 -41.86
C THR P 349 28.85 -14.93 -42.29
N LEU P 350 27.60 -15.34 -42.44
CA LEU P 350 26.54 -14.44 -42.85
C LEU P 350 25.44 -14.38 -41.81
N TYR P 351 24.90 -13.18 -41.63
CA TYR P 351 23.81 -12.95 -40.69
C TYR P 351 22.79 -12.09 -41.42
N ILE P 352 21.55 -12.55 -41.48
CA ILE P 352 20.51 -11.74 -42.11
C ILE P 352 20.17 -10.71 -41.03
N THR P 353 20.82 -9.55 -41.13
CA THR P 353 20.64 -8.48 -40.16
C THR P 353 19.34 -7.69 -40.30
N GLU P 354 18.61 -7.92 -41.39
CA GLU P 354 17.33 -7.25 -41.65
C GLU P 354 16.52 -7.99 -42.69
N ASN P 355 15.25 -8.25 -42.37
CA ASN P 355 14.32 -8.90 -43.27
C ASN P 355 12.93 -8.84 -42.68
N GLY P 356 12.03 -8.15 -43.37
CA GLY P 356 10.67 -8.01 -42.90
C GLY P 356 9.79 -7.42 -43.98
N ALA P 357 8.51 -7.26 -43.66
CA ALA P 357 7.57 -6.72 -44.62
C ALA P 357 6.81 -5.55 -44.04
N CYS P 358 6.43 -4.62 -44.91
CA CYS P 358 5.67 -3.46 -44.47
C CYS P 358 4.20 -3.75 -44.68
N TYR P 359 3.50 -4.01 -43.59
CA TYR P 359 2.07 -4.27 -43.64
C TYR P 359 1.44 -3.42 -42.56
N ASN P 360 0.57 -2.50 -42.98
CA ASN P 360 -0.08 -1.56 -42.09
C ASN P 360 -1.28 -2.04 -41.29
N ASP P 361 -1.38 -3.35 -41.07
CA ASP P 361 -2.48 -3.92 -40.30
C ASP P 361 -2.55 -3.29 -38.92
N GLY P 362 -3.76 -2.89 -38.52
CA GLY P 362 -3.95 -2.31 -37.22
C GLY P 362 -4.74 -3.29 -36.37
N LEU P 363 -5.20 -2.83 -35.21
CA LEU P 363 -6.00 -3.67 -34.33
C LEU P 363 -7.41 -3.88 -34.85
N SER P 364 -7.87 -5.12 -34.80
CA SER P 364 -9.23 -5.45 -35.20
C SER P 364 -10.04 -5.24 -33.92
N LEU P 365 -11.37 -5.30 -34.02
CA LEU P 365 -12.20 -5.15 -32.82
C LEU P 365 -11.91 -6.31 -31.88
N ASP P 366 -11.22 -7.30 -32.43
CA ASP P 366 -10.76 -8.51 -31.75
C ASP P 366 -9.82 -8.07 -30.63
N GLY P 367 -9.08 -6.99 -30.90
CA GLY P 367 -8.11 -6.46 -29.96
C GLY P 367 -6.71 -6.88 -30.37
N ARG P 368 -6.65 -7.71 -31.41
CA ARG P 368 -5.40 -8.22 -31.93
C ARG P 368 -5.15 -7.78 -33.37
N ILE P 369 -3.90 -7.91 -33.81
CA ILE P 369 -3.52 -7.55 -35.18
C ILE P 369 -3.31 -8.85 -35.95
N HIS P 370 -4.24 -9.16 -36.84
CA HIS P 370 -4.17 -10.38 -37.64
C HIS P 370 -3.40 -10.15 -38.93
N ASP P 371 -2.10 -9.96 -38.80
CA ASP P 371 -1.23 -9.72 -39.96
C ASP P 371 -0.70 -10.98 -40.63
N GLN P 372 -1.62 -11.79 -41.14
CA GLN P 372 -1.23 -13.04 -41.82
C GLN P 372 -0.27 -12.78 -42.96
N ARG P 373 -0.40 -11.63 -43.61
CA ARG P 373 0.46 -11.27 -44.73
C ARG P 373 1.91 -11.18 -44.31
N ARG P 374 2.17 -10.70 -43.10
CA ARG P 374 3.54 -10.60 -42.60
C ARG P 374 4.06 -12.00 -42.30
N ILE P 375 3.20 -12.83 -41.74
CA ILE P 375 3.56 -14.20 -41.40
C ILE P 375 3.94 -14.95 -42.68
N ASP P 376 3.12 -14.80 -43.71
CA ASP P 376 3.36 -15.47 -44.98
C ASP P 376 4.68 -15.02 -45.59
N TYR P 377 4.93 -13.71 -45.54
CA TYR P 377 6.15 -13.14 -46.09
C TYR P 377 7.38 -13.72 -45.37
N LEU P 378 7.38 -13.61 -44.05
CA LEU P 378 8.47 -14.11 -43.24
C LEU P 378 8.71 -15.60 -43.49
N ALA P 379 7.62 -16.37 -43.50
CA ALA P 379 7.69 -17.80 -43.73
C ALA P 379 8.39 -18.13 -45.04
N MET P 380 8.00 -17.44 -46.11
CA MET P 380 8.60 -17.65 -47.42
C MET P 380 10.09 -17.39 -47.42
N HIS P 381 10.50 -16.33 -46.75
CA HIS P 381 11.91 -15.97 -46.68
C HIS P 381 12.72 -16.86 -45.77
N LEU P 382 12.10 -17.36 -44.71
CA LEU P 382 12.79 -18.26 -43.79
C LEU P 382 13.00 -19.61 -44.51
N ILE P 383 12.10 -19.91 -45.44
CA ILE P 383 12.22 -21.14 -46.22
C ILE P 383 13.44 -21.02 -47.12
N GLN P 384 13.69 -19.82 -47.63
CA GLN P 384 14.84 -19.56 -48.49
C GLN P 384 16.11 -19.56 -47.64
N ALA P 385 15.99 -19.10 -46.40
CA ALA P 385 17.11 -19.05 -45.48
C ALA P 385 17.56 -20.47 -45.17
N SER P 386 16.58 -21.34 -44.91
CA SER P 386 16.84 -22.75 -44.62
C SER P 386 17.45 -23.41 -45.85
N ARG P 387 16.95 -23.01 -47.02
CA ARG P 387 17.43 -23.54 -48.29
C ARG P 387 18.92 -23.24 -48.44
N ALA P 388 19.30 -22.00 -48.13
CA ALA P 388 20.69 -21.57 -48.21
C ALA P 388 21.59 -22.39 -47.31
N ILE P 389 21.12 -22.66 -46.09
CA ILE P 389 21.86 -23.45 -45.13
C ILE P 389 22.02 -24.87 -45.66
N GLU P 390 20.96 -25.40 -46.25
CA GLU P 390 20.98 -26.74 -46.83
C GLU P 390 21.92 -26.77 -48.03
N ASP P 391 22.09 -25.62 -48.66
CA ASP P 391 22.94 -25.49 -49.83
C ASP P 391 24.39 -25.15 -49.47
N GLY P 392 24.75 -25.41 -48.21
CA GLY P 392 26.11 -25.15 -47.75
C GLY P 392 26.55 -23.73 -47.47
N ILE P 393 25.65 -22.77 -47.55
CA ILE P 393 26.01 -21.37 -47.27
C ILE P 393 26.10 -21.17 -45.76
N ASN P 394 27.10 -20.41 -45.33
CA ASN P 394 27.32 -20.16 -43.90
C ASN P 394 26.41 -19.11 -43.27
N LEU P 395 25.11 -19.36 -43.29
CA LEU P 395 24.15 -18.45 -42.70
C LEU P 395 24.04 -18.86 -41.24
N LYS P 396 24.54 -18.02 -40.34
CA LYS P 396 24.52 -18.33 -38.92
C LYS P 396 23.41 -17.67 -38.10
N GLY P 397 22.62 -16.81 -38.73
CA GLY P 397 21.56 -16.15 -37.99
C GLY P 397 20.58 -15.35 -38.81
N TYR P 398 19.42 -15.07 -38.22
CA TYR P 398 18.36 -14.30 -38.87
C TYR P 398 17.76 -13.33 -37.87
N MET P 399 17.64 -12.08 -38.28
CA MET P 399 17.08 -11.02 -37.44
C MET P 399 16.04 -10.29 -38.25
N GLU P 400 14.77 -10.58 -37.97
CA GLU P 400 13.68 -9.93 -38.71
C GLU P 400 13.63 -8.45 -38.39
N TRP P 401 13.41 -7.63 -39.41
CA TRP P 401 13.38 -6.19 -39.22
C TRP P 401 12.20 -5.61 -38.46
N SER P 402 12.56 -4.82 -37.46
CA SER P 402 11.66 -4.11 -36.59
C SER P 402 10.89 -4.96 -35.59
N LEU P 403 11.26 -4.80 -34.33
CA LEU P 403 10.61 -5.52 -33.24
C LEU P 403 9.22 -4.92 -33.11
N MET P 404 9.13 -3.61 -33.29
CA MET P 404 7.87 -2.89 -33.19
C MET P 404 7.78 -1.83 -34.29
N ASP P 405 6.57 -1.40 -34.61
CA ASP P 405 6.38 -0.37 -35.63
C ASP P 405 7.13 0.87 -35.17
N ASN P 406 7.79 1.54 -36.10
CA ASN P 406 8.56 2.73 -35.76
C ASN P 406 8.55 3.83 -36.82
N PHE P 407 9.40 4.83 -36.62
CA PHE P 407 9.54 5.95 -37.54
C PHE P 407 10.22 5.45 -38.81
N GLU P 408 9.44 5.26 -39.86
CA GLU P 408 9.97 4.76 -41.12
C GLU P 408 10.58 5.85 -41.99
N TRP P 409 11.56 6.56 -41.43
CA TRP P 409 12.29 7.61 -42.10
C TRP P 409 11.42 8.61 -42.87
N ALA P 410 11.68 8.77 -44.17
CA ALA P 410 10.92 9.71 -45.00
C ALA P 410 9.42 9.37 -45.08
N GLU P 411 9.09 8.11 -44.83
CA GLU P 411 7.70 7.65 -44.88
C GLU P 411 6.94 8.02 -43.62
N GLY P 412 7.67 8.49 -42.61
CA GLY P 412 7.03 8.86 -41.36
C GLY P 412 6.59 7.60 -40.62
N TYR P 413 5.47 7.70 -39.91
CA TYR P 413 4.96 6.57 -39.14
C TYR P 413 3.93 5.71 -39.87
N GLY P 414 3.54 6.15 -41.07
CA GLY P 414 2.54 5.43 -41.85
C GLY P 414 2.84 3.99 -42.23
N MET P 415 4.11 3.68 -42.49
CA MET P 415 4.49 2.32 -42.88
C MET P 415 4.93 1.52 -41.67
N ARG P 416 4.26 0.38 -41.45
CA ARG P 416 4.55 -0.49 -40.31
C ARG P 416 5.33 -1.75 -40.67
N PHE P 417 6.50 -1.91 -40.04
CA PHE P 417 7.38 -3.06 -40.29
C PHE P 417 7.52 -4.00 -39.09
N GLY P 418 6.97 -3.62 -37.94
CA GLY P 418 7.14 -4.42 -36.74
C GLY P 418 6.27 -5.62 -36.44
N LEU P 419 6.75 -6.42 -35.48
CA LEU P 419 6.04 -7.60 -35.00
C LEU P 419 5.11 -7.16 -33.89
N VAL P 420 5.41 -6.00 -33.32
CA VAL P 420 4.61 -5.42 -32.25
C VAL P 420 4.00 -4.11 -32.74
N HIS P 421 2.67 -4.02 -32.64
CA HIS P 421 1.95 -2.84 -33.07
C HIS P 421 2.11 -1.70 -32.07
N VAL P 422 2.43 -0.52 -32.57
CA VAL P 422 2.59 0.65 -31.71
C VAL P 422 1.61 1.72 -32.14
N ASP P 423 0.74 2.12 -31.22
CA ASP P 423 -0.22 3.18 -31.51
C ASP P 423 0.52 4.45 -31.16
N TYR P 424 0.94 5.20 -32.17
CA TYR P 424 1.71 6.42 -31.95
C TYR P 424 1.05 7.54 -31.16
N ASP P 425 -0.27 7.51 -31.06
CA ASP P 425 -0.98 8.53 -30.30
C ASP P 425 -0.99 8.21 -28.82
N THR P 426 -1.14 6.93 -28.49
CA THR P 426 -1.18 6.48 -27.11
C THR P 426 0.09 5.73 -26.69
N LEU P 427 0.98 5.49 -27.65
CA LEU P 427 2.23 4.78 -27.42
C LEU P 427 2.04 3.37 -26.86
N VAL P 428 0.82 2.84 -26.98
CA VAL P 428 0.51 1.51 -26.49
C VAL P 428 1.03 0.46 -27.46
N ARG P 429 1.70 -0.56 -26.91
CA ARG P 429 2.27 -1.63 -27.71
C ARG P 429 1.45 -2.90 -27.59
N THR P 430 1.09 -3.47 -28.74
CA THR P 430 0.29 -4.69 -28.79
C THR P 430 0.97 -5.69 -29.71
N PRO P 431 1.38 -6.85 -29.19
CA PRO P 431 2.03 -7.86 -30.03
C PRO P 431 1.08 -8.35 -31.12
N LYS P 432 1.55 -8.35 -32.36
CA LYS P 432 0.75 -8.80 -33.50
C LYS P 432 0.78 -10.31 -33.57
N ASP P 433 0.02 -10.89 -34.50
CA ASP P 433 -0.02 -12.34 -34.66
C ASP P 433 1.35 -12.84 -35.12
N SER P 434 2.04 -12.03 -35.90
CA SER P 434 3.36 -12.37 -36.40
C SER P 434 4.35 -12.54 -35.26
N PHE P 435 4.15 -11.77 -34.19
CA PHE P 435 5.02 -11.84 -33.02
C PHE P 435 4.96 -13.25 -32.43
N TYR P 436 3.73 -13.70 -32.15
CA TYR P 436 3.51 -15.03 -31.60
C TYR P 436 3.94 -16.12 -32.56
N TRP P 437 3.81 -15.86 -33.85
CA TRP P 437 4.22 -16.83 -34.86
C TRP P 437 5.73 -16.99 -34.85
N TYR P 438 6.44 -15.87 -34.95
CA TYR P 438 7.90 -15.86 -34.95
C TYR P 438 8.42 -16.49 -33.67
N LYS P 439 7.72 -16.23 -32.56
CA LYS P 439 8.10 -16.78 -31.27
C LYS P 439 8.12 -18.30 -31.37
N GLY P 440 7.10 -18.86 -31.98
CA GLY P 440 7.00 -20.30 -32.14
C GLY P 440 8.10 -20.87 -33.03
N VAL P 441 8.44 -20.15 -34.09
CA VAL P 441 9.49 -20.58 -35.00
C VAL P 441 10.82 -20.65 -34.25
N ILE P 442 11.09 -19.63 -33.44
CA ILE P 442 12.31 -19.56 -32.67
C ILE P 442 12.37 -20.70 -31.66
N SER P 443 11.24 -20.97 -31.03
CA SER P 443 11.14 -22.04 -30.03
C SER P 443 11.39 -23.42 -30.63
N ARG P 444 10.73 -23.70 -31.75
CA ARG P 444 10.87 -25.00 -32.42
C ARG P 444 12.24 -25.16 -33.08
N GLY P 445 12.66 -24.12 -33.79
CA GLY P 445 13.95 -24.18 -34.48
C GLY P 445 13.75 -24.66 -35.91
N TRP P 446 12.49 -24.92 -36.26
CA TRP P 446 12.14 -25.39 -37.60
C TRP P 446 10.79 -24.80 -38.01
N LEU P 447 10.39 -25.06 -39.24
CA LEU P 447 9.14 -24.53 -39.74
C LEU P 447 8.35 -25.56 -40.55
N ASP P 448 7.12 -25.81 -40.13
CA ASP P 448 6.25 -26.77 -40.80
C ASP P 448 5.32 -25.99 -41.73
N LEU P 449 5.78 -25.78 -42.95
CA LEU P 449 5.02 -25.02 -43.94
C LEU P 449 5.07 -25.73 -45.30
#